data_8GS5
#
_entry.id   8GS5
#
_cell.length_a   159.259
_cell.length_b   490.331
_cell.length_c   330.456
_cell.angle_alpha   90.000
_cell.angle_beta   90.000
_cell.angle_gamma   90.000
#
_symmetry.space_group_name_H-M   'C 2 2 21'
#
loop_
_entity.id
_entity.type
_entity.pdbx_description
1 polymer 'Isocitrate dehydrogenase [NAD] subunit alpha, mitochondrial'
2 polymer 'Isocitrate dehydrogenase [NAD] subunit gamma, mitochondrial'
3 polymer 'Isoform A of Isocitrate dehydrogenase [NAD] subunit beta, mitochondrial'
#
loop_
_entity_poly.entity_id
_entity_poly.type
_entity_poly.pdbx_seq_one_letter_code
_entity_poly.pdbx_strand_id
1 'polypeptide(L)'
;TGGVQTVTLIPGDGIGPEISAAVMKIFDAAKAPIQWEERNVTAIQGPGGKWMIPSEAKESMDKNKMGLKGPLKTPIAAGH
PSMNLLLRKTFDLYANVRPCVSIEGYKTPYTDVNIVTIRENTEGEYSGIEHVIVDGVVASIKLITEGASKRIAEFAFEYA
RNNHRSNVTAVHKANIMRMSDGLFLQKCREVAESCKDIKFNEMYLDTVCLNMVQDPSQFDVLVMPNLYGDILSDLCAGLI
GGLGVTPSGNIGANGVAIFESVHGTAPDIAGKDMANPTALLLSAVMMLRHMGLFDHAARIEAACFATIKDGKSLTKDLGG
NAKCSDFTEEICRRVKDLD
;
C,A,G,E,K,I,O,M
2 'polypeptide(L)'
;FSEQTIPPSAKYGGRHTVTMIPGDGIGPELMLHVKSVFRHACVPVDFEEVHVSSNADEEDIRNAIMAIRRNRVALKGNIE
TNHNLPPSHKSRNNILRTSLDLYANVIHCKSLPGVVTRHKDIDILIVRENTEGEYSSLEHESVAGVVESLKIITKAKSLR
IAEYAFKLAQESGRKKVTAVHKANIMKLGDGLFLQCCREVAARYPQITFENMIVDNTTMQLVSRPQQFDVMVMPNLYGNI
VNNVCAGLVGGPGLVAGANYGHVYAVFETATRNTGKSIANKNIANPTATLLASCMMLDHLKLHSYATSIRKAVLASMDNE
NMHTPDIGGQGTTSEAIQDVIRHIRVINGRAVEA
;
D,H,L,P
3 'polypeptide(L)'
;ASRSQAEDVRVEGSFPVTMLPGDGVGPELMHAVKEVFKAAAVPVEFQEHHLSEVQNMASEEKLEQVLSSMKENKVAIIGK
IHTPMEYKGELASYDMRLRRKLDLFANVVHVKSLPGYMTRHNNLDLVIIREQTEGEYSSLEHESARGVIECLKIVTRAKS
QRIAKFAFDYATKKGRGKVTAVHKANIMKLGDGLFLQCCEEVAELYPKIKFETMIIDNCCMQLVQNPYQFDVLVMPNLYG
NIIDNLAAGLVGGAGVVPGESYSAEYAVFETGARHPFAQAVGRNIANPTAMLLSASNMLRHLNLEYHSSMIADAVKKVIK
VGKVRTSDMGGYATCHDFTEEICRRVKDLDEN
;
B,F,J,N
#
# COMPACT_ATOMS: atom_id res chain seq x y z
N VAL A 4 -35.91 -77.93 73.11
CA VAL A 4 -35.13 -76.71 73.32
C VAL A 4 -34.42 -76.31 72.03
N GLN A 5 -34.24 -75.00 71.83
CA GLN A 5 -33.51 -74.48 70.69
C GLN A 5 -32.70 -73.27 71.14
N THR A 6 -31.59 -73.03 70.43
CA THR A 6 -30.70 -71.92 70.75
C THR A 6 -30.97 -70.75 69.80
N VAL A 7 -30.98 -69.54 70.36
CA VAL A 7 -31.17 -68.32 69.59
C VAL A 7 -30.13 -67.30 70.04
N THR A 8 -29.27 -66.87 69.12
CA THR A 8 -28.27 -65.87 69.44
C THR A 8 -28.94 -64.51 69.66
N LEU A 9 -28.49 -63.81 70.69
CA LEU A 9 -29.16 -62.59 71.13
C LEU A 9 -28.20 -61.40 71.06
N ILE A 10 -28.78 -60.22 70.93
CA ILE A 10 -28.03 -58.96 70.88
C ILE A 10 -28.52 -58.09 72.04
N PRO A 11 -27.62 -57.49 72.82
CA PRO A 11 -28.11 -56.55 73.84
C PRO A 11 -28.65 -55.26 73.25
N GLY A 12 -27.98 -54.71 72.23
CA GLY A 12 -28.37 -53.45 71.66
C GLY A 12 -27.98 -52.28 72.55
N ASP A 13 -28.06 -51.06 72.03
CA ASP A 13 -27.75 -49.88 72.81
C ASP A 13 -28.99 -49.40 73.56
N GLY A 14 -28.77 -48.45 74.47
CA GLY A 14 -29.88 -47.83 75.18
C GLY A 14 -30.50 -48.79 76.19
N ILE A 15 -31.84 -48.80 76.19
CA ILE A 15 -32.61 -49.61 77.14
C ILE A 15 -32.65 -51.07 76.68
N GLY A 16 -31.82 -51.39 75.69
CA GLY A 16 -31.77 -52.72 75.13
C GLY A 16 -31.59 -53.83 76.14
N PRO A 17 -30.44 -53.85 76.82
CA PRO A 17 -30.18 -54.91 77.81
C PRO A 17 -31.20 -54.95 78.94
N GLU A 18 -31.74 -53.79 79.33
CA GLU A 18 -32.77 -53.78 80.36
C GLU A 18 -34.02 -54.50 79.89
N ILE A 19 -34.45 -54.22 78.65
CA ILE A 19 -35.60 -54.91 78.09
C ILE A 19 -35.24 -56.28 77.53
N SER A 20 -33.96 -56.50 77.18
CA SER A 20 -33.53 -57.82 76.72
C SER A 20 -33.58 -58.83 77.87
N ALA A 21 -33.06 -58.46 79.04
CA ALA A 21 -33.15 -59.34 80.21
C ALA A 21 -34.60 -59.57 80.65
N ALA A 22 -35.53 -58.74 80.19
CA ALA A 22 -36.93 -58.91 80.55
C ALA A 22 -37.57 -60.07 79.80
N VAL A 23 -37.41 -60.10 78.47
CA VAL A 23 -37.99 -61.20 77.68
C VAL A 23 -37.32 -62.52 78.04
N MET A 24 -36.04 -62.49 78.44
CA MET A 24 -35.42 -63.69 78.98
C MET A 24 -36.09 -64.14 80.27
N LYS A 25 -36.67 -63.19 81.01
CA LYS A 25 -37.45 -63.50 82.20
C LYS A 25 -38.90 -63.85 81.90
N ILE A 26 -39.45 -63.35 80.78
CA ILE A 26 -40.82 -63.69 80.39
C ILE A 26 -40.88 -65.07 79.76
N PHE A 27 -40.02 -65.34 78.76
CA PHE A 27 -40.00 -66.65 78.14
C PHE A 27 -39.66 -67.74 79.16
N ASP A 28 -38.92 -67.39 80.21
CA ASP A 28 -38.65 -68.34 81.28
C ASP A 28 -39.93 -68.67 82.06
N ALA A 29 -40.76 -67.66 82.33
CA ALA A 29 -41.95 -67.88 83.13
C ALA A 29 -42.96 -68.75 82.38
N ALA A 30 -43.20 -68.46 81.11
CA ALA A 30 -44.14 -69.26 80.31
C ALA A 30 -43.59 -70.62 79.93
N LYS A 31 -42.42 -71.02 80.43
CA LYS A 31 -41.86 -72.35 80.21
C LYS A 31 -41.62 -72.61 78.72
N ALA A 32 -41.00 -71.64 78.05
CA ALA A 32 -40.74 -71.83 76.63
C ALA A 32 -39.39 -72.52 76.41
N PRO A 33 -39.33 -73.49 75.48
CA PRO A 33 -38.09 -74.25 75.24
C PRO A 33 -37.07 -73.47 74.42
N ILE A 34 -36.44 -72.49 75.06
CA ILE A 34 -35.47 -71.61 74.40
C ILE A 34 -34.29 -71.40 75.33
N GLN A 35 -33.09 -71.64 74.82
CA GLN A 35 -31.86 -71.23 75.49
C GLN A 35 -31.24 -70.07 74.70
N TRP A 36 -30.80 -69.06 75.44
CA TRP A 36 -30.27 -67.86 74.81
C TRP A 36 -28.75 -67.96 74.67
N GLU A 37 -28.20 -67.12 73.80
CA GLU A 37 -26.76 -67.09 73.54
C GLU A 37 -26.38 -65.65 73.26
N GLU A 38 -25.86 -64.96 74.28
CA GLU A 38 -25.58 -63.54 74.19
C GLU A 38 -24.31 -63.27 73.39
N ARG A 39 -24.34 -62.17 72.62
CA ARG A 39 -23.21 -61.77 71.80
C ARG A 39 -23.33 -60.29 71.49
N ASN A 40 -22.21 -59.57 71.55
CA ASN A 40 -22.19 -58.15 71.20
C ASN A 40 -21.90 -57.99 69.71
N VAL A 41 -22.37 -56.87 69.15
CA VAL A 41 -22.43 -56.75 67.70
C VAL A 41 -21.85 -55.42 67.20
N THR A 42 -20.94 -54.83 67.96
CA THR A 42 -20.36 -53.56 67.53
C THR A 42 -19.61 -53.72 66.22
N ALA A 43 -19.87 -52.81 65.28
CA ALA A 43 -19.26 -52.89 63.95
C ALA A 43 -17.75 -52.76 64.03
N ILE A 44 -17.05 -53.51 63.18
CA ILE A 44 -15.60 -53.52 63.20
C ILE A 44 -15.09 -53.15 61.81
N GLN A 45 -13.81 -52.77 61.74
CA GLN A 45 -13.18 -52.31 60.50
C GLN A 45 -12.46 -53.47 59.83
N GLY A 46 -11.53 -53.16 58.93
CA GLY A 46 -10.83 -54.18 58.17
C GLY A 46 -10.37 -53.72 56.80
N PRO A 47 -11.32 -53.46 55.89
CA PRO A 47 -10.97 -53.13 54.50
C PRO A 47 -10.16 -51.83 54.39
N TRP A 51 -16.24 -53.08 55.80
CA TRP A 51 -16.62 -53.40 57.18
C TRP A 51 -17.36 -54.73 57.25
N MET A 52 -17.37 -55.34 58.44
CA MET A 52 -18.25 -56.47 58.71
C MET A 52 -18.68 -56.46 60.16
N ILE A 53 -18.87 -57.63 60.76
CA ILE A 53 -19.47 -57.74 62.08
C ILE A 53 -18.54 -58.53 63.00
N PRO A 54 -18.81 -58.60 64.31
CA PRO A 54 -18.02 -59.50 65.17
C PRO A 54 -18.08 -60.94 64.66
N SER A 55 -16.93 -61.62 64.71
CA SER A 55 -16.86 -62.99 64.22
C SER A 55 -17.79 -63.91 65.00
N GLU A 56 -17.81 -63.78 66.33
CA GLU A 56 -18.68 -64.63 67.14
C GLU A 56 -20.16 -64.33 66.92
N ALA A 57 -20.48 -63.16 66.37
CA ALA A 57 -21.88 -62.86 66.06
C ALA A 57 -22.35 -63.62 64.83
N LYS A 58 -21.64 -63.46 63.71
CA LYS A 58 -22.00 -64.18 62.48
C LYS A 58 -21.98 -65.69 62.71
N GLU A 59 -20.98 -66.18 63.44
CA GLU A 59 -20.87 -67.61 63.72
C GLU A 59 -22.11 -68.12 64.45
N SER A 60 -22.43 -67.50 65.59
CA SER A 60 -23.54 -67.95 66.40
C SER A 60 -24.86 -67.98 65.62
N MET A 61 -25.00 -67.09 64.64
CA MET A 61 -26.20 -67.06 63.82
C MET A 61 -26.20 -68.11 62.72
N ASP A 62 -25.01 -68.53 62.25
CA ASP A 62 -24.96 -69.49 61.15
C ASP A 62 -25.67 -70.78 61.51
N LYS A 63 -25.55 -71.23 62.76
CA LYS A 63 -26.20 -72.47 63.19
C LYS A 63 -27.56 -72.23 63.84
N ASN A 64 -27.73 -71.11 64.54
CA ASN A 64 -28.95 -70.84 65.25
C ASN A 64 -30.08 -70.37 64.33
N LYS A 65 -29.75 -69.82 63.17
CA LYS A 65 -30.71 -69.47 62.13
C LYS A 65 -31.72 -68.40 62.57
N MET A 66 -31.81 -68.13 63.87
CA MET A 66 -32.72 -67.13 64.40
C MET A 66 -32.01 -66.24 65.39
N GLY A 67 -32.48 -65.00 65.50
CA GLY A 67 -31.89 -64.06 66.43
C GLY A 67 -32.88 -62.97 66.77
N LEU A 68 -32.54 -62.21 67.81
CA LEU A 68 -33.31 -61.06 68.22
C LEU A 68 -32.37 -59.88 68.43
N LYS A 69 -32.84 -58.69 68.08
CA LYS A 69 -31.98 -57.52 68.05
C LYS A 69 -32.68 -56.35 68.73
N GLY A 70 -31.96 -55.72 69.67
CA GLY A 70 -32.49 -54.57 70.37
C GLY A 70 -32.28 -53.28 69.60
N PRO A 71 -32.53 -52.15 70.25
CA PRO A 71 -32.30 -50.85 69.59
C PRO A 71 -30.82 -50.61 69.37
N LEU A 72 -30.51 -49.94 68.26
CA LEU A 72 -29.14 -49.66 67.87
C LEU A 72 -28.95 -48.18 67.64
N LYS A 73 -27.75 -47.68 67.95
CA LYS A 73 -27.43 -46.30 67.66
C LYS A 73 -26.88 -46.21 66.23
N THR A 74 -25.98 -45.27 65.97
CA THR A 74 -25.45 -45.09 64.63
C THR A 74 -23.93 -45.11 64.61
N GLY A 79 -20.01 -46.06 61.74
CA GLY A 79 -19.88 -44.70 61.18
C GLY A 79 -20.87 -44.47 60.06
N HIS A 80 -20.37 -44.17 58.86
CA HIS A 80 -21.25 -43.91 57.67
C HIS A 80 -22.05 -45.17 57.32
N PRO A 81 -21.45 -46.38 57.33
CA PRO A 81 -22.19 -47.61 57.02
C PRO A 81 -23.27 -47.90 58.06
N SER A 82 -24.43 -48.41 57.61
CA SER A 82 -25.56 -48.74 58.53
C SER A 82 -25.59 -50.25 58.79
N MET A 83 -25.39 -50.66 60.04
CA MET A 83 -25.39 -52.08 60.40
C MET A 83 -26.64 -52.78 59.91
N ASN A 84 -27.77 -52.07 59.84
CA ASN A 84 -28.97 -52.63 59.24
C ASN A 84 -28.72 -53.08 57.81
N LEU A 85 -27.97 -52.28 57.05
CA LEU A 85 -27.56 -52.69 55.71
C LEU A 85 -26.44 -53.73 55.75
N LEU A 86 -25.68 -53.79 56.84
CA LEU A 86 -24.64 -54.81 56.98
C LEU A 86 -25.26 -56.20 57.12
N LEU A 87 -26.05 -56.40 58.19
CA LEU A 87 -26.71 -57.69 58.40
C LEU A 87 -27.54 -58.10 57.19
N ARG A 88 -28.10 -57.12 56.49
CA ARG A 88 -28.87 -57.31 55.27
C ARG A 88 -28.20 -58.30 54.32
N LYS A 89 -27.08 -57.89 53.72
CA LYS A 89 -26.35 -58.74 52.80
C LYS A 89 -25.46 -59.77 53.50
N THR A 90 -25.36 -59.72 54.83
CA THR A 90 -24.57 -60.71 55.55
C THR A 90 -25.22 -62.09 55.51
N PHE A 91 -26.55 -62.14 55.38
CA PHE A 91 -27.26 -63.40 55.26
C PHE A 91 -28.31 -63.36 54.15
N ASP A 92 -28.26 -62.36 53.27
CA ASP A 92 -29.27 -62.16 52.22
C ASP A 92 -30.65 -61.90 52.84
N LEU A 93 -30.70 -60.93 53.75
CA LEU A 93 -31.94 -60.58 54.45
C LEU A 93 -32.90 -59.93 53.46
N TYR A 94 -33.55 -60.77 52.66
CA TYR A 94 -34.36 -60.32 51.53
C TYR A 94 -35.81 -60.04 51.89
N ALA A 95 -36.10 -59.70 53.15
CA ALA A 95 -37.48 -59.42 53.55
C ALA A 95 -37.49 -58.63 54.84
N ASN A 96 -38.27 -57.55 54.87
CA ASN A 96 -38.63 -56.85 56.10
C ASN A 96 -40.15 -56.91 56.21
N VAL A 97 -40.64 -57.39 57.35
CA VAL A 97 -42.07 -57.64 57.54
C VAL A 97 -42.56 -56.83 58.72
N ARG A 98 -43.71 -56.18 58.55
CA ARG A 98 -44.31 -55.29 59.55
C ARG A 98 -45.78 -55.66 59.72
N PRO A 99 -46.07 -56.64 60.57
CA PRO A 99 -47.48 -56.98 60.86
C PRO A 99 -48.04 -56.05 61.92
N CYS A 100 -49.01 -55.23 61.53
CA CYS A 100 -49.58 -54.22 62.41
C CYS A 100 -51.05 -54.56 62.66
N VAL A 101 -51.36 -54.89 63.90
CA VAL A 101 -52.73 -55.11 64.35
C VAL A 101 -53.04 -54.11 65.45
N SER A 102 -54.16 -53.40 65.32
CA SER A 102 -54.53 -52.38 66.30
C SER A 102 -54.57 -52.98 67.70
N ILE A 103 -54.23 -52.16 68.69
CA ILE A 103 -53.96 -52.64 70.05
C ILE A 103 -55.00 -52.04 70.98
N GLU A 104 -55.93 -52.87 71.44
CA GLU A 104 -56.90 -52.44 72.43
C GLU A 104 -56.20 -52.08 73.74
N GLY A 105 -56.88 -51.26 74.55
CA GLY A 105 -56.27 -50.74 75.76
C GLY A 105 -55.38 -49.56 75.47
N TYR A 106 -54.80 -49.54 74.27
CA TYR A 106 -54.00 -48.43 73.76
C TYR A 106 -54.77 -47.78 72.62
N LYS A 107 -55.75 -46.96 72.99
CA LYS A 107 -56.70 -46.43 72.02
C LYS A 107 -56.05 -45.42 71.09
N THR A 108 -56.37 -45.52 69.81
CA THR A 108 -55.94 -44.61 68.76
C THR A 108 -57.15 -44.26 67.90
N PRO A 109 -57.06 -43.20 67.09
CA PRO A 109 -58.15 -42.89 66.14
C PRO A 109 -58.33 -43.90 65.03
N TYR A 110 -57.56 -44.99 65.06
CA TYR A 110 -57.73 -46.12 64.16
C TYR A 110 -57.81 -47.38 65.02
N THR A 111 -58.87 -48.18 64.84
CA THR A 111 -59.21 -49.21 65.80
C THR A 111 -59.29 -50.63 65.23
N ASP A 112 -59.62 -50.80 63.96
CA ASP A 112 -59.75 -52.16 63.42
C ASP A 112 -58.71 -52.43 62.35
N VAL A 113 -57.43 -52.44 62.71
CA VAL A 113 -56.34 -52.66 61.77
C VAL A 113 -55.77 -54.07 62.00
N ASN A 114 -55.51 -54.78 60.90
CA ASN A 114 -54.94 -56.14 60.90
C ASN A 114 -54.25 -56.31 59.55
N ILE A 115 -53.06 -55.72 59.44
CA ILE A 115 -52.34 -55.62 58.17
C ILE A 115 -50.90 -56.05 58.39
N VAL A 116 -50.37 -56.79 57.42
CA VAL A 116 -48.99 -57.26 57.42
C VAL A 116 -48.32 -56.77 56.15
N THR A 117 -47.45 -55.76 56.28
CA THR A 117 -46.76 -55.18 55.14
C THR A 117 -45.44 -55.89 54.90
N ILE A 118 -45.31 -56.55 53.74
CA ILE A 118 -44.11 -57.27 53.35
C ILE A 118 -43.28 -56.35 52.47
N ARG A 119 -42.00 -56.18 52.83
CA ARG A 119 -41.12 -55.22 52.19
C ARG A 119 -39.93 -55.97 51.59
N GLU A 120 -39.74 -55.83 50.28
CA GLU A 120 -38.46 -56.19 49.68
C GLU A 120 -37.35 -55.40 50.36
N ASN A 121 -36.23 -56.07 50.66
CA ASN A 121 -35.15 -55.38 51.33
C ASN A 121 -33.80 -55.59 50.66
N THR A 122 -33.77 -56.12 49.44
CA THR A 122 -32.50 -56.24 48.72
C THR A 122 -32.29 -55.02 47.82
N GLU A 123 -32.83 -55.09 46.61
CA GLU A 123 -32.57 -54.11 45.57
C GLU A 123 -33.53 -52.94 45.70
N GLY A 124 -33.57 -52.09 44.68
CA GLY A 124 -34.30 -50.84 44.76
C GLY A 124 -33.22 -49.81 44.96
N GLU A 125 -33.67 -48.55 45.02
CA GLU A 125 -32.78 -47.40 45.18
C GLU A 125 -31.81 -47.55 46.34
N TYR A 126 -32.03 -48.52 47.23
CA TYR A 126 -31.15 -48.77 48.36
C TYR A 126 -29.89 -49.51 47.94
N SER A 127 -29.53 -49.38 46.67
CA SER A 127 -28.24 -49.88 46.21
C SER A 127 -27.11 -48.88 46.44
N GLY A 128 -27.42 -47.70 46.98
CA GLY A 128 -26.43 -46.69 47.30
C GLY A 128 -25.73 -46.06 46.11
N ILE A 129 -26.18 -46.33 44.89
CA ILE A 129 -25.48 -45.91 43.69
C ILE A 129 -26.14 -44.63 43.21
N GLU A 130 -25.57 -43.49 43.59
CA GLU A 130 -25.86 -42.21 42.94
C GLU A 130 -24.63 -41.78 42.15
N HIS A 131 -24.84 -40.86 41.22
CA HIS A 131 -23.74 -40.43 40.36
C HIS A 131 -23.85 -38.94 40.07
N VAL A 132 -22.75 -38.23 40.25
CA VAL A 132 -22.66 -36.82 39.88
C VAL A 132 -22.42 -36.75 38.38
N ILE A 133 -23.43 -36.30 37.63
CA ILE A 133 -23.31 -36.13 36.19
C ILE A 133 -22.45 -34.90 35.94
N VAL A 134 -23.02 -33.72 36.17
CA VAL A 134 -22.28 -32.47 36.18
C VAL A 134 -22.45 -31.86 37.56
N ASP A 135 -21.54 -30.94 37.90
CA ASP A 135 -21.63 -30.25 39.17
C ASP A 135 -22.94 -29.45 39.22
N GLY A 136 -23.93 -30.00 39.92
CA GLY A 136 -25.24 -29.38 39.96
C GLY A 136 -26.38 -30.36 39.72
N VAL A 137 -26.12 -31.40 38.94
CA VAL A 137 -27.12 -32.41 38.61
C VAL A 137 -26.66 -33.74 39.20
N VAL A 138 -27.50 -34.33 40.04
CA VAL A 138 -27.22 -35.63 40.68
C VAL A 138 -28.29 -36.61 40.24
N ALA A 139 -27.85 -37.76 39.73
CA ALA A 139 -28.75 -38.81 39.26
C ALA A 139 -28.59 -40.05 40.13
N SER A 140 -29.67 -40.41 40.84
CA SER A 140 -29.68 -41.57 41.72
C SER A 140 -30.33 -42.75 41.02
N ILE A 141 -29.83 -43.95 41.29
CA ILE A 141 -30.17 -45.15 40.54
C ILE A 141 -31.11 -46.02 41.35
N LYS A 142 -32.21 -46.43 40.74
CA LYS A 142 -33.01 -47.56 41.22
C LYS A 142 -32.84 -48.71 40.24
N LEU A 143 -32.85 -49.92 40.77
CA LEU A 143 -32.52 -51.10 39.98
C LEU A 143 -33.38 -52.25 40.49
N ILE A 144 -34.05 -52.94 39.58
CA ILE A 144 -35.01 -53.98 39.91
C ILE A 144 -34.69 -55.22 39.09
N THR A 145 -34.53 -56.36 39.76
CA THR A 145 -34.23 -57.61 39.09
C THR A 145 -35.45 -58.53 39.06
N GLU A 146 -35.46 -59.43 38.08
CA GLU A 146 -36.49 -60.47 38.02
C GLU A 146 -36.44 -61.36 39.26
N GLY A 147 -35.25 -61.78 39.66
CA GLY A 147 -35.13 -62.76 40.73
C GLY A 147 -35.59 -62.25 42.08
N ALA A 148 -35.04 -61.12 42.50
CA ALA A 148 -35.42 -60.53 43.79
C ALA A 148 -36.87 -60.11 43.84
N SER A 149 -37.57 -60.13 42.70
CA SER A 149 -39.01 -59.89 42.67
C SER A 149 -39.79 -61.19 42.70
N LYS A 150 -39.33 -62.19 41.93
CA LYS A 150 -39.96 -63.51 41.99
C LYS A 150 -39.81 -64.14 43.36
N ARG A 151 -38.70 -63.86 44.05
CA ARG A 151 -38.47 -64.49 45.35
C ARG A 151 -39.29 -63.81 46.45
N ILE A 152 -39.38 -62.48 46.44
CA ILE A 152 -40.22 -61.79 47.41
C ILE A 152 -41.70 -62.04 47.13
N ALA A 153 -42.04 -62.47 45.91
CA ALA A 153 -43.41 -62.85 45.60
C ALA A 153 -43.72 -64.28 46.06
N GLU A 154 -42.76 -65.20 45.91
CA GLU A 154 -42.92 -66.51 46.51
C GLU A 154 -42.90 -66.43 48.03
N PHE A 155 -42.26 -65.42 48.59
CA PHE A 155 -42.21 -65.26 50.04
C PHE A 155 -43.48 -64.63 50.58
N ALA A 156 -44.17 -63.83 49.77
CA ALA A 156 -45.40 -63.18 50.23
C ALA A 156 -46.52 -64.19 50.42
N PHE A 157 -46.61 -65.19 49.53
CA PHE A 157 -47.66 -66.18 49.62
C PHE A 157 -47.34 -67.29 50.62
N GLU A 158 -46.06 -67.43 50.98
CA GLU A 158 -45.64 -68.42 51.95
C GLU A 158 -45.89 -67.96 53.38
N TYR A 159 -45.98 -66.65 53.61
CA TYR A 159 -46.40 -66.13 54.90
C TYR A 159 -47.91 -66.10 55.06
N ALA A 160 -48.67 -66.18 53.96
CA ALA A 160 -50.12 -66.23 54.05
C ALA A 160 -50.63 -67.62 54.39
N ARG A 161 -50.04 -68.65 53.77
CA ARG A 161 -50.44 -70.02 54.06
C ARG A 161 -50.18 -70.39 55.52
N ASN A 162 -49.06 -69.93 56.08
CA ASN A 162 -48.66 -70.32 57.42
C ASN A 162 -48.97 -69.26 58.47
N ASN A 163 -49.85 -68.29 58.14
CA ASN A 163 -50.35 -67.37 59.17
C ASN A 163 -51.80 -66.97 58.93
N HIS A 164 -52.59 -67.78 58.20
CA HIS A 164 -54.04 -67.63 58.10
C HIS A 164 -54.46 -66.25 57.56
N ARG A 165 -53.75 -65.77 56.54
CA ARG A 165 -54.06 -64.46 55.96
C ARG A 165 -54.92 -64.63 54.72
N SER A 166 -55.87 -63.70 54.55
CA SER A 166 -56.95 -63.86 53.59
C SER A 166 -56.66 -63.25 52.22
N ASN A 167 -55.75 -62.28 52.13
CA ASN A 167 -55.62 -61.51 50.90
C ASN A 167 -54.25 -60.87 50.82
N VAL A 168 -53.58 -61.03 49.68
CA VAL A 168 -52.31 -60.37 49.40
C VAL A 168 -52.58 -59.33 48.32
N THR A 169 -52.43 -58.07 48.68
CA THR A 169 -52.66 -56.94 47.76
C THR A 169 -51.30 -56.36 47.38
N ALA A 170 -51.00 -56.40 46.09
CA ALA A 170 -49.73 -55.89 45.57
C ALA A 170 -49.81 -54.36 45.47
N VAL A 171 -48.88 -53.68 46.15
CA VAL A 171 -48.73 -52.23 46.08
C VAL A 171 -47.68 -51.91 45.04
N HIS A 172 -48.00 -51.00 44.12
CA HIS A 172 -47.19 -50.79 42.94
C HIS A 172 -47.55 -49.45 42.31
N LYS A 173 -46.79 -49.08 41.29
CA LYS A 173 -47.09 -47.95 40.43
C LYS A 173 -46.71 -48.33 38.99
N ALA A 174 -47.36 -49.38 38.47
CA ALA A 174 -47.02 -49.91 37.15
C ALA A 174 -47.52 -49.04 36.00
N ASN A 175 -48.53 -48.21 36.24
CA ASN A 175 -48.94 -47.23 35.23
C ASN A 175 -47.88 -46.15 35.02
N ILE A 176 -47.13 -45.80 36.06
CA ILE A 176 -46.12 -44.76 35.98
C ILE A 176 -44.80 -45.36 35.48
N MET A 177 -44.03 -45.96 36.37
CA MET A 177 -42.84 -46.72 35.99
C MET A 177 -43.23 -47.99 35.24
N ARG A 178 -43.37 -47.89 33.91
CA ARG A 178 -43.85 -49.02 33.13
C ARG A 178 -42.85 -50.17 33.07
N MET A 179 -41.59 -49.93 33.40
CA MET A 179 -40.57 -50.97 33.29
C MET A 179 -40.12 -51.52 34.64
N SER A 180 -39.76 -50.67 35.60
CA SER A 180 -39.37 -51.17 36.92
C SER A 180 -40.58 -51.69 37.68
N ASP A 181 -41.62 -50.87 37.81
CA ASP A 181 -42.83 -51.30 38.53
C ASP A 181 -43.63 -52.28 37.70
N GLY A 182 -43.58 -52.18 36.37
CA GLY A 182 -44.30 -53.11 35.52
C GLY A 182 -43.78 -54.53 35.65
N LEU A 183 -42.45 -54.69 35.79
CA LEU A 183 -41.89 -56.02 35.97
C LEU A 183 -42.21 -56.57 37.35
N PHE A 184 -42.03 -55.76 38.40
CA PHE A 184 -42.40 -56.16 39.75
C PHE A 184 -43.83 -56.69 39.82
N LEU A 185 -44.70 -56.20 38.93
CA LEU A 185 -46.04 -56.74 38.83
C LEU A 185 -46.05 -58.09 38.11
N GLN A 186 -45.26 -58.21 37.03
CA GLN A 186 -45.40 -59.39 36.15
C GLN A 186 -45.04 -60.68 36.87
N LYS A 187 -44.13 -60.63 37.85
CA LYS A 187 -43.81 -61.82 38.62
C LYS A 187 -44.78 -62.05 39.78
N CYS A 188 -45.36 -60.98 40.31
CA CYS A 188 -46.38 -61.14 41.35
C CYS A 188 -47.64 -61.78 40.80
N ARG A 189 -47.99 -61.49 39.54
CA ARG A 189 -49.15 -62.11 38.91
C ARG A 189 -48.87 -63.54 38.46
N GLU A 190 -47.60 -63.90 38.23
CA GLU A 190 -47.28 -65.29 37.91
C GLU A 190 -47.24 -66.18 39.16
N VAL A 191 -46.77 -65.65 40.29
CA VAL A 191 -46.87 -66.40 41.54
C VAL A 191 -48.29 -66.44 42.07
N ALA A 192 -49.18 -65.62 41.53
CA ALA A 192 -50.59 -65.61 41.94
C ALA A 192 -51.32 -66.85 41.43
N GLU A 193 -51.25 -67.10 40.12
CA GLU A 193 -51.82 -68.32 39.55
C GLU A 193 -50.89 -69.52 39.68
N SER A 194 -49.78 -69.39 40.39
CA SER A 194 -48.97 -70.51 40.85
C SER A 194 -49.28 -70.86 42.29
N CYS A 195 -50.09 -70.05 42.96
CA CYS A 195 -50.61 -70.37 44.28
C CYS A 195 -51.94 -69.66 44.49
N LYS A 196 -52.98 -70.08 43.77
CA LYS A 196 -54.32 -69.50 43.91
C LYS A 196 -54.88 -69.75 45.31
N ASP A 197 -54.06 -70.40 46.14
CA ASP A 197 -54.32 -70.62 47.56
C ASP A 197 -54.89 -69.40 48.25
N ILE A 198 -54.35 -68.22 47.94
CA ILE A 198 -54.78 -66.97 48.56
C ILE A 198 -55.30 -66.03 47.47
N LYS A 199 -56.14 -65.09 47.88
CA LYS A 199 -56.65 -64.07 46.98
C LYS A 199 -55.58 -63.01 46.73
N PHE A 200 -55.61 -62.41 45.54
CA PHE A 200 -54.60 -61.46 45.12
C PHE A 200 -55.25 -60.31 44.37
N ASN A 201 -54.70 -59.11 44.53
CA ASN A 201 -55.17 -57.94 43.80
C ASN A 201 -54.02 -56.95 43.61
N GLU A 202 -54.23 -56.00 42.71
CA GLU A 202 -53.30 -54.90 42.46
C GLU A 202 -53.98 -53.58 42.81
N MET A 203 -53.16 -52.63 43.29
CA MET A 203 -53.71 -51.38 43.81
C MET A 203 -52.59 -50.35 43.77
N TYR A 204 -52.75 -49.32 42.94
CA TYR A 204 -51.73 -48.27 42.81
C TYR A 204 -51.33 -47.75 44.19
N LEU A 205 -50.04 -47.43 44.33
CA LEU A 205 -49.49 -47.10 45.64
C LEU A 205 -50.27 -45.97 46.30
N ASP A 206 -50.50 -44.88 45.57
CA ASP A 206 -51.24 -43.75 46.15
C ASP A 206 -52.68 -44.15 46.49
N THR A 207 -53.28 -45.03 45.70
CA THR A 207 -54.61 -45.54 46.03
C THR A 207 -54.60 -46.25 47.37
N VAL A 208 -53.52 -46.99 47.66
CA VAL A 208 -53.37 -47.57 48.99
C VAL A 208 -53.30 -46.47 50.05
N CYS A 209 -52.52 -45.43 49.78
CA CYS A 209 -52.35 -44.36 50.76
C CYS A 209 -53.66 -43.66 51.07
N LEU A 210 -54.49 -43.43 50.04
CA LEU A 210 -55.79 -42.79 50.26
C LEU A 210 -56.67 -43.65 51.15
N ASN A 211 -56.99 -44.87 50.69
CA ASN A 211 -57.83 -45.77 51.47
C ASN A 211 -57.16 -46.23 52.76
N MET A 212 -55.86 -45.98 52.94
CA MET A 212 -55.21 -46.35 54.19
C MET A 212 -55.77 -45.56 55.38
N VAL A 213 -56.14 -44.30 55.14
CA VAL A 213 -56.71 -43.45 56.18
C VAL A 213 -58.21 -43.25 56.02
N GLN A 214 -58.82 -43.87 55.00
CA GLN A 214 -60.28 -43.89 54.89
C GLN A 214 -60.89 -45.07 55.62
N ASP A 215 -60.29 -46.25 55.50
CA ASP A 215 -60.69 -47.45 56.22
C ASP A 215 -59.58 -48.48 56.16
N PRO A 216 -58.64 -48.45 57.12
CA PRO A 216 -57.51 -49.40 57.06
C PRO A 216 -57.91 -50.86 57.25
N SER A 217 -59.12 -51.13 57.73
CA SER A 217 -59.53 -52.50 58.04
C SER A 217 -59.57 -53.40 56.82
N GLN A 218 -59.68 -52.83 55.62
CA GLN A 218 -59.95 -53.58 54.41
C GLN A 218 -58.73 -54.31 53.85
N PHE A 219 -57.56 -54.14 54.44
CA PHE A 219 -56.33 -54.70 53.91
C PHE A 219 -55.80 -55.80 54.81
N ASP A 220 -55.03 -56.72 54.22
CA ASP A 220 -54.48 -57.86 54.95
C ASP A 220 -52.96 -57.91 54.79
N VAL A 221 -52.48 -58.53 53.72
CA VAL A 221 -51.06 -58.65 53.44
C VAL A 221 -50.71 -57.71 52.29
N LEU A 222 -49.66 -56.91 52.49
CA LEU A 222 -49.23 -55.91 51.52
C LEU A 222 -47.80 -56.20 51.10
N VAL A 223 -47.57 -56.25 49.78
CA VAL A 223 -46.25 -56.48 49.20
C VAL A 223 -45.94 -55.35 48.24
N MET A 224 -44.69 -54.91 48.24
CA MET A 224 -44.25 -53.76 47.47
C MET A 224 -42.72 -53.69 47.52
N PRO A 225 -42.09 -53.01 46.55
CA PRO A 225 -40.63 -52.89 46.54
C PRO A 225 -40.08 -52.17 47.77
N ASN A 226 -38.76 -51.99 47.81
CA ASN A 226 -38.12 -51.60 49.07
C ASN A 226 -38.48 -50.17 49.46
N LEU A 227 -38.50 -49.24 48.50
CA LEU A 227 -38.77 -47.85 48.83
C LEU A 227 -40.20 -47.67 49.31
N TYR A 228 -41.17 -48.13 48.52
CA TYR A 228 -42.56 -48.08 48.96
C TYR A 228 -42.74 -48.79 50.29
N GLY A 229 -41.92 -49.81 50.56
CA GLY A 229 -42.05 -50.55 51.80
C GLY A 229 -41.55 -49.79 53.01
N ASP A 230 -40.36 -49.21 52.92
CA ASP A 230 -39.79 -48.51 54.07
C ASP A 230 -40.64 -47.31 54.48
N ILE A 231 -41.42 -46.75 53.55
CA ILE A 231 -42.28 -45.63 53.90
C ILE A 231 -43.59 -46.14 54.50
N LEU A 232 -44.25 -47.10 53.83
CA LEU A 232 -45.53 -47.58 54.33
C LEU A 232 -45.39 -48.41 55.61
N SER A 233 -44.21 -48.99 55.86
CA SER A 233 -44.01 -49.71 57.11
C SER A 233 -44.07 -48.76 58.30
N ASP A 234 -43.28 -47.69 58.27
CA ASP A 234 -43.29 -46.70 59.34
C ASP A 234 -44.55 -45.86 59.36
N LEU A 235 -45.41 -45.97 58.33
CA LEU A 235 -46.72 -45.31 58.35
C LEU A 235 -47.78 -46.18 59.01
N CYS A 236 -47.88 -47.45 58.59
CA CYS A 236 -48.85 -48.36 59.19
C CYS A 236 -48.62 -48.49 60.69
N ALA A 237 -47.38 -48.33 61.14
CA ALA A 237 -47.07 -48.42 62.57
C ALA A 237 -47.62 -47.22 63.34
N GLY A 238 -47.68 -46.06 62.71
CA GLY A 238 -48.30 -44.90 63.32
C GLY A 238 -49.78 -45.06 63.56
N LEU A 239 -50.44 -46.00 62.86
CA LEU A 239 -51.86 -46.27 63.09
C LEU A 239 -52.11 -46.99 64.40
N ILE A 240 -51.12 -47.66 64.97
CA ILE A 240 -51.28 -48.38 66.23
C ILE A 240 -50.51 -47.71 67.36
N GLY A 241 -49.87 -46.56 67.10
CA GLY A 241 -49.25 -45.80 68.16
C GLY A 241 -47.85 -45.29 67.88
N GLY A 242 -47.08 -46.03 67.08
CA GLY A 242 -45.72 -45.61 66.79
C GLY A 242 -44.77 -46.78 66.60
N LEU A 243 -43.54 -46.63 67.09
CA LEU A 243 -42.48 -47.61 66.87
C LEU A 243 -42.30 -48.58 68.04
N GLY A 244 -42.50 -48.12 69.27
CA GLY A 244 -42.26 -48.95 70.44
C GLY A 244 -43.15 -50.17 70.56
N VAL A 245 -44.20 -50.26 69.75
CA VAL A 245 -45.16 -51.35 69.82
C VAL A 245 -45.20 -52.19 68.56
N THR A 246 -44.41 -51.84 67.53
CA THR A 246 -44.52 -52.48 66.23
C THR A 246 -43.53 -53.62 66.10
N PRO A 247 -43.98 -54.85 65.90
CA PRO A 247 -43.04 -55.96 65.71
C PRO A 247 -42.42 -55.95 64.33
N SER A 248 -41.13 -56.30 64.27
CA SER A 248 -40.40 -56.28 63.02
C SER A 248 -39.46 -57.48 62.95
N GLY A 249 -39.45 -58.16 61.80
CA GLY A 249 -38.57 -59.28 61.54
C GLY A 249 -37.99 -59.27 60.15
N ASN A 250 -36.73 -59.65 59.99
CA ASN A 250 -36.05 -59.64 58.70
C ASN A 250 -35.67 -61.06 58.33
N ILE A 251 -36.15 -61.52 57.18
CA ILE A 251 -36.01 -62.90 56.74
C ILE A 251 -34.91 -62.97 55.70
N GLY A 252 -34.12 -64.05 55.74
CA GLY A 252 -33.07 -64.27 54.77
C GLY A 252 -33.00 -65.72 54.35
N ALA A 253 -32.15 -65.99 53.36
CA ALA A 253 -31.92 -67.34 52.91
C ALA A 253 -31.12 -68.11 53.96
N ASN A 254 -30.79 -69.37 53.63
CA ASN A 254 -30.18 -70.31 54.58
C ASN A 254 -31.09 -70.50 55.80
N GLY A 255 -32.39 -70.32 55.62
CA GLY A 255 -33.35 -70.43 56.70
C GLY A 255 -33.18 -69.40 57.80
N VAL A 256 -32.35 -68.39 57.60
CA VAL A 256 -32.05 -67.42 58.65
C VAL A 256 -33.20 -66.43 58.75
N ALA A 257 -33.35 -65.85 59.95
CA ALA A 257 -34.38 -64.85 60.22
C ALA A 257 -34.10 -64.17 61.55
N ILE A 258 -33.91 -62.86 61.53
CA ILE A 258 -33.71 -62.07 62.73
C ILE A 258 -34.90 -61.14 62.91
N PHE A 259 -35.42 -61.08 64.13
CA PHE A 259 -36.51 -60.19 64.46
C PHE A 259 -35.97 -59.05 65.32
N GLU A 260 -36.41 -57.83 65.04
CA GLU A 260 -35.76 -56.64 65.54
C GLU A 260 -36.76 -55.69 66.18
N SER A 261 -36.33 -55.06 67.27
CA SER A 261 -37.03 -53.90 67.81
C SER A 261 -36.66 -52.68 66.98
N VAL A 262 -37.66 -52.03 66.39
CA VAL A 262 -37.39 -50.91 65.48
C VAL A 262 -37.39 -49.55 66.17
N HIS A 263 -37.85 -49.47 67.42
CA HIS A 263 -37.87 -48.20 68.13
C HIS A 263 -36.45 -47.68 68.32
N GLY A 264 -36.35 -46.36 68.47
CA GLY A 264 -35.05 -45.74 68.69
C GLY A 264 -34.41 -46.17 69.98
N THR A 265 -33.14 -45.78 70.13
CA THR A 265 -32.39 -46.10 71.35
C THR A 265 -33.02 -45.45 72.57
N ALA A 266 -33.25 -44.14 72.50
CA ALA A 266 -33.77 -43.33 73.61
C ALA A 266 -32.93 -43.55 74.86
N PRO A 267 -31.69 -43.06 74.91
CA PRO A 267 -30.84 -43.27 76.08
C PRO A 267 -31.06 -42.27 77.21
N ASP A 268 -32.09 -41.43 77.14
CA ASP A 268 -32.33 -40.46 78.21
C ASP A 268 -32.80 -41.14 79.49
N ILE A 269 -33.68 -42.13 79.36
CA ILE A 269 -34.16 -42.91 80.50
C ILE A 269 -33.58 -44.31 80.45
N ALA A 270 -32.34 -44.43 79.96
CA ALA A 270 -31.72 -45.72 79.76
C ALA A 270 -31.71 -46.55 81.05
N GLY A 271 -31.03 -46.07 82.07
CA GLY A 271 -30.95 -46.79 83.34
C GLY A 271 -31.89 -46.27 84.41
N LYS A 272 -33.20 -46.26 84.12
CA LYS A 272 -34.20 -45.79 85.06
C LYS A 272 -35.39 -46.74 85.22
N ASP A 273 -35.36 -47.89 84.56
CA ASP A 273 -36.44 -48.90 84.65
C ASP A 273 -37.78 -48.33 84.20
N MET A 274 -37.76 -47.38 83.26
CA MET A 274 -38.98 -46.77 82.74
C MET A 274 -39.21 -47.10 81.27
N ALA A 275 -38.64 -48.21 80.80
CA ALA A 275 -38.67 -48.54 79.38
C ALA A 275 -40.01 -49.17 79.00
N ASN A 276 -40.07 -49.74 77.79
CA ASN A 276 -41.27 -50.39 77.28
C ASN A 276 -40.88 -51.44 76.24
N PRO A 277 -40.67 -52.70 76.65
CA PRO A 277 -40.17 -53.72 75.71
C PRO A 277 -41.22 -54.34 74.81
N THR A 278 -42.27 -53.57 74.48
CA THR A 278 -43.46 -54.15 73.85
C THR A 278 -43.13 -54.79 72.51
N ALA A 279 -42.67 -53.98 71.54
CA ALA A 279 -42.36 -54.49 70.21
C ALA A 279 -41.31 -55.60 70.29
N LEU A 280 -40.38 -55.49 71.23
CA LEU A 280 -39.33 -56.50 71.37
C LEU A 280 -39.91 -57.88 71.59
N LEU A 281 -41.00 -57.98 72.35
CA LEU A 281 -41.66 -59.27 72.56
C LEU A 281 -42.56 -59.63 71.40
N LEU A 282 -43.40 -58.69 70.95
CA LEU A 282 -44.24 -58.97 69.78
C LEU A 282 -43.40 -59.32 68.56
N SER A 283 -42.15 -58.89 68.53
CA SER A 283 -41.19 -59.42 67.55
C SER A 283 -40.71 -60.80 67.95
N ALA A 284 -40.40 -61.01 69.22
CA ALA A 284 -40.07 -62.35 69.70
C ALA A 284 -41.28 -63.27 69.64
N VAL A 285 -42.49 -62.72 69.74
CA VAL A 285 -43.70 -63.50 69.49
C VAL A 285 -43.81 -63.81 68.00
N MET A 286 -43.60 -62.78 67.16
CA MET A 286 -43.46 -62.99 65.72
C MET A 286 -42.35 -63.98 65.40
N MET A 287 -41.30 -64.01 66.23
CA MET A 287 -40.25 -65.02 66.08
C MET A 287 -40.77 -66.40 66.44
N LEU A 288 -41.58 -66.50 67.51
CA LEU A 288 -42.22 -67.77 67.84
C LEU A 288 -43.17 -68.20 66.73
N ARG A 289 -43.83 -67.23 66.09
CA ARG A 289 -44.72 -67.54 64.97
C ARG A 289 -43.96 -68.08 63.77
N HIS A 290 -42.67 -67.79 63.66
CA HIS A 290 -41.89 -68.31 62.54
C HIS A 290 -41.52 -69.77 62.75
N MET A 291 -41.23 -70.16 63.99
CA MET A 291 -40.88 -71.56 64.28
C MET A 291 -42.10 -72.48 64.30
N GLY A 292 -43.31 -71.93 64.29
CA GLY A 292 -44.50 -72.74 64.37
C GLY A 292 -44.99 -73.03 65.78
N LEU A 293 -44.51 -72.30 66.77
CA LEU A 293 -44.91 -72.48 68.16
C LEU A 293 -46.20 -71.72 68.48
N PHE A 294 -47.25 -71.99 67.70
CA PHE A 294 -48.53 -71.29 67.87
C PHE A 294 -49.00 -71.30 69.32
N ASP A 295 -48.67 -72.35 70.07
CA ASP A 295 -49.02 -72.45 71.47
C ASP A 295 -48.26 -71.41 72.30
N HIS A 296 -46.95 -71.59 72.47
CA HIS A 296 -46.18 -70.65 73.27
C HIS A 296 -46.23 -69.23 72.72
N ALA A 297 -46.45 -69.08 71.42
CA ALA A 297 -46.57 -67.76 70.83
C ALA A 297 -47.85 -67.07 71.28
N ALA A 298 -49.00 -67.54 70.78
CA ALA A 298 -50.29 -66.96 71.15
C ALA A 298 -50.56 -66.96 72.65
N ARG A 299 -49.77 -67.72 73.43
CA ARG A 299 -49.87 -67.64 74.88
C ARG A 299 -49.39 -66.28 75.37
N ILE A 300 -48.10 -65.99 75.22
CA ILE A 300 -47.54 -64.73 75.70
C ILE A 300 -48.04 -63.53 74.90
N GLU A 301 -48.75 -63.76 73.79
CA GLU A 301 -49.28 -62.66 73.00
C GLU A 301 -50.36 -61.90 73.76
N ALA A 302 -51.54 -62.52 73.92
CA ALA A 302 -52.62 -61.86 74.64
C ALA A 302 -52.26 -61.54 76.09
N ALA A 303 -51.25 -62.21 76.65
CA ALA A 303 -50.75 -61.83 77.97
C ALA A 303 -50.19 -60.41 77.94
N CYS A 304 -49.68 -59.98 76.79
CA CYS A 304 -49.37 -58.57 76.61
C CYS A 304 -50.63 -57.76 76.34
N PHE A 305 -51.58 -58.32 75.59
CA PHE A 305 -52.81 -57.61 75.27
C PHE A 305 -53.64 -57.33 76.52
N ALA A 306 -53.61 -58.22 77.50
CA ALA A 306 -54.41 -58.05 78.71
C ALA A 306 -53.79 -57.08 79.69
N THR A 307 -52.45 -57.00 79.73
CA THR A 307 -51.80 -55.98 80.54
C THR A 307 -52.09 -54.58 80.01
N ILE A 308 -52.26 -54.45 78.70
CA ILE A 308 -52.72 -53.19 78.12
C ILE A 308 -54.23 -53.04 78.28
N LYS A 309 -54.99 -54.12 78.03
CA LYS A 309 -56.44 -54.07 78.19
C LYS A 309 -56.82 -53.79 79.64
N ASP A 310 -55.90 -53.98 80.57
CA ASP A 310 -56.10 -53.51 81.94
C ASP A 310 -55.81 -52.01 82.04
N GLY A 311 -54.74 -51.54 81.41
CA GLY A 311 -54.36 -50.15 81.51
C GLY A 311 -53.91 -49.72 82.89
N LYS A 312 -53.45 -50.66 83.72
CA LYS A 312 -53.04 -50.37 85.08
C LYS A 312 -51.53 -50.29 85.26
N SER A 313 -50.77 -51.06 84.48
CA SER A 313 -49.32 -51.13 84.62
C SER A 313 -48.62 -50.70 83.33
N LEU A 314 -49.14 -49.66 82.67
CA LEU A 314 -48.51 -49.16 81.46
C LEU A 314 -47.22 -48.41 81.81
N THR A 315 -46.46 -48.06 80.77
CA THR A 315 -45.18 -47.38 80.95
C THR A 315 -45.41 -45.86 80.91
N LYS A 316 -44.37 -45.09 80.59
CA LYS A 316 -44.49 -43.64 80.48
C LYS A 316 -44.91 -43.19 79.09
N ASP A 317 -44.46 -43.89 78.04
CA ASP A 317 -44.80 -43.54 76.67
C ASP A 317 -46.18 -44.01 76.25
N LEU A 318 -46.81 -44.90 77.01
CA LEU A 318 -48.11 -45.44 76.62
C LEU A 318 -49.24 -44.42 76.81
N GLY A 319 -49.38 -43.81 77.99
CA GLY A 319 -48.54 -44.00 79.17
C GLY A 319 -49.24 -43.73 80.48
N GLY A 320 -49.52 -44.80 81.22
CA GLY A 320 -50.08 -44.69 82.55
C GLY A 320 -49.03 -44.30 83.56
N ASN A 321 -48.70 -45.21 84.50
CA ASN A 321 -47.67 -44.93 85.50
C ASN A 321 -47.26 -46.27 86.11
N ALA A 322 -46.16 -46.84 85.61
CA ALA A 322 -45.56 -48.02 86.20
C ALA A 322 -44.12 -48.11 85.72
N LYS A 323 -43.40 -49.08 86.26
CA LYS A 323 -42.01 -49.32 85.91
C LYS A 323 -41.87 -50.48 84.93
N CYS A 324 -40.74 -50.51 84.24
CA CYS A 324 -40.48 -51.59 83.29
C CYS A 324 -40.45 -52.95 83.99
N SER A 325 -40.13 -52.96 85.29
CA SER A 325 -40.19 -54.20 86.06
C SER A 325 -41.63 -54.53 86.45
N ASP A 326 -42.45 -53.52 86.74
CA ASP A 326 -43.83 -53.78 87.17
C ASP A 326 -44.69 -54.23 85.99
N PHE A 327 -44.51 -53.60 84.82
CA PHE A 327 -45.23 -54.03 83.62
C PHE A 327 -44.75 -55.37 83.11
N THR A 328 -43.55 -55.81 83.51
CA THR A 328 -43.02 -57.10 83.10
C THR A 328 -43.62 -58.23 83.94
N GLU A 329 -43.40 -58.18 85.26
CA GLU A 329 -43.91 -59.21 86.15
C GLU A 329 -45.43 -59.27 86.18
N GLU A 330 -46.10 -58.19 85.76
CA GLU A 330 -47.54 -58.26 85.57
C GLU A 330 -47.91 -59.19 84.42
N ILE A 331 -47.04 -59.31 83.41
CA ILE A 331 -47.26 -60.26 82.33
C ILE A 331 -46.75 -61.65 82.71
N CYS A 332 -45.67 -61.75 83.47
CA CYS A 332 -45.20 -63.04 83.96
C CYS A 332 -46.23 -63.69 84.88
N ARG A 333 -46.94 -62.88 85.68
CA ARG A 333 -47.97 -63.42 86.56
C ARG A 333 -49.14 -63.98 85.75
N ARG A 334 -49.63 -63.22 84.78
CA ARG A 334 -50.74 -63.68 83.96
C ARG A 334 -50.33 -64.79 82.99
N VAL A 335 -49.05 -64.90 82.65
CA VAL A 335 -48.62 -65.91 81.69
C VAL A 335 -48.44 -67.28 82.32
N LYS A 336 -48.36 -67.35 83.66
CA LYS A 336 -48.28 -68.65 84.31
C LYS A 336 -49.55 -69.47 84.12
N ASP A 337 -50.66 -68.84 83.78
CA ASP A 337 -51.92 -69.51 83.50
C ASP A 337 -52.15 -69.60 81.99
N LEU A 338 -53.20 -70.34 81.61
CA LEU A 338 -53.54 -70.50 80.21
C LEU A 338 -55.02 -70.88 80.05
N PRO B 7 -48.35 -12.22 22.86
CA PRO B 7 -49.28 -11.16 23.23
C PRO B 7 -49.16 -10.82 24.70
N PRO B 8 -49.99 -9.91 25.20
CA PRO B 8 -50.10 -9.74 26.65
C PRO B 8 -51.27 -10.54 27.21
N SER B 9 -51.20 -10.72 28.52
CA SER B 9 -52.34 -11.36 29.20
C SER B 9 -53.46 -10.40 28.89
N ALA B 10 -54.57 -10.89 28.36
CA ALA B 10 -55.67 -9.96 28.02
C ALA B 10 -56.36 -9.54 29.32
N LYS B 11 -56.63 -8.24 29.49
CA LYS B 11 -57.35 -7.78 30.70
C LYS B 11 -58.34 -6.68 30.30
N TYR B 12 -59.39 -7.01 29.54
CA TYR B 12 -60.35 -5.95 29.12
C TYR B 12 -60.95 -5.33 30.38
N GLY B 13 -61.07 -4.00 30.40
CA GLY B 13 -61.53 -3.26 31.59
C GLY B 13 -62.84 -3.81 32.09
N GLY B 14 -62.98 -3.98 33.40
CA GLY B 14 -64.19 -4.65 33.90
C GLY B 14 -63.85 -6.10 34.17
N ARG B 15 -64.83 -7.01 34.07
CA ARG B 15 -64.63 -8.45 34.38
C ARG B 15 -63.43 -8.99 33.60
N HIS B 16 -62.57 -9.75 34.27
CA HIS B 16 -61.36 -10.36 33.65
C HIS B 16 -61.75 -11.63 32.88
N THR B 17 -60.84 -12.16 32.05
CA THR B 17 -61.10 -13.34 31.19
C THR B 17 -60.32 -14.56 31.65
N VAL B 18 -60.99 -15.70 31.87
CA VAL B 18 -60.23 -16.86 32.30
C VAL B 18 -60.52 -18.02 31.35
N THR B 19 -59.46 -18.77 31.06
CA THR B 19 -59.57 -19.97 30.21
C THR B 19 -60.46 -20.94 30.94
N MET B 20 -61.48 -21.49 30.31
CA MET B 20 -62.32 -22.46 31.08
C MET B 20 -62.37 -23.76 30.28
N ILE B 21 -62.05 -24.89 30.93
CA ILE B 21 -62.11 -26.18 30.20
C ILE B 21 -62.65 -27.30 31.12
N PRO B 22 -63.84 -27.87 30.83
CA PRO B 22 -64.42 -28.94 31.64
C PRO B 22 -63.72 -30.29 31.58
N GLY B 23 -63.32 -30.72 30.38
CA GLY B 23 -62.61 -32.00 30.18
C GLY B 23 -63.51 -33.22 30.33
N ASP B 24 -62.90 -34.40 30.47
CA ASP B 24 -63.62 -35.69 30.70
C ASP B 24 -64.00 -35.80 32.16
N GLY B 25 -64.86 -36.75 32.52
CA GLY B 25 -65.22 -36.77 33.95
C GLY B 25 -66.35 -35.79 34.22
N ILE B 26 -66.49 -35.34 35.46
CA ILE B 26 -67.65 -34.50 35.87
C ILE B 26 -67.36 -33.02 35.71
N GLY B 27 -66.28 -32.66 35.03
CA GLY B 27 -65.99 -31.22 34.93
C GLY B 27 -67.12 -30.49 34.24
N PRO B 28 -67.62 -31.02 33.09
CA PRO B 28 -68.68 -30.35 32.37
C PRO B 28 -69.88 -30.25 33.31
N GLU B 29 -70.26 -31.35 33.95
CA GLU B 29 -71.30 -31.09 34.92
C GLU B 29 -70.81 -30.15 36.02
N LEU B 30 -69.55 -30.28 36.42
CA LEU B 30 -69.02 -29.43 37.49
C LEU B 30 -68.91 -27.98 37.05
N MET B 31 -68.38 -27.73 35.85
CA MET B 31 -68.11 -26.36 35.42
C MET B 31 -69.38 -25.53 35.36
N LEU B 32 -70.48 -26.11 34.88
CA LEU B 32 -71.73 -25.37 34.83
C LEU B 32 -72.22 -25.01 36.22
N HIS B 33 -71.97 -25.86 37.21
CA HIS B 33 -72.35 -25.52 38.58
C HIS B 33 -71.44 -24.42 39.14
N VAL B 34 -70.15 -24.48 38.82
CA VAL B 34 -69.29 -23.35 39.17
C VAL B 34 -69.64 -22.13 38.32
N LYS B 35 -70.12 -22.34 37.09
CA LYS B 35 -70.71 -21.24 36.34
C LYS B 35 -71.90 -20.65 37.07
N SER B 36 -72.75 -21.50 37.66
CA SER B 36 -73.88 -21.02 38.44
C SER B 36 -73.42 -20.38 39.74
N VAL B 37 -72.31 -20.86 40.31
CA VAL B 37 -71.77 -20.25 41.52
C VAL B 37 -71.22 -18.87 41.21
N PHE B 38 -70.48 -18.73 40.10
CA PHE B 38 -69.97 -17.42 39.71
C PHE B 38 -71.11 -16.50 39.26
N ARG B 39 -72.17 -17.07 38.71
CA ARG B 39 -73.33 -16.28 38.31
C ARG B 39 -74.02 -15.67 39.53
N HIS B 40 -74.43 -16.52 40.48
CA HIS B 40 -75.13 -16.05 41.67
C HIS B 40 -74.30 -15.02 42.43
N ALA B 41 -73.03 -15.33 42.66
CA ALA B 41 -72.17 -14.40 43.40
C ALA B 41 -71.82 -13.14 42.62
N CYS B 42 -72.46 -12.92 41.47
CA CYS B 42 -72.27 -11.73 40.65
C CYS B 42 -70.81 -11.54 40.26
N VAL B 43 -70.07 -12.65 40.14
CA VAL B 43 -68.63 -12.61 39.91
C VAL B 43 -68.34 -12.05 38.52
N PRO B 44 -67.61 -10.94 38.43
CA PRO B 44 -67.22 -10.39 37.12
C PRO B 44 -66.05 -11.14 36.51
N VAL B 45 -66.24 -12.45 36.29
CA VAL B 45 -65.25 -13.30 35.66
C VAL B 45 -65.95 -14.07 34.55
N ASP B 46 -65.52 -13.84 33.31
CA ASP B 46 -66.09 -14.54 32.17
C ASP B 46 -65.40 -15.90 32.03
N PHE B 47 -65.67 -16.60 30.93
CA PHE B 47 -65.07 -17.90 30.68
C PHE B 47 -64.91 -18.13 29.18
N GLU B 48 -63.77 -18.70 28.80
CA GLU B 48 -63.49 -19.14 27.44
C GLU B 48 -63.23 -20.65 27.52
N GLU B 49 -64.26 -21.44 27.26
CA GLU B 49 -64.15 -22.88 27.42
C GLU B 49 -63.29 -23.48 26.30
N VAL B 50 -62.46 -24.46 26.66
CA VAL B 50 -61.53 -25.07 25.66
C VAL B 50 -61.68 -26.60 25.69
N HIS B 51 -61.65 -27.24 24.51
CA HIS B 51 -61.81 -28.70 24.35
C HIS B 51 -60.58 -29.45 24.85
N VAL B 52 -60.68 -30.76 25.00
CA VAL B 52 -59.51 -31.50 25.55
C VAL B 52 -59.39 -32.89 24.93
N SER B 53 -58.41 -33.65 25.42
CA SER B 53 -57.99 -34.98 24.91
C SER B 53 -59.00 -36.11 25.14
N SER B 54 -58.70 -37.25 24.50
CA SER B 54 -59.41 -38.54 24.40
C SER B 54 -60.38 -38.51 23.22
N ASN B 55 -60.44 -37.36 22.52
CA ASN B 55 -61.27 -37.18 21.31
C ASN B 55 -60.44 -36.38 20.29
N ALA B 56 -60.24 -35.09 20.58
CA ALA B 56 -59.44 -34.19 19.72
C ALA B 56 -57.97 -34.33 20.13
N ASP B 57 -57.35 -35.45 19.77
CA ASP B 57 -55.94 -35.76 20.13
C ASP B 57 -54.95 -34.87 19.39
N GLU B 58 -53.73 -34.76 19.94
CA GLU B 58 -52.60 -33.99 19.37
C GLU B 58 -52.90 -32.48 19.27
N GLU B 59 -52.75 -31.91 18.07
CA GLU B 59 -52.79 -30.44 17.83
C GLU B 59 -54.10 -29.77 18.28
N ASP B 60 -55.23 -30.46 18.29
CA ASP B 60 -56.50 -29.78 18.66
C ASP B 60 -56.39 -29.21 20.08
N ILE B 61 -55.82 -29.97 21.01
CA ILE B 61 -55.61 -29.49 22.40
C ILE B 61 -54.67 -28.30 22.39
N ARG B 62 -53.65 -28.32 21.54
CA ARG B 62 -52.65 -27.22 21.50
C ARG B 62 -53.34 -25.90 21.21
N ASN B 63 -54.33 -25.88 20.31
CA ASN B 63 -55.07 -24.63 20.03
C ASN B 63 -55.71 -24.20 21.35
N ALA B 64 -56.33 -25.13 22.08
CA ALA B 64 -56.88 -24.76 23.41
C ALA B 64 -55.71 -24.32 24.29
N ILE B 65 -54.55 -24.98 24.26
CA ILE B 65 -53.43 -24.44 25.08
C ILE B 65 -53.16 -23.06 24.52
N MET B 66 -53.19 -22.94 23.20
CA MET B 66 -52.90 -21.56 22.81
C MET B 66 -53.83 -20.57 23.48
N ALA B 67 -55.06 -20.98 23.80
CA ALA B 67 -55.94 -20.13 24.61
C ALA B 67 -55.36 -19.94 26.00
N ILE B 68 -54.92 -21.02 26.65
CA ILE B 68 -54.27 -20.89 27.94
C ILE B 68 -52.97 -20.12 27.81
N ARG B 69 -52.38 -20.08 26.61
CA ARG B 69 -51.23 -19.22 26.39
C ARG B 69 -51.58 -17.75 26.53
N ARG B 70 -52.81 -17.37 26.21
CA ARG B 70 -53.29 -16.02 26.50
C ARG B 70 -53.57 -15.50 27.91
N ASN B 71 -54.60 -16.07 28.54
CA ASN B 71 -54.87 -15.90 29.96
C ASN B 71 -53.84 -16.67 30.78
N ARG B 72 -53.13 -15.96 31.64
CA ARG B 72 -52.18 -16.57 32.54
C ARG B 72 -52.85 -17.47 33.59
N VAL B 73 -54.15 -17.73 33.53
CA VAL B 73 -54.87 -18.46 34.56
C VAL B 73 -55.96 -19.28 33.89
N ALA B 74 -56.12 -20.52 34.34
CA ALA B 74 -57.22 -21.36 33.90
C ALA B 74 -57.60 -22.28 35.05
N LEU B 75 -58.74 -22.95 34.90
CA LEU B 75 -59.22 -23.95 35.86
C LEU B 75 -59.77 -25.12 35.07
N LYS B 76 -59.35 -26.33 35.44
CA LYS B 76 -59.63 -27.50 34.64
C LYS B 76 -60.11 -28.65 35.51
N GLY B 77 -60.79 -29.61 34.86
CA GLY B 77 -61.07 -30.88 35.48
C GLY B 77 -59.91 -31.83 35.26
N ASN B 78 -60.19 -33.11 35.09
CA ASN B 78 -59.15 -34.11 34.87
C ASN B 78 -59.47 -34.94 33.64
N ILE B 79 -58.43 -35.47 33.01
CA ILE B 79 -58.53 -36.17 31.75
C ILE B 79 -57.90 -37.54 31.89
N GLU B 80 -58.20 -38.41 30.92
CA GLU B 80 -57.54 -39.72 30.78
C GLU B 80 -57.70 -40.57 32.05
N SER B 88 -45.73 -45.57 25.85
CA SER B 88 -45.11 -44.58 24.99
C SER B 88 -45.69 -43.20 25.25
N HIS B 89 -45.18 -42.21 24.51
CA HIS B 89 -45.66 -40.83 24.58
C HIS B 89 -45.69 -40.31 26.01
N LYS B 90 -46.75 -39.59 26.36
CA LYS B 90 -46.89 -39.01 27.69
C LYS B 90 -48.36 -38.65 27.89
N SER B 91 -48.68 -38.20 29.11
CA SER B 91 -50.04 -37.82 29.44
C SER B 91 -50.33 -36.39 29.00
N ARG B 92 -51.62 -36.07 28.90
CA ARG B 92 -52.02 -34.72 28.52
C ARG B 92 -51.71 -33.72 29.62
N ASN B 93 -51.99 -34.08 30.88
CA ASN B 93 -51.67 -33.20 31.99
C ASN B 93 -50.16 -32.95 32.06
N ASN B 94 -49.37 -33.99 31.86
CA ASN B 94 -47.92 -33.82 31.76
C ASN B 94 -47.54 -32.99 30.54
N ILE B 95 -48.18 -33.24 29.40
CA ILE B 95 -47.85 -32.48 28.19
C ILE B 95 -48.29 -31.03 28.33
N LEU B 96 -49.31 -30.77 29.15
CA LEU B 96 -49.75 -29.39 29.34
C LEU B 96 -48.78 -28.62 30.21
N ARG B 97 -48.39 -29.20 31.35
CA ARG B 97 -47.50 -28.51 32.28
C ARG B 97 -46.09 -28.35 31.74
N THR B 98 -45.68 -29.17 30.78
CA THR B 98 -44.42 -28.91 30.09
C THR B 98 -44.59 -27.81 29.05
N SER B 99 -45.68 -27.88 28.28
CA SER B 99 -45.97 -26.83 27.30
C SER B 99 -46.19 -25.47 27.95
N LEU B 100 -46.39 -25.43 29.26
CA LEU B 100 -46.50 -24.18 30.00
C LEU B 100 -45.43 -24.06 31.08
N ASP B 101 -44.49 -25.00 31.15
CA ASP B 101 -43.40 -24.97 32.13
C ASP B 101 -43.92 -24.83 33.56
N LEU B 102 -45.10 -25.38 33.82
CA LEU B 102 -45.70 -25.34 35.14
C LEU B 102 -44.91 -26.24 36.08
N TYR B 103 -44.22 -25.65 37.06
CA TYR B 103 -43.32 -26.40 37.92
C TYR B 103 -43.67 -26.34 39.40
N ALA B 104 -44.86 -25.84 39.75
CA ALA B 104 -45.25 -25.71 41.16
C ALA B 104 -46.65 -26.29 41.33
N ASN B 105 -46.73 -27.56 41.73
CA ASN B 105 -47.99 -28.23 41.99
C ASN B 105 -48.31 -28.11 43.48
N VAL B 106 -49.40 -27.44 43.80
CA VAL B 106 -49.81 -27.17 45.17
C VAL B 106 -51.13 -27.87 45.45
N ILE B 107 -51.31 -28.27 46.71
CA ILE B 107 -52.60 -28.75 47.20
C ILE B 107 -52.81 -28.23 48.61
N HIS B 108 -54.04 -27.85 48.93
CA HIS B 108 -54.40 -27.28 50.23
C HIS B 108 -55.29 -28.27 50.97
N CYS B 109 -54.70 -28.98 51.94
CA CYS B 109 -55.42 -29.94 52.77
C CYS B 109 -55.81 -29.25 54.08
N LYS B 110 -57.10 -29.14 54.33
CA LYS B 110 -57.63 -28.44 55.49
C LYS B 110 -58.74 -29.25 56.13
N SER B 111 -58.77 -29.24 57.46
CA SER B 111 -59.91 -29.82 58.16
C SER B 111 -61.16 -29.00 57.87
N LEU B 112 -62.31 -29.67 57.85
CA LEU B 112 -63.59 -29.05 57.55
C LEU B 112 -64.50 -29.21 58.76
N PRO B 113 -64.95 -28.13 59.39
CA PRO B 113 -65.89 -28.27 60.51
C PRO B 113 -67.17 -29.02 60.16
N GLY B 114 -67.44 -29.22 58.88
CA GLY B 114 -68.66 -29.85 58.44
C GLY B 114 -68.60 -31.36 58.31
N VAL B 115 -67.39 -31.91 58.23
CA VAL B 115 -67.18 -33.36 58.23
C VAL B 115 -66.12 -33.65 59.29
N VAL B 116 -66.53 -34.26 60.39
CA VAL B 116 -65.57 -34.71 61.39
C VAL B 116 -64.82 -35.91 60.85
N THR B 117 -63.49 -35.81 60.85
CA THR B 117 -62.64 -36.91 60.46
C THR B 117 -62.19 -37.66 61.71
N ARG B 118 -61.12 -38.44 61.61
CA ARG B 118 -60.51 -39.02 62.79
C ARG B 118 -59.64 -38.02 63.53
N HIS B 119 -59.17 -36.99 62.83
CA HIS B 119 -58.42 -35.90 63.43
C HIS B 119 -59.02 -34.57 62.99
N LYS B 120 -58.77 -33.55 63.80
CA LYS B 120 -59.30 -32.21 63.58
C LYS B 120 -58.14 -31.23 63.49
N ASP B 121 -58.48 -29.96 63.25
CA ASP B 121 -57.54 -28.85 63.27
C ASP B 121 -56.38 -29.09 62.30
N ILE B 122 -56.71 -29.03 61.02
CA ILE B 122 -55.76 -29.31 59.94
C ILE B 122 -55.70 -28.11 59.01
N ASP B 123 -54.48 -27.68 58.68
CA ASP B 123 -54.27 -26.70 57.62
C ASP B 123 -52.89 -26.97 57.05
N ILE B 124 -52.83 -27.45 55.81
CA ILE B 124 -51.60 -27.99 55.24
C ILE B 124 -51.54 -27.64 53.76
N LEU B 125 -50.38 -27.15 53.31
CA LEU B 125 -50.12 -26.85 51.90
C LEU B 125 -48.92 -27.67 51.44
N ILE B 126 -49.15 -28.58 50.50
CA ILE B 126 -48.10 -29.43 49.94
C ILE B 126 -47.74 -28.88 48.56
N VAL B 127 -46.45 -28.64 48.34
CA VAL B 127 -45.95 -28.19 47.05
C VAL B 127 -44.79 -29.09 46.64
N ARG B 128 -44.85 -29.59 45.41
CA ARG B 128 -43.81 -30.42 44.80
C ARG B 128 -43.50 -29.85 43.42
N GLU B 129 -42.53 -30.45 42.74
CA GLU B 129 -42.18 -30.03 41.39
C GLU B 129 -42.95 -30.95 40.42
N ASN B 130 -42.58 -31.00 39.14
CA ASN B 130 -43.33 -31.80 38.18
C ASN B 130 -42.45 -32.50 37.14
N THR B 131 -41.25 -31.93 36.98
CA THR B 131 -40.21 -32.45 36.14
C THR B 131 -39.00 -32.70 37.03
N GLU B 132 -38.89 -31.92 38.10
CA GLU B 132 -37.75 -32.08 38.99
C GLU B 132 -37.68 -33.44 39.65
N GLY B 133 -38.79 -33.91 40.18
CA GLY B 133 -38.82 -35.19 40.84
C GLY B 133 -38.49 -36.19 39.78
N GLU B 134 -39.07 -35.96 38.62
CA GLU B 134 -38.81 -36.84 37.51
C GLU B 134 -39.15 -38.26 37.93
N TYR B 135 -38.24 -39.19 37.68
CA TYR B 135 -38.40 -40.59 38.01
C TYR B 135 -39.19 -41.32 36.95
N SER B 136 -39.58 -40.59 35.93
CA SER B 136 -40.29 -41.16 34.81
C SER B 136 -39.46 -40.99 33.56
N SER B 137 -38.21 -40.62 33.74
CA SER B 137 -37.32 -40.29 32.64
C SER B 137 -37.09 -41.37 31.63
N LEU B 138 -36.89 -42.59 32.10
CA LEU B 138 -36.62 -43.64 31.17
C LEU B 138 -36.23 -44.87 31.91
N GLU B 139 -35.68 -45.81 31.17
CA GLU B 139 -35.27 -47.04 31.87
C GLU B 139 -34.56 -47.89 30.83
N HIS B 140 -33.54 -48.64 31.21
CA HIS B 140 -33.00 -49.51 30.13
C HIS B 140 -32.93 -50.96 30.58
N GLU B 141 -33.26 -51.84 29.65
CA GLU B 141 -33.19 -53.29 29.93
C GLU B 141 -31.72 -53.59 29.71
N SER B 142 -30.88 -53.46 30.74
CA SER B 142 -29.44 -53.69 30.51
C SER B 142 -29.25 -55.11 30.04
N VAL B 143 -29.88 -56.05 30.74
CA VAL B 143 -29.91 -57.48 30.36
C VAL B 143 -31.34 -57.97 30.55
N ALA B 144 -31.61 -59.23 30.24
CA ALA B 144 -33.00 -59.67 30.47
C ALA B 144 -33.26 -59.57 31.97
N GLY B 145 -34.37 -58.92 32.34
CA GLY B 145 -34.77 -58.85 33.75
C GLY B 145 -34.04 -57.84 34.59
N VAL B 146 -33.32 -56.90 34.00
CA VAL B 146 -32.64 -55.95 34.90
C VAL B 146 -32.91 -54.51 34.43
N VAL B 147 -33.37 -53.66 35.32
CA VAL B 147 -33.79 -52.30 34.86
C VAL B 147 -33.15 -51.21 35.71
N GLU B 148 -32.71 -50.12 35.06
CA GLU B 148 -32.14 -48.96 35.77
C GLU B 148 -33.18 -47.84 35.68
N SER B 149 -33.67 -47.32 36.80
CA SER B 149 -34.48 -46.11 36.80
C SER B 149 -33.69 -45.03 37.51
N LEU B 150 -33.83 -43.78 37.05
CA LEU B 150 -32.92 -42.71 37.43
C LEU B 150 -33.67 -41.55 38.09
N LYS B 151 -33.38 -41.33 39.37
CA LYS B 151 -33.76 -40.11 40.05
C LYS B 151 -32.92 -38.95 39.52
N ILE B 152 -33.58 -37.80 39.32
CA ILE B 152 -32.96 -36.65 38.67
C ILE B 152 -33.18 -35.43 39.55
N ILE B 153 -32.12 -34.94 40.19
CA ILE B 153 -32.19 -33.79 41.08
C ILE B 153 -31.38 -32.66 40.48
N THR B 154 -32.06 -31.61 40.01
CA THR B 154 -31.41 -30.43 39.47
C THR B 154 -31.30 -29.39 40.56
N LYS B 155 -30.10 -28.78 40.69
CA LYS B 155 -29.90 -27.79 41.74
C LYS B 155 -30.78 -26.57 41.51
N ALA B 156 -30.94 -26.16 40.26
CA ALA B 156 -31.73 -24.98 39.95
C ALA B 156 -33.19 -25.16 40.37
N LYS B 157 -33.85 -26.18 39.81
CA LYS B 157 -35.28 -26.37 40.06
C LYS B 157 -35.55 -26.65 41.54
N SER B 158 -34.61 -27.28 42.24
CA SER B 158 -34.74 -27.45 43.69
C SER B 158 -34.77 -26.10 44.38
N LEU B 159 -33.78 -25.24 44.10
CA LEU B 159 -33.80 -23.89 44.63
C LEU B 159 -35.08 -23.15 44.23
N ARG B 160 -35.47 -23.27 42.95
CA ARG B 160 -36.63 -22.54 42.46
C ARG B 160 -37.91 -22.98 43.17
N ILE B 161 -38.07 -24.28 43.40
CA ILE B 161 -39.22 -24.75 44.17
C ILE B 161 -39.04 -24.51 45.67
N ALA B 162 -37.80 -24.38 46.14
CA ALA B 162 -37.58 -23.98 47.52
C ALA B 162 -37.93 -22.52 47.74
N GLU B 163 -37.67 -21.68 46.74
CA GLU B 163 -38.06 -20.27 46.82
C GLU B 163 -39.58 -20.12 46.81
N TYR B 164 -40.26 -20.82 45.90
CA TYR B 164 -41.71 -20.77 45.86
C TYR B 164 -42.34 -21.16 47.19
N ALA B 165 -41.70 -22.08 47.92
CA ALA B 165 -42.25 -22.50 49.21
C ALA B 165 -42.13 -21.38 50.24
N PHE B 166 -40.97 -20.75 50.32
CA PHE B 166 -40.76 -19.73 51.35
C PHE B 166 -41.49 -18.43 51.04
N LYS B 167 -41.54 -18.04 49.75
CA LYS B 167 -42.25 -16.83 49.37
C LYS B 167 -43.74 -16.95 49.65
N LEU B 168 -44.34 -18.11 49.29
CA LEU B 168 -45.75 -18.33 49.55
C LEU B 168 -46.05 -18.35 51.04
N ALA B 169 -45.12 -18.82 51.87
CA ALA B 169 -45.35 -18.89 53.31
C ALA B 169 -45.38 -17.49 53.93
N GLN B 170 -44.48 -16.60 53.50
CA GLN B 170 -44.53 -15.21 53.95
C GLN B 170 -45.75 -14.49 53.41
N GLU B 171 -46.33 -14.96 52.30
CA GLU B 171 -47.54 -14.36 51.75
C GLU B 171 -48.79 -14.83 52.50
N SER B 172 -48.85 -16.10 52.87
CA SER B 172 -50.00 -16.66 53.58
C SER B 172 -49.77 -16.72 55.09
N GLY B 173 -48.81 -15.95 55.61
CA GLY B 173 -48.61 -15.77 57.03
C GLY B 173 -48.15 -17.00 57.80
N ARG B 174 -47.89 -18.12 57.12
CA ARG B 174 -47.56 -19.36 57.80
C ARG B 174 -46.27 -19.23 58.61
N LYS B 175 -46.13 -20.13 59.58
CA LYS B 175 -45.02 -20.12 60.54
C LYS B 175 -43.91 -21.09 60.20
N LYS B 176 -44.25 -22.33 59.82
CA LYS B 176 -43.27 -23.39 59.68
C LYS B 176 -43.29 -23.96 58.26
N VAL B 177 -42.10 -24.30 57.77
CA VAL B 177 -41.92 -24.99 56.49
C VAL B 177 -40.97 -26.15 56.72
N THR B 178 -41.35 -27.34 56.26
CA THR B 178 -40.62 -28.57 56.53
C THR B 178 -40.08 -29.15 55.23
N ALA B 179 -38.88 -29.73 55.30
CA ALA B 179 -38.28 -30.43 54.18
C ALA B 179 -38.48 -31.94 54.38
N VAL B 180 -39.18 -32.57 53.45
CA VAL B 180 -39.37 -34.02 53.45
C VAL B 180 -38.34 -34.62 52.49
N HIS B 181 -37.56 -35.57 53.00
CA HIS B 181 -36.46 -36.13 52.23
C HIS B 181 -36.17 -37.54 52.72
N LYS B 182 -35.14 -38.14 52.11
CA LYS B 182 -34.59 -39.45 52.48
C LYS B 182 -33.09 -39.43 52.27
N ALA B 183 -32.44 -38.32 52.64
CA ALA B 183 -30.99 -38.18 52.48
C ALA B 183 -30.22 -39.18 53.33
N ASN B 184 -30.86 -39.76 54.35
CA ASN B 184 -30.20 -40.78 55.16
C ASN B 184 -29.81 -42.00 54.34
N ILE B 185 -30.54 -42.27 53.25
CA ILE B 185 -30.27 -43.42 52.40
C ILE B 185 -29.66 -43.00 51.06
N MET B 186 -30.14 -41.93 50.46
CA MET B 186 -29.54 -41.35 49.26
C MET B 186 -28.81 -40.07 49.69
N LYS B 187 -27.52 -40.23 49.98
CA LYS B 187 -26.73 -39.15 50.59
C LYS B 187 -26.53 -37.97 49.65
N LEU B 188 -26.72 -38.16 48.34
CA LEU B 188 -26.41 -37.13 47.35
C LEU B 188 -27.66 -36.50 46.77
N GLY B 189 -28.58 -37.28 46.22
CA GLY B 189 -29.76 -36.71 45.56
C GLY B 189 -30.59 -35.88 46.53
N ASP B 190 -30.94 -36.47 47.67
CA ASP B 190 -31.63 -35.70 48.69
C ASP B 190 -30.67 -34.79 49.45
N GLY B 191 -29.47 -35.30 49.76
CA GLY B 191 -28.49 -34.47 50.43
C GLY B 191 -28.15 -33.21 49.65
N LEU B 192 -28.38 -33.23 48.35
CA LEU B 192 -28.30 -31.98 47.57
C LEU B 192 -29.56 -31.15 47.79
N PHE B 193 -30.73 -31.81 47.81
CA PHE B 193 -31.99 -31.09 47.98
C PHE B 193 -32.14 -30.52 49.39
N LEU B 194 -31.61 -31.21 50.39
CA LEU B 194 -31.66 -30.72 51.76
C LEU B 194 -30.88 -29.43 51.90
N GLN B 195 -29.59 -29.45 51.55
CA GLN B 195 -28.79 -28.25 51.60
C GLN B 195 -29.30 -27.20 50.63
N CYS B 196 -29.97 -27.63 49.56
CA CYS B 196 -30.61 -26.67 48.65
C CYS B 196 -31.66 -25.85 49.38
N CYS B 197 -32.48 -26.50 50.20
CA CYS B 197 -33.42 -25.76 51.05
C CYS B 197 -32.69 -25.03 52.17
N ARG B 198 -31.56 -25.57 52.64
CA ARG B 198 -30.82 -24.94 53.72
C ARG B 198 -30.25 -23.57 53.31
N GLU B 199 -29.84 -23.43 52.05
CA GLU B 199 -29.42 -22.12 51.57
C GLU B 199 -30.58 -21.13 51.57
N VAL B 200 -31.77 -21.60 51.19
CA VAL B 200 -32.94 -20.72 51.14
C VAL B 200 -33.39 -20.33 52.55
N ALA B 201 -33.30 -21.27 53.49
CA ALA B 201 -33.80 -21.02 54.85
C ALA B 201 -32.98 -19.96 55.58
N ALA B 202 -31.69 -19.85 55.27
CA ALA B 202 -30.88 -18.78 55.85
C ALA B 202 -31.30 -17.40 55.36
N ARG B 203 -32.01 -17.32 54.23
CA ARG B 203 -32.48 -16.05 53.70
C ARG B 203 -33.89 -15.68 54.18
N TYR B 204 -34.58 -16.62 54.83
CA TYR B 204 -35.87 -16.37 55.48
C TYR B 204 -35.75 -16.78 56.95
N PRO B 205 -34.93 -16.08 57.73
CA PRO B 205 -34.68 -16.52 59.11
C PRO B 205 -35.90 -16.44 60.02
N GLN B 206 -36.84 -15.53 59.72
CA GLN B 206 -38.06 -15.42 60.51
C GLN B 206 -38.98 -16.62 60.37
N ILE B 207 -38.69 -17.54 59.45
CA ILE B 207 -39.45 -18.77 59.29
C ILE B 207 -38.58 -19.93 59.79
N THR B 208 -39.15 -20.74 60.67
CA THR B 208 -38.44 -21.92 61.15
C THR B 208 -38.41 -23.00 60.07
N PHE B 209 -37.25 -23.59 59.85
CA PHE B 209 -37.09 -24.62 58.83
C PHE B 209 -36.83 -25.97 59.51
N GLU B 210 -37.43 -27.00 58.95
CA GLU B 210 -37.34 -28.35 59.49
C GLU B 210 -37.07 -29.34 58.37
N ASN B 211 -36.30 -30.38 58.69
CA ASN B 211 -36.13 -31.53 57.83
C ASN B 211 -36.69 -32.75 58.52
N MET B 212 -37.00 -33.78 57.74
CA MET B 212 -37.60 -34.98 58.29
C MET B 212 -37.52 -36.09 57.28
N ILE B 213 -37.16 -37.29 57.75
CA ILE B 213 -37.25 -38.47 56.90
C ILE B 213 -38.71 -38.71 56.55
N VAL B 214 -38.96 -39.13 55.30
CA VAL B 214 -40.33 -39.34 54.84
C VAL B 214 -41.04 -40.37 55.71
N ASP B 215 -40.30 -41.36 56.22
CA ASP B 215 -40.86 -42.38 57.10
C ASP B 215 -41.44 -41.77 58.36
N ASN B 216 -40.58 -41.15 59.18
CA ASN B 216 -41.04 -40.50 60.39
C ASN B 216 -42.08 -39.41 60.10
N THR B 217 -42.09 -38.86 58.88
CA THR B 217 -43.10 -37.88 58.52
C THR B 217 -44.48 -38.53 58.36
N THR B 218 -44.54 -39.68 57.67
CA THR B 218 -45.81 -40.37 57.51
C THR B 218 -46.36 -40.84 58.85
N MET B 219 -45.48 -41.32 59.74
CA MET B 219 -45.91 -41.74 61.06
C MET B 219 -46.51 -40.58 61.85
N GLN B 220 -46.02 -39.36 61.60
CA GLN B 220 -46.53 -38.18 62.30
C GLN B 220 -47.86 -37.70 61.76
N LEU B 221 -48.21 -38.03 60.52
CA LEU B 221 -49.46 -37.56 59.93
C LEU B 221 -50.67 -38.20 60.59
N VAL B 222 -50.58 -39.51 60.87
CA VAL B 222 -51.67 -40.21 61.54
C VAL B 222 -51.64 -40.06 63.05
N SER B 223 -50.67 -39.33 63.58
CA SER B 223 -50.52 -39.14 65.03
C SER B 223 -50.58 -37.68 65.45
N ARG B 224 -49.96 -36.76 64.70
CA ARG B 224 -50.02 -35.34 65.01
C ARG B 224 -49.82 -34.53 63.72
N PRO B 225 -50.87 -34.41 62.89
CA PRO B 225 -50.77 -33.55 61.71
C PRO B 225 -50.85 -32.07 62.03
N GLN B 226 -51.16 -31.69 63.28
CA GLN B 226 -51.24 -30.29 63.66
C GLN B 226 -49.86 -29.63 63.67
N GLN B 227 -48.79 -30.40 63.82
CA GLN B 227 -47.42 -29.87 63.78
C GLN B 227 -46.90 -29.68 62.35
N PHE B 228 -47.79 -29.61 61.37
CA PHE B 228 -47.41 -29.47 59.96
C PHE B 228 -48.16 -28.29 59.37
N ASP B 229 -47.42 -27.22 59.05
CA ASP B 229 -47.97 -26.06 58.38
C ASP B 229 -47.71 -26.12 56.88
N VAL B 230 -46.44 -26.14 56.48
CA VAL B 230 -46.03 -26.16 55.08
C VAL B 230 -45.07 -27.31 54.87
N MET B 231 -45.34 -28.13 53.85
CA MET B 231 -44.54 -29.30 53.56
C MET B 231 -44.05 -29.21 52.12
N VAL B 232 -42.72 -29.22 51.95
CA VAL B 232 -42.09 -29.18 50.64
C VAL B 232 -41.20 -30.40 50.49
N MET B 233 -41.22 -31.00 49.30
CA MET B 233 -40.53 -32.25 49.03
C MET B 233 -40.35 -32.37 47.52
N PRO B 234 -39.52 -33.31 47.07
CA PRO B 234 -39.48 -33.63 45.64
C PRO B 234 -40.74 -34.35 45.19
N ASN B 235 -41.06 -34.18 43.90
CA ASN B 235 -42.37 -34.57 43.39
C ASN B 235 -42.63 -36.08 43.50
N LEU B 236 -41.59 -36.90 43.67
CA LEU B 236 -41.81 -38.33 43.83
C LEU B 236 -42.62 -38.63 45.09
N TYR B 237 -42.23 -38.03 46.21
CA TYR B 237 -42.85 -38.34 47.50
C TYR B 237 -44.29 -37.85 47.57
N GLY B 238 -44.74 -37.08 46.58
CA GLY B 238 -46.07 -36.50 46.56
C GLY B 238 -47.21 -37.47 46.76
N ASN B 239 -47.44 -38.36 45.78
CA ASN B 239 -48.57 -39.28 45.78
C ASN B 239 -48.78 -39.94 47.15
N ILE B 240 -47.68 -40.19 47.86
CA ILE B 240 -47.75 -40.69 49.23
C ILE B 240 -48.35 -39.61 50.13
N VAL B 241 -47.60 -38.53 50.35
CA VAL B 241 -48.03 -37.49 51.28
C VAL B 241 -49.33 -36.86 50.80
N ASN B 242 -49.46 -36.65 49.49
CA ASN B 242 -50.65 -36.01 48.94
C ASN B 242 -51.90 -36.83 49.24
N ASN B 243 -51.97 -38.04 48.69
CA ASN B 243 -53.15 -38.89 48.87
C ASN B 243 -53.32 -39.36 50.32
N VAL B 244 -52.33 -39.16 51.18
CA VAL B 244 -52.54 -39.39 52.60
C VAL B 244 -53.24 -38.21 53.25
N CYS B 245 -52.70 -37.01 53.06
CA CYS B 245 -53.35 -35.80 53.56
C CYS B 245 -54.69 -35.54 52.88
N ALA B 246 -54.93 -36.14 51.71
CA ALA B 246 -56.25 -36.05 51.10
C ALA B 246 -57.28 -36.84 51.91
N GLY B 247 -57.00 -38.13 52.15
CA GLY B 247 -57.85 -38.92 53.02
C GLY B 247 -57.80 -38.53 54.48
N LEU B 248 -56.79 -37.77 54.91
CA LEU B 248 -56.72 -37.32 56.29
C LEU B 248 -57.78 -36.28 56.60
N VAL B 249 -58.09 -35.42 55.63
CA VAL B 249 -59.23 -34.51 55.76
C VAL B 249 -60.50 -35.10 55.16
N GLY B 250 -60.41 -36.22 54.44
CA GLY B 250 -61.60 -36.90 53.98
C GLY B 250 -61.46 -37.66 52.67
N GLY B 251 -60.59 -37.20 51.78
CA GLY B 251 -60.37 -37.88 50.52
C GLY B 251 -60.30 -36.95 49.34
N PRO B 252 -60.64 -37.48 48.15
CA PRO B 252 -60.48 -36.70 46.91
C PRO B 252 -61.34 -35.47 46.65
N GLY B 253 -62.64 -35.60 46.86
CA GLY B 253 -63.57 -34.51 46.60
C GLY B 253 -63.47 -33.27 47.45
N LEU B 254 -62.46 -33.20 48.33
CA LEU B 254 -62.30 -32.07 49.24
C LEU B 254 -61.10 -31.20 48.88
N VAL B 255 -59.90 -31.79 48.80
CA VAL B 255 -58.67 -31.01 48.69
C VAL B 255 -58.60 -30.34 47.32
N ALA B 256 -58.22 -29.07 47.32
CA ALA B 256 -58.10 -28.28 46.10
C ALA B 256 -56.65 -28.23 45.65
N GLY B 257 -56.42 -28.43 44.35
CA GLY B 257 -55.10 -28.45 43.77
C GLY B 257 -54.84 -27.26 42.86
N ALA B 258 -53.57 -27.10 42.49
CA ALA B 258 -53.14 -25.99 41.66
C ALA B 258 -51.76 -26.26 41.12
N ASN B 259 -51.53 -25.87 39.86
CA ASN B 259 -50.23 -25.99 39.20
C ASN B 259 -49.81 -24.61 38.74
N TYR B 260 -48.77 -24.06 39.37
CA TYR B 260 -48.26 -22.74 39.06
C TYR B 260 -47.08 -22.83 38.09
N GLY B 261 -46.67 -21.67 37.59
CA GLY B 261 -45.51 -21.53 36.75
C GLY B 261 -44.91 -20.16 36.93
N HIS B 262 -43.82 -19.88 36.21
CA HIS B 262 -43.16 -18.59 36.35
C HIS B 262 -44.05 -17.44 35.93
N VAL B 263 -45.04 -17.69 35.09
CA VAL B 263 -46.00 -16.66 34.71
C VAL B 263 -47.40 -17.26 34.77
N TYR B 264 -47.52 -18.52 34.38
CA TYR B 264 -48.82 -19.17 34.32
C TYR B 264 -49.15 -19.84 35.65
N ALA B 265 -50.45 -20.00 35.88
CA ALA B 265 -50.96 -20.66 37.09
C ALA B 265 -52.27 -21.34 36.75
N VAL B 266 -52.30 -22.66 36.89
CA VAL B 266 -53.46 -23.47 36.52
C VAL B 266 -53.98 -24.15 37.79
N PHE B 267 -55.30 -24.12 37.97
CA PHE B 267 -55.95 -24.73 39.12
C PHE B 267 -56.71 -25.97 38.67
N GLU B 268 -56.85 -26.92 39.60
CA GLU B 268 -57.49 -28.19 39.31
C GLU B 268 -57.88 -28.83 40.64
N THR B 269 -58.33 -30.07 40.58
CA THR B 269 -58.60 -30.82 41.80
C THR B 269 -57.32 -31.48 42.31
N ALA B 270 -57.37 -31.97 43.55
CA ALA B 270 -56.22 -32.65 44.13
C ALA B 270 -55.90 -33.92 43.36
N THR B 271 -56.75 -34.93 43.51
CA THR B 271 -56.60 -36.16 42.75
C THR B 271 -57.10 -35.97 41.34
N ARG B 272 -56.38 -36.56 40.37
CA ARG B 272 -56.73 -36.44 38.96
C ARG B 272 -57.77 -37.47 38.53
N ASN B 273 -58.48 -38.07 39.46
CA ASN B 273 -59.46 -39.09 39.12
C ASN B 273 -60.63 -38.50 38.34
N THR B 274 -61.02 -39.19 37.26
CA THR B 274 -62.19 -38.77 36.52
C THR B 274 -63.49 -39.18 37.21
N GLY B 275 -63.48 -40.31 37.93
CA GLY B 275 -64.70 -40.86 38.47
C GLY B 275 -65.71 -41.23 37.42
N LYS B 276 -65.26 -41.74 36.26
CA LYS B 276 -66.13 -42.01 35.13
C LYS B 276 -67.30 -42.92 35.49
N SER B 277 -67.19 -43.64 36.61
CA SER B 277 -68.32 -44.43 37.11
C SER B 277 -69.46 -43.53 37.54
N ILE B 278 -69.16 -42.52 38.36
CA ILE B 278 -70.19 -41.59 38.85
C ILE B 278 -70.26 -40.46 37.82
N ALA B 279 -71.03 -40.71 36.75
CA ALA B 279 -71.14 -39.80 35.62
C ALA B 279 -72.60 -39.42 35.42
N ASN B 280 -72.88 -38.11 35.48
CA ASN B 280 -74.21 -37.54 35.33
C ASN B 280 -75.20 -38.07 36.37
N LYS B 281 -74.70 -38.72 37.43
CA LYS B 281 -75.56 -39.20 38.50
C LYS B 281 -75.92 -38.11 39.49
N ASN B 282 -75.32 -36.92 39.36
CA ASN B 282 -75.54 -35.80 40.28
C ASN B 282 -75.22 -36.25 41.71
N ILE B 283 -74.06 -36.88 41.87
CA ILE B 283 -73.69 -37.52 43.13
C ILE B 283 -72.33 -37.02 43.59
N ALA B 284 -71.43 -36.77 42.64
CA ALA B 284 -70.03 -36.50 42.97
C ALA B 284 -69.88 -35.23 43.80
N ASN B 285 -68.92 -35.26 44.71
CA ASN B 285 -68.65 -34.14 45.60
C ASN B 285 -68.08 -32.97 44.80
N PRO B 286 -68.75 -31.81 44.74
CA PRO B 286 -68.17 -30.65 44.06
C PRO B 286 -67.22 -29.84 44.93
N THR B 287 -67.09 -30.19 46.21
CA THR B 287 -66.33 -29.39 47.18
C THR B 287 -64.96 -28.96 46.65
N ALA B 288 -64.17 -29.90 46.14
CA ALA B 288 -62.82 -29.58 45.68
C ALA B 288 -62.87 -28.70 44.42
N THR B 289 -63.75 -29.03 43.48
CA THR B 289 -63.86 -28.24 42.26
C THR B 289 -64.25 -26.80 42.56
N LEU B 290 -65.06 -26.59 43.61
CA LEU B 290 -65.38 -25.22 44.02
C LEU B 290 -64.19 -24.57 44.71
N LEU B 291 -63.53 -25.30 45.61
CA LEU B 291 -62.36 -24.77 46.29
C LEU B 291 -61.24 -24.43 45.32
N ALA B 292 -61.19 -25.12 44.17
CA ALA B 292 -60.23 -24.76 43.14
C ALA B 292 -60.51 -23.37 42.59
N SER B 293 -61.78 -23.03 42.38
CA SER B 293 -62.13 -21.67 42.01
C SER B 293 -61.88 -20.70 43.15
N CYS B 294 -61.93 -21.18 44.40
CA CYS B 294 -61.75 -20.28 45.54
C CYS B 294 -60.32 -19.76 45.59
N MET B 295 -59.34 -20.67 45.54
CA MET B 295 -57.95 -20.22 45.50
C MET B 295 -57.54 -19.75 44.11
N MET B 296 -58.35 -20.02 43.09
CA MET B 296 -58.11 -19.41 41.78
C MET B 296 -58.51 -17.94 41.79
N LEU B 297 -59.62 -17.61 42.47
CA LEU B 297 -59.92 -16.21 42.74
C LEU B 297 -58.89 -15.60 43.67
N ASP B 298 -58.37 -16.38 44.62
CA ASP B 298 -57.30 -15.91 45.48
C ASP B 298 -56.06 -15.52 44.68
N HIS B 299 -55.83 -16.19 43.55
CA HIS B 299 -54.72 -15.83 42.68
C HIS B 299 -54.99 -14.53 41.93
N LEU B 300 -56.24 -14.33 41.50
CA LEU B 300 -56.66 -13.09 40.88
C LEU B 300 -56.88 -11.97 41.90
N LYS B 301 -56.52 -12.19 43.17
CA LYS B 301 -56.58 -11.21 44.24
C LYS B 301 -58.00 -10.75 44.53
N LEU B 302 -59.00 -11.54 44.11
CA LEU B 302 -60.41 -11.26 44.41
C LEU B 302 -60.82 -11.89 45.74
N HIS B 303 -60.01 -11.64 46.77
CA HIS B 303 -60.15 -12.34 48.05
C HIS B 303 -61.54 -12.18 48.62
N SER B 304 -62.16 -11.02 48.41
CA SER B 304 -63.54 -10.80 48.83
C SER B 304 -64.47 -11.86 48.26
N TYR B 305 -64.37 -12.10 46.95
CA TYR B 305 -65.24 -13.09 46.31
C TYR B 305 -64.89 -14.51 46.75
N ALA B 306 -63.61 -14.76 47.07
CA ALA B 306 -63.21 -16.10 47.50
C ALA B 306 -63.56 -16.35 48.96
N THR B 307 -63.32 -15.36 49.83
CA THR B 307 -63.64 -15.52 51.24
C THR B 307 -65.13 -15.75 51.46
N SER B 308 -65.97 -15.27 50.54
CA SER B 308 -67.40 -15.57 50.61
C SER B 308 -67.67 -17.03 50.26
N ILE B 309 -67.23 -17.47 49.08
CA ILE B 309 -67.47 -18.83 48.62
C ILE B 309 -66.79 -19.83 49.56
N ARG B 310 -65.67 -19.46 50.15
CA ARG B 310 -64.95 -20.36 51.05
C ARG B 310 -65.76 -20.66 52.30
N LYS B 311 -66.11 -19.61 53.06
CA LYS B 311 -66.89 -19.83 54.28
C LYS B 311 -68.30 -20.31 53.96
N ALA B 312 -68.81 -20.01 52.77
CA ALA B 312 -70.17 -20.42 52.41
C ALA B 312 -70.27 -21.93 52.28
N VAL B 313 -69.28 -22.57 51.67
CA VAL B 313 -69.36 -24.02 51.50
C VAL B 313 -69.06 -24.72 52.83
N LEU B 314 -68.11 -24.22 53.61
CA LEU B 314 -67.75 -24.90 54.85
C LEU B 314 -68.84 -24.76 55.91
N ALA B 315 -69.58 -23.66 55.90
CA ALA B 315 -70.76 -23.55 56.76
C ALA B 315 -71.94 -24.35 56.21
N SER B 316 -72.10 -24.40 54.89
CA SER B 316 -73.10 -25.27 54.27
C SER B 316 -72.77 -26.74 54.46
N MET B 317 -71.50 -27.08 54.70
CA MET B 317 -71.12 -28.46 54.96
C MET B 317 -71.23 -28.84 56.43
N ASP B 318 -71.36 -27.86 57.33
CA ASP B 318 -71.69 -28.14 58.73
C ASP B 318 -72.97 -28.95 58.86
N ASN B 319 -73.78 -29.03 57.80
CA ASN B 319 -74.93 -29.91 57.75
C ASN B 319 -74.51 -31.28 57.25
N GLU B 320 -75.14 -32.33 57.80
CA GLU B 320 -74.85 -33.70 57.41
C GLU B 320 -75.63 -34.16 56.18
N ASN B 321 -76.75 -33.51 55.87
CA ASN B 321 -77.53 -33.86 54.69
C ASN B 321 -77.00 -33.25 53.41
N MET B 322 -75.98 -32.39 53.49
CA MET B 322 -75.34 -31.84 52.30
C MET B 322 -74.04 -32.55 51.95
N HIS B 323 -73.67 -33.60 52.68
CA HIS B 323 -72.54 -34.43 52.29
C HIS B 323 -72.87 -35.22 51.02
N THR B 324 -71.85 -35.85 50.46
CA THR B 324 -71.96 -36.69 49.28
C THR B 324 -71.54 -38.11 49.63
N PRO B 325 -71.97 -39.10 48.83
CA PRO B 325 -71.66 -40.50 49.19
C PRO B 325 -70.18 -40.80 49.35
N ASP B 326 -69.30 -40.11 48.62
CA ASP B 326 -67.87 -40.41 48.73
C ASP B 326 -67.30 -40.02 50.08
N ILE B 327 -68.05 -39.28 50.90
CA ILE B 327 -67.62 -38.96 52.26
C ILE B 327 -68.55 -39.54 53.32
N GLY B 328 -69.76 -40.00 52.96
CA GLY B 328 -70.61 -40.68 53.92
C GLY B 328 -72.06 -40.26 53.94
N GLY B 329 -72.39 -39.15 53.29
CA GLY B 329 -73.73 -38.60 53.32
C GLY B 329 -74.68 -39.29 52.35
N GLN B 330 -75.84 -38.65 52.16
CA GLN B 330 -76.87 -39.16 51.28
C GLN B 330 -77.34 -38.15 50.25
N GLY B 331 -76.95 -36.88 50.35
CA GLY B 331 -77.45 -35.84 49.47
C GLY B 331 -76.77 -35.82 48.11
N THR B 332 -77.40 -35.09 47.18
CA THR B 332 -76.95 -34.99 45.81
C THR B 332 -76.24 -33.65 45.59
N THR B 333 -75.78 -33.42 44.36
CA THR B 333 -75.10 -32.17 44.05
C THR B 333 -76.09 -31.03 43.83
N SER B 334 -77.19 -31.29 43.10
CA SER B 334 -78.20 -30.28 42.86
C SER B 334 -78.70 -29.63 44.15
N GLU B 335 -78.54 -30.32 45.28
CA GLU B 335 -78.98 -29.77 46.58
C GLU B 335 -77.93 -28.84 47.16
N ALA B 336 -76.76 -29.39 47.53
CA ALA B 336 -75.74 -28.59 48.19
C ALA B 336 -75.28 -27.40 47.35
N ILE B 337 -75.31 -27.54 46.02
CA ILE B 337 -74.92 -26.43 45.15
C ILE B 337 -75.90 -25.28 45.31
N GLN B 338 -77.19 -25.53 45.03
CA GLN B 338 -78.22 -24.53 45.29
C GLN B 338 -78.28 -24.14 46.76
N ASP B 339 -77.83 -25.02 47.66
CA ASP B 339 -77.80 -24.70 49.08
C ASP B 339 -76.71 -23.69 49.40
N VAL B 340 -75.52 -23.85 48.83
CA VAL B 340 -74.48 -22.84 49.00
C VAL B 340 -74.88 -21.55 48.27
N ILE B 341 -75.65 -21.66 47.19
CA ILE B 341 -76.20 -20.49 46.53
C ILE B 341 -76.97 -19.63 47.53
N ARG B 342 -77.67 -20.27 48.47
CA ARG B 342 -78.37 -19.52 49.50
C ARG B 342 -77.40 -18.86 50.48
N HIS B 343 -76.44 -19.63 50.98
CA HIS B 343 -75.50 -19.13 51.99
C HIS B 343 -74.54 -18.07 51.46
N ILE B 344 -74.69 -17.67 50.19
CA ILE B 344 -73.89 -16.57 49.63
C ILE B 344 -74.72 -15.30 49.82
N ARG B 345 -74.40 -14.53 50.85
CA ARG B 345 -75.09 -13.27 51.09
C ARG B 345 -74.70 -12.25 50.02
N VAL B 346 -75.69 -11.79 49.25
CA VAL B 346 -75.46 -10.93 48.10
C VAL B 346 -76.27 -9.66 48.28
N ILE B 347 -75.58 -8.52 48.35
CA ILE B 347 -76.21 -7.21 48.50
C ILE B 347 -75.70 -6.31 47.38
N ASN B 348 -76.62 -5.86 46.51
CA ASN B 348 -76.35 -4.82 45.51
C ASN B 348 -75.23 -5.22 44.55
N GLY B 349 -75.11 -6.51 44.24
CA GLY B 349 -74.17 -6.98 43.25
C GLY B 349 -72.76 -7.26 43.74
N ARG B 350 -72.58 -7.56 45.03
CA ARG B 350 -71.28 -7.95 45.55
C ARG B 350 -71.48 -8.95 46.68
N ALA B 351 -70.39 -9.59 47.08
CA ALA B 351 -70.44 -10.58 48.15
C ALA B 351 -70.20 -9.89 49.48
N VAL B 352 -71.27 -9.74 50.28
CA VAL B 352 -71.16 -9.12 51.59
C VAL B 352 -71.34 -10.17 52.68
N GLY C 3 -19.92 -84.66 0.55
CA GLY C 3 -19.29 -84.41 -0.74
C GLY C 3 -19.18 -82.93 -1.05
N VAL C 4 -20.27 -82.20 -0.82
CA VAL C 4 -20.32 -80.76 -1.00
C VAL C 4 -20.99 -80.15 0.22
N GLN C 5 -21.26 -78.85 0.18
CA GLN C 5 -22.03 -78.21 1.23
C GLN C 5 -22.88 -77.09 0.62
N THR C 6 -23.95 -76.74 1.32
CA THR C 6 -24.88 -75.71 0.89
C THR C 6 -24.50 -74.39 1.53
N VAL C 7 -24.20 -73.39 0.71
CA VAL C 7 -23.82 -72.06 1.19
C VAL C 7 -24.98 -71.12 0.85
N THR C 8 -25.73 -70.73 1.87
CA THR C 8 -26.78 -69.74 1.69
C THR C 8 -26.17 -68.42 1.23
N LEU C 9 -26.37 -68.08 -0.05
CA LEU C 9 -25.75 -66.92 -0.65
C LEU C 9 -26.76 -65.78 -0.79
N ILE C 10 -26.27 -64.56 -0.61
CA ILE C 10 -27.03 -63.35 -0.87
C ILE C 10 -26.24 -62.51 -1.88
N PRO C 11 -26.75 -62.30 -3.10
CA PRO C 11 -26.06 -61.39 -4.02
C PRO C 11 -26.17 -59.94 -3.59
N GLY C 12 -27.30 -59.56 -3.01
CA GLY C 12 -27.45 -58.24 -2.43
C GLY C 12 -27.91 -57.14 -3.37
N ASP C 13 -27.41 -55.93 -3.15
CA ASP C 13 -27.81 -54.74 -3.90
C ASP C 13 -26.63 -54.19 -4.67
N GLY C 14 -26.91 -53.22 -5.53
CA GLY C 14 -25.86 -52.53 -6.28
C GLY C 14 -25.03 -53.48 -7.11
N ILE C 15 -23.71 -53.28 -7.07
CA ILE C 15 -22.80 -54.18 -7.76
C ILE C 15 -22.82 -55.57 -7.15
N GLY C 16 -23.33 -55.69 -5.92
CA GLY C 16 -23.30 -56.92 -5.16
C GLY C 16 -23.60 -58.14 -5.99
N PRO C 17 -24.78 -58.18 -6.61
CA PRO C 17 -25.12 -59.33 -7.46
C PRO C 17 -24.14 -59.56 -8.61
N GLU C 18 -23.53 -58.51 -9.15
CA GLU C 18 -22.68 -58.70 -10.33
C GLU C 18 -21.43 -59.51 -9.99
N ILE C 19 -20.68 -59.07 -8.98
CA ILE C 19 -19.49 -59.82 -8.58
C ILE C 19 -19.87 -61.10 -7.84
N SER C 20 -21.12 -61.21 -7.37
CA SER C 20 -21.59 -62.40 -6.69
C SER C 20 -21.48 -63.63 -7.58
N ALA C 21 -22.24 -63.64 -8.69
CA ALA C 21 -22.16 -64.76 -9.62
C ALA C 21 -20.75 -64.92 -10.18
N ALA C 22 -19.98 -63.83 -10.24
CA ALA C 22 -18.61 -63.92 -10.74
C ALA C 22 -17.73 -64.75 -9.83
N VAL C 23 -18.02 -64.77 -8.52
CA VAL C 23 -17.23 -65.57 -7.59
C VAL C 23 -17.76 -67.01 -7.50
N MET C 24 -19.07 -67.20 -7.67
CA MET C 24 -19.61 -68.54 -7.85
C MET C 24 -18.90 -69.26 -8.98
N LYS C 25 -18.48 -68.52 -10.01
CA LYS C 25 -17.66 -69.10 -11.08
C LYS C 25 -16.30 -69.54 -10.53
N ILE C 26 -15.66 -68.70 -9.72
CA ILE C 26 -14.32 -69.01 -9.20
C ILE C 26 -14.33 -70.20 -8.26
N PHE C 27 -15.51 -70.49 -7.68
CA PHE C 27 -15.66 -71.64 -6.74
C PHE C 27 -15.64 -72.94 -7.53
N ASP C 28 -16.26 -72.95 -8.71
CA ASP C 28 -16.32 -74.15 -9.58
C ASP C 28 -15.02 -74.25 -10.38
N ALA C 29 -14.31 -73.12 -10.55
CA ALA C 29 -13.04 -73.10 -11.30
C ALA C 29 -11.91 -73.69 -10.44
N ALA C 30 -12.05 -73.59 -9.11
CA ALA C 30 -11.03 -74.12 -8.18
C ALA C 30 -11.48 -75.50 -7.66
N LYS C 31 -12.47 -76.10 -8.32
CA LYS C 31 -13.00 -77.43 -7.93
C LYS C 31 -13.34 -77.42 -6.43
N ALA C 32 -14.26 -76.55 -6.02
CA ALA C 32 -14.67 -76.46 -4.60
C ALA C 32 -16.13 -76.87 -4.45
N PRO C 33 -16.45 -77.96 -3.73
CA PRO C 33 -17.83 -78.41 -3.55
C PRO C 33 -18.59 -77.52 -2.55
N ILE C 34 -19.38 -76.57 -3.06
CA ILE C 34 -20.15 -75.63 -2.20
C ILE C 34 -21.45 -75.26 -2.93
N GLN C 35 -22.57 -75.87 -2.53
CA GLN C 35 -23.89 -75.59 -3.15
C GLN C 35 -24.35 -74.18 -2.73
N TRP C 36 -24.94 -73.43 -3.66
CA TRP C 36 -25.42 -72.09 -3.37
C TRP C 36 -26.93 -72.09 -3.27
N GLU C 37 -27.47 -71.00 -2.72
CA GLU C 37 -28.91 -70.90 -2.57
C GLU C 37 -29.31 -69.45 -2.34
N GLU C 38 -29.43 -68.71 -3.43
CA GLU C 38 -29.59 -67.26 -3.38
C GLU C 38 -30.80 -66.86 -2.55
N ARG C 39 -30.58 -65.89 -1.64
CA ARG C 39 -31.64 -65.31 -0.82
C ARG C 39 -31.49 -63.79 -0.83
N ASN C 40 -32.61 -63.10 -1.01
CA ASN C 40 -32.63 -61.67 -0.73
C ASN C 40 -33.06 -61.47 0.72
N VAL C 41 -32.76 -60.30 1.25
CA VAL C 41 -32.99 -60.03 2.67
C VAL C 41 -33.47 -58.61 2.90
N THR C 42 -34.35 -58.12 2.04
CA THR C 42 -34.99 -56.83 2.28
C THR C 42 -35.89 -56.92 3.51
N ALA C 43 -35.91 -55.82 4.26
CA ALA C 43 -36.67 -55.66 5.51
C ALA C 43 -38.16 -55.83 5.24
N ILE C 44 -38.88 -56.50 6.16
CA ILE C 44 -40.35 -56.72 6.02
C ILE C 44 -41.01 -56.31 7.34
N GLN C 45 -42.32 -56.08 7.30
CA GLN C 45 -43.04 -55.71 8.54
C GLN C 45 -43.79 -56.94 9.06
N GLY C 46 -43.61 -57.23 10.34
CA GLY C 46 -44.31 -58.35 11.00
C GLY C 46 -45.47 -57.79 11.78
N PRO C 47 -45.42 -57.74 13.13
CA PRO C 47 -46.55 -57.19 13.86
C PRO C 47 -46.51 -55.66 13.95
N GLY C 48 -46.75 -54.97 12.83
CA GLY C 48 -46.83 -53.50 12.82
C GLY C 48 -45.52 -52.76 12.67
N GLY C 49 -44.39 -53.45 12.53
CA GLY C 49 -43.11 -52.73 12.36
C GLY C 49 -42.18 -53.43 11.41
N LYS C 50 -41.30 -52.68 10.72
CA LYS C 50 -40.36 -53.26 9.72
C LYS C 50 -39.17 -53.89 10.46
N TRP C 51 -39.38 -54.98 11.20
CA TRP C 51 -38.26 -55.62 11.92
C TRP C 51 -38.12 -57.05 11.44
N MET C 52 -39.24 -57.65 11.03
CA MET C 52 -39.23 -59.08 10.62
C MET C 52 -38.28 -59.26 9.45
N ILE C 53 -37.49 -60.32 9.47
CA ILE C 53 -36.56 -60.52 8.34
C ILE C 53 -37.08 -61.64 7.48
N PRO C 54 -36.77 -61.67 6.18
CA PRO C 54 -37.29 -62.77 5.35
C PRO C 54 -37.05 -64.11 6.04
N SER C 55 -38.15 -64.78 6.39
CA SER C 55 -38.04 -66.06 7.08
C SER C 55 -37.42 -67.13 6.19
N GLU C 56 -37.75 -67.11 4.89
CA GLU C 56 -37.26 -68.14 3.99
C GLU C 56 -35.74 -68.15 3.91
N ALA C 57 -35.11 -67.00 4.12
CA ALA C 57 -33.65 -66.95 4.17
C ALA C 57 -33.13 -67.51 5.49
N LYS C 58 -33.76 -67.15 6.61
CA LYS C 58 -33.33 -67.63 7.92
C LYS C 58 -33.35 -69.15 7.99
N GLU C 59 -34.40 -69.77 7.43
CA GLU C 59 -34.47 -71.23 7.40
C GLU C 59 -33.25 -71.83 6.71
N SER C 60 -32.80 -71.21 5.63
CA SER C 60 -31.62 -71.70 4.93
C SER C 60 -30.36 -71.55 5.78
N MET C 61 -30.26 -70.46 6.55
CA MET C 61 -29.10 -70.26 7.41
C MET C 61 -29.15 -71.17 8.63
N ASP C 62 -30.35 -71.53 9.09
CA ASP C 62 -30.51 -72.41 10.24
C ASP C 62 -30.34 -73.88 9.89
N LYS C 63 -29.91 -74.20 8.66
CA LYS C 63 -29.57 -75.56 8.26
C LYS C 63 -28.30 -75.65 7.42
N ASN C 64 -27.99 -74.64 6.62
CA ASN C 64 -26.67 -74.58 5.98
C ASN C 64 -25.59 -74.27 7.00
N LYS C 65 -25.91 -73.44 8.01
CA LYS C 65 -25.02 -73.01 9.09
C LYS C 65 -23.96 -72.03 8.64
N MET C 66 -23.65 -71.98 7.33
CA MET C 66 -22.69 -71.04 6.78
C MET C 66 -23.40 -70.09 5.81
N GLY C 67 -22.74 -68.98 5.49
CA GLY C 67 -23.37 -68.01 4.61
C GLY C 67 -22.36 -67.07 3.97
N LEU C 68 -22.81 -66.45 2.88
CA LEU C 68 -22.02 -65.48 2.12
C LEU C 68 -22.92 -64.37 1.60
N LYS C 69 -22.47 -63.12 1.74
CA LYS C 69 -23.33 -61.96 1.50
C LYS C 69 -22.49 -60.80 0.97
N GLY C 70 -23.06 -60.07 0.02
CA GLY C 70 -22.39 -58.92 -0.56
C GLY C 70 -22.87 -57.63 0.05
N PRO C 71 -22.51 -56.50 -0.56
CA PRO C 71 -22.97 -55.21 -0.04
C PRO C 71 -24.50 -55.10 -0.12
N LEU C 72 -25.04 -54.16 0.64
CA LEU C 72 -26.47 -53.94 0.75
C LEU C 72 -26.74 -52.45 0.80
N LYS C 73 -27.63 -51.96 -0.06
CA LYS C 73 -27.95 -50.51 -0.10
C LYS C 73 -28.52 -50.10 1.25
N THR C 74 -28.07 -48.94 1.77
CA THR C 74 -28.52 -48.41 3.09
C THR C 74 -30.01 -48.08 3.03
N PRO C 75 -30.80 -48.36 4.09
CA PRO C 75 -32.24 -48.06 4.09
C PRO C 75 -32.48 -46.55 3.96
N ILE C 76 -33.47 -46.17 3.15
CA ILE C 76 -33.81 -44.74 2.92
C ILE C 76 -34.28 -44.08 4.22
N ALA C 77 -35.09 -44.80 5.02
CA ALA C 77 -35.63 -44.24 6.28
C ALA C 77 -34.62 -44.37 7.41
N ALA C 78 -34.33 -43.25 8.09
CA ALA C 78 -33.40 -43.20 9.24
C ALA C 78 -33.98 -44.01 10.39
N GLY C 79 -35.31 -43.93 10.58
CA GLY C 79 -36.04 -44.62 11.65
C GLY C 79 -35.89 -46.12 11.57
N HIS C 80 -35.88 -46.68 10.36
CA HIS C 80 -35.76 -48.15 10.17
C HIS C 80 -34.44 -48.66 10.78
N PRO C 81 -34.43 -49.85 11.41
CA PRO C 81 -33.22 -50.39 12.05
C PRO C 81 -32.11 -50.75 11.05
N SER C 82 -30.86 -50.74 11.52
CA SER C 82 -29.69 -51.04 10.66
C SER C 82 -29.81 -52.46 10.09
N MET C 83 -29.50 -52.61 8.79
CA MET C 83 -29.60 -53.88 8.09
C MET C 83 -28.84 -54.98 8.82
N ASN C 84 -27.58 -54.71 9.17
CA ASN C 84 -26.75 -55.69 9.86
C ASN C 84 -27.10 -55.81 11.34
N LEU C 85 -27.97 -54.95 11.87
CA LEU C 85 -28.47 -55.11 13.23
C LEU C 85 -29.50 -56.24 13.33
N LEU C 86 -30.26 -56.47 12.25
CA LEU C 86 -31.18 -57.60 12.25
C LEU C 86 -30.43 -58.92 12.19
N LEU C 87 -29.33 -58.96 11.42
CA LEU C 87 -28.49 -60.16 11.41
C LEU C 87 -27.83 -60.37 12.77
N ARG C 88 -27.58 -59.28 13.50
CA ARG C 88 -26.99 -59.39 14.83
C ARG C 88 -27.99 -60.01 15.82
N LYS C 89 -29.19 -59.42 15.91
CA LYS C 89 -30.14 -59.86 16.92
C LYS C 89 -30.73 -61.24 16.60
N THR C 90 -30.95 -61.52 15.32
CA THR C 90 -31.61 -62.77 14.96
C THR C 90 -30.65 -63.96 14.92
N PHE C 91 -29.34 -63.72 14.84
CA PHE C 91 -28.36 -64.80 14.83
C PHE C 91 -27.41 -64.76 16.03
N ASP C 92 -27.58 -63.79 16.93
CA ASP C 92 -26.65 -63.58 18.04
C ASP C 92 -25.21 -63.53 17.54
N LEU C 93 -25.02 -62.86 16.40
CA LEU C 93 -23.68 -62.64 15.86
C LEU C 93 -22.94 -61.92 16.97
N TYR C 94 -21.94 -62.58 17.57
CA TYR C 94 -21.21 -61.94 18.65
C TYR C 94 -19.80 -61.66 18.15
N ALA C 95 -19.22 -62.60 17.39
CA ALA C 95 -17.81 -62.54 16.99
C ALA C 95 -17.70 -61.96 15.59
N ASN C 96 -17.25 -60.71 15.50
CA ASN C 96 -16.93 -60.06 14.23
C ASN C 96 -15.43 -60.14 14.00
N VAL C 97 -15.02 -60.86 12.97
CA VAL C 97 -13.62 -61.11 12.66
C VAL C 97 -13.30 -60.41 11.35
N ARG C 98 -12.31 -59.52 11.37
CA ARG C 98 -11.89 -58.80 10.18
C ARG C 98 -10.37 -58.81 10.07
N PRO C 99 -9.80 -59.72 9.28
CA PRO C 99 -8.36 -59.72 9.07
C PRO C 99 -7.93 -58.67 8.06
N CYS C 100 -6.65 -58.35 8.12
CA CYS C 100 -6.02 -57.44 7.16
C CYS C 100 -4.58 -57.89 6.97
N VAL C 101 -4.19 -58.05 5.71
CA VAL C 101 -2.87 -58.57 5.39
C VAL C 101 -2.42 -57.94 4.07
N SER C 102 -1.12 -57.65 3.97
CA SER C 102 -0.60 -56.94 2.81
C SER C 102 -0.85 -57.71 1.52
N ILE C 103 -1.23 -56.98 0.48
CA ILE C 103 -1.45 -57.53 -0.84
C ILE C 103 -0.20 -57.26 -1.65
N GLU C 104 0.56 -58.31 -1.95
CA GLU C 104 1.92 -58.16 -2.44
C GLU C 104 2.02 -57.35 -3.73
N GLY C 105 0.92 -57.22 -4.47
CA GLY C 105 0.91 -56.44 -5.70
C GLY C 105 0.21 -55.10 -5.62
N TYR C 106 -0.20 -54.67 -4.42
CA TYR C 106 -0.91 -53.40 -4.24
C TYR C 106 0.01 -52.42 -3.54
N LYS C 107 0.13 -51.21 -4.10
CA LYS C 107 1.13 -50.22 -3.65
C LYS C 107 0.57 -49.36 -2.52
N THR C 108 0.76 -49.83 -1.29
CA THR C 108 0.47 -49.09 -0.06
C THR C 108 1.75 -48.86 0.72
N PRO C 109 1.87 -47.76 1.45
CA PRO C 109 3.06 -47.54 2.28
C PRO C 109 3.02 -48.39 3.55
N TYR C 110 2.35 -49.53 3.50
CA TYR C 110 2.21 -50.43 4.65
C TYR C 110 2.27 -51.87 4.16
N THR C 111 3.49 -52.38 4.02
CA THR C 111 3.74 -53.75 3.60
C THR C 111 4.03 -54.61 4.83
N ASP C 112 4.06 -55.92 4.61
CA ASP C 112 4.30 -56.88 5.67
C ASP C 112 3.44 -56.58 6.89
N VAL C 113 2.12 -56.67 6.73
CA VAL C 113 1.19 -56.58 7.86
C VAL C 113 0.37 -57.85 7.87
N ASN C 114 -0.08 -58.25 9.05
CA ASN C 114 -0.72 -59.56 9.19
C ASN C 114 -1.54 -59.53 10.48
N ILE C 115 -2.67 -58.83 10.46
CA ILE C 115 -3.41 -58.49 11.66
C ILE C 115 -4.82 -59.06 11.54
N VAL C 116 -5.35 -59.57 12.64
CA VAL C 116 -6.74 -60.00 12.71
C VAL C 116 -7.39 -59.29 13.90
N THR C 117 -8.49 -58.59 13.63
CA THR C 117 -9.19 -57.83 14.65
C THR C 117 -10.48 -58.57 15.01
N ILE C 118 -10.61 -58.94 16.28
CA ILE C 118 -11.81 -59.58 16.80
C ILE C 118 -12.63 -58.53 17.53
N ARG C 119 -13.90 -58.39 17.14
CA ARG C 119 -14.75 -57.34 17.67
C ARG C 119 -16.00 -57.95 18.29
N GLU C 120 -16.14 -57.82 19.60
CA GLU C 120 -17.40 -58.08 20.29
C GLU C 120 -18.52 -57.28 19.63
N ASN C 121 -19.68 -57.93 19.45
CA ASN C 121 -20.77 -57.32 18.69
C ASN C 121 -22.13 -57.61 19.33
N THR C 122 -22.22 -57.53 20.66
CA THR C 122 -23.52 -57.62 21.31
C THR C 122 -23.66 -56.52 22.36
N GLU C 123 -22.70 -56.43 23.27
CA GLU C 123 -22.74 -55.38 24.27
C GLU C 123 -21.94 -54.16 23.81
N GLY C 124 -21.18 -53.57 24.72
CA GLY C 124 -20.47 -52.34 24.43
C GLY C 124 -21.39 -51.15 24.45
N GLU C 125 -20.89 -50.07 23.87
CA GLU C 125 -21.68 -48.85 23.75
C GLU C 125 -22.72 -48.97 22.65
N TYR C 126 -22.56 -49.93 21.75
CA TYR C 126 -23.46 -50.18 20.64
C TYR C 126 -24.84 -50.63 21.11
N SER C 127 -24.99 -50.80 22.42
CA SER C 127 -26.31 -50.98 22.98
C SER C 127 -27.19 -49.77 22.65
N GLY C 128 -28.50 -50.01 22.58
CA GLY C 128 -29.38 -48.94 22.15
C GLY C 128 -29.59 -47.84 23.15
N ILE C 129 -28.93 -47.88 24.31
CA ILE C 129 -29.32 -47.02 25.42
C ILE C 129 -28.70 -45.64 25.24
N GLU C 130 -29.54 -44.61 25.31
CA GLU C 130 -29.15 -43.22 25.49
C GLU C 130 -30.17 -42.58 26.40
N HIS C 131 -29.74 -41.59 27.19
CA HIS C 131 -30.66 -41.00 28.15
C HIS C 131 -30.49 -39.51 28.28
N VAL C 132 -31.59 -38.79 28.15
CA VAL C 132 -31.66 -37.33 28.26
C VAL C 132 -31.82 -37.01 29.74
N ILE C 133 -30.75 -36.57 30.39
CA ILE C 133 -30.76 -36.34 31.83
C ILE C 133 -31.61 -35.12 32.15
N VAL C 134 -31.12 -33.93 31.80
CA VAL C 134 -31.92 -32.71 31.81
C VAL C 134 -31.79 -32.07 30.44
N ASP C 135 -32.60 -31.03 30.19
CA ASP C 135 -32.63 -30.38 28.88
C ASP C 135 -31.22 -29.98 28.46
N GLY C 136 -30.68 -30.65 27.45
CA GLY C 136 -29.37 -30.34 26.92
C GLY C 136 -28.23 -31.11 27.52
N VAL C 137 -28.49 -32.09 28.38
CA VAL C 137 -27.46 -32.90 29.01
C VAL C 137 -27.80 -34.36 28.74
N VAL C 138 -27.13 -34.95 27.75
CA VAL C 138 -27.41 -36.31 27.32
C VAL C 138 -26.34 -37.25 27.86
N ALA C 139 -26.75 -38.46 28.26
CA ALA C 139 -25.83 -39.48 28.72
C ALA C 139 -26.06 -40.76 27.93
N SER C 140 -25.03 -41.25 27.24
CA SER C 140 -25.07 -42.53 26.57
C SER C 140 -24.62 -43.63 27.53
N ILE C 141 -25.03 -44.86 27.23
CA ILE C 141 -24.82 -45.99 28.13
C ILE C 141 -24.02 -47.05 27.41
N LYS C 142 -22.87 -47.40 27.98
CA LYS C 142 -22.05 -48.52 27.54
C LYS C 142 -22.09 -49.56 28.66
N LEU C 143 -22.57 -50.76 28.36
CA LEU C 143 -22.60 -51.82 29.36
C LEU C 143 -21.76 -53.00 28.86
N ILE C 144 -21.11 -53.66 29.81
CA ILE C 144 -20.30 -54.83 29.53
C ILE C 144 -20.59 -55.87 30.60
N THR C 145 -20.94 -57.07 30.16
CA THR C 145 -21.22 -58.16 31.08
C THR C 145 -20.03 -59.10 31.16
N GLU C 146 -19.83 -59.68 32.35
CA GLU C 146 -18.92 -60.80 32.54
C GLU C 146 -19.14 -61.83 31.45
N GLY C 147 -20.42 -62.09 31.14
CA GLY C 147 -20.80 -63.09 30.16
C GLY C 147 -20.20 -62.89 28.79
N ALA C 148 -20.76 -61.96 28.01
CA ALA C 148 -20.32 -61.77 26.63
C ALA C 148 -18.82 -61.54 26.53
N SER C 149 -18.21 -60.97 27.57
CA SER C 149 -16.77 -60.80 27.58
C SER C 149 -16.07 -62.15 27.67
N LYS C 150 -16.47 -62.99 28.62
CA LYS C 150 -15.94 -64.35 28.72
C LYS C 150 -16.14 -65.11 27.42
N ARG C 151 -17.12 -64.69 26.60
CA ARG C 151 -17.44 -65.32 25.33
C ARG C 151 -16.56 -64.82 24.19
N ILE C 152 -16.47 -63.49 24.01
CA ILE C 152 -15.68 -62.94 22.90
C ILE C 152 -14.22 -63.35 23.04
N ALA C 153 -13.73 -63.46 24.28
CA ALA C 153 -12.39 -63.98 24.49
C ALA C 153 -12.31 -65.46 24.16
N GLU C 154 -13.29 -66.24 24.63
CA GLU C 154 -13.30 -67.68 24.37
C GLU C 154 -13.26 -67.99 22.88
N PHE C 155 -13.83 -67.11 22.05
CA PHE C 155 -13.70 -67.26 20.61
C PHE C 155 -12.34 -66.78 20.12
N ALA C 156 -12.01 -65.50 20.39
CA ALA C 156 -10.81 -64.87 19.84
C ALA C 156 -9.60 -65.79 19.89
N PHE C 157 -9.36 -66.41 21.05
CA PHE C 157 -8.29 -67.40 21.18
C PHE C 157 -8.42 -68.50 20.15
N GLU C 158 -9.53 -69.23 20.20
CA GLU C 158 -9.67 -70.44 19.39
C GLU C 158 -9.49 -70.15 17.91
N TYR C 159 -9.74 -68.91 17.48
CA TYR C 159 -9.40 -68.52 16.12
C TYR C 159 -7.90 -68.68 15.89
N ALA C 160 -7.08 -68.17 16.82
CA ALA C 160 -5.64 -68.31 16.69
C ALA C 160 -5.22 -69.78 16.78
N ARG C 161 -5.83 -70.52 17.72
CA ARG C 161 -5.60 -71.95 17.80
C ARG C 161 -5.99 -72.65 16.51
N ASN C 162 -7.05 -72.17 15.85
CA ASN C 162 -7.54 -72.74 14.60
C ASN C 162 -6.89 -72.13 13.37
N ASN C 163 -5.96 -71.20 13.54
CA ASN C 163 -5.29 -70.55 12.42
C ASN C 163 -3.78 -70.68 12.48
N HIS C 164 -3.24 -71.35 13.48
CA HIS C 164 -1.79 -71.50 13.68
C HIS C 164 -1.13 -70.13 13.80
N ARG C 165 -1.65 -69.32 14.72
CA ARG C 165 -1.10 -68.00 15.01
C ARG C 165 -0.10 -68.12 16.16
N SER C 166 0.24 -66.99 16.77
CA SER C 166 1.23 -67.01 17.84
C SER C 166 0.82 -66.12 19.01
N ASN C 167 0.48 -64.86 18.74
CA ASN C 167 0.19 -63.89 19.78
C ASN C 167 -1.28 -63.53 19.83
N VAL C 168 -1.78 -63.31 21.04
CA VAL C 168 -3.09 -62.72 21.30
C VAL C 168 -2.87 -61.48 22.15
N THR C 169 -3.44 -60.36 21.74
CA THR C 169 -3.22 -59.09 22.43
C THR C 169 -4.56 -58.47 22.80
N ALA C 170 -4.74 -58.15 24.07
CA ALA C 170 -5.94 -57.47 24.52
C ALA C 170 -5.79 -55.96 24.33
N VAL C 171 -6.86 -55.32 23.88
CA VAL C 171 -6.88 -53.88 23.61
C VAL C 171 -8.04 -53.29 24.41
N HIS C 172 -7.73 -52.29 25.22
CA HIS C 172 -8.70 -51.82 26.20
C HIS C 172 -8.36 -50.40 26.60
N LYS C 173 -9.17 -49.86 27.51
CA LYS C 173 -8.84 -48.62 28.21
C LYS C 173 -9.20 -48.84 29.68
N ALA C 174 -8.58 -49.85 30.29
CA ALA C 174 -8.88 -50.20 31.68
C ALA C 174 -8.32 -49.18 32.66
N ASN C 175 -7.33 -48.38 32.26
CA ASN C 175 -6.82 -47.33 33.14
C ASN C 175 -7.94 -46.38 33.53
N ILE C 176 -8.75 -45.96 32.55
CA ILE C 176 -9.80 -44.99 32.78
C ILE C 176 -11.24 -45.36 33.16
N MET C 177 -11.92 -46.08 32.28
CA MET C 177 -13.14 -46.82 32.59
C MET C 177 -12.78 -48.16 33.25
N ARG C 178 -12.36 -48.08 34.52
CA ARG C 178 -11.68 -49.21 35.16
C ARG C 178 -12.63 -50.38 35.40
N MET C 179 -13.90 -50.11 35.65
CA MET C 179 -14.83 -51.19 35.97
C MET C 179 -15.16 -52.01 34.73
N SER C 180 -15.61 -51.35 33.67
CA SER C 180 -16.11 -52.03 32.47
C SER C 180 -15.01 -52.76 31.73
N ASP C 181 -14.16 -51.99 31.03
CA ASP C 181 -13.07 -52.59 30.28
C ASP C 181 -12.20 -53.46 31.17
N GLY C 182 -12.07 -53.08 32.44
CA GLY C 182 -11.36 -53.88 33.40
C GLY C 182 -12.00 -55.24 33.60
N LEU C 183 -13.24 -55.26 34.09
CA LEU C 183 -14.00 -56.51 34.19
C LEU C 183 -13.96 -57.28 32.87
N PHE C 184 -14.02 -56.54 31.75
CA PHE C 184 -13.78 -57.16 30.46
C PHE C 184 -12.38 -57.77 30.38
N LEU C 185 -11.36 -57.02 30.82
CA LEU C 185 -9.99 -57.51 30.72
C LEU C 185 -9.78 -58.75 31.58
N GLN C 186 -10.18 -58.68 32.85
CA GLN C 186 -9.95 -59.81 33.74
C GLN C 186 -10.61 -61.08 33.22
N LYS C 187 -11.61 -60.96 32.35
CA LYS C 187 -12.13 -62.15 31.68
C LYS C 187 -11.23 -62.54 30.50
N CYS C 188 -10.67 -61.56 29.79
CA CYS C 188 -9.64 -61.86 28.81
C CYS C 188 -8.50 -62.63 29.45
N ARG C 189 -8.15 -62.29 30.69
CA ARG C 189 -7.12 -63.03 31.42
C ARG C 189 -7.60 -64.42 31.80
N GLU C 190 -8.79 -64.50 32.41
CA GLU C 190 -9.33 -65.77 32.87
C GLU C 190 -9.34 -66.83 31.77
N VAL C 191 -9.46 -66.40 30.52
CA VAL C 191 -9.39 -67.34 29.40
C VAL C 191 -7.94 -67.73 29.13
N ALA C 192 -7.06 -66.74 29.01
CA ALA C 192 -5.68 -66.99 28.64
C ALA C 192 -4.94 -67.88 29.63
N GLU C 193 -5.45 -67.95 30.88
CA GLU C 193 -4.93 -68.93 31.83
C GLU C 193 -4.99 -70.34 31.26
N SER C 194 -6.15 -70.72 30.70
CA SER C 194 -6.31 -72.06 30.15
C SER C 194 -5.52 -72.24 28.85
N CYS C 195 -5.58 -71.25 27.97
CA CYS C 195 -4.89 -71.33 26.67
C CYS C 195 -3.46 -70.83 26.78
N LYS C 196 -2.71 -71.49 27.65
CA LYS C 196 -1.29 -71.16 27.81
C LYS C 196 -0.48 -71.46 26.55
N ASP C 197 -1.04 -72.19 25.57
CA ASP C 197 -0.33 -72.42 24.32
C ASP C 197 -0.19 -71.16 23.49
N ILE C 198 -0.88 -70.09 23.86
CA ILE C 198 -0.89 -68.86 23.08
C ILE C 198 -0.49 -67.71 23.99
N LYS C 199 0.56 -66.99 23.59
CA LYS C 199 1.03 -65.84 24.37
C LYS C 199 -0.04 -64.76 24.44
N PHE C 200 0.09 -63.89 25.44
CA PHE C 200 -0.94 -62.89 25.70
C PHE C 200 -0.30 -61.66 26.31
N ASN C 201 -0.66 -60.50 25.79
CA ASN C 201 -0.29 -59.22 26.36
C ASN C 201 -1.51 -58.31 26.33
N GLU C 202 -1.43 -57.20 27.06
CA GLU C 202 -2.54 -56.26 27.14
C GLU C 202 -1.97 -54.85 27.06
N MET C 203 -2.17 -54.20 25.92
CA MET C 203 -1.75 -52.84 25.69
C MET C 203 -2.94 -51.90 25.77
N TYR C 204 -2.64 -50.62 26.00
CA TYR C 204 -3.68 -49.62 26.07
C TYR C 204 -4.18 -49.30 24.66
N LEU C 205 -5.39 -48.75 24.57
CA LEU C 205 -5.93 -48.42 23.26
C LEU C 205 -5.14 -47.29 22.63
N ASP C 206 -4.79 -46.27 23.42
CA ASP C 206 -4.05 -45.14 22.88
C ASP C 206 -2.63 -45.54 22.50
N THR C 207 -1.99 -46.41 23.28
CA THR C 207 -0.67 -46.90 22.87
C THR C 207 -0.76 -47.92 21.74
N VAL C 208 -1.94 -48.50 21.49
CA VAL C 208 -2.08 -49.40 20.36
C VAL C 208 -2.22 -48.62 19.06
N CYS C 209 -3.15 -47.65 19.03
CA CYS C 209 -3.34 -46.83 17.83
C CYS C 209 -2.01 -46.27 17.33
N LEU C 210 -1.13 -45.89 18.24
CA LEU C 210 0.11 -45.22 17.90
C LEU C 210 1.05 -46.17 17.16
N ASN C 211 1.59 -47.18 17.86
CA ASN C 211 2.55 -48.08 17.23
C ASN C 211 1.94 -48.81 16.03
N MET C 212 0.62 -49.02 16.04
CA MET C 212 -0.04 -49.60 14.87
C MET C 212 0.29 -48.84 13.60
N VAL C 213 0.43 -47.52 13.72
CA VAL C 213 0.56 -46.67 12.55
C VAL C 213 2.01 -46.54 12.11
N GLN C 214 2.97 -46.66 13.04
CA GLN C 214 4.36 -46.51 12.65
C GLN C 214 4.93 -47.83 12.11
N ASP C 215 4.52 -48.96 12.69
CA ASP C 215 5.12 -50.25 12.36
C ASP C 215 4.20 -51.37 12.85
N PRO C 216 3.15 -51.70 12.09
CA PRO C 216 2.16 -52.67 12.58
C PRO C 216 2.59 -54.13 12.50
N SER C 217 3.77 -54.44 11.96
CA SER C 217 4.17 -55.83 11.78
C SER C 217 4.26 -56.58 13.11
N GLN C 218 4.36 -55.86 14.23
CA GLN C 218 4.60 -56.46 15.53
C GLN C 218 3.36 -57.08 16.16
N PHE C 219 2.23 -57.12 15.46
CA PHE C 219 1.00 -57.67 16.00
C PHE C 219 0.62 -58.94 15.26
N ASP C 220 -0.32 -59.67 15.85
CA ASP C 220 -0.86 -60.90 15.27
C ASP C 220 -2.37 -60.82 15.24
N VAL C 221 -3.00 -61.07 16.38
CA VAL C 221 -4.45 -60.93 16.51
C VAL C 221 -4.73 -59.97 17.67
N LEU C 222 -5.87 -59.31 17.61
CA LEU C 222 -6.34 -58.37 18.62
C LEU C 222 -7.75 -58.73 19.06
N VAL C 223 -8.24 -58.01 20.06
CA VAL C 223 -9.54 -58.27 20.66
C VAL C 223 -9.90 -57.06 21.52
N MET C 224 -11.16 -56.64 21.47
CA MET C 224 -11.59 -55.44 22.19
C MET C 224 -13.10 -55.43 22.26
N PRO C 225 -13.67 -54.62 23.16
CA PRO C 225 -15.13 -54.42 23.16
C PRO C 225 -15.67 -53.87 21.85
N ASN C 226 -16.98 -53.67 21.78
CA ASN C 226 -17.64 -53.39 20.50
C ASN C 226 -17.08 -52.14 19.83
N LEU C 227 -17.16 -51.00 20.54
CA LEU C 227 -16.83 -49.72 19.92
C LEU C 227 -15.42 -49.73 19.34
N TYR C 228 -14.45 -50.16 20.14
CA TYR C 228 -13.06 -50.11 19.72
C TYR C 228 -12.80 -51.03 18.54
N GLY C 229 -13.69 -51.99 18.29
CA GLY C 229 -13.57 -52.84 17.14
C GLY C 229 -14.00 -52.15 15.86
N ASP C 230 -15.23 -51.65 15.82
CA ASP C 230 -15.78 -51.07 14.59
C ASP C 230 -15.02 -49.85 14.10
N ILE C 231 -14.11 -49.31 14.91
CA ILE C 231 -13.26 -48.20 14.49
C ILE C 231 -11.85 -48.68 14.15
N LEU C 232 -11.24 -49.45 15.05
CA LEU C 232 -9.88 -49.94 14.83
C LEU C 232 -9.83 -50.89 13.63
N SER C 233 -10.89 -51.70 13.45
CA SER C 233 -10.92 -52.60 12.30
C SER C 233 -10.85 -51.81 10.99
N ASP C 234 -11.50 -50.65 10.93
CA ASP C 234 -11.47 -49.84 9.71
C ASP C 234 -10.10 -49.17 9.54
N LEU C 235 -9.48 -48.74 10.63
CA LEU C 235 -8.11 -48.24 10.57
C LEU C 235 -7.19 -49.31 10.02
N CYS C 236 -7.14 -50.46 10.70
CA CYS C 236 -6.39 -51.61 10.20
C CYS C 236 -6.73 -51.89 8.74
N ALA C 237 -8.02 -51.84 8.40
CA ALA C 237 -8.46 -52.07 7.03
C ALA C 237 -7.82 -51.10 6.06
N GLY C 238 -7.63 -49.85 6.48
CA GLY C 238 -7.08 -48.86 5.59
C GLY C 238 -5.62 -49.10 5.27
N LEU C 239 -4.89 -49.78 6.16
CA LEU C 239 -3.46 -49.96 5.97
C LEU C 239 -3.11 -50.74 4.71
N ILE C 240 -4.04 -51.53 4.17
CA ILE C 240 -3.75 -52.33 2.97
C ILE C 240 -4.53 -51.86 1.75
N GLY C 241 -5.42 -50.87 1.90
CA GLY C 241 -6.09 -50.31 0.73
C GLY C 241 -7.51 -49.83 0.94
N GLY C 242 -8.07 -50.10 2.11
CA GLY C 242 -9.42 -49.68 2.43
C GLY C 242 -10.39 -50.85 2.46
N LEU C 243 -11.68 -50.52 2.29
CA LEU C 243 -12.73 -51.49 2.49
C LEU C 243 -12.84 -52.49 1.34
N GLY C 244 -12.38 -52.12 0.15
CA GLY C 244 -12.46 -52.97 -1.03
C GLY C 244 -11.54 -54.17 -1.06
N VAL C 245 -10.81 -54.46 0.02
CA VAL C 245 -9.89 -55.59 0.07
C VAL C 245 -9.95 -56.22 1.46
N THR C 246 -11.04 -55.98 2.18
CA THR C 246 -11.13 -56.45 3.55
C THR C 246 -12.22 -57.50 3.69
N PRO C 247 -11.87 -58.77 3.88
CA PRO C 247 -12.88 -59.76 4.23
C PRO C 247 -13.51 -59.46 5.58
N SER C 248 -14.52 -60.25 5.91
CA SER C 248 -15.16 -60.10 7.20
C SER C 248 -15.71 -61.45 7.64
N GLY C 249 -16.10 -61.52 8.90
CA GLY C 249 -16.67 -62.73 9.46
C GLY C 249 -17.46 -62.44 10.70
N ASN C 250 -18.76 -62.77 10.68
CA ASN C 250 -19.63 -62.62 11.83
C ASN C 250 -20.05 -64.02 12.28
N ILE C 251 -19.97 -64.27 13.59
CA ILE C 251 -20.24 -65.59 14.15
C ILE C 251 -21.32 -65.45 15.21
N GLY C 252 -22.34 -66.30 15.13
CA GLY C 252 -23.38 -66.35 16.13
C GLY C 252 -23.49 -67.72 16.77
N ALA C 253 -24.67 -68.03 17.31
CA ALA C 253 -24.89 -69.32 17.97
C ALA C 253 -25.27 -70.39 16.95
N ASN C 254 -25.07 -71.64 17.36
CA ASN C 254 -25.41 -72.82 16.55
C ASN C 254 -24.54 -72.90 15.29
N GLY C 255 -23.25 -72.60 15.46
CA GLY C 255 -22.30 -72.72 14.38
C GLY C 255 -22.58 -71.74 13.26
N VAL C 256 -23.60 -70.91 13.45
CA VAL C 256 -24.02 -69.97 12.42
C VAL C 256 -22.90 -68.98 12.15
N ALA C 257 -22.38 -69.03 10.92
CA ALA C 257 -21.35 -68.10 10.48
C ALA C 257 -21.87 -67.29 9.32
N ILE C 258 -21.39 -66.05 9.22
CA ILE C 258 -21.76 -65.14 8.15
C ILE C 258 -20.49 -64.47 7.65
N PHE C 259 -20.32 -64.42 6.33
CA PHE C 259 -19.11 -63.88 5.73
C PHE C 259 -19.53 -62.85 4.70
N GLU C 260 -19.06 -61.61 4.87
CA GLU C 260 -19.54 -60.51 4.06
C GLU C 260 -18.37 -59.66 3.58
N SER C 261 -18.72 -58.70 2.72
CA SER C 261 -17.83 -57.61 2.35
C SER C 261 -18.47 -56.31 2.78
N VAL C 262 -17.75 -55.51 3.58
CA VAL C 262 -18.31 -54.27 4.10
C VAL C 262 -18.16 -53.09 3.16
N HIS C 263 -17.67 -53.33 1.94
CA HIS C 263 -17.37 -52.22 1.03
C HIS C 263 -18.66 -51.61 0.46
N GLY C 264 -18.49 -50.53 -0.30
CA GLY C 264 -19.63 -49.77 -0.76
C GLY C 264 -20.37 -50.44 -1.91
N THR C 265 -21.68 -50.18 -1.95
CA THR C 265 -22.55 -50.77 -2.97
C THR C 265 -22.30 -50.21 -4.36
N ALA C 266 -21.51 -49.14 -4.48
CA ALA C 266 -21.05 -48.53 -5.72
C ALA C 266 -22.16 -48.42 -6.76
N PRO C 267 -23.08 -47.46 -6.63
CA PRO C 267 -24.22 -47.41 -7.56
C PRO C 267 -23.85 -46.93 -8.95
N ASP C 268 -23.02 -45.90 -9.05
CA ASP C 268 -22.76 -45.22 -10.32
C ASP C 268 -21.86 -46.02 -11.26
N ILE C 269 -21.46 -47.23 -10.88
CA ILE C 269 -20.68 -48.12 -11.72
C ILE C 269 -21.21 -49.54 -11.57
N ALA C 270 -22.40 -49.66 -10.96
CA ALA C 270 -22.96 -50.97 -10.68
C ALA C 270 -23.36 -51.68 -11.97
N GLY C 271 -23.34 -53.02 -11.91
CA GLY C 271 -23.72 -53.84 -13.04
C GLY C 271 -22.89 -53.63 -14.29
N LYS C 272 -21.91 -52.72 -14.22
CA LYS C 272 -21.14 -52.30 -15.38
C LYS C 272 -19.91 -53.15 -15.62
N ASP C 273 -19.79 -54.29 -14.94
CA ASP C 273 -18.61 -55.14 -15.02
C ASP C 273 -17.34 -54.34 -14.76
N MET C 274 -17.46 -53.35 -13.89
CA MET C 274 -16.35 -52.47 -13.54
C MET C 274 -15.90 -52.64 -12.11
N ALA C 275 -16.41 -53.66 -11.42
CA ALA C 275 -16.13 -53.86 -10.01
C ALA C 275 -14.83 -54.63 -9.80
N ASN C 276 -14.47 -54.83 -8.54
CA ASN C 276 -13.30 -55.63 -8.17
C ASN C 276 -13.76 -56.60 -7.08
N PRO C 277 -13.86 -57.89 -7.36
CA PRO C 277 -14.45 -58.83 -6.42
C PRO C 277 -13.51 -59.41 -5.36
N THR C 278 -12.28 -58.89 -5.31
CA THR C 278 -11.24 -59.44 -4.40
C THR C 278 -11.69 -59.38 -2.94
N ALA C 279 -12.33 -58.30 -2.51
CA ALA C 279 -12.77 -58.20 -1.10
C ALA C 279 -13.79 -59.30 -0.80
N LEU C 280 -14.73 -59.53 -1.73
CA LEU C 280 -15.79 -60.56 -1.59
C LEU C 280 -15.18 -61.97 -1.56
N LEU C 281 -14.17 -62.22 -2.40
CA LEU C 281 -13.53 -63.55 -2.52
C LEU C 281 -12.88 -63.97 -1.19
N LEU C 282 -12.21 -63.04 -0.50
CA LEU C 282 -11.52 -63.36 0.77
C LEU C 282 -12.54 -63.83 1.82
N SER C 283 -13.70 -63.16 1.86
CA SER C 283 -14.76 -63.48 2.82
C SER C 283 -15.21 -64.92 2.65
N ALA C 284 -15.26 -65.41 1.40
CA ALA C 284 -15.48 -66.83 1.17
C ALA C 284 -14.27 -67.65 1.57
N VAL C 285 -13.06 -67.16 1.25
CA VAL C 285 -11.84 -67.87 1.62
C VAL C 285 -11.82 -68.13 3.12
N MET C 286 -12.23 -67.14 3.91
CA MET C 286 -12.32 -67.32 5.35
C MET C 286 -13.38 -68.36 5.70
N MET C 287 -14.50 -68.37 4.97
CA MET C 287 -15.52 -69.40 5.20
C MET C 287 -14.94 -70.78 4.90
N LEU C 288 -14.13 -70.89 3.86
CA LEU C 288 -13.48 -72.16 3.55
C LEU C 288 -12.51 -72.57 4.67
N ARG C 289 -11.78 -71.60 5.22
CA ARG C 289 -10.85 -71.92 6.31
C ARG C 289 -11.60 -72.23 7.60
N HIS C 290 -12.66 -71.46 7.90
CA HIS C 290 -13.47 -71.78 9.08
C HIS C 290 -14.15 -73.13 8.93
N MET C 291 -14.49 -73.52 7.70
CA MET C 291 -15.04 -74.86 7.48
C MET C 291 -13.93 -75.91 7.40
N GLY C 292 -12.83 -75.59 6.73
CA GLY C 292 -11.67 -76.48 6.74
C GLY C 292 -11.20 -76.93 5.37
N LEU C 293 -11.50 -76.14 4.34
CA LEU C 293 -11.06 -76.46 2.98
C LEU C 293 -9.70 -75.82 2.70
N PHE C 294 -8.73 -76.17 3.54
CA PHE C 294 -7.41 -75.52 3.52
C PHE C 294 -6.76 -75.63 2.15
N ASP C 295 -6.63 -76.87 1.65
CA ASP C 295 -6.04 -77.09 0.34
C ASP C 295 -6.76 -76.28 -0.73
N HIS C 296 -8.09 -76.19 -0.62
CA HIS C 296 -8.87 -75.39 -1.55
C HIS C 296 -8.88 -73.92 -1.18
N ALA C 297 -8.73 -73.60 0.11
CA ALA C 297 -8.69 -72.20 0.54
C ALA C 297 -7.46 -71.50 0.00
N ALA C 298 -6.27 -71.96 0.43
CA ALA C 298 -5.02 -71.30 0.06
C ALA C 298 -4.77 -71.32 -1.44
N ARG C 299 -5.41 -72.23 -2.18
CA ARG C 299 -5.23 -72.28 -3.63
C ARG C 299 -5.75 -71.02 -4.29
N ILE C 300 -6.97 -70.60 -3.91
CA ILE C 300 -7.52 -69.36 -4.45
C ILE C 300 -6.68 -68.18 -4.00
N GLU C 301 -6.34 -68.15 -2.71
CA GLU C 301 -5.59 -67.03 -2.15
C GLU C 301 -4.28 -66.80 -2.90
N ALA C 302 -3.57 -67.87 -3.24
CA ALA C 302 -2.33 -67.73 -4.00
C ALA C 302 -2.61 -67.22 -5.40
N ALA C 303 -3.48 -67.91 -6.15
CA ALA C 303 -3.87 -67.44 -7.48
C ALA C 303 -4.48 -66.06 -7.42
N CYS C 304 -5.13 -65.70 -6.31
CA CYS C 304 -5.54 -64.33 -6.08
C CYS C 304 -4.31 -63.42 -6.00
N PHE C 305 -3.46 -63.65 -5.00
CA PHE C 305 -2.26 -62.85 -4.82
C PHE C 305 -1.33 -62.93 -6.03
N ALA C 306 -1.41 -64.01 -6.81
CA ALA C 306 -0.50 -64.17 -7.95
C ALA C 306 -0.84 -63.18 -9.06
N THR C 307 -2.14 -63.01 -9.33
CA THR C 307 -2.60 -62.06 -10.39
C THR C 307 -2.17 -60.64 -9.97
N ILE C 308 -2.31 -60.32 -8.68
CA ILE C 308 -1.91 -58.99 -8.14
C ILE C 308 -0.39 -58.84 -8.34
N LYS C 309 0.36 -59.93 -8.15
CA LYS C 309 1.83 -59.95 -8.30
C LYS C 309 2.19 -59.62 -9.75
N ASP C 310 1.42 -60.14 -10.71
CA ASP C 310 1.64 -59.88 -12.16
C ASP C 310 1.50 -58.39 -12.44
N GLY C 311 0.52 -57.73 -11.80
CA GLY C 311 0.30 -56.28 -11.97
C GLY C 311 0.06 -55.90 -13.42
N LYS C 312 -0.76 -56.69 -14.13
CA LYS C 312 -1.10 -56.41 -15.56
C LYS C 312 -2.27 -55.74 -16.27
N SER C 313 -3.49 -56.24 -16.07
CA SER C 313 -4.81 -55.56 -16.09
C SER C 313 -5.31 -55.38 -14.65
N LEU C 314 -5.79 -54.17 -14.31
CA LEU C 314 -6.30 -53.89 -12.95
C LEU C 314 -7.61 -53.11 -13.03
N THR C 315 -8.44 -53.21 -11.98
CA THR C 315 -9.74 -52.49 -11.92
C THR C 315 -9.50 -50.99 -11.69
N LYS C 316 -10.43 -50.15 -12.13
CA LYS C 316 -10.31 -48.70 -11.96
C LYS C 316 -10.17 -48.29 -10.50
N ASP C 317 -10.77 -49.03 -9.57
CA ASP C 317 -10.47 -48.82 -8.15
C ASP C 317 -9.10 -49.35 -7.77
N LEU C 318 -8.35 -49.89 -8.73
CA LEU C 318 -6.97 -50.30 -8.54
C LEU C 318 -6.01 -49.53 -9.43
N GLY C 319 -6.49 -48.56 -10.21
CA GLY C 319 -5.61 -47.77 -11.06
C GLY C 319 -5.23 -48.43 -12.36
N GLY C 320 -6.11 -49.24 -12.93
CA GLY C 320 -5.77 -49.96 -14.15
C GLY C 320 -6.65 -49.65 -15.34
N ASN C 321 -6.93 -50.67 -16.15
CA ASN C 321 -7.76 -50.44 -17.34
C ASN C 321 -8.46 -51.69 -17.84
N ALA C 322 -8.62 -52.74 -17.03
CA ALA C 322 -9.35 -53.94 -17.41
C ALA C 322 -10.63 -54.04 -16.60
N LYS C 323 -11.56 -54.87 -17.08
CA LYS C 323 -12.90 -54.94 -16.53
C LYS C 323 -13.00 -56.05 -15.49
N CYS C 324 -14.19 -56.17 -14.88
CA CYS C 324 -14.44 -57.23 -13.91
C CYS C 324 -14.34 -58.61 -14.57
N SER C 325 -15.00 -58.78 -15.72
CA SER C 325 -14.89 -60.05 -16.45
C SER C 325 -13.44 -60.27 -16.91
N ASP C 326 -12.74 -59.20 -17.26
CA ASP C 326 -11.32 -59.32 -17.56
C ASP C 326 -10.55 -59.85 -16.37
N PHE C 327 -10.86 -59.37 -15.17
CA PHE C 327 -10.18 -59.82 -13.97
C PHE C 327 -10.74 -61.14 -13.46
N THR C 328 -12.07 -61.31 -13.50
CA THR C 328 -12.67 -62.58 -13.12
C THR C 328 -12.17 -63.72 -14.01
N GLU C 329 -11.72 -63.42 -15.23
CA GLU C 329 -11.14 -64.43 -16.10
C GLU C 329 -9.74 -64.82 -15.65
N GLU C 330 -8.87 -63.84 -15.38
CA GLU C 330 -7.50 -64.15 -15.01
C GLU C 330 -7.40 -64.89 -13.69
N ILE C 331 -8.45 -64.89 -12.87
CA ILE C 331 -8.47 -65.69 -11.65
C ILE C 331 -8.96 -67.10 -11.91
N CYS C 332 -10.08 -67.24 -12.64
CA CYS C 332 -10.59 -68.57 -12.96
C CYS C 332 -9.62 -69.34 -13.85
N ARG C 333 -8.80 -68.64 -14.62
CA ARG C 333 -7.76 -69.29 -15.40
C ARG C 333 -6.43 -69.43 -14.66
N ARG C 334 -6.33 -68.87 -13.46
CA ARG C 334 -5.19 -69.11 -12.59
C ARG C 334 -5.46 -70.24 -11.61
N VAL C 335 -6.70 -70.36 -11.13
CA VAL C 335 -7.08 -71.51 -10.32
C VAL C 335 -7.06 -72.79 -11.14
N LYS C 336 -7.13 -72.69 -12.47
CA LYS C 336 -7.05 -73.89 -13.30
C LYS C 336 -5.64 -74.44 -13.37
N ASP C 337 -4.64 -73.57 -13.26
CA ASP C 337 -3.23 -73.98 -13.32
C ASP C 337 -2.75 -74.46 -11.96
N LEU C 338 -3.66 -74.99 -11.15
CA LEU C 338 -3.34 -75.46 -9.80
C LEU C 338 -4.07 -76.77 -9.49
N SER D 14 12.75 -11.80 35.76
CA SER D 14 12.50 -13.02 34.96
C SER D 14 11.05 -13.48 35.16
N PHE D 15 10.64 -14.55 34.46
CA PHE D 15 9.26 -15.08 34.57
C PHE D 15 9.33 -16.52 35.13
N PRO D 16 8.56 -16.85 36.19
CA PRO D 16 8.56 -18.18 36.77
C PRO D 16 7.36 -19.01 36.28
N VAL D 17 7.64 -20.20 35.72
CA VAL D 17 6.57 -21.11 35.21
C VAL D 17 6.67 -22.45 35.94
N THR D 18 5.55 -22.95 36.46
CA THR D 18 5.53 -24.25 37.19
C THR D 18 5.82 -25.39 36.21
N MET D 19 6.52 -26.43 36.67
CA MET D 19 6.86 -27.59 35.80
C MET D 19 6.47 -28.90 36.48
N LEU D 20 5.53 -29.64 35.89
CA LEU D 20 5.09 -30.92 36.43
C LEU D 20 5.78 -32.03 35.64
N PRO D 21 6.82 -32.65 36.19
CA PRO D 21 7.58 -33.64 35.41
C PRO D 21 6.74 -34.83 34.96
N GLY D 22 5.74 -35.23 35.73
CA GLY D 22 5.00 -36.45 35.43
C GLY D 22 5.87 -37.69 35.59
N ASP D 23 5.34 -38.80 35.09
CA ASP D 23 6.01 -40.09 35.23
C ASP D 23 6.83 -40.40 33.98
N GLY D 24 7.42 -41.59 33.95
CA GLY D 24 8.21 -41.99 32.80
C GLY D 24 9.42 -41.11 32.63
N VAL D 25 9.71 -40.77 31.37
CA VAL D 25 10.89 -40.00 31.00
C VAL D 25 10.65 -38.54 31.35
N GLY D 26 9.47 -38.27 31.91
CA GLY D 26 9.01 -36.94 32.22
C GLY D 26 10.09 -36.04 32.76
N PRO D 27 10.61 -36.37 33.94
CA PRO D 27 11.76 -35.60 34.48
C PRO D 27 12.98 -35.61 33.58
N GLU D 28 13.25 -36.71 32.87
CA GLU D 28 14.41 -36.73 31.99
C GLU D 28 14.21 -35.83 30.78
N LEU D 29 12.96 -35.64 30.35
CA LEU D 29 12.66 -34.65 29.34
C LEU D 29 12.98 -33.25 29.83
N MET D 30 12.30 -32.83 30.91
CA MET D 30 12.42 -31.46 31.41
C MET D 30 13.87 -31.05 31.63
N HIS D 31 14.68 -31.96 32.18
CA HIS D 31 16.08 -31.63 32.42
C HIS D 31 16.82 -31.32 31.12
N ALA D 32 16.31 -31.80 29.98
CA ALA D 32 16.86 -31.36 28.70
C ALA D 32 16.34 -29.98 28.32
N VAL D 33 15.04 -29.74 28.53
CA VAL D 33 14.49 -28.40 28.33
C VAL D 33 15.14 -27.42 29.30
N LYS D 34 15.59 -27.91 30.46
CA LYS D 34 16.38 -27.06 31.35
C LYS D 34 17.70 -26.67 30.70
N GLU D 35 18.45 -27.66 30.20
CA GLU D 35 19.73 -27.36 29.56
C GLU D 35 19.54 -26.55 28.29
N VAL D 36 18.46 -26.79 27.55
CA VAL D 36 18.18 -25.95 26.38
C VAL D 36 17.92 -24.52 26.80
N PHE D 37 17.05 -24.33 27.79
CA PHE D 37 16.73 -22.99 28.25
C PHE D 37 17.94 -22.30 28.84
N LYS D 38 18.66 -22.99 29.72
CA LYS D 38 19.87 -22.42 30.31
C LYS D 38 20.97 -22.17 29.29
N ALA D 39 20.77 -22.61 28.04
CA ALA D 39 21.72 -22.34 26.97
C ALA D 39 21.25 -21.24 26.03
N ALA D 40 19.99 -20.82 26.12
CA ALA D 40 19.48 -19.71 25.31
C ALA D 40 19.09 -18.51 26.18
N ALA D 41 19.55 -18.49 27.44
CA ALA D 41 19.35 -17.37 28.35
C ALA D 41 17.88 -16.98 28.50
N VAL D 42 16.97 -17.93 28.28
CA VAL D 42 15.54 -17.63 28.46
C VAL D 42 15.30 -17.22 29.90
N PRO D 43 14.65 -16.09 30.15
CA PRO D 43 14.49 -15.61 31.54
C PRO D 43 13.33 -16.29 32.25
N VAL D 44 13.49 -17.57 32.55
CA VAL D 44 12.42 -18.36 33.17
C VAL D 44 12.98 -19.22 34.30
N GLU D 45 12.64 -18.87 35.54
CA GLU D 45 12.81 -19.79 36.65
C GLU D 45 11.57 -20.67 36.76
N PHE D 46 11.79 -21.91 37.17
CA PHE D 46 10.77 -22.94 37.11
C PHE D 46 10.53 -23.26 38.58
N GLN D 47 9.35 -22.90 39.06
CA GLN D 47 9.02 -23.29 40.44
C GLN D 47 8.52 -24.72 40.31
N GLU D 48 9.42 -25.68 40.28
CA GLU D 48 9.04 -27.10 40.08
C GLU D 48 8.03 -27.52 41.15
N HIS D 49 6.80 -27.87 40.78
CA HIS D 49 5.83 -28.42 41.75
C HIS D 49 5.95 -29.91 41.54
N HIS D 50 6.88 -30.51 42.25
CA HIS D 50 7.28 -31.88 41.93
C HIS D 50 6.19 -32.92 42.07
N LEU D 51 6.38 -33.91 41.22
CA LEU D 51 5.67 -35.20 41.28
C LEU D 51 4.17 -35.07 41.34
N SER D 52 3.50 -34.69 40.25
CA SER D 52 2.05 -34.91 40.36
C SER D 52 1.96 -36.42 40.50
N GLU D 53 1.30 -36.92 41.53
CA GLU D 53 1.37 -38.37 41.82
C GLU D 53 0.95 -39.22 40.65
N VAL D 54 1.79 -40.16 40.28
CA VAL D 54 1.35 -41.11 39.24
C VAL D 54 1.76 -42.49 39.74
N GLN D 55 1.67 -42.65 41.06
CA GLN D 55 2.07 -43.84 41.84
C GLN D 55 3.59 -43.81 42.06
N ASN D 56 4.32 -42.79 41.61
CA ASN D 56 5.75 -42.67 41.98
C ASN D 56 5.75 -42.26 43.44
N MET D 57 4.82 -41.37 43.78
CA MET D 57 4.59 -40.83 45.15
C MET D 57 3.08 -40.88 45.38
N ALA D 58 2.59 -41.48 46.45
CA ALA D 58 1.13 -41.47 46.55
C ALA D 58 0.75 -40.04 46.89
N SER D 59 0.13 -39.32 45.96
CA SER D 59 -0.18 -37.88 46.18
C SER D 59 -1.57 -37.53 45.66
N GLU D 60 -2.29 -36.67 46.36
CA GLU D 60 -3.65 -36.42 45.83
C GLU D 60 -4.22 -35.21 46.56
N GLU D 61 -5.09 -34.46 45.91
CA GLU D 61 -5.69 -33.24 46.50
C GLU D 61 -4.63 -32.24 47.00
N LYS D 62 -3.52 -32.17 46.27
CA LYS D 62 -2.48 -31.13 46.28
C LYS D 62 -2.62 -30.47 44.90
N LEU D 63 -3.67 -30.81 44.14
CA LEU D 63 -3.96 -30.26 42.81
C LEU D 63 -4.16 -28.78 43.05
N GLU D 64 -4.91 -28.41 44.09
CA GLU D 64 -5.10 -26.99 44.43
C GLU D 64 -3.72 -26.38 44.68
N GLN D 65 -2.81 -27.08 45.38
CA GLN D 65 -1.45 -26.50 45.53
C GLN D 65 -0.87 -26.33 44.13
N VAL D 66 -0.98 -27.30 43.21
CA VAL D 66 -0.45 -27.01 41.84
C VAL D 66 -1.28 -25.88 41.21
N LEU D 67 -2.58 -25.85 41.44
CA LEU D 67 -3.36 -24.73 40.86
C LEU D 67 -2.85 -23.40 41.42
N SER D 68 -2.56 -23.36 42.72
CA SER D 68 -2.18 -22.09 43.38
C SER D 68 -1.02 -21.46 42.66
N SER D 69 0.02 -22.24 42.38
CA SER D 69 1.07 -21.60 41.58
C SER D 69 0.49 -21.39 40.19
N MET D 70 -0.57 -22.13 39.89
CA MET D 70 -1.09 -21.92 38.55
C MET D 70 -2.03 -20.72 38.48
N LYS D 71 -2.71 -20.38 39.58
CA LYS D 71 -3.44 -19.12 39.62
C LYS D 71 -2.50 -17.93 39.59
N GLU D 72 -1.22 -18.15 39.90
CA GLU D 72 -0.19 -17.11 39.78
C GLU D 72 0.33 -17.03 38.36
N ASN D 73 1.23 -17.96 37.99
CA ASN D 73 2.02 -17.86 36.78
C ASN D 73 1.21 -18.01 35.50
N LYS D 74 -0.07 -18.38 35.59
CA LYS D 74 -1.01 -18.33 34.47
C LYS D 74 -0.66 -19.29 33.33
N VAL D 75 0.51 -19.93 33.38
CA VAL D 75 0.94 -20.86 32.33
C VAL D 75 1.87 -21.88 32.95
N ALA D 76 1.86 -23.10 32.42
CA ALA D 76 2.78 -24.14 32.89
C ALA D 76 3.04 -25.13 31.77
N ILE D 77 4.05 -25.99 31.94
CA ILE D 77 4.34 -27.09 30.98
C ILE D 77 4.48 -28.31 31.86
N ILE D 78 3.94 -29.46 31.45
CA ILE D 78 3.99 -30.66 32.32
C ILE D 78 4.60 -31.81 31.58
N GLY D 79 4.85 -32.90 32.27
CA GLY D 79 5.32 -34.10 31.55
C GLY D 79 4.11 -34.92 31.22
N LYS D 80 4.02 -36.12 31.73
CA LYS D 80 2.76 -36.79 31.44
C LYS D 80 2.31 -37.41 32.75
N ILE D 81 1.10 -37.14 33.17
CA ILE D 81 0.74 -37.80 34.45
C ILE D 81 0.27 -39.17 34.02
N HIS D 82 1.24 -40.04 33.84
CA HIS D 82 0.85 -41.35 33.28
C HIS D 82 -0.29 -41.83 34.17
N THR D 83 -1.32 -42.50 33.70
CA THR D 83 -2.33 -42.92 34.68
C THR D 83 -2.32 -44.39 35.01
N PRO D 84 -2.39 -44.69 36.30
CA PRO D 84 -2.33 -46.07 36.81
C PRO D 84 -3.55 -46.91 36.52
N MET D 85 -3.45 -48.23 36.62
CA MET D 85 -4.60 -49.09 36.34
C MET D 85 -5.13 -49.80 37.57
N GLU D 86 -6.41 -49.65 37.87
CA GLU D 86 -7.05 -50.34 38.99
C GLU D 86 -6.34 -50.17 40.32
N TYR D 87 -5.84 -48.97 40.54
CA TYR D 87 -5.15 -48.64 41.76
C TYR D 87 -5.67 -47.26 42.10
N LYS D 88 -5.41 -46.82 43.31
CA LYS D 88 -5.89 -45.52 43.71
C LYS D 88 -7.38 -45.58 43.95
N GLY D 89 -7.89 -46.78 44.09
CA GLY D 89 -9.28 -46.93 44.39
C GLY D 89 -10.27 -46.58 43.32
N GLU D 90 -10.18 -45.37 42.79
CA GLU D 90 -11.17 -44.96 41.82
C GLU D 90 -10.33 -44.75 40.56
N LEU D 91 -9.07 -44.45 40.78
CA LEU D 91 -8.25 -44.10 39.64
C LEU D 91 -8.99 -43.19 38.47
N ALA D 92 -9.42 -42.09 39.08
CA ALA D 92 -10.38 -41.23 38.42
C ALA D 92 -9.17 -40.68 37.81
N SER D 93 -9.21 -40.45 36.51
CA SER D 93 -8.03 -39.98 35.85
C SER D 93 -7.66 -38.63 36.41
N TYR D 94 -6.43 -38.52 36.85
CA TYR D 94 -5.98 -37.28 37.43
C TYR D 94 -5.84 -36.09 36.53
N ASP D 95 -5.30 -36.31 35.35
CA ASP D 95 -5.00 -35.19 34.47
C ASP D 95 -6.28 -34.42 34.25
N MET D 96 -7.29 -35.15 33.91
CA MET D 96 -8.61 -34.67 33.69
C MET D 96 -9.01 -34.10 35.02
N ARG D 97 -8.70 -34.84 36.08
CA ARG D 97 -9.05 -34.41 37.41
C ARG D 97 -8.37 -33.10 37.57
N LEU D 98 -7.12 -33.08 37.15
CA LEU D 98 -6.40 -31.84 37.16
C LEU D 98 -7.06 -30.99 36.12
N ARG D 99 -7.40 -31.64 35.01
CA ARG D 99 -7.93 -30.90 33.91
C ARG D 99 -9.16 -30.22 34.35
N ARG D 100 -9.98 -30.93 35.10
CA ARG D 100 -11.21 -30.33 35.55
C ARG D 100 -10.84 -29.14 36.38
N LYS D 101 -9.80 -29.29 37.18
CA LYS D 101 -9.41 -28.20 38.04
C LYS D 101 -9.04 -26.95 37.31
N LEU D 102 -8.27 -27.08 36.25
CA LEU D 102 -7.85 -25.91 35.50
C LEU D 102 -8.82 -25.69 34.40
N ASP D 103 -9.88 -26.46 34.42
CA ASP D 103 -10.89 -26.23 33.35
C ASP D 103 -10.22 -26.27 31.97
N LEU D 104 -9.31 -27.23 31.74
CA LEU D 104 -8.61 -27.38 30.44
C LEU D 104 -9.48 -28.22 29.50
N PHE D 105 -10.60 -27.65 29.06
CA PHE D 105 -11.57 -28.33 28.15
C PHE D 105 -10.91 -28.60 26.79
N ALA D 106 -10.10 -27.65 26.30
CA ALA D 106 -9.49 -27.78 24.96
C ALA D 106 -8.03 -28.27 25.04
N ASN D 107 -7.75 -29.35 24.31
CA ASN D 107 -6.42 -29.95 24.17
C ASN D 107 -6.09 -29.98 22.69
N VAL D 108 -5.02 -29.29 22.30
CA VAL D 108 -4.70 -29.09 20.89
C VAL D 108 -3.31 -29.64 20.62
N VAL D 109 -3.22 -30.53 19.64
CA VAL D 109 -1.98 -31.25 19.32
C VAL D 109 -1.65 -31.00 17.86
N HIS D 110 -0.60 -30.21 17.61
CA HIS D 110 -0.11 -29.98 16.26
C HIS D 110 0.48 -31.27 15.70
N VAL D 111 0.17 -31.58 14.45
CA VAL D 111 0.82 -32.67 13.73
C VAL D 111 1.51 -32.05 12.51
N LYS D 112 2.81 -31.81 12.64
CA LYS D 112 3.61 -31.15 11.62
C LYS D 112 4.77 -32.07 11.25
N SER D 113 4.72 -32.62 10.05
CA SER D 113 5.84 -33.42 9.56
C SER D 113 7.12 -32.57 9.54
N LEU D 114 8.21 -33.16 10.03
CA LEU D 114 9.37 -32.30 10.19
C LEU D 114 10.41 -32.58 9.11
N PRO D 115 11.14 -31.52 8.68
CA PRO D 115 12.03 -31.62 7.51
C PRO D 115 12.88 -32.86 7.39
N GLY D 116 13.48 -33.32 8.48
CA GLY D 116 14.37 -34.46 8.42
C GLY D 116 13.65 -35.80 8.45
N TYR D 117 12.85 -36.01 9.49
CA TYR D 117 12.08 -37.24 9.65
C TYR D 117 11.39 -37.62 8.35
N MET D 118 11.65 -38.83 7.86
CA MET D 118 11.05 -39.37 6.64
C MET D 118 10.18 -40.56 7.01
N THR D 119 8.89 -40.33 7.18
CA THR D 119 7.98 -41.40 7.56
C THR D 119 7.33 -42.02 6.33
N ARG D 120 6.14 -42.57 6.51
CA ARG D 120 5.30 -43.00 5.39
C ARG D 120 4.33 -41.92 4.96
N HIS D 121 4.40 -40.74 5.58
CA HIS D 121 3.63 -39.57 5.19
C HIS D 121 4.51 -38.34 5.39
N ASN D 122 4.35 -37.34 4.53
CA ASN D 122 5.26 -36.21 4.50
C ASN D 122 4.52 -34.91 4.21
N ASN D 123 5.17 -33.80 4.58
CA ASN D 123 4.65 -32.44 4.42
C ASN D 123 3.22 -32.30 4.93
N LEU D 124 2.82 -33.18 5.84
CA LEU D 124 1.46 -33.17 6.37
C LEU D 124 1.35 -32.14 7.48
N ASP D 125 0.30 -31.33 7.43
CA ASP D 125 0.07 -30.33 8.47
C ASP D 125 -1.40 -30.36 8.85
N LEU D 126 -1.70 -30.91 10.03
CA LEU D 126 -3.05 -30.86 10.60
C LEU D 126 -3.00 -30.33 12.02
N VAL D 127 -4.10 -30.48 12.75
CA VAL D 127 -4.21 -30.01 14.12
C VAL D 127 -5.40 -30.71 14.76
N ILE D 128 -5.18 -31.32 15.93
CA ILE D 128 -6.22 -32.08 16.60
C ILE D 128 -6.78 -31.26 17.74
N ILE D 129 -8.10 -31.20 17.81
CA ILE D 129 -8.81 -30.45 18.84
C ILE D 129 -9.65 -31.45 19.64
N ARG D 130 -9.44 -31.48 20.95
CA ARG D 130 -9.98 -32.54 21.78
C ARG D 130 -10.50 -31.97 23.08
N GLU D 131 -11.75 -32.29 23.41
CA GLU D 131 -12.32 -31.92 24.71
C GLU D 131 -11.76 -32.84 25.79
N GLN D 132 -11.68 -32.33 27.02
CA GLN D 132 -11.01 -33.08 28.08
C GLN D 132 -11.83 -33.30 29.34
N THR D 133 -12.96 -32.63 29.52
CA THR D 133 -13.80 -32.85 30.70
C THR D 133 -14.82 -33.98 30.49
N GLU D 134 -15.70 -33.82 29.50
CA GLU D 134 -16.79 -34.77 29.31
C GLU D 134 -16.36 -36.07 28.65
N GLY D 135 -17.30 -36.73 27.96
CA GLY D 135 -16.99 -38.06 27.47
C GLY D 135 -16.96 -39.05 28.61
N GLU D 136 -16.45 -40.24 28.31
CA GLU D 136 -16.37 -41.33 29.28
C GLU D 136 -15.37 -41.04 30.40
N TYR D 137 -14.48 -40.07 30.23
CA TYR D 137 -13.37 -39.84 31.13
C TYR D 137 -13.81 -39.37 32.52
N SER D 138 -15.11 -39.42 32.81
CA SER D 138 -15.68 -38.94 34.06
C SER D 138 -15.93 -40.06 35.07
N SER D 139 -15.35 -41.25 34.84
CA SER D 139 -15.43 -42.38 35.76
C SER D 139 -16.80 -42.55 36.39
N LEU D 140 -17.79 -42.91 35.57
CA LEU D 140 -19.16 -43.10 36.01
C LEU D 140 -19.53 -44.55 35.73
N GLU D 141 -19.26 -45.42 36.70
CA GLU D 141 -19.41 -46.85 36.55
C GLU D 141 -20.01 -47.43 37.82
N HIS D 142 -20.73 -48.54 37.65
CA HIS D 142 -21.34 -49.25 38.78
C HIS D 142 -21.57 -50.69 38.35
N GLU D 143 -22.10 -51.47 39.28
CA GLU D 143 -22.51 -52.84 38.99
C GLU D 143 -24.03 -52.90 39.00
N SER D 144 -24.61 -53.30 37.86
CA SER D 144 -26.04 -53.57 37.84
C SER D 144 -26.35 -54.91 38.48
N ALA D 145 -25.55 -55.93 38.17
CA ALA D 145 -25.61 -57.24 38.82
C ALA D 145 -24.27 -57.91 38.59
N ARG D 146 -24.10 -59.10 39.18
CA ARG D 146 -22.81 -59.79 39.15
C ARG D 146 -22.27 -59.88 37.72
N GLY D 147 -21.16 -59.19 37.48
CA GLY D 147 -20.56 -59.21 36.16
C GLY D 147 -21.41 -58.57 35.09
N VAL D 148 -22.10 -57.48 35.43
CA VAL D 148 -22.87 -56.69 34.48
C VAL D 148 -22.56 -55.23 34.80
N ILE D 149 -21.52 -54.68 34.17
CA ILE D 149 -21.00 -53.36 34.49
C ILE D 149 -21.51 -52.35 33.47
N GLU D 150 -21.96 -51.20 33.97
CA GLU D 150 -22.62 -50.18 33.16
C GLU D 150 -21.84 -48.88 33.27
N CYS D 151 -21.37 -48.38 32.14
CA CYS D 151 -20.57 -47.17 32.14
C CYS D 151 -21.07 -46.04 31.28
N LEU D 152 -21.12 -44.87 31.90
CA LEU D 152 -21.60 -43.64 31.31
C LEU D 152 -20.75 -42.94 30.28
N LYS D 153 -21.42 -42.33 29.31
CA LYS D 153 -20.78 -41.53 28.27
C LYS D 153 -21.47 -40.22 28.50
N ILE D 154 -20.73 -39.15 28.70
CA ILE D 154 -21.36 -37.88 28.98
C ILE D 154 -20.91 -36.78 28.07
N VAL D 155 -21.88 -36.05 27.56
CA VAL D 155 -21.61 -34.93 26.72
C VAL D 155 -22.45 -33.80 27.22
N THR D 156 -21.85 -32.64 27.38
CA THR D 156 -22.56 -31.50 27.88
C THR D 156 -22.68 -30.57 26.70
N ARG D 157 -23.87 -30.04 26.38
CA ARG D 157 -23.95 -29.16 25.22
C ARG D 157 -23.31 -27.82 25.52
N ALA D 158 -22.92 -27.65 26.77
CA ALA D 158 -22.18 -26.45 27.11
C ALA D 158 -20.76 -26.80 26.72
N LYS D 159 -20.15 -27.75 27.43
CA LYS D 159 -18.75 -28.07 27.18
C LYS D 159 -18.50 -28.58 25.78
N SER D 160 -19.57 -28.86 25.01
CA SER D 160 -19.45 -29.16 23.60
C SER D 160 -19.56 -27.91 22.74
N GLN D 161 -20.48 -27.01 23.08
CA GLN D 161 -20.53 -25.72 22.37
C GLN D 161 -19.21 -24.97 22.55
N ARG D 162 -18.61 -25.05 23.73
CA ARG D 162 -17.40 -24.29 23.99
C ARG D 162 -16.21 -24.88 23.22
N ILE D 163 -16.14 -26.20 23.10
CA ILE D 163 -15.01 -26.75 22.37
C ILE D 163 -15.23 -26.53 20.88
N ALA D 164 -16.48 -26.49 20.43
CA ALA D 164 -16.76 -26.06 19.07
C ALA D 164 -16.46 -24.57 18.90
N LYS D 165 -16.69 -23.78 19.94
CA LYS D 165 -16.36 -22.36 19.91
C LYS D 165 -14.85 -22.16 19.78
N PHE D 166 -14.07 -22.84 20.63
CA PHE D 166 -12.62 -22.82 20.49
C PHE D 166 -12.18 -23.39 19.15
N ALA D 167 -12.97 -24.30 18.57
CA ALA D 167 -12.55 -25.00 17.36
C ALA D 167 -12.41 -24.04 16.18
N PHE D 168 -13.43 -23.22 15.94
CA PHE D 168 -13.36 -22.34 14.78
C PHE D 168 -12.50 -21.12 15.04
N ASP D 169 -12.60 -20.53 16.24
CA ASP D 169 -11.79 -19.36 16.55
C ASP D 169 -10.31 -19.65 16.42
N TYR D 170 -9.90 -20.90 16.63
CA TYR D 170 -8.53 -21.29 16.29
C TYR D 170 -8.35 -21.33 14.78
N ALA D 171 -9.35 -21.83 14.06
CA ALA D 171 -9.23 -21.92 12.60
C ALA D 171 -9.06 -20.53 11.99
N THR D 172 -9.80 -19.55 12.49
CA THR D 172 -9.65 -18.18 11.98
C THR D 172 -8.35 -17.56 12.46
N LYS D 173 -7.98 -17.79 13.72
CA LYS D 173 -6.78 -17.16 14.25
C LYS D 173 -5.53 -17.69 13.55
N LYS D 174 -5.52 -18.97 13.22
CA LYS D 174 -4.40 -19.58 12.51
C LYS D 174 -4.67 -19.72 11.02
N GLY D 175 -5.78 -19.17 10.53
CA GLY D 175 -6.03 -19.09 9.10
C GLY D 175 -6.34 -20.40 8.41
N ARG D 176 -6.75 -21.42 9.16
CA ARG D 176 -6.93 -22.74 8.57
C ARG D 176 -8.17 -22.76 7.66
N GLY D 177 -8.26 -23.79 6.84
CA GLY D 177 -9.36 -23.94 5.92
C GLY D 177 -10.64 -24.39 6.61
N LYS D 178 -10.84 -25.71 6.67
CA LYS D 178 -12.07 -26.32 7.14
C LYS D 178 -11.82 -27.13 8.41
N VAL D 179 -12.76 -27.07 9.33
CA VAL D 179 -12.79 -28.02 10.44
C VAL D 179 -13.72 -29.15 10.02
N THR D 180 -13.45 -30.34 10.55
CA THR D 180 -14.27 -31.52 10.27
C THR D 180 -14.55 -32.22 11.59
N ALA D 181 -15.83 -32.24 11.98
CA ALA D 181 -16.21 -32.80 13.27
C ALA D 181 -16.33 -34.32 13.17
N VAL D 182 -15.64 -35.02 14.08
CA VAL D 182 -15.65 -36.47 14.12
C VAL D 182 -16.67 -36.91 15.16
N HIS D 183 -17.31 -38.05 14.91
CA HIS D 183 -18.46 -38.46 15.72
C HIS D 183 -18.73 -39.93 15.48
N LYS D 184 -19.65 -40.47 16.28
CA LYS D 184 -20.25 -41.77 16.05
C LYS D 184 -21.75 -41.68 16.31
N ALA D 185 -22.32 -40.52 15.99
CA ALA D 185 -23.73 -40.25 16.29
C ALA D 185 -24.68 -41.18 15.56
N ASN D 186 -24.24 -41.87 14.51
CA ASN D 186 -25.08 -42.88 13.89
C ASN D 186 -25.36 -44.05 14.84
N ILE D 187 -24.67 -44.11 15.98
CA ILE D 187 -24.97 -45.05 17.05
C ILE D 187 -25.65 -44.30 18.18
N MET D 188 -24.88 -43.48 18.90
CA MET D 188 -25.42 -42.64 19.97
C MET D 188 -26.06 -41.41 19.33
N LYS D 189 -27.30 -41.61 18.86
CA LYS D 189 -27.99 -40.60 18.05
C LYS D 189 -28.27 -39.33 18.85
N LEU D 190 -28.38 -39.43 20.17
CA LEU D 190 -28.66 -38.29 21.02
C LEU D 190 -27.44 -37.82 21.81
N GLY D 191 -26.37 -38.60 21.85
CA GLY D 191 -25.15 -38.22 22.54
C GLY D 191 -24.21 -37.43 21.66
N ASP D 192 -23.51 -38.13 20.75
CA ASP D 192 -22.80 -37.41 19.71
C ASP D 192 -23.74 -36.59 18.85
N GLY D 193 -24.99 -37.05 18.71
CA GLY D 193 -25.99 -36.27 17.98
C GLY D 193 -26.18 -34.89 18.57
N LEU D 194 -26.26 -34.81 19.90
CA LEU D 194 -26.32 -33.51 20.56
C LEU D 194 -25.05 -32.72 20.27
N PHE D 195 -23.89 -33.34 20.46
CA PHE D 195 -22.63 -32.66 20.19
C PHE D 195 -22.52 -32.27 18.72
N LEU D 196 -22.94 -33.16 17.82
CA LEU D 196 -22.90 -32.84 16.39
C LEU D 196 -23.73 -31.60 16.08
N GLN D 197 -24.88 -31.45 16.76
CA GLN D 197 -25.73 -30.29 16.51
C GLN D 197 -25.04 -29.02 16.96
N CYS D 198 -24.43 -29.04 18.16
CA CYS D 198 -23.76 -27.84 18.67
C CYS D 198 -22.69 -27.35 17.71
N CYS D 199 -22.08 -28.25 16.96
CA CYS D 199 -21.06 -27.85 15.99
C CYS D 199 -21.69 -27.13 14.80
N GLU D 200 -22.71 -27.75 14.18
CA GLU D 200 -23.40 -27.09 13.08
C GLU D 200 -24.00 -25.75 13.52
N GLU D 201 -24.51 -25.69 14.76
CA GLU D 201 -25.03 -24.43 15.28
C GLU D 201 -23.93 -23.39 15.37
N VAL D 202 -22.68 -23.82 15.48
CA VAL D 202 -21.52 -22.92 15.47
C VAL D 202 -20.88 -22.85 14.09
N ALA D 203 -20.86 -23.97 13.36
CA ALA D 203 -20.30 -23.97 12.01
C ALA D 203 -21.04 -23.01 11.10
N GLU D 204 -22.34 -22.82 11.32
CA GLU D 204 -23.09 -21.81 10.59
C GLU D 204 -22.65 -20.40 10.99
N LEU D 205 -21.95 -20.25 12.11
CA LEU D 205 -21.58 -18.94 12.60
C LEU D 205 -20.25 -18.46 12.04
N TYR D 206 -19.43 -19.35 11.50
CA TYR D 206 -18.14 -19.00 10.90
C TYR D 206 -18.17 -19.35 9.42
N PRO D 207 -19.02 -18.68 8.64
CA PRO D 207 -19.30 -19.15 7.27
C PRO D 207 -18.11 -19.09 6.33
N LYS D 208 -17.03 -18.39 6.70
CA LYS D 208 -15.82 -18.42 5.90
C LYS D 208 -15.15 -19.80 5.89
N ILE D 209 -15.53 -20.66 6.83
CA ILE D 209 -14.86 -21.94 7.06
C ILE D 209 -15.82 -23.07 6.70
N LYS D 210 -15.47 -23.83 5.67
CA LYS D 210 -16.23 -25.04 5.34
C LYS D 210 -16.18 -26.02 6.50
N PHE D 211 -17.14 -26.94 6.53
CA PHE D 211 -17.29 -27.76 7.72
C PHE D 211 -17.88 -29.11 7.37
N GLU D 212 -17.20 -30.18 7.76
CA GLU D 212 -17.60 -31.55 7.47
C GLU D 212 -17.92 -32.30 8.76
N THR D 213 -18.59 -33.44 8.62
CA THR D 213 -18.89 -34.34 9.73
C THR D 213 -18.57 -35.75 9.28
N MET D 214 -17.53 -36.35 9.85
CA MET D 214 -17.08 -37.67 9.45
C MET D 214 -17.30 -38.68 10.57
N ILE D 215 -17.88 -39.82 10.21
CA ILE D 215 -18.04 -40.94 11.14
C ILE D 215 -16.64 -41.34 11.64
N ILE D 216 -16.54 -41.62 12.94
CA ILE D 216 -15.24 -41.68 13.61
C ILE D 216 -14.29 -42.65 12.90
N ASP D 217 -14.69 -43.91 12.78
CA ASP D 217 -13.84 -44.90 12.13
C ASP D 217 -13.42 -44.46 10.74
N ASN D 218 -14.39 -44.06 9.91
CA ASN D 218 -14.12 -43.67 8.54
C ASN D 218 -13.05 -42.60 8.46
N CYS D 219 -12.96 -41.74 9.48
CA CYS D 219 -11.81 -40.84 9.59
C CYS D 219 -10.53 -41.63 9.78
N CYS D 220 -10.45 -42.41 10.86
CA CYS D 220 -9.23 -43.17 11.17
C CYS D 220 -8.78 -44.02 9.99
N MET D 221 -9.71 -44.49 9.17
CA MET D 221 -9.33 -45.17 7.93
C MET D 221 -8.68 -44.18 6.97
N GLN D 222 -9.43 -43.15 6.57
CA GLN D 222 -8.89 -42.12 5.67
C GLN D 222 -7.59 -41.53 6.18
N LEU D 223 -7.42 -41.44 7.51
CA LEU D 223 -6.19 -40.89 8.06
C LEU D 223 -4.96 -41.72 7.71
N VAL D 224 -5.11 -43.00 7.38
CA VAL D 224 -3.95 -43.79 7.02
C VAL D 224 -3.79 -43.78 5.51
N GLN D 225 -4.89 -43.61 4.80
CA GLN D 225 -4.84 -43.57 3.33
C GLN D 225 -4.50 -42.16 2.84
N ASN D 226 -5.34 -41.19 3.17
CA ASN D 226 -5.12 -39.80 2.76
C ASN D 226 -5.56 -38.89 3.89
N PRO D 227 -4.74 -38.74 4.94
CA PRO D 227 -5.02 -37.74 5.98
C PRO D 227 -4.82 -36.32 5.48
N TYR D 228 -4.23 -36.14 4.30
CA TYR D 228 -4.02 -34.81 3.74
C TYR D 228 -5.34 -34.11 3.43
N GLN D 229 -6.44 -34.85 3.39
CA GLN D 229 -7.73 -34.26 3.05
C GLN D 229 -8.29 -33.40 4.17
N PHE D 230 -7.84 -33.61 5.40
CA PHE D 230 -8.42 -32.91 6.54
C PHE D 230 -7.71 -31.58 6.74
N ASP D 231 -8.16 -30.83 7.75
CA ASP D 231 -7.41 -29.68 8.24
C ASP D 231 -7.49 -29.65 9.76
N VAL D 232 -8.61 -29.16 10.29
CA VAL D 232 -8.86 -29.12 11.73
C VAL D 232 -9.86 -30.20 12.08
N LEU D 233 -9.65 -30.85 13.22
CA LEU D 233 -10.49 -31.93 13.68
C LEU D 233 -10.93 -31.66 15.12
N VAL D 234 -12.24 -31.66 15.35
CA VAL D 234 -12.82 -31.44 16.66
C VAL D 234 -13.64 -32.66 17.03
N MET D 235 -13.59 -33.06 18.30
CA MET D 235 -14.19 -34.32 18.72
C MET D 235 -14.25 -34.34 20.25
N PRO D 236 -15.09 -35.21 20.83
CA PRO D 236 -15.06 -35.43 22.29
C PRO D 236 -13.75 -36.05 22.77
N ASN D 237 -13.69 -36.40 24.06
CA ASN D 237 -12.42 -36.85 24.63
C ASN D 237 -12.03 -38.22 24.12
N LEU D 238 -12.98 -39.17 24.09
CA LEU D 238 -12.63 -40.54 23.75
C LEU D 238 -12.07 -40.63 22.32
N TYR D 239 -12.80 -40.07 21.36
CA TYR D 239 -12.27 -39.99 20.01
C TYR D 239 -10.97 -39.19 19.97
N GLY D 240 -10.84 -38.19 20.83
CA GLY D 240 -9.63 -37.41 20.93
C GLY D 240 -8.41 -38.24 21.24
N ASN D 241 -8.35 -38.79 22.46
CA ASN D 241 -7.24 -39.64 22.87
C ASN D 241 -6.96 -40.74 21.86
N ILE D 242 -7.96 -41.16 21.08
CA ILE D 242 -7.74 -42.11 20.00
C ILE D 242 -6.98 -41.46 18.85
N ILE D 243 -7.57 -40.41 18.28
CA ILE D 243 -6.99 -39.79 17.09
C ILE D 243 -5.62 -39.20 17.40
N ASP D 244 -5.44 -38.68 18.62
CA ASP D 244 -4.18 -38.07 19.00
C ASP D 244 -2.99 -39.01 18.76
N ASN D 245 -3.14 -40.27 19.16
CA ASN D 245 -2.02 -41.21 19.07
C ASN D 245 -1.87 -41.76 17.65
N LEU D 246 -2.99 -42.01 16.97
CA LEU D 246 -2.95 -42.37 15.55
C LEU D 246 -2.17 -41.32 14.75
N ALA D 247 -2.52 -40.05 14.95
CA ALA D 247 -1.93 -38.97 14.15
C ALA D 247 -0.43 -38.86 14.40
N ALA D 248 -0.02 -38.81 15.66
CA ALA D 248 1.38 -38.63 15.99
C ALA D 248 2.25 -39.71 15.37
N GLY D 249 1.73 -40.94 15.25
CA GLY D 249 2.48 -41.99 14.61
C GLY D 249 2.80 -41.67 13.16
N LEU D 250 1.86 -41.01 12.46
CA LEU D 250 2.12 -40.59 11.08
C LEU D 250 3.27 -39.60 11.01
N VAL D 251 3.22 -38.55 11.81
CA VAL D 251 4.20 -37.48 11.69
C VAL D 251 5.58 -37.95 12.15
N GLY D 252 5.63 -38.77 13.20
CA GLY D 252 6.90 -39.28 13.64
C GLY D 252 6.04 -39.59 14.86
N GLY D 253 6.65 -40.11 15.92
CA GLY D 253 5.93 -40.50 17.11
C GLY D 253 5.96 -39.56 18.29
N ALA D 254 5.60 -40.12 19.45
CA ALA D 254 5.55 -39.34 20.68
C ALA D 254 6.85 -38.60 21.00
N GLY D 255 7.94 -38.85 20.27
CA GLY D 255 9.18 -38.15 20.55
C GLY D 255 9.26 -36.76 19.97
N VAL D 256 8.40 -36.41 19.02
CA VAL D 256 8.51 -35.12 18.34
C VAL D 256 7.23 -34.31 18.48
N VAL D 257 6.10 -34.99 18.63
CA VAL D 257 4.80 -34.31 18.50
C VAL D 257 4.49 -33.48 19.73
N PRO D 258 4.38 -32.16 19.61
CA PRO D 258 4.11 -31.32 20.78
C PRO D 258 2.62 -31.12 21.04
N GLY D 259 2.31 -30.71 22.27
CA GLY D 259 0.93 -30.47 22.63
C GLY D 259 0.66 -29.30 23.55
N GLU D 260 -0.49 -28.66 23.34
CA GLU D 260 -0.92 -27.54 24.17
C GLU D 260 -2.36 -27.77 24.63
N SER D 261 -2.66 -27.30 25.83
CA SER D 261 -4.01 -27.37 26.37
C SER D 261 -4.31 -26.04 27.05
N TYR D 262 -5.13 -25.21 26.41
CA TYR D 262 -5.52 -23.93 26.96
C TYR D 262 -6.71 -24.08 27.89
N SER D 263 -7.10 -22.93 28.42
CA SER D 263 -8.23 -22.73 29.36
C SER D 263 -8.81 -21.35 29.15
N ALA D 264 -9.57 -20.94 30.14
CA ALA D 264 -10.12 -19.58 30.10
C ALA D 264 -8.92 -18.64 30.10
N GLU D 265 -7.99 -18.84 31.03
CA GLU D 265 -6.86 -17.89 31.04
C GLU D 265 -5.56 -18.65 31.03
N TYR D 266 -5.50 -19.72 31.82
CA TYR D 266 -4.27 -20.52 31.93
C TYR D 266 -4.06 -21.30 30.62
N ALA D 267 -2.84 -21.69 30.37
CA ALA D 267 -2.41 -22.37 29.15
C ALA D 267 -1.30 -23.35 29.51
N VAL D 268 -1.45 -24.59 29.06
CA VAL D 268 -0.54 -25.67 29.40
C VAL D 268 0.06 -26.24 28.14
N PHE D 269 1.31 -26.72 28.26
CA PHE D 269 2.04 -27.31 27.15
C PHE D 269 2.57 -28.66 27.60
N GLU D 270 2.21 -29.71 26.87
CA GLU D 270 2.64 -31.06 27.22
C GLU D 270 3.03 -31.81 25.96
N THR D 271 3.48 -33.04 26.13
CA THR D 271 3.69 -33.91 25.00
C THR D 271 2.35 -34.20 24.32
N GLY D 272 2.41 -34.44 23.01
CA GLY D 272 1.20 -34.73 22.26
C GLY D 272 0.56 -36.04 22.68
N ALA D 273 1.23 -37.14 22.40
CA ALA D 273 0.76 -38.46 22.77
C ALA D 273 1.19 -38.78 24.22
N ARG D 274 0.73 -39.93 24.71
CA ARG D 274 0.99 -40.37 26.07
C ARG D 274 2.50 -40.41 26.37
N HIS D 275 3.18 -41.35 25.73
CA HIS D 275 4.65 -41.45 25.89
C HIS D 275 5.16 -42.66 25.12
N PRO D 276 6.46 -42.91 25.06
CA PRO D 276 6.93 -44.04 24.33
C PRO D 276 6.51 -45.16 25.28
N PHE D 277 5.84 -46.18 24.75
CA PHE D 277 5.37 -47.24 25.66
C PHE D 277 6.57 -47.93 26.31
N ALA D 278 7.61 -48.20 25.52
CA ALA D 278 8.80 -48.93 26.02
C ALA D 278 9.41 -48.22 27.23
N GLN D 279 9.86 -48.99 28.21
CA GLN D 279 10.40 -48.36 29.43
C GLN D 279 11.86 -48.02 29.19
N ALA D 280 12.13 -46.97 28.43
CA ALA D 280 13.52 -46.51 28.27
C ALA D 280 13.96 -46.01 29.65
N VAL D 281 13.08 -45.27 30.28
CA VAL D 281 13.22 -44.90 31.71
C VAL D 281 14.58 -44.36 32.07
N GLY D 282 14.91 -43.18 31.57
CA GLY D 282 16.14 -42.57 32.03
C GLY D 282 17.34 -43.43 31.73
N ARG D 283 17.40 -43.95 30.52
CA ARG D 283 18.68 -44.54 30.06
C ARG D 283 19.31 -43.52 29.11
N ASN D 284 18.78 -42.29 29.09
CA ASN D 284 19.17 -41.15 28.23
C ASN D 284 18.96 -41.53 26.78
N ILE D 285 17.92 -42.31 26.48
CA ILE D 285 17.59 -42.72 25.09
C ILE D 285 16.23 -42.15 24.74
N ALA D 286 15.73 -41.18 25.48
CA ALA D 286 14.42 -40.64 25.09
C ALA D 286 14.65 -39.37 24.28
N ASN D 287 13.66 -38.99 23.48
CA ASN D 287 13.76 -37.86 22.58
C ASN D 287 13.12 -36.64 23.24
N PRO D 288 13.83 -35.52 23.38
CA PRO D 288 13.22 -34.33 23.98
C PRO D 288 12.46 -33.44 23.01
N THR D 289 12.40 -33.81 21.73
CA THR D 289 11.85 -32.91 20.71
C THR D 289 10.46 -32.43 21.08
N ALA D 290 9.54 -33.38 21.33
CA ALA D 290 8.14 -33.04 21.61
C ALA D 290 8.03 -31.99 22.70
N MET D 291 8.78 -32.17 23.79
CA MET D 291 8.84 -31.15 24.84
C MET D 291 9.33 -29.82 24.28
N LEU D 292 10.50 -29.83 23.63
CA LEU D 292 11.10 -28.59 23.15
C LEU D 292 10.17 -27.80 22.24
N LEU D 293 9.57 -28.49 21.26
CA LEU D 293 8.60 -27.83 20.39
C LEU D 293 7.46 -27.23 21.20
N SER D 294 6.83 -28.04 22.04
CA SER D 294 5.84 -27.49 22.97
C SER D 294 6.44 -26.39 23.82
N ALA D 295 7.70 -26.56 24.25
CA ALA D 295 8.34 -25.56 25.09
C ALA D 295 8.55 -24.26 24.33
N SER D 296 8.95 -24.34 23.06
CA SER D 296 9.08 -23.12 22.27
C SER D 296 7.70 -22.55 21.97
N ASN D 297 6.75 -23.39 21.57
CA ASN D 297 5.36 -22.95 21.46
C ASN D 297 4.85 -22.38 22.78
N MET D 298 5.55 -22.63 23.89
CA MET D 298 5.22 -21.97 25.15
C MET D 298 5.81 -20.56 25.22
N LEU D 299 7.05 -20.39 24.73
CA LEU D 299 7.62 -19.06 24.69
C LEU D 299 6.90 -18.17 23.68
N ARG D 300 6.32 -18.82 22.67
CA ARG D 300 5.60 -18.04 21.63
C ARG D 300 4.27 -17.56 22.19
N HIS D 301 3.85 -18.13 23.32
CA HIS D 301 2.75 -17.62 24.12
C HIS D 301 3.20 -16.67 25.21
N LEU D 302 4.46 -16.75 25.64
CA LEU D 302 4.97 -15.89 26.69
C LEU D 302 5.49 -14.57 26.16
N ASN D 303 5.25 -14.27 24.88
CA ASN D 303 5.65 -13.02 24.24
C ASN D 303 7.15 -12.84 24.21
N LEU D 304 7.90 -13.92 24.37
CA LEU D 304 9.35 -13.94 24.10
C LEU D 304 9.61 -14.46 22.69
N GLU D 305 8.82 -14.00 21.71
CA GLU D 305 8.82 -14.56 20.36
C GLU D 305 10.22 -14.67 19.76
N TYR D 306 11.19 -13.96 20.32
CA TYR D 306 12.60 -14.20 20.05
C TYR D 306 12.95 -15.64 20.39
N HIS D 307 12.99 -15.97 21.68
CA HIS D 307 13.53 -17.25 22.12
C HIS D 307 12.83 -18.43 21.46
N SER D 308 11.49 -18.37 21.39
CA SER D 308 10.73 -19.48 20.81
C SER D 308 11.10 -19.70 19.36
N SER D 309 11.16 -18.63 18.57
CA SER D 309 11.45 -18.74 17.15
C SER D 309 12.90 -19.14 16.89
N MET D 310 13.77 -19.01 17.89
CA MET D 310 15.13 -19.51 17.79
C MET D 310 15.19 -21.00 18.11
N ILE D 311 14.58 -21.39 19.24
CA ILE D 311 14.65 -22.77 19.72
C ILE D 311 14.09 -23.72 18.68
N ALA D 312 12.92 -23.38 18.12
CA ALA D 312 12.31 -24.22 17.09
C ALA D 312 13.26 -24.43 15.91
N ASP D 313 13.76 -23.33 15.34
CA ASP D 313 14.72 -23.43 14.25
C ASP D 313 15.92 -24.28 14.66
N ALA D 314 16.42 -24.08 15.88
CA ALA D 314 17.51 -24.90 16.38
C ALA D 314 17.12 -26.38 16.37
N VAL D 315 15.93 -26.68 16.86
CA VAL D 315 15.47 -28.08 16.85
C VAL D 315 15.15 -28.53 15.44
N LYS D 316 14.41 -27.70 14.70
CA LYS D 316 13.99 -28.08 13.35
C LYS D 316 15.20 -28.33 12.45
N LYS D 317 16.27 -27.55 12.62
CA LYS D 317 17.47 -27.74 11.82
C LYS D 317 18.13 -29.08 12.14
N VAL D 318 18.52 -29.28 13.40
CA VAL D 318 19.25 -30.48 13.79
C VAL D 318 18.54 -31.74 13.34
N ILE D 319 17.21 -31.71 13.27
CA ILE D 319 16.47 -32.82 12.70
C ILE D 319 16.77 -32.95 11.21
N LYS D 320 16.59 -31.86 10.45
CA LYS D 320 16.81 -31.93 9.01
C LYS D 320 18.26 -32.25 8.69
N VAL D 321 19.19 -31.96 9.60
CA VAL D 321 20.57 -32.41 9.44
C VAL D 321 20.62 -33.94 9.39
N GLY D 322 20.07 -34.58 10.41
CA GLY D 322 19.98 -36.02 10.46
C GLY D 322 21.22 -36.73 10.97
N LYS D 323 22.34 -36.01 11.14
CA LYS D 323 23.55 -36.63 11.66
C LYS D 323 23.36 -37.17 13.07
N VAL D 324 22.35 -36.69 13.79
CA VAL D 324 22.10 -37.09 15.16
C VAL D 324 20.63 -37.42 15.28
N ARG D 325 20.32 -38.69 15.58
CA ARG D 325 18.95 -39.09 15.83
C ARG D 325 18.92 -40.13 16.95
N THR D 326 17.77 -40.24 17.60
CA THR D 326 17.56 -41.19 18.68
C THR D 326 16.71 -42.36 18.20
N SER D 327 16.71 -43.43 19.01
CA SER D 327 16.10 -44.72 18.67
C SER D 327 14.79 -44.60 17.90
N ASP D 328 13.93 -43.66 18.31
CA ASP D 328 12.62 -43.53 17.67
C ASP D 328 12.71 -43.00 16.26
N MET D 329 13.86 -42.43 15.86
CA MET D 329 13.97 -41.72 14.60
C MET D 329 15.04 -42.35 13.70
N GLY D 330 15.11 -43.68 13.68
CA GLY D 330 16.06 -44.34 12.79
C GLY D 330 17.52 -44.12 13.10
N GLY D 331 17.85 -43.67 14.31
CA GLY D 331 19.23 -43.48 14.71
C GLY D 331 19.44 -43.99 16.12
N TYR D 332 20.70 -43.94 16.55
CA TYR D 332 21.10 -44.36 17.90
C TYR D 332 22.01 -43.28 18.46
N ALA D 333 21.52 -42.52 19.43
CA ALA D 333 22.30 -41.45 20.05
C ALA D 333 21.62 -41.05 21.35
N THR D 334 22.43 -40.69 22.34
CA THR D 334 21.90 -40.43 23.66
C THR D 334 21.07 -39.16 23.68
N CYS D 335 20.24 -39.05 24.70
CA CYS D 335 19.46 -37.82 24.89
C CYS D 335 20.38 -36.62 25.00
N HIS D 336 21.37 -36.70 25.90
CA HIS D 336 22.32 -35.60 26.06
C HIS D 336 23.19 -35.43 24.82
N ASP D 337 23.47 -36.52 24.09
CA ASP D 337 24.07 -36.38 22.77
C ASP D 337 23.22 -35.49 21.88
N PHE D 338 21.93 -35.81 21.79
CA PHE D 338 21.01 -35.00 21.00
C PHE D 338 20.80 -33.63 21.64
N THR D 339 20.76 -33.58 22.97
CA THR D 339 20.48 -32.31 23.63
C THR D 339 21.64 -31.32 23.46
N GLU D 340 22.87 -31.79 23.64
CA GLU D 340 24.02 -30.91 23.39
C GLU D 340 24.01 -30.38 21.97
N GLU D 341 23.73 -31.24 21.00
CA GLU D 341 23.75 -30.78 19.61
C GLU D 341 22.64 -29.78 19.33
N ILE D 342 21.55 -29.86 20.09
CA ILE D 342 20.60 -28.75 20.08
C ILE D 342 21.23 -27.51 20.68
N CYS D 343 21.93 -27.69 21.80
CA CYS D 343 22.61 -26.58 22.47
C CYS D 343 23.75 -26.05 21.62
N ARG D 344 24.50 -26.93 20.96
CA ARG D 344 25.61 -26.49 20.12
C ARG D 344 25.10 -25.67 18.94
N ARG D 345 24.12 -26.22 18.21
CA ARG D 345 23.55 -25.56 17.04
C ARG D 345 22.67 -24.33 17.42
N VAL D 346 22.64 -23.93 18.69
CA VAL D 346 21.94 -22.73 19.12
C VAL D 346 22.90 -21.72 19.76
N LYS D 347 24.17 -22.08 19.95
CA LYS D 347 25.15 -21.15 20.51
C LYS D 347 25.78 -20.24 19.47
N ASP D 348 26.10 -20.78 18.29
CA ASP D 348 26.65 -19.98 17.21
C ASP D 348 25.61 -19.02 16.65
N VAL E 4 -30.74 64.62 3.18
CA VAL E 4 -31.30 64.29 4.47
C VAL E 4 -32.27 63.12 4.32
N GLN E 5 -32.19 62.14 5.23
CA GLN E 5 -33.01 60.95 5.18
C GLN E 5 -33.42 60.56 6.60
N THR E 6 -34.62 59.99 6.73
CA THR E 6 -35.22 59.67 8.02
C THR E 6 -35.10 58.18 8.33
N VAL E 7 -34.78 57.86 9.58
CA VAL E 7 -34.60 56.48 10.03
C VAL E 7 -35.41 56.27 11.29
N THR E 8 -36.26 55.24 11.29
CA THR E 8 -36.96 54.82 12.50
C THR E 8 -35.97 54.14 13.45
N LEU E 9 -35.82 54.69 14.64
CA LEU E 9 -34.94 54.15 15.66
C LEU E 9 -35.76 53.64 16.84
N ILE E 10 -35.19 52.68 17.56
CA ILE E 10 -35.78 52.18 18.80
C ILE E 10 -34.82 51.98 19.97
N PRO E 11 -35.10 52.57 21.15
CA PRO E 11 -34.12 52.55 22.24
C PRO E 11 -33.94 51.17 22.85
N GLY E 12 -35.02 50.52 23.25
CA GLY E 12 -34.93 49.17 23.78
C GLY E 12 -34.65 49.13 25.26
N ASP E 13 -34.31 47.94 25.74
CA ASP E 13 -34.07 47.69 27.16
C ASP E 13 -32.58 47.77 27.48
N GLY E 14 -32.29 47.85 28.78
CA GLY E 14 -30.92 47.85 29.24
C GLY E 14 -30.16 49.08 28.78
N ILE E 15 -28.94 48.85 28.30
CA ILE E 15 -28.07 49.90 27.79
C ILE E 15 -28.58 50.42 26.45
N GLY E 16 -29.67 49.82 25.97
CA GLY E 16 -30.25 50.16 24.69
C GLY E 16 -30.37 51.65 24.40
N PRO E 17 -31.06 52.40 25.27
CA PRO E 17 -31.11 53.86 25.09
C PRO E 17 -29.78 54.54 25.37
N GLU E 18 -29.01 54.04 26.34
CA GLU E 18 -27.73 54.62 26.70
C GLU E 18 -26.71 54.51 25.55
N ILE E 19 -26.86 53.52 24.69
CA ILE E 19 -26.00 53.37 23.52
C ILE E 19 -26.63 53.91 22.25
N SER E 20 -27.97 53.95 22.16
CA SER E 20 -28.61 54.50 20.97
C SER E 20 -28.31 55.97 20.82
N ALA E 21 -28.21 56.70 21.93
CA ALA E 21 -27.84 58.10 21.91
C ALA E 21 -26.34 58.29 21.74
N ALA E 22 -25.53 57.31 22.13
CA ALA E 22 -24.12 57.35 21.77
C ALA E 22 -23.90 57.24 20.27
N VAL E 23 -24.87 56.68 19.54
CA VAL E 23 -24.77 56.58 18.08
C VAL E 23 -25.25 57.86 17.42
N MET E 24 -26.44 58.34 17.81
CA MET E 24 -26.94 59.60 17.28
C MET E 24 -26.02 60.77 17.59
N LYS E 25 -25.18 60.67 18.63
CA LYS E 25 -24.21 61.71 18.94
C LYS E 25 -22.96 61.60 18.07
N ILE E 26 -22.57 60.39 17.69
CA ILE E 26 -21.45 60.21 16.78
C ILE E 26 -21.85 60.40 15.32
N PHE E 27 -23.10 60.06 14.97
CA PHE E 27 -23.59 60.34 13.63
C PHE E 27 -23.81 61.83 13.42
N ASP E 28 -24.12 62.57 14.49
CA ASP E 28 -24.08 64.02 14.43
C ASP E 28 -22.64 64.51 14.24
N ALA E 29 -21.68 63.82 14.87
CA ALA E 29 -20.27 64.19 14.75
C ALA E 29 -19.64 63.69 13.46
N ALA E 30 -20.26 62.72 12.79
CA ALA E 30 -19.75 62.22 11.53
C ALA E 30 -20.34 62.93 10.32
N LYS E 31 -21.17 63.96 10.55
CA LYS E 31 -21.96 64.58 9.50
C LYS E 31 -22.74 63.52 8.72
N ALA E 32 -23.46 62.69 9.46
CA ALA E 32 -24.27 61.63 8.86
C ALA E 32 -25.62 62.22 8.47
N PRO E 33 -25.95 62.29 7.18
CA PRO E 33 -27.24 62.88 6.78
C PRO E 33 -28.43 62.07 7.29
N ILE E 34 -28.65 62.08 8.60
CA ILE E 34 -29.68 61.26 9.21
C ILE E 34 -30.46 62.10 10.22
N GLN E 35 -31.76 62.23 9.98
CA GLN E 35 -32.70 62.70 10.98
C GLN E 35 -33.38 61.48 11.59
N TRP E 36 -33.20 61.29 12.89
CA TRP E 36 -33.69 60.08 13.54
C TRP E 36 -35.18 60.20 13.82
N GLU E 37 -35.76 59.11 14.32
CA GLU E 37 -37.20 59.02 14.51
C GLU E 37 -37.44 57.92 15.53
N GLU E 38 -37.79 58.29 16.75
CA GLU E 38 -37.74 57.39 17.90
C GLU E 38 -39.13 56.79 18.15
N ARG E 39 -39.24 55.48 17.95
CA ARG E 39 -40.44 54.72 18.24
C ARG E 39 -40.11 53.58 19.21
N ASN E 40 -41.04 53.32 20.13
CA ASN E 40 -40.96 52.10 20.93
C ASN E 40 -41.86 51.04 20.30
N VAL E 41 -41.67 49.80 20.71
CA VAL E 41 -42.21 48.67 19.97
C VAL E 41 -42.71 47.55 20.87
N THR E 42 -42.89 47.84 22.16
CA THR E 42 -43.25 46.80 23.13
C THR E 42 -44.50 46.04 22.69
N ALA E 43 -44.43 44.71 22.79
CA ALA E 43 -45.49 43.84 22.31
C ALA E 43 -46.82 44.19 22.96
N ILE E 44 -47.87 44.24 22.13
CA ILE E 44 -49.20 44.62 22.58
C ILE E 44 -50.24 43.65 22.03
N GLN E 45 -51.31 43.46 22.80
CA GLN E 45 -52.43 42.59 22.44
C GLN E 45 -51.98 41.16 22.15
N TRP E 51 -51.66 38.85 18.38
CA TRP E 51 -50.62 39.77 18.84
C TRP E 51 -50.03 40.57 17.69
N MET E 52 -49.55 41.78 18.00
CA MET E 52 -48.94 42.64 16.99
C MET E 52 -48.06 43.67 17.70
N ILE E 53 -47.75 44.75 17.00
CA ILE E 53 -46.81 45.77 17.46
C ILE E 53 -47.57 47.10 17.62
N PRO E 54 -46.96 48.13 18.21
CA PRO E 54 -47.56 49.46 18.12
C PRO E 54 -47.79 49.87 16.67
N SER E 55 -48.97 50.42 16.39
CA SER E 55 -49.25 50.87 15.03
C SER E 55 -48.37 52.05 14.64
N GLU E 56 -48.00 52.91 15.59
CA GLU E 56 -47.07 54.00 15.32
C GLU E 56 -45.65 53.51 15.09
N ALA E 57 -45.34 52.27 15.47
CA ALA E 57 -44.12 51.61 15.03
C ALA E 57 -44.32 50.92 13.68
N LYS E 58 -45.50 50.33 13.47
CA LYS E 58 -45.82 49.69 12.20
C LYS E 58 -45.74 50.68 11.04
N GLU E 59 -46.22 51.92 11.25
CA GLU E 59 -46.15 52.92 10.19
C GLU E 59 -44.73 53.46 10.00
N SER E 60 -43.99 53.64 11.10
CA SER E 60 -42.70 54.32 11.03
C SER E 60 -41.73 53.65 10.06
N MET E 61 -41.78 52.32 9.95
CA MET E 61 -40.89 51.61 9.04
C MET E 61 -41.47 51.45 7.65
N ASP E 62 -42.80 51.45 7.51
CA ASP E 62 -43.41 51.31 6.19
C ASP E 62 -43.07 52.48 5.27
N LYS E 63 -42.63 53.60 5.83
CA LYS E 63 -42.19 54.76 5.05
C LYS E 63 -40.67 54.90 5.01
N ASN E 64 -39.99 54.58 6.11
CA ASN E 64 -38.55 54.83 6.19
C ASN E 64 -37.72 53.74 5.54
N LYS E 65 -38.19 52.50 5.55
CA LYS E 65 -37.57 51.33 4.92
C LYS E 65 -36.25 50.91 5.59
N MET E 66 -35.78 51.62 6.62
CA MET E 66 -34.56 51.27 7.32
C MET E 66 -34.73 51.52 8.82
N GLY E 67 -33.92 50.85 9.62
CA GLY E 67 -34.00 51.01 11.05
C GLY E 67 -32.89 50.35 11.85
N LEU E 68 -32.44 51.01 12.91
CA LEU E 68 -31.40 50.50 13.80
C LEU E 68 -32.05 50.00 15.08
N LYS E 69 -31.75 48.74 15.43
CA LYS E 69 -32.40 48.07 16.56
C LYS E 69 -31.36 47.63 17.59
N GLY E 70 -31.80 47.58 18.85
CA GLY E 70 -30.90 47.27 19.95
C GLY E 70 -31.36 46.10 20.80
N PRO E 71 -30.84 46.02 22.02
CA PRO E 71 -31.13 44.86 22.88
C PRO E 71 -32.57 44.84 23.34
N LEU E 72 -33.19 43.66 23.26
CA LEU E 72 -34.56 43.45 23.69
C LEU E 72 -34.61 42.30 24.69
N LYS E 73 -35.40 42.46 25.74
CA LYS E 73 -35.57 41.43 26.75
C LYS E 73 -36.75 40.54 26.38
N THR E 74 -37.07 39.58 27.26
CA THR E 74 -38.15 38.63 27.01
C THR E 74 -39.44 39.09 27.66
N PRO E 81 -44.52 34.56 22.98
CA PRO E 81 -43.84 34.64 21.69
C PRO E 81 -42.70 35.66 21.69
N SER E 82 -41.84 35.61 20.68
CA SER E 82 -40.65 36.42 20.62
C SER E 82 -40.85 37.63 19.72
N MET E 83 -40.18 38.73 20.06
CA MET E 83 -40.24 39.94 19.25
C MET E 83 -39.49 39.76 17.94
N ASN E 84 -38.38 39.01 17.98
CA ASN E 84 -37.61 38.76 16.76
C ASN E 84 -38.40 37.91 15.77
N LEU E 85 -39.33 37.08 16.27
CA LEU E 85 -40.24 36.37 15.40
C LEU E 85 -41.29 37.30 14.80
N LEU E 86 -41.67 38.35 15.52
CA LEU E 86 -42.72 39.25 15.05
C LEU E 86 -42.23 40.13 13.90
N LEU E 87 -41.14 40.86 14.11
CA LEU E 87 -40.56 41.67 13.03
C LEU E 87 -40.21 40.80 11.83
N ARG E 88 -39.84 39.55 12.06
CA ARG E 88 -39.61 38.59 10.98
C ARG E 88 -40.81 38.55 10.03
N LYS E 89 -41.97 38.17 10.54
CA LYS E 89 -43.16 38.04 9.72
C LYS E 89 -43.88 39.36 9.47
N THR E 90 -43.51 40.43 10.17
CA THR E 90 -44.15 41.73 9.94
C THR E 90 -43.82 42.26 8.55
N PHE E 91 -42.59 42.04 8.09
CA PHE E 91 -42.17 42.44 6.75
C PHE E 91 -41.60 41.28 5.95
N ASP E 92 -41.78 40.05 6.43
CA ASP E 92 -41.21 38.85 5.80
C ASP E 92 -39.69 38.96 5.71
N LEU E 93 -39.06 39.17 6.87
CA LEU E 93 -37.61 39.27 6.96
C LEU E 93 -37.16 37.91 6.43
N TYR E 94 -36.48 37.91 5.29
CA TYR E 94 -36.13 36.69 4.57
C TYR E 94 -34.60 36.60 4.49
N ALA E 95 -33.88 37.34 5.32
CA ALA E 95 -32.41 37.28 5.31
C ALA E 95 -31.85 37.87 6.59
N ASN E 96 -31.07 37.09 7.32
CA ASN E 96 -30.31 37.56 8.47
C ASN E 96 -28.83 37.56 8.06
N VAL E 97 -28.26 38.73 7.95
CA VAL E 97 -26.88 38.90 7.50
C VAL E 97 -26.02 39.26 8.71
N ARG E 98 -24.79 38.75 8.72
CA ARG E 98 -23.87 38.96 9.83
C ARG E 98 -22.44 38.99 9.32
N PRO E 99 -21.89 40.19 9.07
CA PRO E 99 -20.48 40.29 8.65
C PRO E 99 -19.55 40.29 9.86
N CYS E 100 -18.72 39.27 9.98
CA CYS E 100 -17.73 39.17 11.05
C CYS E 100 -16.35 39.44 10.47
N VAL E 101 -15.60 40.34 11.12
CA VAL E 101 -14.31 40.80 10.61
C VAL E 101 -13.34 40.89 11.78
N SER E 102 -12.08 40.58 11.52
CA SER E 102 -11.05 40.65 12.55
C SER E 102 -10.89 42.09 13.04
N ILE E 103 -10.38 42.23 14.26
CA ILE E 103 -10.25 43.52 14.93
C ILE E 103 -8.84 43.56 15.51
N GLU E 104 -7.92 44.22 14.81
CA GLU E 104 -6.58 44.41 15.34
C GLU E 104 -6.66 45.18 16.65
N GLY E 105 -5.91 44.71 17.65
CA GLY E 105 -6.01 45.24 18.99
C GLY E 105 -6.77 44.30 19.90
N TYR E 106 -8.03 44.02 19.54
CA TYR E 106 -8.83 43.02 20.23
C TYR E 106 -8.23 41.65 19.94
N LYS E 107 -7.48 41.11 20.89
CA LYS E 107 -6.69 39.90 20.67
C LYS E 107 -7.56 38.67 20.90
N THR E 108 -7.85 37.96 19.80
CA THR E 108 -8.49 36.65 19.80
C THR E 108 -7.62 35.67 19.02
N PRO E 109 -7.56 34.40 19.43
CA PRO E 109 -6.70 33.43 18.72
C PRO E 109 -6.94 33.30 17.22
N TYR E 110 -8.07 33.82 16.75
CA TYR E 110 -8.36 33.95 15.32
C TYR E 110 -8.18 35.36 14.79
N THR E 111 -7.11 35.58 14.00
CA THR E 111 -6.64 36.91 13.68
C THR E 111 -6.89 37.35 12.24
N ASP E 112 -6.94 36.42 11.29
CA ASP E 112 -7.19 36.75 9.90
C ASP E 112 -8.58 36.23 9.51
N VAL E 113 -9.59 37.03 9.82
CA VAL E 113 -10.98 36.67 9.58
C VAL E 113 -11.68 37.80 8.82
N ASN E 114 -12.48 37.44 7.83
CA ASN E 114 -13.30 38.39 7.09
C ASN E 114 -14.36 37.65 6.29
N ILE E 115 -15.46 37.28 6.95
CA ILE E 115 -16.51 36.47 6.35
C ILE E 115 -17.86 37.01 6.79
N VAL E 116 -18.84 36.93 5.89
CA VAL E 116 -20.19 37.40 6.14
C VAL E 116 -21.12 36.18 6.08
N THR E 117 -21.73 35.84 7.21
CA THR E 117 -22.71 34.76 7.24
C THR E 117 -24.04 35.30 6.73
N ILE E 118 -24.59 34.66 5.71
CA ILE E 118 -25.96 34.91 5.28
C ILE E 118 -26.84 33.82 5.87
N ARG E 119 -27.87 34.22 6.62
CA ARG E 119 -28.75 33.29 7.32
C ARG E 119 -30.19 33.55 6.86
N GLU E 120 -30.71 32.65 6.02
CA GLU E 120 -32.12 32.67 5.68
C GLU E 120 -32.94 32.59 6.96
N ASN E 121 -34.00 33.39 7.05
CA ASN E 121 -34.74 33.54 8.29
C ASN E 121 -36.20 33.11 8.22
N THR E 122 -36.72 32.74 7.05
CA THR E 122 -38.12 32.37 6.94
C THR E 122 -38.35 30.91 7.35
N GLU E 123 -38.04 29.99 6.45
CA GLU E 123 -38.50 28.61 6.59
C GLU E 123 -37.48 27.78 7.37
N GLY E 124 -37.58 26.47 7.28
CA GLY E 124 -36.81 25.56 8.11
C GLY E 124 -37.66 25.00 9.22
N GLU E 125 -36.97 24.44 10.21
CA GLU E 125 -37.63 23.90 11.39
C GLU E 125 -38.20 24.99 12.29
N TYR E 126 -37.95 26.26 11.97
CA TYR E 126 -38.39 27.40 12.77
C TYR E 126 -39.85 27.73 12.53
N SER E 127 -40.61 26.81 11.93
CA SER E 127 -42.06 26.93 11.90
C SER E 127 -42.69 26.61 13.24
N GLY E 128 -41.91 26.14 14.21
CA GLY E 128 -42.41 25.81 15.54
C GLY E 128 -43.37 24.64 15.52
N ILE E 129 -43.68 24.14 14.33
CA ILE E 129 -44.70 23.11 14.14
C ILE E 129 -44.18 21.79 14.67
N GLU E 130 -44.64 21.42 15.87
CA GLU E 130 -44.32 20.15 16.48
C GLU E 130 -45.61 19.36 16.68
N HIS E 131 -45.47 18.04 16.75
CA HIS E 131 -46.63 17.17 16.90
C HIS E 131 -46.29 16.01 17.83
N VAL E 132 -46.99 15.94 18.96
CA VAL E 132 -46.97 14.72 19.75
C VAL E 132 -47.67 13.63 18.95
N ILE E 133 -47.00 12.50 18.79
CA ILE E 133 -47.52 11.40 17.98
C ILE E 133 -48.12 10.30 18.86
N VAL E 134 -47.36 9.83 19.84
CA VAL E 134 -47.86 8.97 20.92
C VAL E 134 -47.39 9.59 22.23
N ASP E 135 -47.61 8.84 23.32
CA ASP E 135 -47.32 9.33 24.67
C ASP E 135 -45.81 9.16 24.87
N GLY E 136 -45.03 10.04 24.27
CA GLY E 136 -43.58 10.01 24.42
C GLY E 136 -42.81 10.18 23.13
N VAL E 137 -43.52 10.48 22.03
CA VAL E 137 -42.90 10.64 20.72
C VAL E 137 -43.30 12.00 20.17
N VAL E 138 -42.31 12.87 19.99
CA VAL E 138 -42.53 14.25 19.55
C VAL E 138 -41.85 14.42 18.19
N ALA E 139 -42.54 15.11 17.28
CA ALA E 139 -42.05 15.30 15.91
C ALA E 139 -42.07 16.77 15.57
N SER E 140 -40.90 17.33 15.28
CA SER E 140 -40.76 18.71 14.85
C SER E 140 -40.60 18.76 13.33
N ILE E 141 -41.24 19.73 12.69
CA ILE E 141 -41.30 19.82 11.24
C ILE E 141 -40.24 20.79 10.72
N LYS E 142 -39.52 20.37 9.68
CA LYS E 142 -38.62 21.23 8.92
C LYS E 142 -39.23 21.42 7.54
N LEU E 143 -39.63 22.66 7.25
CA LEU E 143 -40.31 23.01 6.02
C LEU E 143 -39.36 23.79 5.11
N ILE E 144 -39.24 23.36 3.86
CA ILE E 144 -38.31 23.96 2.90
C ILE E 144 -39.04 24.13 1.57
N THR E 145 -39.09 25.36 1.07
CA THR E 145 -39.74 25.68 -0.19
C THR E 145 -38.71 26.09 -1.23
N GLU E 146 -39.04 25.81 -2.49
CA GLU E 146 -38.23 26.34 -3.59
C GLU E 146 -38.15 27.86 -3.53
N GLY E 147 -39.25 28.50 -3.13
CA GLY E 147 -39.34 29.95 -3.11
C GLY E 147 -38.30 30.64 -2.26
N ALA E 148 -38.38 30.47 -0.94
CA ALA E 148 -37.47 31.15 -0.04
C ALA E 148 -36.01 30.82 -0.32
N SER E 149 -35.73 29.73 -1.03
CA SER E 149 -34.36 29.39 -1.39
C SER E 149 -33.87 30.22 -2.57
N LYS E 150 -34.66 30.27 -3.66
CA LYS E 150 -34.26 31.03 -4.83
C LYS E 150 -34.12 32.52 -4.50
N ARG E 151 -34.86 33.00 -3.51
CA ARG E 151 -34.80 34.41 -3.14
C ARG E 151 -33.56 34.72 -2.31
N ILE E 152 -33.28 33.89 -1.30
CA ILE E 152 -32.04 34.04 -0.54
C ILE E 152 -30.83 33.68 -1.39
N ALA E 153 -31.05 33.08 -2.56
CA ALA E 153 -29.96 32.84 -3.51
C ALA E 153 -29.64 34.10 -4.31
N GLU E 154 -30.67 34.81 -4.77
CA GLU E 154 -30.43 36.06 -5.52
C GLU E 154 -29.89 37.15 -4.60
N PHE E 155 -30.41 37.23 -3.37
CA PHE E 155 -29.95 38.24 -2.42
C PHE E 155 -28.49 38.04 -2.04
N ALA E 156 -28.04 36.78 -1.98
CA ALA E 156 -26.63 36.51 -1.67
C ALA E 156 -25.73 37.04 -2.78
N PHE E 157 -26.11 36.80 -4.04
CA PHE E 157 -25.31 37.29 -5.15
C PHE E 157 -25.34 38.81 -5.25
N GLU E 158 -26.46 39.44 -4.86
CA GLU E 158 -26.52 40.89 -4.89
C GLU E 158 -25.70 41.53 -3.77
N TYR E 159 -25.59 40.85 -2.63
CA TYR E 159 -24.71 41.35 -1.57
C TYR E 159 -23.25 41.13 -1.90
N ALA E 160 -22.93 40.05 -2.63
CA ALA E 160 -21.55 39.81 -3.02
C ALA E 160 -21.08 40.84 -4.06
N ARG E 161 -21.88 41.05 -5.10
CA ARG E 161 -21.54 42.05 -6.11
C ARG E 161 -21.42 43.43 -5.48
N ASN E 162 -22.43 43.83 -4.70
CA ASN E 162 -22.48 45.16 -4.09
C ASN E 162 -21.59 45.26 -2.85
N ASN E 163 -20.59 44.39 -2.71
CA ASN E 163 -19.64 44.52 -1.62
C ASN E 163 -18.24 44.03 -1.99
N HIS E 164 -17.91 43.94 -3.28
CA HIS E 164 -16.59 43.49 -3.74
C HIS E 164 -16.21 42.13 -3.14
N ARG E 165 -17.20 41.25 -2.95
CA ARG E 165 -16.94 39.95 -2.36
C ARG E 165 -16.48 38.95 -3.41
N SER E 166 -15.48 38.14 -3.05
CA SER E 166 -14.75 37.32 -4.01
C SER E 166 -15.39 35.95 -4.23
N ASN E 167 -15.71 35.23 -3.16
CA ASN E 167 -16.17 33.86 -3.25
C ASN E 167 -17.43 33.66 -2.43
N VAL E 168 -18.37 32.90 -2.98
CA VAL E 168 -19.66 32.62 -2.34
C VAL E 168 -19.82 31.10 -2.26
N THR E 169 -19.89 30.59 -1.04
CA THR E 169 -20.05 29.15 -0.80
C THR E 169 -21.41 28.89 -0.15
N ALA E 170 -22.04 27.78 -0.55
CA ALA E 170 -23.36 27.39 -0.07
C ALA E 170 -23.20 26.18 0.85
N VAL E 171 -23.24 26.44 2.16
CA VAL E 171 -23.10 25.37 3.15
C VAL E 171 -24.36 24.53 3.18
N HIS E 172 -24.19 23.21 3.32
CA HIS E 172 -25.30 22.28 3.16
C HIS E 172 -24.87 20.90 3.64
N LYS E 173 -25.84 19.99 3.70
CA LYS E 173 -25.62 18.57 3.86
C LYS E 173 -26.52 17.81 2.90
N ALA E 174 -26.49 18.20 1.62
CA ALA E 174 -27.40 17.62 0.62
C ALA E 174 -27.12 16.15 0.37
N ASN E 175 -25.90 15.68 0.67
CA ASN E 175 -25.64 14.24 0.62
C ASN E 175 -26.54 13.48 1.59
N ILE E 176 -26.77 14.05 2.78
CA ILE E 176 -27.69 13.48 3.76
C ILE E 176 -29.18 13.58 3.50
N MET E 177 -29.71 14.80 3.59
CA MET E 177 -31.09 15.09 3.28
C MET E 177 -31.12 15.30 1.76
N ARG E 178 -31.20 14.19 1.01
CA ARG E 178 -31.06 14.25 -0.43
C ARG E 178 -32.20 15.00 -1.11
N MET E 179 -33.35 15.13 -0.44
CA MET E 179 -34.45 15.94 -0.95
C MET E 179 -34.46 17.34 -0.37
N SER E 180 -34.29 17.47 0.95
CA SER E 180 -34.32 18.77 1.62
C SER E 180 -33.17 19.70 1.21
N ASP E 181 -31.96 19.35 1.64
CA ASP E 181 -30.81 20.20 1.35
C ASP E 181 -30.45 20.11 -0.12
N GLY E 182 -30.89 19.05 -0.80
CA GLY E 182 -30.63 18.93 -2.23
C GLY E 182 -31.33 20.01 -3.04
N LEU E 183 -32.59 20.29 -2.71
CA LEU E 183 -33.32 21.32 -3.43
C LEU E 183 -32.74 22.70 -3.15
N PHE E 184 -32.37 22.96 -1.89
CA PHE E 184 -31.65 24.18 -1.54
C PHE E 184 -30.44 24.39 -2.45
N LEU E 185 -29.62 23.35 -2.58
CA LEU E 185 -28.42 23.43 -3.42
C LEU E 185 -28.79 23.52 -4.90
N GLN E 186 -29.87 22.85 -5.31
CA GLN E 186 -30.25 22.86 -6.72
C GLN E 186 -30.48 24.28 -7.22
N LYS E 187 -31.18 25.10 -6.42
CA LYS E 187 -31.39 26.49 -6.81
C LYS E 187 -30.19 27.37 -6.47
N CYS E 188 -29.29 26.91 -5.61
CA CYS E 188 -28.04 27.64 -5.38
C CYS E 188 -27.21 27.72 -6.66
N ARG E 189 -27.14 26.62 -7.40
CA ARG E 189 -26.37 26.61 -8.64
C ARG E 189 -27.07 27.39 -9.74
N GLU E 190 -28.39 27.25 -9.86
CA GLU E 190 -29.13 27.87 -10.95
C GLU E 190 -28.93 29.38 -10.99
N VAL E 191 -28.73 30.02 -9.84
CA VAL E 191 -28.44 31.45 -9.83
C VAL E 191 -26.98 31.70 -10.17
N ALA E 192 -26.09 30.73 -9.95
CA ALA E 192 -24.66 30.93 -10.20
C ALA E 192 -24.35 31.06 -11.69
N GLU E 193 -24.95 30.21 -12.54
CA GLU E 193 -24.72 30.39 -13.97
C GLU E 193 -25.33 31.69 -14.47
N SER E 194 -26.54 32.03 -14.02
CA SER E 194 -27.17 33.31 -14.35
C SER E 194 -26.56 34.47 -13.57
N CYS E 195 -25.50 34.22 -12.80
CA CYS E 195 -24.72 35.28 -12.19
C CYS E 195 -23.31 34.78 -11.92
N LYS E 196 -22.63 34.29 -12.95
CA LYS E 196 -21.25 33.81 -12.83
C LYS E 196 -20.29 34.91 -12.38
N ASP E 197 -20.78 36.16 -12.29
CA ASP E 197 -20.08 37.31 -11.75
C ASP E 197 -19.14 36.94 -10.61
N ILE E 198 -19.69 36.40 -9.52
CA ILE E 198 -18.92 36.06 -8.34
C ILE E 198 -18.62 34.57 -8.34
N LYS E 199 -17.47 34.20 -7.77
CA LYS E 199 -17.10 32.80 -7.64
C LYS E 199 -18.11 32.07 -6.76
N PHE E 200 -18.44 30.83 -7.15
CA PHE E 200 -19.40 30.02 -6.41
C PHE E 200 -18.87 28.60 -6.24
N ASN E 201 -18.99 28.08 -5.03
CA ASN E 201 -18.60 26.70 -4.73
C ASN E 201 -19.49 26.16 -3.62
N GLU E 202 -19.37 24.86 -3.37
CA GLU E 202 -20.13 24.18 -2.33
C GLU E 202 -19.17 23.50 -1.36
N MET E 203 -19.68 23.19 -0.17
CA MET E 203 -18.87 22.55 0.85
C MET E 203 -19.75 22.06 1.98
N TYR E 204 -19.58 20.79 2.37
CA TYR E 204 -20.45 20.20 3.37
C TYR E 204 -20.31 20.92 4.71
N LEU E 205 -21.39 20.92 5.48
CA LEU E 205 -21.42 21.66 6.74
C LEU E 205 -20.27 21.24 7.63
N ASP E 206 -20.17 19.94 7.92
CA ASP E 206 -19.10 19.42 8.77
C ASP E 206 -17.72 19.75 8.21
N THR E 207 -17.59 19.82 6.89
CA THR E 207 -16.34 20.29 6.29
C THR E 207 -16.09 21.74 6.67
N VAL E 208 -17.12 22.59 6.55
CA VAL E 208 -16.98 23.99 6.92
C VAL E 208 -16.71 24.12 8.42
N CYS E 209 -17.41 23.31 9.23
CA CYS E 209 -17.25 23.41 10.68
C CYS E 209 -15.82 23.11 11.12
N LEU E 210 -15.19 22.12 10.47
CA LEU E 210 -13.78 21.86 10.76
C LEU E 210 -12.90 22.98 10.20
N ASN E 211 -13.07 23.29 8.91
CA ASN E 211 -12.23 24.31 8.27
C ASN E 211 -12.37 25.66 8.93
N MET E 212 -13.52 25.94 9.55
CA MET E 212 -13.72 27.24 10.19
C MET E 212 -12.75 27.45 11.33
N VAL E 213 -12.52 26.41 12.15
CA VAL E 213 -11.67 26.54 13.33
C VAL E 213 -10.20 26.26 13.03
N GLN E 214 -9.86 25.82 11.81
CA GLN E 214 -8.48 25.65 11.41
C GLN E 214 -7.92 26.91 10.76
N ASP E 215 -8.56 27.35 9.68
CA ASP E 215 -8.14 28.57 8.97
C ASP E 215 -9.38 29.24 8.39
N PRO E 216 -9.97 30.19 9.13
CA PRO E 216 -11.17 30.88 8.59
C PRO E 216 -10.89 31.69 7.35
N SER E 217 -9.63 32.10 7.13
CA SER E 217 -9.31 33.01 6.04
C SER E 217 -9.73 32.45 4.70
N GLN E 218 -9.68 31.13 4.52
CA GLN E 218 -10.04 30.55 3.24
C GLN E 218 -11.51 30.80 2.89
N PHE E 219 -12.33 31.20 3.86
CA PHE E 219 -13.74 31.47 3.64
C PHE E 219 -13.97 32.94 3.29
N ASP E 220 -15.16 33.21 2.74
CA ASP E 220 -15.49 34.54 2.26
C ASP E 220 -16.95 34.89 2.53
N VAL E 221 -17.86 34.25 1.81
CA VAL E 221 -19.30 34.48 1.95
C VAL E 221 -19.99 33.13 2.04
N LEU E 222 -20.97 33.03 2.94
CA LEU E 222 -21.63 31.76 3.21
C LEU E 222 -23.15 31.95 3.33
N VAL E 223 -23.90 31.11 2.62
CA VAL E 223 -25.35 31.05 2.70
C VAL E 223 -25.74 29.65 3.18
N MET E 224 -26.85 29.57 3.90
CA MET E 224 -27.31 28.29 4.44
C MET E 224 -28.76 28.43 4.85
N PRO E 225 -29.48 27.32 5.04
CA PRO E 225 -30.82 27.39 5.62
C PRO E 225 -30.81 27.82 7.09
N ASN E 226 -32.00 27.95 7.68
CA ASN E 226 -32.15 28.70 8.93
C ASN E 226 -31.39 28.03 10.08
N LEU E 227 -31.53 26.71 10.23
CA LEU E 227 -30.94 26.04 11.39
C LEU E 227 -29.43 26.18 11.40
N TYR E 228 -28.80 25.84 10.29
CA TYR E 228 -27.35 26.04 10.17
C TYR E 228 -26.99 27.51 10.32
N GLY E 229 -27.88 28.41 9.89
CA GLY E 229 -27.56 29.83 9.93
C GLY E 229 -27.49 30.37 11.34
N ASP E 230 -28.45 30.02 12.19
CA ASP E 230 -28.47 30.55 13.55
C ASP E 230 -27.25 30.10 14.33
N ILE E 231 -26.82 28.84 14.13
CA ILE E 231 -25.67 28.32 14.85
C ILE E 231 -24.37 28.84 14.25
N LEU E 232 -24.27 28.88 12.92
CA LEU E 232 -23.06 29.40 12.30
C LEU E 232 -22.88 30.89 12.56
N SER E 233 -23.98 31.64 12.69
CA SER E 233 -23.89 33.07 12.89
C SER E 233 -23.23 33.42 14.21
N ASP E 234 -23.73 32.84 15.31
CA ASP E 234 -23.13 33.08 16.62
C ASP E 234 -21.73 32.47 16.72
N LEU E 235 -21.45 31.44 15.93
CA LEU E 235 -20.12 30.83 15.92
C LEU E 235 -19.09 31.75 15.29
N CYS E 236 -19.33 32.15 14.02
CA CYS E 236 -18.40 33.03 13.32
C CYS E 236 -18.11 34.30 14.12
N ALA E 237 -19.12 34.81 14.83
CA ALA E 237 -18.91 35.94 15.74
C ALA E 237 -18.01 35.57 16.90
N GLY E 238 -18.14 34.36 17.44
CA GLY E 238 -17.31 33.93 18.55
C GLY E 238 -15.82 33.97 18.27
N LEU E 239 -15.43 34.01 17.01
CA LEU E 239 -14.02 34.12 16.65
C LEU E 239 -13.46 35.51 16.87
N ILE E 240 -14.29 36.54 16.89
CA ILE E 240 -13.80 37.92 16.93
C ILE E 240 -13.94 38.52 18.33
N GLY E 241 -14.88 37.99 19.12
CA GLY E 241 -14.99 38.44 20.50
C GLY E 241 -16.32 38.22 21.19
N GLY E 242 -17.39 38.10 20.41
CA GLY E 242 -18.72 37.92 20.99
C GLY E 242 -19.76 38.79 20.31
N LEU E 243 -21.00 38.79 20.82
CA LEU E 243 -22.07 39.58 20.20
C LEU E 243 -21.91 41.07 20.44
N GLY E 244 -21.08 41.50 21.40
CA GLY E 244 -20.85 42.90 21.67
C GLY E 244 -20.03 43.64 20.63
N VAL E 245 -19.46 42.93 19.66
CA VAL E 245 -18.67 43.53 18.59
C VAL E 245 -19.17 43.02 17.25
N THR E 246 -20.41 42.53 17.22
CA THR E 246 -20.94 41.87 16.03
C THR E 246 -22.06 42.69 15.41
N PRO E 247 -21.90 43.18 14.18
CA PRO E 247 -23.03 43.81 13.49
C PRO E 247 -24.04 42.76 13.05
N SER E 248 -25.25 43.23 12.71
CA SER E 248 -26.32 42.34 12.32
C SER E 248 -27.32 43.10 11.47
N GLY E 249 -27.73 42.50 10.35
CA GLY E 249 -28.68 43.12 9.45
C GLY E 249 -29.71 42.16 8.90
N ASN E 250 -30.99 42.44 9.14
CA ASN E 250 -32.10 41.66 8.60
C ASN E 250 -32.76 42.43 7.47
N ILE E 251 -33.10 41.72 6.40
CA ILE E 251 -33.70 42.32 5.20
C ILE E 251 -35.04 41.65 4.95
N GLY E 252 -36.03 42.45 4.56
CA GLY E 252 -37.35 41.92 4.24
C GLY E 252 -37.87 42.37 2.89
N ALA E 253 -39.14 42.07 2.63
CA ALA E 253 -39.75 42.36 1.34
C ALA E 253 -39.95 43.86 1.14
N ASN E 254 -40.01 44.26 -0.13
CA ASN E 254 -40.30 45.65 -0.51
C ASN E 254 -39.27 46.61 0.07
N GLY E 255 -37.99 46.21 0.02
CA GLY E 255 -36.90 47.11 0.35
C GLY E 255 -36.70 47.41 1.82
N VAL E 256 -37.50 46.84 2.72
CA VAL E 256 -37.34 47.11 4.13
C VAL E 256 -36.08 46.40 4.65
N ALA E 257 -35.45 46.99 5.66
CA ALA E 257 -34.22 46.45 6.23
C ALA E 257 -34.10 46.88 7.68
N ILE E 258 -33.61 45.97 8.52
CA ILE E 258 -33.40 46.22 9.94
C ILE E 258 -31.94 45.88 10.28
N PHE E 259 -31.31 46.72 11.10
CA PHE E 259 -29.90 46.60 11.44
C PHE E 259 -29.78 46.58 12.96
N GLU E 260 -30.08 45.42 13.53
CA GLU E 260 -30.08 45.23 14.97
C GLU E 260 -28.70 44.89 15.50
N SER E 261 -28.55 44.99 16.81
CA SER E 261 -27.53 44.26 17.53
C SER E 261 -28.15 42.95 18.01
N VAL E 262 -27.35 42.10 18.66
CA VAL E 262 -27.84 40.77 19.02
C VAL E 262 -27.51 40.45 20.47
N HIS E 263 -26.63 41.22 21.08
CA HIS E 263 -26.19 40.95 22.44
C HIS E 263 -27.34 41.09 23.43
N GLY E 264 -27.09 40.61 24.65
CA GLY E 264 -28.11 40.67 25.68
C GLY E 264 -28.31 42.07 26.21
N THR E 265 -29.46 42.26 26.87
CA THR E 265 -29.80 43.57 27.44
C THR E 265 -28.78 44.00 28.48
N ALA E 266 -28.17 43.04 29.18
CA ALA E 266 -27.17 43.28 30.24
C ALA E 266 -27.74 44.20 31.31
N PRO E 267 -28.75 43.77 32.06
CA PRO E 267 -29.42 44.69 33.01
C PRO E 267 -28.58 45.04 34.22
N ASP E 268 -27.47 44.33 34.49
CA ASP E 268 -26.73 44.57 35.71
C ASP E 268 -26.02 45.91 35.73
N ILE E 269 -25.75 46.50 34.55
CA ILE E 269 -25.12 47.82 34.47
C ILE E 269 -25.73 48.60 33.32
N ALA E 270 -27.07 48.63 33.26
CA ALA E 270 -27.76 49.36 32.20
C ALA E 270 -27.57 50.86 32.36
N GLY E 271 -28.00 51.40 33.49
CA GLY E 271 -27.78 52.80 33.79
C GLY E 271 -26.47 53.02 34.51
N LYS E 272 -25.36 52.77 33.80
CA LYS E 272 -24.03 52.94 34.37
C LYS E 272 -23.02 53.54 33.41
N ASP E 273 -23.34 53.67 32.12
CA ASP E 273 -22.38 54.10 31.10
C ASP E 273 -21.18 53.18 31.08
N MET E 274 -21.42 51.89 31.24
CA MET E 274 -20.40 50.85 31.23
C MET E 274 -20.62 49.87 30.08
N ALA E 275 -21.05 50.39 28.93
CA ALA E 275 -21.40 49.54 27.80
C ALA E 275 -20.40 49.70 26.66
N ASN E 276 -20.47 48.78 25.72
CA ASN E 276 -19.69 48.85 24.48
C ASN E 276 -20.65 48.79 23.31
N PRO E 277 -20.89 49.91 22.61
CA PRO E 277 -21.95 49.92 21.59
C PRO E 277 -21.47 49.55 20.20
N THR E 278 -20.15 49.53 19.99
CA THR E 278 -19.51 49.41 18.69
C THR E 278 -20.23 48.48 17.72
N ALA E 279 -20.80 47.38 18.24
CA ALA E 279 -21.61 46.51 17.41
C ALA E 279 -22.80 47.25 16.83
N LEU E 280 -23.56 47.94 17.68
CA LEU E 280 -24.68 48.74 17.22
C LEU E 280 -24.24 49.82 16.24
N LEU E 281 -23.04 50.36 16.42
CA LEU E 281 -22.49 51.29 15.45
C LEU E 281 -22.24 50.58 14.11
N LEU E 282 -21.55 49.43 14.16
CA LEU E 282 -21.32 48.67 12.95
C LEU E 282 -22.58 48.03 12.41
N SER E 283 -23.66 47.97 13.20
CA SER E 283 -24.97 47.72 12.62
C SER E 283 -25.47 48.92 11.84
N ALA E 284 -25.07 50.13 12.26
CA ALA E 284 -25.38 51.35 11.51
C ALA E 284 -24.39 51.61 10.39
N VAL E 285 -23.10 51.31 10.62
CA VAL E 285 -22.14 51.35 9.52
C VAL E 285 -22.55 50.36 8.43
N MET E 286 -23.05 49.20 8.85
CA MET E 286 -23.73 48.30 7.92
C MET E 286 -24.96 48.98 7.32
N MET E 287 -25.78 49.60 8.17
CA MET E 287 -26.95 50.32 7.68
C MET E 287 -26.54 51.44 6.72
N LEU E 288 -25.46 52.15 7.04
CA LEU E 288 -24.94 53.15 6.12
C LEU E 288 -24.55 52.54 4.78
N ARG E 289 -23.86 51.40 4.83
CA ARG E 289 -23.37 50.78 3.60
C ARG E 289 -24.49 50.15 2.78
N HIS E 290 -25.65 49.88 3.40
CA HIS E 290 -26.76 49.35 2.63
C HIS E 290 -27.39 50.42 1.75
N MET E 291 -27.39 51.67 2.20
CA MET E 291 -27.99 52.76 1.45
C MET E 291 -26.96 53.56 0.64
N GLY E 292 -25.80 52.97 0.36
CA GLY E 292 -24.82 53.61 -0.49
C GLY E 292 -23.94 54.65 0.17
N LEU E 293 -23.93 54.73 1.50
CA LEU E 293 -23.14 55.74 2.21
C LEU E 293 -21.74 55.19 2.51
N PHE E 294 -21.02 54.85 1.43
CA PHE E 294 -19.70 54.25 1.58
C PHE E 294 -18.72 55.24 2.21
N ASP E 295 -18.68 56.47 1.69
CA ASP E 295 -17.71 57.44 2.19
C ASP E 295 -17.96 57.78 3.66
N HIS E 296 -19.23 57.95 4.04
CA HIS E 296 -19.54 58.26 5.43
C HIS E 296 -19.45 57.04 6.33
N ALA E 297 -19.64 55.84 5.79
CA ALA E 297 -19.38 54.64 6.58
C ALA E 297 -17.89 54.28 6.59
N ALA E 298 -17.11 54.81 5.64
CA ALA E 298 -15.67 54.57 5.66
C ALA E 298 -14.95 55.50 6.61
N ARG E 299 -15.51 56.69 6.88
CA ARG E 299 -14.92 57.56 7.89
C ARG E 299 -15.32 57.14 9.29
N ILE E 300 -16.48 56.49 9.45
CA ILE E 300 -16.91 56.06 10.78
C ILE E 300 -16.27 54.72 11.14
N GLU E 301 -16.28 53.77 10.20
CA GLU E 301 -15.81 52.42 10.50
C GLU E 301 -14.34 52.41 10.89
N ALA E 302 -13.47 53.00 10.06
CA ALA E 302 -12.05 53.03 10.35
C ALA E 302 -11.72 53.92 11.54
N ALA E 303 -12.57 54.89 11.87
CA ALA E 303 -12.36 55.69 13.07
C ALA E 303 -12.53 54.86 14.32
N CYS E 304 -13.57 54.02 14.36
CA CYS E 304 -13.75 53.13 15.50
C CYS E 304 -12.68 52.05 15.55
N PHE E 305 -12.22 51.57 14.39
CA PHE E 305 -11.11 50.62 14.36
C PHE E 305 -9.87 51.20 15.01
N ALA E 306 -9.55 52.46 14.68
CA ALA E 306 -8.34 53.08 15.21
C ALA E 306 -8.43 53.36 16.70
N THR E 307 -9.62 53.70 17.21
CA THR E 307 -9.79 53.94 18.64
C THR E 307 -9.53 52.69 19.45
N ILE E 308 -9.97 51.53 18.96
CA ILE E 308 -9.64 50.27 19.61
C ILE E 308 -8.19 49.88 19.33
N LYS E 309 -7.73 50.09 18.09
CA LYS E 309 -6.35 49.75 17.75
C LYS E 309 -5.35 50.60 18.55
N ASP E 310 -5.76 51.80 18.96
CA ASP E 310 -4.90 52.60 19.84
C ASP E 310 -4.80 51.95 21.22
N GLY E 311 -5.88 51.38 21.72
CA GLY E 311 -5.86 50.64 22.97
C GLY E 311 -5.83 51.50 24.21
N LYS E 312 -6.70 52.50 24.26
CA LYS E 312 -6.72 53.40 25.41
C LYS E 312 -8.12 53.63 25.98
N SER E 313 -9.13 53.71 25.12
CA SER E 313 -10.48 54.10 25.55
C SER E 313 -11.45 52.92 25.54
N LEU E 314 -10.95 51.71 25.71
CA LEU E 314 -11.81 50.53 25.69
C LEU E 314 -12.65 50.46 26.98
N THR E 315 -13.79 49.78 26.88
CA THR E 315 -14.73 49.71 27.99
C THR E 315 -14.44 48.33 28.58
N LYS E 316 -15.22 47.93 29.58
CA LYS E 316 -14.91 46.88 30.55
C LYS E 316 -15.11 45.47 30.03
N ASP E 317 -16.02 45.26 29.07
CA ASP E 317 -16.16 43.96 28.44
C ASP E 317 -15.13 43.72 27.34
N LEU E 318 -14.30 44.72 27.02
CA LEU E 318 -13.22 44.55 26.05
C LEU E 318 -11.95 43.98 26.66
N GLY E 319 -11.38 44.62 27.71
CA GLY E 319 -11.87 45.81 28.37
C GLY E 319 -10.80 46.61 29.09
N GLY E 320 -10.68 47.88 28.72
CA GLY E 320 -9.74 48.77 29.38
C GLY E 320 -10.30 49.41 30.63
N ASN E 321 -10.17 50.73 30.76
CA ASN E 321 -10.72 51.44 31.92
C ASN E 321 -11.19 52.81 31.45
N ALA E 322 -12.43 52.87 31.00
CA ALA E 322 -13.07 54.13 30.61
C ALA E 322 -14.57 53.97 30.76
N LYS E 323 -15.30 55.03 30.42
CA LYS E 323 -16.75 55.00 30.46
C LYS E 323 -17.28 55.11 29.03
N CYS E 324 -18.48 54.55 28.81
CA CYS E 324 -19.04 54.47 27.46
C CYS E 324 -19.06 55.82 26.77
N SER E 325 -19.11 56.92 27.55
CA SER E 325 -19.04 58.25 26.96
C SER E 325 -17.63 58.60 26.52
N ASP E 326 -16.61 58.14 27.27
CA ASP E 326 -15.23 58.38 26.88
C ASP E 326 -14.90 57.67 25.58
N PHE E 327 -15.23 56.38 25.49
CA PHE E 327 -15.17 55.64 24.24
C PHE E 327 -15.99 56.32 23.15
N THR E 328 -17.11 56.96 23.52
CA THR E 328 -17.92 57.70 22.56
C THR E 328 -17.28 59.04 22.21
N GLU E 329 -16.60 59.68 23.16
CA GLU E 329 -16.02 61.00 22.91
C GLU E 329 -14.76 60.92 22.06
N GLU E 330 -13.94 59.87 22.22
CA GLU E 330 -12.75 59.74 21.40
C GLU E 330 -13.10 59.47 19.94
N ILE E 331 -14.17 58.71 19.69
CA ILE E 331 -14.60 58.47 18.31
C ILE E 331 -15.07 59.77 17.68
N CYS E 332 -15.81 60.58 18.43
CA CYS E 332 -16.22 61.90 17.93
C CYS E 332 -15.02 62.79 17.63
N ARG E 333 -13.90 62.58 18.34
CA ARG E 333 -12.68 63.33 18.04
C ARG E 333 -11.96 62.78 16.81
N ARG E 334 -11.99 61.46 16.63
CA ARG E 334 -11.36 60.84 15.47
C ARG E 334 -12.26 60.76 14.25
N VAL E 335 -13.56 61.05 14.39
CA VAL E 335 -14.46 61.06 13.24
C VAL E 335 -14.60 62.44 12.61
N LYS E 336 -14.22 63.50 13.32
CA LYS E 336 -14.25 64.86 12.77
C LYS E 336 -13.09 65.12 11.81
N ASP E 337 -12.35 64.10 11.41
CA ASP E 337 -11.21 64.25 10.52
C ASP E 337 -11.33 63.27 9.36
N LEU E 338 -10.76 63.66 8.22
CA LEU E 338 -10.68 62.80 7.05
C LEU E 338 -9.30 62.90 6.42
N GLN F 4 -31.24 -16.64 19.99
CA GLN F 4 -30.95 -16.46 18.57
C GLN F 4 -30.23 -17.73 18.10
N THR F 5 -28.90 -17.66 18.12
CA THR F 5 -28.07 -18.82 18.36
C THR F 5 -26.78 -18.31 18.97
N ILE F 6 -26.80 -17.07 19.45
CA ILE F 6 -25.60 -16.32 19.84
C ILE F 6 -24.91 -16.99 21.02
N PRO F 7 -23.60 -17.14 20.99
CA PRO F 7 -22.87 -17.74 22.10
C PRO F 7 -22.28 -16.66 22.98
N PRO F 8 -21.51 -17.03 24.01
CA PRO F 8 -20.74 -16.02 24.73
C PRO F 8 -19.41 -15.77 24.05
N SER F 9 -19.10 -14.50 23.83
CA SER F 9 -17.75 -14.12 23.48
C SER F 9 -16.82 -14.51 24.63
N ALA F 10 -15.79 -15.29 24.32
CA ALA F 10 -14.90 -15.81 25.34
C ALA F 10 -13.47 -15.45 24.99
N LYS F 11 -12.61 -15.51 26.01
CA LYS F 11 -11.18 -15.22 25.87
C LYS F 11 -10.40 -16.49 26.24
N TYR F 12 -9.96 -17.22 25.22
CA TYR F 12 -9.22 -18.46 25.46
C TYR F 12 -7.84 -18.16 26.01
N GLY F 13 -7.59 -18.59 27.25
CA GLY F 13 -6.27 -18.59 27.85
C GLY F 13 -5.37 -17.42 27.50
N GLY F 14 -5.67 -16.27 28.07
CA GLY F 14 -4.96 -15.05 27.70
C GLY F 14 -5.69 -14.27 26.61
N ARG F 15 -5.16 -14.32 25.39
CA ARG F 15 -5.55 -13.44 24.30
C ARG F 15 -7.07 -13.30 24.11
N HIS F 16 -7.61 -12.13 24.45
CA HIS F 16 -8.92 -11.75 23.97
C HIS F 16 -8.92 -11.72 22.45
N THR F 17 -9.97 -12.23 21.84
CA THR F 17 -10.08 -12.26 20.38
C THR F 17 -11.00 -11.13 19.93
N VAL F 18 -10.42 -10.14 19.26
CA VAL F 18 -11.13 -8.92 18.86
C VAL F 18 -11.33 -8.92 17.36
N THR F 19 -12.53 -8.54 16.93
CA THR F 19 -12.82 -8.37 15.51
C THR F 19 -12.19 -7.09 14.98
N MET F 20 -11.60 -7.17 13.79
CA MET F 20 -10.93 -6.01 13.18
C MET F 20 -11.29 -5.92 11.71
N ILE F 21 -11.65 -4.72 11.26
CA ILE F 21 -12.00 -4.45 9.87
C ILE F 21 -11.09 -3.45 9.17
N PRO F 22 -10.42 -3.85 8.08
CA PRO F 22 -9.52 -2.90 7.40
C PRO F 22 -10.16 -1.71 6.72
N GLY F 23 -11.07 -1.97 5.78
CA GLY F 23 -11.88 -0.93 5.18
C GLY F 23 -11.44 -0.55 3.79
N ASP F 24 -11.50 0.75 3.50
CA ASP F 24 -11.11 1.30 2.21
C ASP F 24 -10.14 2.46 2.44
N GLY F 25 -9.20 2.60 1.52
CA GLY F 25 -8.25 3.70 1.60
C GLY F 25 -7.26 3.49 2.74
N ILE F 26 -7.17 4.49 3.62
CA ILE F 26 -6.14 4.51 4.65
C ILE F 26 -6.30 3.37 5.64
N GLY F 27 -7.49 2.78 5.72
CA GLY F 27 -7.82 1.80 6.72
C GLY F 27 -6.78 0.69 6.89
N PRO F 28 -6.58 -0.11 5.85
CA PRO F 28 -5.61 -1.22 5.96
C PRO F 28 -4.20 -0.77 6.30
N GLU F 29 -3.65 0.22 5.58
CA GLU F 29 -2.25 0.59 5.79
C GLU F 29 -1.97 1.06 7.21
N LEU F 30 -3.01 1.48 7.94
CA LEU F 30 -2.82 1.83 9.35
C LEU F 30 -2.91 0.61 10.24
N MET F 31 -3.95 -0.21 10.04
CA MET F 31 -4.20 -1.36 10.90
C MET F 31 -2.96 -2.22 11.09
N LEU F 32 -2.16 -2.40 10.04
CA LEU F 32 -0.97 -3.24 10.14
C LEU F 32 0.02 -2.68 11.15
N HIS F 33 0.11 -1.35 11.26
CA HIS F 33 0.92 -0.75 12.31
C HIS F 33 0.31 -1.01 13.68
N VAL F 34 -1.01 -0.81 13.80
CA VAL F 34 -1.71 -1.11 15.05
C VAL F 34 -1.43 -2.54 15.48
N LYS F 35 -1.48 -3.48 14.53
CA LYS F 35 -0.99 -4.83 14.78
C LYS F 35 0.45 -4.81 15.26
N SER F 36 1.33 -4.16 14.48
CA SER F 36 2.75 -4.16 14.81
C SER F 36 3.00 -3.48 16.15
N VAL F 37 2.28 -2.39 16.43
CA VAL F 37 2.38 -1.73 17.74
C VAL F 37 2.04 -2.71 18.85
N PHE F 38 0.84 -3.30 18.77
CA PHE F 38 0.44 -4.34 19.72
C PHE F 38 1.49 -5.43 19.82
N ARG F 39 1.84 -6.04 18.69
CA ARG F 39 2.74 -7.19 18.69
C ARG F 39 4.06 -6.86 19.36
N HIS F 40 4.54 -5.61 19.24
CA HIS F 40 5.72 -5.23 19.99
C HIS F 40 5.38 -5.02 21.46
N ALA F 41 4.22 -4.45 21.74
CA ALA F 41 3.81 -4.22 23.11
C ALA F 41 3.40 -5.49 23.85
N CYS F 42 3.45 -6.64 23.18
CA CYS F 42 3.06 -7.91 23.78
C CYS F 42 1.66 -7.83 24.36
N VAL F 43 0.74 -7.32 23.55
CA VAL F 43 -0.65 -7.14 23.96
C VAL F 43 -1.40 -8.44 23.72
N PRO F 44 -1.93 -9.08 24.75
CA PRO F 44 -2.74 -10.30 24.53
C PRO F 44 -4.08 -9.98 23.90
N VAL F 45 -4.04 -9.48 22.66
CA VAL F 45 -5.23 -9.32 21.84
C VAL F 45 -4.93 -9.88 20.46
N ASP F 46 -5.65 -10.93 20.09
CA ASP F 46 -5.58 -11.48 18.75
C ASP F 46 -6.61 -10.78 17.87
N PHE F 47 -6.36 -10.76 16.56
CA PHE F 47 -7.18 -9.98 15.65
C PHE F 47 -7.84 -10.87 14.61
N GLU F 48 -9.15 -10.73 14.48
CA GLU F 48 -9.96 -11.43 13.49
C GLU F 48 -10.24 -10.45 12.35
N GLU F 49 -9.45 -10.56 11.28
CA GLU F 49 -9.64 -9.70 10.12
C GLU F 49 -10.97 -10.01 9.43
N VAL F 50 -11.64 -9.01 8.92
CA VAL F 50 -12.83 -9.38 8.14
C VAL F 50 -12.86 -8.40 6.98
N HIS F 51 -12.75 -8.84 5.73
CA HIS F 51 -12.79 -7.83 4.64
C HIS F 51 -14.15 -7.17 4.71
N VAL F 52 -14.21 -5.85 4.66
CA VAL F 52 -15.53 -5.26 4.99
C VAL F 52 -16.32 -4.85 3.77
N SER F 53 -15.94 -3.77 3.11
CA SER F 53 -16.87 -3.31 2.05
C SER F 53 -16.16 -2.50 0.97
N SER F 54 -16.95 -2.20 -0.06
CA SER F 54 -16.67 -1.50 -1.35
C SER F 54 -16.13 -2.50 -2.37
N ASN F 55 -16.03 -3.76 -1.97
CA ASN F 55 -15.57 -4.84 -2.84
C ASN F 55 -16.83 -5.60 -3.23
N ALA F 56 -17.68 -5.90 -2.23
CA ALA F 56 -18.95 -6.64 -2.51
C ALA F 56 -20.03 -6.27 -1.48
N ASP F 57 -20.49 -5.03 -1.44
CA ASP F 57 -21.47 -4.62 -0.41
C ASP F 57 -22.89 -5.02 -0.84
N GLU F 58 -23.19 -6.33 -0.79
CA GLU F 58 -24.51 -6.88 -1.17
C GLU F 58 -25.03 -7.80 -0.06
N GLU F 59 -24.45 -8.99 0.08
CA GLU F 59 -24.82 -9.95 1.16
C GLU F 59 -23.58 -10.43 1.91
N ASP F 60 -22.42 -10.42 1.26
CA ASP F 60 -21.25 -10.98 1.97
C ASP F 60 -20.94 -10.16 3.21
N ILE F 61 -20.79 -8.84 3.05
CA ILE F 61 -20.40 -8.19 4.33
C ILE F 61 -21.14 -8.84 5.48
N ARG F 62 -22.42 -9.19 5.28
CA ARG F 62 -23.28 -9.69 6.38
C ARG F 62 -22.58 -10.87 7.03
N ASN F 63 -22.19 -11.88 6.27
CA ASN F 63 -21.37 -12.86 6.98
C ASN F 63 -20.25 -12.18 7.76
N ALA F 64 -19.95 -10.92 7.43
CA ALA F 64 -18.93 -10.11 8.12
C ALA F 64 -19.47 -9.44 9.37
N ILE F 65 -20.78 -9.16 9.44
CA ILE F 65 -21.37 -8.73 10.70
C ILE F 65 -21.10 -9.74 11.79
N MET F 66 -21.26 -11.04 11.46
CA MET F 66 -21.31 -12.10 12.46
C MET F 66 -20.11 -12.07 13.38
N ALA F 67 -18.91 -11.87 12.82
CA ALA F 67 -17.71 -11.82 13.62
C ALA F 67 -17.81 -10.76 14.72
N ILE F 68 -18.45 -9.63 14.40
CA ILE F 68 -18.64 -8.59 15.40
C ILE F 68 -19.65 -9.03 16.44
N ARG F 69 -20.77 -9.62 16.00
CA ARG F 69 -21.76 -10.12 16.95
C ARG F 69 -21.19 -11.19 17.86
N ARG F 70 -20.12 -11.86 17.45
CA ARG F 70 -19.41 -12.78 18.33
C ARG F 70 -18.55 -12.33 19.50
N ASN F 71 -17.44 -11.67 19.17
CA ASN F 71 -16.63 -10.89 20.08
C ASN F 71 -17.28 -9.52 20.31
N ARG F 72 -17.66 -9.26 21.55
CA ARG F 72 -18.37 -8.02 21.89
C ARG F 72 -17.54 -6.75 21.62
N VAL F 73 -16.36 -6.79 20.99
CA VAL F 73 -15.49 -5.62 20.88
C VAL F 73 -14.80 -5.69 19.52
N ALA F 74 -14.91 -4.62 18.74
CA ALA F 74 -14.29 -4.53 17.43
C ALA F 74 -13.64 -3.17 17.24
N LEU F 75 -12.66 -3.13 16.35
CA LEU F 75 -11.99 -1.91 15.93
C LEU F 75 -12.00 -1.86 14.40
N LYS F 76 -12.37 -0.71 13.84
CA LYS F 76 -12.52 -0.62 12.36
C LYS F 76 -11.90 0.64 11.83
N GLY F 77 -11.69 0.69 10.53
CA GLY F 77 -11.19 1.90 9.84
C GLY F 77 -12.39 2.57 9.22
N ASN F 78 -12.36 2.94 7.95
CA ASN F 78 -13.61 3.51 7.41
C ASN F 78 -13.97 2.87 6.07
N ILE F 79 -15.21 3.00 5.64
CA ILE F 79 -15.64 2.42 4.38
C ILE F 79 -16.12 3.52 3.50
N GLU F 80 -15.73 3.50 2.24
CA GLU F 80 -16.16 4.54 1.34
C GLU F 80 -17.67 4.47 1.31
N THR F 81 -18.30 5.62 1.17
CA THR F 81 -19.74 5.70 1.13
C THR F 81 -20.25 5.00 -0.08
N ASN F 82 -21.47 4.49 0.02
CA ASN F 82 -22.06 3.81 -1.10
C ASN F 82 -22.24 4.85 -2.17
N HIS F 83 -22.25 4.41 -3.42
CA HIS F 83 -22.40 5.31 -4.55
C HIS F 83 -23.72 6.02 -4.41
N ASN F 84 -24.64 5.39 -3.70
CA ASN F 84 -25.97 5.94 -3.48
C ASN F 84 -26.82 5.68 -4.69
N LEU F 85 -26.31 4.86 -5.61
CA LEU F 85 -27.04 4.52 -6.81
C LEU F 85 -28.29 3.84 -6.29
N PRO F 86 -28.10 3.00 -5.28
CA PRO F 86 -29.24 2.35 -4.66
C PRO F 86 -29.99 3.52 -4.03
N PRO F 87 -29.24 4.44 -3.44
CA PRO F 87 -29.82 5.63 -2.83
C PRO F 87 -30.90 5.22 -1.84
N SER F 88 -30.66 4.13 -1.11
CA SER F 88 -31.65 3.66 -0.16
C SER F 88 -31.02 3.37 1.17
N HIS F 89 -30.68 4.41 1.94
CA HIS F 89 -30.04 4.17 3.23
C HIS F 89 -28.74 3.44 2.86
N LYS F 90 -28.58 2.24 3.36
CA LYS F 90 -27.41 1.45 3.00
C LYS F 90 -26.08 2.07 3.33
N SER F 91 -25.98 2.78 4.45
CA SER F 91 -24.70 3.33 4.83
C SER F 91 -24.06 2.06 5.33
N ARG F 92 -22.93 1.69 4.74
CA ARG F 92 -22.32 0.46 5.14
C ARG F 92 -22.00 0.58 6.61
N ASN F 93 -21.41 1.69 7.00
CA ASN F 93 -21.10 1.86 8.40
C ASN F 93 -22.37 1.92 9.20
N ASN F 94 -23.35 2.65 8.69
CA ASN F 94 -24.58 2.79 9.42
C ASN F 94 -25.32 1.48 9.61
N ILE F 95 -25.40 0.70 8.56
CA ILE F 95 -26.17 -0.56 8.70
C ILE F 95 -25.60 -1.32 9.89
N LEU F 96 -24.28 -1.39 9.97
CA LEU F 96 -23.75 -2.17 11.09
C LEU F 96 -24.28 -1.57 12.38
N ARG F 97 -24.23 -0.27 12.53
CA ARG F 97 -24.66 0.21 13.84
C ARG F 97 -26.16 0.07 14.06
N THR F 98 -26.94 -0.19 13.01
CA THR F 98 -28.36 -0.44 13.18
C THR F 98 -28.62 -1.86 13.65
N SER F 99 -28.12 -2.86 12.91
CA SER F 99 -28.34 -4.27 13.22
C SER F 99 -27.59 -4.66 14.49
N LEU F 100 -26.82 -3.73 15.05
CA LEU F 100 -26.12 -3.94 16.30
C LEU F 100 -26.73 -3.17 17.46
N ASP F 101 -27.75 -2.34 17.21
CA ASP F 101 -28.36 -1.50 18.24
C ASP F 101 -27.33 -0.58 18.92
N LEU F 102 -26.32 -0.17 18.16
CA LEU F 102 -25.30 0.75 18.63
C LEU F 102 -25.86 2.16 18.74
N TYR F 103 -26.33 2.53 19.94
CA TYR F 103 -27.04 3.80 20.05
C TYR F 103 -26.13 4.96 20.40
N ALA F 104 -25.16 4.78 21.30
CA ALA F 104 -24.32 5.87 21.76
C ALA F 104 -23.08 6.01 20.87
N ASN F 105 -22.76 7.26 20.51
CA ASN F 105 -21.57 7.59 19.74
C ASN F 105 -20.72 8.54 20.56
N VAL F 106 -19.47 8.16 20.82
CA VAL F 106 -18.62 8.85 21.80
C VAL F 106 -17.28 9.19 21.15
N ILE F 107 -16.89 10.46 21.23
CA ILE F 107 -15.58 10.90 20.79
C ILE F 107 -14.88 11.61 21.95
N HIS F 108 -13.55 11.69 21.84
CA HIS F 108 -12.69 12.17 22.92
C HIS F 108 -11.69 13.17 22.34
N CYS F 109 -12.09 14.43 22.27
CA CYS F 109 -11.17 15.50 21.87
C CYS F 109 -10.35 15.91 23.08
N LYS F 110 -9.04 15.66 23.03
CA LYS F 110 -8.13 16.07 24.08
C LYS F 110 -6.97 16.84 23.44
N SER F 111 -6.46 17.82 24.18
CA SER F 111 -5.31 18.57 23.68
C SER F 111 -4.06 17.71 23.73
N LEU F 112 -3.13 18.01 22.83
CA LEU F 112 -1.89 17.25 22.73
C LEU F 112 -0.72 18.19 22.99
N PRO F 113 0.08 17.94 24.03
CA PRO F 113 1.22 18.84 24.32
C PRO F 113 2.17 19.04 23.15
N GLY F 114 2.16 18.13 22.18
CA GLY F 114 3.01 18.25 21.01
C GLY F 114 2.29 18.87 19.83
N VAL F 115 0.97 18.87 19.85
CA VAL F 115 0.16 19.51 18.82
C VAL F 115 -0.31 20.85 19.38
N VAL F 116 0.30 21.94 18.91
CA VAL F 116 -0.07 23.27 19.35
C VAL F 116 -1.24 23.76 18.50
N THR F 117 -2.28 24.23 19.17
CA THR F 117 -3.47 24.77 18.53
C THR F 117 -3.70 26.20 19.00
N ARG F 118 -4.79 26.80 18.52
CA ARG F 118 -5.14 28.15 18.96
C ARG F 118 -5.43 28.18 20.46
N HIS F 119 -5.99 27.09 20.99
CA HIS F 119 -6.31 26.95 22.40
C HIS F 119 -5.61 25.71 22.97
N LYS F 120 -5.38 25.72 24.28
CA LYS F 120 -4.68 24.64 24.94
C LYS F 120 -5.47 24.14 26.14
N ASP F 121 -5.02 23.00 26.67
CA ASP F 121 -5.62 22.35 27.84
C ASP F 121 -7.12 22.11 27.63
N ILE F 122 -7.40 21.14 26.76
CA ILE F 122 -8.76 20.79 26.37
C ILE F 122 -9.00 19.32 26.65
N ASP F 123 -10.14 19.01 27.26
CA ASP F 123 -10.54 17.62 27.48
C ASP F 123 -12.06 17.58 27.47
N ILE F 124 -12.63 16.91 26.46
CA ILE F 124 -14.07 16.92 26.23
C ILE F 124 -14.50 15.53 25.77
N LEU F 125 -15.62 15.06 26.31
CA LEU F 125 -16.24 13.80 25.91
C LEU F 125 -17.62 14.12 25.34
N ILE F 126 -17.85 13.75 24.08
CA ILE F 126 -19.08 14.10 23.37
C ILE F 126 -19.95 12.85 23.25
N VAL F 127 -21.25 13.03 23.44
CA VAL F 127 -22.21 11.93 23.49
C VAL F 127 -23.42 12.29 22.62
N ARG F 128 -23.91 11.31 21.86
CA ARG F 128 -25.03 11.52 20.95
C ARG F 128 -25.58 10.17 20.51
N GLU F 129 -26.84 10.18 20.06
CA GLU F 129 -27.51 8.96 19.65
C GLU F 129 -27.24 8.71 18.16
N ASN F 130 -28.13 7.96 17.49
CA ASN F 130 -27.91 7.60 16.09
C ASN F 130 -29.23 7.38 15.34
N THR F 131 -30.17 6.67 15.95
CA THR F 131 -31.45 6.36 15.32
C THR F 131 -32.62 7.18 15.85
N GLU F 132 -32.43 7.96 16.92
CA GLU F 132 -33.43 8.89 17.41
C GLU F 132 -32.92 10.30 17.67
N GLY F 133 -31.61 10.53 17.59
CA GLY F 133 -31.08 11.86 17.74
C GLY F 133 -31.31 12.71 16.51
N GLU F 134 -32.58 12.92 16.16
CA GLU F 134 -32.97 13.60 14.94
C GLU F 134 -32.31 12.92 13.74
N TYR F 135 -31.51 13.67 12.98
CA TYR F 135 -30.89 13.19 11.76
C TYR F 135 -31.89 12.42 10.91
N SER F 136 -33.04 13.04 10.73
CA SER F 136 -34.19 12.34 10.16
C SER F 136 -34.03 12.14 8.67
N SER F 137 -34.51 11.00 8.19
CA SER F 137 -34.60 10.75 6.76
C SER F 137 -35.97 11.23 6.26
N LEU F 138 -36.72 10.33 5.63
CA LEU F 138 -38.09 10.58 5.20
C LEU F 138 -38.14 11.68 4.15
N GLU F 139 -38.50 12.90 4.56
CA GLU F 139 -38.51 14.07 3.69
C GLU F 139 -39.33 13.86 2.41
N HIS F 140 -40.64 13.93 2.55
CA HIS F 140 -41.54 13.77 1.40
C HIS F 140 -41.89 15.13 0.79
N GLU F 141 -42.29 15.09 -0.46
CA GLU F 141 -42.66 16.28 -1.23
C GLU F 141 -44.18 16.34 -1.25
N SER F 142 -44.75 17.22 -0.42
CA SER F 142 -46.20 17.38 -0.37
C SER F 142 -46.75 17.72 -1.75
N VAL F 143 -46.38 18.89 -2.26
CA VAL F 143 -46.50 19.22 -3.67
C VAL F 143 -45.17 19.83 -4.10
N ALA F 144 -45.03 20.02 -5.40
CA ALA F 144 -43.75 20.47 -5.96
C ALA F 144 -43.30 21.77 -5.31
N GLY F 145 -41.99 21.90 -5.15
CA GLY F 145 -41.42 23.06 -4.50
C GLY F 145 -41.62 23.14 -3.01
N VAL F 146 -42.06 22.06 -2.37
CA VAL F 146 -42.35 22.04 -0.95
C VAL F 146 -41.89 20.69 -0.39
N VAL F 147 -40.98 20.73 0.57
CA VAL F 147 -40.41 19.53 1.17
C VAL F 147 -40.51 19.64 2.69
N GLU F 148 -40.99 18.56 3.32
CA GLU F 148 -41.13 18.49 4.77
C GLU F 148 -40.13 17.48 5.32
N SER F 149 -39.35 17.90 6.32
CA SER F 149 -38.46 17.00 7.04
C SER F 149 -38.99 16.82 8.46
N LEU F 150 -38.75 15.63 9.03
CA LEU F 150 -39.44 15.19 10.26
C LEU F 150 -38.42 14.71 11.30
N LYS F 151 -37.77 15.65 11.99
CA LYS F 151 -36.87 15.30 13.09
C LYS F 151 -37.66 14.64 14.22
N ILE F 152 -37.16 13.50 14.71
CA ILE F 152 -37.87 12.66 15.66
C ILE F 152 -37.10 12.60 16.97
N ILE F 153 -37.79 12.85 18.08
CA ILE F 153 -37.28 12.58 19.43
C ILE F 153 -38.11 11.46 20.02
N THR F 154 -37.42 10.45 20.58
CA THR F 154 -38.05 9.41 21.36
C THR F 154 -37.65 9.59 22.81
N LYS F 155 -38.64 9.67 23.70
CA LYS F 155 -38.35 9.82 25.12
C LYS F 155 -37.50 8.67 25.65
N ALA F 156 -37.66 7.46 25.08
CA ALA F 156 -36.97 6.29 25.59
C ALA F 156 -35.48 6.33 25.27
N LYS F 157 -35.13 6.44 23.98
CA LYS F 157 -33.72 6.53 23.61
C LYS F 157 -33.06 7.80 24.14
N SER F 158 -33.86 8.82 24.45
CA SER F 158 -33.31 10.05 25.01
C SER F 158 -32.80 9.83 26.44
N LEU F 159 -33.50 9.01 27.22
CA LEU F 159 -33.03 8.68 28.57
C LEU F 159 -31.90 7.65 28.54
N ARG F 160 -31.92 6.72 27.58
CA ARG F 160 -30.84 5.74 27.49
C ARG F 160 -29.52 6.42 27.13
N ILE F 161 -29.56 7.40 26.24
CA ILE F 161 -28.36 8.17 25.94
C ILE F 161 -28.04 9.13 27.08
N ALA F 162 -29.07 9.58 27.81
CA ALA F 162 -28.84 10.44 28.97
C ALA F 162 -28.13 9.66 30.08
N GLU F 163 -28.68 8.50 30.45
CA GLU F 163 -28.05 7.68 31.48
C GLU F 163 -26.62 7.34 31.10
N TYR F 164 -26.35 7.15 29.80
CA TYR F 164 -25.00 6.88 29.35
C TYR F 164 -24.09 8.08 29.61
N ALA F 165 -24.61 9.30 29.41
CA ALA F 165 -23.82 10.48 29.66
C ALA F 165 -23.36 10.56 31.12
N PHE F 166 -24.22 10.13 32.05
CA PHE F 166 -23.88 10.20 33.47
C PHE F 166 -23.15 8.95 33.97
N LYS F 167 -23.54 7.75 33.51
CA LYS F 167 -22.72 6.57 33.78
C LYS F 167 -21.30 6.76 33.27
N LEU F 168 -21.11 7.62 32.27
CA LEU F 168 -19.77 7.96 31.81
C LEU F 168 -19.05 8.83 32.83
N ALA F 169 -19.75 9.80 33.42
CA ALA F 169 -19.08 10.78 34.29
C ALA F 169 -18.62 10.15 35.60
N GLN F 170 -19.46 9.33 36.23
CA GLN F 170 -19.13 8.83 37.56
C GLN F 170 -17.96 7.86 37.51
N GLU F 171 -17.98 6.92 36.56
CA GLU F 171 -16.90 5.94 36.45
C GLU F 171 -15.57 6.59 36.09
N SER F 172 -15.60 7.78 35.49
CA SER F 172 -14.38 8.45 35.05
C SER F 172 -13.99 9.63 35.94
N GLY F 173 -14.79 9.94 36.96
CA GLY F 173 -14.45 11.04 37.84
C GLY F 173 -14.64 12.42 37.25
N ARG F 174 -15.55 12.57 36.30
CA ARG F 174 -15.82 13.86 35.68
C ARG F 174 -16.58 14.74 36.67
N LYS F 175 -17.00 15.92 36.22
CA LYS F 175 -17.63 16.90 37.12
C LYS F 175 -18.82 17.64 36.55
N LYS F 176 -18.93 17.81 35.23
CA LYS F 176 -20.03 18.58 34.65
C LYS F 176 -20.51 17.92 33.38
N VAL F 177 -21.81 17.62 33.33
CA VAL F 177 -22.50 17.25 32.11
C VAL F 177 -23.27 18.47 31.62
N THR F 178 -23.15 18.77 30.33
CA THR F 178 -23.79 19.95 29.75
C THR F 178 -24.62 19.53 28.55
N ALA F 179 -25.93 19.73 28.62
CA ALA F 179 -26.81 19.40 27.51
C ALA F 179 -26.72 20.46 26.42
N VAL F 180 -26.89 20.02 25.18
CA VAL F 180 -26.89 20.89 24.01
C VAL F 180 -28.21 20.68 23.28
N HIS F 181 -28.88 21.77 22.91
CA HIS F 181 -30.25 21.69 22.43
C HIS F 181 -30.64 23.01 21.78
N LYS F 182 -31.84 23.03 21.23
CA LYS F 182 -32.46 24.21 20.66
C LYS F 182 -33.92 24.26 21.13
N ALA F 183 -34.12 24.05 22.43
CA ALA F 183 -35.47 24.05 22.99
C ALA F 183 -36.14 25.41 22.89
N ASN F 184 -35.36 26.47 22.69
CA ASN F 184 -35.93 27.81 22.50
C ASN F 184 -36.65 27.96 21.15
N ILE F 185 -36.45 27.03 20.22
CA ILE F 185 -37.11 27.06 18.93
C ILE F 185 -38.09 25.90 18.77
N MET F 186 -37.67 24.69 19.13
CA MET F 186 -38.54 23.51 19.11
C MET F 186 -38.82 23.17 20.57
N LYS F 187 -39.75 23.91 21.17
CA LYS F 187 -40.04 23.83 22.60
C LYS F 187 -40.32 22.40 23.05
N LEU F 188 -40.96 21.60 22.20
CA LEU F 188 -41.41 20.27 22.58
C LEU F 188 -40.34 19.21 22.32
N GLY F 189 -39.76 19.19 21.12
CA GLY F 189 -38.78 18.19 20.78
C GLY F 189 -37.54 18.23 21.66
N ASP F 190 -36.85 19.37 21.66
CA ASP F 190 -35.66 19.54 22.48
C ASP F 190 -35.98 19.79 23.95
N GLY F 191 -37.17 20.32 24.26
CA GLY F 191 -37.60 20.38 25.64
C GLY F 191 -37.88 19.00 26.20
N LEU F 192 -38.41 18.09 25.38
CA LEU F 192 -38.55 16.70 25.79
C LEU F 192 -37.20 16.12 26.18
N PHE F 193 -36.22 16.23 25.28
CA PHE F 193 -34.86 15.81 25.59
C PHE F 193 -34.32 16.53 26.82
N LEU F 194 -34.65 17.82 26.97
CA LEU F 194 -34.18 18.56 28.13
C LEU F 194 -34.75 17.97 29.42
N GLN F 195 -36.06 17.80 29.48
CA GLN F 195 -36.65 17.17 30.66
C GLN F 195 -36.25 15.71 30.78
N CYS F 196 -35.88 15.08 29.65
CA CYS F 196 -35.28 13.76 29.72
C CYS F 196 -33.94 13.81 30.46
N CYS F 197 -33.15 14.85 30.24
CA CYS F 197 -31.89 15.00 30.97
C CYS F 197 -32.14 15.34 32.43
N ARG F 198 -33.10 16.22 32.70
CA ARG F 198 -33.35 16.68 34.08
C ARG F 198 -33.72 15.50 34.98
N GLU F 199 -34.44 14.53 34.44
CA GLU F 199 -34.87 13.38 35.24
C GLU F 199 -33.67 12.60 35.76
N VAL F 200 -32.74 12.24 34.87
CA VAL F 200 -31.57 11.49 35.29
C VAL F 200 -30.61 12.39 36.06
N ALA F 201 -30.60 13.69 35.75
CA ALA F 201 -29.69 14.61 36.42
C ALA F 201 -29.88 14.60 37.93
N ALA F 202 -31.10 14.34 38.40
CA ALA F 202 -31.36 14.26 39.83
C ALA F 202 -30.90 12.94 40.44
N ARG F 203 -30.70 11.91 39.62
CA ARG F 203 -30.23 10.62 40.13
C ARG F 203 -28.73 10.62 40.42
N TYR F 204 -27.97 11.52 39.79
CA TYR F 204 -26.57 11.78 40.10
C TYR F 204 -26.44 13.22 40.56
N PRO F 205 -26.78 13.50 41.83
CA PRO F 205 -26.68 14.89 42.32
C PRO F 205 -25.25 15.37 42.51
N GLN F 206 -24.32 14.45 42.77
CA GLN F 206 -22.92 14.82 42.91
C GLN F 206 -22.39 15.48 41.63
N ILE F 207 -22.95 15.11 40.50
CA ILE F 207 -22.52 15.62 39.19
C ILE F 207 -23.35 16.87 38.90
N THR F 208 -22.67 18.02 38.82
CA THR F 208 -23.35 19.25 38.44
C THR F 208 -23.87 19.16 37.02
N PHE F 209 -25.07 19.68 36.79
CA PHE F 209 -25.74 19.59 35.51
C PHE F 209 -26.05 20.99 35.00
N GLU F 210 -25.97 21.15 33.67
CA GLU F 210 -26.20 22.44 33.04
C GLU F 210 -26.72 22.20 31.62
N ASN F 211 -27.57 23.10 31.16
CA ASN F 211 -28.01 23.10 29.77
C ASN F 211 -27.39 24.30 29.05
N MET F 212 -27.51 24.28 27.73
CA MET F 212 -26.93 25.35 26.91
C MET F 212 -27.51 25.25 25.52
N ILE F 213 -27.80 26.40 24.91
CA ILE F 213 -28.34 26.43 23.57
C ILE F 213 -27.21 26.14 22.57
N VAL F 214 -27.52 25.38 21.51
CA VAL F 214 -26.53 24.97 20.54
C VAL F 214 -25.76 26.16 19.96
N ASP F 215 -26.43 27.29 19.82
CA ASP F 215 -25.82 28.50 19.30
C ASP F 215 -24.69 28.99 20.19
N ASN F 216 -25.02 29.43 21.40
CA ASN F 216 -24.01 29.97 22.32
C ASN F 216 -22.95 28.91 22.64
N THR F 217 -23.32 27.63 22.62
CA THR F 217 -22.36 26.56 22.90
C THR F 217 -21.23 26.56 21.88
N THR F 218 -21.56 26.76 20.60
CA THR F 218 -20.52 26.84 19.57
C THR F 218 -19.61 28.04 19.80
N MET F 219 -20.20 29.21 20.05
CA MET F 219 -19.44 30.39 20.43
C MET F 219 -18.52 30.08 21.61
N GLN F 220 -19.07 29.46 22.66
CA GLN F 220 -18.31 29.19 23.87
C GLN F 220 -17.12 28.26 23.63
N LEU F 221 -17.14 27.45 22.56
CA LEU F 221 -16.02 26.56 22.32
C LEU F 221 -14.80 27.32 21.83
N VAL F 222 -14.96 28.11 20.77
CA VAL F 222 -13.81 28.81 20.18
C VAL F 222 -13.23 29.89 21.08
N SER F 223 -13.87 30.18 22.22
CA SER F 223 -13.38 31.20 23.14
C SER F 223 -12.74 30.59 24.38
N ARG F 224 -13.49 29.78 25.13
CA ARG F 224 -13.00 29.18 26.37
C ARG F 224 -13.53 27.76 26.46
N PRO F 225 -12.99 26.85 25.63
CA PRO F 225 -13.52 25.48 25.59
C PRO F 225 -13.19 24.67 26.82
N GLN F 226 -12.27 25.15 27.66
CA GLN F 226 -11.85 24.40 28.84
C GLN F 226 -12.98 24.24 29.86
N GLN F 227 -13.99 25.10 29.79
CA GLN F 227 -15.12 24.99 30.71
C GLN F 227 -15.89 23.69 30.52
N PHE F 228 -15.82 23.10 29.33
CA PHE F 228 -16.58 21.90 29.05
C PHE F 228 -15.86 20.66 29.54
N ASP F 229 -16.64 19.72 30.07
CA ASP F 229 -16.11 18.45 30.59
C ASP F 229 -16.80 17.28 29.89
N VAL F 230 -18.13 17.27 29.93
CA VAL F 230 -18.94 16.29 29.21
C VAL F 230 -20.10 17.03 28.54
N MET F 231 -20.27 16.79 27.25
CA MET F 231 -21.34 17.39 26.47
C MET F 231 -22.19 16.27 25.88
N VAL F 232 -23.47 16.57 25.66
CA VAL F 232 -24.41 15.56 25.19
C VAL F 232 -25.52 16.25 24.41
N MET F 233 -25.92 15.64 23.30
CA MET F 233 -26.93 16.23 22.42
C MET F 233 -27.53 15.11 21.59
N PRO F 234 -28.65 15.37 20.92
CA PRO F 234 -29.10 14.44 19.87
C PRO F 234 -28.16 14.49 18.68
N ASN F 235 -28.24 13.43 17.86
CA ASN F 235 -27.24 13.17 16.84
C ASN F 235 -27.16 14.26 15.77
N LEU F 236 -28.20 15.08 15.64
CA LEU F 236 -28.20 16.12 14.61
C LEU F 236 -27.13 17.18 14.89
N TYR F 237 -27.08 17.69 16.12
CA TYR F 237 -26.16 18.76 16.45
C TYR F 237 -24.73 18.27 16.58
N GLY F 238 -24.52 16.96 16.66
CA GLY F 238 -23.20 16.39 16.82
C GLY F 238 -22.22 16.74 15.73
N ASN F 239 -22.59 16.48 14.47
CA ASN F 239 -21.76 16.77 13.30
C ASN F 239 -21.10 18.14 13.41
N ILE F 240 -21.83 19.11 13.96
CA ILE F 240 -21.32 20.44 14.24
C ILE F 240 -20.28 20.35 15.36
N VAL F 241 -20.75 20.01 16.57
CA VAL F 241 -19.88 20.00 17.75
C VAL F 241 -18.69 19.10 17.54
N ASN F 242 -18.90 17.91 16.95
CA ASN F 242 -17.81 16.97 16.72
C ASN F 242 -16.73 17.57 15.84
N ASN F 243 -17.07 17.91 14.59
CA ASN F 243 -16.08 18.44 13.66
C ASN F 243 -15.43 19.71 14.18
N VAL F 244 -16.14 20.49 15.00
CA VAL F 244 -15.58 21.73 15.52
C VAL F 244 -14.62 21.43 16.67
N CYS F 245 -15.08 20.67 17.66
CA CYS F 245 -14.18 20.22 18.72
C CYS F 245 -13.03 19.41 18.15
N ALA F 246 -13.25 18.72 17.02
CA ALA F 246 -12.17 18.03 16.35
C ALA F 246 -11.09 19.00 15.89
N GLY F 247 -11.49 20.05 15.18
CA GLY F 247 -10.53 21.00 14.67
C GLY F 247 -9.89 21.87 15.72
N LEU F 248 -10.50 21.98 16.91
CA LEU F 248 -9.91 22.80 17.95
C LEU F 248 -8.60 22.21 18.45
N VAL F 249 -8.60 20.91 18.80
CA VAL F 249 -7.40 20.25 19.29
C VAL F 249 -6.52 19.71 18.17
N GLY F 250 -6.90 19.92 16.91
CA GLY F 250 -6.09 19.48 15.80
C GLY F 250 -6.86 19.21 14.52
N GLY F 251 -7.04 17.94 14.19
CA GLY F 251 -7.76 17.56 13.00
C GLY F 251 -8.29 16.14 13.09
N PRO F 252 -9.04 15.72 12.07
CA PRO F 252 -9.70 14.40 12.13
C PRO F 252 -8.77 13.25 12.48
N GLY F 253 -7.47 13.38 12.21
CA GLY F 253 -6.55 12.31 12.50
C GLY F 253 -5.96 12.36 13.90
N LEU F 254 -6.70 12.91 14.85
CA LEU F 254 -6.25 12.94 16.24
C LEU F 254 -7.33 12.60 17.25
N VAL F 255 -8.55 12.28 16.82
CA VAL F 255 -9.68 12.08 17.71
C VAL F 255 -10.09 10.62 17.64
N ALA F 256 -9.91 9.90 18.76
CA ALA F 256 -10.48 8.57 18.87
C ALA F 256 -12.00 8.67 18.91
N GLY F 257 -12.67 7.61 18.44
CA GLY F 257 -14.10 7.54 18.47
C GLY F 257 -14.56 6.17 18.91
N ALA F 258 -15.87 6.06 19.13
CA ALA F 258 -16.43 4.80 19.60
C ALA F 258 -17.94 4.83 19.45
N ASN F 259 -18.50 3.74 18.96
CA ASN F 259 -19.94 3.52 18.93
C ASN F 259 -20.27 2.34 19.84
N TYR F 260 -20.99 2.62 20.92
CA TYR F 260 -21.38 1.60 21.90
C TYR F 260 -22.80 1.11 21.64
N GLY F 261 -23.07 -0.11 22.09
CA GLY F 261 -24.41 -0.63 22.08
C GLY F 261 -24.81 -0.96 23.50
N HIS F 262 -25.95 -1.61 23.71
CA HIS F 262 -26.31 -2.02 25.07
C HIS F 262 -25.30 -3.02 25.62
N VAL F 263 -24.65 -3.78 24.75
CA VAL F 263 -23.61 -4.74 25.13
C VAL F 263 -22.41 -4.59 24.20
N TYR F 264 -22.69 -4.46 22.90
CA TYR F 264 -21.62 -4.42 21.90
C TYR F 264 -20.90 -3.07 21.94
N ALA F 265 -19.62 -3.10 21.62
CA ALA F 265 -18.78 -1.91 21.67
C ALA F 265 -17.84 -1.89 20.47
N VAL F 266 -17.96 -0.86 19.65
CA VAL F 266 -17.16 -0.70 18.44
C VAL F 266 -16.32 0.57 18.60
N PHE F 267 -15.05 0.49 18.17
CA PHE F 267 -14.13 1.65 18.24
C PHE F 267 -13.93 2.24 16.83
N GLU F 268 -14.17 3.54 16.69
CA GLU F 268 -14.03 4.23 15.37
C GLU F 268 -13.24 5.54 15.56
N THR F 269 -12.66 6.05 14.47
CA THR F 269 -11.87 7.31 14.51
C THR F 269 -12.79 8.52 14.72
N ALA F 270 -12.25 9.59 15.33
CA ALA F 270 -13.03 10.81 15.61
C ALA F 270 -13.53 11.44 14.31
N THR F 271 -12.68 11.45 13.27
CA THR F 271 -13.05 12.05 11.97
C THR F 271 -13.29 10.93 10.93
N ARG F 272 -14.46 10.93 10.29
CA ARG F 272 -14.82 9.91 9.27
C ARG F 272 -14.27 10.34 7.91
N ASN F 273 -12.96 10.25 7.71
CA ASN F 273 -12.34 10.64 6.41
C ASN F 273 -11.83 9.37 5.70
N THR F 274 -12.30 9.13 4.47
CA THR F 274 -11.89 7.94 3.69
C THR F 274 -10.39 7.99 3.39
N GLY F 275 -9.89 9.18 3.02
CA GLY F 275 -8.46 9.33 2.69
C GLY F 275 -8.14 8.71 1.34
N LYS F 276 -9.18 8.38 0.57
CA LYS F 276 -9.05 7.75 -0.74
C LYS F 276 -8.03 8.47 -1.61
N SER F 277 -7.79 9.76 -1.35
CA SER F 277 -6.79 10.54 -2.07
C SER F 277 -5.39 10.31 -1.54
N ILE F 278 -5.25 9.81 -0.31
CA ILE F 278 -3.93 9.55 0.25
C ILE F 278 -3.78 8.03 0.38
N ALA F 279 -3.90 7.32 -0.74
CA ALA F 279 -3.87 5.87 -0.72
C ALA F 279 -2.42 5.39 -0.75
N ASN F 280 -2.03 4.67 0.31
CA ASN F 280 -0.71 4.04 0.38
C ASN F 280 0.40 5.04 0.18
N LYS F 281 0.22 6.25 0.71
CA LYS F 281 1.23 7.29 0.62
C LYS F 281 2.20 7.28 1.80
N ASN F 282 2.01 6.38 2.76
CA ASN F 282 2.81 6.35 3.99
C ASN F 282 2.75 7.73 4.66
N ILE F 283 1.55 8.29 4.71
CA ILE F 283 1.38 9.70 5.07
C ILE F 283 0.37 9.81 6.21
N ALA F 284 -0.69 9.01 6.15
CA ALA F 284 -1.86 9.21 6.99
C ALA F 284 -1.49 9.36 8.46
N ASN F 285 -2.17 10.28 9.15
CA ASN F 285 -1.93 10.45 10.59
C ASN F 285 -2.44 9.23 11.34
N PRO F 286 -1.60 8.53 12.10
CA PRO F 286 -2.07 7.35 12.83
C PRO F 286 -2.63 7.67 14.20
N THR F 287 -2.32 8.87 14.71
CA THR F 287 -2.49 9.16 16.12
C THR F 287 -3.95 9.00 16.57
N ALA F 288 -4.91 9.23 15.68
CA ALA F 288 -6.30 8.94 16.03
C ALA F 288 -6.55 7.45 16.09
N THR F 289 -6.25 6.74 14.99
CA THR F 289 -6.46 5.30 14.93
C THR F 289 -5.79 4.59 16.11
N LEU F 290 -4.57 5.01 16.44
CA LEU F 290 -3.91 4.48 17.63
C LEU F 290 -4.74 4.74 18.88
N LEU F 291 -5.15 6.00 19.06
CA LEU F 291 -5.96 6.36 20.23
C LEU F 291 -7.25 5.54 20.29
N ALA F 292 -7.78 5.13 19.13
CA ALA F 292 -8.93 4.25 19.13
C ALA F 292 -8.60 2.92 19.79
N SER F 293 -7.41 2.37 19.49
CA SER F 293 -7.00 1.14 20.15
C SER F 293 -6.79 1.36 21.64
N CYS F 294 -6.40 2.58 22.04
CA CYS F 294 -6.18 2.87 23.45
C CYS F 294 -7.46 2.65 24.26
N MET F 295 -8.52 3.39 23.91
CA MET F 295 -9.78 3.21 24.61
C MET F 295 -10.41 1.84 24.33
N MET F 296 -9.99 1.16 23.26
CA MET F 296 -10.43 -0.21 23.06
C MET F 296 -9.81 -1.14 24.10
N LEU F 297 -8.57 -0.87 24.50
CA LEU F 297 -7.97 -1.61 25.61
C LEU F 297 -8.58 -1.19 26.94
N ASP F 298 -8.87 0.10 27.11
CA ASP F 298 -9.56 0.56 28.30
C ASP F 298 -10.92 -0.10 28.47
N HIS F 299 -11.59 -0.44 27.36
CA HIS F 299 -12.86 -1.12 27.47
C HIS F 299 -12.71 -2.60 27.77
N LEU F 300 -11.58 -3.21 27.40
CA LEU F 300 -11.30 -4.58 27.80
C LEU F 300 -10.68 -4.65 29.18
N LYS F 301 -10.65 -3.52 29.89
CA LYS F 301 -10.16 -3.44 31.26
C LYS F 301 -8.70 -3.88 31.35
N LEU F 302 -7.90 -3.43 30.38
CA LEU F 302 -6.48 -3.71 30.33
C LEU F 302 -5.64 -2.45 30.46
N HIS F 303 -6.18 -1.42 31.12
CA HIS F 303 -5.62 -0.08 31.22
C HIS F 303 -4.10 -0.03 31.23
N SER F 304 -3.46 -0.99 31.92
CA SER F 304 -2.01 -1.04 32.02
C SER F 304 -1.33 -0.92 30.66
N TYR F 305 -1.95 -1.45 29.61
CA TYR F 305 -1.37 -1.40 28.28
C TYR F 305 -1.87 -0.17 27.51
N ALA F 306 -3.16 0.15 27.65
CA ALA F 306 -3.67 1.38 27.09
C ALA F 306 -3.01 2.60 27.70
N THR F 307 -2.59 2.52 28.97
CA THR F 307 -1.89 3.63 29.61
C THR F 307 -0.45 3.72 29.11
N SER F 308 0.24 2.59 28.98
CA SER F 308 1.60 2.61 28.45
C SER F 308 1.63 2.95 26.96
N ILE F 309 0.57 2.60 26.24
CA ILE F 309 0.45 3.03 24.85
C ILE F 309 0.18 4.53 24.78
N ARG F 310 -0.77 4.99 25.60
CA ARG F 310 -1.19 6.39 25.54
C ARG F 310 -0.04 7.33 25.85
N LYS F 311 0.68 7.07 26.95
CA LYS F 311 1.84 7.90 27.29
C LYS F 311 2.87 7.88 26.16
N ALA F 312 2.91 6.82 25.36
CA ALA F 312 3.85 6.76 24.25
C ALA F 312 3.44 7.73 23.14
N VAL F 313 2.21 7.58 22.63
CA VAL F 313 1.80 8.34 21.45
C VAL F 313 1.80 9.83 21.73
N LEU F 314 1.51 10.17 22.98
CA LEU F 314 1.72 11.59 23.32
C LEU F 314 3.23 11.77 23.23
N ALA F 315 3.98 10.78 23.69
CA ALA F 315 5.43 11.02 23.74
C ALA F 315 6.01 11.22 22.34
N SER F 316 5.67 10.36 21.40
CA SER F 316 6.29 10.52 20.07
C SER F 316 5.81 11.80 19.42
N MET F 317 4.53 12.11 19.59
CA MET F 317 3.98 13.30 18.90
C MET F 317 4.73 14.57 19.31
N ASP F 318 5.15 14.73 20.57
CA ASP F 318 5.76 16.03 20.96
C ASP F 318 6.99 16.40 20.11
N ASN F 319 7.82 15.47 19.66
CA ASN F 319 8.91 15.94 18.77
C ASN F 319 8.27 16.47 17.48
N GLU F 320 8.70 17.63 17.03
CA GLU F 320 8.07 18.31 15.85
C GLU F 320 8.13 17.41 14.62
N ASN F 321 9.24 16.73 14.40
CA ASN F 321 9.41 15.98 13.14
C ASN F 321 8.34 14.90 12.92
N MET F 322 7.80 14.28 13.96
CA MET F 322 6.85 13.17 13.67
C MET F 322 5.50 13.60 13.10
N HIS F 323 5.13 14.87 13.14
CA HIS F 323 3.75 15.18 12.66
C HIS F 323 3.51 14.80 11.19
N THR F 324 2.29 14.36 10.91
CA THR F 324 1.84 14.01 9.54
C THR F 324 1.50 15.28 8.75
N PRO F 325 1.48 15.26 7.41
CA PRO F 325 1.06 16.44 6.64
C PRO F 325 -0.30 17.00 7.00
N ASP F 326 -1.30 16.13 7.26
CA ASP F 326 -2.66 16.59 7.52
C ASP F 326 -2.75 17.50 8.73
N ILE F 327 -1.71 17.58 9.56
CA ILE F 327 -1.69 18.47 10.71
C ILE F 327 -0.57 19.50 10.64
N GLY F 328 0.29 19.43 9.64
CA GLY F 328 1.30 20.46 9.42
C GLY F 328 2.73 20.03 9.68
N GLY F 329 3.02 18.74 9.49
CA GLY F 329 4.35 18.21 9.67
C GLY F 329 5.03 17.86 8.35
N GLN F 330 6.17 17.16 8.48
CA GLN F 330 6.95 16.77 7.32
C GLN F 330 7.37 15.31 7.35
N GLY F 331 6.92 14.52 8.34
CA GLY F 331 7.34 13.15 8.48
C GLY F 331 6.38 12.16 7.84
N THR F 332 6.75 10.88 7.92
CA THR F 332 5.98 9.78 7.38
C THR F 332 5.59 8.83 8.50
N THR F 333 4.50 8.09 8.28
CA THR F 333 3.93 7.24 9.32
C THR F 333 4.97 6.27 9.87
N SER F 334 5.71 5.62 8.97
CA SER F 334 6.67 4.59 9.39
C SER F 334 7.62 5.11 10.45
N GLU F 335 8.05 6.37 10.32
CA GLU F 335 8.90 6.96 11.34
C GLU F 335 8.14 7.12 12.65
N ALA F 336 6.89 7.59 12.58
CA ALA F 336 6.09 7.80 13.77
C ALA F 336 5.86 6.49 14.51
N ILE F 337 5.26 5.51 13.82
CA ILE F 337 4.97 4.21 14.43
C ILE F 337 6.21 3.66 15.13
N GLN F 338 7.35 3.68 14.44
CA GLN F 338 8.58 3.20 15.05
C GLN F 338 9.03 4.11 16.19
N ASP F 339 8.87 5.42 16.03
CA ASP F 339 9.28 6.34 17.09
C ASP F 339 8.43 6.13 18.35
N VAL F 340 7.12 5.91 18.18
CA VAL F 340 6.31 5.47 19.30
C VAL F 340 6.79 4.13 19.83
N ILE F 341 7.27 3.26 18.94
CA ILE F 341 7.75 1.95 19.35
C ILE F 341 9.06 2.06 20.15
N ARG F 342 9.76 3.14 19.81
CA ARG F 342 10.97 3.54 20.47
C ARG F 342 10.53 4.02 21.83
N HIS F 343 9.49 4.85 21.80
CA HIS F 343 8.93 5.44 23.01
C HIS F 343 8.33 4.34 23.84
N ILE F 344 7.96 3.27 23.19
CA ILE F 344 7.35 2.16 23.86
C ILE F 344 8.39 1.26 24.47
N ARG F 345 8.63 1.41 25.76
CA ARG F 345 9.61 0.60 26.47
C ARG F 345 9.06 -0.74 26.94
N VAL F 346 9.94 -1.70 27.25
CA VAL F 346 9.48 -3.05 27.70
C VAL F 346 9.08 -2.98 29.16
N ILE F 347 7.87 -2.45 29.40
CA ILE F 347 7.29 -2.36 30.77
C ILE F 347 6.86 -3.78 31.17
N ASN F 348 6.89 -4.07 32.48
CA ASN F 348 6.59 -5.39 33.10
C ASN F 348 7.74 -6.36 32.78
N ARG F 350 9.37 -8.66 30.22
CA ARG F 350 9.45 -9.07 28.79
C ARG F 350 10.88 -8.81 28.29
N ALA F 351 11.15 -9.25 27.06
CA ALA F 351 12.46 -9.05 26.41
C ALA F 351 12.30 -9.24 24.90
N GLY G 3 -69.38 16.02 -38.34
CA GLY G 3 -70.39 14.98 -38.38
C GLY G 3 -70.05 13.77 -37.52
N VAL G 4 -68.81 13.33 -37.61
CA VAL G 4 -68.34 12.14 -36.89
C VAL G 4 -67.32 12.58 -35.85
N GLN G 5 -67.07 11.69 -34.88
CA GLN G 5 -66.16 11.97 -33.78
C GLN G 5 -65.31 10.73 -33.50
N THR G 6 -64.16 10.97 -32.86
CA THR G 6 -63.20 9.92 -32.56
C THR G 6 -63.16 9.63 -31.07
N VAL G 7 -63.09 8.34 -30.72
CA VAL G 7 -63.01 7.89 -29.34
C VAL G 7 -61.98 6.77 -29.26
N THR G 8 -61.01 6.91 -28.35
CA THR G 8 -60.00 5.88 -28.15
C THR G 8 -60.58 4.77 -27.29
N LEU G 9 -60.78 3.59 -27.89
CA LEU G 9 -61.35 2.45 -27.20
C LEU G 9 -60.24 1.57 -26.61
N ILE G 10 -60.41 1.18 -25.35
CA ILE G 10 -59.50 0.22 -24.72
C ILE G 10 -60.32 -0.99 -24.29
N PRO G 11 -60.43 -2.02 -25.13
CA PRO G 11 -61.29 -3.17 -24.78
C PRO G 11 -60.87 -3.90 -23.52
N GLY G 12 -59.57 -4.00 -23.25
CA GLY G 12 -59.11 -4.54 -21.97
C GLY G 12 -58.91 -6.03 -21.92
N ASP G 13 -59.11 -6.61 -20.74
CA ASP G 13 -58.90 -8.04 -20.49
C ASP G 13 -60.21 -8.72 -20.17
N GLY G 14 -60.20 -10.05 -20.27
CA GLY G 14 -61.36 -10.85 -19.88
C GLY G 14 -62.55 -10.63 -20.79
N ILE G 15 -63.74 -10.50 -20.18
CA ILE G 15 -64.96 -10.25 -20.92
C ILE G 15 -64.95 -8.89 -21.60
N GLY G 16 -64.00 -8.03 -21.26
CA GLY G 16 -63.97 -6.66 -21.70
C GLY G 16 -64.14 -6.47 -23.19
N PRO G 17 -63.19 -6.99 -23.99
CA PRO G 17 -63.31 -6.85 -25.44
C PRO G 17 -64.58 -7.47 -26.01
N GLU G 18 -65.06 -8.57 -25.42
CA GLU G 18 -66.30 -9.18 -25.89
C GLU G 18 -67.45 -8.21 -25.81
N ILE G 19 -67.63 -7.58 -24.65
CA ILE G 19 -68.70 -6.59 -24.49
C ILE G 19 -68.27 -5.21 -24.97
N SER G 20 -66.99 -5.01 -25.28
CA SER G 20 -66.58 -3.77 -25.94
C SER G 20 -67.05 -3.76 -27.38
N ALA G 21 -67.03 -4.91 -28.05
CA ALA G 21 -67.60 -5.00 -29.40
C ALA G 21 -69.11 -5.04 -29.37
N ALA G 22 -69.70 -5.53 -28.27
CA ALA G 22 -71.15 -5.47 -28.11
C ALA G 22 -71.63 -4.03 -28.03
N VAL G 23 -70.82 -3.13 -27.45
CA VAL G 23 -71.17 -1.71 -27.39
C VAL G 23 -70.99 -1.06 -28.75
N MET G 24 -69.91 -1.39 -29.46
CA MET G 24 -69.67 -0.83 -30.78
C MET G 24 -70.72 -1.24 -31.79
N LYS G 25 -71.45 -2.33 -31.52
CA LYS G 25 -72.54 -2.73 -32.40
C LYS G 25 -73.79 -1.89 -32.16
N ILE G 26 -74.19 -1.74 -30.89
CA ILE G 26 -75.37 -0.95 -30.56
C ILE G 26 -75.20 0.51 -30.97
N PHE G 27 -73.96 0.98 -31.09
CA PHE G 27 -73.72 2.34 -31.56
C PHE G 27 -74.03 2.46 -33.05
N ASP G 28 -73.57 1.48 -33.85
CA ASP G 28 -73.96 1.45 -35.26
C ASP G 28 -75.44 1.14 -35.43
N ALA G 29 -76.03 0.42 -34.48
CA ALA G 29 -77.46 0.10 -34.53
C ALA G 29 -78.33 1.30 -34.22
N ALA G 30 -77.78 2.32 -33.55
CA ALA G 30 -78.50 3.56 -33.29
C ALA G 30 -77.98 4.72 -34.14
N LYS G 31 -77.18 4.44 -35.16
CA LYS G 31 -76.62 5.46 -36.04
C LYS G 31 -75.83 6.51 -35.25
N ALA G 32 -74.83 6.03 -34.52
CA ALA G 32 -74.01 6.91 -33.70
C ALA G 32 -72.74 7.29 -34.46
N PRO G 33 -72.50 8.57 -34.71
CA PRO G 33 -71.28 9.01 -35.41
C PRO G 33 -70.06 9.05 -34.50
N ILE G 34 -69.43 7.88 -34.34
CA ILE G 34 -68.34 7.70 -33.38
C ILE G 34 -67.28 6.79 -34.00
N GLN G 35 -66.02 7.16 -33.83
CA GLN G 35 -64.88 6.39 -34.31
C GLN G 35 -64.25 5.62 -33.16
N TRP G 36 -63.74 4.42 -33.45
CA TRP G 36 -63.17 3.52 -32.45
C TRP G 36 -61.70 3.29 -32.78
N GLU G 37 -60.81 3.77 -31.92
CA GLU G 37 -59.37 3.60 -32.09
C GLU G 37 -58.88 2.64 -31.01
N GLU G 38 -58.91 1.34 -31.30
CA GLU G 38 -58.57 0.33 -30.32
C GLU G 38 -57.12 0.46 -29.87
N ARG G 39 -56.93 0.50 -28.55
CA ARG G 39 -55.61 0.63 -27.95
C ARG G 39 -55.51 -0.29 -26.73
N ASN G 40 -54.31 -0.85 -26.52
CA ASN G 40 -53.96 -1.45 -25.24
C ASN G 40 -53.09 -0.47 -24.47
N VAL G 41 -53.13 -0.56 -23.15
CA VAL G 41 -52.54 0.47 -22.31
C VAL G 41 -51.69 -0.12 -21.21
N THR G 42 -51.31 -1.40 -21.35
CA THR G 42 -50.60 -2.10 -20.30
C THR G 42 -49.31 -1.38 -19.92
N ALA G 43 -49.05 -1.28 -18.62
CA ALA G 43 -47.98 -0.46 -18.08
C ALA G 43 -46.60 -0.91 -18.55
N ILE G 44 -46.00 -0.14 -19.45
CA ILE G 44 -44.66 -0.45 -19.94
C ILE G 44 -43.62 0.10 -18.97
N GLN G 45 -42.40 -0.42 -19.09
CA GLN G 45 -41.30 0.00 -18.23
C GLN G 45 -40.60 1.21 -18.83
N GLY G 46 -40.21 2.14 -17.97
CA GLY G 46 -39.58 3.38 -18.39
C GLY G 46 -38.10 3.41 -18.14
N PRO G 47 -37.51 4.61 -18.17
CA PRO G 47 -36.06 4.78 -17.95
C PRO G 47 -35.65 4.60 -16.49
N GLY G 48 -35.94 3.43 -15.95
CA GLY G 48 -35.47 3.10 -14.61
C GLY G 48 -36.32 2.15 -13.81
N GLY G 49 -37.63 2.09 -14.07
CA GLY G 49 -38.48 1.18 -13.33
C GLY G 49 -39.70 0.75 -14.12
N LYS G 50 -40.89 0.88 -13.52
CA LYS G 50 -42.15 0.60 -14.18
C LYS G 50 -43.06 1.80 -13.91
N TRP G 51 -43.09 2.75 -14.86
CA TRP G 51 -43.81 4.00 -14.59
C TRP G 51 -44.26 4.75 -15.83
N MET G 52 -44.42 4.13 -17.00
CA MET G 52 -44.97 4.83 -18.14
C MET G 52 -45.86 3.88 -18.94
N ILE G 53 -46.50 4.44 -19.95
CA ILE G 53 -47.62 3.77 -20.64
C ILE G 53 -47.26 3.56 -22.10
N PRO G 54 -48.06 2.80 -22.86
CA PRO G 54 -47.92 2.83 -24.32
C PRO G 54 -48.21 4.22 -24.86
N SER G 55 -47.21 4.82 -25.50
CA SER G 55 -47.40 6.14 -26.08
C SER G 55 -48.46 6.13 -27.17
N GLU G 56 -48.59 5.00 -27.88
CA GLU G 56 -49.58 4.89 -28.96
C GLU G 56 -50.99 5.17 -28.45
N ALA G 57 -51.29 4.79 -27.20
CA ALA G 57 -52.56 5.15 -26.59
C ALA G 57 -52.57 6.57 -26.05
N LYS G 58 -51.40 7.19 -25.86
CA LYS G 58 -51.33 8.51 -25.25
C LYS G 58 -51.67 9.61 -26.25
N GLU G 59 -50.95 9.67 -27.38
CA GLU G 59 -51.23 10.72 -28.36
C GLU G 59 -52.64 10.62 -28.91
N SER G 60 -53.24 9.43 -28.89
CA SER G 60 -54.64 9.29 -29.26
C SER G 60 -55.53 10.09 -28.34
N MET G 61 -55.42 9.84 -27.03
CA MET G 61 -56.21 10.61 -26.06
C MET G 61 -55.84 12.09 -26.10
N ASP G 62 -54.57 12.42 -26.34
CA ASP G 62 -54.16 13.82 -26.44
C ASP G 62 -54.81 14.54 -27.61
N LYS G 63 -55.38 13.79 -28.55
CA LYS G 63 -56.15 14.36 -29.65
C LYS G 63 -57.62 14.01 -29.61
N ASN G 64 -57.96 12.77 -29.27
CA ASN G 64 -59.36 12.37 -29.22
C ASN G 64 -60.10 13.01 -28.06
N LYS G 65 -59.39 13.30 -26.97
CA LYS G 65 -59.92 13.93 -25.75
C LYS G 65 -60.88 13.03 -24.98
N MET G 66 -61.68 12.22 -25.68
CA MET G 66 -62.59 11.29 -25.06
C MET G 66 -62.14 9.86 -25.28
N GLY G 67 -62.40 9.01 -24.29
CA GLY G 67 -61.99 7.62 -24.35
C GLY G 67 -62.87 6.74 -23.49
N LEU G 68 -63.01 5.49 -23.93
CA LEU G 68 -63.79 4.49 -23.22
C LEU G 68 -62.85 3.38 -22.75
N LYS G 69 -62.87 3.08 -21.45
CA LYS G 69 -62.03 2.04 -20.88
C LYS G 69 -62.91 0.99 -20.19
N GLY G 70 -62.59 -0.28 -20.44
CA GLY G 70 -63.29 -1.36 -19.80
C GLY G 70 -62.55 -1.86 -18.57
N PRO G 71 -62.80 -3.10 -18.18
CA PRO G 71 -62.11 -3.66 -17.01
C PRO G 71 -60.70 -4.10 -17.38
N LEU G 72 -59.84 -4.09 -16.36
CA LEU G 72 -58.45 -4.48 -16.50
C LEU G 72 -58.06 -5.32 -15.29
N LYS G 73 -57.08 -6.21 -15.51
CA LYS G 73 -56.56 -7.18 -14.50
C LYS G 73 -55.60 -6.53 -13.49
N THR G 74 -54.99 -7.39 -12.66
CA THR G 74 -54.09 -7.10 -11.51
C THR G 74 -52.64 -6.83 -11.95
N PRO G 75 -51.67 -6.78 -11.01
CA PRO G 75 -50.28 -6.50 -11.36
C PRO G 75 -49.42 -7.77 -11.44
N ILE G 76 -48.47 -7.79 -12.39
CA ILE G 76 -47.56 -8.95 -12.65
C ILE G 76 -46.70 -9.23 -11.42
N ALA G 77 -46.24 -8.18 -10.73
CA ALA G 77 -45.40 -8.31 -9.52
C ALA G 77 -45.93 -7.36 -8.44
N ALA G 78 -45.51 -7.56 -7.19
CA ALA G 78 -45.95 -6.68 -6.08
C ALA G 78 -45.50 -5.23 -6.34
N GLY G 79 -44.29 -5.06 -6.86
CA GLY G 79 -43.68 -3.74 -7.15
C GLY G 79 -44.48 -2.92 -8.14
N HIS G 80 -45.17 -3.56 -9.09
CA HIS G 80 -45.92 -2.79 -10.11
C HIS G 80 -47.02 -1.93 -9.48
N PRO G 81 -47.27 -0.71 -10.01
CA PRO G 81 -48.28 0.21 -9.49
C PRO G 81 -49.69 -0.03 -10.05
N SER G 82 -50.70 0.56 -9.40
CA SER G 82 -52.13 0.47 -9.81
C SER G 82 -52.33 1.13 -11.17
N MET G 83 -53.09 0.47 -12.03
CA MET G 83 -53.25 1.02 -13.40
C MET G 83 -53.92 2.39 -13.35
N ASN G 84 -55.03 2.50 -12.62
CA ASN G 84 -55.77 3.76 -12.64
C ASN G 84 -55.04 4.90 -11.95
N LEU G 85 -53.89 4.65 -11.33
CA LEU G 85 -53.11 5.72 -10.70
C LEU G 85 -52.33 6.51 -11.73
N LEU G 86 -51.66 5.81 -12.66
CA LEU G 86 -50.94 6.51 -13.72
C LEU G 86 -51.91 7.22 -14.66
N LEU G 87 -53.05 6.59 -14.95
CA LEU G 87 -54.10 7.27 -15.70
C LEU G 87 -54.49 8.57 -15.03
N ARG G 88 -54.51 8.60 -13.70
CA ARG G 88 -54.75 9.83 -12.97
C ARG G 88 -53.61 10.82 -13.15
N LYS G 89 -52.38 10.37 -12.93
CA LYS G 89 -51.24 11.29 -12.96
C LYS G 89 -50.80 11.64 -14.38
N THR G 90 -50.98 10.73 -15.34
CA THR G 90 -50.62 11.06 -16.72
C THR G 90 -51.69 11.87 -17.43
N PHE G 91 -52.87 12.04 -16.84
CA PHE G 91 -53.95 12.79 -17.47
C PHE G 91 -54.65 13.77 -16.54
N ASP G 92 -54.21 13.91 -15.29
CA ASP G 92 -54.73 14.92 -14.37
C ASP G 92 -56.24 14.76 -14.18
N LEU G 93 -56.70 13.52 -14.04
CA LEU G 93 -58.12 13.23 -13.82
C LEU G 93 -58.49 13.62 -12.40
N TYR G 94 -58.85 14.90 -12.21
CA TYR G 94 -59.16 15.37 -10.87
C TYR G 94 -60.57 15.02 -10.44
N ALA G 95 -61.54 15.15 -11.34
CA ALA G 95 -62.94 14.85 -11.02
C ALA G 95 -63.27 13.40 -11.35
N ASN G 96 -63.79 12.67 -10.37
CA ASN G 96 -64.20 11.28 -10.54
C ASN G 96 -65.71 11.21 -10.38
N VAL G 97 -66.41 10.84 -11.46
CA VAL G 97 -67.86 10.90 -11.53
C VAL G 97 -68.42 9.50 -11.47
N ARG G 98 -69.44 9.30 -10.63
CA ARG G 98 -70.20 8.06 -10.64
C ARG G 98 -71.65 8.32 -10.27
N PRO G 99 -72.57 8.29 -11.23
CA PRO G 99 -73.99 8.43 -10.91
C PRO G 99 -74.62 7.09 -10.54
N CYS G 100 -75.79 7.18 -9.90
CA CYS G 100 -76.54 5.99 -9.52
C CYS G 100 -78.02 6.29 -9.66
N VAL G 101 -78.69 5.53 -10.51
CA VAL G 101 -80.13 5.66 -10.73
C VAL G 101 -80.76 4.27 -10.58
N SER G 102 -81.83 4.19 -9.78
CA SER G 102 -82.55 2.94 -9.63
C SER G 102 -82.98 2.43 -11.00
N ILE G 103 -83.07 1.11 -11.13
CA ILE G 103 -83.42 0.47 -12.39
C ILE G 103 -84.85 -0.05 -12.27
N GLU G 104 -85.71 0.37 -13.20
CA GLU G 104 -87.13 0.06 -13.10
C GLU G 104 -87.39 -1.44 -13.19
N GLY G 105 -86.49 -2.19 -13.83
CA GLY G 105 -86.66 -3.62 -13.97
C GLY G 105 -85.68 -4.43 -13.14
N TYR G 106 -85.27 -3.89 -11.99
CA TYR G 106 -84.38 -4.57 -11.06
C TYR G 106 -85.05 -4.65 -9.69
N LYS G 107 -85.09 -5.85 -9.11
CA LYS G 107 -85.72 -6.08 -7.81
C LYS G 107 -84.68 -5.90 -6.70
N THR G 108 -84.30 -4.65 -6.49
CA THR G 108 -83.44 -4.23 -5.38
C THR G 108 -84.41 -3.61 -4.37
N PRO G 109 -84.13 -3.71 -3.08
CA PRO G 109 -85.08 -3.19 -2.07
C PRO G 109 -84.77 -1.71 -1.87
N TYR G 110 -84.55 -0.98 -2.97
CA TYR G 110 -84.37 0.47 -2.94
C TYR G 110 -84.87 1.03 -4.26
N THR G 111 -85.81 1.97 -4.19
CA THR G 111 -86.48 2.49 -5.36
C THR G 111 -86.35 4.01 -5.43
N ASP G 112 -86.52 4.52 -6.65
CA ASP G 112 -86.65 5.96 -6.93
C ASP G 112 -85.49 6.75 -6.32
N VAL G 113 -84.29 6.40 -6.76
CA VAL G 113 -83.09 7.15 -6.41
C VAL G 113 -82.50 7.72 -7.68
N ASN G 114 -81.86 8.88 -7.54
CA ASN G 114 -81.20 9.51 -8.68
C ASN G 114 -80.05 10.36 -8.17
N ILE G 115 -78.89 9.73 -7.91
CA ILE G 115 -77.78 10.35 -7.20
C ILE G 115 -76.55 10.33 -8.10
N VAL G 116 -75.70 11.35 -7.94
CA VAL G 116 -74.44 11.46 -8.66
C VAL G 116 -73.36 11.82 -7.65
N THR G 117 -72.20 11.16 -7.76
CA THR G 117 -71.08 11.40 -6.87
C THR G 117 -69.98 12.14 -7.62
N ILE G 118 -69.44 13.18 -6.98
CA ILE G 118 -68.32 13.95 -7.52
C ILE G 118 -67.14 13.71 -6.60
N ARG G 119 -66.15 12.97 -7.08
CA ARG G 119 -65.03 12.52 -6.26
C ARG G 119 -63.75 13.23 -6.69
N GLU G 120 -63.01 13.80 -5.73
CA GLU G 120 -61.69 14.45 -5.98
C GLU G 120 -60.64 13.36 -6.26
N ASN G 121 -59.68 13.56 -7.19
CA ASN G 121 -58.79 12.43 -7.56
C ASN G 121 -57.25 12.54 -7.41
N THR G 122 -56.61 13.63 -6.98
CA THR G 122 -55.12 13.51 -6.88
C THR G 122 -54.60 13.83 -5.48
N GLU G 123 -54.74 15.08 -5.04
CA GLU G 123 -54.27 15.44 -3.68
C GLU G 123 -55.09 14.60 -2.70
N GLY G 124 -54.46 13.96 -1.71
CA GLY G 124 -55.31 13.21 -0.77
C GLY G 124 -54.62 12.01 -0.15
N GLU G 125 -55.40 11.21 0.60
CA GLU G 125 -54.95 9.98 1.30
C GLU G 125 -54.40 8.99 0.27
N TYR G 126 -55.01 8.93 -0.93
CA TYR G 126 -54.55 8.05 -2.02
C TYR G 126 -53.10 8.38 -2.42
N SER G 127 -52.62 9.63 -2.30
CA SER G 127 -51.19 9.89 -2.59
C SER G 127 -50.40 8.95 -1.69
N GLY G 128 -49.36 8.33 -2.24
CA GLY G 128 -48.64 7.25 -1.55
C GLY G 128 -47.85 7.74 -0.36
N ILE G 129 -47.92 9.01 -0.02
CA ILE G 129 -47.00 9.42 1.04
C ILE G 129 -47.48 8.85 2.36
N GLU G 130 -46.62 8.06 3.00
CA GLU G 130 -46.72 7.69 4.40
C GLU G 130 -45.31 7.76 4.99
N HIS G 131 -45.20 7.63 6.30
CA HIS G 131 -43.89 7.69 6.94
C HIS G 131 -43.86 6.93 8.25
N VAL G 132 -42.96 5.96 8.33
CA VAL G 132 -42.66 5.29 9.57
C VAL G 132 -41.87 6.22 10.47
N ILE G 133 -42.24 6.27 11.75
CA ILE G 133 -41.64 7.20 12.69
C ILE G 133 -40.57 6.48 13.51
N VAL G 134 -41.01 5.65 14.46
CA VAL G 134 -40.13 4.76 15.19
C VAL G 134 -40.75 3.36 15.18
N ASP G 135 -40.17 2.43 15.91
CA ASP G 135 -40.56 1.02 15.81
C ASP G 135 -42.03 0.84 16.20
N GLY G 136 -42.81 0.31 15.26
CA GLY G 136 -44.22 0.08 15.51
C GLY G 136 -45.06 1.33 15.53
N VAL G 137 -44.62 2.39 14.86
CA VAL G 137 -45.34 3.67 14.83
C VAL G 137 -45.40 4.11 13.37
N VAL G 138 -46.57 3.96 12.75
CA VAL G 138 -46.78 4.28 11.35
C VAL G 138 -47.72 5.47 11.24
N ALA G 139 -47.43 6.38 10.31
CA ALA G 139 -48.26 7.55 10.07
C ALA G 139 -48.51 7.70 8.59
N SER G 140 -49.78 7.81 8.22
CA SER G 140 -50.18 8.11 6.84
C SER G 140 -50.21 9.62 6.65
N ILE G 141 -50.25 10.04 5.38
CA ILE G 141 -50.25 11.46 5.02
C ILE G 141 -51.49 11.77 4.21
N LYS G 142 -52.32 12.66 4.74
CA LYS G 142 -53.46 13.24 4.04
C LYS G 142 -53.21 14.73 3.90
N LEU G 143 -53.16 15.23 2.66
CA LEU G 143 -52.99 16.65 2.42
C LEU G 143 -54.10 17.14 1.49
N ILE G 144 -54.46 18.41 1.66
CA ILE G 144 -55.45 19.07 0.83
C ILE G 144 -54.90 20.44 0.46
N THR G 145 -55.08 20.84 -0.81
CA THR G 145 -54.56 22.09 -1.31
C THR G 145 -55.69 23.03 -1.72
N GLU G 146 -55.36 24.32 -1.81
CA GLU G 146 -56.37 25.33 -2.14
C GLU G 146 -56.87 25.17 -3.57
N GLY G 147 -55.95 25.04 -4.52
CA GLY G 147 -56.32 24.96 -5.92
C GLY G 147 -57.18 23.78 -6.29
N ALA G 148 -56.69 22.57 -6.02
CA ALA G 148 -57.44 21.37 -6.39
C ALA G 148 -58.75 21.25 -5.64
N SER G 149 -58.82 21.77 -4.42
CA SER G 149 -60.11 21.89 -3.74
C SER G 149 -61.02 22.85 -4.48
N LYS G 150 -60.53 24.06 -4.75
CA LYS G 150 -61.25 25.00 -5.61
C LYS G 150 -61.53 24.39 -6.97
N ARG G 151 -60.67 23.47 -7.42
CA ARG G 151 -60.81 22.88 -8.74
C ARG G 151 -61.98 21.89 -8.80
N ILE G 152 -61.93 20.88 -7.92
CA ILE G 152 -63.02 19.90 -7.89
C ILE G 152 -64.34 20.58 -7.59
N ALA G 153 -64.31 21.75 -6.96
CA ALA G 153 -65.53 22.49 -6.66
C ALA G 153 -66.13 23.09 -7.94
N GLU G 154 -65.36 23.92 -8.64
CA GLU G 154 -65.87 24.61 -9.83
C GLU G 154 -66.40 23.65 -10.89
N PHE G 155 -65.95 22.41 -10.90
CA PHE G 155 -66.48 21.42 -11.84
C PHE G 155 -67.86 20.93 -11.41
N ALA G 156 -67.97 20.48 -10.16
CA ALA G 156 -69.20 19.83 -9.70
C ALA G 156 -70.41 20.74 -9.85
N PHE G 157 -70.25 22.03 -9.59
CA PHE G 157 -71.34 22.98 -9.79
C PHE G 157 -71.73 23.06 -11.25
N GLU G 158 -70.74 23.04 -12.15
CA GLU G 158 -71.03 23.10 -13.58
C GLU G 158 -71.84 21.90 -14.04
N TYR G 159 -71.53 20.71 -13.51
CA TYR G 159 -72.28 19.52 -13.84
C TYR G 159 -73.76 19.67 -13.50
N ALA G 160 -74.06 20.12 -12.28
CA ALA G 160 -75.44 20.35 -11.89
C ALA G 160 -76.08 21.45 -12.73
N ARG G 161 -75.31 22.50 -13.03
CA ARG G 161 -75.79 23.52 -13.97
C ARG G 161 -76.01 22.93 -15.36
N ASN G 162 -75.24 21.92 -15.72
CA ASN G 162 -75.28 21.34 -17.06
C ASN G 162 -76.23 20.16 -17.19
N ASN G 163 -76.78 19.66 -16.06
CA ASN G 163 -77.64 18.48 -16.09
C ASN G 163 -79.00 18.77 -15.45
N HIS G 164 -79.40 20.03 -15.36
CA HIS G 164 -80.71 20.45 -14.84
C HIS G 164 -80.93 20.01 -13.40
N ARG G 165 -79.85 19.78 -12.66
CA ARG G 165 -79.97 19.38 -11.26
C ARG G 165 -80.38 20.57 -10.40
N SER G 166 -80.88 20.26 -9.21
CA SER G 166 -81.44 21.30 -8.34
C SER G 166 -80.48 21.68 -7.22
N ASN G 167 -80.28 20.78 -6.26
CA ASN G 167 -79.49 21.06 -5.07
C ASN G 167 -78.11 20.42 -5.14
N VAL G 168 -77.28 20.76 -4.17
CA VAL G 168 -75.93 20.20 -4.01
C VAL G 168 -75.63 20.12 -2.52
N THR G 169 -75.12 18.98 -2.07
CA THR G 169 -74.73 18.79 -0.68
C THR G 169 -73.22 18.57 -0.60
N ALA G 170 -72.58 19.24 0.37
CA ALA G 170 -71.15 19.09 0.62
C ALA G 170 -70.95 18.12 1.79
N VAL G 171 -70.26 17.02 1.53
CA VAL G 171 -70.05 15.96 2.51
C VAL G 171 -68.63 16.08 3.06
N HIS G 172 -68.49 15.93 4.37
CA HIS G 172 -67.22 16.21 5.03
C HIS G 172 -67.29 15.74 6.47
N LYS G 173 -66.14 15.79 7.14
CA LYS G 173 -66.06 15.71 8.58
C LYS G 173 -65.07 16.76 9.08
N ALA G 174 -65.30 18.02 8.70
CA ALA G 174 -64.48 19.14 9.13
C ALA G 174 -64.62 19.43 10.62
N ASN G 175 -65.62 18.86 11.29
CA ASN G 175 -65.70 18.99 12.74
C ASN G 175 -64.52 18.33 13.43
N ILE G 176 -63.99 17.25 12.85
CA ILE G 176 -62.88 16.50 13.44
C ILE G 176 -61.47 16.69 12.91
N MET G 177 -61.32 16.65 11.59
CA MET G 177 -60.09 17.06 10.95
C MET G 177 -60.49 18.47 10.53
N ARG G 178 -60.27 19.42 11.43
CA ARG G 178 -60.82 20.76 11.25
C ARG G 178 -60.12 21.52 10.14
N MET G 179 -58.78 21.54 10.16
CA MET G 179 -58.04 22.38 9.21
C MET G 179 -58.20 21.88 7.78
N SER G 180 -58.02 20.58 7.55
CA SER G 180 -58.06 20.00 6.22
C SER G 180 -59.43 20.16 5.57
N ASP G 181 -60.42 19.38 6.04
CA ASP G 181 -61.77 19.46 5.48
C ASP G 181 -62.33 20.87 5.57
N GLY G 182 -61.92 21.64 6.57
CA GLY G 182 -62.38 23.02 6.69
C GLY G 182 -61.96 23.87 5.50
N LEU G 183 -60.68 23.80 5.13
CA LEU G 183 -60.23 24.57 3.98
C LEU G 183 -60.83 24.01 2.69
N PHE G 184 -61.09 22.70 2.64
CA PHE G 184 -61.94 22.16 1.59
C PHE G 184 -63.31 22.82 1.64
N LEU G 185 -63.92 22.89 2.83
CA LEU G 185 -65.26 23.43 2.94
C LEU G 185 -65.28 24.93 2.67
N GLN G 186 -64.31 25.68 3.20
CA GLN G 186 -64.32 27.12 3.03
C GLN G 186 -64.23 27.51 1.56
N LYS G 187 -63.65 26.65 0.72
CA LYS G 187 -63.68 26.88 -0.72
C LYS G 187 -64.95 26.34 -1.36
N CYS G 188 -65.53 25.28 -0.80
CA CYS G 188 -66.85 24.82 -1.25
C CYS G 188 -67.88 25.92 -1.07
N ARG G 189 -67.88 26.57 0.10
CA ARG G 189 -68.75 27.73 0.30
C ARG G 189 -68.45 28.82 -0.71
N GLU G 190 -67.16 29.13 -0.90
CA GLU G 190 -66.78 30.24 -1.77
C GLU G 190 -67.19 30.04 -3.22
N VAL G 191 -67.56 28.81 -3.61
CA VAL G 191 -67.99 28.57 -4.97
C VAL G 191 -69.49 28.78 -5.14
N ALA G 192 -70.27 28.39 -4.13
CA ALA G 192 -71.70 28.66 -4.18
C ALA G 192 -72.01 30.14 -4.03
N GLU G 193 -71.05 30.96 -3.61
CA GLU G 193 -71.25 32.40 -3.51
C GLU G 193 -71.51 33.04 -4.88
N SER G 194 -70.85 32.53 -5.93
CA SER G 194 -71.07 32.96 -7.30
C SER G 194 -72.03 32.05 -8.05
N CYS G 195 -72.44 30.93 -7.46
CA CYS G 195 -73.41 30.01 -8.05
C CYS G 195 -74.66 29.97 -7.17
N LYS G 196 -75.37 31.09 -7.09
CA LYS G 196 -76.61 31.14 -6.32
C LYS G 196 -77.75 30.41 -6.99
N ASP G 197 -77.63 30.08 -8.28
CA ASP G 197 -78.69 29.37 -9.01
C ASP G 197 -78.86 27.93 -8.56
N ILE G 198 -77.91 27.38 -7.81
CA ILE G 198 -77.97 26.01 -7.32
C ILE G 198 -77.97 26.05 -5.80
N LYS G 199 -78.98 25.40 -5.19
CA LYS G 199 -79.02 25.32 -3.74
C LYS G 199 -77.84 24.51 -3.22
N PHE G 200 -77.37 24.87 -2.02
CA PHE G 200 -76.18 24.27 -1.46
C PHE G 200 -76.35 24.09 0.05
N ASN G 201 -75.81 23.00 0.57
CA ASN G 201 -75.85 22.72 1.99
C ASN G 201 -74.64 21.86 2.35
N GLU G 202 -74.50 21.56 3.64
CA GLU G 202 -73.43 20.72 4.13
C GLU G 202 -73.98 19.76 5.17
N MET G 203 -73.71 18.48 4.99
CA MET G 203 -74.00 17.46 5.98
C MET G 203 -72.72 16.75 6.34
N TYR G 204 -72.56 16.42 7.63
CA TYR G 204 -71.43 15.60 8.05
C TYR G 204 -71.42 14.27 7.29
N LEU G 205 -70.23 13.70 7.11
CA LEU G 205 -70.13 12.47 6.33
C LEU G 205 -70.81 11.31 7.04
N ASP G 206 -70.54 11.14 8.33
CA ASP G 206 -71.19 10.07 9.09
C ASP G 206 -72.71 10.22 9.08
N THR G 207 -73.20 11.46 9.09
CA THR G 207 -74.64 11.68 9.03
C THR G 207 -75.19 11.40 7.63
N VAL G 208 -74.40 11.66 6.58
CA VAL G 208 -74.85 11.35 5.23
C VAL G 208 -75.07 9.84 5.07
N CYS G 209 -74.11 9.04 5.55
CA CYS G 209 -74.22 7.59 5.42
C CYS G 209 -75.50 7.07 6.07
N LEU G 210 -75.79 7.51 7.29
CA LEU G 210 -76.97 7.02 8.00
C LEU G 210 -78.23 7.30 7.21
N ASN G 211 -78.47 8.57 6.87
CA ASN G 211 -79.68 8.92 6.14
C ASN G 211 -79.67 8.38 4.72
N MET G 212 -78.49 8.19 4.13
CA MET G 212 -78.42 7.56 2.81
C MET G 212 -78.91 6.13 2.86
N VAL G 213 -78.77 5.46 4.00
CA VAL G 213 -79.21 4.08 4.14
C VAL G 213 -80.73 4.02 4.24
N GLN G 214 -81.32 4.81 5.15
CA GLN G 214 -82.75 4.72 5.38
C GLN G 214 -83.55 5.17 4.16
N ASP G 215 -83.33 6.40 3.70
CA ASP G 215 -84.04 6.94 2.54
C ASP G 215 -83.03 7.63 1.64
N PRO G 216 -82.83 7.17 0.40
CA PRO G 216 -81.75 7.72 -0.43
C PRO G 216 -82.19 8.85 -1.33
N SER G 217 -83.48 8.88 -1.71
CA SER G 217 -83.96 9.84 -2.70
C SER G 217 -83.87 11.29 -2.26
N GLN G 218 -83.54 11.53 -0.99
CA GLN G 218 -83.55 12.88 -0.42
C GLN G 218 -82.22 13.56 -0.75
N PHE G 219 -81.55 13.14 -1.82
CA PHE G 219 -80.26 13.70 -2.19
C PHE G 219 -80.22 13.89 -3.70
N ASP G 220 -79.32 14.78 -4.13
CA ASP G 220 -79.09 15.02 -5.55
C ASP G 220 -77.67 14.61 -5.89
N VAL G 221 -76.77 15.57 -6.09
CA VAL G 221 -75.37 15.27 -6.35
C VAL G 221 -74.56 15.57 -5.09
N LEU G 222 -73.51 14.78 -4.87
CA LEU G 222 -72.70 14.86 -3.68
C LEU G 222 -71.25 15.16 -4.07
N VAL G 223 -70.52 15.78 -3.15
CA VAL G 223 -69.13 16.18 -3.38
C VAL G 223 -68.33 15.88 -2.13
N MET G 224 -67.08 15.47 -2.31
CA MET G 224 -66.22 15.05 -1.22
C MET G 224 -64.79 14.90 -1.75
N PRO G 225 -63.80 14.85 -0.86
CA PRO G 225 -62.43 14.50 -1.26
C PRO G 225 -62.27 13.02 -1.57
N ASN G 226 -61.05 12.59 -1.89
CA ASN G 226 -60.78 11.37 -2.64
C ASN G 226 -61.23 10.13 -1.86
N LEU G 227 -60.70 9.94 -0.64
CA LEU G 227 -60.98 8.71 0.09
C LEU G 227 -62.47 8.54 0.33
N TYR G 228 -63.12 9.58 0.85
CA TYR G 228 -64.57 9.52 1.07
C TYR G 228 -65.29 9.13 -0.20
N GLY G 229 -64.84 9.64 -1.34
CA GLY G 229 -65.42 9.29 -2.62
C GLY G 229 -65.28 7.82 -2.95
N ASP G 230 -64.05 7.32 -3.01
CA ASP G 230 -63.81 5.95 -3.44
C ASP G 230 -64.54 4.91 -2.60
N ILE G 231 -65.07 5.29 -1.43
CA ILE G 231 -65.85 4.40 -0.59
C ILE G 231 -67.34 4.73 -0.64
N LEU G 232 -67.69 6.02 -0.64
CA LEU G 232 -69.09 6.39 -0.77
C LEU G 232 -69.60 6.13 -2.18
N SER G 233 -68.73 6.23 -3.18
CA SER G 233 -69.10 5.84 -4.54
C SER G 233 -69.40 4.35 -4.60
N ASP G 234 -68.51 3.52 -4.04
CA ASP G 234 -68.80 2.09 -3.96
C ASP G 234 -69.98 1.82 -3.04
N LEU G 235 -70.15 2.62 -1.98
CA LEU G 235 -71.35 2.54 -1.17
C LEU G 235 -72.59 2.78 -2.02
N CYS G 236 -72.66 3.94 -2.67
CA CYS G 236 -73.84 4.30 -3.45
C CYS G 236 -74.05 3.37 -4.64
N ALA G 237 -72.97 2.70 -5.05
CA ALA G 237 -72.97 1.74 -6.18
C ALA G 237 -73.88 0.54 -5.83
N GLY G 238 -73.85 0.10 -4.57
CA GLY G 238 -74.65 -1.06 -4.12
C GLY G 238 -76.14 -0.83 -4.32
N LEU G 239 -76.60 0.40 -4.06
CA LEU G 239 -78.02 0.81 -4.22
C LEU G 239 -78.40 0.69 -5.70
N ILE G 240 -77.48 1.04 -6.60
CA ILE G 240 -77.72 1.04 -8.09
C ILE G 240 -77.36 -0.34 -8.69
N GLY G 241 -77.10 -1.35 -7.86
CA GLY G 241 -76.79 -2.71 -8.37
C GLY G 241 -75.32 -3.09 -8.31
N GLY G 242 -74.49 -2.26 -7.68
CA GLY G 242 -73.04 -2.57 -7.53
C GLY G 242 -72.19 -1.99 -8.64
N LEU G 243 -70.86 -2.20 -8.53
CA LEU G 243 -69.84 -1.67 -9.47
C LEU G 243 -70.05 -2.22 -10.90
N GLY G 244 -70.40 -3.50 -11.03
CA GLY G 244 -70.55 -4.12 -12.36
C GLY G 244 -71.62 -3.46 -13.22
N VAL G 245 -72.77 -3.12 -12.64
CA VAL G 245 -73.88 -2.51 -13.43
C VAL G 245 -73.86 -0.98 -13.34
N THR G 246 -72.85 -0.40 -12.66
CA THR G 246 -72.80 1.08 -12.52
C THR G 246 -71.66 1.69 -13.34
N PRO G 247 -71.93 2.77 -14.10
CA PRO G 247 -70.92 3.46 -14.93
C PRO G 247 -70.01 4.34 -14.09
N SER G 248 -69.11 5.08 -14.75
CA SER G 248 -68.17 5.95 -14.04
C SER G 248 -67.56 6.92 -15.05
N GLY G 249 -66.88 7.92 -14.52
CA GLY G 249 -66.26 8.95 -15.36
C GLY G 249 -65.09 9.60 -14.67
N ASN G 250 -64.10 10.00 -15.47
CA ASN G 250 -62.91 10.69 -14.99
C ASN G 250 -62.58 11.83 -15.94
N ILE G 251 -62.40 13.03 -15.41
CA ILE G 251 -62.22 14.23 -16.22
C ILE G 251 -60.79 14.74 -16.02
N GLY G 252 -60.02 14.78 -17.11
CA GLY G 252 -58.70 15.35 -17.09
C GLY G 252 -58.69 16.76 -17.67
N ALA G 253 -57.54 17.42 -17.53
CA ALA G 253 -57.39 18.79 -18.02
C ALA G 253 -57.33 18.80 -19.54
N ASN G 254 -57.43 20.01 -20.10
CA ASN G 254 -57.37 20.23 -21.55
C ASN G 254 -58.44 19.43 -22.28
N GLY G 255 -59.67 19.50 -21.78
CA GLY G 255 -60.81 18.86 -22.41
C GLY G 255 -60.77 17.35 -22.44
N VAL G 256 -59.84 16.72 -21.74
CA VAL G 256 -59.68 15.26 -21.76
C VAL G 256 -60.61 14.66 -20.72
N ALA G 257 -61.46 13.73 -21.17
CA ALA G 257 -62.38 13.03 -20.30
C ALA G 257 -62.20 11.53 -20.48
N ILE G 258 -62.63 10.78 -19.46
CA ILE G 258 -62.48 9.32 -19.45
C ILE G 258 -63.75 8.71 -18.88
N PHE G 259 -64.27 7.67 -19.55
CA PHE G 259 -65.52 7.03 -19.18
C PHE G 259 -65.28 5.53 -19.10
N GLU G 260 -65.56 4.95 -17.92
CA GLU G 260 -65.16 3.59 -17.65
C GLU G 260 -66.19 2.91 -16.77
N SER G 261 -66.16 1.58 -16.78
CA SER G 261 -66.81 0.76 -15.77
C SER G 261 -65.77 0.38 -14.73
N VAL G 262 -66.24 0.14 -13.51
CA VAL G 262 -65.35 -0.23 -12.41
C VAL G 262 -65.39 -1.72 -12.09
N HIS G 263 -66.37 -2.45 -12.62
CA HIS G 263 -66.51 -3.86 -12.29
C HIS G 263 -65.31 -4.66 -12.77
N GLY G 264 -65.15 -5.85 -12.19
CA GLY G 264 -64.02 -6.70 -12.51
C GLY G 264 -64.05 -7.19 -13.95
N THR G 265 -62.96 -7.85 -14.32
CA THR G 265 -62.80 -8.35 -15.68
C THR G 265 -63.45 -9.71 -15.89
N ALA G 266 -63.67 -10.48 -14.83
CA ALA G 266 -64.37 -11.75 -14.86
C ALA G 266 -63.70 -12.73 -15.83
N PRO G 267 -62.60 -13.38 -15.44
CA PRO G 267 -61.98 -14.39 -16.30
C PRO G 267 -62.51 -15.79 -16.09
N ASP G 268 -63.29 -16.04 -15.05
CA ASP G 268 -63.94 -17.34 -14.85
C ASP G 268 -65.18 -17.50 -15.70
N ILE G 269 -65.58 -16.47 -16.43
CA ILE G 269 -66.75 -16.51 -17.33
C ILE G 269 -66.40 -15.81 -18.63
N ALA G 270 -65.12 -15.52 -18.82
CA ALA G 270 -64.68 -14.73 -19.97
C ALA G 270 -64.88 -15.49 -21.27
N GLY G 271 -65.38 -14.78 -22.29
CA GLY G 271 -65.54 -15.36 -23.61
C GLY G 271 -66.61 -16.42 -23.72
N LYS G 272 -67.41 -16.63 -22.69
CA LYS G 272 -68.49 -17.61 -22.72
C LYS G 272 -69.82 -16.98 -23.14
N ASP G 273 -69.81 -15.71 -23.54
CA ASP G 273 -71.02 -15.00 -23.99
C ASP G 273 -72.06 -14.94 -22.89
N MET G 274 -71.62 -14.51 -21.70
CA MET G 274 -72.50 -14.42 -20.54
C MET G 274 -72.53 -13.03 -19.90
N ALA G 275 -71.56 -12.17 -20.23
CA ALA G 275 -71.35 -10.92 -19.50
C ALA G 275 -72.52 -9.95 -19.70
N ASN G 276 -72.54 -8.94 -18.83
CA ASN G 276 -73.57 -7.90 -18.83
C ASN G 276 -72.91 -6.57 -19.15
N PRO G 277 -72.91 -6.16 -20.43
CA PRO G 277 -72.18 -4.95 -20.84
C PRO G 277 -72.81 -3.64 -20.40
N THR G 278 -73.96 -3.67 -19.73
CA THR G 278 -74.71 -2.44 -19.50
C THR G 278 -73.96 -1.45 -18.63
N ALA G 279 -73.04 -1.93 -17.79
CA ALA G 279 -72.34 -1.04 -16.86
C ALA G 279 -71.47 -0.05 -17.61
N LEU G 280 -70.54 -0.55 -18.42
CA LEU G 280 -69.71 0.35 -19.22
C LEU G 280 -70.51 1.01 -20.34
N LEU G 281 -71.50 0.30 -20.88
CA LEU G 281 -72.36 0.85 -21.92
C LEU G 281 -72.93 2.21 -21.51
N LEU G 282 -73.23 2.37 -20.22
CA LEU G 282 -73.70 3.65 -19.72
C LEU G 282 -72.57 4.66 -19.57
N SER G 283 -71.35 4.20 -19.28
CA SER G 283 -70.20 5.11 -19.32
C SER G 283 -70.03 5.68 -20.72
N ALA G 284 -70.31 4.89 -21.75
CA ALA G 284 -70.41 5.43 -23.10
C ALA G 284 -71.50 6.49 -23.19
N VAL G 285 -72.64 6.25 -22.53
CA VAL G 285 -73.72 7.23 -22.54
C VAL G 285 -73.29 8.49 -21.80
N MET G 286 -72.56 8.35 -20.69
CA MET G 286 -71.97 9.52 -20.05
C MET G 286 -71.03 10.26 -20.99
N MET G 287 -70.31 9.53 -21.85
CA MET G 287 -69.47 10.20 -22.84
C MET G 287 -70.33 10.95 -23.85
N LEU G 288 -71.41 10.31 -24.33
CA LEU G 288 -72.35 11.01 -25.21
C LEU G 288 -72.96 12.23 -24.53
N ARG G 289 -73.16 12.17 -23.21
CA ARG G 289 -73.72 13.32 -22.50
C ARG G 289 -72.71 14.44 -22.37
N HIS G 290 -71.44 14.11 -22.07
CA HIS G 290 -70.43 15.15 -21.95
C HIS G 290 -70.07 15.76 -23.31
N MET G 291 -70.20 14.99 -24.38
CA MET G 291 -69.84 15.50 -25.70
C MET G 291 -70.99 16.28 -26.32
N GLY G 292 -72.20 15.72 -26.32
CA GLY G 292 -73.35 16.48 -26.77
C GLY G 292 -74.45 15.73 -27.48
N LEU G 293 -74.28 14.41 -27.66
CA LEU G 293 -75.26 13.60 -28.39
C LEU G 293 -76.35 13.07 -27.45
N PHE G 294 -77.00 14.01 -26.76
CA PHE G 294 -78.13 13.65 -25.91
C PHE G 294 -79.25 13.02 -26.75
N ASP G 295 -79.49 13.56 -27.95
CA ASP G 295 -80.47 12.97 -28.85
C ASP G 295 -80.14 11.51 -29.15
N HIS G 296 -78.85 11.21 -29.27
CA HIS G 296 -78.41 9.83 -29.42
C HIS G 296 -78.21 9.13 -28.07
N ALA G 297 -77.94 9.89 -27.01
CA ALA G 297 -77.77 9.30 -25.69
C ALA G 297 -79.12 8.92 -25.06
N ALA G 298 -80.14 9.76 -25.26
CA ALA G 298 -81.45 9.45 -24.70
C ALA G 298 -82.09 8.24 -25.38
N ARG G 299 -81.74 7.99 -26.64
CA ARG G 299 -82.29 6.84 -27.35
C ARG G 299 -81.75 5.53 -26.79
N ILE G 300 -80.44 5.45 -26.59
CA ILE G 300 -79.83 4.21 -26.13
C ILE G 300 -80.17 3.95 -24.67
N GLU G 301 -80.12 4.99 -23.83
CA GLU G 301 -80.49 4.81 -22.42
C GLU G 301 -81.94 4.40 -22.26
N ALA G 302 -82.79 4.71 -23.24
CA ALA G 302 -84.19 4.28 -23.20
C ALA G 302 -84.31 2.81 -23.58
N ALA G 303 -83.80 2.44 -24.75
CA ALA G 303 -83.79 1.03 -25.15
C ALA G 303 -82.97 0.17 -24.20
N CYS G 304 -81.99 0.79 -23.52
CA CYS G 304 -81.19 0.03 -22.54
C CYS G 304 -82.11 -0.36 -21.37
N PHE G 305 -82.91 0.61 -20.91
CA PHE G 305 -83.89 0.43 -19.79
C PHE G 305 -85.02 -0.50 -20.23
N ALA G 306 -85.48 -0.35 -21.48
CA ALA G 306 -86.62 -1.13 -22.02
C ALA G 306 -86.32 -2.63 -22.00
N THR G 307 -85.10 -3.03 -22.40
CA THR G 307 -84.76 -4.48 -22.42
C THR G 307 -84.83 -5.01 -20.98
N ILE G 308 -84.26 -4.27 -20.03
CA ILE G 308 -84.27 -4.66 -18.59
C ILE G 308 -85.70 -4.62 -18.05
N LYS G 309 -86.47 -3.60 -18.44
CA LYS G 309 -87.86 -3.42 -17.96
C LYS G 309 -88.75 -4.57 -18.44
N ASP G 310 -88.61 -4.99 -19.70
CA ASP G 310 -89.44 -6.09 -20.24
C ASP G 310 -89.15 -7.38 -19.46
N GLY G 311 -87.86 -7.65 -19.22
CA GLY G 311 -87.42 -8.85 -18.47
C GLY G 311 -87.33 -10.09 -19.35
N LYS G 312 -87.60 -9.97 -20.65
CA LYS G 312 -87.54 -11.13 -21.58
C LYS G 312 -86.10 -11.65 -21.65
N SER G 313 -85.13 -10.74 -21.72
CA SER G 313 -83.70 -11.13 -21.79
C SER G 313 -82.92 -10.52 -20.63
N LEU G 314 -82.16 -11.35 -19.91
CA LEU G 314 -81.34 -10.90 -18.79
C LEU G 314 -80.09 -11.76 -18.72
N THR G 315 -78.97 -11.14 -18.37
CA THR G 315 -77.75 -11.91 -18.17
C THR G 315 -77.81 -12.66 -16.84
N LYS G 316 -76.95 -13.67 -16.70
CA LYS G 316 -76.98 -14.52 -15.52
C LYS G 316 -76.64 -13.75 -14.25
N ASP G 317 -75.83 -12.70 -14.36
CA ASP G 317 -75.56 -11.85 -13.20
C ASP G 317 -76.82 -11.15 -12.73
N LEU G 318 -77.79 -10.96 -13.62
CA LEU G 318 -79.12 -10.49 -13.26
C LEU G 318 -80.09 -11.63 -12.99
N GLY G 319 -79.60 -12.87 -12.98
CA GLY G 319 -80.42 -14.03 -12.73
C GLY G 319 -80.98 -14.70 -13.98
N GLY G 320 -81.01 -13.99 -15.11
CA GLY G 320 -81.62 -14.52 -16.32
C GLY G 320 -80.83 -15.65 -16.93
N ASN G 321 -81.33 -16.13 -18.07
CA ASN G 321 -80.73 -17.23 -18.80
C ASN G 321 -80.24 -16.81 -20.18
N ALA G 322 -80.29 -15.52 -20.50
CA ALA G 322 -79.88 -15.05 -21.81
C ALA G 322 -78.37 -14.88 -21.88
N LYS G 323 -77.88 -14.73 -23.11
CA LYS G 323 -76.46 -14.56 -23.37
C LYS G 323 -76.13 -13.09 -23.64
N CYS G 324 -74.83 -12.79 -23.73
CA CYS G 324 -74.42 -11.44 -24.08
C CYS G 324 -74.88 -11.07 -25.48
N SER G 325 -74.80 -12.01 -26.42
CA SER G 325 -75.29 -11.77 -27.77
C SER G 325 -76.82 -11.64 -27.77
N ASP G 326 -77.51 -12.52 -27.04
CA ASP G 326 -78.95 -12.39 -26.88
C ASP G 326 -79.32 -11.08 -26.21
N PHE G 327 -78.49 -10.60 -25.28
CA PHE G 327 -78.72 -9.32 -24.64
C PHE G 327 -78.37 -8.15 -25.56
N THR G 328 -77.29 -8.28 -26.32
CA THR G 328 -76.89 -7.19 -27.21
C THR G 328 -77.88 -7.04 -28.36
N GLU G 329 -78.43 -8.15 -28.86
CA GLU G 329 -79.29 -8.09 -30.04
C GLU G 329 -80.65 -7.49 -29.72
N GLU G 330 -81.22 -7.81 -28.54
CA GLU G 330 -82.52 -7.25 -28.20
C GLU G 330 -82.42 -5.75 -27.95
N ILE G 331 -81.27 -5.27 -27.51
CA ILE G 331 -81.08 -3.83 -27.37
C ILE G 331 -80.83 -3.19 -28.74
N CYS G 332 -80.11 -3.90 -29.63
CA CYS G 332 -79.90 -3.40 -30.98
C CYS G 332 -81.23 -3.32 -31.74
N ARG G 333 -82.03 -4.39 -31.68
CA ARG G 333 -83.33 -4.37 -32.34
C ARG G 333 -84.30 -3.40 -31.68
N ARG G 334 -83.95 -2.84 -30.52
CA ARG G 334 -84.77 -1.85 -29.85
C ARG G 334 -84.38 -0.42 -30.24
N VAL G 335 -83.08 -0.12 -30.26
CA VAL G 335 -82.64 1.20 -30.72
C VAL G 335 -82.98 1.42 -32.18
N LYS G 336 -83.25 0.36 -32.94
CA LYS G 336 -83.76 0.51 -34.29
C LYS G 336 -85.22 0.95 -34.28
N ASP G 337 -86.01 0.42 -33.35
CA ASP G 337 -87.42 0.77 -33.22
C ASP G 337 -87.57 2.08 -32.42
N LEU G 338 -87.00 3.15 -32.99
CA LEU G 338 -87.07 4.48 -32.40
C LEU G 338 -87.16 5.55 -33.48
N PHE H 15 -73.72 0.67 42.56
CA PHE H 15 -74.70 1.47 43.33
C PHE H 15 -74.70 2.91 42.82
N PRO H 16 -73.55 3.62 42.84
CA PRO H 16 -73.48 5.01 42.36
C PRO H 16 -72.95 5.06 40.92
N VAL H 17 -73.69 5.74 40.03
CA VAL H 17 -73.29 5.88 38.60
C VAL H 17 -73.33 7.37 38.23
N THR H 18 -72.54 7.77 37.22
CA THR H 18 -72.49 9.19 36.76
C THR H 18 -73.10 9.28 35.36
N MET H 19 -74.07 10.19 35.19
CA MET H 19 -74.75 10.36 33.87
C MET H 19 -74.30 11.68 33.23
N LEU H 20 -73.69 11.61 32.04
CA LEU H 20 -73.23 12.79 31.32
C LEU H 20 -74.14 12.99 30.11
N PRO H 21 -75.17 13.83 30.23
CA PRO H 21 -76.17 13.93 29.16
C PRO H 21 -75.60 14.34 27.81
N GLY H 22 -74.47 15.05 27.80
CA GLY H 22 -73.96 15.57 26.54
C GLY H 22 -74.90 16.61 25.97
N ASP H 23 -75.08 16.57 24.65
CA ASP H 23 -75.98 17.50 23.99
C ASP H 23 -77.14 16.77 23.32
N GLY H 24 -77.76 17.40 22.34
CA GLY H 24 -78.91 16.83 21.66
C GLY H 24 -80.04 16.56 22.65
N VAL H 25 -80.94 15.68 22.24
CA VAL H 25 -81.99 15.21 23.13
C VAL H 25 -81.49 14.26 24.21
N GLY H 26 -80.19 14.00 24.27
CA GLY H 26 -79.60 13.16 25.28
C GLY H 26 -80.15 13.34 26.69
N PRO H 27 -80.19 14.57 27.18
CA PRO H 27 -80.85 14.81 28.48
C PRO H 27 -82.32 14.41 28.49
N GLU H 28 -83.07 14.80 27.45
CA GLU H 28 -84.45 14.32 27.32
C GLU H 28 -84.52 12.80 27.33
N LEU H 29 -83.49 12.15 26.78
CA LEU H 29 -83.42 10.70 26.82
C LEU H 29 -83.04 10.19 28.19
N MET H 30 -82.06 10.84 28.85
CA MET H 30 -81.70 10.47 30.22
C MET H 30 -82.90 10.59 31.14
N HIS H 31 -83.74 11.60 30.92
CA HIS H 31 -84.98 11.74 31.68
C HIS H 31 -85.86 10.51 31.49
N ALA H 32 -85.94 9.99 30.27
CA ALA H 32 -86.76 8.81 30.00
C ALA H 32 -86.23 7.59 30.74
N VAL H 33 -84.91 7.47 30.86
CA VAL H 33 -84.33 6.35 31.59
C VAL H 33 -84.56 6.52 33.09
N LYS H 34 -84.34 7.74 33.60
CA LYS H 34 -84.52 8.02 35.02
C LYS H 34 -85.91 7.60 35.49
N GLU H 35 -86.94 7.95 34.71
CA GLU H 35 -88.30 7.55 35.03
C GLU H 35 -88.47 6.05 34.85
N VAL H 36 -87.97 5.49 33.74
CA VAL H 36 -88.03 4.06 33.51
C VAL H 36 -87.28 3.31 34.59
N PHE H 37 -86.22 3.90 35.16
CA PHE H 37 -85.54 3.27 36.27
C PHE H 37 -86.37 3.34 37.54
N LYS H 38 -86.89 4.52 37.88
CA LYS H 38 -87.77 4.64 39.04
C LYS H 38 -89.05 3.83 38.86
N ALA H 39 -89.42 3.47 37.64
CA ALA H 39 -90.56 2.62 37.36
C ALA H 39 -90.19 1.14 37.28
N ALA H 40 -88.91 0.80 37.45
CA ALA H 40 -88.47 -0.59 37.44
C ALA H 40 -87.67 -0.95 38.67
N ALA H 41 -87.72 -0.12 39.71
CA ALA H 41 -87.00 -0.34 40.97
C ALA H 41 -85.52 -0.63 40.71
N VAL H 42 -84.88 0.33 40.04
CA VAL H 42 -83.49 0.17 39.61
C VAL H 42 -82.62 0.93 40.61
N PRO H 43 -81.86 0.24 41.47
CA PRO H 43 -81.17 0.89 42.60
C PRO H 43 -79.82 1.49 42.23
N VAL H 44 -79.84 2.47 41.33
CA VAL H 44 -78.63 3.17 40.90
C VAL H 44 -78.81 4.66 41.18
N GLU H 45 -78.04 5.17 42.12
CA GLU H 45 -78.06 6.60 42.45
C GLU H 45 -77.20 7.33 41.44
N PHE H 46 -77.84 7.87 40.40
CA PHE H 46 -77.12 8.59 39.36
C PHE H 46 -76.36 9.77 39.94
N GLN H 47 -75.13 9.96 39.46
CA GLN H 47 -74.31 11.12 39.82
C GLN H 47 -74.08 11.94 38.56
N GLU H 48 -75.16 12.28 37.87
CA GLU H 48 -74.97 13.02 36.59
C GLU H 48 -74.56 14.41 37.02
N HIS H 49 -73.46 14.91 36.49
CA HIS H 49 -73.10 16.27 36.96
C HIS H 49 -72.82 17.18 35.77
N HIS H 50 -73.72 18.13 35.56
CA HIS H 50 -73.55 19.12 34.52
C HIS H 50 -73.28 18.47 33.18
N LEU H 51 -72.22 18.89 32.51
CA LEU H 51 -71.92 18.32 31.20
C LEU H 51 -70.47 18.45 30.78
N SER H 52 -70.13 17.78 29.69
CA SER H 52 -68.78 17.86 29.19
C SER H 52 -68.70 18.65 27.89
N GLU H 53 -67.99 19.77 27.93
CA GLU H 53 -67.78 20.64 26.77
C GLU H 53 -69.04 21.14 26.05
N VAL H 54 -69.05 21.07 24.72
CA VAL H 54 -70.20 21.53 23.97
C VAL H 54 -70.49 22.97 24.38
N GLN H 55 -71.74 23.24 24.75
CA GLN H 55 -72.17 24.56 25.18
C GLN H 55 -71.40 25.02 26.41
N ASN H 56 -71.15 24.08 27.31
CA ASN H 56 -70.44 24.39 28.53
C ASN H 56 -69.05 24.94 28.30
N MET H 57 -68.39 24.41 27.28
CA MET H 57 -67.01 24.74 26.90
C MET H 57 -66.13 23.66 27.50
N ALA H 58 -64.81 23.81 27.41
CA ALA H 58 -63.94 22.78 27.94
C ALA H 58 -64.30 22.53 29.37
N SER H 59 -64.40 21.26 29.72
CA SER H 59 -64.77 20.87 31.08
C SER H 59 -64.25 21.95 32.01
N GLU H 60 -62.98 22.34 31.87
CA GLU H 60 -62.02 21.69 30.99
C GLU H 60 -61.55 20.58 31.88
N GLU H 61 -60.73 19.67 31.38
CA GLU H 61 -60.18 18.58 32.17
C GLU H 61 -61.37 17.88 32.77
N LYS H 62 -62.45 18.03 32.05
CA LYS H 62 -63.71 17.47 32.48
C LYS H 62 -63.37 16.11 33.02
N LEU H 63 -62.41 15.47 32.40
CA LEU H 63 -61.98 14.16 32.78
C LEU H 63 -61.60 14.22 34.21
N GLU H 64 -60.94 15.30 34.64
CA GLU H 64 -60.57 15.40 36.03
C GLU H 64 -61.86 15.35 36.79
N GLN H 65 -62.82 16.14 36.35
CA GLN H 65 -64.12 16.08 36.96
C GLN H 65 -64.68 14.72 36.58
N VAL H 66 -64.53 14.38 35.31
CA VAL H 66 -65.06 13.12 34.83
C VAL H 66 -64.39 11.88 35.37
N LEU H 67 -63.07 11.89 35.38
CA LEU H 67 -62.36 10.72 35.83
C LEU H 67 -62.62 10.39 37.26
N SER H 68 -62.57 11.39 38.12
CA SER H 68 -62.74 11.05 39.53
C SER H 68 -64.03 10.29 39.77
N SER H 69 -65.10 10.66 39.07
CA SER H 69 -66.33 9.89 39.15
C SER H 69 -66.14 8.48 38.59
N MET H 70 -65.44 8.36 37.46
CA MET H 70 -65.22 7.05 36.87
C MET H 70 -64.25 6.22 37.71
N LYS H 71 -63.25 6.86 38.31
CA LYS H 71 -62.32 6.15 39.18
C LYS H 71 -63.06 5.44 40.31
N GLU H 72 -64.19 5.99 40.75
CA GLU H 72 -64.98 5.41 41.82
C GLU H 72 -66.13 4.54 41.29
N ASN H 73 -66.88 5.06 40.32
CA ASN H 73 -68.05 4.35 39.83
C ASN H 73 -67.68 3.21 38.89
N LYS H 74 -66.63 3.40 38.08
CA LYS H 74 -66.12 2.39 37.17
C LYS H 74 -67.10 2.04 36.05
N VAL H 75 -68.32 2.57 36.11
CA VAL H 75 -69.32 2.43 35.06
C VAL H 75 -70.04 3.78 34.91
N ALA H 76 -70.42 4.12 33.68
CA ALA H 76 -71.22 5.31 33.43
C ALA H 76 -72.01 5.09 32.14
N ILE H 77 -72.61 6.16 31.64
CA ILE H 77 -73.37 6.14 30.40
C ILE H 77 -73.60 7.58 29.99
N ILE H 78 -73.30 7.91 28.74
CA ILE H 78 -73.47 9.24 28.21
C ILE H 78 -74.30 9.15 26.94
N GLY H 79 -74.60 10.30 26.35
CA GLY H 79 -75.24 10.34 25.04
C GLY H 79 -74.21 10.49 23.94
N LYS H 80 -74.29 11.58 23.20
CA LYS H 80 -73.29 11.93 22.21
C LYS H 80 -72.88 13.38 22.40
N ILE H 81 -71.57 13.59 22.30
CA ILE H 81 -70.92 14.93 22.36
C ILE H 81 -71.46 15.70 21.18
N HIS H 82 -71.47 15.01 20.03
CA HIS H 82 -71.98 15.42 18.69
C HIS H 82 -70.98 16.30 17.92
N THR H 83 -69.85 16.64 18.54
CA THR H 83 -68.70 17.41 17.99
C THR H 83 -68.92 18.88 17.62
N PRO H 84 -67.89 19.72 17.77
CA PRO H 84 -67.98 21.13 17.46
C PRO H 84 -67.61 21.77 16.10
N MET H 85 -67.11 20.98 15.15
CA MET H 85 -66.70 21.48 13.80
C MET H 85 -65.66 22.61 13.91
N GLU H 86 -64.71 22.50 14.84
CA GLU H 86 -63.59 23.47 14.92
C GLU H 86 -64.02 24.94 15.01
N TYR H 87 -64.97 25.30 15.86
CA TYR H 87 -65.29 26.73 16.05
C TYR H 87 -64.23 27.36 16.96
N LYS H 88 -63.86 26.63 18.02
CA LYS H 88 -62.93 27.11 19.08
C LYS H 88 -61.45 26.91 18.69
N GLY H 89 -60.53 27.10 19.66
CA GLY H 89 -59.11 26.89 19.37
C GLY H 89 -58.96 25.46 18.92
N GLU H 90 -59.55 24.52 19.67
CA GLU H 90 -59.74 23.14 19.20
C GLU H 90 -58.49 22.52 18.58
N LEU H 91 -57.40 22.37 19.34
CA LEU H 91 -56.22 21.71 18.72
C LEU H 91 -56.64 20.30 18.27
N ALA H 92 -57.38 19.55 19.11
CA ALA H 92 -57.89 18.20 18.77
C ALA H 92 -59.35 18.07 19.20
N SER H 93 -60.11 17.15 18.60
CA SER H 93 -61.54 17.04 18.98
C SER H 93 -61.62 16.70 20.47
N TYR H 94 -62.42 17.44 21.21
CA TYR H 94 -62.49 17.21 22.67
C TYR H 94 -63.00 15.81 22.97
N ASP H 95 -63.98 15.34 22.18
CA ASP H 95 -64.64 14.04 22.46
C ASP H 95 -63.61 12.92 22.53
N MET H 96 -62.64 12.90 21.61
CA MET H 96 -61.66 11.81 21.71
C MET H 96 -60.91 11.92 23.03
N ARG H 97 -60.51 13.13 23.40
CA ARG H 97 -59.63 13.30 24.59
C ARG H 97 -60.32 12.71 25.81
N LEU H 98 -61.56 13.09 26.09
CA LEU H 98 -62.03 12.33 27.23
C LEU H 98 -61.80 10.83 27.04
N ARG H 99 -62.11 10.32 25.84
CA ARG H 99 -61.90 8.91 25.55
C ARG H 99 -60.45 8.50 25.80
N ARG H 100 -59.51 9.39 25.49
CA ARG H 100 -58.10 9.13 25.75
C ARG H 100 -57.82 9.14 27.25
N LYS H 101 -58.35 10.14 27.96
CA LYS H 101 -58.12 10.24 29.40
C LYS H 101 -58.68 9.02 30.13
N LEU H 102 -59.67 8.36 29.54
CA LEU H 102 -60.26 7.17 30.12
C LEU H 102 -59.85 5.89 29.40
N ASP H 103 -59.10 5.99 28.30
CA ASP H 103 -58.57 4.85 27.58
C ASP H 103 -59.67 3.98 26.95
N LEU H 104 -60.79 4.60 26.57
CA LEU H 104 -61.92 3.88 25.98
C LEU H 104 -61.59 3.41 24.57
N PHE H 105 -60.55 2.60 24.42
CA PHE H 105 -60.03 2.23 23.10
C PHE H 105 -61.05 1.43 22.29
N ALA H 106 -61.97 0.74 22.95
CA ALA H 106 -62.92 -0.13 22.26
C ALA H 106 -64.29 0.53 22.20
N ASN H 107 -65.02 0.27 21.11
CA ASN H 107 -66.35 0.80 20.89
C ASN H 107 -67.21 -0.30 20.27
N VAL H 108 -68.28 -0.68 20.96
CA VAL H 108 -69.10 -1.82 20.57
C VAL H 108 -70.48 -1.33 20.17
N VAL H 109 -70.94 -1.72 18.99
CA VAL H 109 -72.23 -1.28 18.45
C VAL H 109 -73.05 -2.53 18.14
N HIS H 110 -74.10 -2.75 18.93
CA HIS H 110 -75.01 -3.88 18.72
C HIS H 110 -75.99 -3.50 17.61
N VAL H 111 -75.86 -4.10 16.44
CA VAL H 111 -76.76 -3.87 15.32
C VAL H 111 -77.66 -5.09 15.20
N LYS H 112 -78.83 -5.03 15.83
CA LYS H 112 -79.76 -6.13 15.92
C LYS H 112 -81.13 -5.67 15.42
N SER H 113 -81.53 -6.16 14.25
CA SER H 113 -82.86 -5.87 13.75
C SER H 113 -83.92 -6.28 14.76
N LEU H 114 -85.02 -5.52 14.80
CA LEU H 114 -85.96 -5.72 15.89
C LEU H 114 -87.31 -6.17 15.33
N PRO H 115 -88.03 -7.02 16.08
CA PRO H 115 -89.29 -7.58 15.56
C PRO H 115 -90.28 -6.55 15.08
N GLY H 116 -90.45 -5.46 15.82
CA GLY H 116 -91.38 -4.43 15.44
C GLY H 116 -91.00 -3.72 14.16
N TYR H 117 -89.84 -3.07 14.16
CA TYR H 117 -89.40 -2.32 12.99
C TYR H 117 -89.21 -3.26 11.80
N MET H 118 -89.81 -2.89 10.67
CA MET H 118 -89.72 -3.67 9.43
C MET H 118 -89.01 -2.80 8.39
N THR H 119 -87.68 -2.76 8.45
CA THR H 119 -86.89 -2.04 7.47
C THR H 119 -86.83 -2.87 6.18
N ARG H 120 -86.03 -2.41 5.22
CA ARG H 120 -85.82 -3.20 4.01
C ARG H 120 -84.93 -4.42 4.26
N HIS H 121 -84.52 -4.65 5.51
CA HIS H 121 -83.66 -5.77 5.88
C HIS H 121 -84.04 -6.21 7.29
N ASN H 122 -84.40 -7.49 7.45
CA ASN H 122 -84.88 -8.02 8.71
C ASN H 122 -84.04 -9.21 9.15
N ASN H 123 -84.22 -9.61 10.41
CA ASN H 123 -83.56 -10.78 10.99
C ASN H 123 -82.04 -10.69 10.88
N LEU H 124 -81.49 -9.53 11.22
CA LEU H 124 -80.05 -9.32 11.22
C LEU H 124 -79.53 -9.16 12.64
N ASP H 125 -78.31 -9.66 12.89
CA ASP H 125 -77.69 -9.56 14.21
C ASP H 125 -76.17 -9.59 14.03
N LEU H 126 -75.60 -8.40 13.77
CA LEU H 126 -74.16 -8.22 13.63
C LEU H 126 -73.63 -7.44 14.84
N VAL H 127 -72.45 -6.83 14.67
CA VAL H 127 -71.80 -6.08 15.73
C VAL H 127 -70.62 -5.32 15.11
N ILE H 128 -70.39 -4.09 15.57
CA ILE H 128 -69.28 -3.28 15.08
C ILE H 128 -68.28 -3.08 16.22
N ILE H 129 -67.08 -3.61 16.03
CA ILE H 129 -65.96 -3.39 16.95
C ILE H 129 -65.10 -2.29 16.36
N ARG H 130 -64.78 -1.29 17.18
CA ARG H 130 -64.20 -0.06 16.67
C ARG H 130 -63.11 0.45 17.60
N GLU H 131 -62.01 0.91 16.99
CA GLU H 131 -60.95 1.60 17.71
C GLU H 131 -61.29 3.08 17.83
N GLN H 132 -60.88 3.69 18.94
CA GLN H 132 -61.24 5.09 19.22
C GLN H 132 -60.07 5.99 19.54
N THR H 133 -58.88 5.41 19.74
CA THR H 133 -57.70 6.25 20.08
C THR H 133 -56.75 6.48 18.90
N GLU H 134 -56.28 5.44 18.20
CA GLU H 134 -55.33 5.65 17.05
C GLU H 134 -56.14 6.04 15.81
N GLY H 135 -55.47 6.52 14.77
CA GLY H 135 -56.19 6.88 13.54
C GLY H 135 -56.19 8.37 13.32
N GLU H 136 -56.90 8.83 12.30
CA GLU H 136 -56.90 10.27 11.95
C GLU H 136 -57.63 11.14 12.99
N TYR H 137 -58.42 10.59 13.93
CA TYR H 137 -59.18 11.40 14.92
C TYR H 137 -58.26 11.88 16.06
N SER H 138 -57.30 12.72 15.70
CA SER H 138 -56.25 13.25 16.59
C SER H 138 -56.19 14.76 16.44
N SER H 139 -56.94 15.31 15.49
CA SER H 139 -56.88 16.77 15.21
C SER H 139 -55.43 17.18 14.97
N LEU H 140 -54.69 16.44 14.14
CA LEU H 140 -53.29 16.81 13.86
C LEU H 140 -53.21 17.34 12.43
N GLU H 141 -52.68 18.56 12.31
CA GLU H 141 -52.69 19.33 11.08
C GLU H 141 -51.83 20.58 11.23
N HIS H 142 -51.65 21.28 10.12
CA HIS H 142 -50.79 22.44 10.00
C HIS H 142 -50.75 22.90 8.55
N GLU H 143 -50.23 24.10 8.30
CA GLU H 143 -50.08 24.62 6.95
C GLU H 143 -48.65 24.41 6.48
N SER H 144 -48.49 23.88 5.26
CA SER H 144 -47.19 23.88 4.60
C SER H 144 -46.96 25.18 3.83
N ALA H 145 -47.90 25.56 2.96
CA ALA H 145 -47.82 26.80 2.21
C ALA H 145 -49.12 27.60 2.30
N ARG H 146 -49.31 28.48 1.32
CA ARG H 146 -50.58 29.19 1.09
C ARG H 146 -51.67 28.29 0.53
N GLY H 147 -52.53 27.78 1.41
CA GLY H 147 -53.61 26.91 0.99
C GLY H 147 -53.21 25.48 0.76
N VAL H 148 -52.22 24.97 1.48
CA VAL H 148 -51.77 23.58 1.38
C VAL H 148 -51.69 23.03 2.80
N ILE H 149 -52.71 22.27 3.20
CA ILE H 149 -52.83 21.75 4.55
C ILE H 149 -52.46 20.27 4.54
N GLU H 150 -51.98 19.78 5.69
CA GLU H 150 -51.50 18.41 5.82
C GLU H 150 -52.01 17.83 7.13
N CYS H 151 -52.62 16.65 7.06
CA CYS H 151 -53.15 15.96 8.23
C CYS H 151 -52.46 14.60 8.39
N LEU H 152 -52.47 14.10 9.63
CA LEU H 152 -51.76 12.87 9.97
C LEU H 152 -52.73 11.83 10.52
N LYS H 153 -52.79 10.68 9.86
CA LYS H 153 -53.43 9.49 10.43
C LYS H 153 -52.39 8.73 11.24
N ILE H 154 -52.63 8.58 12.54
CA ILE H 154 -51.77 7.82 13.43
C ILE H 154 -52.38 6.44 13.61
N VAL H 155 -51.54 5.41 13.51
CA VAL H 155 -51.94 4.05 13.81
C VAL H 155 -50.70 3.26 14.23
N THR H 156 -50.70 2.79 15.48
CA THR H 156 -49.53 2.16 16.07
C THR H 156 -49.84 0.72 16.45
N ARG H 157 -48.78 -0.07 16.57
CA ARG H 157 -48.94 -1.51 16.82
C ARG H 157 -49.54 -1.78 18.19
N ALA H 158 -49.12 -1.02 19.20
CA ALA H 158 -49.54 -1.28 20.58
C ALA H 158 -51.06 -1.32 20.70
N LYS H 159 -51.72 -0.24 20.29
CA LYS H 159 -53.18 -0.18 20.39
C LYS H 159 -53.88 -0.95 19.28
N SER H 160 -53.22 -1.19 18.16
CA SER H 160 -53.83 -1.98 17.10
C SER H 160 -54.03 -3.43 17.54
N GLN H 161 -53.07 -3.98 18.28
CA GLN H 161 -53.25 -5.31 18.87
C GLN H 161 -54.44 -5.32 19.82
N ARG H 162 -54.51 -4.32 20.71
CA ARG H 162 -55.51 -4.32 21.76
C ARG H 162 -56.92 -4.33 21.19
N ILE H 163 -57.15 -3.60 20.09
CA ILE H 163 -58.45 -3.68 19.42
C ILE H 163 -58.54 -4.93 18.57
N ALA H 164 -57.42 -5.42 18.03
CA ALA H 164 -57.43 -6.73 17.40
C ALA H 164 -57.67 -7.83 18.43
N LYS H 165 -56.98 -7.74 19.57
CA LYS H 165 -57.28 -8.61 20.69
C LYS H 165 -58.75 -8.47 21.09
N PHE H 166 -59.22 -7.22 21.23
CA PHE H 166 -60.61 -6.99 21.62
C PHE H 166 -61.59 -7.66 20.67
N ALA H 167 -61.28 -7.66 19.37
CA ALA H 167 -62.22 -8.17 18.38
C ALA H 167 -62.54 -9.64 18.61
N PHE H 168 -61.59 -10.42 19.11
CA PHE H 168 -61.69 -11.88 19.05
C PHE H 168 -62.23 -12.49 20.33
N ASP H 169 -61.75 -12.05 21.50
CA ASP H 169 -62.33 -12.53 22.75
C ASP H 169 -63.82 -12.22 22.82
N TYR H 170 -64.25 -11.17 22.13
CA TYR H 170 -65.67 -10.90 21.97
C TYR H 170 -66.36 -12.06 21.24
N ALA H 171 -65.71 -12.60 20.20
CA ALA H 171 -66.31 -13.69 19.43
C ALA H 171 -66.46 -14.95 20.27
N THR H 172 -65.56 -15.18 21.24
CA THR H 172 -65.62 -16.38 22.05
C THR H 172 -66.69 -16.31 23.12
N LYS H 173 -66.70 -15.22 23.90
CA LYS H 173 -67.62 -15.14 25.04
C LYS H 173 -69.08 -15.04 24.59
N LYS H 174 -69.33 -14.40 23.45
CA LYS H 174 -70.68 -14.36 22.90
C LYS H 174 -70.96 -15.52 21.93
N GLY H 175 -69.95 -16.29 21.58
CA GLY H 175 -70.15 -17.42 20.70
C GLY H 175 -70.36 -17.07 19.24
N ARG H 176 -69.69 -16.03 18.76
CA ARG H 176 -69.90 -15.56 17.39
C ARG H 176 -69.16 -16.46 16.40
N GLY H 177 -69.35 -16.19 15.11
CA GLY H 177 -68.82 -17.06 14.08
C GLY H 177 -67.52 -16.62 13.47
N LYS H 178 -67.52 -15.49 12.78
CA LYS H 178 -66.34 -14.99 12.09
C LYS H 178 -66.27 -13.48 12.18
N VAL H 179 -65.05 -12.96 12.30
CA VAL H 179 -64.80 -11.53 12.20
C VAL H 179 -64.27 -11.24 10.80
N THR H 180 -64.19 -9.96 10.45
CA THR H 180 -63.63 -9.55 9.18
C THR H 180 -62.96 -8.19 9.37
N ALA H 181 -61.65 -8.15 9.21
CA ALA H 181 -60.90 -6.92 9.40
C ALA H 181 -61.03 -6.02 8.17
N VAL H 182 -61.46 -4.78 8.40
CA VAL H 182 -61.71 -3.82 7.33
C VAL H 182 -60.46 -2.96 7.14
N HIS H 183 -60.23 -2.54 5.91
CA HIS H 183 -58.94 -1.95 5.55
C HIS H 183 -59.05 -1.25 4.21
N LYS H 184 -58.21 -0.24 4.03
CA LYS H 184 -57.88 0.33 2.72
C LYS H 184 -56.38 0.37 2.54
N ALA H 185 -55.69 -0.66 3.06
CA ALA H 185 -54.23 -0.73 2.99
C ALA H 185 -53.69 -0.81 1.57
N ASN H 186 -54.53 -1.09 0.57
CA ASN H 186 -54.08 -1.14 -0.82
C ASN H 186 -53.62 0.21 -1.35
N ILE H 187 -53.74 1.28 -0.57
CA ILE H 187 -53.20 2.59 -0.94
C ILE H 187 -52.35 3.09 0.22
N MET H 188 -52.78 2.80 1.44
CA MET H 188 -51.97 3.05 2.64
C MET H 188 -51.33 1.75 3.08
N LYS H 189 -50.33 1.34 2.29
CA LYS H 189 -49.65 0.07 2.56
C LYS H 189 -49.06 0.03 3.97
N LEU H 190 -48.49 1.14 4.42
CA LEU H 190 -47.94 1.19 5.78
C LEU H 190 -49.03 1.37 6.81
N GLY H 191 -50.01 2.22 6.53
CA GLY H 191 -51.09 2.52 7.45
C GLY H 191 -52.08 1.50 7.95
N ASP H 192 -52.95 1.01 7.05
CA ASP H 192 -53.80 -0.13 7.35
C ASP H 192 -53.08 -1.46 7.17
N GLY H 193 -51.89 -1.46 6.55
CA GLY H 193 -51.10 -2.68 6.48
C GLY H 193 -50.57 -3.09 7.84
N LEU H 194 -50.01 -2.13 8.58
CA LEU H 194 -49.62 -2.40 9.96
C LEU H 194 -50.80 -2.91 10.78
N PHE H 195 -51.94 -2.23 10.65
CA PHE H 195 -53.14 -2.66 11.36
C PHE H 195 -53.53 -4.08 10.94
N LEU H 196 -53.68 -4.30 9.63
CA LEU H 196 -54.11 -5.61 9.14
C LEU H 196 -53.18 -6.72 9.59
N GLN H 197 -51.89 -6.44 9.71
CA GLN H 197 -50.96 -7.46 10.17
C GLN H 197 -51.23 -7.83 11.63
N CYS H 198 -51.40 -6.82 12.50
CA CYS H 198 -51.73 -7.09 13.89
C CYS H 198 -53.02 -7.90 14.03
N CYS H 199 -53.91 -7.81 13.04
CA CYS H 199 -55.10 -8.67 13.04
C CYS H 199 -54.74 -10.11 12.65
N GLU H 200 -54.07 -10.28 11.50
CA GLU H 200 -53.64 -11.60 11.09
C GLU H 200 -52.61 -12.19 12.05
N GLU H 201 -51.89 -11.34 12.80
CA GLU H 201 -51.01 -11.82 13.85
C GLU H 201 -51.81 -12.45 14.98
N VAL H 202 -52.87 -11.77 15.42
CA VAL H 202 -53.70 -12.30 16.49
C VAL H 202 -54.61 -13.41 15.97
N ALA H 203 -55.13 -13.27 14.76
CA ALA H 203 -56.09 -14.24 14.22
C ALA H 203 -55.49 -15.64 14.17
N GLU H 204 -54.17 -15.75 14.01
CA GLU H 204 -53.52 -17.05 14.13
C GLU H 204 -53.76 -17.68 15.50
N LEU H 205 -53.91 -16.84 16.52
CA LEU H 205 -54.05 -17.32 17.89
C LEU H 205 -55.47 -17.76 18.22
N TYR H 206 -56.42 -17.57 17.31
CA TYR H 206 -57.82 -17.94 17.51
C TYR H 206 -58.23 -18.86 16.36
N PRO H 207 -57.83 -20.13 16.40
CA PRO H 207 -58.10 -21.00 15.26
C PRO H 207 -59.55 -21.44 15.14
N LYS H 208 -60.28 -21.50 16.25
CA LYS H 208 -61.67 -21.92 16.20
C LYS H 208 -62.55 -20.76 15.73
N ILE H 209 -61.94 -19.77 15.10
CA ILE H 209 -62.63 -18.59 14.61
C ILE H 209 -62.25 -18.38 13.15
N LYS H 210 -63.22 -18.48 12.26
CA LYS H 210 -63.00 -18.10 10.88
C LYS H 210 -62.73 -16.60 10.80
N PHE H 211 -61.90 -16.20 9.83
CA PHE H 211 -61.47 -14.82 9.76
C PHE H 211 -61.31 -14.42 8.31
N GLU H 212 -61.59 -13.13 8.03
CA GLU H 212 -61.45 -12.59 6.68
C GLU H 212 -60.90 -11.16 6.77
N THR H 213 -60.42 -10.68 5.63
CA THR H 213 -60.11 -9.27 5.43
C THR H 213 -60.89 -8.77 4.22
N MET H 214 -61.33 -7.51 4.29
CA MET H 214 -62.15 -6.95 3.23
C MET H 214 -61.80 -5.48 3.06
N ILE H 215 -61.80 -5.03 1.80
CA ILE H 215 -61.60 -3.61 1.52
C ILE H 215 -62.80 -2.83 2.06
N ILE H 216 -62.55 -1.58 2.46
CA ILE H 216 -63.61 -0.79 3.11
C ILE H 216 -64.75 -0.53 2.14
N ASP H 217 -64.43 0.10 0.99
CA ASP H 217 -65.46 0.41 0.01
C ASP H 217 -66.16 -0.84 -0.50
N ASN H 218 -65.39 -1.93 -0.66
CA ASN H 218 -65.99 -3.20 -1.05
C ASN H 218 -66.88 -3.74 0.07
N CYS H 219 -66.47 -3.56 1.33
CA CYS H 219 -67.29 -4.01 2.45
C CYS H 219 -68.59 -3.21 2.53
N CYS H 220 -68.50 -1.89 2.41
CA CYS H 220 -69.70 -1.05 2.50
C CYS H 220 -70.70 -1.41 1.41
N MET H 221 -70.23 -1.71 0.21
CA MET H 221 -71.13 -2.08 -0.87
C MET H 221 -71.76 -3.45 -0.64
N GLN H 222 -71.04 -4.35 0.03
CA GLN H 222 -71.64 -5.63 0.37
C GLN H 222 -72.67 -5.47 1.49
N LEU H 223 -72.47 -4.49 2.38
CA LEU H 223 -73.46 -4.22 3.43
C LEU H 223 -74.79 -3.79 2.84
N VAL H 224 -74.78 -3.16 1.67
CA VAL H 224 -76.02 -2.76 1.02
C VAL H 224 -76.56 -3.82 0.07
N GLN H 225 -75.73 -4.76 -0.36
CA GLN H 225 -76.21 -5.90 -1.17
C GLN H 225 -76.61 -7.06 -0.26
N ASN H 226 -75.63 -7.65 0.43
CA ASN H 226 -75.91 -8.72 1.39
C ASN H 226 -75.08 -8.50 2.65
N PRO H 227 -75.65 -7.84 3.66
CA PRO H 227 -74.96 -7.72 4.96
C PRO H 227 -75.06 -8.97 5.82
N TYR H 228 -75.94 -9.92 5.47
CA TYR H 228 -76.09 -11.16 6.23
C TYR H 228 -74.83 -12.02 6.17
N GLN H 229 -73.89 -11.71 5.28
CA GLN H 229 -72.71 -12.55 5.12
C GLN H 229 -71.77 -12.45 6.32
N PHE H 230 -71.62 -11.25 6.88
CA PHE H 230 -70.67 -11.04 7.96
C PHE H 230 -71.02 -10.39 9.29
N ASP H 231 -70.65 -11.06 10.38
CA ASP H 231 -71.09 -11.41 11.72
C ASP H 231 -70.48 -10.43 12.70
N VAL H 232 -69.15 -10.34 12.68
CA VAL H 232 -68.40 -9.38 13.49
C VAL H 232 -67.45 -8.64 12.57
N LEU H 233 -67.20 -7.37 12.88
CA LEU H 233 -66.31 -6.52 12.10
C LEU H 233 -65.45 -5.71 13.05
N VAL H 234 -64.17 -5.55 12.69
CA VAL H 234 -63.25 -4.73 13.47
C VAL H 234 -62.52 -3.80 12.51
N MET H 235 -62.25 -2.58 12.95
CA MET H 235 -61.71 -1.55 12.08
C MET H 235 -61.11 -0.43 12.92
N PRO H 236 -60.22 0.39 12.34
CA PRO H 236 -59.70 1.57 13.07
C PRO H 236 -60.73 2.69 13.23
N ASN H 237 -60.29 3.84 13.75
CA ASN H 237 -61.22 4.86 14.22
C ASN H 237 -62.07 5.43 13.08
N LEU H 238 -61.43 5.85 11.99
CA LEU H 238 -62.21 6.47 10.91
C LEU H 238 -63.18 5.47 10.33
N TYR H 239 -62.72 4.26 10.04
CA TYR H 239 -63.61 3.23 9.49
C TYR H 239 -64.75 2.91 10.44
N GLY H 240 -64.55 3.09 11.74
CA GLY H 240 -65.60 2.87 12.73
C GLY H 240 -66.73 3.87 12.61
N ASN H 241 -66.43 5.15 12.81
CA ASN H 241 -67.45 6.19 12.70
C ASN H 241 -68.18 6.14 11.36
N ILE H 242 -67.52 5.63 10.32
CA ILE H 242 -68.17 5.49 9.01
C ILE H 242 -69.21 4.38 9.05
N ILE H 243 -68.76 3.16 9.34
CA ILE H 243 -69.65 2.00 9.30
C ILE H 243 -70.64 1.99 10.47
N ASP H 244 -70.31 2.67 11.56
CA ASP H 244 -71.25 2.83 12.68
C ASP H 244 -72.57 3.39 12.18
N ASN H 245 -72.56 4.63 11.70
CA ASN H 245 -73.78 5.27 11.23
C ASN H 245 -74.37 4.58 10.01
N LEU H 246 -73.59 3.73 9.34
CA LEU H 246 -74.10 3.00 8.17
C LEU H 246 -75.08 1.91 8.60
N ALA H 247 -74.60 1.01 9.46
CA ALA H 247 -75.43 -0.13 9.95
C ALA H 247 -76.64 0.40 10.70
N ALA H 248 -76.45 1.44 11.53
CA ALA H 248 -77.56 2.03 12.31
C ALA H 248 -78.60 2.60 11.34
N GLY H 249 -78.14 3.28 10.28
CA GLY H 249 -79.03 3.86 9.27
C GLY H 249 -79.83 2.80 8.53
N LEU H 250 -79.17 1.68 8.18
CA LEU H 250 -79.83 0.57 7.44
C LEU H 250 -80.96 -0.01 8.31
N VAL H 251 -80.72 -0.16 9.62
CA VAL H 251 -81.74 -0.71 10.56
C VAL H 251 -82.94 0.24 10.58
N GLY H 252 -82.68 1.55 10.58
CA GLY H 252 -83.75 2.57 10.60
C GLY H 252 -83.23 3.91 11.09
N GLY H 253 -82.81 3.98 12.35
CA GLY H 253 -82.28 5.23 12.93
C GLY H 253 -81.03 4.99 13.75
N ALA H 254 -80.19 6.01 13.90
CA ALA H 254 -78.94 5.91 14.70
C ALA H 254 -79.31 5.66 16.17
N GLY H 255 -80.35 6.33 16.66
CA GLY H 255 -80.78 6.26 18.07
C GLY H 255 -81.25 4.88 18.52
N VAL H 256 -82.02 4.15 17.68
CA VAL H 256 -82.55 2.83 18.11
C VAL H 256 -81.40 1.85 18.40
N VAL H 257 -80.36 1.84 17.57
CA VAL H 257 -79.19 0.93 17.80
C VAL H 257 -78.37 1.50 18.96
N PRO H 258 -78.01 0.71 20.00
CA PRO H 258 -77.22 1.24 21.13
C PRO H 258 -75.72 1.18 20.90
N GLY H 259 -74.94 1.43 21.95
CA GLY H 259 -73.49 1.45 21.85
C GLY H 259 -72.84 1.19 23.18
N GLU H 260 -71.63 0.62 23.12
CA GLU H 260 -70.85 0.25 24.31
C GLU H 260 -69.38 0.55 24.05
N SER H 261 -68.67 1.03 25.07
CA SER H 261 -67.26 1.40 24.94
C SER H 261 -66.54 1.11 26.25
N TYR H 262 -65.60 0.16 26.21
CA TYR H 262 -64.89 -0.22 27.46
C TYR H 262 -63.45 0.27 27.46
N SER H 263 -63.10 1.06 28.48
CA SER H 263 -61.73 1.59 28.69
C SER H 263 -61.22 1.03 30.02
N ALA H 264 -60.06 0.37 30.01
CA ALA H 264 -59.48 -0.24 31.23
C ALA H 264 -60.54 -1.16 31.85
N GLU H 265 -60.78 -1.04 33.16
CA GLU H 265 -61.80 -1.88 33.84
C GLU H 265 -63.16 -1.18 33.79
N TYR H 266 -63.18 0.08 33.34
CA TYR H 266 -64.42 0.89 33.26
C TYR H 266 -65.32 0.42 32.10
N ALA H 267 -66.63 0.61 32.26
CA ALA H 267 -67.62 0.24 31.21
C ALA H 267 -68.46 1.48 30.87
N VAL H 268 -68.57 1.83 29.59
CA VAL H 268 -69.35 3.04 29.17
C VAL H 268 -70.35 2.66 28.08
N PHE H 269 -71.61 3.11 28.23
CA PHE H 269 -72.65 2.86 27.25
C PHE H 269 -73.16 4.19 26.72
N GLU H 270 -73.61 4.19 25.47
CA GLU H 270 -74.14 5.39 24.84
C GLU H 270 -74.96 4.98 23.62
N THR H 271 -75.59 5.97 22.99
CA THR H 271 -76.30 5.75 21.75
C THR H 271 -75.34 5.21 20.70
N GLY H 272 -75.88 4.43 19.76
CA GLY H 272 -75.07 3.92 18.67
C GLY H 272 -74.49 5.04 17.81
N ALA H 273 -75.37 5.69 17.06
CA ALA H 273 -74.98 6.78 16.13
C ALA H 273 -74.83 8.08 16.89
N ARG H 274 -74.25 9.10 16.24
CA ARG H 274 -74.06 10.36 16.99
C ARG H 274 -75.43 10.97 17.35
N HIS H 275 -76.33 11.14 16.38
CA HIS H 275 -77.67 11.73 16.64
C HIS H 275 -78.54 11.64 15.39
N PRO H 276 -79.88 11.79 15.45
CA PRO H 276 -80.66 11.73 14.23
C PRO H 276 -80.40 13.16 13.79
N PHE H 277 -79.50 13.35 12.84
CA PHE H 277 -79.10 14.72 12.46
C PHE H 277 -80.24 15.50 11.83
N ALA H 278 -80.96 14.88 10.91
CA ALA H 278 -81.96 15.65 10.14
C ALA H 278 -83.00 16.28 11.05
N GLN H 279 -83.54 15.52 12.00
CA GLN H 279 -84.57 16.15 12.85
C GLN H 279 -83.92 17.28 13.65
N ALA H 280 -82.78 16.99 14.28
CA ALA H 280 -82.06 17.96 15.13
C ALA H 280 -83.09 18.60 16.06
N VAL H 281 -83.81 17.78 16.84
CA VAL H 281 -84.97 18.36 17.58
C VAL H 281 -84.82 18.22 19.09
N GLY H 282 -85.26 19.27 19.78
CA GLY H 282 -85.35 19.32 21.25
C GLY H 282 -86.82 19.30 21.64
N ARG H 283 -87.68 18.86 20.74
CA ARG H 283 -89.15 18.88 20.97
C ARG H 283 -89.66 17.60 21.63
N ASN H 284 -88.78 16.65 21.99
CA ASN H 284 -89.05 15.34 22.67
C ASN H 284 -89.57 14.30 21.67
N ILE H 285 -89.53 14.61 20.38
CA ILE H 285 -89.94 13.71 19.27
C ILE H 285 -88.98 12.52 19.22
N ALA H 286 -87.73 12.75 19.57
CA ALA H 286 -86.69 11.71 19.53
C ALA H 286 -87.07 10.50 20.40
N ASN H 287 -86.78 9.36 19.80
CA ASN H 287 -86.85 7.96 20.19
C ASN H 287 -85.78 7.66 21.23
N PRO H 288 -86.16 7.15 22.40
CA PRO H 288 -85.17 6.77 23.43
C PRO H 288 -84.76 5.30 23.43
N THR H 289 -85.29 4.48 22.51
CA THR H 289 -84.99 3.04 22.50
C THR H 289 -83.50 2.77 22.65
N ALA H 290 -82.68 3.48 21.87
CA ALA H 290 -81.23 3.34 21.88
C ALA H 290 -80.55 3.35 23.25
N MET H 291 -80.63 4.47 23.96
CA MET H 291 -80.09 4.55 25.32
C MET H 291 -80.69 3.50 26.22
N LEU H 292 -82.00 3.29 26.16
CA LEU H 292 -82.66 2.30 27.00
C LEU H 292 -82.06 0.91 26.76
N LEU H 293 -81.92 0.52 25.50
CA LEU H 293 -81.29 -0.76 25.20
C LEU H 293 -79.84 -0.78 25.67
N SER H 294 -79.13 0.35 25.51
CA SER H 294 -77.77 0.43 26.02
C SER H 294 -77.75 0.41 27.54
N ALA H 295 -78.65 1.18 28.18
CA ALA H 295 -78.73 1.16 29.63
C ALA H 295 -79.18 -0.21 30.15
N SER H 296 -80.03 -0.90 29.39
CA SER H 296 -80.35 -2.28 29.74
C SER H 296 -79.10 -3.16 29.67
N ASN H 297 -78.40 -3.11 28.54
CA ASN H 297 -77.11 -3.82 28.44
C ASN H 297 -76.15 -3.35 29.50
N MET H 298 -76.30 -2.12 30.00
CA MET H 298 -75.51 -1.68 31.14
C MET H 298 -75.88 -2.45 32.39
N LEU H 299 -77.17 -2.49 32.72
CA LEU H 299 -77.62 -3.25 33.89
C LEU H 299 -77.25 -4.72 33.77
N ARG H 300 -77.22 -5.26 32.54
CA ARG H 300 -76.74 -6.62 32.34
C ARG H 300 -75.28 -6.74 32.75
N HIS H 301 -74.49 -5.69 32.51
CA HIS H 301 -73.12 -5.64 33.02
C HIS H 301 -73.07 -5.44 34.53
N LEU H 302 -74.02 -4.68 35.08
CA LEU H 302 -74.03 -4.38 36.51
C LEU H 302 -74.42 -5.56 37.38
N ASN H 303 -74.41 -6.79 36.84
CA ASN H 303 -74.78 -8.01 37.54
C ASN H 303 -76.24 -8.02 37.97
N LEU H 304 -77.06 -7.14 37.39
CA LEU H 304 -78.47 -7.07 37.73
C LEU H 304 -79.29 -7.53 36.53
N GLU H 305 -78.96 -8.72 36.01
CA GLU H 305 -79.50 -9.17 34.73
C GLU H 305 -81.02 -9.10 34.68
N TYR H 306 -81.67 -9.25 35.83
CA TYR H 306 -83.13 -9.25 35.86
C TYR H 306 -83.70 -7.96 35.29
N HIS H 307 -83.32 -6.81 35.86
CA HIS H 307 -83.84 -5.54 35.37
C HIS H 307 -83.43 -5.30 33.92
N SER H 308 -82.20 -5.66 33.57
CA SER H 308 -81.78 -5.58 32.18
C SER H 308 -82.65 -6.45 31.29
N SER H 309 -82.90 -7.69 31.72
CA SER H 309 -83.71 -8.61 30.94
C SER H 309 -85.16 -8.15 30.85
N MET H 310 -85.73 -7.69 31.97
CA MET H 310 -87.14 -7.31 31.96
C MET H 310 -87.37 -6.03 31.19
N ILE H 311 -86.43 -5.07 31.26
CA ILE H 311 -86.55 -3.85 30.49
C ILE H 311 -86.45 -4.13 28.99
N ALA H 312 -85.48 -4.96 28.59
CA ALA H 312 -85.35 -5.31 27.19
C ALA H 312 -86.59 -6.04 26.68
N ASP H 313 -87.15 -6.93 27.51
CA ASP H 313 -88.36 -7.65 27.12
C ASP H 313 -89.51 -6.68 26.82
N ALA H 314 -89.72 -5.71 27.71
CA ALA H 314 -90.81 -4.76 27.51
C ALA H 314 -90.58 -3.89 26.27
N VAL H 315 -89.36 -3.39 26.07
CA VAL H 315 -89.08 -2.53 24.93
C VAL H 315 -89.28 -3.30 23.61
N LYS H 316 -88.77 -4.53 23.55
CA LYS H 316 -88.91 -5.34 22.34
C LYS H 316 -90.38 -5.58 22.01
N LYS H 317 -91.13 -6.16 22.94
CA LYS H 317 -92.53 -6.47 22.70
C LYS H 317 -93.33 -5.21 22.36
N VAL H 318 -93.05 -4.10 23.04
CA VAL H 318 -93.76 -2.85 22.77
C VAL H 318 -93.52 -2.39 21.34
N ILE H 319 -92.25 -2.46 20.89
CA ILE H 319 -91.97 -2.17 19.49
C ILE H 319 -92.64 -3.20 18.59
N LYS H 320 -92.68 -4.46 19.02
CA LYS H 320 -93.39 -5.50 18.29
C LYS H 320 -94.90 -5.28 18.26
N VAL H 321 -95.42 -4.38 19.09
CA VAL H 321 -96.86 -4.14 19.12
C VAL H 321 -97.29 -3.28 17.93
N GLY H 322 -96.40 -2.43 17.41
CA GLY H 322 -96.73 -1.58 16.30
C GLY H 322 -97.71 -0.47 16.63
N LYS H 323 -98.13 -0.33 17.88
CA LYS H 323 -99.09 0.70 18.24
C LYS H 323 -98.42 2.06 18.44
N VAL H 324 -97.37 2.10 19.25
CA VAL H 324 -96.75 3.34 19.70
C VAL H 324 -95.42 3.48 18.96
N ARG H 325 -95.32 4.49 18.10
CA ARG H 325 -94.11 4.72 17.32
C ARG H 325 -93.94 6.21 17.04
N THR H 326 -92.69 6.60 16.78
CA THR H 326 -92.31 7.99 16.52
C THR H 326 -91.97 8.18 15.04
N SER H 327 -91.67 9.43 14.67
CA SER H 327 -91.53 9.80 13.27
C SER H 327 -90.44 9.01 12.55
N ASP H 328 -89.44 8.54 13.30
CA ASP H 328 -88.43 7.66 12.72
C ASP H 328 -89.00 6.29 12.39
N MET H 329 -89.86 5.76 13.26
CA MET H 329 -90.37 4.40 13.15
C MET H 329 -91.69 4.31 12.40
N GLY H 330 -92.05 5.34 11.64
CA GLY H 330 -93.27 5.31 10.86
C GLY H 330 -94.50 5.86 11.56
N GLY H 331 -94.48 6.02 12.88
CA GLY H 331 -95.58 6.57 13.62
C GLY H 331 -95.38 8.02 14.02
N TYR H 332 -96.24 8.49 14.92
CA TYR H 332 -96.16 9.84 15.47
C TYR H 332 -96.53 9.75 16.95
N ALA H 333 -95.53 9.65 17.83
CA ALA H 333 -95.76 9.61 19.26
C ALA H 333 -94.77 10.53 19.95
N THR H 334 -95.20 11.09 21.07
CA THR H 334 -94.26 11.85 21.87
C THR H 334 -93.24 10.90 22.51
N CYS H 335 -92.13 11.46 22.97
CA CYS H 335 -91.13 10.63 23.63
C CYS H 335 -91.62 10.15 24.98
N HIS H 336 -92.32 11.01 25.72
CA HIS H 336 -92.85 10.61 27.02
C HIS H 336 -94.14 9.81 26.91
N ASP H 337 -94.82 9.84 25.76
CA ASP H 337 -95.88 8.87 25.51
C ASP H 337 -95.29 7.47 25.37
N PHE H 338 -94.28 7.32 24.51
CA PHE H 338 -93.59 6.06 24.38
C PHE H 338 -92.96 5.63 25.71
N THR H 339 -92.31 6.56 26.40
CA THR H 339 -91.71 6.23 27.69
C THR H 339 -92.75 5.77 28.70
N GLU H 340 -93.99 6.27 28.59
CA GLU H 340 -95.05 5.86 29.50
C GLU H 340 -95.55 4.47 29.16
N GLU H 341 -95.81 4.20 27.86
CA GLU H 341 -96.21 2.86 27.45
C GLU H 341 -95.09 1.86 27.72
N ILE H 342 -93.83 2.32 27.71
CA ILE H 342 -92.73 1.49 28.19
C ILE H 342 -92.97 1.10 29.64
N CYS H 343 -93.14 2.11 30.52
CA CYS H 343 -93.42 1.85 31.92
C CYS H 343 -94.78 1.19 32.14
N ARG H 344 -95.67 1.24 31.15
CA ARG H 344 -96.97 0.58 31.28
C ARG H 344 -96.82 -0.94 31.20
N ARG H 345 -96.20 -1.43 30.12
CA ARG H 345 -95.89 -2.86 30.02
C ARG H 345 -94.83 -3.30 31.03
N VAL H 346 -94.08 -2.35 31.59
CA VAL H 346 -93.16 -2.66 32.68
C VAL H 346 -93.93 -2.86 33.99
N LYS H 347 -95.06 -2.17 34.17
CA LYS H 347 -95.81 -2.26 35.41
C LYS H 347 -96.49 -3.61 35.56
N ASP H 348 -97.25 -4.03 34.54
CA ASP H 348 -97.97 -5.29 34.63
C ASP H 348 -97.03 -6.50 34.70
N LEU H 349 -95.83 -6.38 34.14
CA LEU H 349 -94.84 -7.45 34.21
C LEU H 349 -94.11 -7.42 35.55
N VAL I 4 -0.41 -54.06 -44.85
CA VAL I 4 0.98 -54.06 -44.41
C VAL I 4 1.78 -53.06 -45.26
N GLN I 5 2.54 -52.21 -44.60
CA GLN I 5 3.34 -51.18 -45.27
C GLN I 5 4.83 -51.45 -45.11
N THR I 6 5.62 -50.78 -45.94
CA THR I 6 7.06 -50.81 -45.84
C THR I 6 7.57 -49.52 -45.23
N VAL I 7 8.50 -49.64 -44.29
CA VAL I 7 9.07 -48.50 -43.59
C VAL I 7 10.58 -48.52 -43.77
N THR I 8 11.11 -47.55 -44.50
CA THR I 8 12.56 -47.41 -44.64
C THR I 8 13.20 -47.28 -43.27
N LEU I 9 14.38 -47.87 -43.12
CA LEU I 9 15.02 -47.96 -41.81
C LEU I 9 16.50 -47.66 -41.94
N ILE I 10 17.04 -46.97 -40.93
CA ILE I 10 18.46 -46.66 -40.86
C ILE I 10 19.06 -47.49 -39.73
N PRO I 11 20.25 -48.06 -39.89
CA PRO I 11 20.89 -48.77 -38.78
C PRO I 11 21.31 -47.83 -37.67
N GLY I 12 22.13 -46.84 -38.03
CA GLY I 12 22.70 -45.95 -37.05
C GLY I 12 24.03 -46.47 -36.54
N ASP I 13 25.06 -45.63 -36.55
CA ASP I 13 26.38 -46.05 -36.10
C ASP I 13 26.36 -46.37 -34.61
N GLY I 14 27.37 -47.13 -34.18
CA GLY I 14 27.50 -47.46 -32.77
C GLY I 14 26.53 -48.52 -32.31
N ILE I 15 25.58 -48.13 -31.46
CA ILE I 15 24.63 -49.08 -30.88
C ILE I 15 23.34 -49.19 -31.68
N GLY I 16 23.20 -48.42 -32.76
CA GLY I 16 22.02 -48.41 -33.60
C GLY I 16 21.48 -49.77 -33.99
N PRO I 17 22.34 -50.67 -34.52
CA PRO I 17 21.82 -51.96 -34.98
C PRO I 17 21.29 -52.83 -33.84
N GLU I 18 22.09 -52.99 -32.78
CA GLU I 18 21.68 -53.82 -31.65
C GLU I 18 20.28 -53.46 -31.15
N ILE I 19 19.92 -52.19 -31.23
CA ILE I 19 18.66 -51.71 -30.68
C ILE I 19 17.58 -51.61 -31.75
N SER I 20 17.92 -51.12 -32.95
CA SER I 20 16.94 -51.10 -34.03
C SER I 20 16.48 -52.51 -34.36
N ALA I 21 17.37 -53.49 -34.23
CA ALA I 21 16.96 -54.88 -34.37
C ALA I 21 16.01 -55.30 -33.25
N ALA I 22 16.20 -54.75 -32.05
CA ALA I 22 15.30 -55.07 -30.95
C ALA I 22 13.90 -54.56 -31.23
N VAL I 23 13.79 -53.41 -31.88
CA VAL I 23 12.47 -52.89 -32.25
C VAL I 23 11.86 -53.73 -33.36
N MET I 24 12.66 -54.05 -34.38
CA MET I 24 12.21 -54.98 -35.41
C MET I 24 11.77 -56.31 -34.80
N LYS I 25 12.45 -56.73 -33.73
CA LYS I 25 12.11 -57.97 -33.03
C LYS I 25 10.85 -57.82 -32.18
N ILE I 26 10.62 -56.64 -31.62
CA ILE I 26 9.41 -56.38 -30.85
C ILE I 26 8.24 -55.99 -31.74
N PHE I 27 8.51 -55.29 -32.85
CA PHE I 27 7.49 -55.05 -33.85
C PHE I 27 7.07 -56.35 -34.54
N ASP I 28 7.98 -57.32 -34.63
CA ASP I 28 7.60 -58.63 -35.16
C ASP I 28 6.64 -59.33 -34.21
N ALA I 29 6.93 -59.29 -32.90
CA ALA I 29 6.12 -59.97 -31.90
C ALA I 29 4.85 -59.21 -31.54
N ALA I 30 4.73 -57.93 -31.89
CA ALA I 30 3.51 -57.17 -31.67
C ALA I 30 2.49 -57.38 -32.77
N LYS I 31 2.76 -58.29 -33.70
CA LYS I 31 1.92 -58.49 -34.89
C LYS I 31 1.73 -57.16 -35.62
N ALA I 32 2.79 -56.38 -35.69
CA ALA I 32 2.75 -55.07 -36.33
C ALA I 32 2.83 -55.24 -37.85
N PRO I 33 1.83 -54.79 -38.60
CA PRO I 33 1.84 -54.99 -40.06
C PRO I 33 2.87 -54.12 -40.77
N ILE I 34 4.16 -54.34 -40.50
CA ILE I 34 5.24 -53.57 -41.09
C ILE I 34 6.38 -54.50 -41.48
N GLN I 35 6.88 -54.36 -42.70
CA GLN I 35 8.17 -54.89 -43.10
C GLN I 35 9.15 -53.73 -43.25
N TRP I 36 10.42 -54.06 -43.39
CA TRP I 36 11.46 -53.04 -43.34
C TRP I 36 12.29 -53.05 -44.63
N GLU I 37 13.26 -52.14 -44.65
CA GLU I 37 14.14 -51.94 -45.80
C GLU I 37 15.43 -51.26 -45.34
N GLU I 38 16.37 -52.05 -44.82
CA GLU I 38 17.58 -51.49 -44.21
C GLU I 38 18.41 -50.72 -45.22
N ARG I 39 18.61 -49.43 -44.97
CA ARG I 39 19.32 -48.54 -45.86
C ARG I 39 20.34 -47.72 -45.08
N ASN I 40 21.60 -47.76 -45.51
CA ASN I 40 22.61 -46.87 -44.95
C ASN I 40 22.57 -45.54 -45.68
N VAL I 41 22.85 -44.47 -44.93
CA VAL I 41 22.54 -43.12 -45.40
C VAL I 41 23.74 -42.18 -45.32
N THR I 42 24.94 -42.71 -45.10
CA THR I 42 26.13 -41.87 -44.93
C THR I 42 26.29 -40.92 -46.11
N ALA I 43 26.70 -39.68 -45.81
CA ALA I 43 26.72 -38.61 -46.80
C ALA I 43 27.72 -38.90 -47.92
N ILE I 44 27.41 -38.39 -49.12
CA ILE I 44 28.22 -38.62 -50.31
C ILE I 44 28.38 -37.33 -51.11
N GLN I 45 29.45 -37.30 -51.90
CA GLN I 45 29.97 -36.09 -52.57
C GLN I 45 29.79 -34.82 -51.74
N TRP I 51 27.41 -32.47 -52.03
CA TRP I 51 26.95 -33.30 -50.92
C TRP I 51 25.46 -33.59 -51.01
N MET I 52 25.10 -34.87 -50.90
CA MET I 52 23.71 -35.26 -50.73
C MET I 52 23.67 -36.67 -50.14
N ILE I 53 22.57 -37.37 -50.33
CA ILE I 53 22.31 -38.63 -49.63
C ILE I 53 22.43 -39.80 -50.58
N PRO I 54 22.59 -41.04 -50.09
CA PRO I 54 22.52 -42.20 -50.97
C PRO I 54 21.21 -42.23 -51.76
N SER I 55 21.33 -42.39 -53.08
CA SER I 55 20.15 -42.40 -53.94
C SER I 55 19.25 -43.60 -53.62
N GLU I 56 19.86 -44.75 -53.35
CA GLU I 56 19.08 -45.94 -52.97
C GLU I 56 18.31 -45.70 -51.68
N ALA I 57 18.82 -44.83 -50.80
CA ALA I 57 18.05 -44.40 -49.64
C ALA I 57 17.10 -43.25 -49.97
N LYS I 58 17.48 -42.40 -50.93
CA LYS I 58 16.65 -41.26 -51.32
C LYS I 58 15.32 -41.74 -51.90
N GLU I 59 15.35 -42.71 -52.81
CA GLU I 59 14.11 -43.18 -53.43
C GLU I 59 13.26 -43.97 -52.46
N SER I 60 13.88 -44.84 -51.65
CA SER I 60 13.14 -45.63 -50.68
C SER I 60 12.24 -44.75 -49.83
N MET I 61 12.75 -43.59 -49.41
CA MET I 61 11.94 -42.68 -48.61
C MET I 61 10.82 -42.07 -49.43
N ASP I 62 11.10 -41.71 -50.70
CA ASP I 62 10.09 -41.06 -51.53
C ASP I 62 8.86 -41.93 -51.75
N LYS I 63 9.02 -43.25 -51.68
CA LYS I 63 7.92 -44.19 -51.80
C LYS I 63 7.39 -44.65 -50.45
N ASN I 64 8.28 -44.82 -49.46
CA ASN I 64 7.85 -45.35 -48.17
C ASN I 64 7.31 -44.27 -47.24
N LYS I 65 7.61 -43.00 -47.50
CA LYS I 65 7.02 -41.86 -46.79
C LYS I 65 7.35 -41.84 -45.30
N MET I 66 7.51 -43.01 -44.68
CA MET I 66 7.82 -43.11 -43.26
C MET I 66 9.20 -43.72 -43.08
N GLY I 67 9.79 -43.47 -41.92
CA GLY I 67 11.12 -43.98 -41.64
C GLY I 67 11.43 -43.97 -40.17
N LEU I 68 12.48 -44.71 -39.82
CA LEU I 68 13.01 -44.75 -38.46
C LEU I 68 14.51 -44.49 -38.52
N LYS I 69 15.03 -43.81 -37.50
CA LYS I 69 16.42 -43.39 -37.51
C LYS I 69 17.04 -43.61 -36.13
N GLY I 70 18.26 -44.14 -36.13
CA GLY I 70 19.02 -44.31 -34.92
C GLY I 70 20.12 -43.28 -34.80
N PRO I 71 21.09 -43.53 -33.92
CA PRO I 71 22.15 -42.53 -33.69
C PRO I 71 23.18 -42.54 -34.81
N LEU I 72 23.47 -41.35 -35.33
CA LEU I 72 24.45 -41.17 -36.39
C LEU I 72 25.68 -40.46 -35.84
N LYS I 73 26.78 -40.55 -36.57
CA LYS I 73 28.00 -39.87 -36.14
C LYS I 73 28.14 -38.55 -36.89
N THR I 74 29.06 -37.72 -36.40
CA THR I 74 29.27 -36.39 -36.97
C THR I 74 30.09 -36.46 -38.25
N ALA I 78 35.43 -32.58 -40.45
CA ALA I 78 35.96 -31.45 -41.21
C ALA I 78 34.82 -30.68 -41.85
N GLY I 79 34.52 -30.99 -43.10
CA GLY I 79 33.37 -30.44 -43.77
C GLY I 79 32.19 -31.40 -43.65
N HIS I 80 31.67 -31.84 -44.80
CA HIS I 80 30.55 -32.79 -44.84
C HIS I 80 29.41 -32.35 -43.93
N PRO I 81 28.75 -31.20 -44.22
CA PRO I 81 27.79 -30.63 -43.26
C PRO I 81 26.79 -31.61 -42.67
N SER I 82 26.36 -31.32 -41.44
CA SER I 82 25.63 -32.21 -40.54
C SER I 82 24.58 -33.09 -41.23
N MET I 83 24.41 -34.32 -40.71
CA MET I 83 23.52 -35.29 -41.33
C MET I 83 22.05 -34.98 -41.09
N ASN I 84 21.71 -34.49 -39.89
CA ASN I 84 20.34 -34.02 -39.66
C ASN I 84 20.03 -32.77 -40.46
N LEU I 85 21.05 -31.99 -40.81
CA LEU I 85 20.88 -30.86 -41.72
C LEU I 85 20.58 -31.33 -43.13
N LEU I 86 21.15 -32.48 -43.53
CA LEU I 86 20.92 -33.01 -44.88
C LEU I 86 19.46 -33.36 -45.08
N LEU I 87 18.89 -34.15 -44.15
CA LEU I 87 17.50 -34.59 -44.29
C LEU I 87 16.53 -33.42 -44.24
N ARG I 88 16.91 -32.33 -43.56
CA ARG I 88 16.08 -31.15 -43.38
C ARG I 88 15.48 -30.48 -44.61
N LYS I 89 16.33 -30.03 -45.53
CA LYS I 89 15.87 -29.53 -46.82
C LYS I 89 15.69 -30.62 -47.87
N THR I 90 16.05 -31.87 -47.57
CA THR I 90 15.84 -32.94 -48.52
C THR I 90 14.36 -33.32 -48.64
N PHE I 91 13.61 -33.22 -47.54
CA PHE I 91 12.17 -33.51 -47.55
C PHE I 91 11.34 -32.35 -47.00
N ASP I 92 11.92 -31.15 -46.88
CA ASP I 92 11.22 -30.00 -46.32
C ASP I 92 10.71 -30.43 -44.94
N LEU I 93 11.64 -30.83 -44.07
CA LEU I 93 11.32 -31.27 -42.72
C LEU I 93 11.03 -30.03 -41.88
N TYR I 94 9.83 -29.49 -42.00
CA TYR I 94 9.49 -28.20 -41.43
C TYR I 94 9.07 -28.27 -39.96
N ALA I 95 9.18 -29.43 -39.32
CA ALA I 95 8.72 -29.55 -37.94
C ALA I 95 9.45 -30.69 -37.25
N ASN I 96 10.02 -30.41 -36.08
CA ASN I 96 10.58 -31.41 -35.17
C ASN I 96 9.69 -31.44 -33.94
N VAL I 97 8.83 -32.45 -33.87
CA VAL I 97 7.92 -32.61 -32.75
C VAL I 97 8.55 -33.56 -31.74
N ARG I 98 8.61 -33.13 -30.48
CA ARG I 98 9.17 -33.93 -29.40
C ARG I 98 8.19 -34.01 -28.24
N PRO I 99 7.49 -35.12 -28.06
CA PRO I 99 6.67 -35.29 -26.86
C PRO I 99 7.44 -35.94 -25.74
N CYS I 100 7.39 -35.34 -24.54
CA CYS I 100 8.00 -35.91 -23.35
C CYS I 100 6.90 -36.32 -22.39
N VAL I 101 6.98 -37.55 -21.90
CA VAL I 101 5.99 -38.10 -20.98
C VAL I 101 6.72 -38.72 -19.81
N SER I 102 6.28 -38.39 -18.59
CA SER I 102 6.86 -38.97 -17.39
C SER I 102 6.85 -40.49 -17.48
N ILE I 103 7.87 -41.11 -16.88
CA ILE I 103 8.09 -42.54 -16.98
C ILE I 103 7.92 -43.14 -15.58
N GLU I 104 6.84 -43.89 -15.38
CA GLU I 104 6.70 -44.66 -14.16
C GLU I 104 7.85 -45.66 -14.05
N GLY I 105 8.33 -45.86 -12.83
CA GLY I 105 9.53 -46.64 -12.61
C GLY I 105 10.81 -45.89 -12.85
N TYR I 106 10.78 -44.80 -13.60
CA TYR I 106 11.94 -43.91 -13.76
C TYR I 106 11.71 -42.72 -12.84
N LYS I 107 12.61 -42.71 -11.85
CA LYS I 107 12.71 -41.72 -10.77
C LYS I 107 13.19 -40.39 -11.31
N THR I 108 12.33 -39.59 -11.94
CA THR I 108 12.81 -38.26 -12.24
C THR I 108 12.05 -37.26 -11.37
N PRO I 109 12.74 -36.31 -10.72
CA PRO I 109 12.07 -35.46 -9.72
C PRO I 109 10.87 -34.68 -10.26
N TYR I 110 10.65 -34.74 -11.56
CA TYR I 110 9.47 -34.16 -12.20
C TYR I 110 8.57 -35.30 -12.65
N THR I 111 7.31 -35.26 -12.25
CA THR I 111 6.46 -36.44 -12.30
C THR I 111 5.23 -36.31 -13.18
N ASP I 112 4.73 -35.10 -13.43
CA ASP I 112 3.43 -34.98 -14.08
C ASP I 112 3.59 -34.37 -15.48
N VAL I 113 4.56 -34.87 -16.23
CA VAL I 113 4.97 -34.26 -17.49
C VAL I 113 4.25 -34.95 -18.64
N ASN I 114 3.40 -34.20 -19.34
CA ASN I 114 2.85 -34.66 -20.62
C ASN I 114 2.73 -33.42 -21.50
N ILE I 115 3.76 -33.19 -22.32
CA ILE I 115 3.90 -31.94 -23.07
C ILE I 115 4.57 -32.25 -24.41
N VAL I 116 4.03 -31.71 -25.48
CA VAL I 116 4.53 -31.97 -26.83
C VAL I 116 5.03 -30.66 -27.42
N THR I 117 6.34 -30.55 -27.61
CA THR I 117 6.92 -29.36 -28.22
C THR I 117 6.86 -29.45 -29.74
N ILE I 118 6.50 -28.36 -30.39
CA ILE I 118 6.48 -28.28 -31.83
C ILE I 118 7.48 -27.19 -32.23
N ARG I 119 8.63 -27.62 -32.72
CA ARG I 119 9.76 -26.76 -33.03
C ARG I 119 9.87 -26.60 -34.53
N GLU I 120 9.78 -25.37 -35.02
CA GLU I 120 10.09 -25.10 -36.41
C GLU I 120 11.52 -25.52 -36.73
N ASN I 121 11.77 -25.94 -37.97
CA ASN I 121 13.10 -26.39 -38.31
C ASN I 121 13.59 -25.90 -39.67
N THR I 122 12.87 -25.00 -40.34
CA THR I 122 13.34 -24.47 -41.62
C THR I 122 14.23 -23.25 -41.41
N GLU I 123 13.65 -22.14 -40.97
CA GLU I 123 14.37 -20.88 -40.87
C GLU I 123 15.00 -20.70 -39.50
N GLY I 124 14.78 -19.54 -38.89
CA GLY I 124 15.40 -19.26 -37.63
C GLY I 124 16.85 -18.90 -37.87
N GLU I 125 17.63 -18.99 -36.79
CA GLU I 125 19.05 -18.68 -36.86
C GLU I 125 19.81 -19.70 -37.69
N TYR I 126 19.28 -20.90 -37.84
CA TYR I 126 19.87 -22.06 -38.49
C TYR I 126 19.93 -21.93 -40.01
N SER I 127 19.60 -20.77 -40.55
CA SER I 127 20.06 -20.45 -41.90
C SER I 127 21.58 -20.37 -41.93
N GLY I 128 22.22 -20.29 -40.77
CA GLY I 128 23.68 -20.32 -40.68
C GLY I 128 24.37 -19.18 -41.40
N ILE I 129 23.69 -18.05 -41.57
CA ILE I 129 24.23 -16.93 -42.33
C ILE I 129 24.83 -15.94 -41.34
N GLU I 130 26.15 -15.80 -41.38
CA GLU I 130 26.87 -14.85 -40.54
C GLU I 130 27.75 -13.98 -41.41
N HIS I 131 28.03 -12.77 -40.95
CA HIS I 131 28.79 -11.81 -41.73
C HIS I 131 29.82 -11.11 -40.85
N VAL I 132 31.05 -11.02 -41.33
CA VAL I 132 32.12 -10.32 -40.63
C VAL I 132 32.03 -8.85 -41.04
N ILE I 133 31.42 -8.04 -40.20
CA ILE I 133 31.18 -6.64 -40.54
C ILE I 133 32.50 -5.88 -40.60
N VAL I 134 33.22 -5.83 -39.49
CA VAL I 134 34.54 -5.21 -39.46
C VAL I 134 35.30 -6.26 -38.66
N ASP I 135 36.62 -6.05 -38.54
CA ASP I 135 37.56 -7.07 -38.08
C ASP I 135 37.40 -7.02 -36.57
N GLY I 136 36.52 -7.85 -36.04
CA GLY I 136 36.28 -7.87 -34.61
C GLY I 136 34.81 -7.85 -34.22
N VAL I 137 33.93 -7.44 -35.13
CA VAL I 137 32.50 -7.39 -34.88
C VAL I 137 31.80 -8.33 -35.86
N VAL I 138 30.94 -9.19 -35.33
CA VAL I 138 30.32 -10.27 -36.11
C VAL I 138 28.81 -10.17 -35.99
N ALA I 139 28.11 -10.28 -37.11
CA ALA I 139 26.66 -10.20 -37.16
C ALA I 139 26.09 -11.55 -37.57
N SER I 140 25.28 -12.15 -36.71
CA SER I 140 24.61 -13.41 -36.99
C SER I 140 23.17 -13.13 -37.40
N ILE I 141 22.71 -13.82 -38.43
CA ILE I 141 21.45 -13.48 -39.10
C ILE I 141 20.34 -14.38 -38.58
N LYS I 142 19.33 -13.77 -37.98
CA LYS I 142 18.06 -14.41 -37.66
C LYS I 142 17.05 -14.04 -38.74
N LEU I 143 16.33 -15.04 -39.24
CA LEU I 143 15.48 -14.89 -40.41
C LEU I 143 14.17 -15.59 -40.15
N ILE I 144 13.06 -14.96 -40.56
CA ILE I 144 11.71 -15.44 -40.26
C ILE I 144 10.82 -15.14 -41.45
N THR I 145 10.17 -16.16 -42.00
CA THR I 145 9.24 -16.03 -43.11
C THR I 145 7.80 -16.18 -42.64
N GLU I 146 6.91 -15.40 -43.26
CA GLU I 146 5.48 -15.60 -43.04
C GLU I 146 5.03 -16.98 -43.51
N GLY I 147 5.66 -17.52 -44.55
CA GLY I 147 5.26 -18.78 -45.13
C GLY I 147 5.25 -19.95 -44.15
N ALA I 148 6.43 -20.33 -43.68
CA ALA I 148 6.53 -21.51 -42.82
C ALA I 148 5.87 -21.31 -41.47
N SER I 149 5.67 -20.06 -41.04
CA SER I 149 5.04 -19.82 -39.74
C SER I 149 3.58 -20.25 -39.76
N LYS I 150 2.81 -19.75 -40.72
CA LYS I 150 1.44 -20.25 -40.88
C LYS I 150 1.43 -21.75 -41.15
N ARG I 151 2.53 -22.29 -41.67
CA ARG I 151 2.64 -23.73 -41.90
C ARG I 151 2.92 -24.48 -40.61
N ILE I 152 3.78 -23.93 -39.73
CA ILE I 152 4.01 -24.58 -38.44
C ILE I 152 2.84 -24.38 -37.49
N ALA I 153 1.90 -23.49 -37.83
CA ALA I 153 0.62 -23.39 -37.12
C ALA I 153 -0.42 -24.34 -37.69
N GLU I 154 -0.55 -24.41 -39.02
CA GLU I 154 -1.41 -25.43 -39.63
C GLU I 154 -1.01 -26.83 -39.18
N PHE I 155 0.28 -27.07 -38.99
CA PHE I 155 0.71 -28.35 -38.47
C PHE I 155 0.51 -28.46 -36.96
N ALA I 156 0.62 -27.35 -36.22
CA ALA I 156 0.52 -27.41 -34.78
C ALA I 156 -0.87 -27.88 -34.33
N PHE I 157 -1.92 -27.36 -34.96
CA PHE I 157 -3.28 -27.73 -34.57
C PHE I 157 -3.68 -29.08 -35.16
N GLU I 158 -3.14 -29.44 -36.33
CA GLU I 158 -3.44 -30.76 -36.89
C GLU I 158 -2.86 -31.88 -36.03
N TYR I 159 -1.80 -31.60 -35.25
CA TYR I 159 -1.34 -32.55 -34.26
C TYR I 159 -2.15 -32.49 -32.96
N ALA I 160 -2.98 -31.46 -32.78
CA ALA I 160 -3.81 -31.41 -31.58
C ALA I 160 -5.16 -32.10 -31.80
N ARG I 161 -5.75 -31.92 -32.98
CA ARG I 161 -6.99 -32.62 -33.31
C ARG I 161 -6.74 -34.11 -33.55
N ASN I 162 -5.63 -34.44 -34.19
CA ASN I 162 -5.27 -35.82 -34.47
C ASN I 162 -4.53 -36.48 -33.30
N ASN I 163 -4.64 -35.91 -32.09
CA ASN I 163 -4.10 -36.57 -30.91
C ASN I 163 -4.94 -36.29 -29.66
N HIS I 164 -6.15 -35.77 -29.80
CA HIS I 164 -7.05 -35.52 -28.68
C HIS I 164 -6.45 -34.54 -27.67
N ARG I 165 -5.60 -33.64 -28.15
CA ARG I 165 -4.97 -32.65 -27.28
C ARG I 165 -5.94 -31.52 -26.94
N SER I 166 -5.74 -30.93 -25.77
CA SER I 166 -6.72 -30.04 -25.15
C SER I 166 -6.33 -28.57 -25.20
N ASN I 167 -5.04 -28.24 -25.09
CA ASN I 167 -4.60 -26.86 -25.01
C ASN I 167 -3.31 -26.69 -25.79
N VAL I 168 -3.20 -25.58 -26.51
CA VAL I 168 -2.00 -25.25 -27.28
C VAL I 168 -1.52 -23.88 -26.82
N THR I 169 -0.38 -23.85 -26.14
CA THR I 169 0.27 -22.61 -25.75
C THR I 169 1.34 -22.27 -26.77
N ALA I 170 1.34 -21.01 -27.22
CA ALA I 170 2.32 -20.52 -28.17
C ALA I 170 3.38 -19.71 -27.43
N VAL I 171 4.64 -20.11 -27.62
CA VAL I 171 5.78 -19.51 -26.92
C VAL I 171 6.40 -18.46 -27.83
N HIS I 172 6.69 -17.29 -27.27
CA HIS I 172 7.20 -16.18 -28.07
C HIS I 172 7.86 -15.15 -27.16
N LYS I 173 8.44 -14.13 -27.79
CA LYS I 173 9.03 -12.98 -27.12
C LYS I 173 8.67 -11.70 -27.88
N ALA I 174 7.43 -11.65 -28.39
CA ALA I 174 6.99 -10.57 -29.26
C ALA I 174 6.92 -9.21 -28.57
N ASN I 175 7.14 -9.16 -27.26
CA ASN I 175 7.30 -7.88 -26.59
C ASN I 175 8.65 -7.24 -26.89
N ILE I 176 9.64 -8.04 -27.27
CA ILE I 176 10.94 -7.55 -27.69
C ILE I 176 11.26 -7.56 -29.18
N MET I 177 11.09 -8.73 -29.80
CA MET I 177 11.23 -8.89 -31.24
C MET I 177 9.85 -8.63 -31.81
N ARG I 178 9.45 -7.36 -31.86
CA ARG I 178 8.09 -7.01 -32.25
C ARG I 178 7.80 -7.33 -33.71
N MET I 179 8.81 -7.50 -34.54
CA MET I 179 8.60 -7.86 -35.95
C MET I 179 8.72 -9.37 -36.16
N SER I 180 9.86 -9.95 -35.80
CA SER I 180 10.08 -11.37 -36.07
C SER I 180 9.14 -12.23 -35.24
N ASP I 181 9.20 -12.10 -33.91
CA ASP I 181 8.30 -12.87 -33.07
C ASP I 181 6.85 -12.42 -33.24
N GLY I 182 6.63 -11.11 -33.43
CA GLY I 182 5.28 -10.63 -33.64
C GLY I 182 4.60 -11.26 -34.85
N LEU I 183 5.33 -11.32 -35.97
CA LEU I 183 4.77 -11.95 -37.16
C LEU I 183 4.46 -13.42 -36.91
N PHE I 184 5.39 -14.14 -36.30
CA PHE I 184 5.16 -15.54 -35.96
C PHE I 184 3.86 -15.70 -35.16
N LEU I 185 3.67 -14.85 -34.15
CA LEU I 185 2.47 -14.93 -33.33
C LEU I 185 1.24 -14.43 -34.05
N GLN I 186 1.39 -13.43 -34.93
CA GLN I 186 0.23 -12.93 -35.66
C GLN I 186 -0.38 -14.02 -36.54
N LYS I 187 0.48 -14.89 -37.11
CA LYS I 187 -0.04 -15.95 -37.97
C LYS I 187 -0.66 -17.07 -37.15
N CYS I 188 -0.14 -17.33 -35.95
CA CYS I 188 -0.74 -18.32 -35.07
C CYS I 188 -2.16 -17.92 -34.68
N ARG I 189 -2.31 -16.69 -34.16
CA ARG I 189 -3.63 -16.16 -33.82
C ARG I 189 -4.59 -16.26 -35.00
N GLU I 190 -4.08 -16.01 -36.21
CA GLU I 190 -4.91 -16.14 -37.40
C GLU I 190 -5.40 -17.58 -37.57
N VAL I 191 -4.49 -18.55 -37.46
CA VAL I 191 -4.87 -19.95 -37.54
C VAL I 191 -5.67 -20.37 -36.32
N ALA I 192 -5.53 -19.66 -35.20
CA ALA I 192 -6.23 -19.99 -33.96
C ALA I 192 -7.75 -20.00 -34.16
N GLU I 193 -8.34 -18.84 -34.46
CA GLU I 193 -9.77 -18.77 -34.66
C GLU I 193 -10.20 -19.30 -36.03
N SER I 194 -9.29 -19.88 -36.81
CA SER I 194 -9.66 -20.63 -37.99
C SER I 194 -10.02 -22.07 -37.65
N CYS I 195 -9.43 -22.61 -36.58
CA CYS I 195 -9.81 -23.91 -36.03
C CYS I 195 -9.87 -23.60 -34.52
N LYS I 196 -11.05 -23.20 -34.05
CA LYS I 196 -11.28 -23.02 -32.62
C LYS I 196 -11.49 -24.36 -31.94
N ASP I 197 -11.14 -25.46 -32.62
CA ASP I 197 -11.21 -26.78 -32.01
C ASP I 197 -10.39 -26.86 -30.74
N ILE I 198 -9.25 -26.16 -30.70
CA ILE I 198 -8.26 -26.32 -29.63
C ILE I 198 -8.18 -25.03 -28.82
N LYS I 199 -7.93 -25.20 -27.52
CA LYS I 199 -7.66 -24.08 -26.63
C LYS I 199 -6.32 -23.44 -26.98
N PHE I 200 -6.23 -22.11 -26.80
CA PHE I 200 -5.06 -21.38 -27.26
C PHE I 200 -4.72 -20.25 -26.30
N ASN I 201 -3.42 -19.98 -26.17
CA ASN I 201 -2.93 -18.86 -25.37
C ASN I 201 -1.53 -18.49 -25.86
N GLU I 202 -1.16 -17.23 -25.64
CA GLU I 202 0.22 -16.80 -25.83
C GLU I 202 0.85 -16.58 -24.46
N MET I 203 2.18 -16.71 -24.42
CA MET I 203 2.89 -16.69 -23.15
C MET I 203 4.38 -16.54 -23.40
N TYR I 204 4.99 -15.51 -22.84
CA TYR I 204 6.36 -15.15 -23.18
C TYR I 204 7.32 -16.28 -22.83
N LEU I 205 8.42 -16.36 -23.59
CA LEU I 205 9.31 -17.52 -23.51
C LEU I 205 9.83 -17.73 -22.10
N ASP I 206 10.51 -16.72 -21.54
CA ASP I 206 11.09 -16.88 -20.22
C ASP I 206 10.04 -17.03 -19.14
N THR I 207 8.79 -16.67 -19.42
CA THR I 207 7.70 -17.05 -18.53
C THR I 207 7.45 -18.55 -18.59
N VAL I 208 7.45 -19.12 -19.80
CA VAL I 208 7.33 -20.56 -19.94
C VAL I 208 8.48 -21.25 -19.23
N CYS I 209 9.72 -20.84 -19.53
CA CYS I 209 10.90 -21.47 -18.95
C CYS I 209 10.89 -21.43 -17.43
N LEU I 210 10.14 -20.52 -16.82
CA LEU I 210 10.04 -20.51 -15.36
C LEU I 210 9.00 -21.52 -14.89
N ASN I 211 7.75 -21.36 -15.36
CA ASN I 211 6.71 -22.30 -14.99
C ASN I 211 6.91 -23.69 -15.61
N MET I 212 7.88 -23.83 -16.52
CA MET I 212 8.27 -25.16 -16.99
C MET I 212 8.82 -26.01 -15.85
N VAL I 213 9.60 -25.41 -14.96
CA VAL I 213 10.25 -26.15 -13.88
C VAL I 213 9.54 -26.00 -12.54
N GLN I 214 8.55 -25.11 -12.43
CA GLN I 214 7.78 -25.04 -11.20
C GLN I 214 6.60 -26.02 -11.23
N ASP I 215 5.80 -25.96 -12.28
CA ASP I 215 4.62 -26.82 -12.41
C ASP I 215 4.43 -27.23 -13.85
N PRO I 216 5.28 -28.14 -14.35
CA PRO I 216 5.19 -28.52 -15.76
C PRO I 216 3.86 -29.14 -16.15
N SER I 217 3.07 -29.63 -15.18
CA SER I 217 1.81 -30.29 -15.53
C SER I 217 0.84 -29.34 -16.23
N GLN I 218 0.97 -28.03 -15.95
CA GLN I 218 0.00 -27.07 -16.47
C GLN I 218 0.06 -26.94 -17.98
N PHE I 219 1.21 -27.22 -18.59
CA PHE I 219 1.39 -27.06 -20.03
C PHE I 219 0.96 -28.31 -20.80
N ASP I 220 0.76 -28.13 -22.10
CA ASP I 220 0.13 -29.13 -22.94
C ASP I 220 0.86 -29.29 -24.27
N VAL I 221 0.62 -28.39 -25.21
CA VAL I 221 1.28 -28.39 -26.52
C VAL I 221 1.92 -27.04 -26.73
N LEU I 222 3.22 -27.03 -26.99
CA LEU I 222 4.02 -25.82 -27.12
C LEU I 222 4.60 -25.73 -28.52
N VAL I 223 4.27 -24.65 -29.23
CA VAL I 223 4.82 -24.35 -30.55
C VAL I 223 5.76 -23.17 -30.40
N MET I 224 6.82 -23.15 -31.19
CA MET I 224 7.84 -22.13 -31.01
C MET I 224 8.70 -22.02 -32.26
N PRO I 225 9.24 -20.84 -32.55
CA PRO I 225 10.21 -20.70 -33.64
C PRO I 225 11.48 -21.49 -33.36
N ASN I 226 12.32 -21.57 -34.41
CA ASN I 226 13.30 -22.65 -34.50
C ASN I 226 14.25 -22.67 -33.31
N LEU I 227 14.79 -21.50 -32.93
CA LEU I 227 15.85 -21.50 -31.91
C LEU I 227 15.31 -21.90 -30.54
N TYR I 228 14.16 -21.36 -30.15
CA TYR I 228 13.53 -21.79 -28.90
C TYR I 228 13.25 -23.29 -28.92
N GLY I 229 12.90 -23.83 -30.09
CA GLY I 229 12.52 -25.22 -30.17
C GLY I 229 13.63 -26.17 -29.78
N ASP I 230 14.83 -25.94 -30.31
CA ASP I 230 15.96 -26.79 -29.97
C ASP I 230 16.37 -26.68 -28.52
N ILE I 231 15.84 -25.72 -27.77
CA ILE I 231 16.18 -25.54 -26.37
C ILE I 231 15.13 -26.17 -25.45
N LEU I 232 13.86 -25.79 -25.63
CA LEU I 232 12.82 -26.33 -24.76
C LEU I 232 12.58 -27.81 -25.00
N SER I 233 12.73 -28.27 -26.25
CA SER I 233 12.64 -29.70 -26.51
C SER I 233 13.71 -30.46 -25.74
N ASP I 234 14.96 -30.03 -25.83
CA ASP I 234 16.03 -30.63 -25.05
C ASP I 234 15.93 -30.33 -23.56
N LEU I 235 14.99 -29.48 -23.14
CA LEU I 235 14.80 -29.19 -21.73
C LEU I 235 13.72 -30.06 -21.10
N CYS I 236 12.54 -30.15 -21.74
CA CYS I 236 11.49 -31.02 -21.23
C CYS I 236 11.97 -32.46 -21.14
N ALA I 237 12.75 -32.91 -22.13
CA ALA I 237 13.34 -34.24 -22.07
C ALA I 237 14.20 -34.40 -20.83
N GLY I 238 14.77 -33.31 -20.32
CA GLY I 238 15.49 -33.36 -19.06
C GLY I 238 14.60 -33.59 -17.86
N LEU I 239 13.28 -33.43 -18.02
CA LEU I 239 12.34 -33.64 -16.94
C LEU I 239 11.86 -35.08 -16.84
N ILE I 240 12.24 -35.96 -17.76
CA ILE I 240 11.76 -37.33 -17.73
C ILE I 240 12.90 -38.32 -17.87
N GLY I 241 14.15 -37.84 -17.79
CA GLY I 241 15.28 -38.75 -17.79
C GLY I 241 16.47 -38.30 -18.59
N GLY I 242 16.22 -37.69 -19.74
CA GLY I 242 17.26 -37.29 -20.67
C GLY I 242 16.91 -37.75 -22.06
N LEU I 243 17.92 -37.87 -22.91
CA LEU I 243 17.71 -38.26 -24.29
C LEU I 243 17.53 -39.76 -24.47
N GLY I 244 17.99 -40.58 -23.53
CA GLY I 244 17.89 -42.02 -23.69
C GLY I 244 16.45 -42.52 -23.75
N VAL I 245 15.52 -41.79 -23.15
CA VAL I 245 14.15 -42.24 -22.99
C VAL I 245 13.17 -41.34 -23.75
N THR I 246 13.65 -40.56 -24.72
CA THR I 246 12.84 -39.54 -25.34
C THR I 246 12.67 -39.81 -26.83
N PRO I 247 11.47 -39.72 -27.36
CA PRO I 247 11.26 -39.93 -28.80
C PRO I 247 11.54 -38.66 -29.58
N SER I 248 11.41 -38.76 -30.91
CA SER I 248 11.56 -37.61 -31.77
C SER I 248 10.96 -37.94 -33.14
N GLY I 249 10.33 -36.94 -33.76
CA GLY I 249 9.77 -37.09 -35.08
C GLY I 249 9.96 -35.86 -35.93
N ASN I 250 10.19 -36.06 -37.23
CA ASN I 250 10.42 -34.97 -38.17
C ASN I 250 9.48 -35.14 -39.36
N ILE I 251 8.64 -34.14 -39.58
CA ILE I 251 7.59 -34.18 -40.59
C ILE I 251 7.98 -33.25 -41.73
N GLY I 252 7.61 -33.64 -42.94
CA GLY I 252 7.87 -32.84 -44.11
C GLY I 252 6.69 -32.84 -45.05
N ALA I 253 6.88 -32.17 -46.17
CA ALA I 253 5.87 -32.14 -47.22
C ALA I 253 5.71 -33.53 -47.84
N ASN I 254 4.68 -33.67 -48.67
CA ASN I 254 4.33 -34.96 -49.29
C ASN I 254 4.06 -36.04 -48.24
N GLY I 255 3.57 -35.62 -47.07
CA GLY I 255 3.24 -36.52 -46.00
C GLY I 255 4.42 -37.24 -45.38
N VAL I 256 5.65 -36.99 -45.87
CA VAL I 256 6.81 -37.75 -45.43
C VAL I 256 7.05 -37.53 -43.94
N ALA I 257 7.83 -38.45 -43.34
CA ALA I 257 8.10 -38.41 -41.91
C ALA I 257 9.31 -39.28 -41.61
N ILE I 258 10.16 -38.78 -40.70
CA ILE I 258 11.28 -39.54 -40.16
C ILE I 258 11.23 -39.45 -38.65
N PHE I 259 11.37 -40.60 -37.99
CA PHE I 259 11.30 -40.67 -36.53
C PHE I 259 12.63 -41.19 -36.03
N GLU I 260 13.27 -40.42 -35.16
CA GLU I 260 14.67 -40.63 -34.82
C GLU I 260 14.85 -40.75 -33.32
N SER I 261 15.94 -41.39 -32.93
CA SER I 261 16.52 -41.19 -31.62
C SER I 261 17.47 -40.00 -31.68
N VAL I 262 17.93 -39.55 -30.52
CA VAL I 262 18.79 -38.37 -30.47
C VAL I 262 19.96 -38.61 -29.53
N HIS I 263 19.90 -39.69 -28.75
CA HIS I 263 20.93 -39.95 -27.77
C HIS I 263 22.25 -40.33 -28.45
N GLY I 264 23.30 -40.40 -27.65
CA GLY I 264 24.62 -40.65 -28.19
C GLY I 264 24.74 -42.01 -28.86
N THR I 265 25.61 -42.09 -29.86
CA THR I 265 25.91 -43.36 -30.52
C THR I 265 26.44 -44.39 -29.54
N ALA I 266 26.97 -43.95 -28.40
CA ALA I 266 27.46 -44.83 -27.34
C ALA I 266 28.42 -45.89 -27.87
N PRO I 267 29.53 -45.50 -28.50
CA PRO I 267 30.44 -46.50 -29.07
C PRO I 267 31.28 -47.20 -28.03
N ASP I 268 31.44 -46.62 -26.83
CA ASP I 268 32.29 -47.20 -25.81
C ASP I 268 31.71 -48.51 -25.25
N ILE I 269 30.39 -48.69 -25.32
CA ILE I 269 29.76 -49.92 -24.87
C ILE I 269 28.87 -50.48 -25.97
N ALA I 270 29.32 -50.35 -27.21
CA ALA I 270 28.54 -50.66 -28.41
C ALA I 270 27.86 -52.01 -28.64
N GLY I 271 28.64 -53.07 -28.79
CA GLY I 271 28.09 -54.37 -29.14
C GLY I 271 28.18 -55.22 -27.88
N LYS I 272 27.80 -54.64 -26.74
CA LYS I 272 27.89 -55.31 -25.46
C LYS I 272 26.57 -55.85 -24.96
N ASP I 273 25.48 -55.61 -25.69
CA ASP I 273 24.12 -55.95 -25.23
C ASP I 273 23.81 -55.24 -23.92
N MET I 274 24.22 -53.97 -23.81
CA MET I 274 24.01 -53.15 -22.62
C MET I 274 23.42 -51.79 -22.99
N ALA I 275 22.56 -51.77 -24.02
CA ALA I 275 22.00 -50.53 -24.54
C ALA I 275 20.50 -50.48 -24.28
N ASN I 276 20.01 -49.29 -23.92
CA ASN I 276 18.58 -49.09 -23.71
C ASN I 276 17.99 -48.45 -24.96
N PRO I 277 17.15 -49.15 -25.71
CA PRO I 277 16.54 -48.55 -26.91
C PRO I 277 15.19 -47.90 -26.65
N THR I 278 14.89 -47.58 -25.39
CA THR I 278 13.55 -47.11 -25.04
C THR I 278 13.10 -45.95 -25.92
N ALA I 279 14.04 -45.06 -26.26
CA ALA I 279 13.74 -43.94 -27.15
C ALA I 279 13.32 -44.45 -28.53
N LEU I 280 14.26 -45.08 -29.24
CA LEU I 280 14.03 -45.60 -30.58
C LEU I 280 12.73 -46.39 -30.68
N LEU I 281 12.35 -47.08 -29.61
CA LEU I 281 11.06 -47.75 -29.59
C LEU I 281 9.92 -46.74 -29.67
N LEU I 282 9.85 -45.84 -28.69
CA LEU I 282 8.76 -44.87 -28.67
C LEU I 282 8.79 -43.95 -29.87
N SER I 283 9.93 -43.81 -30.54
CA SER I 283 9.95 -43.16 -31.84
C SER I 283 9.10 -43.93 -32.85
N ALA I 284 9.35 -45.24 -32.95
CA ALA I 284 8.53 -46.07 -33.83
C ALA I 284 7.06 -46.05 -33.40
N VAL I 285 6.82 -45.99 -32.09
CA VAL I 285 5.44 -45.86 -31.61
C VAL I 285 4.81 -44.59 -32.15
N MET I 286 5.55 -43.47 -32.05
CA MET I 286 5.10 -42.24 -32.67
C MET I 286 4.91 -42.42 -34.17
N MET I 287 5.79 -43.19 -34.80
CA MET I 287 5.65 -43.45 -36.23
C MET I 287 4.35 -44.19 -36.53
N LEU I 288 4.06 -45.24 -35.76
CA LEU I 288 2.75 -45.90 -35.84
C LEU I 288 1.63 -44.88 -35.62
N ARG I 289 1.79 -44.04 -34.59
CA ARG I 289 0.71 -43.13 -34.23
C ARG I 289 0.41 -42.09 -35.31
N HIS I 290 1.34 -41.86 -36.24
CA HIS I 290 1.02 -40.96 -37.34
C HIS I 290 0.18 -41.66 -38.41
N MET I 291 0.27 -42.99 -38.50
CA MET I 291 -0.46 -43.74 -39.52
C MET I 291 -1.67 -44.47 -38.94
N GLY I 292 -2.23 -43.96 -37.84
CA GLY I 292 -3.54 -44.40 -37.38
C GLY I 292 -3.59 -45.79 -36.79
N LEU I 293 -2.46 -46.36 -36.37
CA LEU I 293 -2.45 -47.69 -35.78
C LEU I 293 -2.48 -47.60 -34.25
N PHE I 294 -3.55 -46.99 -33.75
CA PHE I 294 -3.66 -46.68 -32.32
C PHE I 294 -3.48 -47.92 -31.45
N ASP I 295 -4.33 -48.94 -31.67
CA ASP I 295 -4.24 -50.14 -30.85
C ASP I 295 -2.89 -50.83 -31.00
N HIS I 296 -2.39 -50.92 -32.23
CA HIS I 296 -1.09 -51.55 -32.45
C HIS I 296 0.04 -50.75 -31.82
N ALA I 297 -0.14 -49.43 -31.70
CA ALA I 297 0.85 -48.62 -30.99
C ALA I 297 0.64 -48.68 -29.49
N ALA I 298 -0.57 -48.35 -29.02
CA ALA I 298 -0.86 -48.27 -27.60
C ALA I 298 -0.56 -49.57 -26.85
N ARG I 299 -0.55 -50.71 -27.55
CA ARG I 299 -0.13 -51.96 -26.92
C ARG I 299 1.38 -51.95 -26.67
N ILE I 300 2.16 -51.55 -27.68
CA ILE I 300 3.61 -51.54 -27.55
C ILE I 300 4.06 -50.54 -26.49
N GLU I 301 3.27 -49.49 -26.26
CA GLU I 301 3.68 -48.45 -25.31
C GLU I 301 3.57 -48.95 -23.88
N ALA I 302 2.38 -49.44 -23.48
CA ALA I 302 2.17 -49.85 -22.10
C ALA I 302 3.10 -50.98 -21.69
N ALA I 303 3.46 -51.85 -22.63
CA ALA I 303 4.48 -52.86 -22.35
C ALA I 303 5.77 -52.20 -21.90
N CYS I 304 6.24 -51.21 -22.67
CA CYS I 304 7.48 -50.51 -22.33
C CYS I 304 7.37 -49.85 -20.96
N PHE I 305 6.25 -49.16 -20.70
CA PHE I 305 6.05 -48.54 -19.39
C PHE I 305 6.03 -49.61 -18.29
N ALA I 306 5.21 -50.65 -18.48
CA ALA I 306 5.07 -51.68 -17.46
C ALA I 306 6.34 -52.51 -17.31
N THR I 307 7.09 -52.71 -18.39
CA THR I 307 8.38 -53.40 -18.28
C THR I 307 9.34 -52.59 -17.42
N ILE I 308 9.31 -51.27 -17.56
CA ILE I 308 10.12 -50.40 -16.73
C ILE I 308 9.51 -50.25 -15.34
N LYS I 309 8.19 -50.06 -15.28
CA LYS I 309 7.50 -49.93 -14.00
C LYS I 309 7.72 -51.14 -13.10
N ASP I 310 7.88 -52.33 -13.70
CA ASP I 310 8.20 -53.52 -12.91
C ASP I 310 9.50 -53.33 -12.14
N GLY I 311 10.42 -52.51 -12.65
CA GLY I 311 11.65 -52.23 -11.95
C GLY I 311 12.61 -53.40 -11.85
N LYS I 312 12.54 -54.35 -12.76
CA LYS I 312 13.42 -55.52 -12.74
C LYS I 312 14.27 -55.64 -13.99
N SER I 313 13.73 -55.29 -15.16
CA SER I 313 14.40 -55.51 -16.43
C SER I 313 15.33 -54.37 -16.84
N LEU I 314 15.33 -53.27 -16.11
CA LEU I 314 16.05 -52.07 -16.53
C LEU I 314 17.51 -52.35 -16.81
N THR I 315 18.10 -51.54 -17.69
CA THR I 315 19.46 -51.77 -18.13
C THR I 315 20.48 -51.12 -17.20
N LYS I 316 21.54 -50.53 -17.75
CA LYS I 316 22.54 -49.82 -16.96
C LYS I 316 22.30 -48.31 -16.92
N ASP I 317 21.83 -47.72 -18.02
CA ASP I 317 21.46 -46.30 -18.09
C ASP I 317 20.04 -46.02 -17.62
N LEU I 318 19.49 -46.87 -16.75
CA LEU I 318 18.17 -46.63 -16.17
C LEU I 318 18.23 -46.49 -14.64
N GLY I 319 18.75 -47.46 -13.88
CA GLY I 319 19.31 -48.72 -14.36
C GLY I 319 19.74 -49.72 -13.30
N GLY I 320 19.25 -50.96 -13.42
CA GLY I 320 19.69 -52.03 -12.54
C GLY I 320 20.90 -52.74 -13.11
N ASN I 321 20.74 -54.00 -13.50
CA ASN I 321 21.79 -54.72 -14.21
C ASN I 321 21.12 -55.79 -15.08
N ALA I 322 21.07 -55.54 -16.38
CA ALA I 322 20.43 -56.48 -17.31
C ALA I 322 20.98 -56.22 -18.70
N LYS I 323 20.74 -57.17 -19.59
CA LYS I 323 21.15 -57.06 -20.99
C LYS I 323 19.99 -56.56 -21.83
N CYS I 324 20.32 -55.83 -22.90
CA CYS I 324 19.29 -55.33 -23.82
C CYS I 324 18.42 -56.45 -24.35
N SER I 325 18.97 -57.65 -24.50
CA SER I 325 18.16 -58.80 -24.89
C SER I 325 17.17 -59.18 -23.79
N ASP I 326 17.66 -59.29 -22.55
CA ASP I 326 16.77 -59.60 -21.43
C ASP I 326 15.67 -58.57 -21.31
N PHE I 327 16.01 -57.29 -21.51
CA PHE I 327 14.98 -56.25 -21.59
C PHE I 327 14.05 -56.50 -22.76
N THR I 328 14.60 -56.83 -23.93
CA THR I 328 13.79 -56.99 -25.14
C THR I 328 12.77 -58.11 -24.99
N GLU I 329 13.18 -59.24 -24.41
CA GLU I 329 12.32 -60.41 -24.33
C GLU I 329 11.10 -60.15 -23.46
N GLU I 330 11.28 -59.43 -22.34
CA GLU I 330 10.15 -59.24 -21.43
C GLU I 330 9.05 -58.37 -22.05
N ILE I 331 9.41 -57.46 -22.95
CA ILE I 331 8.39 -56.68 -23.65
C ILE I 331 7.65 -57.57 -24.64
N CYS I 332 8.37 -58.44 -25.35
CA CYS I 332 7.73 -59.39 -26.25
C CYS I 332 6.87 -60.40 -25.50
N ARG I 333 7.13 -60.61 -24.21
CA ARG I 333 6.20 -61.41 -23.40
C ARG I 333 4.92 -60.62 -23.13
N ARG I 334 5.06 -59.35 -22.73
CA ARG I 334 3.92 -58.56 -22.30
C ARG I 334 3.08 -58.03 -23.45
N VAL I 335 3.59 -58.07 -24.69
CA VAL I 335 2.83 -57.55 -25.82
C VAL I 335 1.88 -58.60 -26.38
N LYS I 336 2.31 -59.87 -26.40
CA LYS I 336 1.49 -60.90 -27.04
C LYS I 336 0.14 -61.06 -26.34
N ASP I 337 0.08 -60.75 -25.05
CA ASP I 337 -1.20 -60.69 -24.35
C ASP I 337 -1.85 -59.33 -24.62
N LEU I 338 -2.98 -59.35 -25.32
CA LEU I 338 -3.83 -58.16 -25.40
C LEU I 338 -5.05 -58.35 -24.53
N GLU J 3 28.89 14.83 -17.13
CA GLU J 3 29.18 16.23 -17.51
C GLU J 3 30.55 16.61 -16.94
N GLN J 4 30.64 16.89 -15.64
CA GLN J 4 31.95 17.21 -15.03
C GLN J 4 32.57 15.88 -14.57
N THR J 5 32.99 15.02 -15.51
CA THR J 5 33.50 13.67 -15.14
C THR J 5 32.38 13.07 -14.31
N ILE J 6 32.67 12.69 -13.09
CA ILE J 6 31.59 12.29 -12.14
C ILE J 6 31.75 13.28 -11.00
N PRO J 7 30.74 14.04 -10.55
CA PRO J 7 30.98 14.94 -9.44
C PRO J 7 31.18 13.91 -8.34
N PRO J 8 32.29 13.92 -7.57
CA PRO J 8 32.55 12.86 -6.63
C PRO J 8 31.44 12.66 -5.61
N SER J 9 31.18 11.39 -5.37
CA SER J 9 30.13 10.93 -4.45
C SER J 9 30.82 10.09 -3.37
N ALA J 10 30.52 10.36 -2.10
CA ALA J 10 31.13 9.61 -0.97
C ALA J 10 30.22 9.69 0.26
N LYS J 11 30.69 9.18 1.40
CA LYS J 11 29.91 9.21 2.66
C LYS J 11 30.13 10.55 3.37
N TYR J 12 29.38 10.80 4.45
CA TYR J 12 29.51 12.07 5.22
C TYR J 12 30.01 11.76 6.63
N GLY J 13 29.08 11.73 7.61
CA GLY J 13 29.44 11.45 9.01
C GLY J 13 29.29 9.97 9.34
N GLY J 14 30.08 9.11 8.68
CA GLY J 14 30.01 7.66 8.91
C GLY J 14 28.96 6.99 8.06
N ARG J 15 27.69 7.35 8.27
CA ARG J 15 26.56 6.77 7.49
C ARG J 15 26.79 6.99 6.00
N HIS J 16 26.56 5.96 5.18
CA HIS J 16 26.75 6.05 3.70
C HIS J 16 25.50 6.64 3.05
N THR J 17 25.58 6.95 1.75
CA THR J 17 24.43 7.53 1.01
C THR J 17 24.15 6.70 -0.25
N VAL J 18 22.93 6.15 -0.35
CA VAL J 18 22.53 5.34 -1.50
C VAL J 18 21.18 5.85 -2.01
N THR J 19 21.04 5.89 -3.33
CA THR J 19 19.77 6.30 -3.93
C THR J 19 18.80 5.14 -3.97
N MET J 20 17.55 5.41 -3.60
CA MET J 20 16.47 4.44 -3.62
C MET J 20 15.53 4.75 -4.76
N ILE J 21 14.88 3.71 -5.27
CA ILE J 21 13.86 3.88 -6.30
C ILE J 21 12.62 3.09 -5.92
N PRO J 22 11.56 3.75 -5.42
CA PRO J 22 10.31 3.03 -5.14
C PRO J 22 9.83 2.20 -6.31
N GLY J 23 9.44 2.87 -7.40
CA GLY J 23 9.07 2.18 -8.60
C GLY J 23 7.60 1.76 -8.63
N ASP J 24 7.15 1.41 -9.83
CA ASP J 24 5.77 0.98 -10.03
C ASP J 24 5.58 -0.45 -9.56
N GLY J 25 4.38 -0.75 -9.05
CA GLY J 25 4.06 -2.07 -8.57
C GLY J 25 4.33 -2.26 -7.09
N ILE J 26 4.81 -3.46 -6.74
CA ILE J 26 5.03 -3.83 -5.35
C ILE J 26 6.16 -3.05 -4.68
N GLY J 27 6.99 -2.36 -5.47
CA GLY J 27 8.20 -1.73 -5.01
C GLY J 27 8.13 -0.98 -3.69
N PRO J 28 7.25 0.03 -3.60
CA PRO J 28 7.25 0.90 -2.41
C PRO J 28 7.03 0.16 -1.09
N GLU J 29 5.95 -0.61 -0.99
CA GLU J 29 5.66 -1.33 0.24
C GLU J 29 6.81 -2.27 0.62
N LEU J 30 7.59 -2.72 -0.37
CA LEU J 30 8.80 -3.48 -0.08
C LEU J 30 9.90 -2.55 0.44
N MET J 31 10.21 -1.50 -0.32
CA MET J 31 11.28 -0.57 0.06
C MET J 31 11.12 -0.06 1.48
N LEU J 32 9.90 0.23 1.91
CA LEU J 32 9.68 0.62 3.30
C LEU J 32 10.17 -0.47 4.25
N HIS J 33 9.76 -1.71 4.01
CA HIS J 33 10.24 -2.82 4.82
C HIS J 33 11.76 -2.91 4.78
N VAL J 34 12.37 -2.63 3.62
CA VAL J 34 13.83 -2.57 3.57
C VAL J 34 14.34 -1.47 4.49
N LYS J 35 13.67 -0.32 4.49
CA LYS J 35 14.00 0.72 5.47
C LYS J 35 13.72 0.24 6.89
N SER J 36 12.49 -0.25 7.12
CA SER J 36 12.14 -0.77 8.44
C SER J 36 13.19 -1.73 8.97
N VAL J 37 13.69 -2.61 8.10
CA VAL J 37 14.71 -3.57 8.52
C VAL J 37 16.02 -2.85 8.80
N PHE J 38 16.47 -1.99 7.88
CA PHE J 38 17.69 -1.23 8.12
C PHE J 38 17.57 -0.37 9.38
N ARG J 39 16.41 0.28 9.58
CA ARG J 39 16.21 1.10 10.76
C ARG J 39 16.41 0.30 12.04
N HIS J 40 15.68 -0.81 12.17
CA HIS J 40 15.89 -1.70 13.31
C HIS J 40 17.30 -2.23 13.36
N ALA J 41 17.85 -2.65 12.21
CA ALA J 41 19.18 -3.21 12.19
C ALA J 41 20.27 -2.19 12.47
N CYS J 42 19.91 -0.92 12.69
CA CYS J 42 20.88 0.14 12.96
C CYS J 42 21.98 0.17 11.91
N VAL J 43 21.56 0.13 10.65
CA VAL J 43 22.47 0.17 9.51
C VAL J 43 22.87 1.61 9.23
N PRO J 44 24.17 1.94 9.23
CA PRO J 44 24.59 3.28 8.83
C PRO J 44 24.44 3.49 7.33
N VAL J 45 23.19 3.57 6.88
CA VAL J 45 22.86 3.88 5.48
C VAL J 45 21.53 4.61 5.46
N ASP J 46 21.48 5.73 4.76
CA ASP J 46 20.21 6.43 4.52
C ASP J 46 19.93 6.47 3.02
N PHE J 47 18.76 6.97 2.66
CA PHE J 47 18.20 6.73 1.34
C PHE J 47 17.64 8.00 0.74
N GLU J 48 17.98 8.27 -0.52
CA GLU J 48 17.46 9.39 -1.29
C GLU J 48 16.50 8.83 -2.32
N GLU J 49 15.23 9.07 -2.11
CA GLU J 49 14.23 8.56 -3.03
C GLU J 49 14.06 9.43 -4.26
N VAL J 50 14.14 8.82 -5.42
CA VAL J 50 13.95 9.55 -6.66
C VAL J 50 12.77 8.86 -7.30
N HIS J 51 11.68 9.56 -7.55
CA HIS J 51 10.53 8.90 -8.14
C HIS J 51 10.72 8.48 -9.58
N VAL J 52 9.92 7.51 -9.98
CA VAL J 52 9.97 6.93 -11.31
C VAL J 52 8.64 6.28 -11.54
N SER J 53 8.54 5.42 -12.55
CA SER J 53 7.30 4.68 -12.88
C SER J 53 6.28 5.44 -13.71
N SER J 54 5.11 4.85 -13.86
CA SER J 54 4.09 5.31 -14.78
C SER J 54 3.80 6.79 -14.65
N ASN J 55 3.98 7.34 -13.46
CA ASN J 55 3.69 8.75 -13.26
C ASN J 55 4.52 9.53 -14.25
N ALA J 56 5.76 9.09 -14.43
CA ALA J 56 6.65 9.73 -15.37
C ALA J 56 7.26 10.89 -14.66
N ASP J 57 8.22 11.53 -15.31
CA ASP J 57 8.93 12.64 -14.71
C ASP J 57 8.94 13.90 -15.61
N GLU J 58 8.49 15.03 -15.07
CA GLU J 58 8.37 16.29 -15.81
C GLU J 58 9.52 17.16 -16.42
N GLU J 59 10.63 17.44 -15.73
CA GLU J 59 10.95 16.94 -14.41
C GLU J 59 11.11 15.47 -14.58
N ASP J 60 11.72 15.10 -15.70
CA ASP J 60 11.93 13.75 -16.12
C ASP J 60 12.86 12.96 -15.23
N ILE J 61 12.85 11.65 -15.37
CA ILE J 61 13.66 10.77 -14.53
C ILE J 61 15.09 11.08 -14.76
N ARG J 62 15.34 11.77 -15.84
CA ARG J 62 16.78 12.07 -15.97
C ARG J 62 17.22 12.48 -14.56
N ASN J 63 16.34 13.12 -13.79
CA ASN J 63 16.65 13.57 -12.42
C ASN J 63 17.07 12.35 -11.61
N ALA J 64 16.41 11.22 -11.75
CA ALA J 64 16.92 10.04 -11.03
C ALA J 64 18.32 9.71 -11.54
N ILE J 65 18.53 9.75 -12.84
CA ILE J 65 19.82 9.22 -13.36
C ILE J 65 21.00 9.96 -12.77
N MET J 66 20.93 11.28 -12.73
CA MET J 66 22.06 12.03 -12.15
C MET J 66 22.11 11.57 -10.70
N ALA J 67 20.94 11.47 -10.08
CA ALA J 67 21.14 11.04 -8.70
C ALA J 67 21.82 9.68 -8.58
N ILE J 68 21.49 8.72 -9.45
CA ILE J 68 22.27 7.48 -9.46
C ILE J 68 23.67 7.75 -10.01
N ARG J 69 23.77 8.65 -10.99
CA ARG J 69 25.08 9.09 -11.46
C ARG J 69 25.91 9.64 -10.31
N ARG J 70 25.25 10.29 -9.33
CA ARG J 70 25.90 10.65 -8.08
C ARG J 70 26.49 9.92 -6.88
N ASN J 71 25.64 9.16 -6.18
CA ASN J 71 25.93 8.02 -5.31
C ASN J 71 26.07 6.74 -6.13
N ARG J 72 27.30 6.24 -6.28
CA ARG J 72 27.64 5.21 -7.25
C ARG J 72 27.02 3.86 -6.95
N VAL J 73 26.10 3.78 -5.99
CA VAL J 73 25.45 2.54 -5.63
C VAL J 73 23.99 2.83 -5.29
N ALA J 74 23.06 2.15 -5.97
CA ALA J 74 21.63 2.37 -5.77
C ALA J 74 20.90 1.04 -5.86
N LEU J 75 19.65 1.04 -5.41
CA LEU J 75 18.83 -0.16 -5.39
C LEU J 75 17.39 0.24 -5.74
N LYS J 76 16.67 -0.68 -6.39
CA LYS J 76 15.36 -0.33 -6.92
C LYS J 76 14.44 -1.53 -6.92
N GLY J 77 13.16 -1.27 -7.19
CA GLY J 77 12.19 -2.30 -7.46
C GLY J 77 12.14 -2.56 -8.95
N ASN J 78 10.95 -2.52 -9.53
CA ASN J 78 10.75 -2.72 -10.96
C ASN J 78 9.79 -1.68 -11.51
N ILE J 79 9.71 -1.61 -12.84
CA ILE J 79 8.93 -0.61 -13.53
C ILE J 79 8.17 -1.27 -14.68
N GLU J 80 6.93 -0.91 -14.90
CA GLU J 80 6.23 -1.70 -15.93
C GLU J 80 6.72 -1.32 -17.32
N THR J 81 6.61 -2.21 -18.28
CA THR J 81 7.02 -1.88 -19.60
C THR J 81 5.86 -1.01 -19.91
N ASN J 82 6.03 0.04 -20.69
CA ASN J 82 4.89 0.88 -21.02
C ASN J 82 3.92 -0.05 -21.74
N HIS J 83 2.63 0.04 -21.48
CA HIS J 83 1.69 -0.88 -22.12
C HIS J 83 1.33 -0.39 -23.48
N ASN J 84 1.82 -1.07 -24.50
CA ASN J 84 1.52 -0.68 -25.85
C ASN J 84 2.17 0.68 -25.98
N LEU J 85 1.74 1.45 -26.97
CA LEU J 85 2.27 2.79 -27.13
C LEU J 85 3.69 2.80 -27.64
N PRO J 86 4.56 2.11 -26.94
CA PRO J 86 5.95 2.13 -27.35
C PRO J 86 6.08 1.58 -28.74
N PRO J 87 6.74 2.36 -29.58
CA PRO J 87 7.00 1.97 -30.95
C PRO J 87 8.48 1.77 -30.98
N SER J 88 9.19 2.73 -30.39
CA SER J 88 10.63 2.73 -30.26
C SER J 88 10.75 2.48 -28.79
N HIS J 89 11.60 1.54 -28.41
CA HIS J 89 11.69 1.18 -27.01
C HIS J 89 12.01 2.32 -26.08
N LYS J 90 11.27 2.37 -24.99
CA LYS J 90 11.50 3.38 -23.96
C LYS J 90 11.59 2.57 -22.68
N SER J 91 11.87 1.28 -22.80
CA SER J 91 11.78 0.57 -21.51
C SER J 91 12.48 1.47 -20.51
N ARG J 92 11.74 1.92 -19.51
CA ARG J 92 12.36 2.85 -18.55
C ARG J 92 13.45 2.04 -17.86
N ASN J 93 13.44 0.72 -18.01
CA ASN J 93 14.52 0.07 -17.26
C ASN J 93 15.83 0.14 -18.02
N ASN J 94 15.84 -0.28 -19.27
CA ASN J 94 17.08 -0.33 -20.03
C ASN J 94 17.49 1.02 -20.60
N ILE J 95 16.70 2.07 -20.40
CA ILE J 95 17.18 3.42 -20.68
C ILE J 95 17.88 4.00 -19.45
N LEU J 96 17.47 3.59 -18.25
CA LEU J 96 18.29 3.81 -17.07
C LEU J 96 19.62 3.08 -17.20
N ARG J 97 19.54 1.80 -17.56
CA ARG J 97 20.68 0.95 -17.87
C ARG J 97 21.67 1.60 -18.81
N THR J 98 21.28 1.76 -20.08
CA THR J 98 22.16 2.28 -21.12
C THR J 98 22.91 3.53 -20.68
N SER J 99 22.18 4.49 -20.11
CA SER J 99 22.76 5.77 -19.74
C SER J 99 23.82 5.65 -18.65
N LEU J 100 24.00 4.48 -18.06
CA LEU J 100 24.94 4.32 -16.98
C LEU J 100 25.99 3.26 -17.23
N ASP J 101 26.05 2.68 -18.44
CA ASP J 101 27.06 1.68 -18.82
C ASP J 101 26.93 0.44 -17.93
N LEU J 102 25.70 -0.02 -17.75
CA LEU J 102 25.41 -1.17 -16.89
C LEU J 102 25.37 -2.44 -17.73
N TYR J 103 26.56 -2.89 -18.13
CA TYR J 103 26.63 -4.01 -19.06
C TYR J 103 26.58 -5.36 -18.35
N ALA J 104 26.90 -5.42 -17.06
CA ALA J 104 27.02 -6.68 -16.33
C ALA J 104 25.73 -6.98 -15.56
N ASN J 105 25.04 -8.04 -15.97
CA ASN J 105 23.90 -8.56 -15.25
C ASN J 105 24.35 -9.79 -14.46
N VAL J 106 24.12 -9.77 -13.14
CA VAL J 106 24.63 -10.82 -12.27
C VAL J 106 23.54 -11.19 -11.28
N ILE J 107 23.19 -12.48 -11.24
CA ILE J 107 22.13 -12.98 -10.37
C ILE J 107 22.68 -14.11 -9.51
N HIS J 108 22.17 -14.20 -8.28
CA HIS J 108 22.71 -15.08 -7.24
C HIS J 108 21.70 -16.18 -6.94
N CYS J 109 21.77 -17.28 -7.68
CA CYS J 109 20.85 -18.40 -7.48
C CYS J 109 21.36 -19.26 -6.33
N LYS J 110 20.56 -19.36 -5.27
CA LYS J 110 20.93 -20.17 -4.11
C LYS J 110 19.67 -20.78 -3.52
N SER J 111 19.61 -22.11 -3.51
CA SER J 111 18.49 -22.79 -2.89
C SER J 111 18.40 -22.43 -1.41
N LEU J 112 17.19 -22.31 -0.93
CA LEU J 112 17.04 -21.97 0.47
C LEU J 112 16.73 -23.21 1.28
N PRO J 113 17.43 -23.44 2.38
CA PRO J 113 17.06 -24.58 3.25
C PRO J 113 15.60 -24.53 3.65
N GLY J 114 15.11 -23.36 4.05
CA GLY J 114 13.71 -23.21 4.38
C GLY J 114 12.77 -23.23 3.20
N VAL J 115 13.29 -23.52 2.00
CA VAL J 115 12.48 -23.67 0.81
C VAL J 115 12.66 -25.10 0.31
N VAL J 116 11.56 -25.83 0.19
CA VAL J 116 11.60 -27.21 -0.29
C VAL J 116 11.39 -27.15 -1.80
N THR J 117 12.50 -27.28 -2.55
CA THR J 117 12.44 -27.20 -4.00
C THR J 117 12.23 -28.58 -4.61
N ARG J 118 12.82 -28.79 -5.78
CA ARG J 118 13.02 -30.13 -6.33
C ARG J 118 14.47 -30.54 -6.33
N HIS J 119 15.36 -29.66 -5.87
CA HIS J 119 16.78 -29.95 -5.74
C HIS J 119 17.34 -29.17 -4.56
N LYS J 120 18.36 -29.73 -3.93
CA LYS J 120 19.02 -29.09 -2.80
C LYS J 120 20.39 -28.61 -3.22
N ASP J 121 20.90 -27.63 -2.46
CA ASP J 121 22.31 -27.24 -2.48
C ASP J 121 22.73 -26.69 -3.85
N ILE J 122 22.10 -25.59 -4.22
CA ILE J 122 22.41 -24.90 -5.46
C ILE J 122 22.98 -23.53 -5.10
N ASP J 123 24.18 -23.24 -5.58
CA ASP J 123 24.77 -21.90 -5.44
C ASP J 123 25.39 -21.53 -6.78
N ILE J 124 24.71 -20.67 -7.53
CA ILE J 124 25.07 -20.38 -8.91
C ILE J 124 25.05 -18.86 -9.12
N LEU J 125 26.10 -18.36 -9.78
CA LEU J 125 26.17 -16.98 -10.22
C LEU J 125 26.08 -16.96 -11.73
N ILE J 126 25.12 -16.23 -12.26
CA ILE J 126 24.92 -16.10 -13.70
C ILE J 126 25.39 -14.72 -14.12
N VAL J 127 26.25 -14.67 -15.13
CA VAL J 127 26.79 -13.42 -15.66
C VAL J 127 26.50 -13.36 -17.15
N ARG J 128 25.76 -12.34 -17.57
CA ARG J 128 25.43 -12.12 -18.97
C ARG J 128 25.62 -10.66 -19.30
N GLU J 129 25.94 -10.41 -20.57
CA GLU J 129 26.22 -9.04 -21.03
C GLU J 129 24.88 -8.33 -21.18
N ASN J 130 24.76 -7.12 -20.65
CA ASN J 130 23.46 -6.41 -20.71
C ASN J 130 23.11 -5.96 -22.13
N THR J 131 24.09 -5.48 -22.89
CA THR J 131 23.86 -4.96 -24.26
C THR J 131 24.83 -5.56 -25.28
N GLU J 132 25.16 -6.84 -25.17
CA GLU J 132 26.00 -7.45 -26.24
C GLU J 132 25.05 -8.19 -27.15
N GLY J 133 25.13 -9.51 -27.21
CA GLY J 133 24.23 -10.22 -28.13
C GLY J 133 22.79 -10.02 -27.75
N GLU J 134 22.00 -9.51 -28.69
CA GLU J 134 20.58 -9.20 -28.44
C GLU J 134 19.83 -9.21 -29.75
N TYR J 135 18.51 -9.21 -29.70
CA TYR J 135 17.75 -9.11 -30.96
C TYR J 135 16.98 -7.79 -30.91
N SER J 136 17.29 -6.92 -29.97
CA SER J 136 16.44 -5.72 -29.77
C SER J 136 16.36 -4.91 -31.05
N SER J 137 15.15 -4.56 -31.45
CA SER J 137 14.88 -3.79 -32.68
C SER J 137 15.57 -4.43 -33.87
N LEU J 138 16.20 -3.60 -34.71
CA LEU J 138 16.85 -4.07 -35.91
C LEU J 138 15.90 -4.89 -36.81
N GLU J 139 14.69 -4.38 -37.06
CA GLU J 139 13.77 -5.11 -37.91
C GLU J 139 13.88 -4.64 -39.36
N HIS J 140 14.65 -5.33 -40.19
CA HIS J 140 14.76 -4.91 -41.58
C HIS J 140 13.75 -5.70 -42.36
N GLU J 141 12.67 -5.06 -42.82
CA GLU J 141 11.68 -5.81 -43.57
C GLU J 141 12.25 -5.86 -44.95
N SER J 142 13.01 -6.90 -45.23
CA SER J 142 13.65 -7.04 -46.52
C SER J 142 12.54 -7.09 -47.51
N VAL J 143 11.46 -7.74 -47.14
CA VAL J 143 10.32 -7.81 -48.03
C VAL J 143 9.06 -8.31 -47.32
N ALA J 144 7.94 -8.23 -48.00
CA ALA J 144 6.72 -8.65 -47.40
C ALA J 144 6.87 -10.08 -46.95
N GLY J 145 6.33 -10.39 -45.79
CA GLY J 145 6.33 -11.73 -45.23
C GLY J 145 7.69 -12.26 -44.86
N VAL J 146 8.71 -11.40 -44.77
CA VAL J 146 10.07 -11.82 -44.49
C VAL J 146 10.65 -10.86 -43.46
N VAL J 147 11.22 -11.40 -42.38
CA VAL J 147 11.82 -10.58 -41.33
C VAL J 147 13.26 -11.03 -41.11
N GLU J 148 14.20 -10.17 -41.46
CA GLU J 148 15.58 -10.33 -41.05
C GLU J 148 15.77 -9.79 -39.65
N SER J 149 16.87 -10.22 -39.01
CA SER J 149 17.09 -9.89 -37.62
C SER J 149 18.57 -10.07 -37.32
N LEU J 150 19.09 -9.25 -36.42
CA LEU J 150 20.53 -9.11 -36.23
C LEU J 150 20.93 -9.49 -34.81
N LYS J 151 21.77 -10.51 -34.68
CA LYS J 151 22.49 -10.81 -33.45
C LYS J 151 23.92 -10.27 -33.58
N ILE J 152 24.34 -9.47 -32.62
CA ILE J 152 25.55 -8.68 -32.72
C ILE J 152 26.46 -9.03 -31.54
N ILE J 153 27.64 -9.54 -31.86
CA ILE J 153 28.61 -10.00 -30.85
C ILE J 153 29.92 -9.25 -31.09
N THR J 154 30.28 -8.37 -30.16
CA THR J 154 31.55 -7.68 -30.25
C THR J 154 32.61 -8.46 -29.52
N LYS J 155 33.84 -8.45 -30.04
CA LYS J 155 34.94 -9.09 -29.35
C LYS J 155 35.23 -8.41 -28.01
N ALA J 156 35.10 -7.07 -27.97
CA ALA J 156 35.46 -6.33 -26.77
C ALA J 156 34.45 -6.52 -25.65
N LYS J 157 33.15 -6.45 -25.98
CA LYS J 157 32.13 -6.68 -24.96
C LYS J 157 32.12 -8.13 -24.50
N SER J 158 32.64 -9.05 -25.31
CA SER J 158 32.76 -10.44 -24.87
C SER J 158 33.89 -10.60 -23.86
N LEU J 159 35.07 -10.07 -24.20
CA LEU J 159 36.19 -10.08 -23.27
C LEU J 159 35.83 -9.38 -21.97
N ARG J 160 35.13 -8.25 -22.06
CA ARG J 160 34.75 -7.53 -20.84
C ARG J 160 33.90 -8.39 -19.92
N ILE J 161 32.87 -9.04 -20.47
CA ILE J 161 32.00 -9.86 -19.63
C ILE J 161 32.74 -11.10 -19.15
N ALA J 162 33.62 -11.66 -19.98
CA ALA J 162 34.40 -12.82 -19.57
C ALA J 162 35.36 -12.46 -18.44
N GLU J 163 36.12 -11.38 -18.62
CA GLU J 163 37.03 -10.92 -17.58
C GLU J 163 36.28 -10.62 -16.29
N TYR J 164 35.06 -10.11 -16.39
CA TYR J 164 34.28 -9.85 -15.18
C TYR J 164 33.74 -11.15 -14.59
N ALA J 165 33.50 -12.16 -15.42
CA ALA J 165 33.10 -13.46 -14.88
C ALA J 165 34.22 -14.10 -14.07
N PHE J 166 35.44 -14.05 -14.58
CA PHE J 166 36.57 -14.63 -13.86
C PHE J 166 36.95 -13.78 -12.65
N LYS J 167 36.89 -12.45 -12.78
CA LYS J 167 37.19 -11.56 -11.66
C LYS J 167 36.40 -11.94 -10.42
N LEU J 168 35.08 -12.03 -10.56
CA LEU J 168 34.23 -12.41 -9.43
C LEU J 168 34.55 -13.81 -8.95
N ALA J 169 34.86 -14.73 -9.88
CA ALA J 169 35.12 -16.11 -9.52
C ALA J 169 36.22 -16.23 -8.47
N GLN J 170 37.33 -15.54 -8.68
CA GLN J 170 38.43 -15.64 -7.75
C GLN J 170 38.24 -14.72 -6.54
N GLU J 171 37.50 -13.62 -6.69
CA GLU J 171 37.24 -12.75 -5.54
C GLU J 171 36.28 -13.41 -4.55
N SER J 172 35.12 -13.85 -5.03
CA SER J 172 34.22 -14.59 -4.15
C SER J 172 34.67 -16.02 -3.89
N GLY J 173 35.82 -16.43 -4.44
CA GLY J 173 36.44 -17.69 -4.08
C GLY J 173 35.88 -18.93 -4.75
N ARG J 174 35.27 -18.81 -5.93
CA ARG J 174 34.67 -19.95 -6.60
C ARG J 174 35.76 -20.76 -7.28
N LYS J 175 35.39 -21.69 -8.16
CA LYS J 175 36.40 -22.54 -8.80
C LYS J 175 36.02 -22.98 -10.21
N LYS J 176 34.78 -22.76 -10.63
CA LYS J 176 34.29 -23.31 -11.90
C LYS J 176 33.45 -22.29 -12.64
N VAL J 177 33.99 -21.77 -13.75
CA VAL J 177 33.26 -20.87 -14.64
C VAL J 177 32.84 -21.65 -15.87
N THR J 178 31.54 -21.81 -16.07
CA THR J 178 31.00 -22.56 -17.20
C THR J 178 30.40 -21.57 -18.20
N ALA J 179 30.86 -21.65 -19.45
CA ALA J 179 30.45 -20.72 -20.50
C ALA J 179 29.38 -21.38 -21.36
N VAL J 180 28.19 -20.80 -21.36
CA VAL J 180 27.08 -21.26 -22.18
C VAL J 180 27.16 -20.58 -23.55
N HIS J 181 26.83 -21.32 -24.60
CA HIS J 181 26.79 -20.73 -25.93
C HIS J 181 26.00 -21.65 -26.86
N LYS J 182 26.02 -21.32 -28.15
CA LYS J 182 25.42 -22.11 -29.21
C LYS J 182 26.35 -22.11 -30.42
N ALA J 183 27.66 -22.26 -30.16
CA ALA J 183 28.65 -22.11 -31.22
C ALA J 183 28.49 -23.17 -32.31
N ASN J 184 27.93 -24.34 -31.96
CA ASN J 184 27.76 -25.41 -32.94
C ASN J 184 27.06 -24.92 -34.19
N ILE J 185 26.07 -24.05 -34.03
CA ILE J 185 25.26 -23.58 -35.16
C ILE J 185 25.74 -22.21 -35.60
N MET J 186 25.68 -21.21 -34.72
CA MET J 186 26.13 -19.86 -35.08
C MET J 186 27.65 -19.84 -34.91
N LYS J 187 28.33 -20.33 -35.95
CA LYS J 187 29.76 -20.62 -35.86
C LYS J 187 30.57 -19.38 -35.50
N LEU J 188 30.39 -18.28 -36.23
CA LEU J 188 31.25 -17.12 -36.02
C LEU J 188 30.82 -16.30 -34.80
N GLY J 189 29.53 -15.98 -34.70
CA GLY J 189 29.04 -15.17 -33.61
C GLY J 189 29.40 -15.70 -32.24
N ASP J 190 28.76 -16.80 -31.86
CA ASP J 190 29.07 -17.42 -30.58
C ASP J 190 30.51 -17.95 -30.55
N GLY J 191 31.03 -18.36 -31.70
CA GLY J 191 32.39 -18.89 -31.73
C GLY J 191 33.40 -17.86 -31.29
N LEU J 192 33.26 -16.62 -31.76
CA LEU J 192 34.08 -15.53 -31.26
C LEU J 192 34.00 -15.44 -29.74
N PHE J 193 32.79 -15.55 -29.19
CA PHE J 193 32.61 -15.50 -27.75
C PHE J 193 33.39 -16.60 -27.06
N LEU J 194 33.51 -17.76 -27.68
CA LEU J 194 34.24 -18.87 -27.07
C LEU J 194 35.71 -18.53 -26.93
N GLN J 195 36.43 -18.38 -28.05
CA GLN J 195 37.85 -18.06 -27.98
C GLN J 195 38.10 -16.77 -27.23
N CYS J 196 37.09 -15.90 -27.13
CA CYS J 196 37.17 -14.76 -26.24
C CYS J 196 37.41 -15.22 -24.81
N CYS J 197 36.53 -16.10 -24.30
CA CYS J 197 36.68 -16.61 -22.95
C CYS J 197 38.00 -17.37 -22.79
N ARG J 198 38.38 -18.17 -23.78
CA ARG J 198 39.65 -18.87 -23.74
C ARG J 198 40.81 -17.93 -23.43
N GLU J 199 40.95 -16.87 -24.24
CA GLU J 199 41.95 -15.83 -24.00
C GLU J 199 41.89 -15.36 -22.55
N VAL J 200 40.68 -15.32 -21.97
CA VAL J 200 40.56 -14.95 -20.57
C VAL J 200 40.81 -16.16 -19.67
N ALA J 201 40.45 -17.36 -20.13
CA ALA J 201 40.58 -18.54 -19.28
C ALA J 201 42.03 -18.76 -18.85
N ALA J 202 42.95 -18.69 -19.80
CA ALA J 202 44.36 -18.93 -19.51
C ALA J 202 45.00 -17.84 -18.67
N ARG J 203 44.34 -16.70 -18.49
CA ARG J 203 44.87 -15.68 -17.58
C ARG J 203 44.56 -16.00 -16.13
N TYR J 204 43.56 -16.85 -15.87
CA TYR J 204 43.22 -17.33 -14.54
C TYR J 204 43.29 -18.86 -14.55
N PRO J 205 44.49 -19.44 -14.63
CA PRO J 205 44.58 -20.90 -14.65
C PRO J 205 44.02 -21.58 -13.42
N GLN J 206 44.03 -20.90 -12.26
CA GLN J 206 43.49 -21.47 -11.03
C GLN J 206 41.99 -21.67 -11.06
N ILE J 207 41.32 -21.34 -12.16
CA ILE J 207 39.88 -21.56 -12.32
C ILE J 207 39.67 -22.57 -13.43
N THR J 208 38.74 -23.50 -13.22
CA THR J 208 38.41 -24.49 -14.22
C THR J 208 37.45 -23.90 -15.24
N PHE J 209 37.78 -24.03 -16.53
CA PHE J 209 36.97 -23.51 -17.61
C PHE J 209 36.25 -24.64 -18.32
N GLU J 210 35.01 -24.37 -18.74
CA GLU J 210 34.16 -25.38 -19.35
C GLU J 210 33.22 -24.72 -20.34
N ASN J 211 33.11 -25.28 -21.53
CA ASN J 211 32.10 -24.84 -22.50
C ASN J 211 30.93 -25.81 -22.45
N MET J 212 29.76 -25.32 -22.86
CA MET J 212 28.57 -26.16 -22.80
C MET J 212 27.49 -25.58 -23.69
N ILE J 213 26.92 -26.42 -24.56
CA ILE J 213 25.83 -26.01 -25.42
C ILE J 213 24.62 -25.65 -24.56
N VAL J 214 23.89 -24.62 -24.96
CA VAL J 214 22.74 -24.17 -24.19
C VAL J 214 21.71 -25.27 -24.02
N ASP J 215 21.49 -26.07 -25.06
CA ASP J 215 20.53 -27.17 -24.97
C ASP J 215 20.97 -28.20 -23.94
N ASN J 216 22.21 -28.69 -24.09
CA ASN J 216 22.79 -29.57 -23.09
C ASN J 216 22.80 -28.93 -21.71
N THR J 217 22.93 -27.59 -21.65
CA THR J 217 22.96 -26.89 -20.38
C THR J 217 21.59 -26.90 -19.71
N THR J 218 20.55 -26.48 -20.44
CA THR J 218 19.19 -26.49 -19.90
C THR J 218 18.83 -27.87 -19.37
N MET J 219 19.03 -28.89 -20.21
CA MET J 219 18.78 -30.27 -19.79
C MET J 219 19.51 -30.59 -18.49
N GLN J 220 20.83 -30.35 -18.46
CA GLN J 220 21.62 -30.63 -17.28
C GLN J 220 21.20 -29.80 -16.08
N LEU J 221 20.57 -28.64 -16.31
CA LEU J 221 20.13 -27.80 -15.19
C LEU J 221 19.07 -28.50 -14.35
N VAL J 222 18.12 -29.18 -14.99
CA VAL J 222 17.02 -29.80 -14.27
C VAL J 222 17.39 -31.20 -13.83
N SER J 223 18.67 -31.53 -13.86
CA SER J 223 19.13 -32.85 -13.45
C SER J 223 20.22 -32.75 -12.39
N ARG J 224 21.41 -32.30 -12.77
CA ARG J 224 22.54 -32.13 -11.84
C ARG J 224 22.98 -30.68 -11.79
N PRO J 225 22.10 -29.76 -11.35
CA PRO J 225 22.49 -28.35 -11.35
C PRO J 225 23.55 -28.00 -10.34
N GLN J 226 23.84 -28.89 -9.38
CA GLN J 226 24.83 -28.59 -8.35
C GLN J 226 26.22 -28.41 -8.93
N GLN J 227 26.46 -28.85 -10.16
CA GLN J 227 27.81 -28.84 -10.71
C GLN J 227 28.26 -27.43 -11.11
N PHE J 228 27.35 -26.63 -11.68
CA PHE J 228 27.72 -25.30 -12.13
C PHE J 228 28.05 -24.40 -10.94
N ASP J 229 29.13 -23.65 -11.07
CA ASP J 229 29.53 -22.71 -10.04
C ASP J 229 29.41 -21.25 -10.48
N VAL J 230 29.81 -20.95 -11.71
CA VAL J 230 29.60 -19.62 -12.29
C VAL J 230 29.27 -19.81 -13.76
N MET J 231 28.19 -19.17 -14.21
CA MET J 231 27.74 -19.29 -15.59
C MET J 231 27.86 -17.93 -16.27
N VAL J 232 28.52 -17.92 -17.43
CA VAL J 232 28.67 -16.73 -18.27
C VAL J 232 28.17 -17.09 -19.65
N MET J 233 27.54 -16.14 -20.33
CA MET J 233 26.84 -16.47 -21.57
C MET J 233 26.51 -15.19 -22.31
N PRO J 234 26.47 -15.22 -23.63
CA PRO J 234 25.84 -14.13 -24.38
C PRO J 234 24.41 -13.93 -23.93
N ASN J 235 24.02 -12.67 -23.74
CA ASN J 235 22.86 -12.33 -22.94
C ASN J 235 21.52 -12.71 -23.58
N LEU J 236 21.50 -13.17 -24.83
CA LEU J 236 20.25 -13.66 -25.40
C LEU J 236 19.76 -14.89 -24.64
N TYR J 237 20.63 -15.86 -24.44
CA TYR J 237 20.24 -17.11 -23.79
C TYR J 237 19.87 -16.90 -22.34
N GLY J 238 20.24 -15.74 -21.77
CA GLY J 238 20.03 -15.50 -20.34
C GLY J 238 18.61 -15.75 -19.91
N ASN J 239 17.65 -15.14 -20.61
CA ASN J 239 16.22 -15.29 -20.34
C ASN J 239 15.83 -16.72 -19.98
N ILE J 240 16.42 -17.69 -20.68
CA ILE J 240 16.16 -19.08 -20.37
C ILE J 240 16.85 -19.48 -19.08
N VAL J 241 18.16 -19.26 -19.01
CA VAL J 241 18.93 -19.76 -17.89
C VAL J 241 18.55 -19.04 -16.60
N ASN J 242 18.33 -17.72 -16.67
CA ASN J 242 17.94 -16.98 -15.48
C ASN J 242 16.59 -17.44 -14.96
N ASN J 243 15.60 -17.52 -15.83
CA ASN J 243 14.25 -17.89 -15.41
C ASN J 243 14.10 -19.38 -15.17
N VAL J 244 15.01 -20.20 -15.69
CA VAL J 244 15.03 -21.61 -15.31
C VAL J 244 15.68 -21.77 -13.94
N CYS J 245 16.87 -21.19 -13.77
CA CYS J 245 17.53 -21.23 -12.46
C CYS J 245 16.75 -20.48 -11.41
N ALA J 246 15.74 -19.69 -11.79
CA ALA J 246 14.86 -19.08 -10.80
C ALA J 246 14.02 -20.15 -10.11
N GLY J 247 13.44 -20.97 -10.95
CA GLY J 247 12.52 -22.02 -10.51
C GLY J 247 13.18 -23.01 -9.60
N LEU J 248 14.44 -23.35 -9.85
CA LEU J 248 15.05 -24.37 -8.99
C LEU J 248 15.10 -23.92 -7.55
N VAL J 249 15.39 -22.65 -7.26
CA VAL J 249 15.24 -22.30 -5.84
C VAL J 249 13.81 -21.82 -5.58
N GLY J 250 12.95 -21.71 -6.59
CA GLY J 250 11.53 -21.50 -6.24
C GLY J 250 10.75 -20.50 -7.05
N GLY J 251 11.30 -19.31 -7.30
CA GLY J 251 10.51 -18.31 -8.03
C GLY J 251 11.18 -16.96 -8.03
N PRO J 252 10.52 -15.90 -8.52
CA PRO J 252 11.15 -14.64 -8.64
C PRO J 252 11.63 -14.09 -7.31
N GLY J 253 10.82 -14.23 -6.28
CA GLY J 253 11.13 -13.57 -5.00
C GLY J 253 12.45 -13.97 -4.40
N LEU J 254 12.81 -15.23 -4.54
CA LEU J 254 13.99 -15.78 -3.85
C LEU J 254 15.29 -15.51 -4.61
N VAL J 255 15.28 -14.80 -5.71
CA VAL J 255 16.58 -14.60 -6.38
C VAL J 255 16.95 -13.14 -6.43
N ALA J 256 18.13 -12.80 -5.96
CA ALA J 256 18.59 -11.42 -6.00
C ALA J 256 19.50 -11.21 -7.21
N GLY J 257 19.56 -9.97 -7.67
CA GLY J 257 20.36 -9.66 -8.84
C GLY J 257 21.00 -8.29 -8.74
N ALA J 258 22.08 -8.13 -9.48
CA ALA J 258 22.72 -6.81 -9.51
C ALA J 258 23.09 -6.48 -10.96
N ASN J 259 22.52 -5.45 -11.54
CA ASN J 259 23.00 -5.11 -12.89
C ASN J 259 24.18 -4.23 -12.59
N TYR J 260 25.37 -4.78 -12.50
CA TYR J 260 26.52 -3.91 -12.15
C TYR J 260 26.95 -3.06 -13.34
N GLY J 261 27.70 -2.03 -13.01
CA GLY J 261 28.28 -1.15 -14.03
C GLY J 261 29.79 -1.23 -13.97
N HIS J 262 30.51 -0.40 -14.71
CA HIS J 262 31.98 -0.49 -14.58
C HIS J 262 32.16 -0.23 -13.10
N VAL J 263 31.91 1.00 -12.64
CA VAL J 263 31.98 1.25 -11.18
C VAL J 263 30.65 1.58 -10.51
N TYR J 264 29.69 2.11 -11.26
CA TYR J 264 28.39 2.47 -10.68
C TYR J 264 27.65 1.18 -10.40
N ALA J 265 26.81 1.13 -9.38
CA ALA J 265 26.10 -0.15 -9.15
C ALA J 265 24.69 0.09 -8.62
N VAL J 266 23.78 -0.78 -9.00
CA VAL J 266 22.34 -0.74 -8.61
C VAL J 266 21.93 -2.16 -8.23
N PHE J 267 21.01 -2.40 -7.29
CA PHE J 267 20.64 -3.81 -7.03
C PHE J 267 19.14 -3.98 -7.29
N GLU J 268 18.67 -5.03 -7.98
CA GLU J 268 17.25 -5.14 -8.32
C GLU J 268 16.84 -6.59 -8.12
N THR J 269 15.55 -6.83 -8.20
CA THR J 269 15.07 -8.21 -8.11
C THR J 269 15.52 -8.99 -9.33
N ALA J 270 15.48 -10.32 -9.21
CA ALA J 270 15.90 -11.19 -10.30
C ALA J 270 15.03 -10.99 -11.54
N THR J 271 13.76 -11.36 -11.43
CA THR J 271 12.84 -11.16 -12.56
C THR J 271 12.36 -9.71 -12.60
N ARG J 272 11.98 -9.28 -13.80
CA ARG J 272 11.58 -7.89 -14.04
C ARG J 272 10.10 -7.66 -13.78
N ASN J 273 9.50 -8.35 -12.81
CA ASN J 273 8.06 -8.28 -12.61
C ASN J 273 7.67 -7.06 -11.77
N THR J 274 6.53 -6.47 -12.11
CA THR J 274 5.91 -5.47 -11.25
C THR J 274 4.99 -6.11 -10.22
N GLY J 275 4.44 -7.29 -10.52
CA GLY J 275 3.45 -7.90 -9.66
C GLY J 275 2.23 -7.04 -9.40
N LYS J 276 1.88 -6.15 -10.33
CA LYS J 276 0.79 -5.21 -10.13
C LYS J 276 -0.53 -5.88 -9.74
N SER J 277 -0.72 -7.15 -10.09
CA SER J 277 -1.93 -7.87 -9.69
C SER J 277 -2.01 -8.01 -8.18
N ILE J 278 -0.88 -8.08 -7.50
CA ILE J 278 -0.83 -8.06 -6.04
C ILE J 278 -0.29 -6.69 -5.64
N ALA J 279 -1.19 -5.77 -5.36
CA ALA J 279 -0.83 -4.40 -5.01
C ALA J 279 -1.24 -4.16 -3.56
N ASN J 280 -0.27 -3.82 -2.72
CA ASN J 280 -0.47 -3.48 -1.31
C ASN J 280 -1.16 -4.59 -0.54
N LYS J 281 -1.37 -5.75 -1.16
CA LYS J 281 -2.10 -6.89 -0.59
C LYS J 281 -1.35 -7.55 0.54
N ASN J 282 -0.24 -6.99 1.02
CA ASN J 282 0.58 -7.57 2.07
C ASN J 282 1.00 -8.98 1.72
N ILE J 283 1.13 -9.25 0.42
CA ILE J 283 1.34 -10.60 -0.07
C ILE J 283 2.73 -10.79 -0.66
N ALA J 284 3.28 -9.78 -1.34
CA ALA J 284 4.47 -9.98 -2.16
C ALA J 284 5.64 -10.53 -1.34
N ASN J 285 6.28 -11.56 -1.88
CA ASN J 285 7.45 -12.16 -1.24
C ASN J 285 8.56 -11.13 -1.14
N PRO J 286 8.95 -10.73 0.07
CA PRO J 286 10.06 -9.76 0.22
C PRO J 286 11.42 -10.40 0.11
N THR J 287 11.48 -11.73 0.04
CA THR J 287 12.74 -12.44 0.19
C THR J 287 13.76 -12.02 -0.86
N ALA J 288 13.34 -11.96 -2.12
CA ALA J 288 14.25 -11.59 -3.20
C ALA J 288 14.84 -10.20 -2.98
N THR J 289 13.97 -9.22 -2.70
CA THR J 289 14.45 -7.86 -2.50
C THR J 289 15.39 -7.77 -1.30
N LEU J 290 15.12 -8.55 -0.26
CA LEU J 290 15.94 -8.43 0.94
C LEU J 290 17.33 -9.01 0.73
N LEU J 291 17.43 -10.16 0.03
CA LEU J 291 18.74 -10.68 -0.33
C LEU J 291 19.53 -9.66 -1.14
N ALA J 292 18.85 -8.92 -2.02
CA ALA J 292 19.52 -7.91 -2.82
C ALA J 292 20.17 -6.85 -1.92
N SER J 293 19.39 -6.29 -1.00
CA SER J 293 19.92 -5.29 -0.08
C SER J 293 21.16 -5.82 0.66
N CYS J 294 21.23 -7.13 0.88
CA CYS J 294 22.45 -7.72 1.41
C CYS J 294 23.59 -7.58 0.42
N MET J 295 23.37 -7.95 -0.84
CA MET J 295 24.41 -7.79 -1.85
C MET J 295 24.86 -6.33 -1.95
N MET J 296 23.91 -5.39 -1.85
CA MET J 296 24.27 -3.99 -1.92
C MET J 296 25.13 -3.60 -0.73
N LEU J 297 24.78 -4.09 0.46
CA LEU J 297 25.63 -3.86 1.63
C LEU J 297 26.98 -4.54 1.47
N ASP J 298 27.00 -5.77 0.93
CA ASP J 298 28.27 -6.44 0.68
C ASP J 298 29.14 -5.67 -0.30
N HIS J 299 28.53 -4.93 -1.23
CA HIS J 299 29.30 -4.11 -2.15
C HIS J 299 29.89 -2.90 -1.45
N LEU J 300 29.14 -2.30 -0.51
CA LEU J 300 29.66 -1.19 0.27
C LEU J 300 30.78 -1.62 1.20
N LYS J 301 31.13 -2.90 1.22
CA LYS J 301 32.10 -3.47 2.16
C LYS J 301 31.64 -3.21 3.61
N LEU J 302 30.39 -3.61 3.88
CA LEU J 302 29.80 -3.57 5.21
C LEU J 302 29.43 -4.96 5.69
N HIS J 303 30.12 -5.99 5.18
CA HIS J 303 29.77 -7.40 5.28
C HIS J 303 29.04 -7.78 6.57
N SER J 304 29.52 -7.25 7.70
CA SER J 304 28.90 -7.49 9.00
C SER J 304 27.38 -7.35 8.92
N TYR J 305 26.91 -6.19 8.46
CA TYR J 305 25.48 -5.96 8.36
C TYR J 305 24.86 -6.86 7.31
N ALA J 306 25.53 -7.03 6.17
CA ALA J 306 25.09 -7.98 5.17
C ALA J 306 24.98 -9.37 5.76
N THR J 307 26.09 -9.89 6.28
CA THR J 307 26.10 -11.24 6.85
C THR J 307 25.09 -11.37 7.98
N SER J 308 24.90 -10.30 8.74
CA SER J 308 23.90 -10.33 9.81
C SER J 308 22.49 -10.49 9.23
N ILE J 309 22.11 -9.59 8.32
CA ILE J 309 20.78 -9.66 7.73
C ILE J 309 20.66 -10.87 6.80
N ARG J 310 21.78 -11.31 6.20
CA ARG J 310 21.75 -12.49 5.36
C ARG J 310 21.31 -13.73 6.14
N LYS J 311 22.04 -14.06 7.21
CA LYS J 311 21.63 -15.18 8.06
C LYS J 311 20.32 -14.92 8.79
N ALA J 312 19.79 -13.70 8.73
CA ALA J 312 18.52 -13.42 9.39
C ALA J 312 17.34 -13.90 8.54
N VAL J 313 17.34 -13.57 7.24
CA VAL J 313 16.20 -13.92 6.40
C VAL J 313 16.19 -15.42 6.09
N LEU J 314 17.36 -15.99 5.73
CA LEU J 314 17.39 -17.42 5.48
C LEU J 314 17.13 -18.22 6.74
N ALA J 315 17.13 -17.59 7.91
CA ALA J 315 16.72 -18.29 9.13
C ALA J 315 15.22 -18.17 9.33
N SER J 316 14.68 -16.95 9.17
CA SER J 316 13.23 -16.78 9.29
C SER J 316 12.48 -17.51 8.20
N MET J 317 13.04 -17.55 6.98
CA MET J 317 12.43 -18.29 5.89
C MET J 317 12.49 -19.81 6.11
N ASP J 318 13.14 -20.28 7.18
CA ASP J 318 13.14 -21.70 7.51
C ASP J 318 11.84 -22.18 8.11
N ASN J 319 10.88 -21.29 8.34
CA ASN J 319 9.59 -21.66 8.92
C ASN J 319 8.53 -21.57 7.85
N GLU J 320 7.69 -22.60 7.75
CA GLU J 320 6.68 -22.64 6.70
C GLU J 320 5.59 -21.60 6.93
N ASN J 321 5.38 -21.17 8.17
CA ASN J 321 4.37 -20.16 8.45
C ASN J 321 4.77 -18.77 7.95
N MET J 322 6.02 -18.56 7.57
CA MET J 322 6.47 -17.27 7.08
C MET J 322 6.68 -17.26 5.57
N HIS J 323 6.34 -18.34 4.89
CA HIS J 323 6.35 -18.37 3.43
C HIS J 323 5.23 -17.49 2.88
N THR J 324 5.49 -16.89 1.72
CA THR J 324 4.51 -16.08 1.03
C THR J 324 3.88 -16.87 -0.11
N PRO J 325 2.71 -16.43 -0.61
CA PRO J 325 1.97 -17.29 -1.56
C PRO J 325 2.74 -17.70 -2.80
N ASP J 326 3.61 -16.83 -3.33
CA ASP J 326 4.27 -17.12 -4.60
C ASP J 326 5.10 -18.39 -4.55
N ILE J 327 5.39 -18.92 -3.36
CA ILE J 327 6.04 -20.22 -3.22
C ILE J 327 5.12 -21.28 -2.61
N GLY J 328 3.94 -20.89 -2.12
CA GLY J 328 2.97 -21.85 -1.62
C GLY J 328 2.70 -21.72 -0.13
N GLY J 329 2.85 -20.52 0.41
CA GLY J 329 2.66 -20.27 1.83
C GLY J 329 1.39 -19.46 2.11
N GLN J 330 1.06 -19.39 3.39
CA GLN J 330 -0.12 -18.67 3.86
C GLN J 330 0.22 -17.39 4.58
N GLY J 331 1.49 -17.00 4.62
CA GLY J 331 1.93 -15.88 5.42
C GLY J 331 1.83 -14.54 4.73
N THR J 332 2.08 -13.48 5.50
CA THR J 332 1.99 -12.11 5.04
C THR J 332 3.31 -11.40 5.29
N THR J 333 3.59 -10.40 4.43
CA THR J 333 4.87 -9.68 4.53
C THR J 333 5.00 -8.97 5.88
N SER J 334 3.89 -8.42 6.40
CA SER J 334 3.88 -7.81 7.72
C SER J 334 4.56 -8.71 8.73
N GLU J 335 4.14 -9.98 8.76
CA GLU J 335 4.75 -10.94 9.66
C GLU J 335 6.19 -11.24 9.26
N ALA J 336 6.41 -11.60 7.98
CA ALA J 336 7.72 -12.03 7.53
C ALA J 336 8.80 -11.01 7.87
N ILE J 337 8.57 -9.75 7.50
CA ILE J 337 9.55 -8.71 7.81
C ILE J 337 9.78 -8.63 9.31
N GLN J 338 8.70 -8.53 10.08
CA GLN J 338 8.87 -8.40 11.53
C GLN J 338 9.31 -9.71 12.17
N ASP J 339 9.08 -10.85 11.51
CA ASP J 339 9.68 -12.09 11.99
C ASP J 339 11.17 -12.13 11.73
N VAL J 340 11.61 -11.70 10.54
CA VAL J 340 13.03 -11.45 10.39
C VAL J 340 13.46 -10.41 11.41
N ILE J 341 12.71 -9.30 11.52
CA ILE J 341 13.03 -8.26 12.49
C ILE J 341 13.25 -8.80 13.89
N ARG J 342 12.76 -10.02 14.18
CA ARG J 342 13.05 -10.64 15.47
C ARG J 342 14.47 -11.22 15.51
N HIS J 343 14.88 -12.00 14.51
CA HIS J 343 16.21 -12.61 14.55
C HIS J 343 17.36 -11.62 14.21
N ILE J 344 17.00 -10.38 14.39
CA ILE J 344 17.76 -9.24 14.11
C ILE J 344 18.94 -9.16 15.05
N ARG J 345 18.71 -9.51 16.30
CA ARG J 345 19.73 -9.47 17.33
C ARG J 345 19.74 -8.01 17.70
N VAL J 346 20.54 -7.64 18.68
CA VAL J 346 20.60 -6.24 19.10
C VAL J 346 22.02 -5.72 19.29
N ILE J 347 22.69 -5.42 18.18
CA ILE J 347 24.04 -4.92 18.26
C ILE J 347 23.94 -3.59 18.97
N ASN J 348 24.97 -3.24 19.73
CA ASN J 348 24.88 -1.94 20.44
C ASN J 348 23.49 -1.93 21.09
N GLY J 349 22.66 -0.91 20.84
CA GLY J 349 21.32 -0.88 21.44
C GLY J 349 21.36 -1.05 22.95
N GLY K 3 -10.85 10.69 -78.55
CA GLY K 3 -11.24 12.08 -78.57
C GLY K 3 -10.32 12.95 -77.75
N VAL K 4 -10.88 13.68 -76.79
CA VAL K 4 -10.08 14.47 -75.85
C VAL K 4 -9.76 13.60 -74.65
N GLN K 5 -8.79 14.03 -73.84
CA GLN K 5 -8.35 13.25 -72.68
C GLN K 5 -8.11 14.20 -71.52
N THR K 6 -8.34 13.68 -70.31
CA THR K 6 -8.13 14.44 -69.08
C THR K 6 -6.81 13.99 -68.46
N VAL K 7 -5.92 14.95 -68.20
CA VAL K 7 -4.61 14.70 -67.61
C VAL K 7 -4.53 15.47 -66.30
N THR K 8 -4.24 14.77 -65.22
CA THR K 8 -4.03 15.44 -63.93
C THR K 8 -2.80 16.33 -64.01
N LEU K 9 -2.99 17.61 -63.74
CA LEU K 9 -1.92 18.58 -63.78
C LEU K 9 -1.68 19.13 -62.38
N ILE K 10 -0.42 19.47 -62.09
CA ILE K 10 -0.04 20.03 -60.80
C ILE K 10 0.89 21.22 -61.03
N PRO K 11 0.59 22.38 -60.47
CA PRO K 11 1.49 23.52 -60.64
C PRO K 11 2.68 23.47 -59.69
N GLY K 12 2.50 22.84 -58.52
CA GLY K 12 3.54 22.77 -57.53
C GLY K 12 3.84 24.06 -56.81
N ASP K 13 5.12 24.41 -56.69
CA ASP K 13 5.52 25.60 -55.95
C ASP K 13 6.62 26.33 -56.72
N GLY K 14 6.68 27.65 -56.51
CA GLY K 14 7.76 28.46 -57.07
C GLY K 14 7.41 28.99 -58.46
N ILE K 15 8.26 28.70 -59.43
CA ILE K 15 8.05 29.09 -60.82
C ILE K 15 7.17 28.05 -61.51
N GLY K 16 6.56 27.17 -60.71
CA GLY K 16 5.76 26.08 -61.21
C GLY K 16 4.65 26.49 -62.16
N PRO K 17 3.61 27.16 -61.62
CA PRO K 17 2.46 27.50 -62.48
C PRO K 17 2.84 28.38 -63.66
N GLU K 18 3.81 29.28 -63.46
CA GLU K 18 4.20 30.21 -64.51
C GLU K 18 4.62 29.48 -65.79
N ILE K 19 5.40 28.42 -65.64
CA ILE K 19 5.77 27.61 -66.81
C ILE K 19 4.72 26.54 -67.10
N SER K 20 4.00 26.08 -66.08
CA SER K 20 2.92 25.11 -66.31
C SER K 20 1.88 25.70 -67.26
N ALA K 21 1.35 26.88 -66.90
CA ALA K 21 0.34 27.50 -67.73
C ALA K 21 0.86 27.76 -69.15
N ALA K 22 2.14 28.13 -69.27
CA ALA K 22 2.71 28.37 -70.59
C ALA K 22 2.60 27.14 -71.47
N VAL K 23 2.85 25.95 -70.92
CA VAL K 23 2.66 24.72 -71.67
C VAL K 23 1.19 24.53 -72.03
N MET K 24 0.28 24.88 -71.10
CA MET K 24 -1.14 24.69 -71.33
C MET K 24 -1.61 25.46 -72.56
N LYS K 25 -1.08 26.67 -72.77
CA LYS K 25 -1.40 27.39 -73.99
C LYS K 25 -0.56 26.89 -75.17
N ILE K 26 0.66 26.42 -74.90
CA ILE K 26 1.47 25.81 -75.96
C ILE K 26 0.79 24.55 -76.48
N PHE K 27 0.12 23.81 -75.60
CA PHE K 27 -0.73 22.71 -76.04
C PHE K 27 -1.93 23.23 -76.82
N ASP K 28 -2.64 24.20 -76.25
CA ASP K 28 -3.76 24.83 -76.94
C ASP K 28 -3.32 25.52 -78.23
N ALA K 29 -2.04 25.91 -78.31
CA ALA K 29 -1.54 26.56 -79.52
C ALA K 29 -1.61 25.62 -80.72
N ALA K 30 -1.34 24.34 -80.52
CA ALA K 30 -1.59 23.33 -81.53
C ALA K 30 -2.92 22.61 -81.30
N LYS K 31 -3.73 23.13 -80.39
CA LYS K 31 -5.02 22.54 -80.03
C LYS K 31 -4.83 21.08 -79.63
N ALA K 32 -4.31 20.86 -78.42
CA ALA K 32 -4.04 19.49 -77.99
C ALA K 32 -5.29 18.85 -77.42
N PRO K 33 -5.54 17.55 -77.73
CA PRO K 33 -6.74 16.88 -77.24
C PRO K 33 -6.66 16.55 -75.76
N ILE K 34 -6.27 17.54 -74.96
CA ILE K 34 -5.91 17.33 -73.56
C ILE K 34 -6.79 18.22 -72.70
N GLN K 35 -7.38 17.62 -71.67
CA GLN K 35 -8.09 18.33 -70.62
C GLN K 35 -7.25 18.28 -69.35
N TRP K 36 -7.29 19.36 -68.57
CA TRP K 36 -6.48 19.48 -67.37
C TRP K 36 -7.36 19.49 -66.13
N GLU K 37 -6.77 19.06 -65.01
CA GLU K 37 -7.46 19.04 -63.72
C GLU K 37 -6.43 19.40 -62.65
N GLU K 38 -6.41 20.67 -62.26
CA GLU K 38 -5.40 21.17 -61.34
C GLU K 38 -5.59 20.58 -59.95
N ARG K 39 -4.53 19.98 -59.42
CA ARG K 39 -4.53 19.39 -58.09
C ARG K 39 -3.26 19.79 -57.36
N ASN K 40 -3.34 19.85 -56.04
CA ASN K 40 -2.14 19.99 -55.21
C ASN K 40 -1.83 18.64 -54.58
N VAL K 41 -0.60 18.49 -54.10
CA VAL K 41 -0.17 17.24 -53.49
C VAL K 41 0.64 17.48 -52.23
N THR K 42 0.64 18.73 -51.74
CA THR K 42 1.34 19.04 -50.51
C THR K 42 0.93 18.07 -49.40
N ALA K 43 1.93 17.60 -48.66
CA ALA K 43 1.76 16.41 -47.80
C ALA K 43 0.95 16.76 -46.56
N ILE K 44 -0.27 16.25 -46.49
CA ILE K 44 -1.10 16.39 -45.31
C ILE K 44 -0.66 15.36 -44.28
N GLN K 45 -1.21 15.45 -43.08
CA GLN K 45 -0.96 14.47 -42.02
C GLN K 45 -2.16 13.55 -41.90
N GLY K 46 -1.91 12.24 -41.86
CA GLY K 46 -2.97 11.26 -41.74
C GLY K 46 -3.30 10.95 -40.30
N PRO K 47 -4.07 9.88 -40.09
CA PRO K 47 -4.45 9.49 -38.71
C PRO K 47 -3.30 8.88 -37.91
N GLY K 48 -2.40 9.73 -37.44
CA GLY K 48 -1.33 9.26 -36.56
C GLY K 48 0.05 9.75 -36.93
N GLY K 49 0.17 10.40 -38.08
CA GLY K 49 1.45 10.88 -38.54
C GLY K 49 1.33 11.53 -39.91
N LYS K 50 2.46 12.02 -40.40
CA LYS K 50 2.54 12.69 -41.70
C LYS K 50 2.95 11.64 -42.73
N TRP K 51 1.97 11.10 -43.45
CA TRP K 51 2.21 9.97 -44.33
C TRP K 51 1.12 9.73 -45.38
N MET K 52 0.53 10.79 -45.92
CA MET K 52 -0.36 10.63 -47.07
C MET K 52 -0.55 11.98 -47.74
N ILE K 53 -0.81 11.91 -49.05
CA ILE K 53 -1.01 13.07 -49.92
C ILE K 53 -2.49 13.44 -49.88
N PRO K 54 -2.90 14.57 -50.49
CA PRO K 54 -4.33 14.82 -50.66
C PRO K 54 -5.04 13.68 -51.38
N SER K 55 -6.09 13.14 -50.74
CA SER K 55 -6.85 12.05 -51.35
C SER K 55 -7.53 12.50 -52.64
N GLU K 56 -7.81 13.80 -52.77
CA GLU K 56 -8.35 14.33 -54.02
C GLU K 56 -7.44 14.03 -55.19
N ALA K 57 -6.13 14.04 -54.97
CA ALA K 57 -5.18 13.79 -56.04
C ALA K 57 -5.17 12.33 -56.47
N LYS K 58 -5.23 11.40 -55.51
CA LYS K 58 -5.13 9.98 -55.83
C LYS K 58 -6.21 9.55 -56.81
N GLU K 59 -7.48 9.85 -56.48
CA GLU K 59 -8.59 9.50 -57.37
C GLU K 59 -8.39 10.07 -58.77
N SER K 60 -7.92 11.31 -58.86
CA SER K 60 -7.64 11.92 -60.16
C SER K 60 -6.63 11.10 -60.95
N MET K 61 -5.47 10.84 -60.35
CA MET K 61 -4.47 10.02 -61.02
C MET K 61 -4.97 8.58 -61.22
N ASP K 62 -5.77 8.07 -60.29
CA ASP K 62 -6.34 6.75 -60.45
C ASP K 62 -7.41 6.68 -61.53
N LYS K 63 -7.77 7.81 -62.14
CA LYS K 63 -8.75 7.85 -63.21
C LYS K 63 -8.18 8.45 -64.48
N ASN K 64 -7.47 9.57 -64.39
CA ASN K 64 -6.84 10.16 -65.56
C ASN K 64 -5.70 9.30 -66.08
N LYS K 65 -5.08 8.52 -65.18
CA LYS K 65 -4.03 7.54 -65.52
C LYS K 65 -2.75 8.20 -65.98
N MET K 66 -2.80 9.49 -66.33
CA MET K 66 -1.63 10.26 -66.73
C MET K 66 -1.57 11.54 -65.91
N GLY K 67 -0.37 12.10 -65.81
CA GLY K 67 -0.19 13.30 -65.03
C GLY K 67 1.09 14.03 -65.39
N LEU K 68 1.11 15.31 -65.04
CA LEU K 68 2.26 16.17 -65.24
C LEU K 68 2.53 16.93 -63.94
N LYS K 69 3.78 17.29 -63.70
CA LYS K 69 4.16 17.91 -62.43
C LYS K 69 5.41 18.77 -62.62
N GLY K 70 5.36 19.97 -62.06
CA GLY K 70 6.50 20.86 -62.09
C GLY K 70 7.37 20.68 -60.86
N PRO K 71 8.14 21.69 -60.51
CA PRO K 71 8.95 21.62 -59.29
C PRO K 71 8.12 21.90 -58.05
N LEU K 72 8.54 21.27 -56.95
CA LEU K 72 7.87 21.50 -55.65
C LEU K 72 8.94 21.59 -54.55
N LYS K 73 8.77 22.54 -53.64
CA LYS K 73 9.77 22.76 -52.56
C LYS K 73 9.86 21.52 -51.68
N THR K 74 11.07 21.25 -51.21
CA THR K 74 11.37 20.13 -50.29
C THR K 74 10.62 20.36 -48.99
N PRO K 75 10.15 19.32 -48.29
CA PRO K 75 9.33 19.52 -47.10
C PRO K 75 10.13 20.27 -46.05
N ILE K 76 9.51 21.27 -45.42
CA ILE K 76 10.16 22.09 -44.37
C ILE K 76 10.44 21.25 -43.12
N ALA K 77 9.46 20.45 -42.67
CA ALA K 77 9.67 19.67 -41.43
C ALA K 77 10.71 18.58 -41.68
N ALA K 78 11.70 18.48 -40.81
CA ALA K 78 12.76 17.45 -40.94
C ALA K 78 12.15 16.06 -40.78
N GLY K 79 11.16 15.93 -39.89
CA GLY K 79 10.43 14.70 -39.54
C GLY K 79 9.49 14.19 -40.62
N HIS K 80 9.23 15.01 -41.64
CA HIS K 80 8.35 14.62 -42.77
C HIS K 80 9.08 13.73 -43.76
N PRO K 81 8.36 13.17 -44.74
CA PRO K 81 8.90 12.26 -45.71
C PRO K 81 9.06 13.01 -47.04
N SER K 82 9.93 12.52 -47.89
CA SER K 82 10.17 13.22 -49.18
C SER K 82 8.87 13.25 -49.95
N MET K 83 8.61 14.38 -50.62
CA MET K 83 7.41 14.52 -51.47
C MET K 83 7.51 13.52 -52.61
N ASN K 84 8.71 13.37 -53.18
CA ASN K 84 8.86 12.49 -54.36
C ASN K 84 8.49 11.05 -54.00
N LEU K 85 8.95 10.53 -52.87
CA LEU K 85 8.66 9.09 -52.63
C LEU K 85 7.16 8.84 -52.51
N LEU K 86 6.47 9.59 -51.66
CA LEU K 86 5.05 9.28 -51.58
C LEU K 86 4.47 8.96 -52.96
N LEU K 87 4.97 9.65 -54.00
CA LEU K 87 4.55 9.34 -55.36
C LEU K 87 5.01 7.94 -55.77
N ARG K 88 6.23 7.57 -55.38
CA ARG K 88 6.75 6.24 -55.68
C ARG K 88 5.86 5.16 -55.08
N LYS K 89 5.56 5.29 -53.79
CA LYS K 89 4.83 4.26 -53.05
C LYS K 89 3.40 4.09 -53.54
N THR K 90 2.57 5.12 -53.34
CA THR K 90 1.14 5.07 -53.62
C THR K 90 0.81 5.01 -55.12
N PHE K 91 1.78 4.78 -56.02
CA PHE K 91 1.46 4.45 -57.39
C PHE K 91 2.35 3.34 -57.93
N ASP K 92 3.15 2.70 -57.06
CA ASP K 92 4.16 1.72 -57.42
C ASP K 92 4.95 2.19 -58.63
N LEU K 93 5.20 3.51 -58.70
CA LEU K 93 6.02 4.07 -59.74
C LEU K 93 7.29 3.27 -59.62
N TYR K 94 7.62 2.51 -60.66
CA TYR K 94 8.70 1.51 -60.55
C TYR K 94 9.79 1.93 -61.54
N ALA K 95 9.45 2.66 -62.60
CA ALA K 95 10.39 2.95 -63.68
C ALA K 95 10.51 4.46 -63.87
N ASN K 96 11.68 5.01 -63.52
CA ASN K 96 12.03 6.39 -63.85
C ASN K 96 12.83 6.38 -65.14
N VAL K 97 12.51 7.33 -66.04
CA VAL K 97 13.11 7.35 -67.37
C VAL K 97 13.49 8.79 -67.71
N ARG K 98 14.79 9.04 -67.89
CA ARG K 98 15.27 10.32 -68.38
C ARG K 98 15.85 10.14 -69.78
N PRO K 99 15.31 10.81 -70.78
CA PRO K 99 15.98 10.90 -72.07
C PRO K 99 16.95 12.07 -72.14
N CYS K 100 18.00 11.89 -72.92
CA CYS K 100 19.04 12.91 -73.06
C CYS K 100 19.52 12.96 -74.49
N VAL K 101 19.30 14.10 -75.14
CA VAL K 101 19.65 14.32 -76.54
C VAL K 101 20.19 15.73 -76.69
N SER K 102 21.24 15.88 -77.50
CA SER K 102 21.82 17.19 -77.77
C SER K 102 20.76 18.14 -78.30
N ILE K 103 20.96 19.44 -78.10
CA ILE K 103 20.03 20.46 -78.56
C ILE K 103 20.66 21.14 -79.77
N GLU K 104 19.91 21.20 -80.87
CA GLU K 104 20.42 21.72 -82.13
C GLU K 104 20.67 23.21 -82.04
N GLY K 105 20.39 23.79 -80.87
CA GLY K 105 20.55 25.21 -80.68
C GLY K 105 21.16 25.60 -79.35
N TYR K 106 21.78 24.66 -78.63
CA TYR K 106 22.39 24.92 -77.34
C TYR K 106 23.84 24.46 -77.40
N LYS K 107 24.78 25.39 -77.20
CA LYS K 107 26.21 25.07 -77.29
C LYS K 107 26.64 24.27 -76.06
N THR K 108 27.02 23.02 -76.30
CA THR K 108 27.49 22.10 -75.27
C THR K 108 28.72 21.37 -75.80
N PRO K 109 29.65 21.00 -74.93
CA PRO K 109 30.83 20.25 -75.41
C PRO K 109 30.50 18.85 -75.88
N TYR K 110 29.20 18.51 -75.94
CA TYR K 110 28.73 17.15 -76.23
C TYR K 110 27.56 17.22 -77.19
N THR K 111 27.87 17.18 -78.49
CA THR K 111 26.85 17.01 -79.50
C THR K 111 26.68 15.52 -79.78
N ASP K 112 25.73 15.20 -80.67
CA ASP K 112 25.51 13.84 -81.15
C ASP K 112 25.38 12.85 -79.99
N VAL K 113 24.44 13.16 -79.10
CA VAL K 113 24.05 12.23 -78.04
C VAL K 113 22.58 11.89 -78.22
N ASN K 114 22.24 10.66 -77.87
CA ASN K 114 20.87 10.18 -77.99
C ASN K 114 20.72 9.01 -77.01
N ILE K 115 20.65 9.33 -75.72
CA ILE K 115 20.78 8.32 -74.67
C ILE K 115 19.56 8.38 -73.78
N VAL K 116 19.20 7.23 -73.20
CA VAL K 116 18.00 7.09 -72.39
C VAL K 116 18.34 6.24 -71.17
N THR K 117 17.93 6.70 -69.99
CA THR K 117 18.24 6.02 -68.75
C THR K 117 16.97 5.38 -68.19
N ILE K 118 17.07 4.10 -67.82
CA ILE K 118 15.96 3.36 -67.23
C ILE K 118 16.34 3.03 -65.79
N ARG K 119 15.70 3.72 -64.84
CA ARG K 119 16.06 3.65 -63.43
C ARG K 119 15.00 2.84 -62.67
N GLU K 120 15.39 1.81 -61.95
CA GLU K 120 14.34 1.18 -61.13
C GLU K 120 14.29 1.95 -59.81
N ASN K 121 13.18 2.59 -59.51
CA ASN K 121 13.10 3.42 -58.29
C ASN K 121 12.45 2.60 -57.18
N THR K 122 11.99 1.39 -57.48
CA THR K 122 11.28 0.68 -56.42
C THR K 122 12.18 0.36 -55.24
N GLU K 123 13.13 -0.52 -55.48
CA GLU K 123 13.93 -0.99 -54.41
C GLU K 123 15.30 -1.03 -54.92
N GLY K 124 16.21 -1.07 -53.98
CA GLY K 124 17.61 -1.07 -54.25
C GLY K 124 17.97 -0.61 -52.88
N GLU K 125 19.07 0.08 -52.73
CA GLU K 125 19.47 0.57 -51.43
C GLU K 125 18.39 1.52 -50.94
N TYR K 126 17.57 1.92 -51.88
CA TYR K 126 16.57 2.96 -51.53
C TYR K 126 15.79 2.56 -50.30
N SER K 127 15.73 1.31 -49.92
CA SER K 127 14.95 1.02 -48.75
C SER K 127 15.80 1.74 -47.81
N GLY K 128 15.22 2.31 -46.76
CA GLY K 128 16.06 2.98 -45.80
C GLY K 128 16.92 1.90 -45.19
N ILE K 129 16.25 0.82 -44.76
CA ILE K 129 16.87 -0.41 -44.27
C ILE K 129 18.18 -0.13 -43.61
N GLU K 130 18.25 0.67 -42.57
CA GLU K 130 19.62 0.91 -42.12
C GLU K 130 19.77 0.40 -40.69
N HIS K 131 20.99 0.09 -40.33
CA HIS K 131 21.14 -0.48 -38.98
C HIS K 131 22.45 -0.09 -38.34
N VAL K 132 22.39 0.15 -37.04
CA VAL K 132 23.60 0.47 -36.25
C VAL K 132 24.14 -0.86 -35.82
N ILE K 133 25.19 -1.39 -36.43
CA ILE K 133 25.62 -2.71 -35.90
C ILE K 133 26.11 -2.43 -34.49
N VAL K 134 26.92 -1.41 -34.29
CA VAL K 134 27.40 -0.96 -32.94
C VAL K 134 27.77 0.50 -33.09
N ASP K 135 27.89 1.21 -31.97
CA ASP K 135 28.18 2.66 -32.03
C ASP K 135 29.44 2.86 -32.83
N GLY K 136 29.34 3.68 -33.86
CA GLY K 136 30.48 3.91 -34.75
C GLY K 136 30.52 2.95 -35.91
N VAL K 137 29.69 1.92 -35.93
CA VAL K 137 29.76 1.07 -37.16
C VAL K 137 28.36 0.96 -37.74
N VAL K 138 28.15 1.43 -38.94
CA VAL K 138 26.76 1.49 -39.46
C VAL K 138 26.57 0.53 -40.62
N ALA K 139 25.32 0.17 -40.93
CA ALA K 139 25.12 -0.80 -42.01
C ALA K 139 24.23 -0.22 -43.09
N SER K 140 24.55 -0.51 -44.34
CA SER K 140 23.77 0.03 -45.49
C SER K 140 22.93 -1.11 -46.09
N ILE K 141 21.60 -1.01 -46.23
CA ILE K 141 20.93 -2.19 -46.76
C ILE K 141 20.59 -1.95 -48.24
N LYS K 142 21.28 -2.68 -49.11
CA LYS K 142 20.94 -2.79 -50.53
C LYS K 142 20.19 -4.10 -50.75
N LEU K 143 18.97 -4.00 -51.25
CA LEU K 143 18.20 -5.18 -51.60
C LEU K 143 17.86 -5.14 -53.08
N ILE K 144 17.97 -6.30 -53.74
CA ILE K 144 17.60 -6.47 -55.14
C ILE K 144 16.68 -7.67 -55.23
N THR K 145 15.45 -7.44 -55.69
CA THR K 145 14.47 -8.52 -55.79
C THR K 145 14.40 -9.01 -57.24
N GLU K 146 14.39 -10.34 -57.40
CA GLU K 146 14.08 -10.91 -58.71
C GLU K 146 12.79 -10.33 -59.27
N GLY K 147 11.84 -10.01 -58.41
CA GLY K 147 10.56 -9.46 -58.83
C GLY K 147 10.67 -8.15 -59.59
N ALA K 148 11.05 -7.08 -58.88
CA ALA K 148 11.10 -5.77 -59.52
C ALA K 148 12.15 -5.72 -60.62
N SER K 149 13.20 -6.55 -60.51
CA SER K 149 14.26 -6.55 -61.51
C SER K 149 13.76 -7.06 -62.86
N LYS K 150 13.00 -8.17 -62.86
CA LYS K 150 12.37 -8.60 -64.11
C LYS K 150 11.44 -7.52 -64.64
N ARG K 151 10.74 -6.82 -63.73
CA ARG K 151 9.72 -5.86 -64.12
C ARG K 151 10.34 -4.66 -64.84
N ILE K 152 11.41 -4.10 -64.28
CA ILE K 152 12.04 -2.93 -64.89
C ILE K 152 12.70 -3.30 -66.20
N ALA K 153 13.38 -4.45 -66.25
CA ALA K 153 13.99 -4.90 -67.50
C ALA K 153 12.91 -5.16 -68.55
N GLU K 154 11.81 -5.81 -68.16
CA GLU K 154 10.68 -5.99 -69.08
C GLU K 154 10.21 -4.66 -69.63
N PHE K 155 10.01 -3.67 -68.75
CA PHE K 155 9.57 -2.36 -69.23
C PHE K 155 10.61 -1.75 -70.16
N ALA K 156 11.90 -1.91 -69.83
CA ALA K 156 12.95 -1.24 -70.59
C ALA K 156 12.88 -1.60 -72.06
N PHE K 157 12.77 -2.90 -72.37
CA PHE K 157 12.74 -3.33 -73.76
C PHE K 157 11.52 -2.78 -74.50
N GLU K 158 10.37 -2.73 -73.83
CA GLU K 158 9.17 -2.20 -74.46
C GLU K 158 9.40 -0.77 -74.94
N TYR K 159 10.07 0.06 -74.14
CA TYR K 159 10.40 1.40 -74.59
C TYR K 159 11.24 1.37 -75.86
N ALA K 160 12.35 0.61 -75.83
CA ALA K 160 13.19 0.50 -77.02
C ALA K 160 12.40 -0.03 -78.21
N ARG K 161 11.39 -0.88 -77.94
CA ARG K 161 10.54 -1.41 -78.98
C ARG K 161 9.43 -0.42 -79.35
N ASN K 162 8.93 0.34 -78.37
CA ASN K 162 7.87 1.33 -78.57
C ASN K 162 8.40 2.68 -79.04
N ASN K 163 9.70 2.92 -78.88
CA ASN K 163 10.31 4.15 -79.41
C ASN K 163 11.43 3.83 -80.39
N HIS K 164 11.41 2.64 -80.98
CA HIS K 164 12.21 2.27 -82.14
C HIS K 164 13.69 2.58 -81.90
N ARG K 165 14.23 1.91 -80.89
CA ARG K 165 15.63 2.02 -80.50
C ARG K 165 16.36 0.74 -80.85
N SER K 166 17.64 0.88 -81.20
CA SER K 166 18.43 -0.18 -81.81
C SER K 166 19.02 -1.17 -80.80
N ASN K 167 19.68 -0.66 -79.76
CA ASN K 167 20.36 -1.51 -78.80
C ASN K 167 20.00 -1.11 -77.38
N VAL K 168 20.15 -2.05 -76.46
CA VAL K 168 19.91 -1.81 -75.04
C VAL K 168 21.09 -2.37 -74.26
N THR K 169 21.73 -1.52 -73.46
CA THR K 169 22.86 -1.94 -72.64
C THR K 169 22.47 -1.95 -71.18
N ALA K 170 22.77 -3.05 -70.50
CA ALA K 170 22.54 -3.15 -69.07
C ALA K 170 23.81 -2.76 -68.33
N VAL K 171 23.68 -1.84 -67.40
CA VAL K 171 24.81 -1.36 -66.61
C VAL K 171 24.72 -1.99 -65.23
N HIS K 172 25.86 -2.41 -64.70
CA HIS K 172 25.88 -3.19 -63.47
C HIS K 172 27.26 -3.11 -62.84
N LYS K 173 27.36 -3.67 -61.63
CA LYS K 173 28.64 -3.97 -60.99
C LYS K 173 28.59 -5.43 -60.51
N ALA K 174 28.37 -6.33 -61.47
CA ALA K 174 28.29 -7.76 -61.21
C ALA K 174 29.52 -8.23 -60.45
N ASN K 175 30.68 -8.20 -61.11
CA ASN K 175 31.96 -8.65 -60.57
C ASN K 175 32.11 -8.49 -59.06
N ILE K 176 31.85 -7.29 -58.53
CA ILE K 176 32.12 -7.01 -57.13
C ILE K 176 30.96 -7.49 -56.26
N MET K 177 29.81 -6.85 -56.37
CA MET K 177 28.60 -7.26 -55.65
C MET K 177 27.96 -8.43 -56.42
N ARG K 178 28.62 -9.58 -56.35
CA ARG K 178 28.35 -10.66 -57.30
C ARG K 178 26.93 -11.21 -57.17
N MET K 179 26.33 -11.11 -55.98
CA MET K 179 25.04 -11.74 -55.75
C MET K 179 23.88 -10.81 -56.09
N SER K 180 23.93 -9.57 -55.61
CA SER K 180 22.83 -8.63 -55.82
C SER K 180 22.79 -8.17 -57.27
N ASP K 181 23.83 -7.47 -57.71
CA ASP K 181 23.90 -7.04 -59.10
C ASP K 181 23.83 -8.23 -60.06
N GLY K 182 24.51 -9.32 -59.71
CA GLY K 182 24.53 -10.47 -60.60
C GLY K 182 23.16 -11.05 -60.86
N LEU K 183 22.36 -11.20 -59.78
CA LEU K 183 20.99 -11.68 -59.95
C LEU K 183 20.18 -10.75 -60.82
N PHE K 184 20.43 -9.44 -60.75
CA PHE K 184 19.70 -8.49 -61.58
C PHE K 184 20.18 -8.55 -63.03
N LEU K 185 21.47 -8.73 -63.25
CA LEU K 185 21.97 -9.00 -64.60
C LEU K 185 21.44 -10.34 -65.10
N GLN K 186 21.56 -11.39 -64.28
CA GLN K 186 21.01 -12.69 -64.63
C GLN K 186 19.54 -12.59 -65.01
N LYS K 187 18.82 -11.64 -64.43
CA LYS K 187 17.43 -11.41 -64.81
C LYS K 187 17.31 -10.59 -66.09
N CYS K 188 18.20 -9.61 -66.28
CA CYS K 188 18.25 -8.87 -67.55
C CYS K 188 18.42 -9.83 -68.70
N ARG K 189 19.44 -10.69 -68.62
CA ARG K 189 19.73 -11.66 -69.68
C ARG K 189 18.50 -12.47 -70.03
N GLU K 190 17.73 -12.88 -69.02
CA GLU K 190 16.55 -13.70 -69.27
C GLU K 190 15.55 -12.96 -70.15
N VAL K 191 15.29 -11.69 -69.85
CA VAL K 191 14.36 -10.91 -70.67
C VAL K 191 14.87 -10.78 -72.09
N ALA K 192 16.17 -10.51 -72.23
CA ALA K 192 16.76 -10.32 -73.56
C ALA K 192 16.78 -11.60 -74.38
N GLU K 193 16.66 -12.76 -73.74
CA GLU K 193 16.53 -14.01 -74.49
C GLU K 193 15.28 -14.03 -75.34
N SER K 194 14.23 -13.31 -74.91
CA SER K 194 12.99 -13.25 -75.67
C SER K 194 13.06 -12.25 -76.80
N CYS K 195 13.68 -11.09 -76.57
CA CYS K 195 13.67 -9.98 -77.51
C CYS K 195 14.98 -9.92 -78.30
N LYS K 196 15.16 -10.94 -79.14
CA LYS K 196 16.34 -11.02 -80.00
C LYS K 196 16.24 -9.97 -81.09
N ASP K 197 15.12 -9.27 -81.11
CA ASP K 197 14.92 -8.14 -82.00
C ASP K 197 15.58 -6.87 -81.49
N ILE K 198 16.04 -6.85 -80.23
CA ILE K 198 16.74 -5.70 -79.66
C ILE K 198 18.13 -6.16 -79.25
N LYS K 199 19.16 -5.55 -79.83
CA LYS K 199 20.51 -5.99 -79.55
C LYS K 199 20.92 -5.60 -78.13
N PHE K 200 21.57 -6.53 -77.44
CA PHE K 200 21.82 -6.40 -76.01
C PHE K 200 23.29 -6.59 -75.69
N ASN K 201 23.78 -5.79 -74.73
CA ASN K 201 25.14 -5.91 -74.23
C ASN K 201 25.15 -5.52 -72.75
N GLU K 202 26.16 -5.98 -72.03
CA GLU K 202 26.35 -5.66 -70.63
C GLU K 202 27.65 -4.89 -70.47
N MET K 203 27.65 -3.90 -69.58
CA MET K 203 28.86 -3.15 -69.29
C MET K 203 28.88 -2.74 -67.83
N TYR K 204 30.08 -2.76 -67.25
CA TYR K 204 30.26 -2.41 -65.85
C TYR K 204 30.12 -0.90 -65.66
N LEU K 205 29.66 -0.50 -64.48
CA LEU K 205 29.27 0.89 -64.26
C LEU K 205 30.45 1.84 -64.47
N ASP K 206 31.58 1.56 -63.83
CA ASP K 206 32.77 2.37 -64.02
C ASP K 206 33.11 2.49 -65.50
N THR K 207 33.23 1.34 -66.18
CA THR K 207 33.52 1.34 -67.61
C THR K 207 32.48 2.09 -68.42
N VAL K 208 31.26 2.23 -67.92
CA VAL K 208 30.29 3.08 -68.59
C VAL K 208 30.59 4.55 -68.30
N CYS K 209 30.73 4.90 -67.02
CA CYS K 209 30.97 6.30 -66.67
C CYS K 209 32.22 6.86 -67.34
N LEU K 210 33.21 6.01 -67.60
CA LEU K 210 34.37 6.51 -68.33
C LEU K 210 33.95 6.79 -69.77
N ASN K 211 33.57 5.75 -70.50
CA ASN K 211 33.28 5.92 -71.92
C ASN K 211 32.10 6.83 -72.19
N MET K 212 31.22 7.05 -71.20
CA MET K 212 30.13 8.01 -71.38
C MET K 212 30.68 9.39 -71.71
N VAL K 213 31.67 9.84 -70.94
CA VAL K 213 32.15 11.21 -71.08
C VAL K 213 32.98 11.41 -72.35
N GLN K 214 33.67 10.38 -72.81
CA GLN K 214 34.53 10.57 -73.97
C GLN K 214 33.78 10.51 -75.30
N ASP K 215 32.63 9.83 -75.34
CA ASP K 215 32.00 9.50 -76.60
C ASP K 215 30.59 8.95 -76.36
N PRO K 216 29.62 9.81 -76.02
CA PRO K 216 28.26 9.30 -75.73
C PRO K 216 27.56 8.69 -76.93
N SER K 217 28.04 8.94 -78.15
CA SER K 217 27.35 8.43 -79.33
C SER K 217 27.26 6.91 -79.35
N GLN K 218 28.09 6.22 -78.58
CA GLN K 218 28.12 4.76 -78.62
C GLN K 218 27.06 4.11 -77.76
N PHE K 219 26.16 4.88 -77.16
CA PHE K 219 25.12 4.33 -76.30
C PHE K 219 23.74 4.57 -76.88
N ASP K 220 22.80 3.69 -76.50
CA ASP K 220 21.40 3.84 -76.90
C ASP K 220 20.54 4.06 -75.67
N VAL K 221 20.08 2.97 -75.04
CA VAL K 221 19.32 3.07 -73.80
C VAL K 221 20.00 2.21 -72.75
N LEU K 222 19.91 2.66 -71.49
CA LEU K 222 20.67 2.09 -70.39
C LEU K 222 19.74 1.75 -69.23
N VAL K 223 19.89 0.53 -68.71
CA VAL K 223 19.10 0.03 -67.59
C VAL K 223 20.04 -0.36 -66.46
N MET K 224 19.65 -0.04 -65.23
CA MET K 224 20.50 -0.32 -64.08
C MET K 224 19.62 -0.33 -62.83
N PRO K 225 20.14 -0.85 -61.69
CA PRO K 225 19.40 -0.75 -60.43
C PRO K 225 19.21 0.68 -59.95
N ASN K 226 18.70 0.84 -58.73
CA ASN K 226 18.17 2.12 -58.29
C ASN K 226 19.27 3.16 -58.13
N LEU K 227 20.29 2.86 -57.31
CA LEU K 227 21.31 3.86 -57.01
C LEU K 227 22.02 4.32 -58.28
N TYR K 228 22.53 3.37 -59.06
CA TYR K 228 23.19 3.74 -60.32
C TYR K 228 22.28 4.61 -61.18
N GLY K 229 20.97 4.51 -61.00
CA GLY K 229 20.05 5.38 -61.70
C GLY K 229 20.23 6.84 -61.35
N ASP K 230 19.80 7.23 -60.15
CA ASP K 230 19.66 8.63 -59.76
C ASP K 230 20.97 9.40 -59.87
N ILE K 231 22.07 8.71 -60.22
CA ILE K 231 23.33 9.42 -60.39
C ILE K 231 23.88 9.26 -61.81
N LEU K 232 23.51 8.18 -62.51
CA LEU K 232 23.89 8.13 -63.92
C LEU K 232 22.91 8.92 -64.77
N SER K 233 21.67 9.04 -64.32
CA SER K 233 20.72 9.89 -65.02
C SER K 233 21.19 11.34 -64.98
N ASP K 234 21.54 11.84 -63.80
CA ASP K 234 21.95 13.24 -63.67
C ASP K 234 23.27 13.50 -64.39
N LEU K 235 24.13 12.49 -64.49
CA LEU K 235 25.38 12.66 -65.24
C LEU K 235 25.08 12.97 -66.70
N CYS K 236 24.37 12.06 -67.37
CA CYS K 236 23.98 12.27 -68.75
C CYS K 236 23.27 13.61 -68.93
N ALA K 237 22.29 13.89 -68.06
CA ALA K 237 21.53 15.13 -68.13
C ALA K 237 22.46 16.34 -68.17
N GLY K 238 23.60 16.27 -67.47
CA GLY K 238 24.54 17.38 -67.52
C GLY K 238 25.07 17.63 -68.93
N LEU K 239 25.18 16.58 -69.73
CA LEU K 239 25.79 16.69 -71.03
C LEU K 239 24.96 17.48 -72.03
N ILE K 240 23.75 17.92 -71.66
CA ILE K 240 22.93 18.71 -72.56
C ILE K 240 22.28 19.88 -71.83
N GLY K 241 23.00 20.50 -70.90
CA GLY K 241 22.55 21.73 -70.29
C GLY K 241 21.97 21.64 -68.91
N GLY K 242 22.07 20.47 -68.26
CA GLY K 242 21.60 20.31 -66.90
C GLY K 242 20.10 20.13 -66.80
N LEU K 243 19.63 20.27 -65.55
CA LEU K 243 18.24 19.96 -65.22
C LEU K 243 17.24 20.90 -65.85
N GLY K 244 17.67 22.06 -66.36
CA GLY K 244 16.79 23.02 -67.00
C GLY K 244 16.27 22.61 -68.35
N VAL K 245 16.75 21.49 -68.90
CA VAL K 245 16.38 21.06 -70.24
C VAL K 245 16.36 19.54 -70.30
N THR K 246 15.67 18.90 -69.35
CA THR K 246 15.63 17.45 -69.31
C THR K 246 14.26 16.94 -68.89
N PRO K 247 13.56 16.21 -69.76
CA PRO K 247 12.27 15.66 -69.37
C PRO K 247 12.43 14.42 -68.50
N SER K 248 11.41 14.13 -67.70
CA SER K 248 11.45 12.99 -66.80
C SER K 248 10.08 12.33 -66.75
N GLY K 249 10.06 11.02 -66.96
CA GLY K 249 8.84 10.24 -66.83
C GLY K 249 9.02 9.14 -65.81
N ASN K 250 7.90 8.74 -65.19
CA ASN K 250 7.89 7.66 -64.22
C ASN K 250 6.67 6.80 -64.43
N ILE K 251 6.87 5.48 -64.47
CA ILE K 251 5.82 4.52 -64.79
C ILE K 251 5.44 3.75 -63.54
N GLY K 252 4.14 3.51 -63.38
CA GLY K 252 3.62 2.70 -62.30
C GLY K 252 2.65 1.64 -62.79
N ALA K 253 1.91 1.02 -61.87
CA ALA K 253 0.95 0.00 -62.24
C ALA K 253 -0.40 0.63 -62.58
N ASN K 254 -1.26 -0.18 -63.23
CA ASN K 254 -2.56 0.25 -63.73
C ASN K 254 -2.42 1.36 -64.77
N GLY K 255 -1.43 1.22 -65.65
CA GLY K 255 -1.08 2.24 -66.61
C GLY K 255 -0.69 3.60 -66.07
N VAL K 256 -0.74 3.81 -64.75
CA VAL K 256 -0.45 5.12 -64.17
C VAL K 256 0.95 5.56 -64.58
N ALA K 257 1.04 6.78 -65.10
CA ALA K 257 2.32 7.35 -65.51
C ALA K 257 2.36 8.82 -65.10
N ILE K 258 3.52 9.27 -64.65
CA ILE K 258 3.70 10.64 -64.18
C ILE K 258 4.95 11.19 -64.88
N PHE K 259 4.78 12.32 -65.54
CA PHE K 259 5.87 12.98 -66.27
C PHE K 259 6.14 14.30 -65.57
N GLU K 260 7.39 14.55 -65.21
CA GLU K 260 7.69 15.71 -64.38
C GLU K 260 8.97 16.38 -64.88
N SER K 261 9.21 17.58 -64.35
CA SER K 261 10.47 18.27 -64.52
C SER K 261 11.23 18.22 -63.20
N VAL K 262 12.56 18.20 -63.29
CA VAL K 262 13.41 18.09 -62.11
C VAL K 262 14.18 19.36 -61.81
N HIS K 263 14.13 20.37 -62.68
CA HIS K 263 14.92 21.57 -62.47
C HIS K 263 14.53 22.26 -61.16
N GLY K 264 15.51 22.96 -60.58
CA GLY K 264 15.32 23.61 -59.29
C GLY K 264 14.17 24.59 -59.29
N THR K 265 13.32 24.50 -58.24
CA THR K 265 12.14 25.35 -58.12
C THR K 265 12.49 26.84 -58.24
N ALA K 266 13.77 27.20 -58.07
CA ALA K 266 14.33 28.51 -58.32
C ALA K 266 13.42 29.67 -57.91
N PRO K 267 13.16 29.85 -56.61
CA PRO K 267 12.38 31.03 -56.20
C PRO K 267 13.11 32.35 -56.39
N ASP K 268 14.35 32.33 -56.87
CA ASP K 268 15.12 33.56 -57.07
C ASP K 268 14.58 34.39 -58.22
N ILE K 269 13.82 33.79 -59.12
CA ILE K 269 13.30 34.47 -60.30
C ILE K 269 11.81 34.17 -60.44
N ALA K 270 11.14 33.94 -59.31
CA ALA K 270 9.75 33.49 -59.34
C ALA K 270 8.82 34.64 -59.73
N GLY K 271 7.79 34.30 -60.52
CA GLY K 271 6.75 35.24 -60.88
C GLY K 271 7.21 36.46 -61.63
N LYS K 272 8.46 36.45 -62.10
CA LYS K 272 9.03 37.55 -62.86
C LYS K 272 9.05 37.27 -64.36
N ASP K 273 8.39 36.21 -64.80
CA ASP K 273 8.32 35.82 -66.21
C ASP K 273 9.73 35.72 -66.79
N MET K 274 10.49 34.78 -66.22
CA MET K 274 11.90 34.60 -66.57
C MET K 274 12.32 33.14 -66.61
N ALA K 275 11.61 32.24 -65.95
CA ALA K 275 11.98 30.83 -65.92
C ALA K 275 11.95 30.24 -67.33
N ASN K 276 12.50 29.04 -67.47
CA ASN K 276 12.55 28.37 -68.76
C ASN K 276 11.62 27.16 -68.74
N PRO K 277 10.61 27.12 -69.59
CA PRO K 277 9.64 26.02 -69.56
C PRO K 277 9.95 24.86 -70.50
N THR K 278 11.05 24.93 -71.26
CA THR K 278 11.31 23.93 -72.29
C THR K 278 11.44 22.53 -71.68
N ALA K 279 11.96 22.44 -70.46
CA ALA K 279 12.11 21.15 -69.79
C ALA K 279 10.75 20.50 -69.62
N LEU K 280 9.94 21.05 -68.71
CA LEU K 280 8.59 20.56 -68.43
C LEU K 280 7.81 20.30 -69.71
N LEU K 281 8.03 21.15 -70.73
CA LEU K 281 7.43 20.93 -72.03
C LEU K 281 7.80 19.55 -72.58
N LEU K 282 9.10 19.30 -72.74
CA LEU K 282 9.51 18.01 -73.27
C LEU K 282 9.10 16.85 -72.36
N SER K 283 8.86 17.12 -71.07
CA SER K 283 8.22 16.14 -70.22
C SER K 283 6.81 15.83 -70.73
N ALA K 284 6.07 16.88 -71.09
CA ALA K 284 4.76 16.68 -71.70
C ALA K 284 4.90 16.07 -73.09
N VAL K 285 5.96 16.44 -73.83
CA VAL K 285 6.26 15.77 -75.09
C VAL K 285 6.38 14.27 -74.87
N MET K 286 7.04 13.88 -73.77
CA MET K 286 7.07 12.47 -73.40
C MET K 286 5.67 11.95 -73.09
N MET K 287 4.84 12.76 -72.42
CA MET K 287 3.50 12.31 -72.08
C MET K 287 2.72 11.92 -73.34
N LEU K 288 2.80 12.74 -74.39
CA LEU K 288 2.20 12.36 -75.66
C LEU K 288 2.92 11.18 -76.28
N ARG K 289 4.25 11.12 -76.11
CA ARG K 289 5.03 10.00 -76.65
C ARG K 289 4.63 8.69 -76.01
N HIS K 290 4.33 8.71 -74.71
CA HIS K 290 3.91 7.49 -74.03
C HIS K 290 2.44 7.19 -74.28
N MET K 291 1.58 8.23 -74.26
CA MET K 291 0.18 8.00 -74.60
C MET K 291 -0.02 7.70 -76.07
N GLY K 292 0.98 7.94 -76.91
CA GLY K 292 0.94 7.56 -78.31
C GLY K 292 0.39 8.64 -79.23
N LEU K 293 0.90 9.86 -79.10
CA LEU K 293 0.41 11.01 -79.85
C LEU K 293 1.50 11.58 -80.75
N PHE K 294 2.19 10.70 -81.48
CA PHE K 294 3.31 11.13 -82.32
C PHE K 294 2.92 12.28 -83.25
N ASP K 295 1.67 12.30 -83.72
CA ASP K 295 1.25 13.34 -84.64
C ASP K 295 1.22 14.70 -83.97
N HIS K 296 0.67 14.77 -82.75
CA HIS K 296 0.63 16.01 -82.00
C HIS K 296 1.85 16.19 -81.09
N ALA K 297 2.66 15.14 -80.89
CA ALA K 297 3.85 15.26 -80.07
C ALA K 297 5.00 15.88 -80.86
N ALA K 298 5.51 15.15 -81.86
CA ALA K 298 6.67 15.58 -82.61
C ALA K 298 6.50 16.98 -83.18
N ARG K 299 5.27 17.38 -83.50
CA ARG K 299 5.02 18.75 -83.92
C ARG K 299 5.39 19.72 -82.81
N ILE K 300 5.14 19.35 -81.55
CA ILE K 300 5.59 20.18 -80.44
C ILE K 300 7.11 20.10 -80.31
N GLU K 301 7.67 18.92 -80.54
CA GLU K 301 9.12 18.73 -80.37
C GLU K 301 9.90 19.65 -81.29
N ALA K 302 9.54 19.68 -82.58
CA ALA K 302 10.26 20.54 -83.52
C ALA K 302 10.11 22.01 -83.14
N ALA K 303 8.92 22.39 -82.66
CA ALA K 303 8.65 23.78 -82.36
C ALA K 303 9.61 24.31 -81.30
N CYS K 304 9.77 23.57 -80.21
CA CYS K 304 10.74 23.96 -79.20
C CYS K 304 12.16 23.84 -79.73
N PHE K 305 12.45 22.78 -80.47
CA PHE K 305 13.79 22.61 -81.04
C PHE K 305 14.13 23.71 -82.04
N ALA K 306 13.16 24.07 -82.89
CA ALA K 306 13.42 25.09 -83.90
C ALA K 306 13.58 26.47 -83.26
N THR K 307 12.73 26.81 -82.30
CA THR K 307 12.85 28.07 -81.59
C THR K 307 14.27 28.24 -81.03
N ILE K 308 14.84 27.16 -80.53
CA ILE K 308 16.19 27.22 -79.97
C ILE K 308 17.24 27.26 -81.07
N LYS K 309 17.04 26.49 -82.15
CA LYS K 309 17.97 26.50 -83.27
C LYS K 309 18.00 27.82 -84.01
N ASP K 310 17.14 28.78 -83.65
CA ASP K 310 17.07 30.08 -84.30
C ASP K 310 17.98 31.10 -83.63
N GLY K 311 17.98 31.15 -82.30
CA GLY K 311 18.83 32.06 -81.56
C GLY K 311 18.22 33.44 -81.36
N LYS K 312 16.90 33.48 -81.17
CA LYS K 312 16.18 34.74 -80.98
C LYS K 312 15.60 34.83 -79.58
N SER K 313 14.58 34.03 -79.26
CA SER K 313 13.98 34.04 -77.93
C SER K 313 14.75 33.06 -77.05
N LEU K 314 15.57 33.61 -76.15
CA LEU K 314 16.37 32.81 -75.24
C LEU K 314 16.14 33.33 -73.82
N THR K 315 16.29 32.43 -72.85
CA THR K 315 16.11 32.76 -71.45
C THR K 315 17.44 33.05 -70.77
N LYS K 316 17.36 33.57 -69.55
CA LYS K 316 18.56 33.93 -68.80
C LYS K 316 19.40 32.70 -68.47
N ASP K 317 18.76 31.57 -68.17
CA ASP K 317 19.47 30.33 -67.87
C ASP K 317 20.08 29.67 -69.11
N LEU K 318 19.70 30.10 -70.30
CA LEU K 318 20.31 29.62 -71.53
C LEU K 318 21.18 30.68 -72.20
N GLY K 319 21.26 31.88 -71.63
CA GLY K 319 22.13 32.93 -72.11
C GLY K 319 21.44 34.10 -72.77
N GLY K 320 20.11 34.13 -72.79
CA GLY K 320 19.37 35.12 -73.54
C GLY K 320 19.13 36.41 -72.78
N ASN K 321 17.98 37.04 -73.08
CA ASN K 321 17.64 38.32 -72.48
C ASN K 321 16.14 38.57 -72.49
N ALA K 322 15.39 37.72 -73.18
CA ALA K 322 13.95 37.91 -73.32
C ALA K 322 13.25 37.49 -72.03
N LYS K 323 11.91 37.51 -72.05
CA LYS K 323 11.10 37.09 -70.92
C LYS K 323 10.40 35.78 -71.25
N CYS K 324 9.88 35.11 -70.21
CA CYS K 324 9.27 33.81 -70.40
C CYS K 324 8.11 33.87 -71.39
N SER K 325 7.37 34.97 -71.43
CA SER K 325 6.26 35.09 -72.37
C SER K 325 6.74 35.19 -73.80
N ASP K 326 7.87 35.88 -74.02
CA ASP K 326 8.44 35.97 -75.37
C ASP K 326 8.78 34.58 -75.90
N PHE K 327 9.37 33.74 -75.05
CA PHE K 327 9.61 32.35 -75.43
C PHE K 327 8.31 31.59 -75.59
N THR K 328 7.40 31.73 -74.61
CA THR K 328 6.10 31.07 -74.68
C THR K 328 5.41 31.32 -76.01
N GLU K 329 5.46 32.56 -76.49
CA GLU K 329 4.78 32.90 -77.73
C GLU K 329 5.47 32.30 -78.96
N GLU K 330 6.77 32.56 -79.12
CA GLU K 330 7.43 32.19 -80.38
C GLU K 330 7.29 30.71 -80.67
N ILE K 331 7.14 29.88 -79.65
CA ILE K 331 6.80 28.49 -79.90
C ILE K 331 5.38 28.38 -80.45
N CYS K 332 4.41 29.03 -79.78
CA CYS K 332 3.03 28.97 -80.23
C CYS K 332 2.87 29.50 -81.65
N ARG K 333 3.61 30.54 -82.01
CA ARG K 333 3.55 31.05 -83.38
C ARG K 333 4.30 30.15 -84.37
N ARG K 334 5.07 29.20 -83.88
CA ARG K 334 5.72 28.20 -84.72
C ARG K 334 4.89 26.93 -84.88
N VAL K 335 4.02 26.62 -83.90
CA VAL K 335 3.25 25.38 -83.96
C VAL K 335 2.11 25.47 -84.95
N LYS K 336 1.61 26.69 -85.22
CA LYS K 336 0.45 26.83 -86.09
C LYS K 336 0.79 26.49 -87.53
N ASP K 337 1.85 27.09 -88.07
CA ASP K 337 2.23 26.90 -89.47
C ASP K 337 2.91 25.55 -89.71
N LEU K 338 2.28 24.47 -89.22
CA LEU K 338 2.82 23.13 -89.40
C LEU K 338 1.73 22.16 -89.84
N PHE L 15 65.75 1.41 -54.81
CA PHE L 15 66.51 0.24 -55.32
C PHE L 15 65.54 -0.93 -55.55
N PRO L 16 65.18 -1.70 -54.49
CA PRO L 16 64.26 -2.83 -54.64
C PRO L 16 62.81 -2.37 -54.76
N VAL L 17 62.15 -2.69 -55.88
CA VAL L 17 60.73 -2.30 -56.11
C VAL L 17 59.93 -3.54 -56.53
N THR L 18 58.74 -3.72 -55.97
CA THR L 18 57.87 -4.88 -56.30
C THR L 18 57.03 -4.56 -57.53
N MET L 19 56.44 -5.58 -58.16
CA MET L 19 55.62 -5.39 -59.35
C MET L 19 54.59 -6.50 -59.47
N LEU L 20 53.31 -6.12 -59.56
CA LEU L 20 52.25 -7.03 -59.95
C LEU L 20 51.78 -6.67 -61.34
N PRO L 21 52.22 -7.38 -62.39
CA PRO L 21 51.84 -7.01 -63.76
C PRO L 21 50.35 -6.90 -63.98
N GLY L 22 49.54 -7.64 -63.22
CA GLY L 22 48.10 -7.53 -63.35
C GLY L 22 47.59 -8.16 -64.64
N ASP L 23 46.47 -7.64 -65.13
CA ASP L 23 45.84 -8.22 -66.31
C ASP L 23 45.55 -7.17 -67.38
N GLY L 24 44.78 -7.54 -68.40
CA GLY L 24 44.62 -6.66 -69.54
C GLY L 24 45.95 -6.47 -70.23
N VAL L 25 46.28 -5.20 -70.52
CA VAL L 25 47.56 -4.88 -71.14
C VAL L 25 48.61 -4.69 -70.06
N GLY L 26 48.28 -5.11 -68.83
CA GLY L 26 49.10 -4.93 -67.66
C GLY L 26 50.59 -5.08 -67.88
N PRO L 27 51.03 -6.29 -68.28
CA PRO L 27 52.48 -6.48 -68.52
C PRO L 27 53.04 -5.60 -69.62
N GLU L 28 52.31 -5.45 -70.74
CA GLU L 28 52.82 -4.64 -71.85
C GLU L 28 53.18 -3.23 -71.40
N LEU L 29 52.41 -2.67 -70.46
CA LEU L 29 52.78 -1.41 -69.84
C LEU L 29 54.15 -1.51 -69.18
N MET L 30 54.31 -2.49 -68.28
CA MET L 30 55.56 -2.61 -67.52
C MET L 30 56.77 -2.70 -68.42
N HIS L 31 56.66 -3.46 -69.52
CA HIS L 31 57.77 -3.60 -70.46
C HIS L 31 58.27 -2.25 -70.92
N ALA L 32 57.35 -1.31 -71.15
CA ALA L 32 57.74 0.06 -71.44
C ALA L 32 58.37 0.71 -70.21
N VAL L 33 57.72 0.56 -69.05
CA VAL L 33 58.31 1.08 -67.82
C VAL L 33 59.68 0.48 -67.58
N LYS L 34 59.85 -0.80 -67.91
CA LYS L 34 61.17 -1.41 -67.84
C LYS L 34 62.12 -0.76 -68.84
N GLU L 35 61.72 -0.71 -70.11
CA GLU L 35 62.62 -0.16 -71.14
C GLU L 35 62.82 1.35 -70.95
N VAL L 36 61.85 2.04 -70.34
CA VAL L 36 62.06 3.46 -70.06
C VAL L 36 62.99 3.64 -68.86
N PHE L 37 62.91 2.75 -67.87
CA PHE L 37 63.86 2.82 -66.76
C PHE L 37 65.26 2.44 -67.22
N LYS L 38 65.38 1.36 -67.98
CA LYS L 38 66.67 0.92 -68.51
C LYS L 38 67.31 1.97 -69.40
N ALA L 39 66.62 3.10 -69.61
CA ALA L 39 67.11 4.21 -70.43
C ALA L 39 67.47 5.43 -69.61
N ALA L 40 66.65 5.79 -68.63
CA ALA L 40 66.96 6.92 -67.78
C ALA L 40 67.93 6.56 -66.66
N ALA L 41 68.69 5.46 -66.81
CA ALA L 41 69.68 5.03 -65.82
C ALA L 41 69.06 4.79 -64.45
N VAL L 42 67.76 4.50 -64.43
CA VAL L 42 67.02 4.38 -63.17
C VAL L 42 67.54 3.16 -62.40
N PRO L 43 67.78 3.27 -61.11
CA PRO L 43 68.50 2.20 -60.40
C PRO L 43 67.61 1.25 -59.62
N VAL L 44 66.34 1.11 -60.00
CA VAL L 44 65.46 0.19 -59.29
C VAL L 44 65.65 -1.21 -59.82
N GLU L 45 65.57 -2.19 -58.92
CA GLU L 45 65.58 -3.61 -59.27
C GLU L 45 64.16 -4.14 -59.06
N PHE L 46 63.54 -4.62 -60.12
CA PHE L 46 62.13 -4.97 -60.10
C PHE L 46 61.94 -6.41 -59.65
N GLN L 47 61.36 -6.58 -58.48
CA GLN L 47 61.05 -7.96 -58.08
C GLN L 47 59.68 -8.26 -58.67
N GLU L 48 59.65 -9.02 -59.77
CA GLU L 48 58.37 -9.35 -60.42
C GLU L 48 57.69 -10.45 -59.59
N HIS L 49 56.46 -10.25 -59.15
CA HIS L 49 55.76 -11.32 -58.39
C HIS L 49 54.88 -12.17 -59.29
N HIS L 50 55.29 -12.54 -60.49
CA HIS L 50 54.25 -13.10 -61.32
C HIS L 50 53.54 -14.03 -60.43
N LEU L 51 52.23 -13.83 -60.27
CA LEU L 51 51.48 -12.71 -60.81
C LEU L 51 50.23 -12.81 -59.95
N SER L 52 49.30 -11.86 -59.99
CA SER L 52 48.12 -11.98 -59.15
C SER L 52 46.79 -11.68 -59.84
N GLU L 53 46.33 -12.56 -60.71
CA GLU L 53 45.07 -12.30 -61.44
C GLU L 53 43.95 -13.34 -61.44
N VAL L 54 42.73 -12.88 -61.25
CA VAL L 54 41.59 -13.83 -61.25
C VAL L 54 41.73 -14.71 -62.49
N GLN L 55 42.13 -14.17 -63.63
CA GLN L 55 42.27 -15.00 -64.85
C GLN L 55 43.28 -16.15 -64.69
N ASN L 56 44.24 -16.16 -63.75
CA ASN L 56 45.10 -17.36 -63.61
C ASN L 56 44.77 -18.06 -62.30
N MET L 57 45.32 -17.60 -61.19
CA MET L 57 45.06 -18.21 -59.90
C MET L 57 45.35 -17.24 -58.75
N ALA L 58 44.69 -17.41 -57.62
CA ALA L 58 44.90 -16.48 -56.52
C ALA L 58 45.07 -17.03 -55.12
N SER L 59 46.21 -17.64 -54.82
CA SER L 59 46.42 -18.18 -53.48
C SER L 59 46.58 -17.09 -52.47
N GLU L 60 46.06 -17.31 -51.28
CA GLU L 60 46.20 -16.32 -50.24
C GLU L 60 47.69 -16.17 -50.02
N GLU L 61 48.33 -17.33 -49.91
CA GLU L 61 49.79 -17.38 -49.74
C GLU L 61 50.42 -16.57 -50.86
N LYS L 62 50.03 -16.86 -52.09
CA LYS L 62 50.57 -15.92 -53.08
C LYS L 62 50.36 -14.49 -52.62
N LEU L 63 49.15 -14.19 -52.12
CA LEU L 63 48.87 -12.90 -51.51
C LEU L 63 49.85 -12.60 -50.39
N GLU L 64 49.81 -13.39 -49.32
CA GLU L 64 50.78 -13.26 -48.23
C GLU L 64 52.21 -13.16 -48.76
N GLN L 65 52.53 -13.99 -49.76
CA GLN L 65 53.86 -13.94 -50.37
C GLN L 65 54.18 -12.55 -50.89
N VAL L 66 53.18 -11.87 -51.47
CA VAL L 66 53.41 -10.51 -51.95
C VAL L 66 53.62 -9.57 -50.76
N LEU L 67 52.83 -9.73 -49.70
CA LEU L 67 53.00 -8.90 -48.51
C LEU L 67 54.46 -8.94 -48.04
N SER L 68 55.11 -10.09 -48.19
CA SER L 68 56.51 -10.19 -47.80
C SER L 68 57.38 -9.22 -48.59
N SER L 69 57.10 -9.04 -49.88
CA SER L 69 57.87 -8.10 -50.67
C SER L 69 57.51 -6.66 -50.32
N MET L 70 56.22 -6.40 -50.06
CA MET L 70 55.81 -5.07 -49.68
C MET L 70 56.33 -4.69 -48.30
N LYS L 71 56.23 -5.61 -47.33
CA LYS L 71 56.79 -5.37 -46.02
C LYS L 71 58.26 -5.00 -46.09
N GLU L 72 59.00 -5.63 -47.00
CA GLU L 72 60.39 -5.29 -47.27
C GLU L 72 60.51 -3.93 -47.93
N ASN L 73 60.17 -3.87 -49.22
CA ASN L 73 60.52 -2.74 -50.06
C ASN L 73 59.63 -1.53 -49.84
N LYS L 74 58.40 -1.72 -49.33
CA LYS L 74 57.53 -0.63 -48.90
C LYS L 74 56.87 0.11 -50.07
N VAL L 75 57.27 -0.20 -51.30
CA VAL L 75 56.69 0.48 -52.48
C VAL L 75 56.68 -0.49 -53.65
N ALA L 76 55.52 -0.61 -54.29
CA ALA L 76 55.37 -1.39 -55.51
C ALA L 76 54.70 -0.54 -56.59
N ILE L 77 54.52 -1.16 -57.76
CA ILE L 77 53.73 -0.59 -58.85
C ILE L 77 52.99 -1.75 -59.50
N ILE L 78 51.67 -1.77 -59.50
CA ILE L 78 51.10 -2.92 -60.24
C ILE L 78 49.94 -2.43 -61.08
N GLY L 79 49.69 -3.10 -62.20
CA GLY L 79 48.59 -2.76 -63.12
C GLY L 79 47.24 -3.12 -62.55
N LYS L 80 46.16 -2.59 -63.05
CA LYS L 80 44.92 -2.92 -62.45
C LYS L 80 44.70 -4.39 -62.58
N ILE L 81 44.12 -5.00 -61.55
CA ILE L 81 43.81 -6.42 -61.50
C ILE L 81 42.77 -6.91 -62.49
N HIS L 82 41.94 -6.00 -62.93
CA HIS L 82 40.82 -6.30 -63.82
C HIS L 82 39.75 -7.02 -63.04
N THR L 83 39.95 -7.12 -61.74
CA THR L 83 39.01 -7.66 -60.82
C THR L 83 38.50 -8.96 -61.37
N PRO L 84 37.18 -9.30 -61.11
CA PRO L 84 36.78 -10.59 -61.65
C PRO L 84 35.52 -10.57 -62.46
N MET L 85 35.30 -11.62 -63.23
CA MET L 85 34.12 -11.71 -64.03
C MET L 85 33.02 -12.39 -63.24
N GLU L 86 33.30 -12.72 -61.98
CA GLU L 86 32.33 -13.39 -61.13
C GLU L 86 32.21 -14.89 -61.39
N TYR L 87 33.27 -15.46 -61.93
CA TYR L 87 33.31 -16.89 -62.22
C TYR L 87 34.06 -17.65 -61.15
N LYS L 88 34.31 -17.02 -60.01
CA LYS L 88 35.05 -17.68 -58.94
C LYS L 88 34.16 -18.30 -57.91
N GLY L 89 34.58 -18.14 -56.68
CA GLY L 89 33.89 -18.63 -55.47
C GLY L 89 34.17 -17.64 -54.36
N GLU L 90 33.22 -17.39 -53.47
CA GLU L 90 33.42 -16.41 -52.37
C GLU L 90 33.92 -15.09 -52.97
N LEU L 91 33.14 -14.48 -53.87
CA LEU L 91 33.59 -13.27 -54.60
C LEU L 91 33.96 -12.11 -53.66
N ALA L 92 35.20 -11.63 -53.81
CA ALA L 92 35.76 -10.50 -53.05
C ALA L 92 36.81 -9.83 -53.92
N SER L 93 36.82 -10.18 -55.19
CA SER L 93 37.86 -9.63 -56.04
C SER L 93 39.24 -10.22 -55.79
N TYR L 94 39.59 -10.46 -54.52
CA TYR L 94 40.95 -10.74 -54.06
C TYR L 94 41.74 -9.43 -54.06
N ASP L 95 41.35 -8.50 -54.93
CA ASP L 95 41.87 -7.13 -54.91
C ASP L 95 41.73 -6.52 -53.51
N MET L 96 40.56 -6.70 -52.90
CA MET L 96 40.35 -6.19 -51.55
C MET L 96 41.35 -6.81 -50.57
N ARG L 97 41.55 -8.13 -50.64
CA ARG L 97 42.49 -8.77 -49.73
C ARG L 97 43.91 -8.20 -49.91
N LEU L 98 44.31 -7.89 -51.14
CA LEU L 98 45.60 -7.23 -51.34
C LEU L 98 45.58 -5.84 -50.71
N ARG L 99 44.56 -5.05 -51.00
CA ARG L 99 44.47 -3.73 -50.40
C ARG L 99 44.17 -3.81 -48.91
N ARG L 100 43.56 -4.90 -48.44
CA ARG L 100 43.22 -5.00 -47.03
C ARG L 100 44.36 -5.54 -46.17
N LYS L 101 45.01 -6.62 -46.60
CA LYS L 101 46.18 -7.12 -45.87
C LYS L 101 47.37 -6.18 -45.97
N LEU L 102 47.35 -5.26 -46.93
CA LEU L 102 48.35 -4.20 -47.02
C LEU L 102 47.83 -2.91 -46.40
N ASP L 103 46.53 -2.84 -46.09
CA ASP L 103 45.89 -1.68 -45.47
C ASP L 103 45.90 -0.46 -46.39
N LEU L 104 46.06 -0.65 -47.70
CA LEU L 104 45.97 0.47 -48.63
C LEU L 104 44.52 0.92 -48.42
N PHE L 105 44.34 2.06 -47.78
CA PHE L 105 43.02 2.56 -47.45
C PHE L 105 42.81 3.82 -48.28
N ALA L 106 43.85 4.31 -48.94
CA ALA L 106 43.79 5.57 -49.68
C ALA L 106 44.01 5.29 -51.16
N ASN L 107 43.05 5.68 -51.99
CA ASN L 107 43.16 5.65 -53.45
C ASN L 107 43.12 7.10 -53.93
N VAL L 108 44.27 7.60 -54.36
CA VAL L 108 44.42 8.97 -54.80
C VAL L 108 44.73 8.96 -56.29
N VAL L 109 44.01 9.81 -57.04
CA VAL L 109 44.10 9.85 -58.49
C VAL L 109 44.25 11.29 -58.94
N HIS L 110 45.47 11.66 -59.34
CA HIS L 110 45.67 12.90 -60.06
C HIS L 110 44.95 12.85 -61.40
N VAL L 111 44.12 13.86 -61.67
CA VAL L 111 43.58 14.08 -63.01
C VAL L 111 44.04 15.46 -63.45
N LYS L 112 45.16 15.50 -64.17
CA LYS L 112 45.73 16.73 -64.71
C LYS L 112 45.70 16.61 -66.23
N SER L 113 44.90 17.45 -66.89
CA SER L 113 44.87 17.44 -68.34
C SER L 113 46.26 17.68 -68.89
N LEU L 114 46.53 17.11 -70.01
CA LEU L 114 47.92 17.25 -70.41
C LEU L 114 48.06 18.32 -71.49
N PRO L 115 49.22 18.97 -71.56
CA PRO L 115 49.37 20.09 -72.52
C PRO L 115 49.02 19.69 -73.94
N GLY L 116 49.60 18.61 -74.45
CA GLY L 116 49.30 18.17 -75.78
C GLY L 116 47.90 17.61 -75.92
N TYR L 117 47.60 16.54 -75.19
CA TYR L 117 46.34 15.83 -75.35
C TYR L 117 45.27 16.91 -75.17
N MET L 118 44.57 17.22 -76.26
CA MET L 118 43.49 18.19 -76.24
C MET L 118 42.23 17.35 -76.10
N THR L 119 41.49 17.58 -75.03
CA THR L 119 40.21 16.94 -74.78
C THR L 119 39.14 18.00 -74.55
N ARG L 120 37.92 17.53 -74.33
CA ARG L 120 36.79 18.45 -74.15
C ARG L 120 36.93 19.29 -72.89
N HIS L 121 37.91 18.99 -72.04
CA HIS L 121 38.10 19.73 -70.79
C HIS L 121 39.60 19.78 -70.54
N ASN L 122 40.18 20.97 -70.66
CA ASN L 122 41.61 21.17 -70.54
C ASN L 122 41.90 22.09 -69.36
N ASN L 123 43.18 22.17 -68.99
CA ASN L 123 43.62 22.96 -67.85
C ASN L 123 42.98 22.50 -66.56
N LEU L 124 42.70 21.19 -66.48
CA LEU L 124 42.00 20.60 -65.34
C LEU L 124 43.02 19.96 -64.40
N ASP L 125 43.00 20.39 -63.14
CA ASP L 125 43.88 19.86 -62.09
C ASP L 125 43.01 19.49 -60.88
N LEU L 126 42.55 18.25 -60.87
CA LEU L 126 41.75 17.71 -59.77
C LEU L 126 42.45 16.50 -59.20
N VAL L 127 42.01 16.10 -58.01
CA VAL L 127 42.54 14.91 -57.34
C VAL L 127 41.37 14.14 -56.75
N ILE L 128 41.43 12.82 -56.86
CA ILE L 128 40.35 11.95 -56.44
C ILE L 128 40.86 11.11 -55.28
N ILE L 129 40.33 11.39 -54.09
CA ILE L 129 40.72 10.71 -52.86
C ILE L 129 39.65 9.68 -52.55
N ARG L 130 40.00 8.41 -52.68
CA ARG L 130 39.06 7.30 -52.62
C ARG L 130 39.42 6.41 -51.45
N GLU L 131 38.50 6.22 -50.52
CA GLU L 131 38.64 5.13 -49.57
C GLU L 131 38.60 3.81 -50.31
N GLN L 132 39.27 2.80 -49.78
CA GLN L 132 39.35 1.56 -50.55
C GLN L 132 39.22 0.29 -49.72
N THR L 133 38.96 0.39 -48.42
CA THR L 133 38.70 -0.82 -47.64
C THR L 133 37.21 -1.18 -47.62
N GLU L 134 36.36 -0.23 -47.23
CA GLU L 134 34.99 -0.55 -46.85
C GLU L 134 34.00 -0.45 -48.01
N GLY L 135 32.81 0.04 -47.71
CA GLY L 135 31.79 0.16 -48.73
C GLY L 135 31.18 -1.15 -49.17
N GLU L 136 30.42 -1.11 -50.25
CA GLU L 136 29.79 -2.30 -50.75
C GLU L 136 30.87 -3.28 -51.04
N TYR L 137 32.07 -2.81 -51.27
CA TYR L 137 33.15 -3.67 -51.66
C TYR L 137 33.37 -4.75 -50.63
N SER L 138 32.64 -4.67 -49.53
CA SER L 138 32.77 -5.69 -48.52
C SER L 138 32.47 -7.02 -49.19
N SER L 139 31.85 -7.00 -50.34
CA SER L 139 31.55 -8.24 -51.03
C SER L 139 30.75 -9.08 -50.11
N LEU L 140 29.88 -8.41 -49.39
CA LEU L 140 29.06 -9.04 -48.42
C LEU L 140 27.67 -8.98 -49.02
N GLU L 141 26.97 -10.09 -48.89
CA GLU L 141 25.69 -10.37 -49.51
C GLU L 141 25.15 -11.66 -48.91
N HIS L 142 23.85 -11.88 -49.09
CA HIS L 142 23.23 -13.14 -48.72
C HIS L 142 21.83 -13.16 -49.33
N GLU L 143 21.12 -14.24 -49.07
CA GLU L 143 19.79 -14.46 -49.62
C GLU L 143 18.79 -14.51 -48.47
N SER L 144 17.90 -13.53 -48.41
CA SER L 144 16.84 -13.58 -47.41
C SER L 144 15.74 -14.55 -47.80
N ALA L 145 15.39 -14.58 -49.09
CA ALA L 145 14.44 -15.56 -49.61
C ALA L 145 14.71 -15.70 -51.11
N ARG L 146 14.04 -16.67 -51.72
CA ARG L 146 14.22 -16.94 -53.14
C ARG L 146 13.94 -15.69 -53.95
N GLY L 147 14.96 -15.19 -54.65
CA GLY L 147 14.79 -14.04 -55.49
C GLY L 147 14.98 -12.70 -54.80
N VAL L 148 15.27 -12.69 -53.49
CA VAL L 148 15.52 -11.46 -52.75
C VAL L 148 16.92 -11.54 -52.16
N ILE L 149 17.80 -10.64 -52.59
CA ILE L 149 19.17 -10.55 -52.09
C ILE L 149 19.27 -9.34 -51.17
N GLU L 150 20.27 -9.38 -50.28
CA GLU L 150 20.61 -8.25 -49.44
C GLU L 150 22.10 -8.06 -49.46
N CYS L 151 22.54 -6.84 -49.77
CA CYS L 151 23.95 -6.49 -49.78
C CYS L 151 24.20 -5.40 -48.75
N LEU L 152 25.34 -5.49 -48.08
CA LEU L 152 25.64 -4.63 -46.94
C LEU L 152 26.60 -3.53 -47.37
N LYS L 153 26.19 -2.29 -47.13
CA LYS L 153 27.11 -1.16 -47.17
C LYS L 153 27.77 -1.00 -45.81
N ILE L 154 29.09 -0.99 -45.80
CA ILE L 154 29.86 -0.89 -44.56
C ILE L 154 30.59 0.43 -44.55
N VAL L 155 30.32 1.25 -43.53
CA VAL L 155 30.97 2.54 -43.35
C VAL L 155 31.20 2.74 -41.86
N THR L 156 32.44 2.55 -41.41
CA THR L 156 32.74 2.67 -40.00
C THR L 156 33.03 4.12 -39.64
N ARG L 157 33.57 4.33 -38.44
CA ARG L 157 34.08 5.62 -38.00
C ARG L 157 35.59 5.74 -38.18
N ALA L 158 36.33 4.68 -37.84
CA ALA L 158 37.79 4.75 -37.88
C ALA L 158 38.30 5.01 -39.29
N LYS L 159 37.75 4.31 -40.28
CA LYS L 159 38.21 4.51 -41.65
C LYS L 159 37.63 5.78 -42.26
N SER L 160 36.47 6.24 -41.79
CA SER L 160 35.92 7.49 -42.30
C SER L 160 36.65 8.70 -41.75
N GLN L 161 37.09 8.65 -40.50
CA GLN L 161 37.97 9.71 -40.01
C GLN L 161 39.34 9.64 -40.67
N ARG L 162 39.90 8.43 -40.78
CA ARG L 162 41.22 8.25 -41.38
C ARG L 162 41.28 8.84 -42.78
N ILE L 163 40.31 8.50 -43.63
CA ILE L 163 40.27 9.05 -44.97
C ILE L 163 40.10 10.57 -44.91
N ALA L 164 39.28 11.05 -43.97
CA ALA L 164 39.08 12.49 -43.85
C ALA L 164 40.37 13.18 -43.44
N LYS L 165 41.07 12.63 -42.45
CA LYS L 165 42.38 13.19 -42.08
C LYS L 165 43.38 13.05 -43.22
N PHE L 166 43.32 11.93 -43.96
CA PHE L 166 44.20 11.78 -45.11
C PHE L 166 43.87 12.82 -46.17
N ALA L 167 42.60 13.17 -46.31
CA ALA L 167 42.18 14.18 -47.28
C ALA L 167 42.89 15.50 -47.02
N PHE L 168 42.63 16.08 -45.86
CA PHE L 168 43.15 17.42 -45.58
C PHE L 168 44.66 17.42 -45.46
N ASP L 169 45.23 16.40 -44.80
CA ASP L 169 46.68 16.27 -44.75
C ASP L 169 47.29 16.26 -46.15
N TYR L 170 46.62 15.61 -47.09
CA TYR L 170 47.08 15.73 -48.48
C TYR L 170 46.80 17.12 -49.03
N ALA L 171 45.67 17.72 -48.66
CA ALA L 171 45.34 19.05 -49.16
C ALA L 171 46.41 20.05 -48.76
N THR L 172 46.68 20.16 -47.46
CA THR L 172 47.70 21.11 -46.99
C THR L 172 49.07 20.79 -47.58
N LYS L 173 49.48 19.52 -47.55
CA LYS L 173 50.85 19.19 -47.89
C LYS L 173 51.17 19.54 -49.35
N LYS L 174 50.23 19.28 -50.26
CA LYS L 174 50.44 19.68 -51.65
C LYS L 174 49.94 21.10 -51.91
N GLY L 175 49.22 21.69 -50.97
CA GLY L 175 48.81 23.08 -51.07
C GLY L 175 47.62 23.31 -51.96
N ARG L 176 46.51 22.64 -51.64
CA ARG L 176 45.29 22.77 -52.42
C ARG L 176 44.37 23.81 -51.77
N GLY L 177 43.18 23.96 -52.35
CA GLY L 177 42.23 24.98 -51.96
C GLY L 177 41.18 24.40 -51.04
N LYS L 178 40.12 23.86 -51.61
CA LYS L 178 39.01 23.32 -50.84
C LYS L 178 38.80 21.85 -51.18
N VAL L 179 38.46 21.06 -50.17
CA VAL L 179 38.10 19.66 -50.38
C VAL L 179 36.58 19.55 -50.32
N THR L 180 36.01 18.93 -51.34
CA THR L 180 34.59 18.62 -51.36
C THR L 180 34.41 17.13 -51.12
N ALA L 181 33.58 16.79 -50.14
CA ALA L 181 33.30 15.41 -49.83
C ALA L 181 32.02 14.97 -50.51
N VAL L 182 32.04 13.77 -51.08
CA VAL L 182 30.95 13.27 -51.91
C VAL L 182 30.17 12.23 -51.12
N HIS L 183 28.84 12.35 -51.16
CA HIS L 183 27.96 11.53 -50.33
C HIS L 183 26.61 11.35 -50.99
N LYS L 184 25.77 10.62 -50.26
CA LYS L 184 24.32 10.53 -50.54
C LYS L 184 23.68 10.47 -49.18
N ALA L 185 23.97 11.48 -48.41
CA ALA L 185 23.47 11.60 -47.02
C ALA L 185 21.95 11.64 -46.97
N ASN L 186 21.34 12.31 -47.93
CA ASN L 186 19.93 12.55 -47.95
C ASN L 186 19.04 11.36 -47.94
N ILE L 187 19.37 10.26 -48.61
CA ILE L 187 18.45 9.13 -48.56
C ILE L 187 18.67 7.94 -47.65
N MET L 188 19.86 7.37 -47.62
CA MET L 188 20.10 6.26 -46.71
C MET L 188 20.55 7.18 -45.62
N LYS L 189 19.64 7.59 -44.75
CA LYS L 189 20.02 8.59 -43.78
C LYS L 189 21.16 8.17 -42.91
N LEU L 190 21.11 6.97 -42.40
CA LEU L 190 22.14 6.55 -41.48
C LEU L 190 23.57 6.30 -41.88
N GLY L 191 23.76 5.62 -42.99
CA GLY L 191 25.07 5.21 -43.44
C GLY L 191 26.04 6.29 -43.86
N ASP L 192 25.64 7.20 -44.74
CA ASP L 192 26.56 8.24 -45.14
C ASP L 192 26.85 9.13 -43.99
N GLY L 193 25.78 9.48 -43.33
CA GLY L 193 25.82 10.48 -42.27
C GLY L 193 26.90 10.22 -41.24
N LEU L 194 27.21 8.94 -40.99
CA LEU L 194 28.38 8.61 -40.18
C LEU L 194 29.65 9.11 -40.85
N PHE L 195 29.85 8.75 -42.11
CA PHE L 195 30.94 9.31 -42.90
C PHE L 195 30.84 10.83 -42.97
N LEU L 196 29.65 11.35 -43.26
CA LEU L 196 29.45 12.79 -43.40
C LEU L 196 29.91 13.56 -42.18
N GLN L 197 29.29 13.31 -41.02
CA GLN L 197 29.68 14.02 -39.81
C GLN L 197 31.17 13.85 -39.51
N CYS L 198 31.74 12.69 -39.87
CA CYS L 198 33.16 12.48 -39.65
C CYS L 198 34.01 13.50 -40.38
N CYS L 199 33.64 13.82 -41.62
CA CYS L 199 34.35 14.84 -42.38
C CYS L 199 34.24 16.20 -41.70
N GLU L 200 33.02 16.57 -41.27
CA GLU L 200 32.86 17.83 -40.55
C GLU L 200 33.63 17.83 -39.25
N GLU L 201 33.72 16.68 -38.56
CA GLU L 201 34.54 16.61 -37.36
C GLU L 201 36.01 16.84 -37.69
N VAL L 202 36.44 16.41 -38.87
CA VAL L 202 37.83 16.61 -39.25
C VAL L 202 38.03 18.00 -39.86
N ALA L 203 37.11 18.41 -40.73
CA ALA L 203 37.26 19.68 -41.42
C ALA L 203 37.39 20.84 -40.45
N GLU L 204 36.71 20.76 -39.31
CA GLU L 204 36.83 21.78 -38.29
C GLU L 204 38.26 21.92 -37.79
N LEU L 205 39.10 20.89 -37.97
CA LEU L 205 40.48 20.93 -37.55
C LEU L 205 41.42 21.53 -38.59
N TYR L 206 40.94 21.81 -39.80
CA TYR L 206 41.79 22.34 -40.86
C TYR L 206 41.19 23.65 -41.38
N PRO L 207 41.16 24.69 -40.53
CA PRO L 207 40.42 25.91 -40.91
C PRO L 207 41.00 26.65 -42.09
N LYS L 208 42.24 26.35 -42.50
CA LYS L 208 42.84 27.01 -43.64
C LYS L 208 42.28 26.50 -44.98
N ILE L 209 41.45 25.46 -44.96
CA ILE L 209 40.92 24.85 -46.17
C ILE L 209 39.40 24.96 -46.13
N LYS L 210 38.83 25.61 -47.15
CA LYS L 210 37.38 25.64 -47.28
C LYS L 210 36.84 24.24 -47.50
N PHE L 211 35.59 24.01 -47.09
CA PHE L 211 35.05 22.67 -47.08
C PHE L 211 33.60 22.69 -47.57
N GLU L 212 33.30 21.85 -48.56
CA GLU L 212 31.96 21.72 -49.10
C GLU L 212 31.49 20.26 -49.05
N THR L 213 30.17 20.11 -49.11
CA THR L 213 29.50 18.82 -49.16
C THR L 213 28.54 18.81 -50.35
N MET L 214 28.47 17.68 -51.06
CA MET L 214 27.63 17.63 -52.26
C MET L 214 27.18 16.21 -52.55
N ILE L 215 25.92 16.09 -52.98
CA ILE L 215 25.34 14.80 -53.33
C ILE L 215 26.06 14.23 -54.55
N ILE L 216 26.12 12.90 -54.63
CA ILE L 216 26.99 12.25 -55.61
C ILE L 216 26.55 12.60 -57.03
N ASP L 217 25.26 12.45 -57.33
CA ASP L 217 24.78 12.74 -58.68
C ASP L 217 25.07 14.18 -59.07
N ASN L 218 24.55 15.13 -58.28
CA ASN L 218 24.74 16.55 -58.55
C ASN L 218 26.21 16.85 -58.82
N CYS L 219 27.10 16.31 -57.98
CA CYS L 219 28.53 16.45 -58.21
C CYS L 219 28.91 15.88 -59.58
N CYS L 220 28.43 14.69 -59.90
CA CYS L 220 28.77 14.07 -61.18
C CYS L 220 28.31 14.94 -62.35
N MET L 221 27.13 15.57 -62.23
CA MET L 221 26.68 16.50 -63.26
C MET L 221 27.58 17.73 -63.32
N GLN L 222 27.86 18.34 -62.17
CA GLN L 222 28.77 19.46 -62.12
C GLN L 222 30.17 19.09 -62.57
N LEU L 223 30.47 17.80 -62.70
CA LEU L 223 31.77 17.36 -63.17
C LEU L 223 31.86 17.27 -64.70
N VAL L 224 30.77 17.53 -65.41
CA VAL L 224 30.84 17.56 -66.87
C VAL L 224 30.45 18.94 -67.37
N GLN L 225 29.66 19.67 -66.58
CA GLN L 225 29.33 21.05 -66.95
C GLN L 225 30.43 22.02 -66.56
N ASN L 226 30.80 22.06 -65.29
CA ASN L 226 31.86 22.94 -64.80
C ASN L 226 32.70 22.16 -63.81
N PRO L 227 33.59 21.30 -64.30
CA PRO L 227 34.41 20.51 -63.37
C PRO L 227 35.38 21.35 -62.57
N TYR L 228 35.79 22.50 -63.10
CA TYR L 228 36.86 23.28 -62.51
C TYR L 228 36.49 23.87 -61.15
N GLN L 229 35.24 23.72 -60.71
CA GLN L 229 34.83 24.32 -59.45
C GLN L 229 35.33 23.57 -58.23
N PHE L 230 35.74 22.31 -58.39
CA PHE L 230 36.23 21.53 -57.27
C PHE L 230 37.75 21.64 -57.17
N ASP L 231 38.30 21.10 -56.08
CA ASP L 231 39.75 21.01 -55.98
C ASP L 231 40.12 19.59 -55.55
N VAL L 232 39.74 19.21 -54.34
CA VAL L 232 39.98 17.86 -53.82
C VAL L 232 38.65 17.19 -53.57
N LEU L 233 38.50 15.97 -54.08
CA LEU L 233 37.31 15.17 -53.88
C LEU L 233 37.64 13.97 -53.01
N VAL L 234 36.84 13.75 -51.98
CA VAL L 234 36.99 12.61 -51.10
C VAL L 234 35.63 11.93 -50.96
N MET L 235 35.63 10.60 -51.00
CA MET L 235 34.40 9.84 -51.02
C MET L 235 34.73 8.38 -50.71
N PRO L 236 33.74 7.59 -50.30
CA PRO L 236 33.99 6.17 -50.02
C PRO L 236 34.29 5.37 -51.28
N ASN L 237 34.56 4.08 -51.07
CA ASN L 237 34.89 3.13 -52.13
C ASN L 237 34.02 3.28 -53.37
N LEU L 238 32.72 3.15 -53.18
CA LEU L 238 31.76 3.11 -54.29
C LEU L 238 31.93 4.33 -55.17
N TYR L 239 31.49 5.47 -54.64
CA TYR L 239 31.58 6.75 -55.35
C TYR L 239 32.99 6.93 -55.90
N GLY L 240 33.98 6.44 -55.18
CA GLY L 240 35.35 6.41 -55.64
C GLY L 240 35.49 5.78 -57.00
N ASN L 241 35.01 4.55 -57.14
CA ASN L 241 35.08 3.88 -58.43
C ASN L 241 34.26 4.61 -59.48
N ILE L 242 33.22 5.35 -59.07
CA ILE L 242 32.42 6.16 -59.98
C ILE L 242 33.22 7.37 -60.43
N ILE L 243 33.37 8.34 -59.52
CA ILE L 243 34.06 9.58 -59.82
C ILE L 243 35.41 9.35 -60.47
N ASP L 244 36.07 8.23 -60.16
CA ASP L 244 37.34 7.90 -60.76
C ASP L 244 37.24 7.88 -62.28
N ASN L 245 36.48 6.92 -62.80
CA ASN L 245 36.44 6.73 -64.24
C ASN L 245 35.71 7.87 -64.96
N LEU L 246 34.97 8.72 -64.24
CA LEU L 246 34.50 9.98 -64.82
C LEU L 246 35.67 10.89 -65.16
N ALA L 247 36.34 11.38 -64.11
CA ALA L 247 37.40 12.36 -64.32
C ALA L 247 38.51 11.81 -65.21
N ALA L 248 38.76 10.50 -65.14
CA ALA L 248 39.78 9.91 -66.00
C ALA L 248 39.44 10.10 -67.47
N GLY L 249 38.15 10.20 -67.79
CA GLY L 249 37.76 10.54 -69.16
C GLY L 249 37.99 12.00 -69.48
N LEU L 250 37.80 12.89 -68.49
CA LEU L 250 37.92 14.32 -68.73
C LEU L 250 39.34 14.71 -69.11
N VAL L 251 40.33 14.14 -68.43
CA VAL L 251 41.72 14.49 -68.73
C VAL L 251 42.15 13.81 -70.02
N GLY L 252 41.61 12.64 -70.30
CA GLY L 252 41.94 12.01 -71.56
C GLY L 252 41.47 10.58 -71.73
N GLY L 253 41.56 9.76 -70.69
CA GLY L 253 41.16 8.37 -70.78
C GLY L 253 42.02 7.50 -69.88
N ALA L 254 41.91 6.19 -70.11
CA ALA L 254 42.64 5.22 -69.30
C ALA L 254 44.12 5.16 -69.61
N GLY L 255 44.58 5.84 -70.65
CA GLY L 255 45.99 5.79 -70.99
C GLY L 255 46.84 6.81 -70.29
N VAL L 256 46.24 7.90 -69.83
CA VAL L 256 47.00 9.03 -69.34
C VAL L 256 46.93 9.20 -67.82
N VAL L 257 45.84 8.80 -67.18
CA VAL L 257 45.63 9.13 -65.77
C VAL L 257 46.50 8.22 -64.90
N PRO L 258 47.29 8.79 -63.97
CA PRO L 258 48.03 7.95 -63.04
C PRO L 258 47.25 7.72 -61.75
N GLY L 259 47.86 7.05 -60.77
CA GLY L 259 47.17 6.79 -59.51
C GLY L 259 48.08 6.24 -58.43
N GLU L 260 47.79 6.62 -57.18
CA GLU L 260 48.60 6.25 -56.04
C GLU L 260 47.72 5.66 -54.95
N SER L 261 48.32 4.75 -54.19
CA SER L 261 47.66 4.22 -53.01
C SER L 261 48.74 4.13 -51.95
N TYR L 262 48.53 4.82 -50.83
CA TYR L 262 49.47 4.98 -49.71
C TYR L 262 48.96 4.27 -48.46
N SER L 263 49.72 3.37 -47.84
CA SER L 263 49.17 2.76 -46.60
C SER L 263 50.24 2.71 -45.51
N ALA L 264 50.02 3.52 -44.49
CA ALA L 264 50.98 3.65 -43.38
C ALA L 264 52.33 3.90 -44.03
N GLU L 265 53.27 3.03 -43.71
CA GLU L 265 54.60 3.12 -44.37
C GLU L 265 54.50 2.72 -45.85
N TYR L 266 53.78 1.64 -46.17
CA TYR L 266 53.74 1.03 -47.53
C TYR L 266 53.22 1.99 -48.59
N ALA L 267 53.83 2.01 -49.77
CA ALA L 267 53.32 2.93 -50.82
C ALA L 267 53.26 2.23 -52.17
N VAL L 268 52.15 2.36 -52.91
CA VAL L 268 51.99 1.70 -54.25
C VAL L 268 51.30 2.62 -55.26
N PHE L 269 51.71 2.52 -56.52
CA PHE L 269 51.22 3.31 -57.63
C PHE L 269 50.63 2.39 -58.69
N GLU L 270 49.58 2.88 -59.36
CA GLU L 270 48.87 2.09 -60.34
C GLU L 270 48.15 3.05 -61.28
N THR L 271 47.59 2.49 -62.34
CA THR L 271 46.68 3.35 -63.10
C THR L 271 45.40 3.50 -62.29
N GLY L 272 44.60 4.47 -62.68
CA GLY L 272 43.27 4.62 -62.10
C GLY L 272 42.27 4.10 -63.11
N ALA L 273 42.64 4.14 -64.37
CA ALA L 273 41.71 3.62 -65.38
C ALA L 273 41.73 2.12 -65.22
N ARG L 274 40.58 1.45 -65.24
CA ARG L 274 40.71 -0.02 -65.07
C ARG L 274 41.45 -0.56 -66.27
N HIS L 275 40.94 -0.20 -67.43
CA HIS L 275 41.58 -0.67 -68.66
C HIS L 275 40.92 0.02 -69.81
N PRO L 276 41.57 0.08 -70.97
CA PRO L 276 40.92 0.64 -72.10
C PRO L 276 40.10 -0.61 -72.34
N PHE L 277 38.78 -0.49 -72.20
CA PHE L 277 38.01 -1.73 -72.37
C PHE L 277 37.85 -1.94 -73.86
N ALA L 278 38.78 -2.70 -74.40
CA ALA L 278 38.77 -2.97 -75.81
C ALA L 278 39.57 -4.22 -76.12
N GLN L 279 39.39 -4.72 -77.33
CA GLN L 279 40.03 -5.92 -77.75
C GLN L 279 41.50 -5.73 -77.70
N ALA L 280 41.95 -4.49 -77.70
CA ALA L 280 43.37 -4.26 -77.72
C ALA L 280 44.03 -5.02 -76.61
N VAL L 281 45.04 -5.77 -77.00
CA VAL L 281 45.79 -6.59 -76.10
C VAL L 281 47.06 -6.99 -76.80
N GLY L 282 46.94 -7.99 -77.63
CA GLY L 282 48.07 -8.50 -78.35
C GLY L 282 48.71 -7.51 -79.26
N ARG L 283 47.93 -6.66 -79.88
CA ARG L 283 48.57 -5.72 -80.84
C ARG L 283 49.23 -4.68 -79.95
N ASN L 284 50.51 -4.49 -80.18
CA ASN L 284 51.07 -3.50 -79.27
C ASN L 284 50.56 -2.16 -79.80
N ILE L 285 49.57 -1.61 -79.09
CA ILE L 285 48.86 -0.42 -79.53
C ILE L 285 48.43 0.36 -78.29
N ALA L 286 48.88 -0.11 -77.13
CA ALA L 286 48.56 0.50 -75.85
C ALA L 286 49.52 1.61 -75.43
N ASN L 287 48.94 2.75 -75.07
CA ASN L 287 49.71 3.89 -74.62
C ASN L 287 50.19 3.68 -73.18
N PRO L 288 51.49 3.67 -72.92
CA PRO L 288 51.95 3.45 -71.54
C PRO L 288 52.01 4.70 -70.69
N THR L 289 51.24 5.74 -71.02
CA THR L 289 51.40 7.02 -70.33
C THR L 289 50.99 6.91 -68.87
N ALA L 290 49.80 6.36 -68.60
CA ALA L 290 49.31 6.24 -67.24
C ALA L 290 50.34 5.59 -66.33
N MET L 291 50.87 4.44 -66.74
CA MET L 291 51.85 3.73 -65.92
C MET L 291 53.13 4.55 -65.75
N LEU L 292 53.58 5.21 -66.82
CA LEU L 292 54.83 5.98 -66.74
C LEU L 292 54.68 7.17 -65.80
N LEU L 293 53.69 8.03 -66.05
CA LEU L 293 53.46 9.17 -65.17
C LEU L 293 53.31 8.73 -63.72
N SER L 294 52.55 7.65 -63.48
CA SER L 294 52.46 7.10 -62.14
C SER L 294 53.82 6.63 -61.65
N ALA L 295 54.52 5.84 -62.46
CA ALA L 295 55.86 5.38 -62.10
C ALA L 295 56.84 6.53 -61.94
N SER L 296 56.50 7.71 -62.45
CA SER L 296 57.30 8.89 -62.15
C SER L 296 57.05 9.34 -60.72
N ASN L 297 55.77 9.49 -60.35
CA ASN L 297 55.42 9.75 -58.96
C ASN L 297 56.05 8.73 -58.03
N MET L 298 56.21 7.49 -58.51
CA MET L 298 56.94 6.47 -57.77
C MET L 298 58.35 6.93 -57.42
N LEU L 299 59.09 7.35 -58.44
CA LEU L 299 60.46 7.78 -58.22
C LEU L 299 60.53 9.01 -57.33
N ARG L 300 59.49 9.85 -57.35
CA ARG L 300 59.46 10.98 -56.43
C ARG L 300 59.45 10.50 -54.99
N HIS L 301 58.72 9.41 -54.72
CA HIS L 301 58.65 8.92 -53.35
C HIS L 301 59.98 8.36 -52.89
N LEU L 302 60.78 7.79 -53.80
CA LEU L 302 62.09 7.29 -53.42
C LEU L 302 63.12 8.39 -53.55
N ASN L 303 62.68 9.64 -53.43
CA ASN L 303 63.54 10.82 -53.44
C ASN L 303 64.48 10.91 -54.64
N LEU L 304 64.32 10.03 -55.64
CA LEU L 304 65.06 10.16 -56.89
C LEU L 304 64.49 11.24 -57.80
N GLU L 305 64.13 12.39 -57.22
CA GLU L 305 63.40 13.47 -57.86
C GLU L 305 63.86 13.70 -59.29
N TYR L 306 65.16 13.49 -59.52
CA TYR L 306 65.74 13.57 -60.86
C TYR L 306 65.06 12.73 -61.93
N HIS L 307 65.04 11.40 -61.72
CA HIS L 307 64.52 10.50 -62.75
C HIS L 307 63.01 10.71 -62.83
N SER L 308 62.37 11.03 -61.70
CA SER L 308 60.95 11.38 -61.74
C SER L 308 60.73 12.63 -62.56
N SER L 309 61.33 13.75 -62.15
CA SER L 309 61.20 15.00 -62.90
C SER L 309 61.76 14.88 -64.31
N MET L 310 62.60 13.88 -64.57
CA MET L 310 63.08 13.64 -65.93
C MET L 310 62.02 12.95 -66.77
N ILE L 311 61.49 11.83 -66.28
CA ILE L 311 60.58 11.00 -67.06
C ILE L 311 59.25 11.71 -67.27
N ALA L 312 58.71 12.33 -66.22
CA ALA L 312 57.51 13.13 -66.37
C ALA L 312 57.71 14.23 -67.40
N ASP L 313 58.75 15.06 -67.21
CA ASP L 313 59.05 16.16 -68.13
C ASP L 313 59.54 15.61 -69.46
N ALA L 314 59.63 14.29 -69.57
CA ALA L 314 59.90 13.69 -70.87
C ALA L 314 58.60 13.34 -71.59
N VAL L 315 57.69 12.67 -70.88
CA VAL L 315 56.39 12.35 -71.47
C VAL L 315 55.60 13.62 -71.76
N LYS L 316 55.47 14.49 -70.76
CA LYS L 316 54.73 15.74 -70.91
C LYS L 316 55.19 16.53 -72.12
N LYS L 317 56.45 16.35 -72.53
CA LYS L 317 56.95 16.99 -73.74
C LYS L 317 56.46 16.26 -74.99
N VAL L 318 56.70 14.95 -75.07
CA VAL L 318 56.37 14.17 -76.26
C VAL L 318 54.90 14.31 -76.61
N ILE L 319 54.04 14.53 -75.61
CA ILE L 319 52.63 14.70 -75.91
C ILE L 319 52.32 16.10 -76.42
N LYS L 320 52.90 17.14 -75.80
CA LYS L 320 52.73 18.49 -76.36
C LYS L 320 53.39 18.60 -77.72
N VAL L 321 54.30 17.68 -78.06
CA VAL L 321 54.81 17.61 -79.42
C VAL L 321 53.70 17.21 -80.38
N GLY L 322 52.86 16.26 -79.96
CA GLY L 322 51.81 15.75 -80.82
C GLY L 322 52.26 15.11 -82.12
N LYS L 323 53.54 14.78 -82.25
CA LYS L 323 54.02 14.14 -83.48
C LYS L 323 53.66 12.67 -83.51
N VAL L 324 53.87 11.96 -82.40
CA VAL L 324 53.59 10.53 -82.29
C VAL L 324 52.54 10.35 -81.19
N ARG L 325 51.44 9.71 -81.53
CA ARG L 325 50.38 9.44 -80.56
C ARG L 325 49.69 8.13 -80.90
N THR L 326 49.13 7.48 -79.87
CA THR L 326 48.51 6.19 -80.01
C THR L 326 47.00 6.35 -80.23
N SER L 327 46.26 5.26 -80.05
CA SER L 327 44.86 5.21 -80.47
C SER L 327 44.00 6.20 -79.68
N ASP L 328 44.17 6.23 -78.36
CA ASP L 328 43.34 7.07 -77.52
C ASP L 328 43.50 8.56 -77.82
N MET L 329 44.60 8.96 -78.46
CA MET L 329 44.92 10.38 -78.62
C MET L 329 45.04 10.78 -80.09
N GLY L 330 43.96 10.61 -80.86
CA GLY L 330 43.84 11.16 -82.19
C GLY L 330 44.78 10.60 -83.25
N GLY L 331 45.63 9.64 -82.90
CA GLY L 331 46.54 9.08 -83.88
C GLY L 331 46.58 7.56 -83.88
N TYR L 332 47.51 6.99 -84.66
CA TYR L 332 47.73 5.55 -84.70
C TYR L 332 49.24 5.33 -84.69
N ALA L 333 49.80 5.16 -83.50
CA ALA L 333 51.18 4.76 -83.33
C ALA L 333 51.23 3.65 -82.31
N THR L 334 52.18 2.75 -82.48
CA THR L 334 52.19 1.52 -81.71
C THR L 334 52.64 1.80 -80.28
N CYS L 335 52.82 0.74 -79.48
CA CYS L 335 53.24 0.92 -78.09
C CYS L 335 54.72 1.26 -78.01
N HIS L 336 55.59 0.31 -78.35
CA HIS L 336 57.03 0.56 -78.32
C HIS L 336 57.47 1.63 -79.32
N ASP L 337 56.60 2.00 -80.26
CA ASP L 337 56.78 3.27 -80.97
C ASP L 337 56.76 4.43 -79.98
N PHE L 338 55.67 4.56 -79.23
CA PHE L 338 55.57 5.59 -78.21
C PHE L 338 56.70 5.46 -77.19
N THR L 339 57.05 4.22 -76.83
CA THR L 339 58.12 4.01 -75.85
C THR L 339 59.46 4.47 -76.40
N GLU L 340 59.84 3.99 -77.59
CA GLU L 340 61.14 4.34 -78.15
C GLU L 340 61.30 5.84 -78.36
N GLU L 341 60.19 6.57 -78.50
CA GLU L 341 60.28 8.03 -78.63
C GLU L 341 60.45 8.69 -77.26
N ILE L 342 59.77 8.17 -76.24
CA ILE L 342 60.09 8.62 -74.89
C ILE L 342 61.56 8.38 -74.61
N CYS L 343 62.01 7.14 -74.84
CA CYS L 343 63.42 6.79 -74.65
C CYS L 343 64.35 7.73 -75.41
N ARG L 344 64.01 8.05 -76.66
CA ARG L 344 64.82 8.95 -77.47
C ARG L 344 64.90 10.33 -76.82
N ARG L 345 63.77 11.01 -76.74
CA ARG L 345 63.76 12.35 -76.16
C ARG L 345 64.06 12.36 -74.65
N VAL L 346 64.32 11.22 -73.98
CA VAL L 346 64.84 11.28 -72.61
C VAL L 346 66.34 10.97 -72.58
N LYS L 347 66.87 10.24 -73.56
CA LYS L 347 68.30 10.03 -73.66
C LYS L 347 69.02 11.24 -74.26
N ASP L 348 68.29 12.22 -74.78
CA ASP L 348 68.88 13.48 -75.21
C ASP L 348 69.01 14.48 -74.06
N LEU L 349 68.31 14.26 -72.95
CA LEU L 349 68.41 15.11 -71.76
C LEU L 349 69.29 14.45 -70.72
N VAL M 4 95.43 58.26 12.84
CA VAL M 4 95.20 57.13 13.74
C VAL M 4 93.69 56.93 13.94
N GLN M 5 93.20 55.76 13.55
CA GLN M 5 91.78 55.44 13.62
C GLN M 5 91.59 54.03 14.16
N THR M 6 90.39 53.78 14.69
CA THR M 6 90.07 52.52 15.35
C THR M 6 89.03 51.75 14.55
N VAL M 7 89.20 50.43 14.48
CA VAL M 7 88.30 49.54 13.73
C VAL M 7 88.00 48.34 14.60
N THR M 8 86.71 48.07 14.83
CA THR M 8 86.31 46.88 15.59
C THR M 8 86.57 45.63 14.76
N LEU M 9 87.76 45.07 14.88
CA LEU M 9 88.09 43.82 14.23
C LEU M 9 87.38 42.66 14.92
N ILE M 10 87.08 41.62 14.15
CA ILE M 10 86.56 40.37 14.70
C ILE M 10 87.36 39.21 14.11
N PRO M 11 88.13 38.46 14.91
CA PRO M 11 88.89 37.34 14.34
C PRO M 11 88.02 36.16 13.95
N GLY M 12 86.85 36.00 14.55
CA GLY M 12 85.95 34.91 14.23
C GLY M 12 86.54 33.55 14.55
N ASP M 13 85.81 32.52 14.14
CA ASP M 13 86.26 31.14 14.35
C ASP M 13 87.27 30.75 13.28
N GLY M 14 87.45 29.44 13.11
CA GLY M 14 88.30 28.81 12.12
C GLY M 14 89.71 29.39 12.10
N ILE M 15 90.32 29.33 10.92
CA ILE M 15 91.64 29.93 10.71
C ILE M 15 91.60 31.44 10.78
N GLY M 16 90.40 32.03 10.87
CA GLY M 16 90.20 33.46 10.90
C GLY M 16 91.20 34.26 11.71
N PRO M 17 91.45 33.86 12.97
CA PRO M 17 92.47 34.58 13.75
C PRO M 17 93.87 34.42 13.20
N GLU M 18 94.23 33.22 12.73
CA GLU M 18 95.56 32.98 12.20
C GLU M 18 95.91 33.97 11.09
N ILE M 19 94.91 34.43 10.35
CA ILE M 19 95.12 35.35 9.24
C ILE M 19 94.72 36.77 9.63
N SER M 20 93.83 36.91 10.61
CA SER M 20 93.49 38.24 11.12
C SER M 20 94.74 38.95 11.63
N ALA M 21 95.55 38.24 12.41
CA ALA M 21 96.83 38.79 12.85
C ALA M 21 97.81 38.93 11.69
N ALA M 22 97.71 38.04 10.70
CA ALA M 22 98.55 38.16 9.50
C ALA M 22 98.27 39.46 8.78
N VAL M 23 97.05 40.00 8.91
CA VAL M 23 96.78 41.35 8.43
C VAL M 23 97.36 42.39 9.38
N MET M 24 97.16 42.18 10.69
CA MET M 24 97.67 43.13 11.68
C MET M 24 99.19 43.23 11.63
N LYS M 25 99.88 42.15 11.28
CA LYS M 25 101.32 42.24 11.04
C LYS M 25 101.61 43.07 9.80
N ILE M 26 100.89 42.80 8.71
CA ILE M 26 101.07 43.56 7.48
C ILE M 26 100.72 45.03 7.71
N PHE M 27 99.60 45.28 8.39
CA PHE M 27 99.20 46.66 8.66
C PHE M 27 100.22 47.37 9.52
N ASP M 28 100.75 46.69 10.54
CA ASP M 28 101.84 47.26 11.32
C ASP M 28 103.07 47.50 10.44
N ALA M 29 103.46 46.48 9.66
CA ALA M 29 104.66 46.55 8.84
C ALA M 29 104.49 47.44 7.60
N ALA M 30 103.33 48.06 7.41
CA ALA M 30 103.11 48.97 6.29
C ALA M 30 102.69 50.36 6.78
N LYS M 31 102.98 50.68 8.04
CA LYS M 31 102.71 52.01 8.61
C LYS M 31 101.23 52.38 8.47
N ALA M 32 100.36 51.39 8.68
CA ALA M 32 98.93 51.63 8.58
C ALA M 32 98.44 52.43 9.77
N PRO M 33 97.77 53.56 9.58
CA PRO M 33 97.25 54.36 10.70
C PRO M 33 95.97 53.75 11.26
N ILE M 34 96.11 52.55 11.84
CA ILE M 34 94.96 51.77 12.28
C ILE M 34 95.29 51.09 13.60
N GLN M 35 94.42 51.41 14.54
CA GLN M 35 94.35 50.95 15.92
C GLN M 35 93.18 50.01 15.92
N TRP M 36 93.14 49.08 16.85
CA TRP M 36 92.06 48.10 16.84
C TRP M 36 91.53 47.65 18.19
N GLU M 37 90.29 47.19 18.20
CA GLU M 37 89.66 46.63 19.39
C GLU M 37 89.14 45.26 18.94
N GLU M 38 89.59 44.19 19.57
CA GLU M 38 89.13 42.86 19.17
C GLU M 38 87.72 42.59 19.68
N ARG M 39 87.02 41.61 19.14
CA ARG M 39 85.69 41.41 19.71
C ARG M 39 84.99 40.21 19.09
N ASN M 40 84.95 39.09 19.83
CA ASN M 40 84.13 37.97 19.39
C ASN M 40 82.66 38.37 19.38
N VAL M 41 81.90 37.76 18.47
CA VAL M 41 80.54 38.22 18.18
C VAL M 41 79.54 37.07 18.15
N THR M 42 79.96 35.87 18.57
CA THR M 42 79.07 34.71 18.53
C THR M 42 77.76 35.04 19.23
N ALA M 43 76.68 35.14 18.45
CA ALA M 43 75.44 35.74 18.90
C ALA M 43 74.81 34.98 20.06
N ILE M 44 74.00 35.69 20.82
CA ILE M 44 73.27 35.03 21.89
C ILE M 44 72.35 35.90 22.74
N GLN M 45 71.78 35.27 23.76
CA GLN M 45 70.91 35.91 24.75
C GLN M 45 69.60 36.58 24.32
N GLY M 46 68.91 36.03 23.33
CA GLY M 46 67.65 36.64 22.92
C GLY M 46 66.71 36.60 24.11
N PRO M 47 66.00 37.76 24.39
CA PRO M 47 65.10 37.66 25.54
C PRO M 47 64.01 36.63 25.25
N TRP M 51 66.89 37.07 19.66
CA TRP M 51 68.30 36.89 19.32
C TRP M 51 68.99 38.19 18.92
N MET M 52 70.24 38.34 19.33
CA MET M 52 71.00 39.55 19.08
C MET M 52 72.49 39.24 19.16
N ILE M 53 73.31 40.28 19.13
CA ILE M 53 74.76 40.19 19.07
C ILE M 53 75.34 40.56 20.43
N PRO M 54 76.62 40.31 20.68
CA PRO M 54 77.22 40.83 21.92
C PRO M 54 77.13 42.35 21.99
N SER M 55 76.64 42.85 23.13
CA SER M 55 76.52 44.29 23.33
C SER M 55 77.89 44.97 23.38
N GLU M 56 78.92 44.23 23.84
CA GLU M 56 80.28 44.75 23.80
C GLU M 56 80.73 45.04 22.37
N ALA M 57 80.38 44.15 21.43
CA ALA M 57 80.64 44.44 20.02
C ALA M 57 79.67 45.47 19.47
N LYS M 58 78.44 45.51 19.98
CA LYS M 58 77.41 46.37 19.42
C LYS M 58 77.80 47.85 19.52
N GLU M 59 78.25 48.27 20.70
CA GLU M 59 78.72 49.65 20.85
C GLU M 59 80.07 49.87 20.21
N SER M 60 80.88 48.81 20.09
CA SER M 60 82.16 48.91 19.39
C SER M 60 81.96 49.40 17.96
N MET M 61 80.87 48.94 17.31
CA MET M 61 80.59 49.35 15.94
C MET M 61 80.00 50.76 15.88
N ASP M 62 79.19 51.14 16.87
CA ASP M 62 78.47 52.40 16.80
C ASP M 62 79.38 53.61 16.90
N LYS M 63 80.60 53.45 17.42
CA LYS M 63 81.59 54.51 17.42
C LYS M 63 82.61 54.36 16.29
N ASN M 64 83.03 53.13 16.01
CA ASN M 64 84.09 52.90 15.03
C ASN M 64 83.59 52.89 13.59
N LYS M 65 82.36 52.41 13.37
CA LYS M 65 81.70 52.42 12.06
C LYS M 65 82.42 51.57 11.01
N MET M 66 83.62 51.08 11.33
CA MET M 66 84.41 50.28 10.42
C MET M 66 84.72 48.93 11.05
N GLY M 67 84.73 47.87 10.24
CA GLY M 67 85.00 46.55 10.76
C GLY M 67 85.39 45.51 9.74
N LEU M 68 86.48 44.79 10.01
CA LEU M 68 86.87 43.61 9.26
C LEU M 68 86.40 42.37 10.00
N LYS M 69 86.05 41.33 9.24
CA LYS M 69 85.46 40.13 9.82
C LYS M 69 85.92 38.93 9.02
N GLY M 70 86.17 37.81 9.71
CA GLY M 70 86.64 36.60 9.07
C GLY M 70 85.51 35.63 8.79
N PRO M 71 85.82 34.34 8.72
CA PRO M 71 84.79 33.31 8.57
C PRO M 71 84.20 32.87 9.89
N LEU M 72 83.03 32.26 9.79
CA LEU M 72 82.24 31.87 10.98
C LEU M 72 81.28 30.77 10.56
N LYS M 73 81.42 29.58 11.11
CA LYS M 73 80.53 28.51 10.69
C LYS M 73 79.25 28.69 11.46
N THR M 74 78.19 28.01 11.05
CA THR M 74 76.93 28.14 11.77
C THR M 74 76.14 26.86 11.90
N PRO M 75 75.38 26.82 12.98
CA PRO M 75 74.51 25.67 13.30
C PRO M 75 73.15 25.85 12.65
N ILE M 76 72.21 24.95 12.94
CA ILE M 76 70.85 25.02 12.40
C ILE M 76 69.86 25.50 13.47
N ALA M 77 69.14 26.57 13.16
CA ALA M 77 68.18 27.17 14.08
C ALA M 77 67.36 26.12 14.81
N PRO M 81 68.36 31.66 13.28
CA PRO M 81 68.79 32.80 12.46
C PRO M 81 70.31 32.87 12.32
N SER M 82 70.78 33.24 11.12
CA SER M 82 72.19 33.20 10.78
C SER M 82 72.90 34.48 11.20
N MET M 83 74.22 34.37 11.39
CA MET M 83 75.01 35.52 11.80
C MET M 83 75.19 36.51 10.64
N ASN M 84 75.28 36.00 9.41
CA ASN M 84 75.30 36.88 8.25
C ASN M 84 73.98 37.66 8.12
N LEU M 85 72.89 37.09 8.62
CA LEU M 85 71.60 37.78 8.67
C LEU M 85 71.51 38.74 9.84
N LEU M 86 72.16 38.42 10.97
CA LEU M 86 72.09 39.28 12.14
C LEU M 86 72.81 40.60 11.90
N LEU M 87 74.00 40.56 11.28
CA LEU M 87 74.66 41.79 10.90
C LEU M 87 73.80 42.63 9.95
N ARG M 88 72.91 41.96 9.21
CA ARG M 88 72.09 42.64 8.19
C ARG M 88 71.09 43.60 8.84
N LYS M 89 70.15 43.07 9.63
CA LYS M 89 69.12 43.90 10.23
C LYS M 89 69.63 44.75 11.39
N THR M 90 70.84 44.52 11.88
CA THR M 90 71.37 45.32 12.98
C THR M 90 71.66 46.74 12.53
N PHE M 91 72.54 46.90 11.54
CA PHE M 91 72.95 48.22 11.07
C PHE M 91 72.38 48.56 9.68
N ASP M 92 71.48 47.74 9.15
CA ASP M 92 70.89 47.96 7.83
C ASP M 92 71.96 47.94 6.74
N LEU M 93 72.68 46.82 6.65
CA LEU M 93 73.63 46.61 5.57
C LEU M 93 72.86 46.42 4.26
N TYR M 94 72.75 47.48 3.47
CA TYR M 94 71.98 47.44 2.22
C TYR M 94 72.88 47.37 1.00
N ALA M 95 74.07 46.78 1.12
CA ALA M 95 75.00 46.70 0.00
C ALA M 95 75.99 45.57 0.27
N ASN M 96 76.06 44.62 -0.66
CA ASN M 96 77.04 43.54 -0.63
C ASN M 96 77.91 43.71 -1.88
N VAL M 97 78.99 44.46 -1.76
CA VAL M 97 79.88 44.73 -2.89
C VAL M 97 80.90 43.61 -2.98
N ARG M 98 81.10 43.09 -4.19
CA ARG M 98 82.12 42.07 -4.43
C ARG M 98 82.99 42.47 -5.61
N PRO M 99 84.19 42.95 -5.35
CA PRO M 99 85.06 43.40 -6.43
C PRO M 99 85.94 42.28 -6.96
N CYS M 100 85.45 41.54 -7.97
CA CYS M 100 86.22 40.47 -8.56
C CYS M 100 87.23 41.03 -9.55
N VAL M 101 88.49 40.61 -9.42
CA VAL M 101 89.59 41.17 -10.20
C VAL M 101 90.51 40.03 -10.58
N SER M 102 90.66 39.80 -11.89
CA SER M 102 91.57 38.76 -12.37
C SER M 102 92.96 38.97 -11.80
N ILE M 103 93.63 37.87 -11.48
CA ILE M 103 94.83 37.92 -10.65
C ILE M 103 95.96 37.26 -11.40
N GLU M 104 97.01 38.03 -11.68
CA GLU M 104 98.19 37.52 -12.37
C GLU M 104 98.88 36.46 -11.52
N GLY M 105 99.61 35.57 -12.19
CA GLY M 105 100.15 34.40 -11.50
C GLY M 105 99.16 33.28 -11.24
N TYR M 106 97.94 33.62 -10.82
CA TYR M 106 96.85 32.66 -10.74
C TYR M 106 96.22 32.52 -12.13
N LYS M 107 96.63 31.48 -12.86
CA LYS M 107 96.20 31.31 -14.25
C LYS M 107 94.84 30.63 -14.32
N THR M 108 93.83 31.40 -13.96
CA THR M 108 92.48 30.99 -14.34
C THR M 108 92.23 31.36 -15.81
N PRO M 109 91.55 30.51 -16.58
CA PRO M 109 91.38 30.79 -18.02
C PRO M 109 90.57 32.03 -18.32
N TYR M 110 90.18 32.77 -17.27
CA TYR M 110 89.47 34.04 -17.41
C TYR M 110 90.43 35.16 -17.03
N THR M 111 91.05 35.77 -18.04
CA THR M 111 92.25 36.57 -17.88
C THR M 111 91.99 38.05 -17.60
N ASP M 112 90.80 38.57 -17.91
CA ASP M 112 90.57 40.00 -18.00
C ASP M 112 89.30 40.40 -17.26
N VAL M 113 89.26 40.16 -15.95
CA VAL M 113 88.09 40.47 -15.14
C VAL M 113 88.39 41.69 -14.29
N ASN M 114 87.64 42.78 -14.53
CA ASN M 114 87.60 43.93 -13.63
C ASN M 114 86.13 44.32 -13.50
N ILE M 115 85.40 43.58 -12.68
CA ILE M 115 83.98 43.81 -12.47
C ILE M 115 83.72 43.93 -10.98
N VAL M 116 83.00 44.99 -10.59
CA VAL M 116 82.50 45.14 -9.23
C VAL M 116 81.02 44.79 -9.25
N THR M 117 80.63 43.81 -8.45
CA THR M 117 79.25 43.38 -8.36
C THR M 117 78.62 44.03 -7.12
N ILE M 118 77.62 44.88 -7.35
CA ILE M 118 76.90 45.54 -6.28
C ILE M 118 75.58 44.81 -6.09
N ARG M 119 75.27 44.44 -4.85
CA ARG M 119 74.17 43.54 -4.56
C ARG M 119 73.26 44.16 -3.50
N GLU M 120 72.00 44.37 -3.87
CA GLU M 120 70.97 44.71 -2.88
C GLU M 120 70.90 43.61 -1.83
N ASN M 121 70.98 44.00 -0.55
CA ASN M 121 71.09 43.03 0.53
C ASN M 121 70.02 43.19 1.61
N THR M 122 68.92 43.87 1.31
CA THR M 122 67.82 44.03 2.26
C THR M 122 66.57 43.27 1.84
N GLU M 123 66.00 43.62 0.69
CA GLU M 123 64.71 43.07 0.28
C GLU M 123 64.87 41.84 -0.61
N GLY M 124 63.87 41.56 -1.43
CA GLY M 124 63.84 40.33 -2.17
C GLY M 124 63.38 39.17 -1.31
N GLU M 125 63.38 37.99 -1.91
CA GLU M 125 62.92 36.76 -1.28
C GLU M 125 63.64 36.45 0.03
N TYR M 126 64.72 37.19 0.31
CA TYR M 126 65.62 36.91 1.42
C TYR M 126 65.03 37.31 2.77
N SER M 127 63.78 37.78 2.80
CA SER M 127 63.06 37.89 4.06
C SER M 127 62.76 36.53 4.66
N GLY M 128 62.93 35.46 3.88
CA GLY M 128 62.57 34.13 4.32
C GLY M 128 61.09 33.87 4.34
N ILE M 129 60.27 34.86 4.02
CA ILE M 129 58.83 34.76 4.17
C ILE M 129 58.29 33.77 3.14
N GLU M 130 57.99 32.57 3.60
CA GLU M 130 57.36 31.53 2.80
C GLU M 130 56.02 31.15 3.44
N HIS M 131 55.23 30.41 2.71
CA HIS M 131 53.87 30.17 3.23
C HIS M 131 53.28 28.95 2.52
N VAL M 132 52.56 28.08 3.23
CA VAL M 132 51.94 26.91 2.63
C VAL M 132 50.43 27.05 2.54
N ILE M 133 49.85 26.80 1.38
CA ILE M 133 48.40 26.93 1.22
C ILE M 133 47.52 25.68 1.11
N VAL M 134 48.13 24.52 1.06
CA VAL M 134 47.40 23.28 0.99
C VAL M 134 48.52 22.37 1.31
N ASP M 135 48.29 21.08 1.56
CA ASP M 135 49.44 20.22 1.83
C ASP M 135 50.11 20.19 0.48
N GLY M 136 51.34 20.65 0.45
CA GLY M 136 52.08 20.77 -0.78
C GLY M 136 51.70 22.10 -1.44
N VAL M 137 52.35 22.42 -2.54
CA VAL M 137 52.05 23.64 -3.21
C VAL M 137 52.26 24.87 -2.34
N VAL M 138 53.41 24.98 -1.70
CA VAL M 138 53.69 26.14 -0.87
C VAL M 138 54.14 27.30 -1.70
N ALA M 139 54.21 28.47 -1.10
CA ALA M 139 54.62 29.65 -1.88
C ALA M 139 55.65 30.50 -1.15
N SER M 140 56.68 30.91 -1.87
CA SER M 140 57.72 31.81 -1.40
C SER M 140 57.44 33.22 -1.89
N ILE M 141 57.95 34.21 -1.17
CA ILE M 141 57.56 35.59 -1.36
C ILE M 141 58.79 36.43 -1.70
N LYS M 142 58.71 37.14 -2.82
CA LYS M 142 59.67 38.17 -3.19
C LYS M 142 59.08 39.52 -2.86
N LEU M 143 59.94 40.46 -2.48
CA LEU M 143 59.48 41.75 -1.99
C LEU M 143 60.43 42.83 -2.47
N ILE M 144 59.89 43.86 -3.11
CA ILE M 144 60.69 44.95 -3.66
C ILE M 144 60.04 46.27 -3.26
N THR M 145 60.84 47.17 -2.69
CA THR M 145 60.36 48.46 -2.20
C THR M 145 61.02 49.60 -2.97
N GLU M 146 60.35 50.75 -2.98
CA GLU M 146 60.82 51.86 -3.82
C GLU M 146 62.10 52.49 -3.28
N GLY M 147 62.25 52.57 -1.97
CA GLY M 147 63.40 53.22 -1.37
C GLY M 147 64.67 52.40 -1.39
N ALA M 148 64.55 51.09 -1.12
CA ALA M 148 65.73 50.23 -1.13
C ALA M 148 66.35 50.16 -2.51
N SER M 149 65.52 50.15 -3.56
CA SER M 149 66.05 50.24 -4.93
C SER M 149 66.64 51.62 -5.18
N LYS M 150 65.90 52.67 -4.79
CA LYS M 150 66.42 54.03 -4.94
C LYS M 150 67.78 54.18 -4.26
N ARG M 151 67.94 53.60 -3.08
CA ARG M 151 69.18 53.75 -2.33
C ARG M 151 70.30 52.93 -2.95
N ILE M 152 70.05 51.64 -3.23
CA ILE M 152 71.10 50.79 -3.78
C ILE M 152 71.56 51.33 -5.13
N ALA M 153 70.74 52.16 -5.77
CA ALA M 153 71.16 52.88 -6.97
C ALA M 153 71.98 54.11 -6.58
N GLU M 154 71.42 54.98 -5.73
CA GLU M 154 72.16 56.13 -5.22
C GLU M 154 73.52 55.74 -4.67
N PHE M 155 73.62 54.52 -4.12
CA PHE M 155 74.91 53.99 -3.71
C PHE M 155 75.74 53.57 -4.91
N ALA M 156 75.18 52.68 -5.75
CA ALA M 156 75.95 52.05 -6.82
C ALA M 156 76.73 53.06 -7.64
N PHE M 157 76.12 54.21 -7.91
CA PHE M 157 76.81 55.26 -8.65
C PHE M 157 77.92 55.88 -7.81
N GLU M 158 77.61 56.23 -6.56
CA GLU M 158 78.59 56.88 -5.71
C GLU M 158 79.82 56.00 -5.50
N TYR M 159 79.64 54.67 -5.57
CA TYR M 159 80.82 53.82 -5.57
C TYR M 159 81.62 53.97 -6.85
N ALA M 160 80.95 54.33 -7.95
CA ALA M 160 81.65 54.46 -9.22
C ALA M 160 82.44 55.77 -9.30
N ARG M 161 81.80 56.89 -8.95
CA ARG M 161 82.51 58.16 -8.90
C ARG M 161 83.73 58.06 -7.99
N ASN M 162 83.52 57.60 -6.76
CA ASN M 162 84.56 57.57 -5.74
C ASN M 162 85.50 56.38 -5.90
N ASN M 163 85.43 55.67 -7.03
CA ASN M 163 86.39 54.61 -7.32
C ASN M 163 86.84 54.64 -8.78
N HIS M 164 86.59 55.74 -9.49
CA HIS M 164 86.99 55.92 -10.88
C HIS M 164 86.57 54.72 -11.73
N ARG M 165 85.27 54.44 -11.67
CA ARG M 165 84.63 53.41 -12.47
C ARG M 165 83.99 54.05 -13.69
N SER M 166 84.00 53.33 -14.81
CA SER M 166 83.57 53.92 -16.06
C SER M 166 82.07 53.75 -16.32
N ASN M 167 81.56 52.52 -16.16
CA ASN M 167 80.26 52.17 -16.70
C ASN M 167 79.49 51.33 -15.69
N VAL M 168 78.27 51.77 -15.36
CA VAL M 168 77.38 51.02 -14.48
C VAL M 168 76.30 50.36 -15.33
N THR M 169 76.02 49.08 -15.05
CA THR M 169 75.01 48.33 -15.77
C THR M 169 74.09 47.66 -14.76
N ALA M 170 72.79 47.93 -14.88
CA ALA M 170 71.80 47.33 -14.01
C ALA M 170 71.29 46.03 -14.62
N VAL M 171 71.49 44.93 -13.90
CA VAL M 171 71.03 43.62 -14.33
C VAL M 171 69.61 43.41 -13.81
N HIS M 172 68.78 42.85 -14.68
CA HIS M 172 67.43 42.57 -14.30
C HIS M 172 66.73 41.68 -15.31
N LYS M 173 65.67 41.03 -14.86
CA LYS M 173 64.84 40.17 -15.71
C LYS M 173 63.45 40.79 -15.74
N ALA M 174 63.42 42.11 -15.61
CA ALA M 174 62.19 42.87 -15.59
C ALA M 174 61.38 42.74 -16.86
N ASN M 175 62.05 42.66 -18.00
CA ASN M 175 61.32 42.55 -19.25
C ASN M 175 60.47 41.31 -19.13
N ILE M 176 61.03 40.26 -18.59
CA ILE M 176 60.28 39.05 -18.39
C ILE M 176 59.14 39.23 -17.40
N MET M 177 59.36 39.96 -16.32
CA MET M 177 58.29 40.15 -15.35
C MET M 177 57.99 41.62 -15.24
N ARG M 178 56.82 42.01 -15.72
CA ARG M 178 56.42 43.41 -15.72
C ARG M 178 56.22 44.13 -14.38
N MET M 179 55.63 43.47 -13.40
CA MET M 179 55.38 44.15 -12.13
C MET M 179 56.42 44.07 -11.07
N SER M 180 57.50 43.37 -11.35
CA SER M 180 58.52 43.23 -10.35
C SER M 180 59.54 44.34 -10.52
N ASP M 181 60.70 43.96 -10.99
CA ASP M 181 61.81 44.83 -11.15
C ASP M 181 61.46 45.98 -12.03
N GLY M 182 60.71 45.78 -13.09
CA GLY M 182 60.57 47.04 -13.79
C GLY M 182 60.71 48.24 -12.89
N LEU M 183 60.25 48.13 -11.65
CA LEU M 183 60.40 49.24 -10.71
C LEU M 183 61.86 49.42 -10.32
N PHE M 184 62.56 48.32 -10.09
CA PHE M 184 64.00 48.39 -9.83
C PHE M 184 64.72 49.11 -10.96
N LEU M 185 64.36 48.81 -12.21
CA LEU M 185 64.95 49.53 -13.34
C LEU M 185 64.49 50.98 -13.37
N GLN M 186 63.23 51.24 -13.03
CA GLN M 186 62.73 52.61 -13.08
C GLN M 186 63.55 53.52 -12.18
N LYS M 187 63.64 53.18 -10.90
CA LYS M 187 64.46 53.96 -9.99
C LYS M 187 65.94 53.84 -10.31
N CYS M 188 66.33 52.88 -11.16
CA CYS M 188 67.69 52.89 -11.69
C CYS M 188 67.87 53.99 -12.73
N ARG M 189 66.93 54.09 -13.67
CA ARG M 189 67.02 55.16 -14.67
C ARG M 189 66.84 56.53 -14.04
N GLU M 190 65.91 56.67 -13.09
CA GLU M 190 65.71 57.94 -12.41
C GLU M 190 66.99 58.41 -11.74
N VAL M 191 67.75 57.49 -11.15
CA VAL M 191 69.05 57.84 -10.60
C VAL M 191 70.06 58.03 -11.73
N ALA M 192 69.90 57.32 -12.84
CA ALA M 192 70.87 57.40 -13.93
C ALA M 192 70.84 58.79 -14.57
N GLU M 193 69.64 59.29 -14.85
CA GLU M 193 69.50 60.60 -15.46
C GLU M 193 69.79 61.75 -14.51
N SER M 194 69.96 61.47 -13.21
CA SER M 194 70.35 62.46 -12.23
C SER M 194 71.77 62.22 -11.72
N CYS M 195 72.55 61.43 -12.46
CA CYS M 195 73.99 61.37 -12.30
C CYS M 195 74.58 60.97 -13.63
N LYS M 196 74.33 61.77 -14.67
CA LYS M 196 74.89 61.55 -16.00
C LYS M 196 76.41 61.50 -15.98
N ASP M 197 76.99 61.79 -14.82
CA ASP M 197 78.37 61.46 -14.46
C ASP M 197 78.82 60.15 -15.07
N ILE M 198 78.02 59.10 -14.95
CA ILE M 198 78.41 57.74 -15.31
C ILE M 198 77.50 57.20 -16.41
N LYS M 199 78.12 56.53 -17.38
CA LYS M 199 77.41 55.85 -18.46
C LYS M 199 76.66 54.64 -17.91
N PHE M 200 75.59 54.25 -18.59
CA PHE M 200 74.67 53.27 -18.00
C PHE M 200 73.87 52.58 -19.10
N ASN M 201 73.57 51.30 -18.90
CA ASN M 201 72.76 50.56 -19.86
C ASN M 201 71.96 49.48 -19.14
N GLU M 202 70.83 49.11 -19.74
CA GLU M 202 70.08 47.95 -19.29
C GLU M 202 70.58 46.72 -20.04
N MET M 203 70.48 45.56 -19.39
CA MET M 203 70.87 44.30 -20.03
C MET M 203 70.25 43.17 -19.24
N TYR M 204 69.41 42.37 -19.89
CA TYR M 204 68.68 41.31 -19.20
C TYR M 204 69.64 40.38 -18.48
N LEU M 205 69.13 39.75 -17.41
CA LEU M 205 69.96 38.88 -16.58
C LEU M 205 70.66 37.83 -17.42
N ASP M 206 69.89 37.00 -18.12
CA ASP M 206 70.46 35.91 -18.91
C ASP M 206 71.52 36.45 -19.88
N THR M 207 71.20 37.54 -20.58
CA THR M 207 72.15 38.16 -21.49
C THR M 207 73.49 38.38 -20.79
N VAL M 208 73.46 38.96 -19.59
CA VAL M 208 74.67 39.12 -18.81
C VAL M 208 75.36 37.78 -18.60
N CYS M 209 74.64 36.84 -17.97
CA CYS M 209 75.22 35.52 -17.67
C CYS M 209 75.88 34.90 -18.90
N LEU M 210 75.23 35.00 -20.06
CA LEU M 210 75.80 34.39 -21.26
C LEU M 210 77.06 35.12 -21.68
N ASN M 211 76.97 36.44 -21.86
CA ASN M 211 78.15 37.25 -22.15
C ASN M 211 79.17 37.18 -21.01
N MET M 212 78.69 36.98 -19.78
CA MET M 212 79.58 37.00 -18.63
C MET M 212 80.69 35.96 -18.75
N VAL M 213 80.34 34.78 -19.27
CA VAL M 213 81.29 33.69 -19.39
C VAL M 213 81.87 33.54 -20.78
N GLN M 214 81.54 34.44 -21.70
CA GLN M 214 82.17 34.47 -23.01
C GLN M 214 83.28 35.51 -23.10
N ASP M 215 83.04 36.74 -22.62
CA ASP M 215 84.07 37.77 -22.60
C ASP M 215 83.72 38.75 -21.49
N PRO M 216 84.04 38.42 -20.25
CA PRO M 216 83.64 39.27 -19.12
C PRO M 216 84.29 40.63 -19.12
N SER M 217 85.45 40.78 -19.77
CA SER M 217 86.20 42.04 -19.76
C SER M 217 85.33 43.21 -20.18
N GLN M 218 84.25 42.95 -20.91
CA GLN M 218 83.37 44.01 -21.42
C GLN M 218 82.53 44.66 -20.32
N PHE M 219 82.51 44.11 -19.11
CA PHE M 219 81.65 44.61 -18.05
C PHE M 219 82.46 45.43 -17.04
N ASP M 220 81.74 46.16 -16.19
CA ASP M 220 82.37 47.09 -15.26
C ASP M 220 81.72 47.03 -13.88
N VAL M 221 80.60 47.73 -13.70
CA VAL M 221 79.90 47.78 -12.42
C VAL M 221 78.47 47.28 -12.64
N LEU M 222 78.00 46.42 -11.74
CA LEU M 222 76.70 45.78 -11.88
C LEU M 222 75.90 45.96 -10.60
N VAL M 223 74.77 46.65 -10.69
CA VAL M 223 73.78 46.69 -9.62
C VAL M 223 72.62 45.78 -10.02
N MET M 224 72.00 45.13 -9.02
CA MET M 224 70.91 44.19 -9.25
C MET M 224 70.27 43.72 -7.93
N PRO M 225 69.03 43.22 -7.97
CA PRO M 225 68.37 42.85 -6.71
C PRO M 225 69.00 41.63 -6.06
N ASN M 226 68.50 41.33 -4.85
CA ASN M 226 69.20 40.42 -3.94
C ASN M 226 69.44 39.06 -4.55
N LEU M 227 68.39 38.42 -5.08
CA LEU M 227 68.55 37.07 -5.59
C LEU M 227 69.65 37.01 -6.64
N TYR M 228 69.52 37.83 -7.68
CA TYR M 228 70.52 37.85 -8.73
C TYR M 228 71.90 38.20 -8.18
N GLY M 229 71.96 38.80 -7.00
CA GLY M 229 73.23 39.16 -6.38
C GLY M 229 73.99 37.95 -5.87
N ASP M 230 73.42 37.24 -4.91
CA ASP M 230 74.07 36.05 -4.34
C ASP M 230 74.44 35.02 -5.39
N ILE M 231 73.92 35.14 -6.62
CA ILE M 231 74.25 34.20 -7.67
C ILE M 231 75.44 34.71 -8.47
N LEU M 232 75.29 35.89 -9.08
CA LEU M 232 76.38 36.42 -9.90
C LEU M 232 77.62 36.70 -9.07
N SER M 233 77.46 37.17 -7.84
CA SER M 233 78.60 37.45 -6.98
C SER M 233 79.47 36.20 -6.81
N ASP M 234 78.87 35.09 -6.38
CA ASP M 234 79.58 33.82 -6.31
C ASP M 234 80.04 33.34 -7.67
N LEU M 235 79.44 33.87 -8.76
CA LEU M 235 79.86 33.47 -10.09
C LEU M 235 81.11 34.23 -10.53
N CYS M 236 81.04 35.56 -10.51
CA CYS M 236 82.17 36.39 -10.94
C CYS M 236 83.44 36.02 -10.19
N ALA M 237 83.32 35.73 -8.89
CA ALA M 237 84.45 35.25 -8.13
C ALA M 237 84.97 33.92 -8.67
N GLY M 238 84.07 33.08 -9.20
CA GLY M 238 84.48 31.80 -9.74
C GLY M 238 85.36 31.92 -10.96
N LEU M 239 85.32 33.05 -11.66
CA LEU M 239 86.18 33.22 -12.83
C LEU M 239 87.62 33.54 -12.43
N ILE M 240 87.79 34.33 -11.37
CA ILE M 240 89.13 34.79 -11.00
C ILE M 240 89.89 33.80 -10.11
N GLY M 241 89.19 32.87 -9.46
CA GLY M 241 89.87 31.86 -8.67
C GLY M 241 88.95 31.06 -7.75
N GLY M 242 88.03 31.72 -7.08
CA GLY M 242 87.25 31.09 -6.04
C GLY M 242 87.20 31.95 -4.80
N LEU M 243 86.33 31.56 -3.87
CA LEU M 243 86.01 32.40 -2.71
C LEU M 243 87.23 32.69 -1.84
N GLY M 244 88.32 31.97 -2.02
CA GLY M 244 89.51 32.24 -1.23
C GLY M 244 90.33 33.43 -1.66
N VAL M 245 90.04 34.03 -2.81
CA VAL M 245 90.81 35.15 -3.33
C VAL M 245 89.89 36.29 -3.72
N THR M 246 88.79 36.45 -2.99
CA THR M 246 87.81 37.47 -3.35
C THR M 246 87.43 38.29 -2.13
N PRO M 247 87.50 39.61 -2.21
CA PRO M 247 87.05 40.44 -1.09
C PRO M 247 85.54 40.67 -1.13
N SER M 248 85.02 41.13 0.01
CA SER M 248 83.59 41.38 0.11
C SER M 248 83.34 42.39 1.22
N GLY M 249 82.69 43.49 0.88
CA GLY M 249 82.28 44.49 1.85
C GLY M 249 80.78 44.60 1.93
N ASN M 250 80.28 44.83 3.15
CA ASN M 250 78.89 45.17 3.38
C ASN M 250 78.81 46.60 3.91
N ILE M 251 77.85 47.36 3.41
CA ILE M 251 77.74 48.78 3.70
C ILE M 251 76.34 49.07 4.22
N GLY M 252 76.27 49.73 5.38
CA GLY M 252 74.98 50.07 5.99
C GLY M 252 74.79 51.54 6.23
N ALA M 253 73.75 51.89 6.98
CA ALA M 253 73.48 53.28 7.33
C ALA M 253 74.28 53.69 8.57
N ASN M 254 74.22 54.99 8.87
CA ASN M 254 75.05 55.63 9.90
C ASN M 254 76.53 55.61 9.56
N GLY M 255 76.86 55.49 8.27
CA GLY M 255 78.23 55.32 7.84
C GLY M 255 78.87 54.02 8.22
N VAL M 256 78.12 53.07 8.76
CA VAL M 256 78.69 51.81 9.26
C VAL M 256 79.05 50.91 8.08
N ALA M 257 80.12 50.13 8.25
CA ALA M 257 80.61 49.29 7.16
C ALA M 257 81.28 48.06 7.75
N ILE M 258 81.28 46.99 6.95
CA ILE M 258 81.92 45.74 7.30
C ILE M 258 82.67 45.27 6.07
N PHE M 259 83.85 44.71 6.25
CA PHE M 259 84.63 44.20 5.12
C PHE M 259 85.00 42.77 5.46
N GLU M 260 84.08 41.86 5.15
CA GLU M 260 84.18 40.48 5.61
C GLU M 260 84.94 39.63 4.61
N SER M 261 85.41 38.48 5.10
CA SER M 261 85.83 37.40 4.22
C SER M 261 84.64 36.48 3.95
N VAL M 262 84.82 35.56 3.00
CA VAL M 262 83.76 34.64 2.61
C VAL M 262 84.14 33.17 2.69
N HIS M 263 85.43 32.82 2.63
CA HIS M 263 85.83 31.43 2.53
C HIS M 263 85.42 30.62 3.77
N GLY M 264 85.39 29.29 3.61
CA GLY M 264 85.03 28.44 4.71
C GLY M 264 86.01 28.54 5.87
N THR M 265 85.52 28.20 7.07
CA THR M 265 86.37 28.23 8.26
C THR M 265 87.57 27.31 8.15
N ALA M 266 87.49 26.28 7.29
CA ALA M 266 88.54 25.31 7.07
C ALA M 266 89.02 24.72 8.39
N PRO M 267 88.24 23.83 9.01
CA PRO M 267 88.71 23.17 10.24
C PRO M 267 89.81 22.16 9.98
N ASP M 268 89.92 21.65 8.74
CA ASP M 268 90.85 20.56 8.46
C ASP M 268 92.30 20.97 8.74
N ILE M 269 92.63 22.19 8.36
CA ILE M 269 93.96 22.68 8.62
C ILE M 269 93.75 24.04 9.24
N ALA M 270 92.73 24.16 10.06
CA ALA M 270 92.51 25.45 10.64
C ALA M 270 93.82 25.70 11.39
N GLY M 271 94.29 24.67 12.07
CA GLY M 271 95.54 24.77 12.78
C GLY M 271 96.60 24.59 11.72
N LYS M 272 97.84 24.90 12.06
CA LYS M 272 99.02 24.77 11.18
C LYS M 272 99.54 25.98 10.38
N ASP M 273 98.91 27.15 10.52
CA ASP M 273 99.42 28.33 9.82
C ASP M 273 99.59 28.04 8.35
N MET M 274 98.62 27.34 7.80
CA MET M 274 98.65 26.99 6.38
C MET M 274 97.30 27.40 5.83
N ALA M 275 97.24 28.68 5.49
CA ALA M 275 96.08 29.42 5.02
C ALA M 275 96.49 30.45 3.98
N ASN M 276 95.50 31.00 3.29
CA ASN M 276 95.71 32.08 2.34
C ASN M 276 94.78 33.24 2.67
N PRO M 277 95.29 34.30 3.32
CA PRO M 277 94.42 35.42 3.70
C PRO M 277 94.14 36.41 2.57
N THR M 278 94.81 36.24 1.42
CA THR M 278 94.74 37.14 0.27
C THR M 278 93.36 37.77 0.11
N ALA M 279 92.31 36.98 0.29
CA ALA M 279 90.96 37.54 0.29
C ALA M 279 90.77 38.50 1.45
N LEU M 280 90.94 38.02 2.68
CA LEU M 280 90.73 38.87 3.85
C LEU M 280 91.61 40.12 3.82
N LEU M 281 92.77 40.03 3.18
CA LEU M 281 93.60 41.22 2.97
C LEU M 281 92.91 42.20 2.02
N LEU M 282 92.55 41.74 0.83
CA LEU M 282 91.84 42.60 -0.11
C LEU M 282 90.57 43.17 0.50
N SER M 283 89.95 42.44 1.43
CA SER M 283 88.89 43.03 2.24
C SER M 283 89.40 44.27 2.96
N ALA M 284 90.53 44.14 3.67
CA ALA M 284 91.10 45.28 4.36
C ALA M 284 91.55 46.34 3.37
N VAL M 285 92.19 45.93 2.26
CA VAL M 285 92.59 46.89 1.22
C VAL M 285 91.37 47.63 0.70
N MET M 286 90.25 46.94 0.56
CA MET M 286 89.01 47.56 0.10
C MET M 286 88.45 48.51 1.16
N MET M 287 88.78 48.28 2.43
CA MET M 287 88.32 49.16 3.50
C MET M 287 89.12 50.47 3.53
N LEU M 288 90.43 50.39 3.29
CA LEU M 288 91.25 51.59 3.25
C LEU M 288 90.80 52.52 2.13
N ARG M 289 90.36 51.96 1.00
CA ARG M 289 89.79 52.75 -0.07
C ARG M 289 88.52 53.47 0.37
N HIS M 290 87.78 52.88 1.32
CA HIS M 290 86.49 53.40 1.74
C HIS M 290 86.59 54.66 2.59
N MET M 291 87.73 54.91 3.23
CA MET M 291 87.87 56.04 4.14
C MET M 291 88.77 57.14 3.62
N GLY M 292 89.57 56.90 2.59
CA GLY M 292 90.45 57.92 2.02
C GLY M 292 91.91 57.53 2.01
N LEU M 293 92.30 56.39 2.56
CA LEU M 293 93.70 55.97 2.59
C LEU M 293 94.08 55.35 1.27
N PHE M 294 93.85 56.09 0.17
CA PHE M 294 94.13 55.58 -1.17
C PHE M 294 95.58 55.15 -1.30
N ASP M 295 96.51 56.00 -0.83
CA ASP M 295 97.93 55.67 -0.90
C ASP M 295 98.23 54.41 -0.08
N HIS M 296 97.77 54.38 1.17
CA HIS M 296 98.02 53.22 2.02
C HIS M 296 97.44 51.95 1.41
N ALA M 297 96.22 52.04 0.89
CA ALA M 297 95.60 50.87 0.27
C ALA M 297 96.39 50.40 -0.94
N ALA M 298 96.79 51.33 -1.81
CA ALA M 298 97.49 50.95 -3.04
C ALA M 298 98.81 50.24 -2.74
N ARG M 299 99.48 50.61 -1.64
CA ARG M 299 100.78 50.00 -1.34
C ARG M 299 100.62 48.53 -0.95
N ILE M 300 99.54 48.19 -0.24
CA ILE M 300 99.33 46.79 0.12
C ILE M 300 98.96 45.96 -1.10
N GLU M 301 98.12 46.50 -1.98
CA GLU M 301 97.60 45.73 -3.09
C GLU M 301 98.71 45.30 -4.05
N ALA M 302 99.39 46.28 -4.66
CA ALA M 302 100.47 45.97 -5.59
C ALA M 302 101.50 45.04 -4.97
N ALA M 303 101.67 45.10 -3.65
CA ALA M 303 102.55 44.15 -2.96
C ALA M 303 101.97 42.74 -3.02
N CYS M 304 100.69 42.59 -2.63
CA CYS M 304 100.08 41.27 -2.58
C CYS M 304 100.01 40.62 -3.96
N PHE M 305 99.65 41.41 -4.98
CA PHE M 305 99.67 40.90 -6.35
C PHE M 305 101.07 40.44 -6.73
N ALA M 306 102.05 41.36 -6.64
CA ALA M 306 103.43 41.02 -7.00
C ALA M 306 103.96 39.88 -6.15
N THR M 307 103.44 39.72 -4.93
CA THR M 307 103.80 38.55 -4.13
C THR M 307 103.36 37.27 -4.82
N ILE M 308 102.23 37.29 -5.49
CA ILE M 308 101.75 36.12 -6.21
C ILE M 308 102.25 36.11 -7.66
N LYS M 309 102.49 37.29 -8.25
CA LYS M 309 103.22 37.35 -9.52
C LYS M 309 104.53 36.58 -9.43
N ASP M 310 105.20 36.66 -8.27
CA ASP M 310 106.41 35.89 -8.04
C ASP M 310 106.10 34.40 -7.99
N GLY M 311 105.23 33.99 -7.07
CA GLY M 311 104.84 32.60 -7.00
C GLY M 311 105.85 31.68 -6.35
N LYS M 312 106.77 32.22 -5.57
CA LYS M 312 107.75 31.39 -4.86
C LYS M 312 107.28 31.02 -3.46
N SER M 313 106.39 31.85 -2.93
CA SER M 313 105.83 31.77 -1.60
C SER M 313 104.35 31.54 -1.70
N LEU M 314 103.94 30.95 -2.80
CA LEU M 314 102.55 30.70 -3.04
C LEU M 314 102.04 29.79 -1.93
N THR M 315 100.80 30.01 -1.54
CA THR M 315 100.21 29.20 -0.50
C THR M 315 99.87 27.83 -1.03
N LYS M 316 99.58 26.95 -0.11
CA LYS M 316 99.24 25.58 -0.42
C LYS M 316 97.98 25.48 -1.25
N ASP M 317 97.13 26.49 -1.19
CA ASP M 317 95.90 26.44 -1.96
C ASP M 317 96.15 26.36 -3.46
N LEU M 318 97.13 27.11 -3.95
CA LEU M 318 97.44 27.17 -5.39
C LEU M 318 97.92 25.91 -6.14
N GLY M 319 98.72 25.05 -5.51
CA GLY M 319 99.11 25.24 -4.13
C GLY M 319 100.60 25.38 -3.90
N GLY M 320 100.96 26.48 -3.28
CA GLY M 320 102.34 26.77 -2.97
C GLY M 320 102.76 25.87 -1.84
N ASN M 321 104.06 25.63 -1.76
CA ASN M 321 104.64 24.80 -0.72
C ASN M 321 105.10 25.67 0.43
N ALA M 322 104.60 26.91 0.43
CA ALA M 322 104.90 27.91 1.43
C ALA M 322 103.76 28.13 2.43
N LYS M 323 104.13 28.10 3.70
CA LYS M 323 103.25 28.28 4.85
C LYS M 323 102.82 29.74 4.94
N CYS M 324 101.67 29.97 5.60
CA CYS M 324 101.11 31.31 5.68
C CYS M 324 102.10 32.30 6.28
N SER M 325 103.04 31.83 7.11
CA SER M 325 104.10 32.70 7.61
C SER M 325 104.94 33.24 6.47
N ASP M 326 105.40 32.36 5.56
CA ASP M 326 106.28 32.77 4.48
C ASP M 326 105.60 33.81 3.59
N PHE M 327 104.35 33.54 3.20
CA PHE M 327 103.60 34.52 2.41
C PHE M 327 103.42 35.82 3.17
N THR M 328 102.92 35.75 4.41
CA THR M 328 102.75 36.95 5.21
C THR M 328 104.06 37.70 5.40
N GLU M 329 105.17 36.98 5.51
CA GLU M 329 106.46 37.65 5.62
C GLU M 329 106.88 38.29 4.30
N GLU M 330 106.52 37.69 3.17
CA GLU M 330 106.95 38.23 1.89
C GLU M 330 106.19 39.49 1.51
N ILE M 331 104.94 39.63 1.97
CA ILE M 331 104.22 40.88 1.77
C ILE M 331 104.77 41.98 2.68
N CYS M 332 104.93 41.66 3.98
CA CYS M 332 105.56 42.61 4.90
C CYS M 332 106.94 43.03 4.40
N ARG M 333 107.63 42.15 3.67
CA ARG M 333 108.90 42.48 3.05
C ARG M 333 108.72 43.56 1.99
N ARG M 334 108.11 43.19 0.86
CA ARG M 334 108.02 44.09 -0.29
C ARG M 334 107.17 45.34 -0.02
N VAL M 335 106.49 45.40 1.12
CA VAL M 335 105.74 46.61 1.46
C VAL M 335 106.62 47.66 2.12
N LYS M 336 107.81 47.28 2.60
CA LYS M 336 108.71 48.24 3.20
C LYS M 336 109.37 49.14 2.17
N ASP M 337 109.41 48.72 0.91
CA ASP M 337 109.91 49.55 -0.18
C ASP M 337 108.74 50.05 -1.03
N LEU M 338 108.95 51.18 -1.70
CA LEU M 338 107.93 51.75 -2.57
C LEU M 338 108.57 52.42 -3.77
N GLN N 4 37.14 17.90 -31.60
CA GLN N 4 36.87 17.51 -30.23
C GLN N 4 37.60 16.22 -29.90
N THR N 5 37.22 15.16 -30.58
CA THR N 5 37.83 13.88 -30.33
C THR N 5 39.31 13.95 -30.65
N ILE N 6 39.65 14.67 -31.70
CA ILE N 6 41.03 14.83 -32.12
C ILE N 6 41.73 13.50 -32.39
N PRO N 7 41.96 13.24 -33.73
CA PRO N 7 42.59 11.93 -34.00
C PRO N 7 44.04 11.88 -33.71
N PRO N 8 44.53 10.59 -33.68
CA PRO N 8 45.97 10.48 -33.43
C PRO N 8 46.74 10.77 -34.68
N SER N 9 48.06 10.93 -34.58
CA SER N 9 48.91 11.19 -35.74
C SER N 9 48.87 10.06 -36.73
N ALA N 10 49.62 10.20 -37.81
CA ALA N 10 49.68 9.14 -38.80
C ALA N 10 50.89 9.36 -39.69
N LYS N 11 51.47 8.25 -40.14
CA LYS N 11 52.52 8.24 -41.15
C LYS N 11 51.86 7.78 -42.45
N TYR N 12 51.80 8.67 -43.43
CA TYR N 12 51.22 8.29 -44.72
C TYR N 12 52.34 7.71 -45.59
N GLY N 13 52.28 6.41 -45.82
CA GLY N 13 53.24 5.77 -46.70
C GLY N 13 54.68 5.83 -46.25
N GLY N 14 54.91 6.01 -44.95
CA GLY N 14 56.26 6.02 -44.42
C GLY N 14 56.71 7.37 -43.91
N ARG N 15 56.58 8.41 -44.72
CA ARG N 15 57.07 9.73 -44.32
C ARG N 15 56.16 10.35 -43.28
N HIS N 16 56.76 10.83 -42.19
CA HIS N 16 56.01 11.37 -41.06
C HIS N 16 55.75 12.85 -41.23
N THR N 17 54.54 13.28 -40.87
CA THR N 17 54.09 14.65 -41.07
C THR N 17 54.30 15.44 -39.79
N VAL N 18 55.01 16.56 -39.88
CA VAL N 18 55.41 17.37 -38.73
C VAL N 18 55.04 18.82 -38.97
N THR N 19 54.52 19.46 -37.93
CA THR N 19 54.18 20.89 -38.00
C THR N 19 55.44 21.74 -37.93
N MET N 20 55.46 22.84 -38.68
CA MET N 20 56.57 23.78 -38.64
C MET N 20 56.08 25.18 -38.29
N ILE N 21 56.91 25.91 -37.55
CA ILE N 21 56.77 27.35 -37.38
C ILE N 21 58.04 27.99 -37.91
N PRO N 22 57.96 28.87 -38.91
CA PRO N 22 59.18 29.55 -39.37
C PRO N 22 59.64 30.62 -38.40
N GLY N 23 58.69 31.24 -37.71
CA GLY N 23 59.05 32.19 -36.68
C GLY N 23 59.56 33.51 -37.22
N ASP N 24 60.20 34.25 -36.31
CA ASP N 24 60.64 35.60 -36.58
C ASP N 24 62.14 35.62 -36.86
N GLY N 25 62.61 36.76 -37.35
CA GLY N 25 64.04 36.95 -37.58
C GLY N 25 64.61 35.87 -38.48
N ILE N 26 65.69 35.24 -38.02
CA ILE N 26 66.43 34.30 -38.84
C ILE N 26 65.74 32.96 -38.98
N GLY N 27 64.62 32.78 -38.30
CA GLY N 27 63.88 31.55 -38.33
C GLY N 27 63.58 31.07 -39.73
N PRO N 28 62.79 31.87 -40.49
CA PRO N 28 62.42 31.46 -41.86
C PRO N 28 63.60 31.10 -42.74
N GLU N 29 64.57 32.01 -42.88
CA GLU N 29 65.72 31.74 -43.74
C GLU N 29 66.46 30.49 -43.30
N LEU N 30 66.52 30.24 -41.98
CA LEU N 30 67.06 28.98 -41.50
C LEU N 30 66.10 27.83 -41.77
N MET N 31 64.79 28.09 -41.66
CA MET N 31 63.80 27.05 -41.89
C MET N 31 63.74 26.56 -43.33
N LEU N 32 64.42 27.23 -44.26
CA LEU N 32 64.52 26.69 -45.62
C LEU N 32 65.69 25.72 -45.74
N HIS N 33 66.83 26.05 -45.12
CA HIS N 33 67.98 25.16 -45.17
C HIS N 33 67.67 23.82 -44.52
N VAL N 34 67.01 23.82 -43.36
CA VAL N 34 66.68 22.55 -42.70
C VAL N 34 65.90 21.66 -43.66
N LYS N 35 64.95 22.26 -44.38
CA LYS N 35 64.30 21.54 -45.47
C LYS N 35 65.33 21.11 -46.50
N SER N 36 66.12 22.10 -46.91
CA SER N 36 67.07 21.85 -47.95
C SER N 36 67.88 20.71 -47.45
N VAL N 37 68.23 20.75 -46.18
CA VAL N 37 69.01 19.64 -45.64
C VAL N 37 68.08 18.45 -45.77
N PHE N 38 66.85 18.69 -45.35
CA PHE N 38 65.88 17.64 -45.42
C PHE N 38 65.59 17.21 -46.83
N ARG N 39 65.47 18.16 -47.75
CA ARG N 39 65.16 17.80 -49.14
C ARG N 39 66.27 16.90 -49.55
N HIS N 40 67.47 17.31 -49.21
CA HIS N 40 68.58 16.47 -49.47
C HIS N 40 68.66 15.46 -48.36
N ALA N 41 67.87 15.63 -47.30
CA ALA N 41 67.92 14.67 -46.23
C ALA N 41 67.56 13.34 -46.81
N CYS N 42 66.67 13.38 -47.79
CA CYS N 42 66.25 12.16 -48.43
C CYS N 42 65.31 11.44 -47.50
N VAL N 43 64.95 12.07 -46.38
CA VAL N 43 64.04 11.41 -45.47
C VAL N 43 62.93 12.21 -44.84
N PRO N 44 61.71 11.57 -44.90
CA PRO N 44 60.62 12.28 -44.24
C PRO N 44 60.40 13.78 -44.31
N VAL N 45 60.38 14.39 -45.49
CA VAL N 45 60.12 15.81 -45.57
C VAL N 45 58.62 15.99 -45.60
N ASP N 46 58.07 16.75 -44.66
CA ASP N 46 56.66 16.99 -44.66
C ASP N 46 56.45 18.44 -44.33
N PHE N 47 56.65 18.74 -43.08
CA PHE N 47 56.56 20.10 -42.62
C PHE N 47 55.31 20.87 -42.99
N GLU N 48 54.15 20.36 -42.69
CA GLU N 48 53.01 21.22 -43.05
C GLU N 48 53.40 22.54 -42.40
N GLU N 49 53.44 23.63 -43.13
CA GLU N 49 53.83 24.90 -42.55
C GLU N 49 52.71 25.61 -41.82
N VAL N 50 53.04 26.63 -41.05
CA VAL N 50 52.04 27.40 -40.34
C VAL N 50 52.61 28.76 -40.04
N HIS N 51 51.76 29.73 -39.81
CA HIS N 51 52.27 31.06 -39.53
C HIS N 51 51.93 31.48 -38.13
N VAL N 52 52.97 31.59 -37.32
CA VAL N 52 52.84 32.02 -35.96
C VAL N 52 53.86 33.09 -35.88
N SER N 53 53.50 34.30 -35.54
CA SER N 53 54.40 35.42 -35.71
C SER N 53 53.84 36.78 -35.39
N SER N 54 54.60 37.73 -35.87
CA SER N 54 54.35 39.11 -35.70
C SER N 54 52.96 39.30 -36.20
N ASN N 55 52.55 38.59 -37.25
CA ASN N 55 51.18 38.78 -37.73
C ASN N 55 50.30 38.41 -36.56
N ALA N 56 50.57 37.26 -35.99
CA ALA N 56 49.91 36.84 -34.76
C ALA N 56 48.39 37.02 -34.62
N ASP N 57 47.59 36.68 -35.64
CA ASP N 57 46.14 36.86 -35.46
C ASP N 57 45.80 35.87 -34.36
N GLU N 58 44.97 36.28 -33.40
CA GLU N 58 44.67 35.40 -32.28
C GLU N 58 44.08 34.17 -32.90
N GLU N 59 43.19 34.38 -33.84
CA GLU N 59 42.62 33.28 -34.56
C GLU N 59 43.79 32.63 -35.28
N ASP N 60 44.67 33.48 -35.77
CA ASP N 60 45.80 32.97 -36.49
C ASP N 60 46.60 32.07 -35.61
N ILE N 61 46.73 32.40 -34.35
CA ILE N 61 47.56 31.51 -33.55
C ILE N 61 46.88 30.23 -33.18
N ARG N 62 45.66 30.34 -32.73
CA ARG N 62 44.98 29.15 -32.28
C ARG N 62 44.80 28.18 -33.39
N ASN N 63 44.34 28.64 -34.54
CA ASN N 63 44.09 27.64 -35.57
C ASN N 63 45.39 27.03 -36.09
N ALA N 64 46.49 27.76 -35.98
CA ALA N 64 47.81 27.15 -36.17
C ALA N 64 48.25 26.37 -34.95
N ILE N 65 47.62 26.59 -33.80
CA ILE N 65 47.92 25.79 -32.61
C ILE N 65 47.54 24.34 -32.84
N MET N 66 46.27 24.08 -33.14
CA MET N 66 45.81 22.70 -33.20
C MET N 66 46.43 21.91 -34.36
N ALA N 67 46.89 22.61 -35.40
CA ALA N 67 47.70 21.93 -36.41
C ALA N 67 48.90 21.25 -35.79
N ILE N 68 49.43 21.83 -34.71
CA ILE N 68 50.43 21.15 -33.91
C ILE N 68 49.78 20.08 -33.04
N ARG N 69 48.51 20.34 -32.78
CA ARG N 69 47.67 19.43 -32.09
C ARG N 69 47.54 18.21 -32.99
N ARG N 70 47.41 18.44 -34.29
CA ARG N 70 47.23 17.33 -35.22
C ARG N 70 48.42 16.37 -35.24
N ASN N 71 49.64 16.86 -35.14
CA ASN N 71 50.79 15.98 -35.13
C ASN N 71 51.39 16.16 -33.79
N ARG N 72 52.15 15.20 -33.31
CA ARG N 72 52.66 15.48 -31.97
C ARG N 72 54.05 16.11 -31.99
N VAL N 73 54.56 16.52 -33.15
CA VAL N 73 55.92 17.00 -33.28
C VAL N 73 55.92 18.29 -34.10
N ALA N 74 56.55 19.33 -33.56
CA ALA N 74 56.76 20.56 -34.31
C ALA N 74 58.19 21.03 -34.12
N LEU N 75 58.74 21.63 -35.17
CA LEU N 75 60.02 22.32 -35.12
C LEU N 75 59.77 23.80 -35.36
N LYS N 76 60.42 24.66 -34.58
CA LYS N 76 60.10 26.07 -34.65
C LYS N 76 61.31 26.92 -34.33
N GLY N 77 61.27 28.16 -34.81
CA GLY N 77 62.19 29.19 -34.39
C GLY N 77 61.70 29.83 -33.10
N ASN N 78 62.02 31.11 -32.95
CA ASN N 78 61.64 31.87 -31.76
C ASN N 78 60.79 33.07 -32.16
N ILE N 79 60.11 33.64 -31.17
CA ILE N 79 58.97 34.52 -31.41
C ILE N 79 59.27 35.92 -30.90
N GLU N 80 58.83 36.89 -31.67
CA GLU N 80 59.18 38.27 -31.46
C GLU N 80 58.92 38.70 -30.06
N THR N 81 57.88 38.18 -29.45
CA THR N 81 57.61 38.56 -28.08
C THR N 81 56.76 39.78 -28.09
N ASN N 82 55.99 39.94 -27.04
CA ASN N 82 55.15 41.09 -26.93
C ASN N 82 55.95 42.32 -26.66
N HIS N 83 55.41 43.46 -27.05
CA HIS N 83 56.00 44.76 -26.83
C HIS N 83 54.83 45.53 -26.23
N ASN N 84 55.03 46.19 -25.10
CA ASN N 84 53.94 46.94 -24.50
C ASN N 84 52.72 46.07 -24.30
N LEU N 85 52.93 44.86 -23.79
CA LEU N 85 51.84 43.93 -23.52
C LEU N 85 51.18 44.57 -22.33
N PRO N 86 50.05 44.06 -21.88
CA PRO N 86 49.36 44.70 -20.77
C PRO N 86 50.22 44.87 -19.50
N PRO N 87 51.12 43.95 -19.14
CA PRO N 87 51.34 42.73 -19.89
C PRO N 87 50.12 41.89 -19.68
N SER N 88 49.62 41.27 -20.73
CA SER N 88 48.47 40.40 -20.61
C SER N 88 48.96 38.98 -20.37
N HIS N 89 50.26 38.84 -20.24
CA HIS N 89 50.87 37.54 -20.02
C HIS N 89 50.85 36.77 -21.32
N LYS N 90 50.51 37.45 -22.41
CA LYS N 90 50.42 36.78 -23.68
C LYS N 90 51.71 36.66 -24.46
N SER N 91 52.67 35.89 -23.95
CA SER N 91 53.89 35.67 -24.71
C SER N 91 53.36 34.75 -25.77
N ARG N 92 53.67 35.02 -27.03
CA ARG N 92 53.14 34.16 -28.07
C ARG N 92 53.62 32.77 -27.74
N ASN N 93 54.91 32.68 -27.43
CA ASN N 93 55.41 31.39 -27.07
C ASN N 93 54.78 30.96 -25.78
N ASN N 94 54.72 31.87 -24.81
CA ASN N 94 54.19 31.47 -23.52
C ASN N 94 52.76 31.01 -23.52
N ILE N 95 51.89 31.77 -24.17
CA ILE N 95 50.50 31.36 -24.21
C ILE N 95 50.50 30.07 -24.95
N LEU N 96 51.26 30.06 -26.01
CA LEU N 96 51.32 28.93 -26.86
C LEU N 96 51.78 27.72 -26.12
N ARG N 97 52.79 27.86 -25.27
CA ARG N 97 53.29 26.70 -24.59
C ARG N 97 52.29 26.04 -23.66
N THR N 98 51.57 26.84 -22.90
CA THR N 98 50.64 26.26 -21.96
C THR N 98 49.50 25.44 -22.50
N SER N 99 48.75 25.97 -23.44
CA SER N 99 47.65 25.14 -23.95
C SER N 99 48.15 23.71 -24.18
N LEU N 100 49.46 23.56 -24.36
CA LEU N 100 50.06 22.25 -24.60
C LEU N 100 50.57 21.41 -23.44
N ASP N 101 50.58 21.96 -22.22
CA ASP N 101 50.99 21.21 -21.02
C ASP N 101 52.37 20.58 -21.20
N LEU N 102 53.26 21.30 -21.89
CA LEU N 102 54.65 20.88 -22.02
C LEU N 102 55.36 21.24 -20.72
N TYR N 103 55.53 20.25 -19.83
CA TYR N 103 56.06 20.59 -18.52
C TYR N 103 57.59 20.57 -18.46
N ALA N 104 58.23 19.71 -19.25
CA ALA N 104 59.68 19.53 -19.16
C ALA N 104 60.38 20.29 -20.28
N ASN N 105 61.34 21.14 -19.90
CA ASN N 105 62.18 21.87 -20.84
C ASN N 105 63.60 21.32 -20.75
N VAL N 106 64.17 20.98 -21.90
CA VAL N 106 65.44 20.26 -21.95
C VAL N 106 66.37 20.94 -22.95
N ILE N 107 67.56 21.30 -22.50
CA ILE N 107 68.64 21.76 -23.37
C ILE N 107 69.83 20.82 -23.19
N HIS N 108 70.84 20.99 -24.06
CA HIS N 108 71.86 19.97 -24.22
C HIS N 108 73.14 20.67 -24.71
N CYS N 109 73.90 21.23 -23.78
CA CYS N 109 75.14 21.91 -24.09
C CYS N 109 76.24 20.87 -24.27
N LYS N 110 76.88 20.87 -25.45
CA LYS N 110 77.94 19.93 -25.75
C LYS N 110 79.14 20.65 -26.32
N SER N 111 80.32 20.35 -25.81
CA SER N 111 81.54 20.90 -26.38
C SER N 111 81.79 20.28 -27.75
N LEU N 112 82.28 21.11 -28.66
CA LEU N 112 82.42 20.66 -30.04
C LEU N 112 83.89 20.58 -30.43
N PRO N 113 84.30 19.52 -31.12
CA PRO N 113 85.72 19.40 -31.52
C PRO N 113 86.19 20.54 -32.41
N GLY N 114 85.28 21.27 -33.06
CA GLY N 114 85.69 22.29 -34.01
C GLY N 114 85.63 23.70 -33.47
N VAL N 115 84.92 23.91 -32.37
CA VAL N 115 84.80 25.23 -31.77
C VAL N 115 85.44 25.14 -30.39
N VAL N 116 86.73 25.45 -30.31
CA VAL N 116 87.41 25.52 -29.03
C VAL N 116 87.03 26.81 -28.34
N THR N 117 86.76 26.73 -27.02
CA THR N 117 86.31 27.87 -26.26
C THR N 117 87.24 28.06 -25.08
N ARG N 118 86.86 27.66 -23.88
CA ARG N 118 87.68 27.91 -22.70
C ARG N 118 87.87 26.62 -21.93
N HIS N 119 86.88 25.74 -21.98
CA HIS N 119 86.93 24.43 -21.38
C HIS N 119 86.72 23.37 -22.45
N LYS N 120 87.05 22.12 -22.11
CA LYS N 120 86.86 21.00 -23.01
C LYS N 120 86.02 19.92 -22.35
N ASP N 121 85.41 19.10 -23.20
CA ASP N 121 84.72 17.89 -22.77
C ASP N 121 83.57 18.16 -21.81
N ILE N 122 82.43 18.62 -22.33
CA ILE N 122 81.23 18.86 -21.54
C ILE N 122 80.06 18.15 -22.23
N ASP N 123 79.22 17.49 -21.43
CA ASP N 123 77.96 16.89 -21.89
C ASP N 123 76.96 17.05 -20.75
N ILE N 124 76.00 17.97 -20.92
CA ILE N 124 75.09 18.35 -19.85
C ILE N 124 73.66 18.35 -20.38
N LEU N 125 72.73 17.86 -19.56
CA LEU N 125 71.30 17.88 -19.87
C LEU N 125 70.59 18.64 -18.75
N ILE N 126 70.07 19.82 -19.06
CA ILE N 126 69.34 20.63 -18.10
C ILE N 126 67.85 20.35 -18.27
N VAL N 127 67.14 20.29 -17.15
CA VAL N 127 65.70 20.06 -17.14
C VAL N 127 65.10 21.11 -16.21
N ARG N 128 63.86 21.50 -16.49
CA ARG N 128 63.16 22.41 -15.59
C ARG N 128 61.67 22.38 -15.88
N GLU N 129 60.88 22.80 -14.89
CA GLU N 129 59.44 22.96 -15.07
C GLU N 129 59.22 24.21 -15.94
N ASN N 130 57.95 24.60 -16.13
CA ASN N 130 57.68 25.75 -16.98
C ASN N 130 56.50 26.56 -16.46
N THR N 131 55.51 25.83 -16.00
CA THR N 131 54.41 26.36 -15.26
C THR N 131 54.94 26.38 -13.81
N GLU N 132 55.79 25.41 -13.49
CA GLU N 132 56.43 25.19 -12.21
C GLU N 132 57.74 25.91 -12.03
N GLY N 133 58.17 26.63 -13.06
CA GLY N 133 59.45 27.30 -13.01
C GLY N 133 59.47 28.25 -11.85
N GLU N 134 58.30 28.68 -11.45
CA GLU N 134 58.19 29.56 -10.32
C GLU N 134 58.28 31.00 -10.79
N TYR N 135 57.83 31.92 -9.96
CA TYR N 135 57.87 33.35 -10.28
C TYR N 135 57.28 33.52 -11.64
N SER N 136 56.21 32.79 -11.84
CA SER N 136 55.57 32.78 -13.12
C SER N 136 55.14 34.18 -13.42
N SER N 137 54.54 34.81 -12.44
CA SER N 137 54.07 36.16 -12.63
C SER N 137 53.14 36.47 -11.50
N LEU N 138 52.58 37.66 -11.60
CA LEU N 138 51.67 38.27 -10.63
C LEU N 138 52.47 39.00 -9.60
N GLU N 139 51.71 39.68 -8.76
CA GLU N 139 52.20 40.43 -7.65
C GLU N 139 51.06 41.34 -7.42
N HIS N 140 51.17 42.16 -6.41
CA HIS N 140 50.12 43.09 -6.12
C HIS N 140 50.86 44.27 -5.58
N GLU N 141 50.34 45.48 -5.80
CA GLU N 141 51.03 46.64 -5.29
C GLU N 141 50.40 46.75 -3.95
N SER N 142 51.07 46.24 -2.93
CA SER N 142 50.45 46.32 -1.62
C SER N 142 50.01 47.74 -1.35
N VAL N 143 50.97 48.63 -1.15
CA VAL N 143 50.75 50.07 -1.11
C VAL N 143 51.81 50.72 -1.98
N ALA N 144 51.79 52.05 -2.02
CA ALA N 144 52.66 52.81 -2.90
C ALA N 144 54.13 52.44 -2.71
N GLY N 145 54.72 51.86 -3.74
CA GLY N 145 56.15 51.60 -3.77
C GLY N 145 56.60 50.26 -3.23
N VAL N 146 55.70 49.30 -3.02
CA VAL N 146 56.04 47.98 -2.48
C VAL N 146 55.29 46.94 -3.29
N VAL N 147 56.03 46.10 -4.01
CA VAL N 147 55.46 45.11 -4.93
C VAL N 147 55.93 43.72 -4.50
N GLU N 148 54.97 42.80 -4.36
CA GLU N 148 55.22 41.43 -3.96
C GLU N 148 55.16 40.50 -5.17
N SER N 149 55.88 39.39 -5.07
CA SER N 149 55.84 38.34 -6.08
C SER N 149 55.61 37.00 -5.38
N LEU N 150 55.28 35.98 -6.17
CA LEU N 150 54.90 34.68 -5.62
C LEU N 150 55.65 33.55 -6.33
N LYS N 151 56.69 33.03 -5.68
CA LYS N 151 57.27 31.77 -6.09
C LYS N 151 56.32 30.63 -5.76
N ILE N 152 56.15 29.70 -6.70
CA ILE N 152 55.24 28.58 -6.52
C ILE N 152 56.01 27.28 -6.79
N ILE N 153 56.08 26.42 -5.79
CA ILE N 153 56.65 25.08 -5.94
C ILE N 153 55.53 24.08 -5.73
N THR N 154 55.22 23.33 -6.79
CA THR N 154 54.13 22.38 -6.81
C THR N 154 54.67 20.98 -6.50
N LYS N 155 54.14 20.36 -5.45
CA LYS N 155 54.54 18.99 -5.14
C LYS N 155 54.38 18.09 -6.35
N ALA N 156 53.24 18.19 -7.03
CA ALA N 156 52.96 17.42 -8.23
C ALA N 156 54.03 17.65 -9.30
N LYS N 157 54.03 18.84 -9.90
CA LYS N 157 54.93 19.15 -11.01
C LYS N 157 56.39 18.97 -10.62
N SER N 158 56.71 18.96 -9.33
CA SER N 158 58.05 18.60 -8.89
C SER N 158 58.34 17.14 -9.20
N LEU N 159 57.50 16.24 -8.70
CA LEU N 159 57.69 14.82 -8.98
C LEU N 159 57.56 14.53 -10.47
N ARG N 160 56.69 15.27 -11.16
CA ARG N 160 56.59 15.14 -12.61
C ARG N 160 57.92 15.40 -13.28
N ILE N 161 58.54 16.54 -12.98
CA ILE N 161 59.81 16.86 -13.62
C ILE N 161 60.89 15.94 -13.08
N ALA N 162 60.72 15.43 -11.86
CA ALA N 162 61.69 14.52 -11.27
C ALA N 162 61.77 13.23 -12.06
N GLU N 163 60.66 12.50 -12.14
CA GLU N 163 60.61 11.27 -12.92
C GLU N 163 61.14 11.47 -14.34
N TYR N 164 60.89 12.65 -14.91
CA TYR N 164 61.41 12.94 -16.24
C TYR N 164 62.92 12.92 -16.24
N ALA N 165 63.54 13.69 -15.34
CA ALA N 165 64.99 13.82 -15.33
C ALA N 165 65.67 12.45 -15.23
N PHE N 166 65.14 11.57 -14.38
CA PHE N 166 65.76 10.27 -14.19
C PHE N 166 65.50 9.36 -15.39
N LYS N 167 64.25 9.25 -15.83
CA LYS N 167 63.94 8.43 -17.00
C LYS N 167 64.69 8.93 -18.23
N LEU N 168 64.83 10.25 -18.36
CA LEU N 168 65.69 10.80 -19.41
C LEU N 168 67.14 10.38 -19.21
N ALA N 169 67.59 10.33 -17.95
CA ALA N 169 68.98 10.04 -17.66
C ALA N 169 69.36 8.59 -17.94
N GLN N 170 68.39 7.68 -17.90
CA GLN N 170 68.67 6.26 -18.09
C GLN N 170 68.46 5.80 -19.53
N GLU N 171 67.42 6.30 -20.20
CA GLU N 171 67.24 5.99 -21.61
C GLU N 171 68.42 6.47 -22.46
N SER N 172 69.17 7.46 -21.97
CA SER N 172 70.41 7.89 -22.60
C SER N 172 71.63 7.22 -21.98
N GLY N 173 71.48 6.65 -20.79
CA GLY N 173 72.57 5.97 -20.11
C GLY N 173 73.51 6.86 -19.32
N ARG N 174 73.02 7.94 -18.72
CA ARG N 174 73.87 8.86 -17.98
C ARG N 174 74.28 8.22 -16.65
N LYS N 175 74.90 9.00 -15.77
CA LYS N 175 75.39 8.37 -14.55
C LYS N 175 75.06 9.16 -13.28
N LYS N 176 75.04 10.49 -13.35
CA LYS N 176 74.79 11.32 -12.17
C LYS N 176 73.75 12.39 -12.49
N VAL N 177 72.80 12.56 -11.59
CA VAL N 177 71.79 13.62 -11.68
C VAL N 177 72.05 14.59 -10.54
N THR N 178 72.33 15.85 -10.88
CA THR N 178 72.55 16.90 -9.91
C THR N 178 71.34 17.81 -9.86
N ALA N 179 70.89 18.14 -8.66
CA ALA N 179 69.74 19.02 -8.47
C ALA N 179 70.20 20.33 -7.85
N VAL N 180 69.68 21.45 -8.37
CA VAL N 180 70.10 22.78 -7.95
C VAL N 180 68.92 23.49 -7.30
N HIS N 181 69.19 24.18 -6.20
CA HIS N 181 68.15 24.78 -5.38
C HIS N 181 68.70 26.02 -4.68
N LYS N 182 67.94 26.53 -3.72
CA LYS N 182 68.41 27.56 -2.81
C LYS N 182 67.71 27.38 -1.47
N ALA N 183 67.53 26.13 -1.05
CA ALA N 183 66.76 25.82 0.14
C ALA N 183 67.32 26.47 1.39
N ASN N 184 68.59 26.87 1.36
CA ASN N 184 69.19 27.54 2.51
C ASN N 184 68.60 28.91 2.79
N ILE N 185 67.97 29.53 1.79
CA ILE N 185 67.34 30.84 1.96
C ILE N 185 65.82 30.74 2.05
N MET N 186 65.22 29.89 1.21
CA MET N 186 63.79 29.63 1.20
C MET N 186 63.60 28.13 1.45
N LYS N 187 63.58 27.76 2.73
CA LYS N 187 63.62 26.35 3.10
C LYS N 187 62.34 25.62 2.69
N LEU N 188 61.20 26.31 2.75
CA LEU N 188 59.93 25.65 2.48
C LEU N 188 59.84 25.25 1.01
N GLY N 189 59.80 26.23 0.12
CA GLY N 189 59.64 25.98 -1.31
C GLY N 189 60.76 25.16 -1.93
N ASP N 190 61.97 25.72 -1.98
CA ASP N 190 63.10 25.01 -2.57
C ASP N 190 63.31 23.66 -1.88
N GLY N 191 63.12 23.62 -0.57
CA GLY N 191 63.28 22.37 0.15
C GLY N 191 62.25 21.33 -0.27
N LEU N 192 61.01 21.74 -0.47
CA LEU N 192 59.98 20.81 -0.94
C LEU N 192 60.39 20.16 -2.26
N PHE N 193 60.80 21.00 -3.23
CA PHE N 193 61.40 20.49 -4.45
C PHE N 193 62.57 19.58 -4.14
N LEU N 194 63.41 19.96 -3.17
CA LEU N 194 64.58 19.16 -2.86
C LEU N 194 64.21 17.88 -2.13
N GLN N 195 63.14 17.90 -1.32
CA GLN N 195 62.65 16.64 -0.75
C GLN N 195 61.89 15.83 -1.78
N CYS N 196 61.14 16.51 -2.65
CA CYS N 196 60.52 15.84 -3.78
C CYS N 196 61.56 15.03 -4.55
N CYS N 197 62.71 15.63 -4.80
CA CYS N 197 63.82 14.93 -5.43
C CYS N 197 64.17 13.67 -4.65
N ARG N 198 64.22 13.78 -3.32
CA ARG N 198 64.67 12.67 -2.49
C ARG N 198 63.77 11.45 -2.66
N GLU N 199 62.46 11.68 -2.79
CA GLU N 199 61.53 10.58 -2.97
C GLU N 199 61.78 9.85 -4.29
N VAL N 200 62.23 10.57 -5.31
CA VAL N 200 62.48 9.97 -6.62
C VAL N 200 63.93 9.51 -6.78
N ALA N 201 64.86 10.05 -5.99
CA ALA N 201 66.20 9.49 -5.96
C ALA N 201 66.18 8.03 -5.52
N ALA N 202 65.16 7.65 -4.74
CA ALA N 202 65.07 6.28 -4.24
C ALA N 202 64.74 5.31 -5.37
N ARG N 203 63.70 5.61 -6.14
CA ARG N 203 63.22 4.67 -7.17
C ARG N 203 64.16 4.57 -8.36
N TYR N 204 65.25 5.33 -8.39
CA TYR N 204 66.32 5.20 -9.38
C TYR N 204 67.65 5.12 -8.64
N PRO N 205 68.00 3.93 -8.13
CA PRO N 205 69.16 3.83 -7.22
C PRO N 205 70.51 3.86 -7.92
N GLN N 206 70.65 3.12 -9.03
CA GLN N 206 71.91 3.02 -9.73
C GLN N 206 72.37 4.35 -10.32
N ILE N 207 71.58 5.39 -10.12
CA ILE N 207 71.92 6.74 -10.57
C ILE N 207 72.33 7.55 -9.34
N THR N 208 73.58 8.01 -9.34
CA THR N 208 74.08 8.79 -8.22
C THR N 208 73.39 10.14 -8.16
N PHE N 209 73.13 10.63 -6.94
CA PHE N 209 72.33 11.82 -6.73
C PHE N 209 73.12 12.84 -5.92
N GLU N 210 72.86 14.12 -6.20
CA GLU N 210 73.70 15.21 -5.68
C GLU N 210 72.88 16.49 -5.68
N ASN N 211 72.59 17.03 -4.50
CA ASN N 211 72.07 18.38 -4.48
C ASN N 211 73.23 19.37 -4.49
N MET N 212 72.91 20.64 -4.77
CA MET N 212 73.92 21.69 -4.75
C MET N 212 73.23 23.04 -4.89
N ILE N 213 73.76 24.05 -4.19
CA ILE N 213 73.18 25.38 -4.27
C ILE N 213 73.56 26.01 -5.60
N VAL N 214 72.76 26.98 -6.03
CA VAL N 214 73.00 27.64 -7.31
C VAL N 214 74.32 28.41 -7.27
N ASP N 215 74.60 29.08 -6.16
CA ASP N 215 75.86 29.78 -5.94
C ASP N 215 77.04 28.89 -6.29
N ASN N 216 77.18 27.78 -5.57
CA ASN N 216 78.22 26.80 -5.84
C ASN N 216 78.19 26.35 -7.29
N THR N 217 76.99 26.07 -7.81
CA THR N 217 76.86 25.56 -9.18
C THR N 217 77.44 26.54 -10.18
N THR N 218 76.90 27.76 -10.22
CA THR N 218 77.41 28.80 -11.10
C THR N 218 78.92 28.92 -11.00
N MET N 219 79.43 28.93 -9.76
CA MET N 219 80.87 28.97 -9.53
C MET N 219 81.55 27.73 -10.10
N GLN N 220 81.05 26.55 -9.75
CA GLN N 220 81.69 25.30 -10.15
C GLN N 220 81.67 25.11 -11.66
N LEU N 221 80.75 25.76 -12.37
CA LEU N 221 80.69 25.59 -13.81
C LEU N 221 81.83 26.30 -14.52
N VAL N 222 82.19 27.50 -14.07
CA VAL N 222 83.26 28.25 -14.73
C VAL N 222 84.62 27.75 -14.26
N SER N 223 84.62 26.65 -13.50
CA SER N 223 85.85 26.03 -13.03
C SER N 223 85.92 24.57 -13.47
N ARG N 224 85.17 23.67 -12.84
CA ARG N 224 85.08 22.27 -13.23
C ARG N 224 83.65 21.98 -13.70
N PRO N 225 83.30 22.38 -14.92
CA PRO N 225 81.96 22.03 -15.44
C PRO N 225 81.84 20.60 -15.92
N GLN N 226 82.97 19.92 -16.20
CA GLN N 226 82.91 18.55 -16.66
C GLN N 226 82.25 17.63 -15.62
N GLN N 227 82.30 18.00 -14.34
CA GLN N 227 81.79 17.15 -13.28
C GLN N 227 80.27 16.99 -13.31
N PHE N 228 79.55 17.79 -14.09
CA PHE N 228 78.10 17.70 -14.16
C PHE N 228 77.67 16.83 -15.33
N ASP N 229 76.55 16.12 -15.15
CA ASP N 229 76.00 15.30 -16.22
C ASP N 229 74.53 15.66 -16.49
N VAL N 230 73.64 15.37 -15.54
CA VAL N 230 72.22 15.68 -15.66
C VAL N 230 71.84 16.62 -14.53
N MET N 231 71.20 17.74 -14.89
CA MET N 231 70.79 18.75 -13.94
C MET N 231 69.28 18.95 -14.03
N VAL N 232 68.71 19.56 -13.00
CA VAL N 232 67.26 19.71 -12.88
C VAL N 232 66.97 20.70 -11.76
N MET N 233 65.99 21.58 -11.96
CA MET N 233 65.79 22.74 -11.10
C MET N 233 64.42 23.32 -11.40
N PRO N 234 63.95 24.26 -10.58
CA PRO N 234 62.77 25.05 -10.96
C PRO N 234 63.14 26.16 -11.93
N ASN N 235 62.28 26.37 -12.93
CA ASN N 235 62.70 27.11 -14.13
C ASN N 235 63.17 28.52 -13.81
N LEU N 236 62.93 28.98 -12.60
CA LEU N 236 63.42 30.30 -12.31
C LEU N 236 64.92 30.25 -12.27
N TYR N 237 65.44 29.29 -11.52
CA TYR N 237 66.88 29.19 -11.41
C TYR N 237 67.45 28.64 -12.68
N GLY N 238 66.61 28.13 -13.53
CA GLY N 238 67.06 27.57 -14.78
C GLY N 238 67.73 28.52 -15.74
N ASN N 239 67.26 29.76 -15.82
CA ASN N 239 67.81 30.65 -16.82
C ASN N 239 69.30 30.78 -16.65
N ILE N 240 69.72 31.02 -15.44
CA ILE N 240 71.12 31.22 -15.22
C ILE N 240 71.83 29.98 -15.62
N VAL N 241 71.30 28.86 -15.18
CA VAL N 241 71.94 27.62 -15.50
C VAL N 241 71.93 27.48 -16.99
N ASN N 242 70.78 27.80 -17.56
CA ASN N 242 70.64 27.59 -18.97
C ASN N 242 71.58 28.37 -19.85
N ASN N 243 71.68 29.68 -19.66
CA ASN N 243 72.59 30.42 -20.52
C ASN N 243 74.05 30.22 -20.22
N VAL N 244 74.40 30.36 -18.95
CA VAL N 244 75.81 30.21 -18.60
C VAL N 244 76.39 28.96 -19.27
N CYS N 245 75.72 27.81 -19.10
CA CYS N 245 76.15 26.59 -19.79
C CYS N 245 76.26 26.83 -21.28
N ALA N 246 75.23 27.45 -21.87
CA ALA N 246 75.28 27.85 -23.26
C ALA N 246 76.59 28.55 -23.60
N GLY N 247 76.97 29.52 -22.76
CA GLY N 247 78.21 30.23 -23.02
C GLY N 247 79.44 29.34 -22.94
N LEU N 248 79.40 28.32 -22.08
CA LEU N 248 80.59 27.50 -21.88
C LEU N 248 80.98 26.73 -23.13
N VAL N 249 80.03 26.40 -24.00
CA VAL N 249 80.35 25.61 -25.18
C VAL N 249 80.55 26.46 -26.42
N GLY N 250 80.04 27.69 -26.47
CA GLY N 250 80.32 28.58 -27.57
C GLY N 250 79.38 29.77 -27.69
N GLY N 251 78.07 29.52 -27.62
CA GLY N 251 77.08 30.54 -27.80
C GLY N 251 75.73 29.96 -28.20
N PRO N 252 74.66 30.74 -28.06
CA PRO N 252 73.30 30.21 -28.25
C PRO N 252 73.02 29.71 -29.66
N GLY N 253 73.99 29.89 -30.56
CA GLY N 253 73.89 29.35 -31.91
C GLY N 253 74.39 27.92 -31.99
N LEU N 254 74.46 27.24 -30.85
CA LEU N 254 75.03 25.91 -30.77
C LEU N 254 74.26 24.96 -29.88
N VAL N 255 73.18 25.38 -29.23
CA VAL N 255 72.53 24.62 -28.17
C VAL N 255 71.13 24.24 -28.63
N ALA N 256 70.84 22.94 -28.63
CA ALA N 256 69.53 22.45 -29.02
C ALA N 256 68.57 22.46 -27.83
N GLY N 257 67.38 23.02 -28.03
CA GLY N 257 66.35 23.02 -27.02
C GLY N 257 65.23 22.04 -27.32
N ALA N 258 64.26 22.01 -26.40
CA ALA N 258 63.09 21.14 -26.50
C ALA N 258 62.13 21.37 -25.34
N ASN N 259 60.83 21.38 -25.62
CA ASN N 259 59.79 21.54 -24.60
C ASN N 259 58.87 20.32 -24.66
N TYR N 260 59.19 19.30 -23.88
CA TYR N 260 58.40 18.08 -23.88
C TYR N 260 57.12 18.24 -23.08
N GLY N 261 56.08 17.53 -23.51
CA GLY N 261 54.87 17.40 -22.75
C GLY N 261 54.58 15.93 -22.48
N HIS N 262 53.52 15.69 -21.71
CA HIS N 262 53.15 14.33 -21.35
C HIS N 262 52.95 13.47 -22.57
N VAL N 263 52.50 14.07 -23.67
CA VAL N 263 52.37 13.39 -24.95
C VAL N 263 53.09 14.18 -26.02
N TYR N 264 52.94 15.50 -25.98
CA TYR N 264 53.41 16.37 -27.05
C TYR N 264 54.93 16.54 -26.97
N ALA N 265 55.50 17.08 -28.04
CA ALA N 265 56.93 17.31 -28.11
C ALA N 265 57.23 18.44 -29.08
N VAL N 266 57.97 19.44 -28.62
CA VAL N 266 58.31 20.62 -29.40
C VAL N 266 59.83 20.75 -29.42
N PHE N 267 60.38 21.17 -30.57
CA PHE N 267 61.81 21.40 -30.69
C PHE N 267 62.07 22.84 -31.11
N GLU N 268 62.93 23.51 -30.37
CA GLU N 268 63.29 24.91 -30.62
C GLU N 268 64.78 25.07 -30.33
N THR N 269 65.24 26.31 -30.34
CA THR N 269 66.65 26.60 -30.16
C THR N 269 66.97 26.67 -28.66
N ALA N 270 68.07 27.32 -28.31
CA ALA N 270 68.40 27.61 -26.91
C ALA N 270 67.72 28.91 -26.48
N THR N 271 68.45 30.02 -26.55
CA THR N 271 67.86 31.32 -26.28
C THR N 271 66.76 31.60 -27.30
N ARG N 272 65.76 32.36 -26.87
CA ARG N 272 64.71 32.81 -27.78
C ARG N 272 65.13 34.04 -28.55
N ASN N 273 66.38 34.09 -29.00
CA ASN N 273 66.89 35.22 -29.74
C ASN N 273 66.35 35.22 -31.16
N THR N 274 65.60 36.27 -31.51
CA THR N 274 65.22 36.48 -32.90
C THR N 274 66.44 36.79 -33.76
N GLY N 275 67.45 37.44 -33.18
CA GLY N 275 68.51 37.99 -34.00
C GLY N 275 68.01 39.06 -34.95
N LYS N 276 66.91 39.72 -34.59
CA LYS N 276 66.18 40.58 -35.52
C LYS N 276 67.10 41.55 -36.25
N SER N 277 68.10 42.02 -35.54
CA SER N 277 68.98 42.94 -36.19
C SER N 277 69.53 42.13 -37.33
N ILE N 278 69.89 40.89 -37.07
CA ILE N 278 70.40 40.07 -38.13
C ILE N 278 69.24 39.89 -39.08
N ALA N 279 69.51 39.98 -40.37
CA ALA N 279 68.43 39.86 -41.33
C ALA N 279 68.69 39.09 -42.60
N ASN N 280 68.72 37.77 -42.51
CA ASN N 280 68.87 36.96 -43.70
C ASN N 280 70.24 37.05 -44.33
N LYS N 281 71.18 37.63 -43.62
CA LYS N 281 72.50 37.79 -44.18
C LYS N 281 73.16 36.42 -44.34
N ASN N 282 72.55 35.42 -43.74
CA ASN N 282 73.09 34.04 -43.74
C ASN N 282 74.09 33.92 -42.61
N ILE N 283 74.32 35.03 -41.93
CA ILE N 283 75.24 35.13 -40.84
C ILE N 283 74.66 34.22 -39.83
N ALA N 284 73.35 34.25 -39.72
CA ALA N 284 72.84 33.37 -38.68
C ALA N 284 73.63 32.07 -38.59
N ASN N 285 73.95 31.67 -37.38
CA ASN N 285 74.59 30.39 -37.17
C ASN N 285 73.55 29.28 -37.29
N PRO N 286 73.62 28.41 -38.30
CA PRO N 286 72.63 27.34 -38.43
C PRO N 286 72.80 26.22 -37.43
N THR N 287 73.98 26.12 -36.79
CA THR N 287 74.37 24.89 -36.11
C THR N 287 73.40 24.52 -35.00
N ALA N 288 72.93 25.50 -34.23
CA ALA N 288 71.94 25.24 -33.19
C ALA N 288 70.70 24.60 -33.78
N THR N 289 69.96 25.39 -34.55
CA THR N 289 68.69 24.94 -35.12
C THR N 289 68.84 23.64 -35.90
N LEU N 290 70.03 23.34 -36.40
CA LEU N 290 70.27 22.02 -36.97
C LEU N 290 70.15 20.93 -35.91
N LEU N 291 70.73 21.17 -34.72
CA LEU N 291 70.67 20.15 -33.67
C LEU N 291 69.24 19.92 -33.20
N ALA N 292 68.46 20.98 -33.03
CA ALA N 292 67.07 20.83 -32.63
C ALA N 292 66.33 19.92 -33.59
N SER N 293 66.54 20.11 -34.89
CA SER N 293 65.95 19.21 -35.87
C SER N 293 66.50 17.79 -35.72
N CYS N 294 67.78 17.67 -35.38
CA CYS N 294 68.40 16.35 -35.25
C CYS N 294 67.69 15.53 -34.18
N MET N 295 67.72 16.00 -32.93
CA MET N 295 67.05 15.26 -31.86
C MET N 295 65.55 15.10 -32.13
N MET N 296 64.98 15.94 -32.99
CA MET N 296 63.60 15.72 -33.42
C MET N 296 63.46 14.39 -34.13
N LEU N 297 64.33 14.12 -35.10
CA LEU N 297 64.34 12.81 -35.76
C LEU N 297 64.51 11.68 -34.75
N ASP N 298 65.42 11.86 -33.78
CA ASP N 298 65.54 10.88 -32.71
C ASP N 298 64.22 10.70 -31.98
N HIS N 299 63.49 11.80 -31.74
CA HIS N 299 62.17 11.69 -31.14
C HIS N 299 61.18 10.96 -32.04
N LEU N 300 61.50 10.77 -33.32
CA LEU N 300 60.72 9.90 -34.17
C LEU N 300 61.34 8.52 -34.28
N LYS N 301 62.43 8.27 -33.60
CA LYS N 301 63.00 6.95 -33.65
C LYS N 301 63.76 6.73 -34.94
N LEU N 302 63.75 7.72 -35.81
CA LEU N 302 64.47 7.62 -37.04
C LEU N 302 65.88 8.09 -36.85
N HIS N 303 66.33 7.89 -35.61
CA HIS N 303 67.64 8.27 -35.13
C HIS N 303 68.74 7.92 -36.12
N SER N 304 68.57 6.82 -36.83
CA SER N 304 69.60 6.40 -37.73
C SER N 304 69.87 7.50 -38.70
N TYR N 305 68.83 8.09 -39.25
CA TYR N 305 69.07 9.18 -40.15
C TYR N 305 69.71 10.35 -39.43
N ALA N 306 69.21 10.74 -38.27
CA ALA N 306 69.80 11.90 -37.61
C ALA N 306 71.14 11.67 -37.00
N THR N 307 71.50 10.42 -36.77
CA THR N 307 72.85 10.17 -36.28
C THR N 307 73.76 10.51 -37.46
N SER N 308 73.21 10.50 -38.68
CA SER N 308 74.02 10.83 -39.85
C SER N 308 74.22 12.34 -39.97
N ILE N 309 73.13 13.12 -39.86
CA ILE N 309 73.25 14.56 -39.95
C ILE N 309 74.14 15.10 -38.84
N ARG N 310 74.01 14.53 -37.64
CA ARG N 310 74.73 15.02 -36.47
C ARG N 310 76.25 14.98 -36.69
N LYS N 311 76.78 13.79 -36.98
CA LYS N 311 78.21 13.65 -37.21
C LYS N 311 78.68 14.46 -38.41
N ALA N 312 77.76 14.81 -39.32
CA ALA N 312 78.12 15.64 -40.45
C ALA N 312 78.32 17.09 -40.02
N VAL N 313 77.39 17.64 -39.23
CA VAL N 313 77.51 19.04 -38.83
C VAL N 313 78.72 19.25 -37.92
N LEU N 314 79.14 18.21 -37.20
CA LEU N 314 80.30 18.37 -36.32
C LEU N 314 81.61 18.20 -37.08
N ALA N 315 81.65 17.30 -38.06
CA ALA N 315 82.80 17.23 -38.96
C ALA N 315 82.92 18.49 -39.81
N SER N 316 81.80 19.21 -40.02
CA SER N 316 81.87 20.51 -40.68
C SER N 316 82.51 21.55 -39.76
N MET N 317 82.02 21.66 -38.52
CA MET N 317 82.53 22.66 -37.59
C MET N 317 84.01 22.46 -37.30
N ASP N 318 84.56 21.29 -37.62
CA ASP N 318 85.99 21.06 -37.46
C ASP N 318 86.84 21.97 -38.35
N ASN N 319 86.24 22.58 -39.37
CA ASN N 319 86.96 23.50 -40.23
C ASN N 319 86.75 24.93 -39.70
N GLU N 320 87.86 25.65 -39.52
CA GLU N 320 87.78 27.01 -38.99
C GLU N 320 87.00 27.94 -39.93
N ASN N 321 87.19 27.78 -41.23
CA ASN N 321 86.50 28.62 -42.20
C ASN N 321 84.97 28.32 -42.28
N MET N 322 84.47 27.39 -41.47
CA MET N 322 83.05 27.05 -41.41
C MET N 322 82.36 27.61 -40.17
N HIS N 323 82.84 28.73 -39.64
CA HIS N 323 82.27 29.35 -38.46
C HIS N 323 81.54 30.63 -38.83
N THR N 324 80.54 30.97 -38.03
CA THR N 324 79.75 32.18 -38.14
C THR N 324 80.27 33.24 -37.18
N PRO N 325 79.95 34.51 -37.41
CA PRO N 325 80.48 35.57 -36.54
C PRO N 325 80.07 35.44 -35.08
N ASP N 326 78.92 34.83 -34.78
CA ASP N 326 78.48 34.75 -33.40
C ASP N 326 79.34 33.83 -32.53
N ILE N 327 80.18 33.00 -33.13
CA ILE N 327 81.20 32.27 -32.39
C ILE N 327 82.60 32.73 -32.74
N GLY N 328 82.77 33.57 -33.75
CA GLY N 328 84.08 34.00 -34.19
C GLY N 328 84.45 33.44 -35.55
N GLY N 329 83.64 33.74 -36.55
CA GLY N 329 83.86 33.21 -37.88
C GLY N 329 83.69 34.28 -38.95
N GLN N 330 84.35 34.04 -40.09
CA GLN N 330 84.26 34.92 -41.24
C GLN N 330 83.36 34.34 -42.33
N GLY N 331 82.51 33.37 -41.98
CA GLY N 331 81.75 32.61 -42.95
C GLY N 331 80.26 32.92 -42.91
N THR N 332 79.57 32.35 -43.90
CA THR N 332 78.13 32.55 -44.10
C THR N 332 77.43 31.19 -44.13
N THR N 333 76.12 31.24 -43.85
CA THR N 333 75.33 30.01 -43.71
C THR N 333 75.42 29.15 -44.97
N SER N 334 75.24 29.77 -46.14
CA SER N 334 75.25 29.03 -47.40
C SER N 334 76.51 28.19 -47.55
N GLU N 335 77.65 28.69 -47.06
CA GLU N 335 78.86 27.88 -47.03
C GLU N 335 78.69 26.68 -46.12
N ALA N 336 78.26 26.92 -44.87
CA ALA N 336 78.13 25.84 -43.90
C ALA N 336 77.13 24.80 -44.38
N ILE N 337 75.90 25.21 -44.68
CA ILE N 337 74.87 24.27 -45.15
C ILE N 337 75.42 23.39 -46.27
N GLN N 338 76.00 24.01 -47.30
CA GLN N 338 76.54 23.24 -48.41
C GLN N 338 77.75 22.41 -47.97
N ASP N 339 78.52 22.89 -47.00
CA ASP N 339 79.64 22.09 -46.48
C ASP N 339 79.13 20.93 -45.63
N VAL N 340 77.95 21.03 -45.04
CA VAL N 340 77.34 19.88 -44.38
C VAL N 340 76.70 18.95 -45.41
N ILE N 341 76.00 19.51 -46.39
CA ILE N 341 75.49 18.79 -47.55
C ILE N 341 76.57 17.87 -48.09
N ARG N 342 77.75 18.45 -48.36
CA ARG N 342 78.88 17.66 -48.81
C ARG N 342 79.22 16.56 -47.79
N HIS N 343 79.25 16.92 -46.50
CA HIS N 343 79.64 16.00 -45.43
C HIS N 343 78.54 15.00 -45.08
N ILE N 344 77.58 14.90 -45.97
CA ILE N 344 76.45 14.04 -45.80
C ILE N 344 76.57 13.02 -46.89
N ARG N 345 77.39 11.99 -46.68
CA ARG N 345 77.55 10.99 -47.70
C ARG N 345 76.20 10.40 -47.96
N VAL N 346 75.86 10.23 -49.22
CA VAL N 346 74.55 9.72 -49.56
C VAL N 346 74.58 8.30 -50.08
N ILE N 347 73.78 7.45 -49.46
CA ILE N 347 73.68 6.05 -49.85
C ILE N 347 72.21 5.75 -49.90
N ASN N 348 71.81 4.79 -50.71
CA ASN N 348 70.40 4.45 -50.84
C ASN N 348 69.70 5.53 -51.65
N GLY N 349 70.48 6.33 -52.37
CA GLY N 349 69.95 7.41 -53.19
C GLY N 349 70.97 7.93 -54.19
N GLY O 3 28.61 82.48 5.46
CA GLY O 3 27.26 82.92 5.15
C GLY O 3 26.44 81.83 4.48
N VAL O 4 26.44 81.84 3.14
CA VAL O 4 25.74 80.83 2.36
C VAL O 4 26.76 79.82 1.85
N GLN O 5 26.33 78.57 1.75
CA GLN O 5 27.21 77.46 1.40
C GLN O 5 26.72 76.79 0.12
N THR O 6 27.66 76.29 -0.67
CA THR O 6 27.37 75.60 -1.92
C THR O 6 27.60 74.10 -1.73
N VAL O 7 26.59 73.30 -2.05
CA VAL O 7 26.65 71.86 -1.91
C VAL O 7 26.35 71.27 -3.29
N THR O 8 27.36 70.65 -3.90
CA THR O 8 27.17 70.02 -5.20
C THR O 8 26.27 68.80 -5.06
N LEU O 9 25.25 68.73 -5.89
CA LEU O 9 24.24 67.69 -5.83
C LEU O 9 24.35 66.78 -7.05
N ILE O 10 24.40 65.48 -6.81
CA ILE O 10 24.26 64.46 -7.84
C ILE O 10 22.90 63.80 -7.65
N PRO O 11 21.91 64.10 -8.49
CA PRO O 11 20.61 63.43 -8.34
C PRO O 11 20.69 61.95 -8.70
N GLY O 12 21.49 61.60 -9.69
CA GLY O 12 21.66 60.20 -10.06
C GLY O 12 20.70 59.79 -11.15
N ASP O 13 20.05 58.64 -10.98
CA ASP O 13 19.14 58.08 -11.97
C ASP O 13 17.84 57.69 -11.29
N GLY O 14 16.83 57.44 -12.12
CA GLY O 14 15.56 56.92 -11.61
C GLY O 14 14.84 57.90 -10.71
N ILE O 15 14.47 57.43 -9.52
CA ILE O 15 13.75 58.27 -8.56
C ILE O 15 14.62 59.34 -7.94
N GLY O 16 15.92 59.32 -8.21
CA GLY O 16 16.86 60.24 -7.61
C GLY O 16 16.50 61.70 -7.75
N PRO O 17 16.49 62.21 -8.98
CA PRO O 17 16.10 63.62 -9.18
C PRO O 17 14.73 63.96 -8.63
N GLU O 18 13.80 63.01 -8.65
CA GLU O 18 12.48 63.24 -8.06
C GLU O 18 12.59 63.56 -6.58
N ILE O 19 13.29 62.70 -5.84
CA ILE O 19 13.48 62.95 -4.41
C ILE O 19 14.56 63.98 -4.15
N SER O 20 15.49 64.18 -5.09
CA SER O 20 16.50 65.22 -4.93
C SER O 20 15.84 66.59 -4.81
N ALA O 21 15.05 66.97 -5.82
CA ALA O 21 14.31 68.23 -5.77
C ALA O 21 13.30 68.25 -4.63
N ALA O 22 12.89 67.08 -4.14
CA ALA O 22 12.06 67.00 -2.94
C ALA O 22 12.86 67.28 -1.68
N VAL O 23 14.17 67.10 -1.71
CA VAL O 23 15.04 67.53 -0.62
C VAL O 23 15.44 68.99 -0.78
N MET O 24 15.69 69.43 -2.02
CA MET O 24 15.87 70.85 -2.29
C MET O 24 14.62 71.66 -2.00
N LYS O 25 13.47 71.00 -1.85
CA LYS O 25 12.21 71.64 -1.48
C LYS O 25 12.07 71.80 0.03
N ILE O 26 12.45 70.77 0.80
CA ILE O 26 12.42 70.86 2.26
C ILE O 26 13.56 71.76 2.75
N PHE O 27 14.67 71.82 2.02
CA PHE O 27 15.75 72.72 2.38
C PHE O 27 15.31 74.18 2.28
N ASP O 28 14.75 74.56 1.12
CA ASP O 28 14.31 75.95 0.92
C ASP O 28 13.21 76.35 1.90
N ALA O 29 12.43 75.38 2.39
CA ALA O 29 11.32 75.69 3.28
C ALA O 29 11.80 76.17 4.64
N ALA O 30 12.58 75.36 5.34
CA ALA O 30 13.12 75.73 6.63
C ALA O 30 14.32 76.66 6.53
N LYS O 31 14.45 77.40 5.43
CA LYS O 31 15.52 78.36 5.21
C LYS O 31 16.89 77.73 5.37
N ALA O 32 17.33 76.98 4.36
CA ALA O 32 18.64 76.37 4.40
C ALA O 32 19.62 77.15 3.55
N PRO O 33 20.79 77.49 4.07
CA PRO O 33 21.81 78.22 3.26
C PRO O 33 22.58 77.29 2.33
N ILE O 34 21.88 76.78 1.32
CA ILE O 34 22.45 75.78 0.41
C ILE O 34 22.07 76.17 -1.02
N GLN O 35 23.07 76.36 -1.88
CA GLN O 35 22.88 76.47 -3.31
C GLN O 35 23.23 75.14 -3.97
N TRP O 36 22.51 74.79 -5.02
CA TRP O 36 22.51 73.44 -5.57
C TRP O 36 23.25 73.41 -6.91
N GLU O 37 24.31 72.60 -6.96
CA GLU O 37 25.18 72.47 -8.12
C GLU O 37 24.95 71.08 -8.72
N GLU O 38 24.04 71.00 -9.68
CA GLU O 38 23.66 69.71 -10.24
C GLU O 38 24.75 69.17 -11.16
N ARG O 39 25.10 67.90 -10.97
CA ARG O 39 26.02 67.16 -11.82
C ARG O 39 25.55 65.73 -11.93
N ASN O 40 25.63 65.16 -13.14
CA ASN O 40 25.57 63.72 -13.29
C ASN O 40 26.99 63.20 -13.43
N VAL O 41 27.21 61.98 -12.95
CA VAL O 41 28.57 61.50 -12.74
C VAL O 41 28.78 60.14 -13.41
N THR O 42 28.04 59.90 -14.49
CA THR O 42 28.14 58.62 -15.24
C THR O 42 29.60 58.36 -15.62
N ALA O 43 30.12 57.19 -15.27
CA ALA O 43 31.53 56.83 -15.57
C ALA O 43 31.81 57.07 -17.06
N ILE O 44 32.83 57.88 -17.37
CA ILE O 44 33.20 58.19 -18.79
C ILE O 44 34.56 57.57 -19.08
N GLN O 45 34.84 57.22 -20.33
CA GLN O 45 36.13 56.65 -20.64
C GLN O 45 37.14 57.78 -20.48
N GLY O 46 38.28 57.48 -19.86
CA GLY O 46 39.32 58.47 -19.64
C GLY O 46 40.37 58.50 -20.72
N PRO O 47 41.46 59.22 -20.48
CA PRO O 47 42.56 59.26 -21.45
C PRO O 47 43.29 57.93 -21.38
N GLY O 48 43.43 57.26 -22.52
CA GLY O 48 44.13 55.99 -22.58
C GLY O 48 43.24 54.84 -22.12
N GLY O 49 41.98 55.14 -21.81
CA GLY O 49 41.03 54.13 -21.36
C GLY O 49 40.00 54.73 -20.43
N LYS O 50 39.07 53.92 -19.94
CA LYS O 50 38.04 54.45 -19.04
C LYS O 50 38.50 54.49 -17.57
N TRP O 51 39.38 55.41 -17.24
CA TRP O 51 39.88 55.54 -15.87
C TRP O 51 39.54 56.84 -15.11
N MET O 52 38.51 57.58 -15.54
CA MET O 52 38.16 58.86 -14.90
C MET O 52 36.68 59.17 -14.74
N ILE O 53 36.36 60.18 -13.93
CA ILE O 53 34.94 60.58 -13.67
C ILE O 53 34.74 62.02 -14.15
N PRO O 54 33.49 62.46 -14.42
CA PRO O 54 33.23 63.84 -14.88
C PRO O 54 33.95 64.85 -14.03
N SER O 55 34.89 65.59 -14.66
CA SER O 55 35.69 66.56 -13.92
C SER O 55 34.86 67.76 -13.47
N GLU O 56 33.79 68.09 -14.21
CA GLU O 56 32.96 69.23 -13.83
C GLU O 56 32.29 69.01 -12.48
N ALA O 57 32.21 67.76 -12.02
CA ALA O 57 31.78 67.47 -10.66
C ALA O 57 32.94 67.36 -9.69
N LYS O 58 34.11 66.89 -10.17
CA LYS O 58 35.28 66.79 -9.32
C LYS O 58 35.75 68.17 -8.88
N GLU O 59 36.01 69.06 -9.84
CA GLU O 59 36.36 70.43 -9.51
C GLU O 59 35.29 71.08 -8.65
N SER O 60 34.02 70.81 -8.94
CA SER O 60 32.93 71.27 -8.10
C SER O 60 33.12 70.81 -6.66
N MET O 61 33.35 69.50 -6.48
CA MET O 61 33.58 68.96 -5.15
C MET O 61 34.97 69.25 -4.61
N ASP O 62 35.95 69.50 -5.48
CA ASP O 62 37.27 69.88 -5.01
C ASP O 62 37.24 71.22 -4.28
N LYS O 63 36.26 72.08 -4.58
CA LYS O 63 36.09 73.37 -3.92
C LYS O 63 34.92 73.40 -2.95
N ASN O 64 33.79 72.76 -3.29
CA ASN O 64 32.63 72.78 -2.42
C ASN O 64 32.78 71.89 -1.19
N LYS O 65 33.77 70.98 -1.18
CA LYS O 65 34.04 70.09 -0.04
C LYS O 65 32.86 69.18 0.29
N MET O 66 31.67 69.76 0.48
CA MET O 66 30.49 69.00 0.80
C MET O 66 29.61 68.79 -0.42
N GLY O 67 28.94 67.63 -0.47
CA GLY O 67 28.07 67.30 -1.56
C GLY O 67 26.99 66.32 -1.13
N LEU O 68 26.06 66.06 -2.04
CA LEU O 68 24.91 65.20 -1.77
C LEU O 68 24.66 64.30 -2.96
N LYS O 69 24.63 62.99 -2.71
CA LYS O 69 24.48 61.99 -3.75
C LYS O 69 23.26 61.12 -3.47
N GLY O 70 22.57 60.70 -4.54
CA GLY O 70 21.44 59.81 -4.41
C GLY O 70 21.80 58.38 -4.74
N PRO O 71 20.88 57.66 -5.40
CA PRO O 71 21.19 56.30 -5.84
C PRO O 71 21.72 56.26 -7.27
N LEU O 72 22.54 55.26 -7.58
CA LEU O 72 23.17 55.14 -8.87
C LEU O 72 22.86 53.78 -9.48
N LYS O 73 22.51 53.78 -10.77
CA LYS O 73 22.15 52.53 -11.45
C LYS O 73 23.33 51.57 -11.47
N THR O 74 23.01 50.27 -11.39
CA THR O 74 24.04 49.20 -11.38
C THR O 74 24.67 49.06 -12.78
N PRO O 75 25.96 49.42 -12.95
CA PRO O 75 26.62 49.31 -14.25
C PRO O 75 26.65 47.86 -14.73
N ILE O 76 26.46 47.64 -16.05
CA ILE O 76 26.46 46.27 -16.63
C ILE O 76 27.46 46.24 -17.80
N ALA O 77 28.59 46.92 -17.64
CA ALA O 77 29.64 46.96 -18.70
C ALA O 77 30.65 45.83 -18.46
N ALA O 78 31.68 45.76 -19.30
CA ALA O 78 32.73 44.71 -19.18
C ALA O 78 33.94 44.99 -18.27
N GLY O 79 34.71 46.04 -18.59
CA GLY O 79 35.78 46.54 -17.69
C GLY O 79 35.39 47.86 -17.07
N HIS O 80 34.25 47.91 -16.39
CA HIS O 80 33.76 49.15 -15.73
C HIS O 80 33.87 49.00 -14.21
N PRO O 81 34.65 49.85 -13.50
CA PRO O 81 34.79 49.75 -12.05
C PRO O 81 33.54 50.30 -11.34
N SER O 82 33.21 49.74 -10.17
CA SER O 82 32.03 50.17 -9.39
C SER O 82 32.08 51.69 -9.17
N MET O 83 30.97 52.37 -9.42
CA MET O 83 30.89 53.82 -9.24
C MET O 83 31.55 54.25 -7.94
N ASN O 84 31.19 53.59 -6.83
CA ASN O 84 31.72 53.98 -5.53
C ASN O 84 33.20 53.69 -5.35
N LEU O 85 33.82 52.94 -6.27
CA LEU O 85 35.24 52.66 -6.14
C LEU O 85 36.09 53.86 -6.53
N LEU O 86 35.80 54.47 -7.69
CA LEU O 86 36.49 55.69 -8.10
C LEU O 86 36.36 56.77 -7.04
N LEU O 87 35.12 57.07 -6.64
CA LEU O 87 34.89 58.13 -5.67
C LEU O 87 35.67 57.91 -4.38
N ARG O 88 35.87 56.65 -4.00
CA ARG O 88 36.77 56.34 -2.90
C ARG O 88 38.20 56.72 -3.24
N LYS O 89 38.69 56.27 -4.40
CA LYS O 89 40.11 56.45 -4.72
C LYS O 89 40.42 57.90 -5.11
N THR O 90 39.54 58.53 -5.89
CA THR O 90 39.81 59.89 -6.36
C THR O 90 39.71 60.93 -5.24
N PHE O 91 39.02 60.63 -4.15
CA PHE O 91 38.93 61.56 -3.03
C PHE O 91 39.54 61.02 -1.76
N ASP O 92 40.13 59.82 -1.78
CA ASP O 92 40.73 59.18 -0.61
C ASP O 92 39.70 59.01 0.50
N LEU O 93 38.47 58.65 0.10
CA LEU O 93 37.37 58.49 1.04
C LEU O 93 37.78 57.35 1.96
N TYR O 94 38.14 57.67 3.20
CA TYR O 94 38.73 56.71 4.12
C TYR O 94 37.82 56.50 5.32
N ALA O 95 36.68 57.18 5.39
CA ALA O 95 35.78 57.07 6.53
C ALA O 95 34.36 56.89 6.03
N ASN O 96 33.76 55.73 6.34
CA ASN O 96 32.38 55.43 6.01
C ASN O 96 31.58 55.39 7.31
N VAL O 97 30.57 56.26 7.40
CA VAL O 97 29.79 56.43 8.62
C VAL O 97 28.33 56.13 8.31
N ARG O 98 27.72 55.26 9.12
CA ARG O 98 26.28 55.06 9.07
C ARG O 98 25.75 55.02 10.49
N PRO O 99 24.90 55.97 10.89
CA PRO O 99 24.27 55.91 12.21
C PRO O 99 22.93 55.19 12.15
N CYS O 100 22.68 54.38 13.18
CA CYS O 100 21.45 53.61 13.28
C CYS O 100 20.74 54.00 14.57
N VAL O 101 19.49 54.44 14.44
CA VAL O 101 18.71 54.98 15.55
C VAL O 101 17.27 54.53 15.38
N SER O 102 16.72 53.88 16.42
CA SER O 102 15.35 53.40 16.39
C SER O 102 14.38 54.51 16.01
N ILE O 103 13.89 54.48 14.78
CA ILE O 103 12.96 55.49 14.30
C ILE O 103 11.65 55.31 15.07
N GLU O 104 11.35 56.28 15.95
CA GLU O 104 10.21 56.14 16.85
C GLU O 104 8.89 56.05 16.09
N GLY O 105 8.84 56.60 14.88
CA GLY O 105 7.64 56.55 14.08
C GLY O 105 7.41 55.28 13.31
N TYR O 106 8.31 54.29 13.42
CA TYR O 106 8.19 53.06 12.64
C TYR O 106 8.15 51.85 13.57
N LYS O 107 7.21 50.95 13.29
CA LYS O 107 7.03 49.72 14.06
C LYS O 107 8.02 48.68 13.56
N THR O 108 9.16 48.56 14.25
CA THR O 108 10.15 47.53 14.03
C THR O 108 10.40 46.77 15.33
N PRO O 109 10.62 45.45 15.27
CA PRO O 109 10.83 44.68 16.51
C PRO O 109 12.03 45.11 17.33
N TYR O 110 12.72 46.17 16.90
CA TYR O 110 13.86 46.74 17.62
C TYR O 110 13.61 48.17 18.03
N THR O 111 13.62 48.41 19.34
CA THR O 111 13.35 49.73 19.90
C THR O 111 14.50 50.15 20.81
N ASP O 112 14.72 51.47 20.87
CA ASP O 112 15.74 52.07 21.73
C ASP O 112 17.14 51.65 21.32
N VAL O 113 17.40 51.62 20.02
CA VAL O 113 18.76 51.41 19.52
C VAL O 113 19.30 52.76 19.07
N ASN O 114 20.59 52.98 19.33
CA ASN O 114 21.25 54.18 18.86
C ASN O 114 22.74 53.92 18.72
N ILE O 115 23.15 53.32 17.60
CA ILE O 115 24.55 52.98 17.36
C ILE O 115 24.97 53.64 16.05
N VAL O 116 26.28 53.78 15.88
CA VAL O 116 26.85 54.34 14.65
C VAL O 116 27.98 53.43 14.17
N THR O 117 28.05 53.25 12.84
CA THR O 117 29.03 52.37 12.21
C THR O 117 30.19 53.20 11.69
N ILE O 118 31.41 52.87 12.13
CA ILE O 118 32.63 53.50 11.64
C ILE O 118 33.37 52.46 10.83
N ARG O 119 33.44 52.68 9.51
CA ARG O 119 33.95 51.69 8.57
C ARG O 119 35.17 52.25 7.84
N GLU O 120 36.29 51.58 7.99
CA GLU O 120 37.47 51.87 7.18
C GLU O 120 37.15 51.55 5.72
N ASN O 121 37.78 52.29 4.81
CA ASN O 121 37.39 52.17 3.41
C ASN O 121 38.59 52.36 2.48
N THR O 122 39.76 51.92 2.91
CA THR O 122 40.93 52.02 2.04
C THR O 122 41.67 50.70 1.87
N GLU O 123 41.74 49.89 2.92
CA GLU O 123 42.51 48.65 2.90
C GLU O 123 41.59 47.44 3.05
N GLY O 124 41.89 46.58 4.03
CA GLY O 124 41.16 45.35 4.20
C GLY O 124 41.32 44.48 2.96
N GLU O 125 40.49 43.45 2.90
CA GLU O 125 40.43 42.61 1.71
C GLU O 125 39.76 43.29 0.54
N TYR O 126 39.34 44.55 0.71
CA TYR O 126 38.57 45.26 -0.30
C TYR O 126 39.43 45.72 -1.46
N SER O 127 40.76 45.63 -1.35
CA SER O 127 41.62 45.77 -2.50
C SER O 127 41.29 44.71 -3.53
N GLY O 128 41.28 45.10 -4.80
CA GLY O 128 40.95 44.16 -5.88
C GLY O 128 41.99 43.08 -6.11
N ILE O 129 42.89 42.89 -5.15
CA ILE O 129 44.03 42.00 -5.29
C ILE O 129 43.55 40.58 -5.00
N GLU O 130 43.56 39.72 -6.01
CA GLU O 130 43.38 38.29 -5.85
C GLU O 130 44.47 37.58 -6.66
N HIS O 131 44.52 36.25 -6.54
CA HIS O 131 45.54 35.44 -7.27
C HIS O 131 44.99 34.04 -7.56
N VAL O 132 45.60 33.34 -8.51
CA VAL O 132 45.18 31.96 -8.89
C VAL O 132 46.43 31.10 -9.10
N ILE O 133 47.05 30.66 -8.00
CA ILE O 133 48.29 29.81 -8.07
C ILE O 133 47.97 28.50 -8.78
N VAL O 134 47.21 27.62 -8.13
CA VAL O 134 46.83 26.30 -8.72
C VAL O 134 45.48 26.45 -9.42
N ASP O 135 45.32 25.81 -10.59
CA ASP O 135 44.05 25.87 -11.36
C ASP O 135 42.90 25.36 -10.48
N GLY O 136 42.11 26.28 -9.92
CA GLY O 136 40.97 25.91 -9.06
C GLY O 136 41.25 26.22 -7.60
N VAL O 137 42.22 27.11 -7.34
CA VAL O 137 42.59 27.51 -5.96
C VAL O 137 42.84 29.02 -5.93
N VAL O 138 41.83 29.79 -5.52
CA VAL O 138 41.94 31.28 -5.45
C VAL O 138 42.64 31.66 -4.14
N ALA O 139 43.21 32.87 -4.08
CA ALA O 139 43.92 33.34 -2.86
C ALA O 139 43.66 34.84 -2.67
N SER O 140 42.48 35.20 -2.16
CA SER O 140 42.11 36.59 -1.94
C SER O 140 43.16 37.24 -1.04
N ILE O 141 43.21 38.57 -1.08
CA ILE O 141 44.22 39.33 -0.33
C ILE O 141 43.50 40.30 0.61
N LYS O 142 43.73 40.13 1.90
CA LYS O 142 43.44 41.12 2.92
C LYS O 142 44.72 41.89 3.22
N LEU O 143 44.58 43.16 3.57
CA LEU O 143 45.75 43.88 4.05
C LEU O 143 45.30 45.04 4.93
N ILE O 144 46.05 45.26 6.02
CA ILE O 144 45.82 46.36 6.94
C ILE O 144 47.16 47.03 7.20
N THR O 145 47.21 48.36 7.07
CA THR O 145 48.43 49.10 7.32
C THR O 145 48.25 50.00 8.54
N GLU O 146 49.34 50.16 9.30
CA GLU O 146 49.32 51.00 10.49
C GLU O 146 48.89 52.43 10.18
N GLY O 147 49.10 52.88 8.94
CA GLY O 147 48.70 54.20 8.51
C GLY O 147 47.21 54.48 8.62
N ALA O 148 46.39 53.76 7.84
CA ALA O 148 44.95 53.96 7.87
C ALA O 148 44.28 53.29 9.06
N SER O 149 45.00 52.47 9.82
CA SER O 149 44.47 51.99 11.10
C SER O 149 44.45 53.13 12.11
N LYS O 150 45.60 53.80 12.30
CA LYS O 150 45.66 54.98 13.15
C LYS O 150 44.75 56.09 12.64
N ARG O 151 44.52 56.14 11.33
CA ARG O 151 43.82 57.28 10.73
C ARG O 151 42.31 57.20 10.92
N ILE O 152 41.73 56.00 10.85
CA ILE O 152 40.32 55.88 11.19
C ILE O 152 40.15 55.89 12.71
N ALA O 153 41.15 55.41 13.45
CA ALA O 153 41.08 55.43 14.90
C ALA O 153 41.13 56.87 15.43
N GLU O 154 42.05 57.68 14.89
CA GLU O 154 42.05 59.10 15.24
C GLU O 154 40.77 59.79 14.78
N PHE O 155 40.15 59.28 13.71
CA PHE O 155 38.88 59.83 13.27
C PHE O 155 37.71 59.36 14.13
N ALA O 156 37.78 58.12 14.62
CA ALA O 156 36.64 57.55 15.35
C ALA O 156 36.35 58.32 16.63
N PHE O 157 37.39 58.61 17.41
CA PHE O 157 37.20 59.35 18.66
C PHE O 157 36.66 60.75 18.41
N GLU O 158 37.06 61.37 17.30
CA GLU O 158 36.61 62.73 17.01
C GLU O 158 35.10 62.79 16.78
N TYR O 159 34.51 61.71 16.26
CA TYR O 159 33.07 61.66 16.11
C TYR O 159 32.38 61.71 17.48
N ALA O 160 32.90 60.97 18.47
CA ALA O 160 32.34 61.02 19.81
C ALA O 160 32.63 62.34 20.49
N ARG O 161 33.75 62.98 20.17
CA ARG O 161 34.03 64.33 20.63
C ARG O 161 33.37 65.39 19.76
N ASN O 162 32.59 65.00 18.75
CA ASN O 162 31.85 65.94 17.93
C ASN O 162 30.37 65.63 17.87
N ASN O 163 29.89 64.63 18.63
CA ASN O 163 28.46 64.31 18.66
C ASN O 163 27.97 63.98 20.07
N HIS O 164 28.76 64.27 21.10
CA HIS O 164 28.40 63.98 22.49
C HIS O 164 28.06 62.51 22.68
N ARG O 165 28.95 61.64 22.22
CA ARG O 165 28.82 60.20 22.37
C ARG O 165 29.63 59.72 23.56
N SER O 166 29.23 58.55 24.08
CA SER O 166 29.73 58.06 25.37
C SER O 166 30.77 56.95 25.25
N ASN O 167 30.59 56.00 24.33
CA ASN O 167 31.47 54.84 24.28
C ASN O 167 31.87 54.54 22.85
N VAL O 168 33.15 54.19 22.65
CA VAL O 168 33.66 53.63 21.41
C VAL O 168 34.00 52.17 21.65
N THR O 169 33.62 51.32 20.69
CA THR O 169 33.80 49.88 20.82
C THR O 169 34.56 49.35 19.62
N ALA O 170 35.60 48.57 19.89
CA ALA O 170 36.46 48.00 18.85
C ALA O 170 35.90 46.65 18.41
N VAL O 171 35.55 46.54 17.14
CA VAL O 171 35.01 45.33 16.55
C VAL O 171 36.11 44.70 15.70
N HIS O 172 36.57 43.52 16.11
CA HIS O 172 37.66 42.81 15.37
C HIS O 172 37.81 41.38 15.92
N LYS O 173 38.69 40.59 15.31
CA LYS O 173 38.93 39.19 15.74
C LYS O 173 40.44 38.94 15.85
N ALA O 174 41.04 39.33 16.97
CA ALA O 174 42.50 39.16 17.20
C ALA O 174 42.82 37.67 17.39
N ASN O 175 41.87 36.92 17.95
CA ASN O 175 42.04 35.46 18.19
C ASN O 175 42.53 34.79 16.90
N ILE O 176 41.83 35.03 15.79
CA ILE O 176 42.20 34.43 14.48
C ILE O 176 43.34 35.15 13.76
N MET O 177 43.18 36.46 13.50
CA MET O 177 44.22 37.26 12.81
C MET O 177 44.96 37.99 13.94
N ARG O 178 46.20 37.58 14.22
CA ARG O 178 47.02 38.21 15.28
C ARG O 178 48.00 39.21 14.66
N MET O 179 47.92 39.38 13.34
CA MET O 179 48.82 40.33 12.61
C MET O 179 47.97 41.45 11.98
N SER O 180 47.20 41.12 10.94
CA SER O 180 46.34 42.11 10.24
C SER O 180 45.41 42.79 11.26
N ASP O 181 44.48 42.03 11.85
CA ASP O 181 43.53 42.58 12.85
C ASP O 181 44.29 42.97 14.12
N GLY O 182 45.20 42.10 14.58
CA GLY O 182 45.99 42.36 15.79
C GLY O 182 46.63 43.74 15.76
N LEU O 183 47.24 44.10 14.62
CA LEU O 183 47.89 45.40 14.47
C LEU O 183 46.86 46.51 14.31
N PHE O 184 45.67 46.18 13.82
CA PHE O 184 44.59 47.15 13.79
C PHE O 184 44.19 47.56 15.20
N LEU O 185 44.28 46.65 16.17
CA LEU O 185 43.86 46.98 17.52
C LEU O 185 44.88 47.86 18.23
N GLN O 186 46.16 47.48 18.17
CA GLN O 186 47.18 48.24 18.88
C GLN O 186 47.31 49.67 18.37
N LYS O 187 46.80 49.95 17.17
CA LYS O 187 46.70 51.33 16.72
C LYS O 187 45.48 52.03 17.32
N CYS O 188 44.41 51.29 17.61
CA CYS O 188 43.28 51.85 18.33
C CYS O 188 43.56 51.98 19.83
N ARG O 189 44.33 51.03 20.40
CA ARG O 189 44.72 51.14 21.80
C ARG O 189 45.64 52.34 22.02
N GLU O 190 46.37 52.76 20.99
CA GLU O 190 47.17 53.98 21.09
C GLU O 190 46.29 55.23 21.03
N VAL O 191 45.35 55.26 20.08
CA VAL O 191 44.43 56.38 19.98
C VAL O 191 43.47 56.40 21.17
N ALA O 192 43.30 55.27 21.87
CA ALA O 192 42.53 55.26 23.10
C ALA O 192 43.29 55.95 24.23
N GLU O 193 44.62 55.78 24.25
CA GLU O 193 45.44 56.42 25.29
C GLU O 193 45.32 57.94 25.24
N SER O 194 45.33 58.52 24.03
CA SER O 194 45.36 59.97 23.90
C SER O 194 44.05 60.60 24.33
N CYS O 195 42.92 59.96 23.99
CA CYS O 195 41.60 60.47 24.27
C CYS O 195 40.96 59.59 25.35
N LYS O 196 41.60 59.57 26.52
CA LYS O 196 41.04 58.88 27.67
C LYS O 196 39.70 59.44 28.13
N ASP O 197 39.20 60.53 27.51
CA ASP O 197 37.92 61.16 27.82
C ASP O 197 36.72 60.48 27.15
N ILE O 198 36.93 59.33 26.52
CA ILE O 198 35.85 58.59 25.87
C ILE O 198 36.04 57.12 26.18
N LYS O 199 35.01 56.49 26.73
CA LYS O 199 35.11 55.11 27.18
C LYS O 199 35.35 54.18 25.99
N PHE O 200 36.19 53.16 26.20
CA PHE O 200 36.61 52.28 25.13
C PHE O 200 36.63 50.83 25.62
N ASN O 201 36.07 49.94 24.80
CA ASN O 201 36.08 48.51 25.06
C ASN O 201 36.41 47.77 23.77
N GLU O 202 36.90 46.54 23.92
CA GLU O 202 37.35 45.73 22.79
C GLU O 202 36.58 44.41 22.80
N MET O 203 35.91 44.11 21.69
CA MET O 203 35.08 42.92 21.59
C MET O 203 35.36 42.24 20.25
N TYR O 204 35.16 40.92 20.24
CA TYR O 204 35.35 40.13 19.03
C TYR O 204 34.17 40.31 18.08
N LEU O 205 34.44 40.17 16.78
CA LEU O 205 33.40 40.37 15.78
C LEU O 205 32.25 39.39 15.99
N ASP O 206 32.58 38.11 16.21
CA ASP O 206 31.52 37.11 16.39
C ASP O 206 30.74 37.36 17.67
N THR O 207 31.39 37.82 18.74
CA THR O 207 30.67 38.14 19.97
C THR O 207 29.80 39.38 19.79
N VAL O 208 30.31 40.40 19.08
CA VAL O 208 29.49 41.57 18.79
C VAL O 208 28.27 41.19 17.95
N CYS O 209 28.48 40.32 16.96
CA CYS O 209 27.37 39.84 16.15
C CYS O 209 26.28 39.17 16.97
N LEU O 210 26.56 38.80 18.22
CA LEU O 210 25.57 38.13 19.06
C LEU O 210 24.75 39.16 19.85
N ASN O 211 25.41 39.86 20.77
CA ASN O 211 24.72 40.79 21.67
C ASN O 211 23.96 41.87 20.92
N MET O 212 24.34 42.15 19.66
CA MET O 212 23.67 43.17 18.87
C MET O 212 22.24 42.78 18.52
N VAL O 213 21.98 41.47 18.40
CA VAL O 213 20.65 40.98 18.01
C VAL O 213 19.77 40.64 19.21
N GLN O 214 20.35 40.48 20.40
CA GLN O 214 19.56 40.33 21.62
C GLN O 214 19.17 41.68 22.20
N ASP O 215 20.17 42.47 22.62
CA ASP O 215 19.96 43.74 23.30
C ASP O 215 20.86 44.78 22.65
N PRO O 216 20.37 45.45 21.60
CA PRO O 216 21.27 46.31 20.80
C PRO O 216 21.65 47.61 21.48
N SER O 217 20.88 48.07 22.47
CA SER O 217 21.10 49.39 23.07
C SER O 217 22.42 49.49 23.82
N GLN O 218 23.06 48.36 24.13
CA GLN O 218 24.28 48.37 24.95
C GLN O 218 25.54 48.78 24.19
N PHE O 219 25.40 49.56 23.11
CA PHE O 219 26.54 50.05 22.34
C PHE O 219 26.32 51.52 22.01
N ASP O 220 27.27 52.11 21.29
CA ASP O 220 27.20 53.53 20.98
C ASP O 220 27.79 53.83 19.59
N VAL O 221 29.11 53.73 19.46
CA VAL O 221 29.76 53.84 18.17
C VAL O 221 30.73 52.67 18.04
N LEU O 222 30.84 52.15 16.81
CA LEU O 222 31.59 50.92 16.54
C LEU O 222 32.57 51.15 15.40
N VAL O 223 33.81 50.68 15.59
CA VAL O 223 34.87 50.79 14.59
C VAL O 223 35.32 49.38 14.21
N MET O 224 35.72 49.23 12.95
CA MET O 224 36.16 47.95 12.40
C MET O 224 36.80 48.21 11.03
N PRO O 225 37.70 47.32 10.61
CA PRO O 225 38.23 47.38 9.24
C PRO O 225 37.15 47.08 8.20
N ASN O 226 37.53 47.29 6.95
CA ASN O 226 36.56 47.52 5.88
C ASN O 226 35.58 46.37 5.73
N LEU O 227 36.08 45.12 5.70
CA LEU O 227 35.19 43.99 5.40
C LEU O 227 34.06 43.91 6.41
N TYR O 228 34.40 43.91 7.70
CA TYR O 228 33.39 43.80 8.75
C TYR O 228 32.40 44.96 8.70
N GLY O 229 32.74 46.05 8.02
CA GLY O 229 31.89 47.22 7.95
C GLY O 229 30.73 47.10 6.99
N ASP O 230 31.02 46.92 5.70
CA ASP O 230 29.96 46.83 4.69
C ASP O 230 28.98 45.71 4.97
N ILE O 231 29.25 44.85 5.96
CA ILE O 231 28.32 43.79 6.34
C ILE O 231 27.62 44.12 7.66
N LEU O 232 28.39 44.39 8.71
CA LEU O 232 27.78 44.64 10.02
C LEU O 232 26.86 45.85 9.98
N SER O 233 27.21 46.87 9.20
CA SER O 233 26.38 48.06 9.13
C SER O 233 25.04 47.78 8.47
N ASP O 234 25.04 47.07 7.33
CA ASP O 234 23.78 46.72 6.66
C ASP O 234 22.86 45.96 7.60
N LEU O 235 23.43 45.10 8.43
CA LEU O 235 22.64 44.39 9.44
C LEU O 235 21.97 45.36 10.40
N CYS O 236 22.79 46.15 11.12
CA CYS O 236 22.26 47.15 12.02
C CYS O 236 21.32 48.11 11.32
N ALA O 237 21.56 48.36 10.02
CA ALA O 237 20.65 49.18 9.24
C ALA O 237 19.27 48.53 9.14
N GLY O 238 19.24 47.20 9.04
CA GLY O 238 17.97 46.49 8.93
C GLY O 238 17.15 46.50 10.20
N LEU O 239 17.78 46.70 11.35
CA LEU O 239 17.05 46.69 12.62
C LEU O 239 15.93 47.72 12.62
N ILE O 240 16.18 48.88 12.01
CA ILE O 240 15.26 50.00 12.07
C ILE O 240 14.51 50.22 10.76
N GLY O 241 14.63 49.29 9.81
CA GLY O 241 13.85 49.41 8.60
C GLY O 241 14.61 49.16 7.31
N GLY O 242 15.93 49.07 7.39
CA GLY O 242 16.73 48.72 6.23
C GLY O 242 17.25 49.91 5.45
N LEU O 243 17.42 49.73 4.15
CA LEU O 243 18.11 50.70 3.31
C LEU O 243 17.25 51.93 3.00
N GLY O 244 15.93 51.79 3.00
CA GLY O 244 15.06 52.93 2.72
C GLY O 244 15.11 54.05 3.74
N VAL O 245 15.74 53.81 4.90
CA VAL O 245 15.74 54.79 5.99
C VAL O 245 17.06 54.80 6.74
N THR O 246 18.18 54.78 6.01
CA THR O 246 19.49 54.87 6.67
C THR O 246 20.41 55.83 5.93
N PRO O 247 21.12 56.70 6.66
CA PRO O 247 22.02 57.65 6.01
C PRO O 247 23.46 57.16 5.98
N SER O 248 24.26 57.67 5.04
CA SER O 248 25.63 57.23 4.85
C SER O 248 26.51 58.42 4.49
N GLY O 249 27.59 58.61 5.27
CA GLY O 249 28.58 59.62 4.95
C GLY O 249 29.85 59.00 4.39
N ASN O 250 30.66 59.84 3.74
CA ASN O 250 31.96 59.44 3.22
C ASN O 250 32.92 60.61 3.36
N ILE O 251 34.01 60.40 4.09
CA ILE O 251 34.97 61.46 4.43
C ILE O 251 36.31 61.13 3.77
N GLY O 252 36.96 62.14 3.21
CA GLY O 252 38.20 61.95 2.52
C GLY O 252 39.23 63.03 2.77
N ALA O 253 40.18 63.16 1.85
CA ALA O 253 41.27 64.12 2.00
C ALA O 253 40.79 65.55 1.74
N ASN O 254 41.28 66.48 2.56
CA ASN O 254 40.98 67.90 2.41
C ASN O 254 39.48 68.19 2.60
N GLY O 255 38.96 67.77 3.75
CA GLY O 255 37.61 68.09 4.17
C GLY O 255 36.50 67.59 3.26
N VAL O 256 36.86 66.98 2.14
CA VAL O 256 35.88 66.53 1.15
C VAL O 256 34.99 65.47 1.77
N ALA O 257 33.75 65.86 2.08
CA ALA O 257 32.76 64.95 2.64
C ALA O 257 31.71 64.62 1.58
N ILE O 258 31.15 63.42 1.70
CA ILE O 258 30.10 62.95 0.80
C ILE O 258 28.97 62.37 1.65
N PHE O 259 27.73 62.64 1.25
CA PHE O 259 26.54 62.18 1.96
C PHE O 259 25.57 61.61 0.95
N GLU O 260 25.18 60.35 1.15
CA GLU O 260 24.53 59.59 0.10
C GLU O 260 23.39 58.75 0.66
N SER O 261 22.54 58.29 -0.25
CA SER O 261 21.52 57.29 0.05
C SER O 261 22.01 55.95 -0.46
N VAL O 262 21.89 54.92 0.37
CA VAL O 262 22.37 53.60 -0.01
C VAL O 262 21.30 52.74 -0.66
N HIS O 263 20.02 53.10 -0.52
CA HIS O 263 18.95 52.20 -0.93
C HIS O 263 18.89 52.07 -2.45
N GLY O 264 18.11 51.08 -2.89
CA GLY O 264 18.09 50.72 -4.30
C GLY O 264 17.56 51.82 -5.18
N THR O 265 17.86 51.68 -6.48
CA THR O 265 17.40 52.64 -7.48
C THR O 265 15.89 52.61 -7.65
N ALA O 266 15.23 51.48 -7.37
CA ALA O 266 13.79 51.29 -7.48
C ALA O 266 13.28 51.78 -8.83
N PRO O 267 13.58 51.07 -9.92
CA PRO O 267 13.10 51.52 -11.23
C PRO O 267 11.65 51.17 -11.50
N ASP O 268 11.08 50.19 -10.80
CA ASP O 268 9.68 49.82 -11.02
C ASP O 268 8.70 50.90 -10.57
N ILE O 269 9.17 51.95 -9.90
CA ILE O 269 8.29 52.99 -9.37
C ILE O 269 8.91 54.37 -9.59
N ALA O 270 9.81 54.48 -10.58
CA ALA O 270 10.53 55.73 -10.81
C ALA O 270 9.63 56.75 -11.48
N GLY O 271 9.61 57.96 -10.94
CA GLY O 271 8.89 59.07 -11.54
C GLY O 271 7.38 59.04 -11.37
N LYS O 272 6.84 58.05 -10.65
CA LYS O 272 5.40 57.93 -10.43
C LYS O 272 4.96 58.56 -9.12
N ASP O 273 5.77 59.46 -8.55
CA ASP O 273 5.46 60.17 -7.32
C ASP O 273 5.40 59.23 -6.12
N MET O 274 6.19 58.15 -6.13
CA MET O 274 6.00 57.07 -5.16
C MET O 274 7.12 56.93 -4.13
N ALA O 275 8.24 57.61 -4.32
CA ALA O 275 9.44 57.28 -3.55
C ALA O 275 9.34 57.81 -2.11
N ASN O 276 10.26 57.34 -1.27
CA ASN O 276 10.38 57.78 0.12
C ASN O 276 11.84 58.13 0.38
N PRO O 277 12.19 59.41 0.35
CA PRO O 277 13.61 59.79 0.33
C PRO O 277 14.25 59.93 1.71
N THR O 278 13.50 59.72 2.80
CA THR O 278 13.95 60.10 4.13
C THR O 278 15.35 59.61 4.46
N ALA O 279 15.81 58.54 3.79
CA ALA O 279 17.21 58.15 3.90
C ALA O 279 18.12 59.24 3.34
N LEU O 280 17.76 59.79 2.17
CA LEU O 280 18.56 60.86 1.58
C LEU O 280 18.50 62.14 2.40
N LEU O 281 17.39 62.37 3.11
CA LEU O 281 17.31 63.55 3.97
C LEU O 281 18.30 63.45 5.13
N LEU O 282 18.22 62.36 5.90
CA LEU O 282 19.14 62.19 7.02
C LEU O 282 20.59 62.12 6.56
N SER O 283 20.83 61.74 5.29
CA SER O 283 22.15 61.92 4.71
C SER O 283 22.50 63.39 4.64
N ALA O 284 21.56 64.22 4.17
CA ALA O 284 21.79 65.66 4.14
C ALA O 284 21.84 66.24 5.55
N VAL O 285 21.21 65.56 6.53
CA VAL O 285 21.24 66.04 7.90
C VAL O 285 22.65 65.90 8.48
N MET O 286 23.33 64.77 8.22
CA MET O 286 24.71 64.63 8.64
C MET O 286 25.59 65.69 7.98
N MET O 287 25.28 66.07 6.74
CA MET O 287 26.00 67.16 6.10
C MET O 287 25.88 68.44 6.91
N LEU O 288 24.65 68.80 7.29
CA LEU O 288 24.45 69.95 8.17
C LEU O 288 25.08 69.70 9.54
N ARG O 289 24.99 68.46 10.04
CA ARG O 289 25.59 68.15 11.33
C ARG O 289 27.11 68.11 11.26
N HIS O 290 27.67 67.84 10.08
CA HIS O 290 29.12 67.88 9.94
C HIS O 290 29.61 69.32 9.85
N MET O 291 29.09 70.08 8.88
CA MET O 291 29.51 71.47 8.72
C MET O 291 29.27 72.28 9.99
N GLY O 292 28.16 72.02 10.69
CA GLY O 292 27.93 72.62 11.99
C GLY O 292 26.62 73.36 12.14
N LEU O 293 25.71 73.18 11.18
CA LEU O 293 24.41 73.84 11.22
C LEU O 293 23.42 73.00 12.03
N PHE O 294 23.67 72.92 13.34
CA PHE O 294 22.75 72.21 14.23
C PHE O 294 21.47 72.98 14.48
N ASP O 295 21.46 74.30 14.20
CA ASP O 295 20.23 75.07 14.33
C ASP O 295 19.24 74.75 13.22
N HIS O 296 19.74 74.44 12.02
CA HIS O 296 18.91 74.03 10.89
C HIS O 296 18.79 72.52 10.76
N ALA O 297 19.55 71.73 11.54
CA ALA O 297 19.55 70.28 11.42
C ALA O 297 18.56 69.63 12.38
N ALA O 298 18.75 69.81 13.69
CA ALA O 298 17.84 69.24 14.68
C ALA O 298 16.40 69.64 14.44
N ARG O 299 16.17 70.72 13.69
CA ARG O 299 14.81 71.12 13.34
C ARG O 299 14.19 70.15 12.34
N ILE O 300 14.83 69.98 11.18
CA ILE O 300 14.28 69.11 10.15
C ILE O 300 14.25 67.65 10.59
N GLU O 301 15.03 67.28 11.60
CA GLU O 301 14.97 65.92 12.12
C GLU O 301 13.78 65.70 13.05
N ALA O 302 13.38 66.73 13.81
CA ALA O 302 12.22 66.60 14.67
C ALA O 302 10.92 66.58 13.86
N ALA O 303 10.81 67.45 12.84
CA ALA O 303 9.63 67.43 11.99
C ALA O 303 9.58 66.16 11.13
N CYS O 304 10.73 65.55 10.87
CA CYS O 304 10.73 64.27 10.17
C CYS O 304 10.26 63.15 11.09
N PHE O 305 10.83 63.07 12.31
CA PHE O 305 10.37 62.09 13.28
C PHE O 305 8.89 62.28 13.59
N ALA O 306 8.44 63.53 13.70
CA ALA O 306 7.05 63.80 14.08
C ALA O 306 6.10 63.46 12.94
N THR O 307 6.46 63.82 11.70
CA THR O 307 5.62 63.49 10.55
C THR O 307 5.37 62.00 10.45
N ILE O 308 6.32 61.19 10.91
CA ILE O 308 6.13 59.75 10.98
C ILE O 308 5.61 59.30 12.35
N LYS O 309 5.93 60.05 13.40
CA LYS O 309 5.33 59.77 14.71
C LYS O 309 3.82 59.94 14.68
N ASP O 310 3.33 60.82 13.81
CA ASP O 310 1.89 60.92 13.54
C ASP O 310 1.46 59.74 12.68
N GLY O 311 1.93 59.72 11.45
CA GLY O 311 1.71 58.60 10.56
C GLY O 311 0.56 58.73 9.60
N LYS O 312 0.03 59.95 9.40
CA LYS O 312 -1.11 60.21 8.56
C LYS O 312 -0.75 59.80 7.03
N SER O 313 0.09 60.62 6.40
CA SER O 313 0.53 60.40 5.13
C SER O 313 1.86 59.57 5.18
N LEU O 314 1.90 58.37 4.60
CA LEU O 314 3.09 57.54 4.56
C LEU O 314 3.20 56.87 3.20
N THR O 315 4.42 56.47 2.84
CA THR O 315 4.65 55.89 1.53
C THR O 315 4.26 54.40 1.51
N LYS O 316 4.01 53.90 0.31
CA LYS O 316 3.63 52.49 0.15
C LYS O 316 4.75 51.53 0.50
N ASP O 317 6.00 52.00 0.49
CA ASP O 317 7.10 51.19 1.03
C ASP O 317 7.04 51.15 2.55
N LEU O 318 6.54 52.20 3.18
CA LEU O 318 6.34 52.24 4.63
C LEU O 318 4.94 51.77 5.04
N GLY O 319 4.14 51.28 4.10
CA GLY O 319 2.82 50.76 4.41
C GLY O 319 1.69 51.77 4.29
N GLY O 320 1.98 53.02 3.93
CA GLY O 320 0.96 54.03 3.87
C GLY O 320 0.35 54.17 2.48
N ASN O 321 -0.75 54.93 2.43
CA ASN O 321 -1.42 55.21 1.17
C ASN O 321 -1.21 56.66 0.78
N ALA O 322 0.04 57.07 0.58
CA ALA O 322 0.35 58.45 0.24
C ALA O 322 1.58 58.49 -0.65
N LYS O 323 1.48 59.28 -1.72
CA LYS O 323 2.53 59.38 -2.72
C LYS O 323 3.67 60.26 -2.20
N CYS O 324 4.73 60.38 -3.00
CA CYS O 324 5.90 61.15 -2.60
C CYS O 324 5.61 62.64 -2.43
N SER O 325 4.56 63.15 -3.09
CA SER O 325 4.27 64.57 -3.01
C SER O 325 3.70 64.97 -1.65
N ASP O 326 2.74 64.19 -1.14
CA ASP O 326 2.07 64.54 0.10
C ASP O 326 3.03 64.47 1.29
N PHE O 327 3.90 63.46 1.32
CA PHE O 327 4.85 63.31 2.41
C PHE O 327 5.85 64.46 2.42
N THR O 328 6.42 64.79 1.26
CA THR O 328 7.30 65.95 1.17
C THR O 328 6.58 67.20 1.65
N GLU O 329 5.30 67.34 1.31
CA GLU O 329 4.53 68.49 1.75
C GLU O 329 4.28 68.47 3.25
N GLU O 330 4.14 67.27 3.84
CA GLU O 330 3.79 67.20 5.25
C GLU O 330 4.94 67.66 6.15
N ILE O 331 6.18 67.45 5.70
CA ILE O 331 7.31 67.99 6.46
C ILE O 331 7.61 69.44 6.08
N CYS O 332 7.25 69.87 4.86
CA CYS O 332 7.42 71.26 4.48
C CYS O 332 6.53 72.17 5.31
N ARG O 333 5.25 71.79 5.47
CA ARG O 333 4.39 72.55 6.37
C ARG O 333 4.71 72.29 7.83
N ARG O 334 5.42 71.20 8.13
CA ARG O 334 5.85 70.93 9.50
C ARG O 334 7.02 71.83 9.90
N VAL O 335 7.95 72.06 8.97
CA VAL O 335 9.05 73.00 9.21
C VAL O 335 8.64 74.44 9.00
N LYS O 336 7.37 74.71 8.68
CA LYS O 336 6.88 76.07 8.52
C LYS O 336 6.45 76.71 9.83
N ASP O 337 5.93 75.92 10.76
CA ASP O 337 5.48 76.41 12.06
C ASP O 337 6.36 75.81 13.16
N LEU O 338 7.63 76.21 13.16
CA LEU O 338 8.57 75.80 14.19
C LEU O 338 9.10 77.00 14.96
N PHE P 15 28.76 2.63 23.03
CA PHE P 15 29.32 2.43 24.36
C PHE P 15 30.37 3.48 24.75
N PRO P 16 31.28 3.89 23.82
CA PRO P 16 32.24 4.94 24.19
C PRO P 16 32.13 6.22 23.37
N VAL P 17 32.60 7.33 23.95
CA VAL P 17 32.62 8.63 23.29
C VAL P 17 33.75 9.44 23.93
N THR P 18 34.60 10.03 23.09
CA THR P 18 35.63 10.92 23.63
C THR P 18 34.99 12.23 24.09
N MET P 19 35.46 12.76 25.23
CA MET P 19 34.96 14.03 25.71
C MET P 19 36.10 15.04 25.81
N LEU P 20 35.78 16.28 25.44
CA LEU P 20 36.77 17.36 25.42
C LEU P 20 36.11 18.63 25.96
N PRO P 21 36.45 18.96 27.18
CA PRO P 21 35.92 20.09 27.92
C PRO P 21 36.21 21.40 27.28
N GLY P 22 37.39 21.54 26.72
CA GLY P 22 37.80 22.81 26.16
C GLY P 22 38.03 23.84 27.23
N ASP P 23 37.45 25.03 27.08
CA ASP P 23 37.67 26.08 28.05
C ASP P 23 36.39 26.74 28.53
N GLY P 24 36.52 27.41 29.67
CA GLY P 24 35.41 28.11 30.26
C GLY P 24 34.20 27.34 30.74
N VAL P 25 33.04 27.77 30.28
CA VAL P 25 31.78 27.21 30.71
C VAL P 25 31.41 25.76 30.43
N GLY P 26 31.70 25.28 29.23
CA GLY P 26 31.25 23.95 28.87
C GLY P 26 31.74 22.86 29.79
N PRO P 27 33.04 23.00 30.24
CA PRO P 27 33.51 21.88 31.08
C PRO P 27 32.62 21.77 32.24
N GLU P 28 32.35 22.92 32.86
CA GLU P 28 31.38 22.90 33.92
C GLU P 28 30.08 22.59 33.20
N LEU P 29 29.90 23.24 32.05
CA LEU P 29 28.67 23.08 31.32
C LEU P 29 28.33 21.73 30.75
N MET P 30 29.27 21.10 30.05
CA MET P 30 28.93 19.81 29.48
C MET P 30 28.69 18.85 30.61
N HIS P 31 29.51 18.99 31.63
CA HIS P 31 29.38 18.05 32.74
C HIS P 31 27.95 18.03 33.26
N ALA P 32 27.22 19.13 33.09
CA ALA P 32 25.79 19.12 33.34
C ALA P 32 25.08 18.17 32.40
N VAL P 33 25.60 18.00 31.18
CA VAL P 33 25.15 16.90 30.32
C VAL P 33 25.50 15.57 30.98
N LYS P 34 26.73 15.46 31.47
CA LYS P 34 27.23 14.20 31.99
C LYS P 34 26.36 13.66 33.12
N GLU P 35 25.97 14.54 34.05
CA GLU P 35 25.14 14.10 35.17
C GLU P 35 23.74 13.70 34.70
N VAL P 36 23.17 14.45 33.76
CA VAL P 36 21.87 14.09 33.19
C VAL P 36 21.98 12.76 32.45
N PHE P 37 23.08 12.56 31.72
CA PHE P 37 23.27 11.32 30.96
C PHE P 37 23.30 10.11 31.88
N LYS P 38 24.09 10.17 32.94
CA LYS P 38 24.09 9.11 33.93
C LYS P 38 22.71 8.99 34.60
N ALA P 39 22.03 10.13 34.78
CA ALA P 39 20.73 10.12 35.45
C ALA P 39 19.67 9.44 34.59
N ALA P 40 19.59 9.82 33.33
CA ALA P 40 18.66 9.20 32.39
C ALA P 40 19.15 7.83 31.88
N ALA P 41 20.16 7.26 32.54
CA ALA P 41 20.66 5.92 32.26
C ALA P 41 21.01 5.75 30.78
N VAL P 42 22.07 6.43 30.39
CA VAL P 42 22.63 6.34 29.05
C VAL P 42 23.86 5.44 29.11
N PRO P 43 23.98 4.43 28.24
CA PRO P 43 25.13 3.52 28.28
C PRO P 43 26.28 3.97 27.38
N VAL P 44 26.87 5.11 27.70
CA VAL P 44 28.08 5.59 27.04
C VAL P 44 29.14 5.89 28.09
N GLU P 45 30.38 5.60 27.76
CA GLU P 45 31.52 5.80 28.65
C GLU P 45 32.40 6.87 28.03
N PHE P 46 32.24 8.11 28.50
CA PHE P 46 33.06 9.21 28.01
C PHE P 46 34.52 8.95 28.28
N GLN P 47 35.31 8.82 27.22
CA GLN P 47 36.76 8.78 27.35
C GLN P 47 37.23 10.23 27.38
N GLU P 48 37.29 10.74 28.59
CA GLU P 48 37.67 12.11 28.86
C GLU P 48 39.12 12.29 28.54
N HIS P 49 39.48 13.53 28.29
CA HIS P 49 40.84 13.86 27.99
C HIS P 49 41.20 15.21 28.56
N HIS P 50 42.48 15.52 28.64
CA HIS P 50 42.89 16.82 29.15
C HIS P 50 42.21 17.83 28.24
N LEU P 51 42.12 17.44 26.97
CA LEU P 51 41.43 18.19 25.96
C LEU P 51 42.27 19.26 25.35
N SER P 52 41.61 20.05 24.53
CA SER P 52 42.26 21.10 23.83
C SER P 52 42.82 22.11 24.78
N GLU P 53 44.01 22.52 24.43
CA GLU P 53 44.80 23.53 25.12
C GLU P 53 44.29 24.93 25.48
N VAL P 54 44.37 25.83 24.51
CA VAL P 54 43.92 27.19 24.72
C VAL P 54 44.67 27.81 25.90
N GLN P 55 43.95 28.47 26.79
CA GLN P 55 44.55 29.10 27.94
C GLN P 55 45.12 28.02 28.83
N ASN P 56 44.65 26.80 28.63
CA ASN P 56 45.09 25.68 29.45
C ASN P 56 46.56 25.52 29.19
N MET P 57 47.21 24.80 30.10
CA MET P 57 48.64 24.62 30.03
C MET P 57 48.95 24.07 28.67
N ALA P 58 50.15 24.39 28.22
CA ALA P 58 50.55 24.04 26.89
C ALA P 58 50.28 22.59 26.63
N SER P 59 49.62 22.37 25.51
CA SER P 59 49.25 21.06 25.05
C SER P 59 49.61 21.01 23.57
N GLU P 60 50.53 20.13 23.20
CA GLU P 60 50.91 20.05 21.81
C GLU P 60 50.97 18.66 21.23
N GLU P 61 50.14 18.43 20.23
CA GLU P 61 50.14 17.14 19.55
C GLU P 61 49.47 16.10 20.43
N LYS P 62 49.00 16.54 21.60
CA LYS P 62 48.32 15.65 22.50
C LYS P 62 47.09 15.18 21.77
N LEU P 63 46.50 16.12 21.04
CA LEU P 63 45.29 15.89 20.30
C LEU P 63 45.56 14.77 19.33
N GLU P 64 46.77 14.76 18.78
CA GLU P 64 47.17 13.78 17.79
C GLU P 64 46.90 12.45 18.46
N GLN P 65 47.21 12.38 19.74
CA GLN P 65 46.90 11.19 20.49
C GLN P 65 45.37 11.16 20.46
N VAL P 66 44.77 12.32 20.67
CA VAL P 66 43.32 12.46 20.64
C VAL P 66 42.75 11.86 19.37
N LEU P 67 43.41 12.11 18.23
CA LEU P 67 42.97 11.55 16.96
C LEU P 67 42.76 10.04 17.05
N SER P 68 43.66 9.34 17.74
CA SER P 68 43.50 7.91 17.93
C SER P 68 42.19 7.59 18.62
N SER P 69 41.92 8.29 19.74
CA SER P 69 40.63 8.13 20.40
C SER P 69 39.48 8.39 19.45
N MET P 70 39.62 9.40 18.59
CA MET P 70 38.63 9.64 17.55
C MET P 70 38.54 8.47 16.59
N LYS P 71 39.68 8.04 16.05
CA LYS P 71 39.70 6.95 15.09
C LYS P 71 39.11 5.66 15.66
N GLU P 72 39.07 5.52 16.99
CA GLU P 72 38.54 4.33 17.61
C GLU P 72 37.10 4.50 18.09
N ASN P 73 36.69 5.71 18.47
CA ASN P 73 35.35 5.94 18.99
C ASN P 73 34.38 6.49 17.96
N LYS P 74 34.87 6.88 16.78
CA LYS P 74 34.03 7.28 15.65
C LYS P 74 33.20 8.53 15.90
N VAL P 75 32.86 8.74 17.16
CA VAL P 75 32.09 9.90 17.49
C VAL P 75 32.63 10.49 18.76
N ALA P 76 32.53 11.80 18.93
CA ALA P 76 33.03 12.45 20.15
C ALA P 76 32.40 13.82 20.35
N ILE P 77 32.45 14.36 21.56
CA ILE P 77 31.87 15.68 21.77
C ILE P 77 32.82 16.65 22.50
N ILE P 78 32.86 17.90 22.05
CA ILE P 78 33.70 18.93 22.66
C ILE P 78 32.91 20.21 22.83
N GLY P 79 33.40 21.07 23.70
CA GLY P 79 32.75 22.32 24.04
C GLY P 79 33.13 23.43 23.07
N LYS P 80 33.83 24.43 23.59
CA LYS P 80 34.41 25.48 22.77
C LYS P 80 35.88 25.60 23.13
N ILE P 81 36.75 25.63 22.11
CA ILE P 81 38.17 25.76 22.38
C ILE P 81 38.54 27.21 22.64
N HIS P 82 37.76 28.09 22.03
CA HIS P 82 37.79 29.52 22.22
C HIS P 82 39.03 30.14 21.70
N THR P 83 39.90 29.30 21.18
CA THR P 83 41.18 29.77 20.69
C THR P 83 41.82 30.43 21.90
N PRO P 84 42.52 31.53 21.69
CA PRO P 84 43.19 32.27 22.75
C PRO P 84 43.42 33.68 22.26
N MET P 85 43.75 34.61 23.15
CA MET P 85 43.98 35.98 22.71
C MET P 85 45.40 36.23 22.21
N GLU P 86 45.78 35.54 21.14
CA GLU P 86 47.10 35.74 20.58
C GLU P 86 48.14 35.19 21.52
N TYR P 87 47.69 34.40 22.49
CA TYR P 87 48.56 33.82 23.48
C TYR P 87 49.61 32.81 23.01
N LYS P 88 49.24 31.93 22.10
CA LYS P 88 50.15 30.90 21.65
C LYS P 88 51.32 31.48 20.89
N GLY P 89 52.41 30.71 20.78
CA GLY P 89 53.60 31.17 20.07
C GLY P 89 53.10 31.46 18.68
N GLU P 90 52.27 30.57 18.17
CA GLU P 90 51.64 30.87 16.88
C GLU P 90 52.52 30.44 15.71
N LEU P 91 52.92 29.18 15.71
CA LEU P 91 53.51 28.60 14.51
C LEU P 91 52.45 28.40 13.44
N ALA P 92 51.35 27.80 13.83
CA ALA P 92 50.28 27.42 12.91
C ALA P 92 49.03 28.16 13.31
N SER P 93 47.85 27.52 13.45
CA SER P 93 46.62 28.26 13.72
C SER P 93 46.25 28.11 15.17
N TYR P 94 45.00 27.76 15.52
CA TYR P 94 44.63 27.55 16.92
C TYR P 94 44.27 26.09 17.16
N ASP P 95 43.04 25.71 16.82
CA ASP P 95 42.58 24.33 16.89
C ASP P 95 42.36 23.73 15.50
N MET P 96 42.70 24.47 14.44
CA MET P 96 42.39 24.01 13.09
C MET P 96 43.02 22.64 12.85
N ARG P 97 44.27 22.48 13.28
CA ARG P 97 44.98 21.21 13.14
C ARG P 97 44.16 20.06 13.72
N LEU P 98 43.49 20.30 14.85
CA LEU P 98 42.50 19.35 15.34
C LEU P 98 41.40 19.14 14.31
N ARG P 99 40.71 20.23 13.94
CA ARG P 99 39.65 20.14 12.95
C ARG P 99 40.16 19.57 11.63
N ARG P 100 41.44 19.77 11.34
CA ARG P 100 42.02 19.29 10.09
C ARG P 100 42.47 17.83 10.21
N LYS P 101 43.21 17.51 11.28
CA LYS P 101 43.67 16.14 11.47
C LYS P 101 42.51 15.15 11.48
N LEU P 102 41.32 15.62 11.87
CA LEU P 102 40.11 14.80 11.79
C LEU P 102 39.33 15.03 10.51
N ASP P 103 39.68 16.04 9.72
CA ASP P 103 39.04 16.38 8.45
C ASP P 103 37.62 16.92 8.65
N LEU P 104 37.33 17.47 9.83
CA LEU P 104 36.00 17.97 10.16
C LEU P 104 35.71 19.22 9.32
N PHE P 105 35.39 19.00 8.05
CA PHE P 105 35.21 20.12 7.13
C PHE P 105 33.87 20.81 7.37
N ALA P 106 32.80 20.04 7.55
CA ALA P 106 31.47 20.61 7.66
C ALA P 106 31.21 21.07 9.11
N ASN P 107 30.21 21.94 9.26
CA ASN P 107 29.83 22.45 10.58
C ASN P 107 28.37 22.89 10.49
N VAL P 108 27.47 21.98 10.81
CA VAL P 108 26.04 22.26 10.82
C VAL P 108 25.66 22.88 12.16
N VAL P 109 24.86 23.93 12.11
CA VAL P 109 24.28 24.55 13.30
C VAL P 109 22.80 24.76 13.05
N HIS P 110 21.96 24.00 13.75
CA HIS P 110 20.52 24.20 13.68
C HIS P 110 20.16 25.53 14.33
N VAL P 111 19.10 26.15 13.82
CA VAL P 111 18.44 27.25 14.50
C VAL P 111 16.96 26.96 14.53
N LYS P 112 16.42 26.81 15.74
CA LYS P 112 15.00 26.54 15.94
C LYS P 112 14.54 27.29 17.17
N SER P 113 13.49 28.09 17.03
CA SER P 113 12.93 28.80 18.17
C SER P 113 12.46 27.82 19.23
N LEU P 114 12.76 28.12 20.44
CA LEU P 114 12.28 27.14 21.40
C LEU P 114 10.90 27.55 21.93
N PRO P 115 10.08 26.57 22.37
CA PRO P 115 8.68 26.89 22.69
C PRO P 115 8.51 27.97 23.75
N GLY P 116 9.16 27.80 24.90
CA GLY P 116 9.05 28.80 25.96
C GLY P 116 9.80 30.07 25.68
N TYR P 117 11.04 29.94 25.21
CA TYR P 117 11.88 31.09 24.88
C TYR P 117 11.30 31.82 23.67
N MET P 118 10.32 32.69 23.93
CA MET P 118 9.75 33.54 22.90
C MET P 118 10.62 34.77 22.70
N THR P 119 10.89 35.11 21.44
CA THR P 119 11.84 36.17 21.12
C THR P 119 11.24 37.22 20.19
N ARG P 120 12.08 38.12 19.68
CA ARG P 120 11.64 39.08 18.66
C ARG P 120 11.29 38.38 17.35
N HIS P 121 11.78 37.15 17.15
CA HIS P 121 11.37 36.29 16.05
C HIS P 121 11.08 34.92 16.62
N ASN P 122 9.93 34.36 16.26
CA ASN P 122 9.52 33.05 16.73
C ASN P 122 9.25 32.15 15.53
N ASN P 123 8.95 30.87 15.81
CA ASN P 123 8.63 29.89 14.78
C ASN P 123 9.75 29.75 13.75
N LEU P 124 10.98 30.05 14.17
CA LEU P 124 12.13 30.03 13.27
C LEU P 124 12.72 28.63 13.20
N ASP P 125 13.17 28.23 12.00
CA ASP P 125 13.74 26.90 11.81
C ASP P 125 14.58 26.92 10.53
N LEU P 126 15.89 27.15 10.71
CA LEU P 126 16.83 27.07 9.60
C LEU P 126 18.03 26.21 9.99
N VAL P 127 19.10 26.28 9.20
CA VAL P 127 20.27 25.40 9.38
C VAL P 127 21.48 26.11 8.78
N ILE P 128 22.54 26.22 9.56
CA ILE P 128 23.75 26.94 9.16
C ILE P 128 24.78 25.90 8.74
N ILE P 129 25.11 25.89 7.46
CA ILE P 129 26.14 25.00 6.92
C ILE P 129 27.38 25.85 6.65
N ARG P 130 28.51 25.42 7.20
CA ARG P 130 29.72 26.21 7.20
C ARG P 130 30.91 25.32 6.88
N GLU P 131 31.82 25.81 6.05
CA GLU P 131 33.09 25.13 5.85
C GLU P 131 34.10 25.59 6.89
N GLN P 132 34.99 24.67 7.27
CA GLN P 132 35.91 24.92 8.37
C GLN P 132 37.38 24.83 8.00
N THR P 133 37.74 24.16 6.91
CA THR P 133 39.16 23.98 6.59
C THR P 133 39.75 25.23 5.94
N GLU P 134 39.10 25.77 4.92
CA GLU P 134 39.66 26.89 4.16
C GLU P 134 39.34 28.23 4.83
N GLY P 135 39.27 29.29 4.03
CA GLY P 135 39.04 30.62 4.58
C GLY P 135 40.30 31.18 5.21
N GLU P 136 40.16 32.39 5.76
CA GLU P 136 41.28 33.12 6.35
C GLU P 136 41.79 32.49 7.64
N TYR P 137 41.17 31.41 8.09
CA TYR P 137 41.58 30.71 9.30
C TYR P 137 42.86 29.89 9.09
N SER P 138 43.72 30.34 8.19
CA SER P 138 44.91 29.60 7.83
C SER P 138 46.19 30.19 8.39
N SER P 139 46.11 31.25 9.19
CA SER P 139 47.27 31.87 9.84
C SER P 139 48.33 32.26 8.81
N LEU P 140 47.92 33.06 7.83
CA LEU P 140 48.75 33.35 6.66
C LEU P 140 48.90 34.87 6.55
N GLU P 141 49.94 35.39 7.20
CA GLU P 141 50.24 36.81 7.27
C GLU P 141 51.76 36.98 7.27
N HIS P 142 52.20 38.20 6.98
CA HIS P 142 53.62 38.51 6.85
C HIS P 142 53.78 40.01 6.60
N GLU P 143 54.95 40.52 6.96
CA GLU P 143 55.22 41.96 6.86
C GLU P 143 55.90 42.27 5.53
N SER P 144 55.19 43.00 4.66
CA SER P 144 55.83 43.60 3.50
C SER P 144 56.70 44.78 3.90
N ALA P 145 56.15 45.67 4.73
CA ALA P 145 56.93 46.79 5.25
C ALA P 145 56.30 47.25 6.55
N ARG P 146 57.08 48.02 7.32
CA ARG P 146 56.66 48.58 8.60
C ARG P 146 55.20 49.02 8.60
N GLY P 147 54.38 48.40 9.46
CA GLY P 147 52.97 48.69 9.50
C GLY P 147 52.26 48.52 8.17
N VAL P 148 52.64 47.53 7.37
CA VAL P 148 51.94 47.17 6.15
C VAL P 148 51.88 45.65 6.09
N ILE P 149 50.77 45.08 6.55
CA ILE P 149 50.64 43.64 6.71
C ILE P 149 49.72 43.09 5.62
N GLU P 150 50.10 41.94 5.07
CA GLU P 150 49.37 41.31 3.98
C GLU P 150 48.89 39.94 4.45
N CYS P 151 47.56 39.77 4.52
CA CYS P 151 46.95 38.53 4.93
C CYS P 151 46.11 37.99 3.79
N LEU P 152 46.11 36.67 3.61
CA LEU P 152 45.40 36.07 2.49
C LEU P 152 44.43 35.00 2.98
N LYS P 153 43.22 35.03 2.42
CA LYS P 153 42.18 34.05 2.65
C LYS P 153 42.15 33.09 1.46
N ILE P 154 41.97 31.81 1.70
CA ILE P 154 41.98 30.85 0.60
C ILE P 154 40.78 29.96 0.45
N VAL P 155 40.58 29.48 -0.76
CA VAL P 155 39.51 28.54 -1.03
C VAL P 155 40.00 27.60 -2.12
N THR P 156 39.59 26.34 -2.06
CA THR P 156 40.04 25.38 -3.04
C THR P 156 38.88 24.79 -3.80
N ARG P 157 38.90 24.83 -5.13
CA ARG P 157 37.70 24.23 -5.69
C ARG P 157 37.31 22.97 -4.94
N ALA P 158 38.30 22.15 -4.56
CA ALA P 158 38.08 20.88 -3.88
C ALA P 158 37.27 21.06 -2.61
N LYS P 159 37.84 21.74 -1.63
CA LYS P 159 37.17 21.91 -0.34
C LYS P 159 35.87 22.68 -0.44
N SER P 160 35.60 23.33 -1.57
CA SER P 160 34.33 24.02 -1.79
C SER P 160 33.28 23.11 -2.42
N GLN P 161 33.67 22.28 -3.39
CA GLN P 161 32.74 21.30 -3.93
C GLN P 161 32.21 20.39 -2.84
N ARG P 162 33.08 19.99 -1.90
CA ARG P 162 32.69 19.05 -0.86
C ARG P 162 31.63 19.65 0.05
N ILE P 163 31.88 20.85 0.59
CA ILE P 163 30.90 21.49 1.45
C ILE P 163 29.62 21.80 0.68
N ALA P 164 29.71 21.84 -0.66
CA ALA P 164 28.51 21.97 -1.49
C ALA P 164 27.79 20.65 -1.64
N LYS P 165 28.51 19.58 -1.97
CA LYS P 165 28.01 18.22 -1.83
C LYS P 165 27.28 18.05 -0.50
N PHE P 166 27.98 18.29 0.61
CA PHE P 166 27.38 18.16 1.93
C PHE P 166 26.10 18.96 2.05
N ALA P 167 26.08 20.18 1.49
CA ALA P 167 24.92 21.05 1.63
C ALA P 167 23.68 20.42 1.01
N PHE P 168 23.78 20.02 -0.26
CA PHE P 168 22.58 19.62 -0.99
C PHE P 168 22.06 18.26 -0.55
N ASP P 169 22.97 17.31 -0.29
CA ASP P 169 22.53 16.03 0.24
C ASP P 169 21.88 16.18 1.61
N TYR P 170 22.33 17.16 2.39
CA TYR P 170 21.61 17.51 3.61
C TYR P 170 20.18 17.92 3.31
N ALA P 171 20.00 18.85 2.37
CA ALA P 171 18.66 19.36 2.06
C ALA P 171 17.72 18.23 1.68
N THR P 172 18.17 17.34 0.80
CA THR P 172 17.35 16.18 0.43
C THR P 172 17.18 15.22 1.60
N LYS P 173 18.21 15.09 2.46
CA LYS P 173 18.12 14.12 3.55
C LYS P 173 17.16 14.59 4.65
N LYS P 174 17.05 15.90 4.86
CA LYS P 174 16.20 16.43 5.92
C LYS P 174 14.89 17.00 5.38
N GLY P 175 14.60 16.80 4.10
CA GLY P 175 13.36 17.29 3.51
C GLY P 175 13.25 18.80 3.45
N ARG P 176 14.36 19.49 3.28
CA ARG P 176 14.35 20.95 3.21
C ARG P 176 13.86 21.41 1.84
N GLY P 177 13.54 22.70 1.74
CA GLY P 177 12.93 23.25 0.55
C GLY P 177 13.92 23.91 -0.40
N LYS P 178 14.81 24.75 0.11
CA LYS P 178 15.77 25.41 -0.75
C LYS P 178 17.06 25.66 0.04
N VAL P 179 18.15 25.82 -0.69
CA VAL P 179 19.41 26.26 -0.11
C VAL P 179 19.73 27.65 -0.66
N THR P 180 20.36 28.47 0.17
CA THR P 180 20.82 29.81 -0.22
C THR P 180 22.32 29.89 0.02
N ALA P 181 23.05 30.38 -0.97
CA ALA P 181 24.51 30.45 -0.93
C ALA P 181 24.94 31.86 -0.57
N VAL P 182 25.56 32.00 0.60
CA VAL P 182 26.07 33.27 1.08
C VAL P 182 27.47 33.48 0.52
N HIS P 183 27.72 34.69 0.01
CA HIS P 183 28.97 34.98 -0.68
C HIS P 183 29.27 36.47 -0.55
N LYS P 184 30.42 36.87 -1.07
CA LYS P 184 30.79 38.25 -1.30
C LYS P 184 31.63 38.30 -2.57
N ALA P 185 31.16 37.61 -3.61
CA ALA P 185 31.91 37.44 -4.85
C ALA P 185 31.91 38.68 -5.71
N ASN P 186 31.00 39.63 -5.45
CA ASN P 186 31.02 40.89 -6.18
C ASN P 186 32.35 41.62 -5.99
N ILE P 187 32.99 41.45 -4.84
CA ILE P 187 34.28 42.06 -4.58
C ILE P 187 35.38 41.07 -4.95
N MET P 188 35.61 40.08 -4.08
CA MET P 188 36.55 39.01 -4.42
C MET P 188 36.00 38.21 -5.59
N LYS P 189 36.25 38.67 -6.81
CA LYS P 189 35.70 38.02 -8.00
C LYS P 189 36.27 36.62 -8.22
N LEU P 190 37.41 36.32 -7.64
CA LEU P 190 37.92 34.99 -7.85
C LEU P 190 37.69 34.07 -6.69
N GLY P 191 38.13 34.49 -5.51
CA GLY P 191 37.94 33.62 -4.38
C GLY P 191 36.49 33.40 -4.04
N ASP P 192 35.71 34.46 -3.89
CA ASP P 192 34.31 34.25 -3.59
C ASP P 192 33.74 33.55 -4.80
N GLY P 193 34.10 34.07 -5.97
CA GLY P 193 33.55 33.49 -7.16
C GLY P 193 33.92 32.06 -7.37
N LEU P 194 35.19 31.71 -7.32
CA LEU P 194 35.41 30.28 -7.53
C LEU P 194 34.45 29.47 -6.69
N PHE P 195 34.31 29.82 -5.41
CA PHE P 195 33.35 29.15 -4.53
C PHE P 195 31.95 29.12 -5.13
N LEU P 196 31.45 30.28 -5.56
CA LEU P 196 30.06 30.35 -6.01
C LEU P 196 29.84 29.56 -7.29
N GLN P 197 30.76 29.67 -8.26
CA GLN P 197 30.60 28.91 -9.49
C GLN P 197 30.65 27.42 -9.25
N CYS P 198 31.28 26.98 -8.15
CA CYS P 198 31.27 25.56 -7.80
C CYS P 198 29.90 25.12 -7.31
N CYS P 199 29.25 25.92 -6.45
CA CYS P 199 27.88 25.61 -6.06
C CYS P 199 26.94 25.68 -7.26
N GLU P 200 27.12 26.68 -8.11
CA GLU P 200 26.34 26.76 -9.35
C GLU P 200 26.55 25.52 -10.20
N GLU P 201 27.75 24.94 -10.15
CA GLU P 201 27.96 23.62 -10.76
C GLU P 201 27.10 22.56 -10.08
N VAL P 202 27.06 22.58 -8.75
CA VAL P 202 26.49 21.46 -8.01
C VAL P 202 24.97 21.50 -8.02
N ALA P 203 24.38 22.68 -7.83
CA ALA P 203 22.92 22.80 -7.79
C ALA P 203 22.27 22.32 -9.09
N GLU P 204 23.02 22.26 -10.19
CA GLU P 204 22.49 21.67 -11.41
C GLU P 204 22.32 20.17 -11.33
N LEU P 205 22.80 19.54 -10.26
CA LEU P 205 22.64 18.11 -10.02
C LEU P 205 21.57 17.79 -8.99
N TYR P 206 20.95 18.80 -8.37
CA TYR P 206 19.94 18.59 -7.34
C TYR P 206 18.66 19.32 -7.71
N PRO P 207 18.06 18.98 -8.85
CA PRO P 207 17.03 19.86 -9.44
C PRO P 207 15.87 20.18 -8.51
N LYS P 208 15.47 19.23 -7.67
CA LYS P 208 14.30 19.40 -6.82
C LYS P 208 14.53 20.33 -5.64
N ILE P 209 15.67 21.01 -5.56
CA ILE P 209 15.94 21.99 -4.51
C ILE P 209 16.17 23.33 -5.18
N LYS P 210 15.42 24.35 -4.75
CA LYS P 210 15.66 25.70 -5.25
C LYS P 210 17.00 26.22 -4.77
N PHE P 211 17.70 26.95 -5.64
CA PHE P 211 19.01 27.50 -5.33
C PHE P 211 18.95 29.02 -5.44
N GLU P 212 19.33 29.70 -4.37
CA GLU P 212 19.37 31.16 -4.33
C GLU P 212 20.77 31.64 -4.01
N THR P 213 21.16 32.74 -4.65
CA THR P 213 22.41 33.42 -4.35
C THR P 213 22.11 34.69 -3.56
N MET P 214 22.97 35.00 -2.60
CA MET P 214 22.79 36.22 -1.81
C MET P 214 24.14 36.69 -1.28
N ILE P 215 24.31 38.00 -1.25
CA ILE P 215 25.54 38.62 -0.77
C ILE P 215 25.53 38.63 0.75
N ILE P 216 26.72 38.56 1.36
CA ILE P 216 26.81 38.29 2.79
C ILE P 216 26.15 39.41 3.60
N ASP P 217 26.44 40.67 3.27
CA ASP P 217 25.82 41.78 3.99
C ASP P 217 24.31 41.77 3.78
N ASN P 218 23.87 41.72 2.52
CA ASN P 218 22.45 41.69 2.23
C ASN P 218 21.75 40.55 2.96
N CYS P 219 22.46 39.43 3.13
CA CYS P 219 21.89 38.32 3.90
C CYS P 219 21.86 38.66 5.39
N CYS P 220 22.96 39.18 5.93
CA CYS P 220 23.00 39.57 7.34
C CYS P 220 21.89 40.57 7.67
N MET P 221 21.54 41.42 6.71
CA MET P 221 20.38 42.30 6.88
C MET P 221 19.07 41.53 6.81
N GLN P 222 18.83 40.83 5.70
CA GLN P 222 17.63 40.01 5.55
C GLN P 222 17.49 38.98 6.68
N LEU P 223 18.60 38.58 7.30
CA LEU P 223 18.52 37.64 8.42
C LEU P 223 17.90 38.26 9.67
N VAL P 224 17.83 39.58 9.75
CA VAL P 224 17.13 40.24 10.84
C VAL P 224 15.86 40.94 10.38
N GLN P 225 15.69 41.18 9.08
CA GLN P 225 14.45 41.73 8.57
C GLN P 225 13.44 40.62 8.32
N ASN P 226 13.83 39.61 7.54
CA ASN P 226 12.98 38.45 7.27
C ASN P 226 13.85 37.21 7.16
N PRO P 227 14.33 36.69 8.29
CA PRO P 227 15.05 35.39 8.26
C PRO P 227 14.16 34.23 7.85
N TYR P 228 12.84 34.42 7.84
CA TYR P 228 11.89 33.35 7.52
C TYR P 228 11.97 32.92 6.06
N GLN P 229 12.52 33.74 5.18
CA GLN P 229 12.48 33.43 3.76
C GLN P 229 13.38 32.24 3.40
N PHE P 230 14.49 32.07 4.10
CA PHE P 230 15.50 31.09 3.73
C PHE P 230 15.06 29.69 4.16
N ASP P 231 15.95 28.72 3.95
CA ASP P 231 15.73 27.38 4.49
C ASP P 231 17.07 26.77 4.90
N VAL P 232 18.07 26.87 4.02
CA VAL P 232 19.43 26.42 4.30
C VAL P 232 20.41 27.47 3.83
N LEU P 233 21.41 27.77 4.67
CA LEU P 233 22.48 28.71 4.35
C LEU P 233 23.81 27.96 4.32
N VAL P 234 24.58 28.16 3.26
CA VAL P 234 25.90 27.54 3.11
C VAL P 234 26.90 28.63 2.76
N MET P 235 28.05 28.64 3.43
CA MET P 235 28.99 29.75 3.28
C MET P 235 30.37 29.32 3.71
N PRO P 236 31.44 29.95 3.18
CA PRO P 236 32.80 29.63 3.64
C PRO P 236 33.06 30.06 5.08
N ASN P 237 34.28 29.85 5.57
CA ASN P 237 34.50 29.76 7.01
C ASN P 237 34.17 31.07 7.71
N LEU P 238 34.81 32.17 7.32
CA LEU P 238 34.62 33.41 8.06
C LEU P 238 33.17 33.88 7.97
N TYR P 239 32.52 33.66 6.82
CA TYR P 239 31.10 34.00 6.72
C TYR P 239 30.28 33.14 7.68
N GLY P 240 30.69 31.89 7.90
CA GLY P 240 30.04 31.05 8.88
C GLY P 240 30.08 31.67 10.26
N ASN P 241 31.29 31.90 10.76
CA ASN P 241 31.48 32.42 12.11
C ASN P 241 30.82 33.77 12.33
N ILE P 242 30.31 34.40 11.26
CA ILE P 242 29.49 35.61 11.37
C ILE P 242 28.02 35.21 11.54
N ILE P 243 27.51 34.46 10.56
CA ILE P 243 26.09 34.12 10.53
C ILE P 243 25.73 33.12 11.62
N ASP P 244 26.70 32.34 12.10
CA ASP P 244 26.48 31.50 13.28
C ASP P 244 26.07 32.34 14.48
N ASN P 245 26.95 33.25 14.93
CA ASN P 245 26.66 34.06 16.11
C ASN P 245 25.55 35.08 15.87
N LEU P 246 25.07 35.22 14.64
CA LEU P 246 23.92 36.08 14.39
C LEU P 246 22.63 35.40 14.83
N ALA P 247 22.28 34.27 14.20
CA ALA P 247 21.00 33.62 14.44
C ALA P 247 20.87 33.02 15.84
N ALA P 248 21.97 32.92 16.59
CA ALA P 248 21.87 32.50 17.98
C ALA P 248 21.15 33.54 18.82
N GLY P 249 21.34 34.84 18.54
CA GLY P 249 20.58 35.88 19.19
C GLY P 249 19.16 36.03 18.68
N LEU P 250 18.86 35.54 17.49
CA LEU P 250 17.48 35.66 17.12
C LEU P 250 16.69 34.65 17.95
N VAL P 251 17.18 33.41 17.97
CA VAL P 251 16.51 32.35 18.72
C VAL P 251 16.57 32.40 20.22
N GLY P 252 17.75 32.65 20.79
CA GLY P 252 17.83 32.68 22.24
C GLY P 252 19.10 33.13 22.90
N GLY P 253 20.23 32.74 22.33
CA GLY P 253 21.52 33.09 22.88
C GLY P 253 22.42 31.90 22.73
N ALA P 254 23.52 31.87 23.47
CA ALA P 254 24.48 30.77 23.40
C ALA P 254 23.92 29.43 23.80
N GLY P 255 22.94 29.42 24.68
CA GLY P 255 22.37 28.18 25.17
C GLY P 255 21.69 27.18 24.26
N VAL P 256 20.95 27.67 23.28
CA VAL P 256 20.23 26.77 22.40
C VAL P 256 20.88 26.52 21.06
N VAL P 257 22.13 26.92 20.92
CA VAL P 257 22.82 26.71 19.67
C VAL P 257 23.49 25.35 19.70
N PRO P 258 22.70 24.29 19.32
CA PRO P 258 23.40 23.00 19.33
C PRO P 258 24.27 23.09 18.11
N GLY P 259 25.47 22.57 18.21
CA GLY P 259 26.44 22.61 17.13
C GLY P 259 26.99 21.23 16.85
N GLU P 260 27.18 20.93 15.56
CA GLU P 260 27.71 19.66 15.11
C GLU P 260 28.58 19.89 13.88
N SER P 261 29.58 19.02 13.69
CA SER P 261 30.57 19.20 12.63
C SER P 261 31.04 17.82 12.17
N TYR P 262 30.35 17.28 11.19
CA TYR P 262 30.65 15.97 10.68
C TYR P 262 31.97 16.10 9.98
N SER P 263 32.80 15.07 10.03
CA SER P 263 34.05 15.12 9.32
C SER P 263 33.79 13.99 8.37
N ALA P 264 34.77 13.34 7.78
CA ALA P 264 34.36 12.35 6.84
C ALA P 264 33.45 11.30 7.42
N GLU P 265 33.82 10.71 8.54
CA GLU P 265 32.94 9.70 9.15
C GLU P 265 32.64 10.06 10.57
N TYR P 266 33.63 10.65 11.22
CA TYR P 266 33.55 11.03 12.60
C TYR P 266 32.48 12.08 12.74
N ALA P 267 31.80 12.07 13.87
CA ALA P 267 30.76 13.06 14.11
C ALA P 267 31.08 13.78 15.38
N VAL P 268 31.30 15.08 15.31
CA VAL P 268 31.60 15.82 16.54
C VAL P 268 30.51 16.84 16.78
N PHE P 269 29.97 16.86 17.99
CA PHE P 269 28.90 17.76 18.38
C PHE P 269 29.43 18.74 19.43
N GLU P 270 28.96 19.98 19.37
CA GLU P 270 29.59 21.05 20.15
C GLU P 270 28.60 22.18 20.38
N THR P 271 29.08 23.21 21.03
CA THR P 271 28.24 24.32 21.30
C THR P 271 28.48 24.97 20.01
N GLY P 272 27.48 24.99 19.15
CA GLY P 272 27.68 25.61 17.86
C GLY P 272 28.01 27.05 18.11
N ALA P 273 27.29 27.65 19.04
CA ALA P 273 27.51 29.03 19.39
C ALA P 273 28.84 28.98 20.11
N ARG P 274 29.48 30.13 20.26
CA ARG P 274 30.78 30.17 20.91
C ARG P 274 30.94 29.97 22.41
N HIS P 275 30.45 30.91 23.20
CA HIS P 275 30.59 30.81 24.64
C HIS P 275 29.89 31.96 25.32
N PRO P 276 29.60 31.82 26.60
CA PRO P 276 28.94 32.90 27.32
C PRO P 276 29.96 33.94 27.70
N PHE P 277 30.27 34.79 26.73
CA PHE P 277 31.24 35.85 26.89
C PHE P 277 30.80 36.85 27.95
N ALA P 278 29.51 37.17 27.98
CA ALA P 278 29.05 38.13 28.96
C ALA P 278 29.32 37.53 30.32
N GLN P 279 28.95 36.26 30.50
CA GLN P 279 29.26 35.62 31.78
C GLN P 279 30.76 35.51 31.76
N ALA P 280 31.28 35.02 30.63
CA ALA P 280 32.71 34.92 30.42
C ALA P 280 33.39 34.02 31.44
N VAL P 281 33.27 34.46 32.70
CA VAL P 281 33.84 33.81 33.88
C VAL P 281 33.07 32.58 34.28
N GLY P 282 33.68 31.75 35.12
CA GLY P 282 33.02 30.53 35.55
C GLY P 282 32.02 30.81 36.66
N ARG P 283 30.99 31.54 36.28
CA ARG P 283 29.91 31.88 37.17
C ARG P 283 29.23 30.57 37.51
N ASN P 284 29.14 29.73 36.49
CA ASN P 284 28.47 28.46 36.63
C ASN P 284 26.97 28.75 36.76
N ILE P 285 26.57 29.94 36.31
CA ILE P 285 25.17 30.38 36.33
C ILE P 285 24.60 30.34 34.91
N ALA P 286 25.35 29.72 34.02
CA ALA P 286 25.01 29.59 32.61
C ALA P 286 23.93 28.59 32.26
N ASN P 287 23.56 28.59 30.98
CA ASN P 287 22.55 27.71 30.41
C ASN P 287 23.24 26.74 29.43
N PRO P 288 23.00 25.38 29.59
CA PRO P 288 23.72 24.51 28.65
C PRO P 288 22.70 23.76 27.81
N THR P 289 21.50 24.32 27.78
CA THR P 289 20.44 23.76 26.95
C THR P 289 21.00 23.41 25.58
N ALA P 290 21.84 24.30 25.03
CA ALA P 290 22.52 24.05 23.76
C ALA P 290 23.17 22.68 23.75
N MET P 291 23.87 22.35 24.83
CA MET P 291 24.77 21.21 24.82
C MET P 291 24.08 19.92 25.23
N LEU P 292 23.03 20.01 26.05
CA LEU P 292 22.12 18.87 26.20
C LEU P 292 21.43 18.58 24.88
N LEU P 293 20.96 19.63 24.21
CA LEU P 293 20.32 19.46 22.90
C LEU P 293 21.28 18.87 21.89
N SER P 294 22.53 19.34 21.87
CA SER P 294 23.52 18.76 20.98
C SER P 294 23.82 17.32 21.37
N ALA P 295 23.86 17.04 22.67
CA ALA P 295 24.10 15.68 23.14
C ALA P 295 22.97 14.75 22.71
N SER P 296 21.72 15.21 22.84
CA SER P 296 20.60 14.44 22.30
C SER P 296 20.79 14.19 20.81
N ASN P 297 21.10 15.25 20.06
CA ASN P 297 21.37 15.11 18.63
C ASN P 297 22.57 14.21 18.38
N MET P 298 23.51 14.14 19.33
CA MET P 298 24.59 13.16 19.23
C MET P 298 24.03 11.74 19.29
N LEU P 299 23.13 11.49 20.23
CA LEU P 299 22.57 10.15 20.42
C LEU P 299 21.83 9.67 19.18
N ARG P 300 21.06 10.55 18.54
CA ARG P 300 20.37 10.19 17.32
C ARG P 300 21.34 9.73 16.23
N HIS P 301 22.63 10.04 16.37
CA HIS P 301 23.65 9.48 15.49
C HIS P 301 24.07 8.09 15.90
N LEU P 302 24.04 7.80 17.21
CA LEU P 302 24.49 6.52 17.74
C LEU P 302 23.45 5.43 17.61
N ASN P 303 22.36 5.69 16.89
CA ASN P 303 21.25 4.76 16.72
C ASN P 303 20.57 4.41 18.03
N LEU P 304 20.56 5.32 19.00
CA LEU P 304 19.81 5.03 20.21
C LEU P 304 18.84 6.19 20.34
N GLU P 305 17.79 6.14 19.54
CA GLU P 305 16.81 7.21 19.44
C GLU P 305 16.10 7.55 20.71
N TYR P 306 15.79 6.53 21.49
CA TYR P 306 15.04 6.77 22.69
C TYR P 306 15.74 7.75 23.59
N HIS P 307 17.02 7.58 23.81
CA HIS P 307 17.61 8.54 24.72
C HIS P 307 17.74 9.92 24.09
N SER P 308 17.88 9.96 22.76
CA SER P 308 17.86 11.24 22.05
C SER P 308 16.47 11.87 22.10
N SER P 309 15.44 11.10 21.74
CA SER P 309 14.07 11.61 21.75
C SER P 309 13.66 12.07 23.15
N MET P 310 14.13 11.36 24.18
CA MET P 310 13.70 11.66 25.53
C MET P 310 14.32 12.95 26.04
N ILE P 311 15.65 13.00 26.10
CA ILE P 311 16.34 14.14 26.72
C ILE P 311 15.97 15.44 26.02
N ALA P 312 15.81 15.38 24.70
CA ALA P 312 15.41 16.57 23.94
C ALA P 312 14.04 17.08 24.39
N ASP P 313 13.02 16.23 24.24
CA ASP P 313 11.67 16.61 24.65
C ASP P 313 11.60 16.97 26.13
N ALA P 314 12.46 16.38 26.95
CA ALA P 314 12.51 16.74 28.36
C ALA P 314 13.09 18.13 28.56
N VAL P 315 14.15 18.47 27.83
CA VAL P 315 14.67 19.83 27.87
C VAL P 315 13.73 20.76 27.12
N LYS P 316 13.10 20.28 26.05
CA LYS P 316 12.20 21.13 25.28
C LYS P 316 11.00 21.57 26.11
N LYS P 317 10.41 20.65 26.89
CA LYS P 317 9.25 21.01 27.71
C LYS P 317 9.63 21.66 29.04
N VAL P 318 10.84 21.42 29.54
CA VAL P 318 11.29 22.15 30.74
C VAL P 318 11.44 23.64 30.43
N ILE P 319 11.96 23.97 29.25
CA ILE P 319 12.02 25.37 28.84
C ILE P 319 10.62 25.91 28.62
N LYS P 320 9.78 25.13 27.93
CA LYS P 320 8.41 25.57 27.66
C LYS P 320 7.64 25.84 28.95
N VAL P 321 8.01 25.17 30.04
CA VAL P 321 7.43 25.50 31.32
C VAL P 321 7.80 26.92 31.74
N GLY P 322 9.02 27.35 31.41
CA GLY P 322 9.55 28.59 31.92
C GLY P 322 9.64 28.70 33.44
N LYS P 323 9.28 27.64 34.19
CA LYS P 323 9.32 27.71 35.65
C LYS P 323 10.74 27.92 36.15
N VAL P 324 11.74 27.41 35.44
CA VAL P 324 13.14 27.62 35.77
C VAL P 324 13.88 28.03 34.51
N ARG P 325 14.57 29.18 34.58
CA ARG P 325 15.36 29.69 33.48
C ARG P 325 16.62 30.33 34.06
N THR P 326 17.64 30.48 33.22
CA THR P 326 18.91 31.05 33.66
C THR P 326 18.98 32.54 33.31
N SER P 327 20.14 33.15 33.57
CA SER P 327 20.28 34.60 33.43
C SER P 327 20.06 35.09 32.00
N ASP P 328 20.21 34.22 31.01
CA ASP P 328 20.09 34.58 29.61
C ASP P 328 18.67 34.46 29.07
N MET P 329 17.72 33.96 29.87
CA MET P 329 16.38 33.66 29.41
C MET P 329 15.34 34.34 30.31
N GLY P 330 15.56 35.61 30.62
CA GLY P 330 14.64 36.36 31.47
C GLY P 330 14.34 35.67 32.78
N GLY P 331 15.34 35.01 33.35
CA GLY P 331 15.19 34.28 34.59
C GLY P 331 16.49 34.29 35.37
N TYR P 332 16.47 33.58 36.50
CA TYR P 332 17.66 33.45 37.36
C TYR P 332 17.63 32.07 37.98
N ALA P 333 18.56 31.22 37.57
CA ALA P 333 18.70 29.89 38.18
C ALA P 333 20.14 29.43 38.01
N THR P 334 20.65 28.72 39.02
CA THR P 334 21.98 28.15 38.94
C THR P 334 22.00 27.03 37.90
N CYS P 335 23.20 26.53 37.57
CA CYS P 335 23.26 25.55 36.47
C CYS P 335 22.67 24.22 36.92
N HIS P 336 23.14 23.69 38.05
CA HIS P 336 22.62 22.43 38.56
C HIS P 336 21.18 22.56 39.02
N ASP P 337 20.71 23.78 39.26
CA ASP P 337 19.29 23.99 39.54
C ASP P 337 18.46 23.72 38.29
N PHE P 338 18.87 24.29 37.15
CA PHE P 338 18.21 23.98 35.89
C PHE P 338 18.53 22.57 35.41
N THR P 339 19.70 22.03 35.80
CA THR P 339 20.09 20.69 35.39
C THR P 339 19.33 19.62 36.18
N GLU P 340 19.12 19.84 37.49
CA GLU P 340 18.38 18.86 38.28
C GLU P 340 16.90 18.87 37.93
N GLU P 341 16.34 20.03 37.60
CA GLU P 341 14.97 20.08 37.11
C GLU P 341 14.84 19.27 35.83
N ILE P 342 15.90 19.20 35.03
CA ILE P 342 15.94 18.25 33.92
C ILE P 342 16.06 16.83 34.45
N CYS P 343 16.92 16.63 35.45
CA CYS P 343 17.16 15.29 36.00
C CYS P 343 15.88 14.67 36.55
N ARG P 344 14.95 15.49 37.04
CA ARG P 344 13.69 14.98 37.54
C ARG P 344 12.65 14.88 36.43
N ARG P 345 12.61 15.85 35.52
CA ARG P 345 11.71 15.77 34.38
C ARG P 345 11.93 14.54 33.52
N VAL P 346 12.99 13.76 33.77
CA VAL P 346 13.29 12.55 33.02
C VAL P 346 12.97 11.36 33.90
N LYS P 347 13.07 11.56 35.22
CA LYS P 347 12.90 10.44 36.15
C LYS P 347 11.49 9.89 36.11
N ASP P 348 10.49 10.77 36.08
CA ASP P 348 9.09 10.35 36.08
C ASP P 348 8.57 10.16 34.65
#